data_4TNV
#
_entry.id   4TNV
#
_cell.length_a   455.810
_cell.length_b   195.680
_cell.length_c   196.180
_cell.angle_alpha   90.00
_cell.angle_beta   93.15
_cell.angle_gamma   90.00
#
_symmetry.space_group_name_H-M   'C 1 2 1'
#
loop_
_entity.id
_entity.type
_entity.pdbx_description
1 polymer 'Avermectin-sensitive glutamate-gated chloride channel GluCl alpha'
2 polymer 'Mouse monoclonal Fab fragment, heavy chain'
3 polymer 'Mouse monoclonal Fab fragment, light chain'
4 non-polymer 2-acetamido-2-deoxy-beta-D-glucopyranose
5 non-polymer DODECYL-BETA-D-MALTOSIDE
6 non-polymer 'CITRATE ANION'
7 non-polymer 'CHLORIDE ION'
#
loop_
_entity_poly.entity_id
_entity_poly.type
_entity_poly.pdbx_seq_one_letter_code
_entity_poly.pdbx_strand_id
1 'polypeptide(L)'
;SDSKILAHLFTSGYDFRVRPPTDNGGPVVVSVNMLLRTISKIDVVNMEYSAQLTLRESWIDKRLSYGVKGDGQPDFVILT
VGHQIWMPDTFFPNEKQAYKHTIDKPNVLIRIHNDGTVLYSVRISLVLSCPMYLQYYPMDVQQCSIDLASYAYTTKDIEY
LWKEHSPLQLKVGLSSSLPSFQLTNTSTTYCTSVTNTGIYSCLRTTIQLKREFSFYLLQLYIPSCMLVIVSWVSFWFDRT
AIPARVTLGVTTLLTMTAQSAGINSQLPPVSYIKAIDVWIGACMTFIFCALLEFALVNHIANAGTTEWNDISKRVDLISR
ALFPVLFFVFNILYWSRFGHHHHHHHH
;
A,B,C,D,E,P,Q,R,S,T
2 'polypeptide(L)'
;EVQLQQSGPELVRPGASMKISCKASGYSFTGYTMNWVKQSHGKNLEWIGLINPYNGGTSYNQKFKGKATLTVDKSSSTAY
MELLSLTSEDSAVYYCARDGDYYRYGRYFDYWGQGTTLTVSSAKTTPPSVYPLAPGSAAQTNSMVTLGCLVKGYFPEPVT
VTWNSGSLSSGVHTFPAVLQSDLYTLSSSVTVPSSTWPSETVTCNVAHPASSTKVDKKIVPRDC
;
F,G,H,U,V,W,X,Y,J,I
3 'polypeptide(L)'
;QAVVTQESALTTSPGETVTLTCRSSTGAVTTINFANWVQEKPDHLFTGLIGGINNRAPGVPARFSGSLIGDKAALTITGA
QTEDEAIYFCALWYSNHWVFGGGTKLTVLGQPKSSPSVTLFPPSSEELETNKATLVCTITDFYPGVVTVDWKVDGTPVTQ
GMETTQPSKQSNNKYMASSYLTLTARAWERHSSYSCQVTHEGHTVEKSLSRADCS
;
K,L,N,O,Z,f,g,h,i,M
#
loop_
_chem_comp.id
_chem_comp.type
_chem_comp.name
_chem_comp.formula
CL non-polymer 'CHLORIDE ION' 'Cl -1'
FLC non-polymer 'CITRATE ANION' 'C6 H5 O7 -3'
LMT D-saccharide DODECYL-BETA-D-MALTOSIDE 'C24 H46 O11'
NAG D-saccharide, beta linking 2-acetamido-2-deoxy-beta-D-glucopyranose 'C8 H15 N O6'
#
# COMPACT_ATOMS: atom_id res chain seq x y z
N SER A 1 1.75 85.52 32.05
CA SER A 1 1.66 86.95 31.81
C SER A 1 1.27 87.24 30.37
N ASP A 2 1.45 86.25 29.50
CA ASP A 2 1.11 86.39 28.09
C ASP A 2 -0.40 86.50 27.90
N SER A 3 -1.16 85.81 28.74
CA SER A 3 -2.61 85.85 28.67
C SER A 3 -3.15 87.20 29.13
N LYS A 4 -2.34 87.93 29.89
CA LYS A 4 -2.72 89.24 30.40
C LYS A 4 -2.53 90.32 29.34
N ILE A 5 -1.57 90.08 28.44
CA ILE A 5 -1.29 91.02 27.36
C ILE A 5 -2.27 90.82 26.22
N LEU A 6 -2.57 89.56 25.89
CA LEU A 6 -3.59 89.25 24.88
C LEU A 6 -4.96 89.77 25.28
N ALA A 7 -5.24 89.78 26.57
CA ALA A 7 -6.47 90.34 27.10
C ALA A 7 -6.56 91.85 26.83
N HIS A 8 -5.48 92.56 27.14
CA HIS A 8 -5.43 94.02 27.00
C HIS A 8 -5.62 94.50 25.57
N LEU A 9 -5.22 93.69 24.60
CA LEU A 9 -5.31 94.06 23.18
C LEU A 9 -6.73 93.94 22.64
N PHE A 10 -7.36 92.79 22.89
CA PHE A 10 -8.66 92.51 22.32
C PHE A 10 -9.81 93.04 23.17
N THR A 11 -9.50 93.48 24.38
CA THR A 11 -10.49 94.13 25.23
C THR A 11 -10.83 95.52 24.67
N SER A 12 -10.00 95.98 23.75
CA SER A 12 -10.22 97.27 23.10
C SER A 12 -11.13 97.09 21.90
N GLY A 13 -11.26 98.15 21.10
CA GLY A 13 -12.12 98.11 19.93
C GLY A 13 -11.42 97.56 18.70
N TYR A 14 -11.03 96.28 18.74
CA TYR A 14 -10.37 95.65 17.59
C TYR A 14 -11.38 94.90 16.74
N ASP A 15 -11.43 95.23 15.45
CA ASP A 15 -12.32 94.57 14.50
C ASP A 15 -11.50 93.78 13.50
N PHE A 16 -11.65 92.47 13.53
CA PHE A 16 -10.87 91.58 12.68
C PHE A 16 -11.35 91.57 11.23
N ARG A 17 -12.45 92.29 10.96
CA ARG A 17 -12.96 92.41 9.61
C ARG A 17 -12.44 93.68 8.93
N VAL A 18 -11.77 94.52 9.71
CA VAL A 18 -11.29 95.81 9.23
C VAL A 18 -9.80 95.77 8.89
N ARG A 19 -9.47 96.21 7.68
CA ARG A 19 -8.10 96.30 7.23
C ARG A 19 -7.28 97.17 8.18
N PRO A 20 -6.06 96.74 8.52
CA PRO A 20 -5.14 97.49 9.38
C PRO A 20 -4.80 98.87 8.82
N PRO A 21 -4.53 99.82 9.71
CA PRO A 21 -4.25 101.21 9.30
C PRO A 21 -2.89 101.41 8.62
N THR A 22 -2.84 102.33 7.67
CA THR A 22 -1.60 102.70 7.02
C THR A 22 -1.38 104.21 7.16
N ASP A 23 -0.15 104.59 7.50
CA ASP A 23 0.19 106.00 7.74
C ASP A 23 0.07 106.85 6.48
N ASN A 24 0.22 106.23 5.32
CA ASN A 24 0.13 106.92 4.05
C ASN A 24 -1.25 106.76 3.41
N GLY A 25 -2.04 105.85 3.98
CA GLY A 25 -3.33 105.48 3.41
C GLY A 25 -3.16 104.37 2.39
N GLY A 26 -1.91 103.94 2.21
CA GLY A 26 -1.56 102.93 1.23
C GLY A 26 -1.92 101.49 1.55
N PRO A 27 -1.44 100.57 0.70
CA PRO A 27 -1.74 99.15 0.90
C PRO A 27 -1.01 98.59 2.10
N VAL A 28 -1.39 97.38 2.50
CA VAL A 28 -0.74 96.70 3.62
C VAL A 28 0.35 95.78 3.13
N VAL A 29 1.59 96.04 3.51
CA VAL A 29 2.70 95.26 3.02
C VAL A 29 2.72 93.88 3.69
N VAL A 30 2.71 92.83 2.85
CA VAL A 30 2.72 91.45 3.32
C VAL A 30 3.94 90.70 2.81
N SER A 31 4.87 90.41 3.72
CA SER A 31 6.08 89.67 3.37
C SER A 31 5.79 88.17 3.39
N VAL A 32 6.30 87.45 2.39
CA VAL A 32 5.98 86.04 2.26
C VAL A 32 7.21 85.14 2.16
N ASN A 33 7.32 84.24 3.14
CA ASN A 33 8.36 83.22 3.14
C ASN A 33 7.69 81.87 2.90
N MET A 34 8.21 81.11 1.94
CA MET A 34 7.60 79.83 1.60
C MET A 34 8.56 78.66 1.78
N LEU A 35 8.02 77.51 2.20
CA LEU A 35 8.82 76.33 2.46
C LEU A 35 8.17 75.07 1.91
N LEU A 36 8.78 74.52 0.86
CA LEU A 36 8.28 73.33 0.20
C LEU A 36 8.63 72.04 0.96
N ARG A 37 7.63 71.45 1.60
CA ARG A 37 7.86 70.23 2.36
C ARG A 37 8.10 69.06 1.40
N THR A 38 7.05 68.60 0.73
CA THR A 38 7.18 67.48 -0.18
C THR A 38 6.40 67.70 -1.47
N ILE A 39 6.87 67.06 -2.53
CA ILE A 39 6.18 67.08 -3.81
C ILE A 39 6.01 65.65 -4.32
N SER A 40 4.81 65.30 -4.77
CA SER A 40 4.52 63.95 -5.23
C SER A 40 3.34 63.96 -6.20
N LYS A 41 2.98 62.79 -6.71
CA LYS A 41 1.83 62.63 -7.61
C LYS A 41 1.88 63.64 -8.76
N ILE A 42 2.96 63.64 -9.52
CA ILE A 42 3.06 64.55 -10.65
C ILE A 42 2.31 63.93 -11.83
N ASP A 43 1.03 64.26 -11.94
CA ASP A 43 0.16 63.62 -12.92
C ASP A 43 0.29 64.29 -14.28
N VAL A 44 0.87 63.55 -15.22
CA VAL A 44 1.00 64.03 -16.58
C VAL A 44 -0.35 64.04 -17.28
N VAL A 45 -1.19 63.06 -16.94
CA VAL A 45 -2.49 62.90 -17.58
C VAL A 45 -3.51 63.95 -17.15
N ASN A 46 -3.74 64.06 -15.84
CA ASN A 46 -4.76 64.96 -15.32
C ASN A 46 -4.25 66.37 -15.09
N MET A 47 -3.02 66.63 -15.54
CA MET A 47 -2.38 67.94 -15.44
C MET A 47 -2.47 68.55 -14.04
N GLU A 48 -1.81 67.90 -13.08
CA GLU A 48 -1.86 68.33 -11.70
C GLU A 48 -0.74 67.64 -10.92
N TYR A 49 -0.39 68.20 -9.77
CA TYR A 49 0.61 67.58 -8.90
C TYR A 49 0.31 67.92 -7.45
N SER A 50 0.56 66.97 -6.57
CA SER A 50 0.34 67.17 -5.14
C SER A 50 1.61 67.70 -4.47
N ALA A 51 1.57 68.95 -4.00
CA ALA A 51 2.70 69.54 -3.29
C ALA A 51 2.29 69.96 -1.89
N GLN A 52 3.18 69.75 -0.93
CA GLN A 52 2.90 70.07 0.46
C GLN A 52 3.89 71.11 0.94
N LEU A 53 3.39 72.18 1.57
CA LEU A 53 4.26 73.29 1.91
C LEU A 53 3.91 73.97 3.23
N THR A 54 4.78 74.87 3.64
CA THR A 54 4.57 75.69 4.84
C THR A 54 4.71 77.16 4.48
N LEU A 55 3.62 77.90 4.62
CA LEU A 55 3.61 79.31 4.23
C LEU A 55 3.80 80.22 5.44
N ARG A 56 4.63 81.24 5.26
CA ARG A 56 4.86 82.23 6.32
C ARG A 56 4.57 83.64 5.81
N GLU A 57 3.54 84.26 6.38
CA GLU A 57 3.18 85.62 6.02
C GLU A 57 3.52 86.57 7.16
N SER A 58 3.83 87.82 6.83
CA SER A 58 4.23 88.79 7.83
C SER A 58 3.80 90.22 7.47
N TRP A 59 3.07 90.85 8.38
CA TRP A 59 2.63 92.23 8.17
C TRP A 59 2.62 93.01 9.47
N ILE A 60 2.36 94.29 9.37
CA ILE A 60 2.35 95.17 10.54
C ILE A 60 0.97 95.72 10.83
N ASP A 61 0.44 95.34 11.99
CA ASP A 61 -0.85 95.81 12.47
C ASP A 61 -0.62 96.63 13.73
N LYS A 62 -0.59 97.95 13.58
CA LYS A 62 -0.27 98.85 14.69
C LYS A 62 -1.27 98.73 15.84
N ARG A 63 -2.47 98.22 15.56
CA ARG A 63 -3.48 98.03 16.60
C ARG A 63 -3.04 97.02 17.66
N LEU A 64 -2.30 95.99 17.23
CA LEU A 64 -1.90 94.89 18.11
C LEU A 64 -0.61 95.18 18.87
N SER A 65 -0.04 96.36 18.65
CA SER A 65 1.21 96.71 19.30
C SER A 65 1.00 96.89 20.80
N TYR A 66 1.64 96.05 21.60
CA TYR A 66 1.48 96.09 23.04
C TYR A 66 2.69 96.70 23.73
N GLY A 67 3.88 96.24 23.36
CA GLY A 67 5.12 96.66 24.01
C GLY A 67 5.78 97.83 23.32
N VAL A 68 5.43 98.02 22.05
CA VAL A 68 6.04 99.04 21.18
C VAL A 68 7.56 98.89 21.18
N LYS A 69 8.24 99.74 21.95
CA LYS A 69 9.68 99.61 22.12
C LYS A 69 9.98 98.36 22.93
N GLY A 70 9.12 98.07 23.89
CA GLY A 70 9.24 96.89 24.73
C GLY A 70 10.49 96.94 25.59
N ASP A 71 11.40 95.99 25.35
CA ASP A 71 12.67 95.90 26.06
C ASP A 71 12.49 95.75 27.58
N GLY A 72 11.27 95.41 27.98
CA GLY A 72 10.92 95.14 29.35
C GLY A 72 9.76 94.17 29.36
N GLN A 73 9.38 93.73 28.16
CA GLN A 73 8.30 92.80 27.93
C GLN A 73 8.75 91.76 26.89
N PRO A 74 8.09 90.59 26.86
CA PRO A 74 8.41 89.56 25.86
C PRO A 74 8.37 90.09 24.42
N ASP A 75 9.32 89.63 23.60
CA ASP A 75 9.48 90.13 22.24
C ASP A 75 8.21 89.89 21.43
N PHE A 76 7.68 88.67 21.50
CA PHE A 76 6.41 88.36 20.85
C PHE A 76 5.52 87.55 21.78
N VAL A 77 4.23 87.56 21.49
CA VAL A 77 3.27 86.78 22.26
C VAL A 77 2.47 85.88 21.35
N ILE A 78 2.55 84.57 21.59
CA ILE A 78 1.80 83.60 20.81
C ILE A 78 0.30 83.77 21.01
N LEU A 79 -0.43 83.87 19.91
CA LEU A 79 -1.87 84.05 19.99
C LEU A 79 -2.58 82.76 20.37
N THR A 80 -3.36 82.81 21.43
CA THR A 80 -4.12 81.64 21.87
C THR A 80 -5.43 81.59 21.09
N VAL A 81 -6.06 80.42 21.07
CA VAL A 81 -7.33 80.24 20.39
C VAL A 81 -8.44 81.06 21.04
N GLY A 82 -9.23 81.74 20.23
CA GLY A 82 -10.34 82.52 20.75
C GLY A 82 -10.23 84.00 20.44
N HIS A 83 -9.12 84.39 19.83
CA HIS A 83 -8.94 85.78 19.46
C HIS A 83 -8.78 85.89 17.95
N GLN A 84 -9.60 86.75 17.35
CA GLN A 84 -9.59 86.95 15.91
C GLN A 84 -8.67 88.07 15.48
N ILE A 85 -7.73 87.77 14.60
CA ILE A 85 -6.84 88.78 14.06
C ILE A 85 -7.05 88.90 12.56
N TRP A 86 -7.17 90.12 12.07
CA TRP A 86 -7.28 90.33 10.63
C TRP A 86 -6.08 89.69 9.96
N MET A 87 -6.34 88.98 8.86
CA MET A 87 -5.27 88.39 8.07
C MET A 87 -5.57 88.59 6.59
N PRO A 88 -4.50 88.64 5.77
CA PRO A 88 -4.67 88.71 4.32
C PRO A 88 -5.46 87.54 3.77
N ASP A 89 -6.55 87.81 3.06
CA ASP A 89 -7.35 86.72 2.51
C ASP A 89 -6.58 86.05 1.38
N THR A 90 -5.55 85.31 1.74
CA THR A 90 -4.71 84.59 0.78
C THR A 90 -5.41 83.36 0.21
N PHE A 91 -5.27 83.16 -1.10
CA PHE A 91 -5.78 81.98 -1.77
C PHE A 91 -4.82 81.58 -2.89
N PHE A 92 -4.90 80.33 -3.30
CA PHE A 92 -4.12 79.84 -4.42
C PHE A 92 -4.98 79.76 -5.67
N PRO A 93 -4.71 80.61 -6.66
CA PRO A 93 -5.50 80.69 -7.89
C PRO A 93 -5.51 79.39 -8.69
N ASN A 94 -4.39 78.68 -8.71
CA ASN A 94 -4.24 77.48 -9.54
C ASN A 94 -4.55 76.19 -8.77
N GLU A 95 -4.97 76.33 -7.53
CA GLU A 95 -5.31 75.20 -6.68
C GLU A 95 -6.51 74.44 -7.25
N LYS A 96 -6.46 73.12 -7.20
CA LYS A 96 -7.52 72.29 -7.79
C LYS A 96 -7.73 71.05 -6.92
N GLN A 97 -8.92 70.46 -7.01
CA GLN A 97 -9.20 69.17 -6.39
C GLN A 97 -8.78 69.21 -4.93
N ALA A 98 -9.24 70.23 -4.22
CA ALA A 98 -8.71 70.47 -2.89
C ALA A 98 -9.74 70.46 -1.77
N TYR A 99 -9.47 69.62 -0.78
CA TYR A 99 -10.22 69.58 0.46
C TYR A 99 -9.30 69.97 1.59
N LYS A 100 -9.78 70.84 2.47
CA LYS A 100 -8.96 71.40 3.54
C LYS A 100 -9.28 70.84 4.93
N HIS A 101 -8.24 70.32 5.57
CA HIS A 101 -8.29 69.82 6.94
C HIS A 101 -8.66 70.93 7.92
N THR A 102 -9.10 70.53 9.11
CA THR A 102 -9.64 71.45 10.11
C THR A 102 -10.86 72.19 9.58
N PRO A 106 -5.21 72.11 15.03
CA PRO A 106 -4.92 72.72 13.73
C PRO A 106 -3.45 73.09 13.58
N ASN A 107 -2.90 72.94 12.38
CA ASN A 107 -1.50 73.29 12.12
C ASN A 107 -1.35 74.75 11.76
N VAL A 108 -1.54 75.62 12.74
CA VAL A 108 -1.38 77.06 12.55
C VAL A 108 -0.58 77.70 13.68
N LEU A 109 0.13 78.78 13.37
CA LEU A 109 0.91 79.51 14.35
C LEU A 109 0.83 81.01 14.12
N ILE A 110 0.38 81.73 15.14
CA ILE A 110 0.26 83.17 15.03
C ILE A 110 1.01 83.89 16.15
N ARG A 111 2.00 84.68 15.76
CA ARG A 111 2.81 85.46 16.70
C ARG A 111 2.52 86.96 16.54
N ILE A 112 2.39 87.66 17.66
CA ILE A 112 2.25 89.10 17.62
C ILE A 112 3.46 89.77 18.26
N HIS A 113 4.38 90.27 17.43
CA HIS A 113 5.53 91.00 17.95
C HIS A 113 5.10 92.32 18.58
N ASN A 114 5.94 92.86 19.46
CA ASN A 114 5.61 94.06 20.23
C ASN A 114 5.34 95.29 19.37
N ASP A 115 6.04 95.40 18.24
CA ASP A 115 5.88 96.55 17.36
C ASP A 115 4.60 96.47 16.56
N GLY A 116 3.96 95.30 16.60
CA GLY A 116 2.73 95.10 15.87
C GLY A 116 2.94 94.19 14.68
N THR A 117 4.15 93.67 14.53
CA THR A 117 4.43 92.75 13.44
C THR A 117 3.83 91.39 13.73
N VAL A 118 3.07 90.85 12.78
CA VAL A 118 2.45 89.56 12.96
C VAL A 118 3.09 88.53 12.06
N LEU A 119 3.35 87.36 12.61
CA LEU A 119 3.82 86.22 11.83
C LEU A 119 2.75 85.15 11.75
N TYR A 120 2.45 84.72 10.52
CA TYR A 120 1.45 83.68 10.32
C TYR A 120 2.11 82.49 9.66
N SER A 121 1.94 81.32 10.26
CA SER A 121 2.51 80.10 9.73
C SER A 121 1.41 79.06 9.54
N VAL A 122 1.42 78.37 8.40
CA VAL A 122 0.35 77.43 8.12
C VAL A 122 0.85 76.25 7.28
N ARG A 123 0.31 75.06 7.50
CA ARG A 123 0.65 73.88 6.70
C ARG A 123 -0.53 73.51 5.81
N ILE A 124 -0.28 73.38 4.51
CA ILE A 124 -1.35 73.04 3.59
C ILE A 124 -0.88 72.02 2.57
N SER A 125 -1.77 71.09 2.22
CA SER A 125 -1.52 70.20 1.09
C SER A 125 -2.38 70.66 -0.08
N LEU A 126 -1.75 70.89 -1.23
CA LEU A 126 -2.43 71.44 -2.38
C LEU A 126 -2.26 70.58 -3.62
N VAL A 127 -3.30 70.53 -4.44
CA VAL A 127 -3.18 69.96 -5.77
C VAL A 127 -3.27 71.11 -6.76
N LEU A 128 -2.23 71.29 -7.57
CA LEU A 128 -2.16 72.45 -8.44
C LEU A 128 -2.08 72.05 -9.91
N SER A 129 -2.88 72.69 -10.75
CA SER A 129 -2.88 72.38 -12.17
C SER A 129 -1.55 72.81 -12.79
N CYS A 130 -0.97 71.91 -13.57
CA CYS A 130 0.28 72.20 -14.25
C CYS A 130 0.25 71.74 -15.69
N PRO A 131 -0.02 72.69 -16.59
CA PRO A 131 0.01 72.43 -18.03
C PRO A 131 1.38 71.95 -18.47
N MET A 132 1.44 70.77 -19.07
CA MET A 132 2.70 70.21 -19.50
C MET A 132 2.74 69.99 -21.00
N TYR A 133 3.93 70.08 -21.56
CA TYR A 133 4.11 69.99 -23.00
C TYR A 133 5.08 68.87 -23.32
N LEU A 134 4.60 67.88 -24.06
CA LEU A 134 5.37 66.66 -24.26
C LEU A 134 5.84 66.42 -25.71
N GLN A 135 6.21 67.52 -26.32
CA GLN A 135 6.76 67.54 -27.70
C GLN A 135 8.06 66.73 -27.72
N TYR A 136 8.86 66.97 -26.68
CA TYR A 136 10.10 66.25 -26.48
C TYR A 136 9.85 65.12 -25.50
N TYR A 137 9.71 63.91 -25.98
CA TYR A 137 9.57 62.77 -25.08
C TYR A 137 10.67 61.78 -25.37
N PRO A 138 11.31 61.28 -24.32
CA PRO A 138 11.00 61.66 -22.94
C PRO A 138 11.93 62.75 -22.43
N MET A 139 12.78 63.27 -23.31
CA MET A 139 13.78 64.25 -22.90
C MET A 139 13.24 65.67 -22.89
N ASP A 140 12.25 65.91 -22.05
CA ASP A 140 11.64 67.22 -21.94
C ASP A 140 11.96 67.92 -20.65
N VAL A 141 11.22 69.00 -20.41
CA VAL A 141 11.33 69.74 -19.17
C VAL A 141 10.03 70.49 -18.89
N GLN A 142 9.52 70.36 -17.67
CA GLN A 142 8.28 71.01 -17.29
C GLN A 142 8.50 72.06 -16.22
N GLN A 143 7.63 73.05 -16.20
CA GLN A 143 7.67 74.07 -15.18
C GLN A 143 6.33 74.25 -14.50
N CYS A 144 6.24 73.78 -13.27
CA CYS A 144 5.02 73.93 -12.47
C CYS A 144 5.16 75.09 -11.51
N SER A 145 4.04 75.71 -11.15
CA SER A 145 4.06 76.89 -10.31
C SER A 145 3.05 76.83 -9.17
N ILE A 146 3.26 77.67 -8.16
CA ILE A 146 2.26 77.86 -7.13
C ILE A 146 1.94 79.35 -7.05
N ASP A 147 0.76 79.73 -7.53
CA ASP A 147 0.38 81.13 -7.52
C ASP A 147 -0.23 81.50 -6.17
N LEU A 148 -0.08 82.76 -5.79
CA LEU A 148 -0.52 83.21 -4.48
C LEU A 148 -0.99 84.65 -4.53
N ALA A 149 -2.21 84.90 -4.09
CA ALA A 149 -2.80 86.24 -4.16
C ALA A 149 -3.96 86.42 -3.19
N SER A 150 -4.44 87.65 -3.05
CA SER A 150 -5.64 87.91 -2.25
C SER A 150 -6.87 87.87 -3.13
N TYR A 151 -8.01 87.53 -2.54
CA TYR A 151 -9.21 87.39 -3.32
C TYR A 151 -10.05 88.66 -3.33
N ALA A 152 -10.34 89.18 -2.14
CA ALA A 152 -11.26 90.28 -2.00
C ALA A 152 -10.57 91.64 -2.08
N TYR A 153 -9.42 91.74 -1.43
CA TYR A 153 -8.69 93.02 -1.37
C TYR A 153 -7.89 93.28 -2.65
N THR A 154 -8.01 94.50 -3.18
CA THR A 154 -7.32 94.86 -4.42
C THR A 154 -5.92 95.41 -4.11
N THR A 155 -5.31 96.08 -5.08
CA THR A 155 -3.94 96.58 -4.94
C THR A 155 -3.85 97.79 -4.03
N LYS A 156 -4.99 98.38 -3.69
CA LYS A 156 -5.00 99.58 -2.88
C LYS A 156 -4.99 99.23 -1.40
N ASP A 157 -5.35 98.00 -1.08
CA ASP A 157 -5.50 97.56 0.31
C ASP A 157 -4.39 96.60 0.75
N ILE A 158 -3.88 95.79 -0.18
CA ILE A 158 -2.89 94.78 0.12
C ILE A 158 -1.97 94.52 -1.08
N GLU A 159 -0.68 94.32 -0.82
CA GLU A 159 0.28 93.98 -1.86
C GLU A 159 1.33 93.03 -1.31
N TYR A 160 1.51 91.90 -1.99
CA TYR A 160 2.43 90.87 -1.54
C TYR A 160 3.83 91.10 -2.08
N LEU A 161 4.83 90.74 -1.28
CA LEU A 161 6.22 90.84 -1.69
C LEU A 161 6.97 89.62 -1.18
N TRP A 162 7.73 88.96 -2.06
CA TRP A 162 8.56 87.85 -1.60
C TRP A 162 9.51 88.37 -0.53
N LYS A 163 9.73 87.56 0.50
CA LYS A 163 10.69 87.88 1.54
C LYS A 163 12.04 88.16 0.90
N GLU A 164 12.82 89.04 1.53
CA GLU A 164 14.06 89.51 0.91
C GLU A 164 15.08 88.39 0.73
N HIS A 165 15.12 87.47 1.69
CA HIS A 165 16.12 86.41 1.66
C HIS A 165 15.52 85.02 1.70
N SER A 166 16.00 84.16 0.79
CA SER A 166 15.54 82.78 0.66
C SER A 166 14.03 82.68 0.71
N PRO A 167 13.36 83.33 -0.25
CA PRO A 167 11.89 83.36 -0.20
C PRO A 167 11.35 81.94 -0.29
N LEU A 168 11.99 81.14 -1.13
CA LEU A 168 11.61 79.76 -1.30
C LEU A 168 12.66 78.86 -0.66
N GLN A 169 12.21 77.97 0.22
CA GLN A 169 13.10 77.01 0.87
C GLN A 169 12.60 75.59 0.64
N LEU A 170 13.53 74.65 0.53
CA LEU A 170 13.13 73.30 0.19
C LEU A 170 13.62 72.31 1.24
N LYS A 171 12.83 71.26 1.47
CA LYS A 171 13.16 70.23 2.45
C LYS A 171 14.45 69.55 2.06
N VAL A 172 15.03 68.83 3.01
CA VAL A 172 16.39 68.35 2.86
C VAL A 172 16.65 67.61 1.55
N GLY A 173 15.82 66.63 1.21
CA GLY A 173 16.07 65.81 0.04
C GLY A 173 15.03 65.87 -1.06
N LEU A 174 14.47 67.06 -1.28
CA LEU A 174 13.37 67.23 -2.23
C LEU A 174 13.72 66.78 -3.65
N SER A 175 14.91 67.13 -4.12
CA SER A 175 15.34 66.79 -5.47
C SER A 175 15.35 65.27 -5.66
N SER A 176 15.72 64.56 -4.60
CA SER A 176 15.74 63.10 -4.62
C SER A 176 14.33 62.52 -4.46
N SER A 177 13.51 63.25 -3.71
CA SER A 177 12.19 62.76 -3.29
C SER A 177 11.29 62.45 -4.46
N LEU A 178 11.42 63.22 -5.53
CA LEU A 178 10.53 63.10 -6.69
C LEU A 178 10.68 61.76 -7.37
N PRO A 179 9.53 61.14 -7.71
CA PRO A 179 9.47 59.79 -8.28
C PRO A 179 9.93 59.70 -9.72
N SER A 180 9.47 60.62 -10.56
CA SER A 180 9.64 60.45 -11.99
C SER A 180 10.40 61.60 -12.64
N PHE A 181 10.62 62.68 -11.90
CA PHE A 181 11.29 63.85 -12.45
C PHE A 181 12.42 64.29 -11.55
N GLN A 182 13.30 65.10 -12.10
CA GLN A 182 14.41 65.65 -11.33
C GLN A 182 14.35 67.16 -11.32
N LEU A 183 14.35 67.75 -10.14
CA LEU A 183 14.19 69.20 -10.00
C LEU A 183 15.51 69.91 -10.20
N THR A 184 15.57 70.73 -11.25
CA THR A 184 16.80 71.42 -11.59
C THR A 184 16.84 72.79 -10.96
N ASN A 185 15.72 73.50 -10.99
CA ASN A 185 15.74 74.91 -10.66
C ASN A 185 14.52 75.34 -9.86
N THR A 186 14.69 76.38 -9.07
CA THR A 186 13.58 77.02 -8.38
C THR A 186 13.61 78.52 -8.67
N SER A 187 12.47 79.18 -8.53
CA SER A 187 12.35 80.57 -8.91
C SER A 187 11.17 81.29 -8.25
N THR A 188 11.44 82.41 -7.61
CA THR A 188 10.39 83.27 -7.05
C THR A 188 10.21 84.52 -7.90
N THR A 189 9.04 84.65 -8.55
CA THR A 189 8.75 85.81 -9.38
C THR A 189 7.42 86.43 -8.97
N TYR A 190 7.00 87.48 -9.67
CA TYR A 190 5.70 88.09 -9.43
C TYR A 190 4.77 87.78 -10.59
N CYS A 191 3.49 87.63 -10.29
CA CYS A 191 2.51 87.32 -11.32
C CYS A 191 1.26 88.19 -11.14
N THR A 192 1.44 89.31 -10.45
CA THR A 192 0.40 90.31 -10.29
C THR A 192 -0.17 90.68 -11.64
N SER A 193 -1.48 90.55 -11.78
CA SER A 193 -2.11 90.86 -13.05
C SER A 193 -3.32 91.77 -12.86
N VAL A 194 -3.90 92.17 -13.99
CA VAL A 194 -5.04 93.09 -14.03
C VAL A 194 -6.26 92.38 -14.58
N THR A 195 -7.29 92.17 -13.76
CA THR A 195 -8.48 91.47 -14.25
C THR A 195 -9.66 92.41 -14.32
N ASN A 196 -10.78 91.88 -14.84
CA ASN A 196 -11.99 92.65 -15.04
C ASN A 196 -12.50 93.24 -13.72
N THR A 197 -12.19 92.56 -12.61
CA THR A 197 -12.61 93.01 -11.28
C THR A 197 -11.62 94.01 -10.69
N GLY A 198 -10.37 93.97 -11.16
CA GLY A 198 -9.37 94.91 -10.69
C GLY A 198 -7.94 94.43 -10.83
N ILE A 199 -7.03 95.10 -10.12
CA ILE A 199 -5.62 94.75 -10.12
C ILE A 199 -5.22 94.11 -8.79
N TYR A 200 -4.91 92.80 -8.83
CA TYR A 200 -4.58 92.08 -7.60
C TYR A 200 -3.11 91.66 -7.55
N SER A 201 -2.45 91.93 -6.43
CA SER A 201 -1.05 91.55 -6.26
C SER A 201 -0.93 90.03 -6.14
N CYS A 202 0.14 89.46 -6.71
CA CYS A 202 0.28 88.01 -6.73
C CYS A 202 1.72 87.50 -6.78
N LEU A 203 1.99 86.46 -6.00
CA LEU A 203 3.30 85.82 -5.96
C LEU A 203 3.26 84.45 -6.60
N ARG A 204 4.30 84.14 -7.38
CA ARG A 204 4.41 82.85 -8.03
C ARG A 204 5.78 82.23 -7.79
N THR A 205 5.78 81.08 -7.15
CA THR A 205 6.99 80.28 -7.01
C THR A 205 6.98 79.21 -8.09
N THR A 206 8.14 78.85 -8.60
CA THR A 206 8.20 77.97 -9.76
C THR A 206 9.29 76.92 -9.65
N ILE A 207 8.95 75.68 -9.97
CA ILE A 207 9.94 74.61 -9.98
C ILE A 207 10.07 74.05 -11.38
N GLN A 208 11.28 73.62 -11.71
CA GLN A 208 11.59 73.12 -13.05
C GLN A 208 11.99 71.65 -13.01
N LEU A 209 11.19 70.81 -13.65
CA LEU A 209 11.43 69.37 -13.63
C LEU A 209 11.88 68.88 -14.98
N LYS A 210 13.03 68.24 -15.05
CA LYS A 210 13.43 67.55 -16.27
C LYS A 210 13.79 66.10 -15.92
N ARG A 211 13.70 65.21 -16.89
CA ARG A 211 13.89 63.79 -16.65
C ARG A 211 15.31 63.30 -16.87
N GLU A 212 15.65 62.18 -16.22
CA GLU A 212 16.94 61.56 -16.40
C GLU A 212 17.03 60.89 -17.76
N PHE A 213 17.88 61.42 -18.63
CA PHE A 213 18.06 60.89 -19.97
C PHE A 213 18.61 59.47 -19.91
N SER A 214 19.44 59.22 -18.89
CA SER A 214 20.11 57.94 -18.71
C SER A 214 19.17 56.73 -18.73
N PHE A 215 18.11 56.80 -17.95
CA PHE A 215 17.14 55.70 -17.85
C PHE A 215 16.50 55.38 -19.18
N TYR A 216 15.88 56.40 -19.74
CA TYR A 216 15.14 56.29 -20.98
C TYR A 216 16.02 55.89 -22.15
N LEU A 217 17.32 56.13 -22.01
CA LEU A 217 18.27 55.75 -23.02
C LEU A 217 18.47 54.23 -23.02
N LEU A 218 18.67 53.68 -21.82
CA LEU A 218 18.90 52.25 -21.65
C LEU A 218 17.63 51.43 -21.88
N GLN A 219 16.49 51.99 -21.50
CA GLN A 219 15.22 51.25 -21.52
C GLN A 219 14.57 51.24 -22.91
N LEU A 220 14.68 52.35 -23.64
CA LEU A 220 13.93 52.52 -24.88
C LEU A 220 14.82 52.55 -26.13
N TYR A 221 15.82 53.41 -26.12
CA TYR A 221 16.62 53.68 -27.32
C TYR A 221 17.62 52.57 -27.67
N ILE A 222 18.53 52.27 -26.75
CA ILE A 222 19.54 51.24 -26.97
C ILE A 222 18.98 49.88 -27.45
N PRO A 223 17.85 49.40 -26.89
CA PRO A 223 17.33 48.12 -27.39
C PRO A 223 17.03 48.13 -28.88
N SER A 224 16.39 49.20 -29.35
CA SER A 224 16.01 49.29 -30.76
C SER A 224 17.21 49.50 -31.67
N CYS A 225 18.25 50.16 -31.16
CA CYS A 225 19.47 50.34 -31.93
C CYS A 225 20.07 49.00 -32.29
N MET A 226 19.99 48.06 -31.35
CA MET A 226 20.45 46.70 -31.57
C MET A 226 19.60 45.99 -32.63
N LEU A 227 18.30 46.28 -32.63
CA LEU A 227 17.38 45.65 -33.56
C LEU A 227 17.59 46.14 -34.99
N VAL A 228 17.84 47.43 -35.15
CA VAL A 228 18.10 48.01 -36.46
C VAL A 228 19.41 47.47 -37.03
N ILE A 229 20.42 47.32 -36.17
CA ILE A 229 21.70 46.75 -36.57
C ILE A 229 21.51 45.30 -37.03
N VAL A 230 20.68 44.55 -36.33
CA VAL A 230 20.38 43.15 -36.70
C VAL A 230 19.76 43.05 -38.09
N SER A 231 18.88 43.98 -38.40
CA SER A 231 18.21 44.00 -39.70
C SER A 231 19.20 44.20 -40.85
N TRP A 232 20.39 44.69 -40.54
CA TRP A 232 21.41 45.00 -41.55
C TRP A 232 22.25 43.79 -41.96
N VAL A 233 22.41 42.83 -41.05
CA VAL A 233 23.31 41.71 -41.29
C VAL A 233 22.75 40.70 -42.30
N SER A 234 21.52 40.93 -42.74
CA SER A 234 20.92 40.11 -43.80
C SER A 234 21.45 40.52 -45.17
N PHE A 235 22.04 41.71 -45.22
CA PHE A 235 22.64 42.23 -46.45
C PHE A 235 23.96 41.53 -46.73
N TRP A 236 24.64 41.12 -45.65
CA TRP A 236 25.95 40.49 -45.77
C TRP A 236 25.82 39.00 -46.05
N PHE A 237 24.59 38.51 -46.08
CA PHE A 237 24.33 37.13 -46.49
C PHE A 237 24.04 37.09 -47.98
N ASP A 238 24.46 36.02 -48.65
CA ASP A 238 24.23 35.90 -50.08
C ASP A 238 22.75 35.71 -50.38
N ARG A 239 22.41 35.85 -51.66
CA ARG A 239 21.02 35.77 -52.12
C ARG A 239 20.45 34.36 -52.03
N THR A 240 21.34 33.37 -52.14
CA THR A 240 20.93 31.98 -52.24
C THR A 240 20.33 31.46 -50.94
N ALA A 241 20.83 31.97 -49.83
CA ALA A 241 20.34 31.56 -48.52
C ALA A 241 18.99 32.19 -48.21
N ILE A 242 17.95 31.65 -48.83
CA ILE A 242 16.59 32.15 -48.60
C ILE A 242 16.11 31.97 -47.15
N PRO A 243 16.30 30.77 -46.54
CA PRO A 243 15.84 30.64 -45.15
C PRO A 243 16.51 31.60 -44.17
N ALA A 244 17.76 31.97 -44.45
CA ALA A 244 18.51 32.87 -43.58
C ALA A 244 17.90 34.27 -43.55
N ARG A 245 17.78 34.89 -44.72
CA ARG A 245 17.39 36.29 -44.80
C ARG A 245 15.89 36.50 -44.58
N VAL A 246 15.07 35.50 -44.91
CA VAL A 246 13.64 35.57 -44.61
C VAL A 246 13.41 35.59 -43.11
N THR A 247 14.00 34.62 -42.41
CA THR A 247 13.86 34.50 -40.97
C THR A 247 14.39 35.73 -40.25
N LEU A 248 15.57 36.20 -40.65
CA LEU A 248 16.15 37.43 -40.09
C LEU A 248 15.22 38.63 -40.24
N GLY A 249 14.69 38.81 -41.45
CA GLY A 249 13.85 39.95 -41.75
C GLY A 249 12.50 39.97 -41.04
N VAL A 250 11.83 38.81 -41.00
CA VAL A 250 10.49 38.73 -40.43
C VAL A 250 10.53 38.70 -38.89
N THR A 251 11.57 38.11 -38.32
CA THR A 251 11.71 38.02 -36.88
C THR A 251 12.03 39.40 -36.31
N THR A 252 12.95 40.10 -36.98
CA THR A 252 13.34 41.44 -36.56
C THR A 252 12.13 42.37 -36.52
N LEU A 253 11.25 42.21 -37.50
CA LEU A 253 10.02 43.02 -37.58
C LEU A 253 9.03 42.62 -36.49
N LEU A 254 8.92 41.31 -36.22
CA LEU A 254 8.05 40.84 -35.13
C LEU A 254 8.57 41.37 -33.81
N THR A 255 9.88 41.30 -33.62
CA THR A 255 10.53 41.75 -32.40
C THR A 255 10.29 43.23 -32.17
N MET A 256 10.43 44.02 -33.24
CA MET A 256 10.24 45.46 -33.13
C MET A 256 8.81 45.82 -32.75
N THR A 257 7.84 45.07 -33.28
CA THR A 257 6.44 45.28 -32.95
C THR A 257 6.18 44.98 -31.48
N ALA A 258 6.86 43.97 -30.95
CA ALA A 258 6.77 43.62 -29.54
C ALA A 258 7.47 44.67 -28.69
N GLN A 259 8.68 45.04 -29.10
CA GLN A 259 9.44 46.10 -28.46
C GLN A 259 8.63 47.39 -28.38
N SER A 260 8.01 47.75 -29.49
CA SER A 260 7.17 48.94 -29.56
C SER A 260 5.93 48.78 -28.69
N ALA A 261 5.45 47.54 -28.56
CA ALA A 261 4.28 47.25 -27.73
C ALA A 261 4.59 47.45 -26.25
N GLY A 262 5.74 46.96 -25.82
CA GLY A 262 6.17 47.10 -24.43
C GLY A 262 6.39 48.55 -24.06
N ILE A 263 6.94 49.32 -24.99
CA ILE A 263 7.16 50.74 -24.80
C ILE A 263 5.85 51.51 -24.77
N ASN A 264 5.02 51.29 -25.79
CA ASN A 264 3.75 52.01 -25.95
C ASN A 264 2.81 51.85 -24.76
N SER A 265 2.90 50.72 -24.06
CA SER A 265 2.01 50.44 -22.94
C SER A 265 2.60 50.88 -21.60
N GLN A 266 3.35 51.98 -21.63
CA GLN A 266 3.89 52.56 -20.40
C GLN A 266 4.05 54.06 -20.56
N LEU A 267 4.01 54.51 -21.81
CA LEU A 267 3.95 55.93 -22.08
C LEU A 267 2.64 56.45 -21.54
N PRO A 268 2.68 57.61 -20.87
CA PRO A 268 1.47 58.23 -20.33
C PRO A 268 0.50 58.52 -21.48
N PRO A 269 -0.81 58.24 -21.29
CA PRO A 269 -1.71 58.46 -22.43
C PRO A 269 -1.73 59.91 -22.92
N VAL A 270 -1.36 60.13 -24.17
CA VAL A 270 -1.47 61.44 -24.81
C VAL A 270 -1.91 61.26 -26.27
N SER A 271 -2.51 62.29 -26.84
CA SER A 271 -3.00 62.15 -28.20
C SER A 271 -2.24 63.05 -29.17
N TYR A 272 -1.01 63.39 -28.83
CA TYR A 272 -0.14 64.05 -29.77
C TYR A 272 1.21 63.33 -29.87
N ILE A 273 1.83 63.41 -31.04
CA ILE A 273 3.03 62.67 -31.36
C ILE A 273 4.21 63.08 -30.49
N LYS A 274 4.63 62.16 -29.63
CA LYS A 274 5.79 62.40 -28.78
C LYS A 274 7.04 62.13 -29.59
N ALA A 275 8.19 62.57 -29.10
CA ALA A 275 9.46 62.36 -29.79
C ALA A 275 9.82 60.87 -29.83
N ILE A 276 9.57 60.16 -28.73
CA ILE A 276 9.90 58.74 -28.70
C ILE A 276 9.06 58.03 -29.74
N ASP A 277 7.84 58.53 -29.93
CA ASP A 277 6.91 57.92 -30.86
C ASP A 277 7.44 58.02 -32.29
N VAL A 278 8.09 59.14 -32.59
CA VAL A 278 8.75 59.32 -33.88
C VAL A 278 9.88 58.30 -34.02
N TRP A 279 10.68 58.19 -32.97
CA TRP A 279 11.85 57.32 -33.00
C TRP A 279 11.46 55.84 -33.06
N ILE A 280 10.26 55.52 -32.61
CA ILE A 280 9.75 54.15 -32.72
C ILE A 280 9.35 53.84 -34.16
N GLY A 281 8.54 54.72 -34.73
CA GLY A 281 8.08 54.56 -36.10
C GLY A 281 9.22 54.54 -37.12
N ALA A 282 10.32 55.19 -36.77
CA ALA A 282 11.50 55.23 -37.63
C ALA A 282 12.15 53.84 -37.70
N CYS A 283 12.45 53.28 -36.54
CA CYS A 283 13.04 51.94 -36.44
C CYS A 283 12.11 50.91 -37.08
N MET A 284 10.82 51.16 -36.93
CA MET A 284 9.79 50.33 -37.54
C MET A 284 9.90 50.38 -39.06
N THR A 285 10.33 51.53 -39.57
CA THR A 285 10.46 51.71 -41.01
C THR A 285 11.75 51.09 -41.54
N PHE A 286 12.84 51.29 -40.79
CA PHE A 286 14.15 50.80 -41.21
C PHE A 286 14.24 49.28 -41.25
N ILE A 287 13.35 48.63 -40.52
CA ILE A 287 13.27 47.16 -40.53
C ILE A 287 12.29 46.71 -41.61
N PHE A 288 11.25 47.51 -41.83
CA PHE A 288 10.32 47.27 -42.92
C PHE A 288 11.03 47.37 -44.26
N CYS A 289 11.96 48.31 -44.36
CA CYS A 289 12.74 48.51 -45.58
C CYS A 289 13.80 47.43 -45.74
N ALA A 290 14.33 46.96 -44.62
CA ALA A 290 15.34 45.90 -44.62
C ALA A 290 14.73 44.60 -45.09
N LEU A 291 13.55 44.28 -44.59
CA LEU A 291 12.81 43.11 -45.01
C LEU A 291 12.35 43.27 -46.47
N LEU A 292 12.19 44.52 -46.90
CA LEU A 292 11.76 44.83 -48.26
C LEU A 292 12.92 44.71 -49.24
N GLU A 293 14.12 45.04 -48.76
CA GLU A 293 15.31 45.03 -49.61
C GLU A 293 15.60 43.63 -50.12
N PHE A 294 15.43 42.63 -49.25
CA PHE A 294 15.67 41.24 -49.63
C PHE A 294 14.67 40.78 -50.69
N ALA A 295 13.44 41.29 -50.59
CA ALA A 295 12.40 40.94 -51.55
C ALA A 295 12.76 41.41 -52.95
N LEU A 296 13.40 42.58 -53.03
CA LEU A 296 13.84 43.11 -54.31
C LEU A 296 15.00 42.28 -54.85
N VAL A 297 15.94 41.92 -53.97
CA VAL A 297 17.10 41.13 -54.36
C VAL A 297 16.68 39.75 -54.86
N ASN A 298 15.74 39.12 -54.16
CA ASN A 298 15.26 37.80 -54.54
C ASN A 298 14.49 37.80 -55.85
N HIS A 299 13.84 38.92 -56.15
CA HIS A 299 13.03 39.05 -57.35
C HIS A 299 13.88 39.11 -58.61
N ILE A 300 14.96 39.90 -58.57
CA ILE A 300 15.79 40.11 -59.76
C ILE A 300 16.84 39.01 -59.93
N ALA A 301 17.08 38.27 -58.86
CA ALA A 301 18.07 37.19 -58.87
C ALA A 301 17.54 35.92 -59.52
N ASN A 302 16.22 35.83 -59.68
CA ASN A 302 15.60 34.66 -60.28
C ASN A 302 15.82 34.61 -61.80
N ALA A 303 16.02 35.77 -62.40
CA ALA A 303 16.34 35.83 -63.83
C ALA A 303 17.72 35.21 -64.07
N GLY A 304 17.77 34.33 -65.06
CA GLY A 304 18.97 33.59 -65.40
C GLY A 304 20.08 34.40 -66.03
N THR A 305 19.74 35.62 -66.42
CA THR A 305 20.74 36.45 -67.07
C THR A 305 21.79 36.90 -66.05
N THR A 306 23.05 36.92 -66.48
CA THR A 306 24.19 37.21 -65.62
C THR A 306 24.22 38.67 -65.21
N GLU A 307 23.64 39.52 -66.04
CA GLU A 307 23.60 40.95 -65.74
C GLU A 307 22.66 41.25 -64.58
N TRP A 308 21.48 40.62 -64.55
CA TRP A 308 20.56 40.83 -63.43
C TRP A 308 21.21 40.34 -62.16
N ASN A 309 22.00 39.29 -62.30
CA ASN A 309 22.70 38.76 -61.16
C ASN A 309 23.67 39.79 -60.57
N ASP A 310 24.41 40.49 -61.44
CA ASP A 310 25.36 41.52 -61.01
C ASP A 310 24.59 42.70 -60.38
N ILE A 311 23.36 42.93 -60.84
CA ILE A 311 22.51 43.96 -60.25
C ILE A 311 21.98 43.48 -58.89
N SER A 312 21.62 42.21 -58.81
CA SER A 312 21.19 41.62 -57.55
C SER A 312 22.27 41.71 -56.48
N LYS A 313 23.50 41.41 -56.87
CA LYS A 313 24.64 41.46 -55.96
C LYS A 313 24.98 42.90 -55.59
N ARG A 314 24.76 43.82 -56.53
CA ARG A 314 25.05 45.23 -56.32
C ARG A 314 24.14 45.85 -55.27
N VAL A 315 22.85 45.53 -55.35
CA VAL A 315 21.86 46.04 -54.40
C VAL A 315 22.26 45.68 -52.96
N ASP A 316 22.74 44.46 -52.77
CA ASP A 316 23.22 44.02 -51.46
C ASP A 316 24.41 44.86 -50.99
N LEU A 317 25.44 44.96 -51.82
CA LEU A 317 26.65 45.70 -51.48
C LEU A 317 26.36 47.15 -51.11
N ILE A 318 25.36 47.74 -51.76
CA ILE A 318 24.93 49.11 -51.46
C ILE A 318 24.29 49.19 -50.08
N SER A 319 23.27 48.37 -49.86
CA SER A 319 22.53 48.35 -48.60
C SER A 319 23.44 48.02 -47.41
N ARG A 320 24.52 47.28 -47.67
CA ARG A 320 25.51 46.95 -46.65
C ARG A 320 26.09 48.20 -46.00
N ALA A 321 26.05 49.32 -46.73
CA ALA A 321 26.58 50.58 -46.21
C ALA A 321 25.59 51.72 -46.41
N LEU A 322 24.51 51.46 -47.14
CA LEU A 322 23.49 52.48 -47.36
C LEU A 322 22.64 52.71 -46.11
N PHE A 323 22.03 51.64 -45.61
CA PHE A 323 21.20 51.70 -44.40
C PHE A 323 21.92 52.29 -43.18
N PRO A 324 23.16 51.85 -42.88
CA PRO A 324 23.84 52.46 -41.73
C PRO A 324 24.08 53.96 -41.89
N VAL A 325 24.24 54.41 -43.13
CA VAL A 325 24.41 55.84 -43.40
C VAL A 325 23.08 56.57 -43.19
N LEU A 326 22.02 56.07 -43.83
CA LEU A 326 20.71 56.70 -43.75
C LEU A 326 20.19 56.76 -42.32
N PHE A 327 20.44 55.71 -41.54
CA PHE A 327 20.06 55.71 -40.14
C PHE A 327 20.87 56.76 -39.37
N PHE A 328 22.16 56.85 -39.69
CA PHE A 328 23.05 57.81 -39.07
C PHE A 328 22.66 59.23 -39.46
N VAL A 329 22.12 59.40 -40.66
CA VAL A 329 21.58 60.69 -41.10
C VAL A 329 20.36 61.04 -40.26
N PHE A 330 19.41 60.11 -40.19
CA PHE A 330 18.22 60.30 -39.38
C PHE A 330 18.60 60.53 -37.92
N ASN A 331 19.54 59.74 -37.43
CA ASN A 331 20.05 59.88 -36.06
C ASN A 331 20.49 61.31 -35.77
N ILE A 332 21.26 61.90 -36.69
CA ILE A 332 21.70 63.27 -36.56
C ILE A 332 20.51 64.23 -36.57
N LEU A 333 19.63 64.07 -37.55
CA LEU A 333 18.44 64.91 -37.67
C LEU A 333 17.54 64.83 -36.44
N TYR A 334 17.34 63.62 -35.94
CA TYR A 334 16.44 63.38 -34.80
C TYR A 334 16.90 64.10 -33.54
N TRP A 335 18.13 63.81 -33.11
CA TRP A 335 18.68 64.37 -31.88
C TRP A 335 18.82 65.89 -31.95
N SER A 336 19.16 66.41 -33.12
CA SER A 336 19.28 67.86 -33.30
C SER A 336 17.92 68.54 -33.16
N ARG A 337 16.88 67.84 -33.61
CA ARG A 337 15.51 68.35 -33.54
C ARG A 337 14.97 68.31 -32.11
N PHE A 338 15.40 67.30 -31.36
CA PHE A 338 14.87 67.04 -30.01
C PHE A 338 15.91 67.20 -28.90
N GLY A 339 16.95 67.99 -29.16
CA GLY A 339 17.97 68.24 -28.15
C GLY A 339 17.82 69.58 -27.46
N HIS A 340 16.76 70.30 -27.83
CA HIS A 340 16.50 71.63 -27.30
C HIS A 340 16.27 71.60 -25.79
N SER B 1 -16.19 104.40 4.71
CA SER B 1 -17.51 104.92 4.41
C SER B 1 -18.40 103.86 3.79
N ASP B 2 -17.78 102.81 3.26
CA ASP B 2 -18.51 101.71 2.64
C ASP B 2 -19.30 100.91 3.68
N SER B 3 -18.76 100.82 4.89
CA SER B 3 -19.42 100.11 5.98
C SER B 3 -20.65 100.88 6.49
N LYS B 4 -20.67 102.19 6.21
CA LYS B 4 -21.77 103.04 6.64
C LYS B 4 -22.97 102.93 5.69
N ILE B 5 -22.68 102.61 4.44
CA ILE B 5 -23.72 102.46 3.42
C ILE B 5 -24.35 101.07 3.50
N LEU B 6 -23.52 100.04 3.68
CA LEU B 6 -23.99 98.68 3.85
C LEU B 6 -24.86 98.58 5.11
N ALA B 7 -24.53 99.39 6.09
CA ALA B 7 -25.33 99.46 7.30
C ALA B 7 -26.73 99.98 6.98
N HIS B 8 -26.78 101.08 6.23
CA HIS B 8 -28.03 101.74 5.89
C HIS B 8 -29.01 100.87 5.11
N LEU B 9 -28.48 99.94 4.32
CA LEU B 9 -29.31 99.09 3.49
C LEU B 9 -29.97 97.97 4.29
N PHE B 10 -29.17 97.26 5.08
CA PHE B 10 -29.66 96.08 5.79
C PHE B 10 -30.28 96.40 7.15
N THR B 11 -30.11 97.64 7.61
CA THR B 11 -30.79 98.10 8.81
C THR B 11 -32.28 98.26 8.52
N SER B 12 -32.61 98.21 7.23
CA SER B 12 -34.00 98.32 6.80
C SER B 12 -34.67 96.95 6.78
N GLY B 13 -35.88 96.89 6.25
CA GLY B 13 -36.63 95.66 6.19
C GLY B 13 -36.35 94.83 4.96
N TYR B 14 -35.11 94.35 4.84
CA TYR B 14 -34.72 93.52 3.71
C TYR B 14 -34.80 92.04 4.08
N ASP B 15 -35.50 91.28 3.25
CA ASP B 15 -35.64 89.84 3.46
C ASP B 15 -34.90 89.09 2.35
N PHE B 16 -33.85 88.38 2.73
CA PHE B 16 -33.02 87.68 1.75
C PHE B 16 -33.69 86.40 1.25
N ARG B 17 -34.83 86.07 1.83
CA ARG B 17 -35.61 84.91 1.38
C ARG B 17 -36.69 85.34 0.39
N VAL B 18 -36.83 86.65 0.22
CA VAL B 18 -37.87 87.20 -0.65
C VAL B 18 -37.32 87.61 -2.01
N ARG B 19 -37.97 87.12 -3.07
CA ARG B 19 -37.63 87.47 -4.44
C ARG B 19 -37.71 88.99 -4.65
N PRO B 20 -36.74 89.56 -5.37
CA PRO B 20 -36.70 90.99 -5.70
C PRO B 20 -37.92 91.47 -6.46
N PRO B 21 -38.32 92.73 -6.26
CA PRO B 21 -39.53 93.29 -6.88
C PRO B 21 -39.33 93.59 -8.37
N THR B 22 -40.40 93.40 -9.14
CA THR B 22 -40.41 93.72 -10.57
C THR B 22 -41.54 94.70 -10.87
N ASP B 23 -41.23 95.73 -11.66
CA ASP B 23 -42.20 96.79 -11.98
C ASP B 23 -43.38 96.26 -12.78
N ASN B 24 -43.15 95.18 -13.52
CA ASN B 24 -44.19 94.56 -14.32
C ASN B 24 -44.80 93.35 -13.61
N GLY B 25 -44.13 92.90 -12.55
CA GLY B 25 -44.54 91.71 -11.84
C GLY B 25 -43.94 90.47 -12.49
N GLY B 26 -43.19 90.71 -13.57
CA GLY B 26 -42.58 89.63 -14.31
C GLY B 26 -41.41 89.03 -13.57
N PRO B 27 -40.67 88.14 -14.25
CA PRO B 27 -39.52 87.43 -13.67
C PRO B 27 -38.31 88.34 -13.45
N VAL B 28 -37.32 87.86 -12.71
CA VAL B 28 -36.10 88.62 -12.46
C VAL B 28 -35.03 88.25 -13.49
N VAL B 29 -34.59 89.26 -14.26
CA VAL B 29 -33.63 89.04 -15.33
C VAL B 29 -32.23 88.78 -14.77
N VAL B 30 -31.63 87.63 -15.12
CA VAL B 30 -30.30 87.29 -14.62
C VAL B 30 -29.29 87.13 -15.76
N SER B 31 -28.37 88.09 -15.87
CA SER B 31 -27.33 88.05 -16.89
C SER B 31 -26.18 87.15 -16.45
N VAL B 32 -25.71 86.31 -17.35
CA VAL B 32 -24.70 85.31 -16.98
C VAL B 32 -23.46 85.38 -17.85
N ASN B 33 -22.33 85.66 -17.20
CA ASN B 33 -21.04 85.61 -17.84
C ASN B 33 -20.20 84.47 -17.26
N MET B 34 -19.67 83.61 -18.12
CA MET B 34 -18.94 82.44 -17.64
C MET B 34 -17.49 82.41 -18.12
N LEU B 35 -16.60 81.87 -17.29
CA LEU B 35 -15.18 81.83 -17.60
C LEU B 35 -14.56 80.48 -17.26
N LEU B 36 -14.22 79.72 -18.29
CA LEU B 36 -13.62 78.41 -18.11
C LEU B 36 -12.14 78.49 -17.75
N ARG B 37 -11.83 78.17 -16.51
CA ARG B 37 -10.45 78.19 -16.03
C ARG B 37 -9.67 77.02 -16.63
N THR B 38 -9.94 75.80 -16.17
CA THR B 38 -9.23 74.63 -16.66
C THR B 38 -10.15 73.43 -16.90
N ILE B 39 -9.78 72.57 -17.85
CA ILE B 39 -10.52 71.34 -18.10
C ILE B 39 -9.56 70.17 -18.08
N SER B 40 -9.94 69.11 -17.36
CA SER B 40 -9.10 67.94 -17.21
C SER B 40 -9.92 66.68 -16.88
N LYS B 41 -9.23 65.55 -16.76
CA LYS B 41 -9.84 64.27 -16.41
C LYS B 41 -11.03 63.95 -17.29
N ILE B 42 -10.83 63.93 -18.59
CA ILE B 42 -11.93 63.61 -19.48
C ILE B 42 -12.09 62.10 -19.51
N ASP B 43 -12.96 61.61 -18.63
CA ASP B 43 -13.15 60.17 -18.45
C ASP B 43 -14.08 59.59 -19.50
N VAL B 44 -13.51 58.82 -20.42
CA VAL B 44 -14.32 58.17 -21.44
C VAL B 44 -15.14 57.06 -20.81
N VAL B 45 -14.54 56.39 -19.83
CA VAL B 45 -15.18 55.24 -19.18
C VAL B 45 -16.34 55.65 -18.27
N ASN B 46 -16.09 56.54 -17.33
CA ASN B 46 -17.13 56.90 -16.38
C ASN B 46 -18.04 58.03 -16.85
N MET B 47 -17.89 58.41 -18.11
CA MET B 47 -18.72 59.45 -18.74
C MET B 47 -18.81 60.70 -17.88
N GLU B 48 -17.66 61.35 -17.71
CA GLU B 48 -17.55 62.53 -16.87
C GLU B 48 -16.25 63.25 -17.17
N TYR B 49 -16.20 64.54 -16.83
CA TYR B 49 -14.98 65.31 -16.99
C TYR B 49 -14.90 66.39 -15.91
N SER B 50 -13.68 66.63 -15.43
CA SER B 50 -13.44 67.65 -14.40
C SER B 50 -13.16 69.01 -15.01
N ALA B 51 -14.06 69.94 -14.76
CA ALA B 51 -13.92 71.30 -15.24
C ALA B 51 -13.93 72.27 -14.06
N GLN B 52 -13.11 73.31 -14.18
CA GLN B 52 -13.00 74.34 -13.16
C GLN B 52 -13.34 75.68 -13.80
N LEU B 53 -14.24 76.45 -13.21
CA LEU B 53 -14.74 77.65 -13.87
C LEU B 53 -14.98 78.81 -12.92
N THR B 54 -15.28 79.98 -13.48
CA THR B 54 -15.66 81.15 -12.71
C THR B 54 -16.98 81.72 -13.23
N LEU B 55 -18.01 81.69 -12.40
CA LEU B 55 -19.34 82.13 -12.82
C LEU B 55 -19.62 83.56 -12.37
N ARG B 56 -20.18 84.36 -13.26
CA ARG B 56 -20.56 85.73 -12.93
C ARG B 56 -22.04 85.97 -13.21
N GLU B 57 -22.81 86.24 -12.17
CA GLU B 57 -24.22 86.52 -12.34
C GLU B 57 -24.49 88.00 -12.08
N SER B 58 -25.54 88.52 -12.71
CA SER B 58 -25.88 89.93 -12.57
C SER B 58 -27.38 90.16 -12.65
N TRP B 59 -27.94 90.81 -11.63
CA TRP B 59 -29.36 91.13 -11.62
C TRP B 59 -29.62 92.48 -10.95
N ILE B 60 -30.87 92.93 -10.99
CA ILE B 60 -31.21 94.21 -10.39
C ILE B 60 -32.17 94.07 -9.20
N ASP B 61 -31.68 94.43 -8.02
CA ASP B 61 -32.48 94.42 -6.82
C ASP B 61 -32.66 95.85 -6.31
N LYS B 62 -33.80 96.47 -6.64
CA LYS B 62 -34.03 97.87 -6.31
C LYS B 62 -33.97 98.16 -4.81
N ARG B 63 -34.16 97.13 -3.99
CA ARG B 63 -34.08 97.28 -2.54
C ARG B 63 -32.69 97.70 -2.08
N LEU B 64 -31.67 97.22 -2.78
CA LEU B 64 -30.30 97.48 -2.38
C LEU B 64 -29.74 98.79 -2.93
N SER B 65 -30.56 99.52 -3.70
CA SER B 65 -30.10 100.76 -4.32
C SER B 65 -29.86 101.84 -3.28
N TYR B 66 -28.61 102.28 -3.16
CA TYR B 66 -28.25 103.26 -2.16
C TYR B 66 -28.02 104.65 -2.78
N GLY B 67 -27.24 104.69 -3.85
CA GLY B 67 -26.87 105.95 -4.46
C GLY B 67 -27.82 106.35 -5.57
N VAL B 68 -28.55 105.39 -6.10
CA VAL B 68 -29.44 105.59 -7.23
C VAL B 68 -28.68 106.25 -8.38
N LYS B 69 -28.85 107.56 -8.54
CA LYS B 69 -28.08 108.31 -9.53
C LYS B 69 -26.62 108.39 -9.10
N GLY B 70 -26.40 108.48 -7.80
CA GLY B 70 -25.07 108.52 -7.23
C GLY B 70 -24.28 109.74 -7.67
N ASP B 71 -23.19 109.50 -8.39
CA ASP B 71 -22.35 110.57 -8.95
C ASP B 71 -21.82 111.50 -7.85
N GLY B 72 -21.93 111.03 -6.61
CA GLY B 72 -21.41 111.73 -5.46
C GLY B 72 -21.09 110.66 -4.42
N GLN B 73 -21.27 109.41 -4.85
CA GLN B 73 -21.00 108.24 -4.02
C GLN B 73 -20.28 107.17 -4.82
N PRO B 74 -19.59 106.24 -4.14
CA PRO B 74 -18.91 105.15 -4.85
C PRO B 74 -19.83 104.40 -5.81
N ASP B 75 -19.31 104.04 -6.97
CA ASP B 75 -20.10 103.37 -8.00
C ASP B 75 -20.68 102.08 -7.46
N PHE B 76 -19.85 101.27 -6.83
CA PHE B 76 -20.32 100.06 -6.18
C PHE B 76 -19.71 99.89 -4.79
N VAL B 77 -20.37 99.08 -3.97
CA VAL B 77 -19.88 98.79 -2.63
C VAL B 77 -19.75 97.29 -2.43
N ILE B 78 -18.52 96.83 -2.19
CA ILE B 78 -18.29 95.41 -1.94
C ILE B 78 -19.01 94.97 -0.69
N LEU B 79 -19.78 93.89 -0.81
CA LEU B 79 -20.51 93.36 0.33
C LEU B 79 -19.57 92.62 1.27
N THR B 80 -19.58 93.02 2.54
CA THR B 80 -18.77 92.35 3.55
C THR B 80 -19.53 91.15 4.11
N VAL B 81 -18.79 90.23 4.73
CA VAL B 81 -19.37 89.04 5.34
C VAL B 81 -20.32 89.42 6.47
N GLY B 82 -21.50 88.79 6.51
CA GLY B 82 -22.45 89.04 7.58
C GLY B 82 -23.76 89.64 7.11
N HIS B 83 -23.84 89.95 5.83
CA HIS B 83 -25.05 90.51 5.26
C HIS B 83 -25.59 89.58 4.19
N GLN B 84 -26.85 89.19 4.34
CA GLN B 84 -27.49 88.27 3.41
C GLN B 84 -28.19 89.01 2.28
N ILE B 85 -27.84 88.65 1.04
CA ILE B 85 -28.49 89.20 -0.13
C ILE B 85 -29.17 88.10 -0.92
N TRP B 86 -30.42 88.33 -1.31
CA TRP B 86 -31.11 87.36 -2.15
C TRP B 86 -30.30 87.11 -3.40
N MET B 87 -30.17 85.83 -3.76
CA MET B 87 -29.48 85.44 -4.98
C MET B 87 -30.26 84.32 -5.66
N PRO B 88 -30.14 84.25 -6.99
CA PRO B 88 -30.71 83.14 -7.75
C PRO B 88 -30.19 81.79 -7.27
N ASP B 89 -31.10 80.89 -6.88
CA ASP B 89 -30.68 79.56 -6.43
C ASP B 89 -30.20 78.75 -7.64
N THR B 90 -29.04 79.12 -8.15
CA THR B 90 -28.45 78.44 -9.30
C THR B 90 -27.86 77.09 -8.92
N PHE B 91 -28.07 76.10 -9.79
CA PHE B 91 -27.49 74.79 -9.61
C PHE B 91 -27.10 74.23 -10.97
N PHE B 92 -26.22 73.25 -10.97
CA PHE B 92 -25.84 72.57 -12.20
C PHE B 92 -26.56 71.24 -12.31
N PRO B 93 -27.48 71.13 -13.27
CA PRO B 93 -28.26 69.89 -13.45
C PRO B 93 -27.41 68.67 -13.78
N ASN B 94 -26.34 68.84 -14.56
CA ASN B 94 -25.54 67.70 -15.03
C ASN B 94 -24.35 67.43 -14.13
N GLU B 95 -24.26 68.18 -13.04
CA GLU B 95 -23.18 68.02 -12.09
C GLU B 95 -23.24 66.66 -11.40
N LYS B 96 -22.08 66.05 -11.21
CA LYS B 96 -21.98 64.71 -10.65
C LYS B 96 -20.75 64.62 -9.77
N GLN B 97 -20.77 63.68 -8.82
CA GLN B 97 -19.61 63.33 -8.01
C GLN B 97 -18.99 64.59 -7.43
N ALA B 98 -19.82 65.42 -6.82
CA ALA B 98 -19.33 66.74 -6.45
C ALA B 98 -19.43 67.05 -4.96
N TYR B 99 -18.28 67.43 -4.42
CA TYR B 99 -18.16 67.92 -3.06
C TYR B 99 -17.72 69.38 -3.15
N LYS B 100 -18.37 70.24 -2.37
CA LYS B 100 -18.15 71.68 -2.45
C LYS B 100 -17.33 72.24 -1.28
N HIS B 101 -16.26 72.93 -1.62
CA HIS B 101 -15.40 73.63 -0.67
C HIS B 101 -16.18 74.74 0.06
N THR B 102 -15.63 75.18 1.19
CA THR B 102 -16.31 76.12 2.08
C THR B 102 -17.64 75.55 2.58
N PRO B 106 -13.34 82.03 1.65
CA PRO B 106 -14.13 81.54 0.52
C PRO B 106 -13.90 82.34 -0.76
N ASN B 107 -13.93 81.66 -1.90
CA ASN B 107 -13.74 82.32 -3.19
C ASN B 107 -15.06 82.86 -3.76
N VAL B 108 -15.58 83.91 -3.14
CA VAL B 108 -16.82 84.56 -3.60
C VAL B 108 -16.69 86.09 -3.63
N LEU B 109 -17.41 86.74 -4.54
CA LEU B 109 -17.37 88.20 -4.63
C LEU B 109 -18.74 88.77 -4.99
N ILE B 110 -19.23 89.65 -4.13
CA ILE B 110 -20.54 90.26 -4.34
C ILE B 110 -20.45 91.78 -4.36
N ARG B 111 -20.83 92.37 -5.48
CA ARG B 111 -20.83 93.81 -5.64
C ARG B 111 -22.24 94.36 -5.73
N ILE B 112 -22.50 95.45 -5.02
CA ILE B 112 -23.79 96.12 -5.12
C ILE B 112 -23.63 97.50 -5.74
N HIS B 113 -23.93 97.62 -7.02
CA HIS B 113 -23.87 98.92 -7.69
C HIS B 113 -24.95 99.84 -7.15
N ASN B 114 -24.76 101.14 -7.33
CA ASN B 114 -25.66 102.14 -6.78
C ASN B 114 -27.11 102.03 -7.28
N ASP B 115 -27.29 101.62 -8.53
CA ASP B 115 -28.63 101.53 -9.10
C ASP B 115 -29.38 100.31 -8.58
N GLY B 116 -28.67 99.41 -7.93
CA GLY B 116 -29.24 98.18 -7.41
C GLY B 116 -28.79 96.94 -8.16
N THR B 117 -27.89 97.14 -9.12
CA THR B 117 -27.34 96.02 -9.88
C THR B 117 -26.35 95.25 -9.02
N VAL B 118 -26.52 93.94 -8.96
CA VAL B 118 -25.66 93.10 -8.15
C VAL B 118 -24.76 92.24 -9.05
N LEU B 119 -23.47 92.17 -8.73
CA LEU B 119 -22.56 91.26 -9.41
C LEU B 119 -22.06 90.15 -8.48
N TYR B 120 -22.25 88.90 -8.91
CA TYR B 120 -21.86 87.75 -8.11
C TYR B 120 -20.80 86.95 -8.84
N SER B 121 -19.67 86.72 -8.17
CA SER B 121 -18.57 85.97 -8.76
C SER B 121 -18.19 84.80 -7.84
N VAL B 122 -18.00 83.62 -8.42
CA VAL B 122 -17.73 82.42 -7.65
C VAL B 122 -16.82 81.45 -8.41
N ARG B 123 -15.98 80.74 -7.67
CA ARG B 123 -15.11 79.73 -8.26
C ARG B 123 -15.61 78.36 -7.84
N ILE B 124 -15.80 77.48 -8.81
CA ILE B 124 -16.29 76.15 -8.52
C ILE B 124 -15.57 75.11 -9.37
N SER B 125 -15.27 73.96 -8.77
CA SER B 125 -14.79 72.80 -9.50
C SER B 125 -15.93 71.81 -9.61
N LEU B 126 -16.23 71.40 -10.84
CA LEU B 126 -17.38 70.53 -11.08
C LEU B 126 -16.97 69.27 -11.82
N VAL B 127 -17.66 68.18 -11.52
CA VAL B 127 -17.56 67.01 -12.38
C VAL B 127 -18.91 66.85 -13.08
N LEU B 128 -18.90 66.86 -14.41
CA LEU B 128 -20.12 66.85 -15.20
C LEU B 128 -20.22 65.63 -16.08
N SER B 129 -21.38 64.98 -16.08
CA SER B 129 -21.59 63.81 -16.92
C SER B 129 -21.59 64.19 -18.40
N CYS B 130 -20.87 63.43 -19.21
CA CYS B 130 -20.79 63.68 -20.65
C CYS B 130 -20.96 62.40 -21.47
N PRO B 131 -22.18 62.16 -21.97
CA PRO B 131 -22.44 61.01 -22.84
C PRO B 131 -21.57 61.09 -24.10
N MET B 132 -20.74 60.08 -24.31
CA MET B 132 -19.86 60.09 -25.47
C MET B 132 -20.16 58.92 -26.40
N TYR B 133 -19.91 59.14 -27.70
CA TYR B 133 -20.25 58.17 -28.73
C TYR B 133 -19.00 57.83 -29.52
N LEU B 134 -18.62 56.56 -29.48
CA LEU B 134 -17.34 56.10 -30.02
C LEU B 134 -17.44 55.17 -31.24
N GLN B 135 -18.40 55.49 -32.07
CA GLN B 135 -18.64 54.78 -33.36
C GLN B 135 -17.41 54.98 -34.23
N TYR B 136 -16.93 56.22 -34.22
CA TYR B 136 -15.73 56.59 -34.95
C TYR B 136 -14.55 56.58 -34.01
N TYR B 137 -13.77 55.52 -34.04
CA TYR B 137 -12.59 55.52 -33.20
C TYR B 137 -11.40 55.36 -34.10
N PRO B 138 -10.36 56.17 -33.86
CA PRO B 138 -10.35 57.19 -32.81
C PRO B 138 -10.68 58.55 -33.38
N MET B 139 -11.06 58.59 -34.64
CA MET B 139 -11.32 59.85 -35.30
C MET B 139 -12.75 60.29 -35.07
N ASP B 140 -13.11 60.52 -33.82
CA ASP B 140 -14.46 60.99 -33.51
C ASP B 140 -14.46 62.42 -33.01
N VAL B 141 -15.60 62.81 -32.44
CA VAL B 141 -15.73 64.14 -31.87
C VAL B 141 -16.81 64.15 -30.81
N GLN B 142 -16.48 64.69 -29.64
CA GLN B 142 -17.42 64.69 -28.53
C GLN B 142 -17.85 66.10 -28.18
N GLN B 143 -19.06 66.22 -27.64
CA GLN B 143 -19.55 67.51 -27.20
C GLN B 143 -20.04 67.43 -25.76
N CYS B 144 -19.27 68.02 -24.87
CA CYS B 144 -19.63 68.08 -23.45
C CYS B 144 -20.25 69.44 -23.12
N SER B 145 -21.15 69.45 -22.15
CA SER B 145 -21.89 70.66 -21.80
C SER B 145 -21.87 70.94 -20.30
N ILE B 146 -22.15 72.18 -19.93
CA ILE B 146 -22.38 72.55 -18.54
C ILE B 146 -23.75 73.21 -18.45
N ASP B 147 -24.74 72.52 -17.90
CA ASP B 147 -26.08 73.09 -17.80
C ASP B 147 -26.19 73.96 -16.55
N LEU B 148 -27.05 74.97 -16.62
CA LEU B 148 -27.20 75.94 -15.54
C LEU B 148 -28.63 76.45 -15.45
N ALA B 149 -29.24 76.34 -14.26
CA ALA B 149 -30.64 76.71 -14.09
C ALA B 149 -31.01 76.98 -12.64
N SER B 150 -32.23 77.45 -12.39
CA SER B 150 -32.72 77.62 -11.02
C SER B 150 -33.44 76.36 -10.54
N TYR B 151 -33.41 76.10 -9.23
CA TYR B 151 -34.02 74.88 -8.72
C TYR B 151 -35.45 75.11 -8.23
N ALA B 152 -35.62 76.10 -7.37
CA ALA B 152 -36.92 76.30 -6.74
C ALA B 152 -37.79 77.24 -7.55
N TYR B 153 -37.19 78.31 -8.05
CA TYR B 153 -37.93 79.33 -8.78
C TYR B 153 -38.21 78.93 -10.22
N THR B 154 -39.46 79.10 -10.64
CA THR B 154 -39.88 78.74 -11.98
C THR B 154 -39.64 79.89 -12.96
N THR B 155 -40.29 79.82 -14.12
CA THR B 155 -40.10 80.83 -15.15
C THR B 155 -40.82 82.14 -14.84
N LYS B 156 -41.69 82.14 -13.84
CA LYS B 156 -42.46 83.33 -13.51
C LYS B 156 -41.67 84.25 -12.57
N ASP B 157 -40.68 83.68 -11.90
CA ASP B 157 -39.91 84.40 -10.88
C ASP B 157 -38.50 84.73 -11.35
N ILE B 158 -37.92 83.86 -12.17
CA ILE B 158 -36.54 84.02 -12.60
C ILE B 158 -36.31 83.46 -14.01
N GLU B 159 -35.51 84.16 -14.81
CA GLU B 159 -35.16 83.70 -16.15
C GLU B 159 -33.73 84.11 -16.49
N TYR B 160 -32.93 83.13 -16.91
CA TYR B 160 -31.53 83.37 -17.21
C TYR B 160 -31.33 83.79 -18.66
N LEU B 161 -30.35 84.65 -18.89
CA LEU B 161 -29.97 85.06 -20.23
C LEU B 161 -28.46 85.14 -20.32
N TRP B 162 -27.88 84.54 -21.36
CA TRP B 162 -26.44 84.68 -21.56
C TRP B 162 -26.13 86.16 -21.74
N LYS B 163 -25.02 86.61 -21.14
CA LYS B 163 -24.57 87.99 -21.30
C LYS B 163 -24.45 88.32 -22.79
N GLU B 164 -24.64 89.58 -23.15
CA GLU B 164 -24.69 89.96 -24.54
C GLU B 164 -23.37 89.74 -25.28
N HIS B 165 -22.26 89.98 -24.59
CA HIS B 165 -20.95 89.88 -25.23
C HIS B 165 -20.01 88.93 -24.51
N SER B 166 -19.37 88.05 -25.29
CA SER B 166 -18.45 87.03 -24.80
C SER B 166 -19.01 86.30 -23.58
N PRO B 167 -20.14 85.59 -23.77
CA PRO B 167 -20.77 84.93 -22.63
C PRO B 167 -19.83 83.89 -22.04
N LEU B 168 -19.13 83.19 -22.92
CA LEU B 168 -18.16 82.18 -22.52
C LEU B 168 -16.76 82.67 -22.80
N GLN B 169 -15.91 82.65 -21.78
CA GLN B 169 -14.53 83.04 -21.95
C GLN B 169 -13.63 81.91 -21.50
N LEU B 170 -12.49 81.74 -22.15
CA LEU B 170 -11.64 80.61 -21.86
C LEU B 170 -10.24 81.07 -21.46
N LYS B 171 -9.60 80.32 -20.57
CA LYS B 171 -8.25 80.67 -20.10
C LYS B 171 -7.29 80.65 -21.26
N VAL B 172 -6.14 81.26 -21.06
CA VAL B 172 -5.22 81.57 -22.15
C VAL B 172 -4.92 80.40 -23.07
N GLY B 173 -4.52 79.28 -22.49
CA GLY B 173 -4.09 78.14 -23.29
C GLY B 173 -4.95 76.90 -23.10
N LEU B 174 -6.26 77.08 -22.96
CA LEU B 174 -7.14 75.95 -22.69
C LEU B 174 -7.08 74.87 -23.79
N SER B 175 -7.06 75.29 -25.06
CA SER B 175 -7.03 74.34 -26.18
C SER B 175 -5.78 73.45 -26.10
N SER B 176 -4.67 74.02 -25.62
CA SER B 176 -3.45 73.26 -25.44
C SER B 176 -3.50 72.42 -24.17
N SER B 177 -4.19 72.93 -23.15
CA SER B 177 -4.18 72.35 -21.79
C SER B 177 -4.72 70.92 -21.73
N LEU B 178 -5.68 70.59 -22.59
CA LEU B 178 -6.31 69.27 -22.57
C LEU B 178 -5.34 68.15 -22.92
N PRO B 179 -5.40 67.05 -22.16
CA PRO B 179 -4.50 65.90 -22.27
C PRO B 179 -4.71 65.02 -23.50
N SER B 180 -5.97 64.69 -23.80
CA SER B 180 -6.24 63.66 -24.81
C SER B 180 -7.10 64.15 -25.97
N PHE B 181 -7.65 65.35 -25.84
CA PHE B 181 -8.53 65.88 -26.87
C PHE B 181 -8.11 67.29 -27.26
N GLN B 182 -8.61 67.75 -28.39
CA GLN B 182 -8.32 69.10 -28.85
C GLN B 182 -9.61 69.90 -29.00
N LEU B 183 -9.66 71.06 -28.35
CA LEU B 183 -10.89 71.83 -28.34
C LEU B 183 -11.06 72.65 -29.61
N THR B 184 -12.10 72.34 -30.37
CA THR B 184 -12.35 72.97 -31.65
C THR B 184 -13.29 74.17 -31.57
N ASN B 185 -14.37 74.01 -30.81
CA ASN B 185 -15.48 74.94 -30.85
C ASN B 185 -16.03 75.21 -29.45
N THR B 186 -16.61 76.39 -29.25
CA THR B 186 -17.34 76.69 -28.03
C THR B 186 -18.72 77.23 -28.42
N SER B 187 -19.68 77.11 -27.53
CA SER B 187 -21.06 77.46 -27.89
C SER B 187 -21.93 77.77 -26.68
N THR B 188 -22.54 78.95 -26.70
CA THR B 188 -23.49 79.34 -25.66
C THR B 188 -24.92 79.25 -26.19
N THR B 189 -25.70 78.32 -25.66
CA THR B 189 -27.08 78.16 -26.09
C THR B 189 -28.04 78.14 -24.91
N TYR B 190 -29.33 77.98 -25.20
CA TYR B 190 -30.33 77.85 -24.16
C TYR B 190 -30.83 76.41 -24.12
N CYS B 191 -31.19 75.92 -22.95
CA CYS B 191 -31.70 74.56 -22.82
C CYS B 191 -32.90 74.54 -21.89
N THR B 192 -33.55 75.69 -21.76
CA THR B 192 -34.77 75.82 -20.99
C THR B 192 -35.74 74.74 -21.42
N SER B 193 -36.22 73.94 -20.47
CA SER B 193 -37.13 72.84 -20.82
C SER B 193 -38.35 72.79 -19.90
N VAL B 194 -39.27 71.89 -20.22
CA VAL B 194 -40.53 71.77 -19.49
C VAL B 194 -40.61 70.43 -18.77
N THR B 195 -40.66 70.47 -17.44
CA THR B 195 -40.74 69.25 -16.64
C THR B 195 -42.06 69.16 -15.89
N ASN B 196 -42.26 68.02 -15.22
CA ASN B 196 -43.49 67.76 -14.49
C ASN B 196 -43.76 68.81 -13.40
N THR B 197 -42.70 69.42 -12.87
CA THR B 197 -42.87 70.42 -11.83
C THR B 197 -43.11 71.81 -12.41
N GLY B 198 -42.67 72.03 -13.63
CA GLY B 198 -42.89 73.31 -14.28
C GLY B 198 -41.90 73.64 -15.38
N ILE B 199 -41.86 74.92 -15.75
CA ILE B 199 -40.98 75.40 -16.81
C ILE B 199 -39.81 76.18 -16.20
N TYR B 200 -38.61 75.64 -16.28
CA TYR B 200 -37.45 76.30 -15.69
C TYR B 200 -36.48 76.81 -16.73
N SER B 201 -36.08 78.07 -16.59
CA SER B 201 -35.12 78.69 -17.49
C SER B 201 -33.76 78.03 -17.27
N CYS B 202 -33.01 77.85 -18.36
CA CYS B 202 -31.73 77.13 -18.28
C CYS B 202 -30.73 77.55 -19.36
N LEU B 203 -29.46 77.69 -18.97
CA LEU B 203 -28.38 78.01 -19.90
C LEU B 203 -27.44 76.83 -20.09
N ARG B 204 -27.00 76.61 -21.32
CA ARG B 204 -26.05 75.54 -21.59
C ARG B 204 -24.87 76.04 -22.42
N THR B 205 -23.68 75.93 -21.84
CA THR B 205 -22.46 76.21 -22.57
C THR B 205 -21.89 74.88 -23.02
N THR B 206 -21.26 74.85 -24.19
CA THR B 206 -20.86 73.59 -24.79
C THR B 206 -19.48 73.66 -25.42
N ILE B 207 -18.67 72.62 -25.19
CA ILE B 207 -17.35 72.54 -25.83
C ILE B 207 -17.26 71.31 -26.72
N GLN B 208 -16.52 71.46 -27.82
CA GLN B 208 -16.42 70.41 -28.81
C GLN B 208 -15.01 69.86 -28.92
N LEU B 209 -14.85 68.59 -28.55
CA LEU B 209 -13.53 67.97 -28.50
C LEU B 209 -13.37 66.92 -29.59
N LYS B 210 -12.37 67.10 -30.44
CA LYS B 210 -12.00 66.07 -31.40
C LYS B 210 -10.52 65.75 -31.26
N ARG B 211 -10.14 64.54 -31.63
CA ARG B 211 -8.78 64.08 -31.40
C ARG B 211 -7.87 64.32 -32.59
N GLU B 212 -6.57 64.36 -32.32
CA GLU B 212 -5.57 64.52 -33.36
C GLU B 212 -5.42 63.25 -34.18
N PHE B 213 -5.80 63.33 -35.45
CA PHE B 213 -5.69 62.19 -36.36
C PHE B 213 -4.23 61.79 -36.53
N SER B 214 -3.35 62.78 -36.49
CA SER B 214 -1.92 62.61 -36.69
C SER B 214 -1.28 61.51 -35.83
N PHE B 215 -1.54 61.61 -34.53
CA PHE B 215 -0.98 60.67 -33.55
C PHE B 215 -1.42 59.24 -33.86
N TYR B 216 -2.73 59.05 -33.88
CA TYR B 216 -3.37 57.75 -34.06
C TYR B 216 -3.08 57.12 -35.42
N LEU B 217 -2.68 57.96 -36.37
CA LEU B 217 -2.28 57.48 -37.68
C LEU B 217 -0.92 56.79 -37.60
N LEU B 218 0.01 57.45 -36.93
CA LEU B 218 1.38 56.96 -36.78
C LEU B 218 1.48 55.78 -35.82
N GLN B 219 0.64 55.78 -34.79
CA GLN B 219 0.72 54.78 -33.73
C GLN B 219 0.01 53.47 -34.08
N LEU B 220 -1.13 53.57 -34.77
CA LEU B 220 -1.99 52.42 -34.99
C LEU B 220 -2.07 51.98 -36.45
N TYR B 221 -2.38 52.93 -37.33
CA TYR B 221 -2.67 52.59 -38.71
C TYR B 221 -1.44 52.23 -39.54
N ILE B 222 -0.48 53.15 -39.62
CA ILE B 222 0.76 52.93 -40.38
C ILE B 222 1.51 51.62 -40.06
N PRO B 223 1.63 51.23 -38.77
CA PRO B 223 2.31 49.96 -38.49
C PRO B 223 1.68 48.75 -39.20
N SER B 224 0.35 48.65 -39.15
CA SER B 224 -0.34 47.50 -39.72
C SER B 224 -0.32 47.50 -41.25
N CYS B 225 -0.30 48.69 -41.85
CA CYS B 225 -0.19 48.82 -43.30
C CYS B 225 1.09 48.17 -43.78
N MET B 226 2.15 48.34 -43.01
CA MET B 226 3.42 47.72 -43.30
C MET B 226 3.30 46.20 -43.18
N LEU B 227 2.50 45.75 -42.23
CA LEU B 227 2.33 44.32 -42.01
C LEU B 227 1.52 43.64 -43.12
N VAL B 228 0.48 44.31 -43.62
CA VAL B 228 -0.32 43.76 -44.70
C VAL B 228 0.50 43.68 -45.99
N ILE B 229 1.31 44.71 -46.24
CA ILE B 229 2.21 44.73 -47.39
C ILE B 229 3.22 43.58 -47.33
N VAL B 230 3.73 43.34 -46.12
CA VAL B 230 4.69 42.25 -45.90
C VAL B 230 4.05 40.90 -46.27
N SER B 231 2.78 40.73 -45.91
CA SER B 231 2.07 39.49 -46.19
C SER B 231 1.94 39.22 -47.69
N TRP B 232 2.13 40.26 -48.50
CA TRP B 232 1.96 40.16 -49.94
C TRP B 232 3.20 39.63 -50.65
N VAL B 233 4.38 39.87 -50.08
CA VAL B 233 5.63 39.55 -50.77
C VAL B 233 5.91 38.04 -50.79
N SER B 234 5.06 37.26 -50.14
CA SER B 234 5.15 35.81 -50.19
C SER B 234 4.57 35.30 -51.51
N PHE B 235 3.80 36.16 -52.18
CA PHE B 235 3.23 35.83 -53.49
C PHE B 235 4.27 35.90 -54.58
N TRP B 236 5.26 36.77 -54.39
CA TRP B 236 6.30 36.98 -55.39
C TRP B 236 7.42 35.95 -55.23
N PHE B 237 7.29 35.09 -54.24
CA PHE B 237 8.20 33.95 -54.09
C PHE B 237 7.61 32.72 -54.76
N ASP B 238 8.45 31.89 -55.35
CA ASP B 238 7.98 30.70 -56.03
C ASP B 238 7.40 29.68 -55.06
N ARG B 239 6.72 28.67 -55.62
CA ARG B 239 6.06 27.65 -54.83
C ARG B 239 7.05 26.72 -54.14
N THR B 240 8.22 26.56 -54.75
CA THR B 240 9.20 25.58 -54.28
C THR B 240 9.82 25.96 -52.95
N ALA B 241 9.97 27.27 -52.72
CA ALA B 241 10.54 27.75 -51.47
C ALA B 241 9.54 27.67 -50.32
N ILE B 242 9.33 26.46 -49.82
CA ILE B 242 8.41 26.25 -48.68
C ILE B 242 8.87 26.95 -47.40
N PRO B 243 10.17 26.84 -47.02
CA PRO B 243 10.54 27.54 -45.78
C PRO B 243 10.35 29.06 -45.85
N ALA B 244 10.44 29.63 -47.05
CA ALA B 244 10.28 31.07 -47.22
C ALA B 244 8.87 31.55 -46.91
N ARG B 245 7.89 30.98 -47.62
CA ARG B 245 6.51 31.48 -47.56
C ARG B 245 5.77 31.03 -46.30
N VAL B 246 6.18 29.90 -45.73
CA VAL B 246 5.61 29.45 -44.47
C VAL B 246 6.00 30.43 -43.36
N THR B 247 7.30 30.71 -43.26
CA THR B 247 7.84 31.62 -42.25
C THR B 247 7.27 33.03 -42.40
N LEU B 248 7.25 33.54 -43.63
CA LEU B 248 6.65 34.84 -43.91
C LEU B 248 5.19 34.89 -43.46
N GLY B 249 4.44 33.86 -43.81
CA GLY B 249 3.03 33.81 -43.50
C GLY B 249 2.69 33.68 -42.02
N VAL B 250 3.38 32.80 -41.32
CA VAL B 250 3.08 32.54 -39.92
C VAL B 250 3.62 33.65 -39.02
N THR B 251 4.74 34.25 -39.42
CA THR B 251 5.35 35.33 -38.65
C THR B 251 4.49 36.59 -38.71
N THR B 252 4.05 36.93 -39.91
CA THR B 252 3.20 38.11 -40.13
C THR B 252 1.93 38.03 -39.30
N LEU B 253 1.37 36.83 -39.19
CA LEU B 253 0.16 36.63 -38.40
C LEU B 253 0.42 36.74 -36.90
N LEU B 254 1.54 36.19 -36.45
CA LEU B 254 1.94 36.30 -35.05
C LEU B 254 2.20 37.76 -34.70
N THR B 255 2.86 38.48 -35.60
CA THR B 255 3.16 39.89 -35.41
C THR B 255 1.90 40.71 -35.27
N MET B 256 0.93 40.42 -36.14
CA MET B 256 -0.33 41.12 -36.16
C MET B 256 -1.13 40.91 -34.87
N THR B 257 -1.07 39.69 -34.35
CA THR B 257 -1.75 39.37 -33.09
C THR B 257 -1.10 40.16 -31.96
N ALA B 258 0.21 40.32 -32.03
CA ALA B 258 0.94 41.10 -31.05
C ALA B 258 0.62 42.59 -31.20
N GLN B 259 0.68 43.06 -32.44
CA GLN B 259 0.34 44.44 -32.77
C GLN B 259 -1.06 44.77 -32.26
N SER B 260 -1.99 43.85 -32.51
CA SER B 260 -3.36 44.00 -32.06
C SER B 260 -3.46 43.95 -30.54
N ALA B 261 -2.57 43.19 -29.91
CA ALA B 261 -2.58 43.08 -28.46
C ALA B 261 -2.16 44.40 -27.82
N GLY B 262 -1.11 45.01 -28.35
CA GLY B 262 -0.61 46.27 -27.84
C GLY B 262 -1.60 47.41 -27.99
N ILE B 263 -2.31 47.41 -29.12
CA ILE B 263 -3.35 48.40 -29.39
C ILE B 263 -4.55 48.20 -28.47
N ASN B 264 -5.03 46.97 -28.42
CA ASN B 264 -6.22 46.61 -27.65
C ASN B 264 -6.07 46.94 -26.17
N SER B 265 -4.84 46.89 -25.66
CA SER B 265 -4.57 47.12 -24.25
C SER B 265 -4.27 48.59 -23.96
N GLN B 266 -4.90 49.48 -24.70
CA GLN B 266 -4.76 50.90 -24.46
C GLN B 266 -6.05 51.61 -24.90
N LEU B 267 -6.86 50.92 -25.69
CA LEU B 267 -8.18 51.42 -26.01
C LEU B 267 -8.98 51.47 -24.73
N PRO B 268 -9.70 52.57 -24.51
CA PRO B 268 -10.54 52.72 -23.32
C PRO B 268 -11.59 51.61 -23.34
N PRO B 269 -11.87 51.00 -22.18
CA PRO B 269 -12.80 49.87 -22.19
C PRO B 269 -14.20 50.26 -22.69
N VAL B 270 -14.64 49.63 -23.77
CA VAL B 270 -16.02 49.80 -24.26
C VAL B 270 -16.52 48.47 -24.80
N SER B 271 -17.83 48.31 -24.83
CA SER B 271 -18.37 47.05 -25.28
C SER B 271 -19.15 47.19 -26.59
N TYR B 272 -18.82 48.20 -27.39
CA TYR B 272 -19.33 48.26 -28.75
C TYR B 272 -18.21 48.48 -29.75
N ILE B 273 -18.42 47.99 -30.97
CA ILE B 273 -17.38 47.96 -32.00
C ILE B 273 -16.95 49.35 -32.39
N LYS B 274 -15.71 49.68 -32.05
CA LYS B 274 -15.11 50.94 -32.43
C LYS B 274 -14.62 50.79 -33.87
N ALA B 275 -14.31 51.91 -34.52
CA ALA B 275 -13.82 51.90 -35.89
C ALA B 275 -12.43 51.27 -36.01
N ILE B 276 -11.56 51.56 -35.05
CA ILE B 276 -10.21 50.99 -35.08
C ILE B 276 -10.32 49.47 -34.96
N ASP B 277 -11.32 49.01 -34.21
CA ASP B 277 -11.50 47.58 -33.97
C ASP B 277 -11.83 46.87 -35.27
N VAL B 278 -12.60 47.54 -36.13
CA VAL B 278 -12.90 47.04 -37.47
C VAL B 278 -11.63 46.93 -38.29
N TRP B 279 -10.83 47.99 -38.26
CA TRP B 279 -9.63 48.07 -39.07
C TRP B 279 -8.58 47.07 -38.61
N ILE B 280 -8.65 46.67 -37.34
CA ILE B 280 -7.76 45.65 -36.80
C ILE B 280 -8.16 44.27 -37.30
N GLY B 281 -9.43 43.94 -37.16
CA GLY B 281 -9.97 42.68 -37.62
C GLY B 281 -9.82 42.48 -39.12
N ALA B 282 -9.76 43.60 -39.84
CA ALA B 282 -9.57 43.56 -41.28
C ALA B 282 -8.18 43.09 -41.63
N CYS B 283 -7.18 43.78 -41.10
CA CYS B 283 -5.78 43.43 -41.32
C CYS B 283 -5.52 42.01 -40.85
N MET B 284 -6.20 41.63 -39.77
CA MET B 284 -6.12 40.28 -39.23
C MET B 284 -6.63 39.26 -40.26
N THR B 285 -7.57 39.69 -41.09
CA THR B 285 -8.13 38.81 -42.10
C THR B 285 -7.25 38.75 -43.34
N PHE B 286 -6.71 39.89 -43.75
CA PHE B 286 -5.88 39.97 -44.96
C PHE B 286 -4.58 39.18 -44.85
N ILE B 287 -4.14 38.95 -43.61
CA ILE B 287 -2.95 38.16 -43.36
C ILE B 287 -3.34 36.68 -43.19
N PHE B 288 -4.53 36.45 -42.63
CA PHE B 288 -5.07 35.09 -42.53
C PHE B 288 -5.31 34.51 -43.90
N CYS B 289 -5.73 35.36 -44.84
CA CYS B 289 -5.99 34.94 -46.20
C CYS B 289 -4.69 34.78 -46.98
N ALA B 290 -3.70 35.61 -46.63
CA ALA B 290 -2.40 35.55 -47.27
C ALA B 290 -1.71 34.24 -46.91
N LEU B 291 -1.75 33.89 -45.63
CA LEU B 291 -1.20 32.63 -45.16
C LEU B 291 -2.02 31.46 -45.69
N LEU B 292 -3.27 31.74 -46.01
CA LEU B 292 -4.18 30.73 -46.55
C LEU B 292 -3.93 30.52 -48.04
N GLU B 293 -3.55 31.58 -48.73
CA GLU B 293 -3.31 31.53 -50.17
C GLU B 293 -2.18 30.57 -50.51
N PHE B 294 -1.11 30.61 -49.72
CA PHE B 294 0.03 29.73 -49.95
C PHE B 294 -0.35 28.27 -49.74
N ALA B 295 -1.27 28.03 -48.81
CA ALA B 295 -1.74 26.69 -48.52
C ALA B 295 -2.44 26.07 -49.74
N LEU B 296 -3.17 26.91 -50.47
CA LEU B 296 -3.84 26.46 -51.70
C LEU B 296 -2.83 26.18 -52.81
N VAL B 297 -1.84 27.06 -52.94
CA VAL B 297 -0.81 26.92 -53.95
C VAL B 297 0.03 25.65 -53.75
N ASN B 298 0.40 25.40 -52.49
CA ASN B 298 1.21 24.24 -52.16
C ASN B 298 0.43 22.93 -52.36
N HIS B 299 -0.88 23.00 -52.21
CA HIS B 299 -1.74 21.83 -52.33
C HIS B 299 -1.86 21.34 -53.78
N ILE B 300 -2.06 22.27 -54.71
CA ILE B 300 -2.29 21.94 -56.11
C ILE B 300 -0.98 21.77 -56.87
N ALA B 301 0.10 22.27 -56.30
CA ALA B 301 1.41 22.19 -56.92
C ALA B 301 2.02 20.82 -56.72
N ASN B 302 1.49 20.09 -55.75
CA ASN B 302 2.02 18.75 -55.43
C ASN B 302 1.67 17.73 -56.51
N ALA B 303 0.59 17.98 -57.24
CA ALA B 303 0.22 17.12 -58.38
C ALA B 303 1.23 17.25 -59.53
N GLY B 304 1.68 16.10 -60.05
CA GLY B 304 2.75 16.03 -61.05
C GLY B 304 2.39 16.50 -62.45
N THR B 305 1.10 16.65 -62.72
CA THR B 305 0.62 17.12 -64.00
C THR B 305 0.93 18.59 -64.24
N THR B 306 1.26 18.88 -65.49
CA THR B 306 1.70 20.20 -65.90
C THR B 306 0.55 21.21 -65.85
N GLU B 307 -0.68 20.74 -66.04
CA GLU B 307 -1.85 21.60 -66.05
C GLU B 307 -2.16 22.17 -64.65
N TRP B 308 -2.02 21.37 -63.59
CA TRP B 308 -2.21 21.93 -62.24
C TRP B 308 -1.11 22.94 -61.98
N ASN B 309 0.07 22.69 -62.53
CA ASN B 309 1.16 23.63 -62.39
C ASN B 309 0.77 25.01 -62.95
N ASP B 310 0.08 25.02 -64.09
CA ASP B 310 -0.40 26.24 -64.69
C ASP B 310 -1.43 26.93 -63.81
N ILE B 311 -2.15 26.12 -63.05
CA ILE B 311 -3.12 26.64 -62.10
C ILE B 311 -2.45 27.18 -60.84
N SER B 312 -1.47 26.43 -60.33
CA SER B 312 -0.69 26.83 -59.17
C SER B 312 0.04 28.14 -59.41
N LYS B 313 0.64 28.27 -60.59
CA LYS B 313 1.37 29.48 -60.95
C LYS B 313 0.41 30.65 -61.17
N ARG B 314 -0.79 30.34 -61.66
CA ARG B 314 -1.79 31.36 -61.94
C ARG B 314 -2.30 32.03 -60.66
N VAL B 315 -2.57 31.21 -59.65
CA VAL B 315 -3.06 31.71 -58.35
C VAL B 315 -2.11 32.75 -57.76
N ASP B 316 -0.81 32.50 -57.84
CA ASP B 316 0.20 33.44 -57.36
C ASP B 316 0.13 34.77 -58.10
N LEU B 317 0.19 34.71 -59.42
CA LEU B 317 0.15 35.90 -60.27
C LEU B 317 -1.10 36.75 -60.03
N ILE B 318 -2.21 36.10 -59.70
CA ILE B 318 -3.44 36.81 -59.38
C ILE B 318 -3.31 37.57 -58.07
N SER B 319 -2.96 36.84 -57.01
CA SER B 319 -2.80 37.40 -55.66
C SER B 319 -1.73 38.50 -55.61
N ARG B 320 -0.76 38.43 -56.51
CA ARG B 320 0.28 39.46 -56.60
C ARG B 320 -0.32 40.84 -56.83
N ALA B 321 -1.53 40.88 -57.39
CA ALA B 321 -2.23 42.13 -57.68
C ALA B 321 -3.68 42.13 -57.19
N LEU B 322 -4.17 40.96 -56.74
CA LEU B 322 -5.53 40.86 -56.20
C LEU B 322 -5.64 41.47 -54.80
N PHE B 323 -4.82 40.98 -53.89
CA PHE B 323 -4.78 41.48 -52.51
C PHE B 323 -4.55 42.99 -52.41
N PRO B 324 -3.57 43.55 -53.17
CA PRO B 324 -3.42 45.00 -53.08
C PRO B 324 -4.66 45.77 -53.57
N VAL B 325 -5.40 45.19 -54.52
CA VAL B 325 -6.64 45.82 -55.00
C VAL B 325 -7.73 45.72 -53.93
N LEU B 326 -7.97 44.52 -53.43
CA LEU B 326 -9.03 44.28 -52.44
C LEU B 326 -8.84 45.11 -51.17
N PHE B 327 -7.59 45.26 -50.74
CA PHE B 327 -7.25 46.08 -49.58
C PHE B 327 -7.54 47.55 -49.86
N PHE B 328 -7.20 47.99 -51.07
CA PHE B 328 -7.43 49.35 -51.51
C PHE B 328 -8.92 49.64 -51.63
N VAL B 329 -9.69 48.61 -51.97
CA VAL B 329 -11.14 48.70 -52.01
C VAL B 329 -11.69 48.91 -50.60
N PHE B 330 -11.28 48.03 -49.69
CA PHE B 330 -11.66 48.15 -48.29
C PHE B 330 -11.17 49.48 -47.74
N ASN B 331 -9.95 49.86 -48.11
CA ASN B 331 -9.38 51.14 -47.72
C ASN B 331 -10.32 52.29 -48.06
N ILE B 332 -10.81 52.27 -49.29
CA ILE B 332 -11.77 53.27 -49.74
C ILE B 332 -13.05 53.20 -48.93
N LEU B 333 -13.62 51.99 -48.82
CA LEU B 333 -14.86 51.78 -48.07
C LEU B 333 -14.73 52.20 -46.61
N TYR B 334 -13.61 51.85 -45.98
CA TYR B 334 -13.40 52.13 -44.56
C TYR B 334 -13.39 53.63 -44.26
N TRP B 335 -12.50 54.37 -44.91
CA TRP B 335 -12.34 55.79 -44.65
C TRP B 335 -13.60 56.59 -45.00
N SER B 336 -14.29 56.18 -46.05
CA SER B 336 -15.53 56.84 -46.45
C SER B 336 -16.62 56.65 -45.40
N ARG B 337 -16.63 55.48 -44.77
CA ARG B 337 -17.60 55.16 -43.74
C ARG B 337 -17.32 55.92 -42.45
N PHE B 338 -16.04 56.15 -42.17
CA PHE B 338 -15.60 56.71 -40.90
C PHE B 338 -14.95 58.09 -41.06
N GLY B 339 -15.25 58.78 -42.15
CA GLY B 339 -14.69 60.11 -42.39
C GLY B 339 -15.65 61.22 -42.04
N HIS B 340 -16.81 60.84 -41.52
CA HIS B 340 -17.86 61.79 -41.15
C HIS B 340 -17.40 62.77 -40.08
N SER C 1 -47.03 87.21 -0.35
CA SER C 1 -48.16 86.68 0.40
C SER C 1 -47.91 85.23 0.81
N ASP C 2 -46.96 84.59 0.13
CA ASP C 2 -46.62 83.20 0.43
C ASP C 2 -45.99 83.08 1.80
N SER C 3 -45.24 84.11 2.18
CA SER C 3 -44.59 84.13 3.48
C SER C 3 -45.62 84.33 4.60
N LYS C 4 -46.79 84.85 4.25
CA LYS C 4 -47.86 85.09 5.22
C LYS C 4 -48.66 83.82 5.52
N ILE C 5 -48.71 82.91 4.55
CA ILE C 5 -49.42 81.64 4.69
C ILE C 5 -48.58 80.61 5.41
N LEU C 6 -47.29 80.56 5.07
CA LEU C 6 -46.35 79.68 5.75
C LEU C 6 -46.24 80.05 7.22
N ALA C 7 -46.40 81.33 7.53
CA ALA C 7 -46.40 81.81 8.90
C ALA C 7 -47.59 81.24 9.66
N HIS C 8 -48.77 81.34 9.04
CA HIS C 8 -50.02 80.90 9.65
C HIS C 8 -50.05 79.42 9.98
N LEU C 9 -49.31 78.63 9.21
CA LEU C 9 -49.31 77.19 9.40
C LEU C 9 -48.46 76.74 10.58
N PHE C 10 -47.22 77.23 10.63
CA PHE C 10 -46.26 76.80 11.63
C PHE C 10 -46.34 77.61 12.93
N THR C 11 -47.10 78.70 12.91
CA THR C 11 -47.35 79.46 14.12
C THR C 11 -48.28 78.66 15.03
N SER C 12 -48.89 77.61 14.48
CA SER C 12 -49.78 76.74 15.22
C SER C 12 -48.99 75.63 15.90
N GLY C 13 -49.70 74.65 16.44
CA GLY C 13 -49.07 73.55 17.15
C GLY C 13 -48.66 72.40 16.24
N TYR C 14 -47.73 72.66 15.32
CA TYR C 14 -47.24 71.63 14.41
C TYR C 14 -45.96 71.03 14.95
N ASP C 15 -45.93 69.71 15.06
CA ASP C 15 -44.76 68.97 15.50
C ASP C 15 -44.23 68.11 14.35
N PHE C 16 -43.02 68.43 13.87
CA PHE C 16 -42.44 67.73 12.74
C PHE C 16 -41.92 66.35 13.09
N ARG C 17 -41.96 66.00 14.37
CA ARG C 17 -41.55 64.68 14.80
C ARG C 17 -42.74 63.74 14.90
N VAL C 18 -43.94 64.30 14.74
CA VAL C 18 -45.17 63.54 14.89
C VAL C 18 -45.76 63.13 13.55
N ARG C 19 -46.02 61.83 13.41
CA ARG C 19 -46.65 61.28 12.22
C ARG C 19 -48.00 61.96 11.94
N PRO C 20 -48.27 62.27 10.66
CA PRO C 20 -49.52 62.89 10.21
C PRO C 20 -50.76 62.06 10.52
N PRO C 21 -51.90 62.74 10.74
CA PRO C 21 -53.16 62.09 11.12
C PRO C 21 -53.80 61.31 9.97
N THR C 22 -54.43 60.20 10.32
CA THR C 22 -55.19 59.41 9.36
C THR C 22 -56.62 59.24 9.86
N ASP C 23 -57.59 59.42 8.98
CA ASP C 23 -59.00 59.35 9.34
C ASP C 23 -59.41 57.96 9.82
N ASN C 24 -58.69 56.95 9.32
CA ASN C 24 -58.98 55.57 9.68
C ASN C 24 -58.04 55.07 10.77
N GLY C 25 -56.98 55.84 11.02
CA GLY C 25 -55.95 55.45 11.96
C GLY C 25 -54.91 54.60 11.25
N GLY C 26 -55.13 54.37 9.96
CA GLY C 26 -54.24 53.54 9.17
C GLY C 26 -52.93 54.24 8.85
N PRO C 27 -52.12 53.62 8.00
CA PRO C 27 -50.81 54.13 7.61
C PRO C 27 -50.89 55.38 6.74
N VAL C 28 -49.74 56.04 6.55
CA VAL C 28 -49.67 57.22 5.71
C VAL C 28 -49.27 56.85 4.29
N VAL C 29 -50.15 57.13 3.34
CA VAL C 29 -49.91 56.76 1.95
C VAL C 29 -48.85 57.65 1.31
N VAL C 30 -47.79 57.04 0.79
CA VAL C 30 -46.71 57.79 0.17
C VAL C 30 -46.52 57.42 -1.29
N SER C 31 -46.88 58.37 -2.17
CA SER C 31 -46.74 58.18 -3.61
C SER C 31 -45.31 58.48 -4.05
N VAL C 32 -44.73 57.62 -4.87
CA VAL C 32 -43.33 57.78 -5.23
C VAL C 32 -43.08 57.82 -6.73
N ASN C 33 -42.56 58.94 -7.19
CA ASN C 33 -42.15 59.05 -8.58
C ASN C 33 -40.63 59.18 -8.66
N MET C 34 -40.02 58.37 -9.51
CA MET C 34 -38.57 58.35 -9.58
C MET C 34 -38.05 58.73 -10.96
N LEU C 35 -36.89 59.37 -10.99
CA LEU C 35 -36.29 59.82 -12.24
C LEU C 35 -34.78 59.56 -12.29
N LEU C 36 -34.38 58.60 -13.11
CA LEU C 36 -32.97 58.24 -13.25
C LEU C 36 -32.21 59.23 -14.13
N ARG C 37 -31.37 60.04 -13.50
CA ARG C 37 -30.57 61.03 -14.23
C ARG C 37 -29.46 60.34 -15.03
N THR C 38 -28.45 59.83 -14.33
CA THR C 38 -27.34 59.15 -15.00
C THR C 38 -26.89 57.89 -14.27
N ILE C 39 -26.36 56.94 -15.04
CA ILE C 39 -25.81 55.71 -14.50
C ILE C 39 -24.39 55.52 -15.05
N SER C 40 -23.46 55.21 -14.15
CA SER C 40 -22.07 55.05 -14.54
C SER C 40 -21.31 54.17 -13.54
N LYS C 41 -20.03 53.93 -13.83
CA LYS C 41 -19.16 53.15 -12.95
C LYS C 41 -19.79 51.82 -12.56
N ILE C 42 -20.13 51.01 -13.56
CA ILE C 42 -20.71 49.70 -13.26
C ILE C 42 -19.58 48.73 -12.95
N ASP C 43 -19.26 48.62 -11.65
CA ASP C 43 -18.11 47.84 -11.20
C ASP C 43 -18.46 46.37 -11.09
N VAL C 44 -17.90 45.57 -11.99
CA VAL C 44 -18.10 44.13 -11.97
C VAL C 44 -17.36 43.50 -10.79
N VAL C 45 -16.19 44.05 -10.47
CA VAL C 45 -15.33 43.52 -9.41
C VAL C 45 -15.89 43.83 -8.02
N ASN C 46 -16.14 45.10 -7.74
CA ASN C 46 -16.56 45.51 -6.41
C ASN C 46 -18.07 45.41 -6.20
N MET C 47 -18.77 44.82 -7.18
CA MET C 47 -20.21 44.59 -7.10
C MET C 47 -20.98 45.83 -6.67
N GLU C 48 -20.93 46.85 -7.50
CA GLU C 48 -21.54 48.13 -7.19
C GLU C 48 -21.64 48.97 -8.44
N TYR C 49 -22.52 49.96 -8.42
CA TYR C 49 -22.63 50.88 -9.54
C TYR C 49 -23.05 52.26 -9.10
N SER C 50 -22.51 53.28 -9.76
CA SER C 50 -22.85 54.65 -9.43
C SER C 50 -24.05 55.14 -10.26
N ALA C 51 -25.16 55.38 -9.59
CA ALA C 51 -26.36 55.89 -10.23
C ALA C 51 -26.78 57.22 -9.60
N GLN C 52 -27.25 58.13 -10.43
CA GLN C 52 -27.67 59.44 -9.98
C GLN C 52 -29.14 59.62 -10.34
N LEU C 53 -29.96 60.04 -9.37
CA LEU C 53 -31.40 60.09 -9.61
C LEU C 53 -32.09 61.28 -8.95
N THR C 54 -33.36 61.45 -9.27
CA THR C 54 -34.21 62.48 -8.65
C THR C 54 -35.46 61.81 -8.10
N LEU C 55 -35.63 61.84 -6.80
CA LEU C 55 -36.75 61.17 -6.17
C LEU C 55 -37.89 62.15 -5.87
N ARG C 56 -39.12 61.73 -6.14
CA ARG C 56 -40.30 62.54 -5.83
C ARG C 56 -41.29 61.77 -4.96
N GLU C 57 -41.49 62.25 -3.74
CA GLU C 57 -42.43 61.64 -2.82
C GLU C 57 -43.65 62.53 -2.66
N SER C 58 -44.80 61.94 -2.34
CA SER C 58 -46.03 62.70 -2.20
C SER C 58 -46.98 62.09 -1.17
N TRP C 59 -47.37 62.88 -0.19
CA TRP C 59 -48.31 62.42 0.83
C TRP C 59 -49.24 63.55 1.27
N ILE C 60 -50.21 63.22 2.11
CA ILE C 60 -51.17 64.21 2.58
C ILE C 60 -51.07 64.47 4.08
N ASP C 61 -50.75 65.71 4.41
CA ASP C 61 -50.68 66.15 5.80
C ASP C 61 -51.76 67.21 6.03
N LYS C 62 -52.88 66.79 6.58
CA LYS C 62 -54.04 67.67 6.76
C LYS C 62 -53.71 68.89 7.63
N ARG C 63 -52.66 68.76 8.45
CA ARG C 63 -52.21 69.84 9.32
C ARG C 63 -51.74 71.05 8.52
N LEU C 64 -51.13 70.79 7.37
CA LEU C 64 -50.55 71.85 6.55
C LEU C 64 -51.54 72.48 5.59
N SER C 65 -52.78 71.99 5.63
CA SER C 65 -53.81 72.50 4.73
C SER C 65 -54.19 73.94 5.07
N TYR C 66 -53.93 74.85 4.15
CA TYR C 66 -54.19 76.27 4.36
C TYR C 66 -55.41 76.75 3.59
N GLY C 67 -55.48 76.38 2.31
CA GLY C 67 -56.54 76.84 1.43
C GLY C 67 -57.72 75.91 1.36
N VAL C 68 -57.48 74.65 1.73
CA VAL C 68 -58.49 73.59 1.63
C VAL C 68 -59.05 73.54 0.22
N LYS C 69 -60.25 74.09 0.04
CA LYS C 69 -60.84 74.21 -1.28
C LYS C 69 -60.07 75.23 -2.11
N GLY C 70 -59.58 76.28 -1.42
CA GLY C 70 -58.80 77.31 -2.05
C GLY C 70 -59.58 78.09 -3.09
N ASP C 71 -59.13 77.98 -4.34
CA ASP C 71 -59.79 78.61 -5.49
C ASP C 71 -59.91 80.13 -5.32
N GLY C 72 -59.13 80.66 -4.38
CA GLY C 72 -59.03 82.09 -4.15
C GLY C 72 -57.65 82.35 -3.59
N GLN C 73 -56.87 81.28 -3.51
CA GLN C 73 -55.50 81.29 -3.00
C GLN C 73 -54.60 80.48 -3.92
N PRO C 74 -53.28 80.72 -3.86
CA PRO C 74 -52.33 79.94 -4.68
C PRO C 74 -52.48 78.42 -4.46
N ASP C 75 -52.36 77.66 -5.55
CA ASP C 75 -52.55 76.21 -5.52
C ASP C 75 -51.58 75.54 -4.54
N PHE C 76 -50.31 75.89 -4.63
CA PHE C 76 -49.31 75.40 -3.68
C PHE C 76 -48.40 76.54 -3.23
N VAL C 77 -47.76 76.35 -2.08
CA VAL C 77 -46.82 77.33 -1.56
C VAL C 77 -45.47 76.67 -1.29
N ILE C 78 -44.44 77.16 -1.97
CA ILE C 78 -43.08 76.64 -1.78
C ILE C 78 -42.60 76.90 -0.36
N LEU C 79 -42.14 75.84 0.30
CA LEU C 79 -41.64 75.95 1.66
C LEU C 79 -40.27 76.59 1.68
N THR C 80 -40.14 77.68 2.43
CA THR C 80 -38.87 78.35 2.56
C THR C 80 -38.06 77.68 3.67
N VAL C 81 -36.76 77.94 3.66
CA VAL C 81 -35.86 77.43 4.67
C VAL C 81 -36.24 77.97 6.05
N GLY C 82 -36.26 77.09 7.05
CA GLY C 82 -36.54 77.51 8.41
C GLY C 82 -37.78 76.88 8.99
N HIS C 83 -38.51 76.13 8.18
CA HIS C 83 -39.72 75.47 8.63
C HIS C 83 -39.60 73.96 8.49
N GLN C 84 -39.85 73.24 9.59
CA GLN C 84 -39.74 71.79 9.60
C GLN C 84 -41.06 71.10 9.27
N ILE C 85 -41.03 70.24 8.25
CA ILE C 85 -42.20 69.44 7.88
C ILE C 85 -41.89 67.97 8.03
N TRP C 86 -42.77 67.24 8.70
CA TRP C 86 -42.60 65.80 8.82
C TRP C 86 -42.47 65.19 7.44
N MET C 87 -41.53 64.27 7.30
CA MET C 87 -41.34 63.55 6.07
C MET C 87 -41.07 62.09 6.37
N PRO C 88 -41.44 61.20 5.45
CA PRO C 88 -41.13 59.77 5.54
C PRO C 88 -39.64 59.51 5.66
N ASP C 89 -39.20 58.83 6.71
CA ASP C 89 -37.78 58.56 6.88
C ASP C 89 -37.33 57.53 5.85
N THR C 90 -37.25 57.98 4.61
CA THR C 90 -36.80 57.15 3.50
C THR C 90 -35.29 56.90 3.53
N PHE C 91 -34.90 55.66 3.26
CA PHE C 91 -33.48 55.31 3.16
C PHE C 91 -33.31 54.27 2.07
N PHE C 92 -32.11 54.13 1.54
CA PHE C 92 -31.83 53.10 0.54
C PHE C 92 -31.13 51.90 1.16
N PRO C 93 -31.81 50.76 1.23
CA PRO C 93 -31.27 49.56 1.87
C PRO C 93 -29.98 49.02 1.25
N ASN C 94 -29.85 49.10 -0.06
CA ASN C 94 -28.73 48.51 -0.77
C ASN C 94 -27.62 49.53 -1.01
N GLU C 95 -27.83 50.74 -0.51
CA GLU C 95 -26.86 51.82 -0.67
C GLU C 95 -25.56 51.50 0.04
N LYS C 96 -24.45 51.82 -0.63
CA LYS C 96 -23.13 51.49 -0.14
C LYS C 96 -22.15 52.60 -0.48
N GLN C 97 -21.07 52.71 0.29
CA GLN C 97 -19.96 53.61 -0.03
C GLN C 97 -20.49 55.00 -0.32
N ALA C 98 -21.31 55.52 0.57
CA ALA C 98 -22.02 56.76 0.27
C ALA C 98 -21.76 57.88 1.26
N TYR C 99 -21.34 59.02 0.70
CA TYR C 99 -21.21 60.26 1.43
C TYR C 99 -22.22 61.25 0.85
N LYS C 100 -22.95 61.95 1.72
CA LYS C 100 -24.03 62.81 1.28
C LYS C 100 -23.72 64.31 1.35
N HIS C 101 -23.89 64.96 0.20
CA HIS C 101 -23.72 66.40 0.08
C HIS C 101 -24.72 67.13 0.96
N THR C 102 -24.43 68.41 1.20
CA THR C 102 -25.17 69.24 2.15
C THR C 102 -25.10 68.66 3.57
N PRO C 106 -28.75 73.67 -1.19
CA PRO C 106 -29.12 72.27 -1.25
C PRO C 106 -30.11 71.98 -2.38
N ASN C 107 -29.97 70.81 -3.00
CA ASN C 107 -30.87 70.44 -4.09
C ASN C 107 -32.14 69.76 -3.56
N VAL C 108 -33.01 70.55 -2.93
CA VAL C 108 -34.28 70.06 -2.41
C VAL C 108 -35.44 70.99 -2.75
N LEU C 109 -36.63 70.42 -2.90
CA LEU C 109 -37.83 71.20 -3.21
C LEU C 109 -39.04 70.61 -2.48
N ILE C 110 -39.69 71.44 -1.67
CA ILE C 110 -40.87 71.01 -0.92
C ILE C 110 -42.05 71.92 -1.23
N ARG C 111 -43.11 71.34 -1.77
CA ARG C 111 -44.33 72.08 -2.06
C ARG C 111 -45.46 71.65 -1.15
N ILE C 112 -46.21 72.61 -0.64
CA ILE C 112 -47.39 72.30 0.15
C ILE C 112 -48.67 72.73 -0.57
N HIS C 113 -49.35 71.78 -1.22
CA HIS C 113 -50.61 72.11 -1.88
C HIS C 113 -51.67 72.47 -0.85
N ASN C 114 -52.69 73.20 -1.29
CA ASN C 114 -53.73 73.72 -0.39
C ASN C 114 -54.50 72.65 0.37
N ASP C 115 -54.70 71.49 -0.26
CA ASP C 115 -55.45 70.42 0.37
C ASP C 115 -54.64 69.71 1.44
N GLY C 116 -53.33 69.97 1.46
CA GLY C 116 -52.45 69.33 2.42
C GLY C 116 -51.53 68.34 1.76
N THR C 117 -51.59 68.26 0.44
CA THR C 117 -50.71 67.38 -0.31
C THR C 117 -49.31 67.98 -0.34
N VAL C 118 -48.30 67.20 0.02
CA VAL C 118 -46.93 67.65 0.02
C VAL C 118 -46.15 66.98 -1.10
N LEU C 119 -45.36 67.77 -1.84
CA LEU C 119 -44.45 67.19 -2.82
C LEU C 119 -43.00 67.42 -2.38
N TYR C 120 -42.23 66.33 -2.34
CA TYR C 120 -40.84 66.39 -1.92
C TYR C 120 -39.96 65.94 -3.09
N SER C 121 -39.00 66.80 -3.48
CA SER C 121 -38.09 66.47 -4.58
C SER C 121 -36.64 66.57 -4.13
N VAL C 122 -35.83 65.60 -4.49
CA VAL C 122 -34.46 65.58 -4.03
C VAL C 122 -33.53 64.91 -5.03
N ARG C 123 -32.29 65.39 -5.12
CA ARG C 123 -31.30 64.79 -6.01
C ARG C 123 -30.28 64.05 -5.18
N ILE C 124 -30.02 62.79 -5.52
CA ILE C 124 -29.04 62.04 -4.75
C ILE C 124 -28.14 61.25 -5.68
N SER C 125 -26.86 61.17 -5.33
CA SER C 125 -25.95 60.25 -6.00
C SER C 125 -25.70 59.07 -5.07
N LEU C 126 -25.93 57.88 -5.59
CA LEU C 126 -25.87 56.67 -4.78
C LEU C 126 -24.93 55.63 -5.37
N VAL C 127 -24.26 54.88 -4.52
CA VAL C 127 -23.57 53.70 -4.97
C VAL C 127 -24.31 52.49 -4.39
N LEU C 128 -24.78 51.61 -5.27
CA LEU C 128 -25.63 50.51 -4.85
C LEU C 128 -25.01 49.17 -5.18
N SER C 129 -25.03 48.25 -4.21
CA SER C 129 -24.48 46.92 -4.41
C SER C 129 -25.31 46.14 -5.43
N CYS C 130 -24.63 45.52 -6.40
CA CYS C 130 -25.29 44.74 -7.42
C CYS C 130 -24.58 43.40 -7.63
N PRO C 131 -25.09 42.34 -6.98
CA PRO C 131 -24.56 40.99 -7.17
C PRO C 131 -24.69 40.57 -8.62
N MET C 132 -23.58 40.23 -9.25
CA MET C 132 -23.61 39.86 -10.66
C MET C 132 -23.14 38.44 -10.88
N TYR C 133 -23.66 37.82 -11.92
CA TYR C 133 -23.40 36.41 -12.19
C TYR C 133 -22.83 36.29 -13.58
N LEU C 134 -21.60 35.77 -13.66
CA LEU C 134 -20.83 35.76 -14.90
C LEU C 134 -20.53 34.36 -15.48
N GLN C 135 -21.53 33.50 -15.37
CA GLN C 135 -21.49 32.14 -15.93
C GLN C 135 -21.38 32.24 -17.45
N TYR C 136 -22.20 33.15 -17.98
CA TYR C 136 -22.23 33.44 -19.40
C TYR C 136 -21.35 34.65 -19.67
N TYR C 137 -20.14 34.42 -20.15
CA TYR C 137 -19.30 35.55 -20.48
C TYR C 137 -18.93 35.43 -21.94
N PRO C 138 -19.02 36.54 -22.68
CA PRO C 138 -19.48 37.84 -22.20
C PRO C 138 -20.95 38.10 -22.52
N MET C 139 -21.61 37.09 -23.07
CA MET C 139 -23.00 37.24 -23.48
C MET C 139 -23.96 36.97 -22.34
N ASP C 140 -23.89 37.76 -21.28
CA ASP C 140 -24.78 37.59 -20.14
C ASP C 140 -25.80 38.71 -20.02
N VAL C 141 -26.44 38.74 -18.85
CA VAL C 141 -27.39 39.80 -18.52
C VAL C 141 -27.47 39.99 -17.01
N GLN C 142 -27.36 41.24 -16.58
CA GLN C 142 -27.40 41.55 -15.16
C GLN C 142 -28.62 42.37 -14.82
N GLN C 143 -29.07 42.26 -13.57
CA GLN C 143 -30.20 43.05 -13.10
C GLN C 143 -29.86 43.77 -11.80
N CYS C 144 -29.68 45.08 -11.92
CA CYS C 144 -29.36 45.90 -10.76
C CYS C 144 -30.61 46.62 -10.26
N SER C 145 -30.68 46.88 -8.95
CA SER C 145 -31.87 47.45 -8.37
C SER C 145 -31.59 48.63 -7.45
N ILE C 146 -32.63 49.43 -7.20
CA ILE C 146 -32.58 50.45 -6.18
C ILE C 146 -33.73 50.25 -5.22
N ASP C 147 -33.44 49.76 -4.02
CA ASP C 147 -34.48 49.51 -3.03
C ASP C 147 -34.80 50.77 -2.25
N LEU C 148 -36.03 50.87 -1.76
CA LEU C 148 -36.45 52.09 -1.08
C LEU C 148 -37.48 51.75 -0.01
N ALA C 149 -37.26 52.21 1.22
CA ALA C 149 -38.15 51.87 2.34
C ALA C 149 -38.01 52.86 3.48
N SER C 150 -38.86 52.75 4.50
CA SER C 150 -38.69 53.56 5.71
C SER C 150 -37.86 52.80 6.74
N TYR C 151 -37.17 53.53 7.60
CA TYR C 151 -36.30 52.87 8.57
C TYR C 151 -37.01 52.68 9.90
N ALA C 152 -37.57 53.75 10.44
CA ALA C 152 -38.11 53.70 11.79
C ALA C 152 -39.58 53.28 11.79
N TYR C 153 -40.35 53.83 10.86
CA TYR C 153 -41.78 53.57 10.79
C TYR C 153 -42.09 52.24 10.14
N THR C 154 -42.99 51.48 10.76
CA THR C 154 -43.38 50.16 10.26
C THR C 154 -44.57 50.26 9.30
N THR C 155 -45.23 49.13 9.06
CA THR C 155 -46.34 49.07 8.12
C THR C 155 -47.63 49.68 8.65
N LYS C 156 -47.67 49.95 9.95
CA LYS C 156 -48.88 50.49 10.53
C LYS C 156 -48.90 52.00 10.41
N ASP C 157 -47.73 52.60 10.20
CA ASP C 157 -47.59 54.04 10.17
C ASP C 157 -47.35 54.59 8.77
N ILE C 158 -46.65 53.81 7.94
CA ILE C 158 -46.28 54.26 6.61
C ILE C 158 -46.20 53.11 5.60
N GLU C 159 -46.69 53.37 4.39
CA GLU C 159 -46.64 52.39 3.31
C GLU C 159 -46.42 53.08 1.96
N TYR C 160 -45.41 52.61 1.23
CA TYR C 160 -45.04 53.20 -0.05
C TYR C 160 -45.79 52.52 -1.18
N LEU C 161 -46.13 53.31 -2.19
CA LEU C 161 -46.78 52.83 -3.40
C LEU C 161 -46.19 53.54 -4.58
N TRP C 162 -45.79 52.79 -5.61
CA TRP C 162 -45.31 53.42 -6.84
C TRP C 162 -46.41 54.30 -7.42
N LYS C 163 -46.02 55.46 -7.93
CA LYS C 163 -46.96 56.37 -8.59
C LYS C 163 -47.68 55.60 -9.69
N GLU C 164 -48.92 56.00 -9.95
CA GLU C 164 -49.76 55.25 -10.88
C GLU C 164 -49.25 55.27 -12.31
N HIS C 165 -48.67 56.39 -12.72
CA HIS C 165 -48.21 56.52 -14.09
C HIS C 165 -46.74 56.90 -14.19
N SER C 166 -46.01 56.18 -15.04
CA SER C 166 -44.58 56.38 -15.25
C SER C 166 -43.83 56.52 -13.93
N PRO C 167 -43.86 55.47 -13.09
CA PRO C 167 -43.20 55.57 -11.80
C PRO C 167 -41.72 55.80 -11.98
N LEU C 168 -41.16 55.11 -12.98
CA LEU C 168 -39.75 55.25 -13.32
C LEU C 168 -39.59 55.99 -14.63
N GLN C 169 -38.82 57.06 -14.61
CA GLN C 169 -38.54 57.83 -15.81
C GLN C 169 -37.05 57.92 -16.01
N LEU C 170 -36.59 57.97 -17.25
CA LEU C 170 -35.17 57.94 -17.52
C LEU C 170 -34.76 59.16 -18.33
N LYS C 171 -33.54 59.65 -18.13
CA LYS C 171 -33.03 60.80 -18.87
C LYS C 171 -32.96 60.46 -20.34
N VAL C 172 -32.83 61.48 -21.18
CA VAL C 172 -33.02 61.33 -22.62
C VAL C 172 -32.25 60.18 -23.24
N GLY C 173 -30.95 60.13 -22.99
CA GLY C 173 -30.10 59.15 -23.64
C GLY C 173 -29.43 58.15 -22.72
N LEU C 174 -30.14 57.71 -21.70
CA LEU C 174 -29.56 56.81 -20.71
C LEU C 174 -29.07 55.48 -21.32
N SER C 175 -29.83 54.90 -22.23
CA SER C 175 -29.47 53.62 -22.84
C SER C 175 -28.12 53.72 -23.56
N SER C 176 -27.87 54.88 -24.15
CA SER C 176 -26.60 55.13 -24.82
C SER C 176 -25.50 55.52 -23.83
N SER C 177 -25.88 56.18 -22.74
CA SER C 177 -24.93 56.77 -21.80
C SER C 177 -24.01 55.74 -21.17
N LEU C 178 -24.52 54.53 -20.98
CA LEU C 178 -23.76 53.48 -20.31
C LEU C 178 -22.54 53.06 -21.11
N PRO C 179 -21.39 52.92 -20.42
CA PRO C 179 -20.10 52.61 -21.01
C PRO C 179 -19.93 51.17 -21.51
N SER C 180 -20.34 50.20 -20.71
CA SER C 180 -19.99 48.82 -20.99
C SER C 180 -21.21 47.91 -21.16
N PHE C 181 -22.39 48.42 -20.83
CA PHE C 181 -23.60 47.61 -20.90
C PHE C 181 -24.67 48.37 -21.67
N GLN C 182 -25.68 47.63 -22.10
CA GLN C 182 -26.81 48.22 -22.80
C GLN C 182 -28.08 47.93 -22.04
N LEU C 183 -28.85 48.98 -21.74
CA LEU C 183 -30.03 48.80 -20.91
C LEU C 183 -31.22 48.32 -21.75
N THR C 184 -31.71 47.11 -21.46
CA THR C 184 -32.81 46.56 -22.25
C THR C 184 -34.17 46.85 -21.61
N ASN C 185 -34.27 46.69 -20.30
CA ASN C 185 -35.59 46.82 -19.66
C ASN C 185 -35.48 47.54 -18.32
N THR C 186 -36.60 48.15 -17.94
CA THR C 186 -36.78 48.78 -16.64
C THR C 186 -38.02 48.20 -15.98
N SER C 187 -38.08 48.30 -14.66
CA SER C 187 -39.15 47.63 -13.95
C SER C 187 -39.41 48.20 -12.56
N THR C 188 -40.66 48.55 -12.28
CA THR C 188 -41.05 49.01 -10.95
C THR C 188 -41.85 47.93 -10.22
N THR C 189 -41.27 47.36 -9.17
CA THR C 189 -41.95 46.33 -8.38
C THR C 189 -41.95 46.66 -6.89
N TYR C 190 -42.50 45.76 -6.10
CA TYR C 190 -42.50 45.94 -4.66
C TYR C 190 -41.54 44.93 -4.03
N CYS C 191 -40.92 45.33 -2.93
CA CYS C 191 -39.97 44.47 -2.24
C CYS C 191 -40.19 44.53 -0.73
N THR C 192 -41.41 44.92 -0.35
CA THR C 192 -41.84 44.90 1.03
C THR C 192 -41.60 43.54 1.65
N SER C 193 -40.85 43.51 2.75
CA SER C 193 -40.56 42.25 3.39
C SER C 193 -40.84 42.34 4.89
N VAL C 194 -40.73 41.19 5.55
CA VAL C 194 -41.01 41.04 6.98
C VAL C 194 -39.70 40.72 7.72
N THR C 195 -39.25 41.62 8.59
CA THR C 195 -38.00 41.35 9.29
C THR C 195 -38.21 41.13 10.77
N ASN C 196 -37.12 40.78 11.45
CA ASN C 196 -37.15 40.49 12.87
C ASN C 196 -37.68 41.69 13.66
N THR C 197 -37.48 42.89 13.13
CA THR C 197 -37.97 44.10 13.78
C THR C 197 -39.41 44.38 13.41
N GLY C 198 -39.84 43.87 12.25
CA GLY C 198 -41.21 44.03 11.82
C GLY C 198 -41.40 43.96 10.32
N ILE C 199 -42.55 44.45 9.87
CA ILE C 199 -42.90 44.45 8.45
C ILE C 199 -42.81 45.87 7.90
N TYR C 200 -41.85 46.11 7.02
CA TYR C 200 -41.64 47.45 6.46
C TYR C 200 -41.96 47.50 4.97
N SER C 201 -42.72 48.51 4.56
CA SER C 201 -43.04 48.67 3.15
C SER C 201 -41.78 49.07 2.39
N CYS C 202 -41.64 48.60 1.15
CA CYS C 202 -40.45 48.86 0.36
C CYS C 202 -40.69 48.83 -1.14
N LEU C 203 -40.08 49.78 -1.85
CA LEU C 203 -40.18 49.85 -3.32
C LEU C 203 -38.86 49.47 -3.98
N ARG C 204 -38.94 48.76 -5.09
CA ARG C 204 -37.74 48.40 -5.83
C ARG C 204 -37.85 48.73 -7.31
N THR C 205 -36.98 49.59 -7.78
CA THR C 205 -36.87 49.82 -9.21
C THR C 205 -35.70 49.00 -9.74
N THR C 206 -35.81 48.51 -10.96
CA THR C 206 -34.83 47.57 -11.51
C THR C 206 -34.50 47.84 -12.98
N ILE C 207 -33.22 47.79 -13.30
CA ILE C 207 -32.78 47.96 -14.68
C ILE C 207 -32.09 46.69 -15.15
N GLN C 208 -32.22 46.39 -16.44
CA GLN C 208 -31.65 45.16 -16.98
C GLN C 208 -30.56 45.47 -18.00
N LEU C 209 -29.33 45.05 -17.70
CA LEU C 209 -28.19 45.35 -18.54
C LEU C 209 -27.64 44.10 -19.22
N LYS C 210 -27.62 44.10 -20.56
CA LYS C 210 -26.95 43.04 -21.30
C LYS C 210 -25.94 43.65 -22.27
N ARG C 211 -24.92 42.87 -22.62
CA ARG C 211 -23.82 43.40 -23.42
C ARG C 211 -24.03 43.19 -24.92
N GLU C 212 -23.36 44.01 -25.71
CA GLU C 212 -23.41 43.88 -27.16
C GLU C 212 -22.60 42.67 -27.61
N PHE C 213 -23.29 41.67 -28.16
CA PHE C 213 -22.63 40.47 -28.64
C PHE C 213 -21.69 40.80 -29.79
N SER C 214 -22.06 41.81 -30.58
CA SER C 214 -21.30 42.21 -31.77
C SER C 214 -19.82 42.47 -31.50
N PHE C 215 -19.55 43.29 -30.48
CA PHE C 215 -18.19 43.67 -30.12
C PHE C 215 -17.33 42.47 -29.78
N TYR C 216 -17.80 41.74 -28.78
CA TYR C 216 -17.10 40.59 -28.24
C TYR C 216 -16.95 39.47 -29.25
N LEU C 217 -17.80 39.48 -30.27
CA LEU C 217 -17.70 38.52 -31.35
C LEU C 217 -16.48 38.84 -32.21
N LEU C 218 -16.34 40.11 -32.56
CA LEU C 218 -15.27 40.57 -33.43
C LEU C 218 -13.92 40.57 -32.71
N GLN C 219 -13.93 40.88 -31.43
CA GLN C 219 -12.70 41.06 -30.67
C GLN C 219 -12.10 39.73 -30.17
N LEU C 220 -12.96 38.79 -29.77
CA LEU C 220 -12.50 37.58 -29.09
C LEU C 220 -12.69 36.31 -29.92
N TYR C 221 -13.91 36.09 -30.39
CA TYR C 221 -14.26 34.82 -31.03
C TYR C 221 -13.69 34.65 -32.43
N ILE C 222 -14.03 35.57 -33.33
CA ILE C 222 -13.57 35.51 -34.72
C ILE C 222 -12.04 35.34 -34.88
N PRO C 223 -11.22 36.05 -34.08
CA PRO C 223 -9.77 35.83 -34.24
C PRO C 223 -9.34 34.38 -34.03
N SER C 224 -9.85 33.74 -32.98
CA SER C 224 -9.44 32.37 -32.66
C SER C 224 -9.99 31.36 -33.66
N CYS C 225 -11.16 31.65 -34.22
CA CYS C 225 -11.73 30.80 -35.26
C CYS C 225 -10.78 30.71 -36.45
N MET C 226 -10.14 31.84 -36.77
CA MET C 226 -9.15 31.86 -37.83
C MET C 226 -7.93 31.02 -37.45
N LEU C 227 -7.58 31.03 -36.16
CA LEU C 227 -6.40 30.29 -35.68
C LEU C 227 -6.63 28.77 -35.70
N VAL C 228 -7.84 28.34 -35.36
CA VAL C 228 -8.18 26.93 -35.39
C VAL C 228 -8.19 26.40 -36.83
N ILE C 229 -8.72 27.20 -37.75
CA ILE C 229 -8.74 26.85 -39.16
C ILE C 229 -7.33 26.70 -39.71
N VAL C 230 -6.44 27.61 -39.30
CA VAL C 230 -5.04 27.57 -39.71
C VAL C 230 -4.37 26.27 -39.26
N SER C 231 -4.71 25.84 -38.05
CA SER C 231 -4.14 24.61 -37.48
C SER C 231 -4.51 23.38 -38.31
N TRP C 232 -5.54 23.51 -39.14
CA TRP C 232 -6.04 22.41 -39.94
C TRP C 232 -5.29 22.21 -41.26
N VAL C 233 -4.73 23.28 -41.81
CA VAL C 233 -4.13 23.23 -43.14
C VAL C 233 -2.80 22.48 -43.15
N SER C 234 -2.33 22.08 -41.97
CA SER C 234 -1.14 21.26 -41.87
C SER C 234 -1.48 19.81 -42.21
N PHE C 235 -2.78 19.50 -42.20
CA PHE C 235 -3.25 18.17 -42.56
C PHE C 235 -3.20 17.95 -44.06
N TRP C 236 -3.37 19.04 -44.80
CA TRP C 236 -3.41 18.97 -46.26
C TRP C 236 -2.01 19.00 -46.86
N PHE C 237 -1.00 19.12 -46.00
CA PHE C 237 0.39 19.01 -46.42
C PHE C 237 0.86 17.56 -46.25
N ASP C 238 1.75 17.12 -47.14
CA ASP C 238 2.24 15.74 -47.06
C ASP C 238 3.14 15.54 -45.85
N ARG C 239 3.44 14.28 -45.55
CA ARG C 239 4.25 13.93 -44.39
C ARG C 239 5.71 14.34 -44.55
N THR C 240 6.18 14.39 -45.79
CA THR C 240 7.59 14.62 -46.07
C THR C 240 8.03 16.04 -45.71
N ALA C 241 7.12 16.99 -45.87
CA ALA C 241 7.43 18.38 -45.56
C ALA C 241 7.44 18.63 -44.06
N ILE C 242 8.51 18.19 -43.42
CA ILE C 242 8.69 18.39 -41.97
C ILE C 242 8.77 19.87 -41.56
N PRO C 243 9.60 20.69 -42.25
CA PRO C 243 9.65 22.10 -41.82
C PRO C 243 8.31 22.84 -41.92
N ALA C 244 7.47 22.42 -42.86
CA ALA C 244 6.17 23.05 -43.07
C ALA C 244 5.22 22.84 -41.89
N ARG C 245 4.97 21.58 -41.55
CA ARG C 245 3.95 21.24 -40.56
C ARG C 245 4.41 21.49 -39.13
N VAL C 246 5.71 21.41 -38.90
CA VAL C 246 6.26 21.75 -37.59
C VAL C 246 6.05 23.23 -37.30
N THR C 247 6.47 24.07 -38.25
CA THR C 247 6.36 25.51 -38.11
C THR C 247 4.89 25.94 -37.97
N LEU C 248 4.04 25.39 -38.82
CA LEU C 248 2.60 25.67 -38.75
C LEU C 248 2.03 25.34 -37.38
N GLY C 249 2.37 24.15 -36.88
CA GLY C 249 1.84 23.68 -35.61
C GLY C 249 2.30 24.43 -34.39
N VAL C 250 3.60 24.72 -34.32
CA VAL C 250 4.17 25.36 -33.15
C VAL C 250 3.86 26.86 -33.13
N THR C 251 3.75 27.46 -34.31
CA THR C 251 3.46 28.89 -34.40
C THR C 251 2.01 29.15 -34.01
N THR C 252 1.11 28.30 -34.51
CA THR C 252 -0.31 28.42 -34.21
C THR C 252 -0.56 28.34 -32.71
N LEU C 253 0.19 27.48 -32.03
CA LEU C 253 0.06 27.31 -30.59
C LEU C 253 0.64 28.51 -29.83
N LEU C 254 1.75 29.06 -30.32
CA LEU C 254 2.35 30.27 -29.73
C LEU C 254 1.43 31.46 -29.89
N THR C 255 0.84 31.59 -31.07
CA THR C 255 -0.08 32.68 -31.37
C THR C 255 -1.31 32.60 -30.46
N MET C 256 -1.83 31.39 -30.28
CA MET C 256 -3.01 31.19 -29.46
C MET C 256 -2.74 31.55 -28.00
N THR C 257 -1.54 31.22 -27.52
CA THR C 257 -1.15 31.57 -26.16
C THR C 257 -1.07 33.09 -26.03
N ALA C 258 -0.61 33.74 -27.09
CA ALA C 258 -0.54 35.19 -27.11
C ALA C 258 -1.93 35.79 -27.18
N GLN C 259 -2.75 35.25 -28.10
CA GLN C 259 -4.14 35.65 -28.24
C GLN C 259 -4.88 35.50 -26.92
N SER C 260 -4.68 34.37 -26.25
CA SER C 260 -5.33 34.11 -24.97
C SER C 260 -4.82 35.07 -23.89
N ALA C 261 -3.55 35.47 -24.01
CA ALA C 261 -2.95 36.41 -23.06
C ALA C 261 -3.57 37.80 -23.18
N GLY C 262 -3.74 38.25 -24.40
CA GLY C 262 -4.32 39.55 -24.67
C GLY C 262 -5.76 39.61 -24.21
N ILE C 263 -6.47 38.50 -24.39
CA ILE C 263 -7.85 38.39 -23.91
C ILE C 263 -7.92 38.33 -22.39
N ASN C 264 -7.12 37.44 -21.81
CA ASN C 264 -7.12 37.20 -20.37
C ASN C 264 -6.81 38.45 -19.55
N SER C 265 -6.01 39.35 -20.11
CA SER C 265 -5.59 40.55 -19.41
C SER C 265 -6.51 41.74 -19.67
N GLN C 266 -7.80 41.45 -19.82
CA GLN C 266 -8.80 42.50 -19.96
C GLN C 266 -10.13 42.02 -19.40
N LEU C 267 -10.24 40.71 -19.21
CA LEU C 267 -11.39 40.16 -18.51
C LEU C 267 -11.33 40.69 -17.08
N PRO C 268 -12.48 41.11 -16.55
CA PRO C 268 -12.57 41.58 -15.17
C PRO C 268 -12.17 40.47 -14.23
N PRO C 269 -11.39 40.77 -13.19
CA PRO C 269 -10.94 39.66 -12.34
C PRO C 269 -12.08 38.90 -11.66
N VAL C 270 -12.17 37.61 -11.96
CA VAL C 270 -13.10 36.70 -11.29
C VAL C 270 -12.44 35.34 -11.08
N SER C 271 -12.92 34.60 -10.10
CA SER C 271 -12.29 33.32 -9.81
C SER C 271 -13.22 32.14 -10.10
N TYR C 272 -14.19 32.34 -10.99
CA TYR C 272 -14.97 31.23 -11.49
C TYR C 272 -14.98 31.20 -13.02
N ILE C 273 -15.11 29.99 -13.57
CA ILE C 273 -14.97 29.79 -15.00
C ILE C 273 -16.05 30.50 -15.79
N LYS C 274 -15.63 31.51 -16.54
CA LYS C 274 -16.53 32.22 -17.41
C LYS C 274 -16.70 31.40 -18.67
N ALA C 275 -17.70 31.74 -19.49
CA ALA C 275 -17.95 31.05 -20.74
C ALA C 275 -16.82 31.28 -21.75
N ILE C 276 -16.32 32.51 -21.85
CA ILE C 276 -15.24 32.81 -22.79
C ILE C 276 -14.01 32.00 -22.42
N ASP C 277 -13.84 31.77 -21.11
CA ASP C 277 -12.69 31.05 -20.59
C ASP C 277 -12.73 29.60 -21.07
N VAL C 278 -13.93 29.04 -21.16
CA VAL C 278 -14.15 27.71 -21.74
C VAL C 278 -13.75 27.71 -23.22
N TRP C 279 -14.23 28.71 -23.95
CA TRP C 279 -14.02 28.78 -25.40
C TRP C 279 -12.54 29.03 -25.73
N ILE C 280 -11.80 29.62 -24.79
CA ILE C 280 -10.37 29.83 -24.97
C ILE C 280 -9.62 28.51 -24.80
N GLY C 281 -9.89 27.81 -23.70
CA GLY C 281 -9.27 26.52 -23.43
C GLY C 281 -9.57 25.48 -24.48
N ALA C 282 -10.71 25.65 -25.16
CA ALA C 282 -11.11 24.75 -26.24
C ALA C 282 -10.20 24.91 -27.45
N CYS C 283 -10.09 26.15 -27.95
CA CYS C 283 -9.23 26.45 -29.08
C CYS C 283 -7.78 26.10 -28.77
N MET C 284 -7.41 26.26 -27.50
CA MET C 284 -6.09 25.89 -27.02
C MET C 284 -5.86 24.39 -27.16
N THR C 285 -6.94 23.62 -27.03
CA THR C 285 -6.87 22.16 -27.12
C THR C 285 -6.85 21.70 -28.57
N PHE C 286 -7.66 22.32 -29.41
CA PHE C 286 -7.78 21.95 -30.82
C PHE C 286 -6.49 22.19 -31.59
N ILE C 287 -5.67 23.11 -31.08
CA ILE C 287 -4.38 23.40 -31.69
C ILE C 287 -3.31 22.50 -31.06
N PHE C 288 -3.49 22.19 -29.78
CA PHE C 288 -2.62 21.23 -29.11
C PHE C 288 -2.78 19.85 -29.76
N CYS C 289 -3.99 19.52 -30.18
CA CYS C 289 -4.26 18.24 -30.83
C CYS C 289 -3.79 18.25 -32.28
N ALA C 290 -3.85 19.41 -32.93
CA ALA C 290 -3.39 19.55 -34.30
C ALA C 290 -1.88 19.36 -34.40
N LEU C 291 -1.15 20.00 -33.49
CA LEU C 291 0.29 19.85 -33.41
C LEU C 291 0.66 18.44 -32.97
N LEU C 292 -0.26 17.80 -32.27
CA LEU C 292 -0.07 16.43 -31.79
C LEU C 292 -0.32 15.42 -32.91
N GLU C 293 -1.26 15.75 -33.79
CA GLU C 293 -1.63 14.86 -34.88
C GLU C 293 -0.45 14.64 -35.81
N PHE C 294 0.29 15.71 -36.09
CA PHE C 294 1.45 15.61 -36.97
C PHE C 294 2.53 14.73 -36.35
N ALA C 295 2.64 14.77 -35.02
CA ALA C 295 3.62 13.97 -34.31
C ALA C 295 3.35 12.48 -34.48
N LEU C 296 2.08 12.11 -34.53
CA LEU C 296 1.67 10.73 -34.74
C LEU C 296 1.98 10.29 -36.17
N VAL C 297 1.68 11.17 -37.13
CA VAL C 297 1.93 10.89 -38.53
C VAL C 297 3.42 10.71 -38.83
N ASN C 298 4.24 11.58 -38.26
CA ASN C 298 5.68 11.52 -38.47
C ASN C 298 6.30 10.28 -37.83
N HIS C 299 5.68 9.80 -36.76
CA HIS C 299 6.17 8.63 -36.02
C HIS C 299 6.00 7.32 -36.80
N ILE C 300 4.83 7.15 -37.41
CA ILE C 300 4.51 5.91 -38.12
C ILE C 300 5.02 5.92 -39.56
N ALA C 301 5.35 7.11 -40.06
CA ALA C 301 5.83 7.25 -41.43
C ALA C 301 7.29 6.84 -41.55
N ASN C 302 8.00 6.82 -40.42
CA ASN C 302 9.42 6.46 -40.43
C ASN C 302 9.66 4.98 -40.67
N ALA C 303 8.67 4.15 -40.33
CA ALA C 303 8.76 2.72 -40.60
C ALA C 303 8.72 2.47 -42.11
N GLY C 304 9.66 1.63 -42.56
CA GLY C 304 9.83 1.33 -43.97
C GLY C 304 8.77 0.47 -44.64
N THR C 305 7.91 -0.14 -43.85
CA THR C 305 6.83 -0.96 -44.41
C THR C 305 5.78 -0.08 -45.11
N THR C 306 5.24 -0.57 -46.23
CA THR C 306 4.29 0.18 -47.06
C THR C 306 2.93 0.27 -46.37
N GLU C 307 2.69 -0.69 -45.49
CA GLU C 307 1.45 -0.76 -44.73
C GLU C 307 1.41 0.39 -43.73
N TRP C 308 2.53 0.63 -43.04
CA TRP C 308 2.54 1.74 -42.11
C TRP C 308 2.35 3.04 -42.87
N ASN C 309 2.94 3.14 -44.05
CA ASN C 309 2.80 4.35 -44.86
C ASN C 309 1.35 4.65 -45.23
N ASP C 310 0.62 3.60 -45.58
CA ASP C 310 -0.79 3.66 -45.97
C ASP C 310 -1.65 4.16 -44.79
N ILE C 311 -1.27 3.85 -43.56
CA ILE C 311 -1.97 4.40 -42.39
C ILE C 311 -1.60 5.86 -42.13
N SER C 312 -0.33 6.20 -42.31
CA SER C 312 0.13 7.57 -42.12
C SER C 312 -0.65 8.49 -43.05
N LYS C 313 -0.87 8.04 -44.29
CA LYS C 313 -1.61 8.80 -45.27
C LYS C 313 -3.08 8.87 -44.80
N ARG C 314 -3.55 7.78 -44.19
CA ARG C 314 -4.94 7.67 -43.73
C ARG C 314 -5.25 8.64 -42.59
N VAL C 315 -4.35 8.72 -41.61
CA VAL C 315 -4.54 9.60 -40.46
C VAL C 315 -4.74 11.05 -40.90
N ASP C 316 -3.94 11.48 -41.87
CA ASP C 316 -4.06 12.81 -42.42
C ASP C 316 -5.42 13.03 -43.05
N LEU C 317 -5.79 12.14 -43.96
CA LEU C 317 -7.06 12.24 -44.68
C LEU C 317 -8.24 12.29 -43.71
N ILE C 318 -8.12 11.60 -42.58
CA ILE C 318 -9.17 11.62 -41.56
C ILE C 318 -9.25 13.00 -40.91
N SER C 319 -8.11 13.46 -40.37
CA SER C 319 -8.03 14.74 -39.67
C SER C 319 -8.42 15.92 -40.57
N ARG C 320 -8.24 15.76 -41.87
CA ARG C 320 -8.62 16.78 -42.85
C ARG C 320 -10.10 17.15 -42.74
N ALA C 321 -10.90 16.22 -42.22
CA ALA C 321 -12.33 16.44 -42.07
C ALA C 321 -12.82 16.07 -40.67
N LEU C 322 -11.95 15.46 -39.87
CA LEU C 322 -12.31 15.10 -38.50
C LEU C 322 -12.37 16.32 -37.60
N PHE C 323 -11.26 17.06 -37.53
CA PHE C 323 -11.16 18.28 -36.74
C PHE C 323 -12.25 19.32 -37.07
N PRO C 324 -12.51 19.59 -38.37
CA PRO C 324 -13.59 20.54 -38.65
C PRO C 324 -14.96 20.06 -38.15
N VAL C 325 -15.17 18.75 -38.13
CA VAL C 325 -16.41 18.18 -37.60
C VAL C 325 -16.47 18.32 -36.09
N LEU C 326 -15.42 17.87 -35.42
CA LEU C 326 -15.36 17.90 -33.96
C LEU C 326 -15.48 19.32 -33.41
N PHE C 327 -14.87 20.28 -34.09
CA PHE C 327 -14.98 21.67 -33.71
C PHE C 327 -16.41 22.17 -33.88
N PHE C 328 -17.03 21.74 -34.99
CA PHE C 328 -18.41 22.10 -35.29
C PHE C 328 -19.39 21.46 -34.30
N VAL C 329 -19.03 20.28 -33.80
CA VAL C 329 -19.81 19.63 -32.75
C VAL C 329 -19.72 20.47 -31.47
N PHE C 330 -18.50 20.78 -31.06
CA PHE C 330 -18.28 21.63 -29.88
C PHE C 330 -18.94 22.98 -30.07
N ASN C 331 -18.80 23.54 -31.26
CA ASN C 331 -19.43 24.81 -31.61
C ASN C 331 -20.92 24.77 -31.29
N ILE C 332 -21.59 23.70 -31.72
CA ILE C 332 -23.00 23.51 -31.44
C ILE C 332 -23.25 23.40 -29.95
N LEU C 333 -22.48 22.53 -29.28
CA LEU C 333 -22.62 22.34 -27.84
C LEU C 333 -22.39 23.62 -27.03
N TYR C 334 -21.36 24.37 -27.42
CA TYR C 334 -20.98 25.58 -26.70
C TYR C 334 -22.06 26.65 -26.70
N TRP C 335 -22.47 27.07 -27.90
CA TRP C 335 -23.44 28.13 -28.05
C TRP C 335 -24.78 27.75 -27.44
N SER C 336 -25.17 26.48 -27.59
CA SER C 336 -26.44 26.00 -27.04
C SER C 336 -26.42 26.05 -25.51
N ARG C 337 -25.25 25.83 -24.93
CA ARG C 337 -25.07 25.89 -23.49
C ARG C 337 -25.09 27.33 -23.00
N PHE C 338 -24.57 28.24 -23.81
CA PHE C 338 -24.39 29.62 -23.39
C PHE C 338 -25.26 30.59 -24.17
N GLY C 339 -26.34 30.10 -24.74
CA GLY C 339 -27.25 30.94 -25.51
C GLY C 339 -28.46 31.34 -24.72
N HIS C 340 -28.52 30.92 -23.46
CA HIS C 340 -29.64 31.21 -22.58
C HIS C 340 -29.77 32.72 -22.35
N SER D 1 -49.24 58.17 22.83
CA SER D 1 -49.02 57.85 24.23
C SER D 1 -47.56 57.47 24.49
N ASP D 2 -46.84 57.12 23.42
CA ASP D 2 -45.43 56.75 23.53
C ASP D 2 -44.57 57.94 23.92
N SER D 3 -44.96 59.13 23.47
CA SER D 3 -44.24 60.36 23.80
C SER D 3 -44.44 60.78 25.25
N LYS D 4 -45.51 60.29 25.88
CA LYS D 4 -45.82 60.59 27.27
C LYS D 4 -44.99 59.73 28.22
N ILE D 5 -44.62 58.54 27.75
CA ILE D 5 -43.81 57.61 28.52
C ILE D 5 -42.33 58.00 28.44
N LEU D 6 -41.89 58.35 27.24
CA LEU D 6 -40.52 58.83 27.04
C LEU D 6 -40.30 60.11 27.82
N ALA D 7 -41.35 60.90 27.98
CA ALA D 7 -41.30 62.11 28.80
C ALA D 7 -41.04 61.77 30.26
N HIS D 8 -41.80 60.81 30.79
CA HIS D 8 -41.72 60.42 32.19
C HIS D 8 -40.35 59.87 32.62
N LEU D 9 -39.65 59.24 31.69
CA LEU D 9 -38.36 58.61 31.98
C LEU D 9 -37.22 59.62 32.09
N PHE D 10 -37.14 60.51 31.11
CA PHE D 10 -36.03 61.46 31.01
C PHE D 10 -36.29 62.76 31.79
N THR D 11 -37.52 62.95 32.23
CA THR D 11 -37.84 64.08 33.10
C THR D 11 -37.24 63.85 34.48
N SER D 12 -36.81 62.62 34.73
CA SER D 12 -36.19 62.24 35.99
C SER D 12 -34.69 62.52 35.93
N GLY D 13 -33.96 62.05 36.94
CA GLY D 13 -32.53 62.26 37.01
C GLY D 13 -31.72 61.20 36.28
N TYR D 14 -31.87 61.13 34.95
CA TYR D 14 -31.11 60.17 34.16
C TYR D 14 -29.87 60.78 33.56
N ASP D 15 -28.73 60.15 33.79
CA ASP D 15 -27.46 60.64 33.26
C ASP D 15 -26.93 59.66 32.23
N PHE D 16 -26.86 60.10 30.98
CA PHE D 16 -26.43 59.22 29.88
C PHE D 16 -24.92 59.02 29.86
N ARG D 17 -24.21 59.71 30.75
CA ARG D 17 -22.76 59.54 30.86
C ARG D 17 -22.45 58.52 31.95
N VAL D 18 -23.48 58.15 32.71
CA VAL D 18 -23.30 57.25 33.85
C VAL D 18 -23.67 55.81 33.51
N ARG D 19 -22.74 54.91 33.79
CA ARG D 19 -22.94 53.48 33.60
C ARG D 19 -24.18 52.99 34.38
N PRO D 20 -24.98 52.12 33.76
CA PRO D 20 -26.18 51.52 34.36
C PRO D 20 -25.88 50.73 35.63
N PRO D 21 -26.84 50.72 36.57
CA PRO D 21 -26.66 50.05 37.88
C PRO D 21 -26.69 48.53 37.79
N THR D 22 -25.87 47.87 38.60
CA THR D 22 -25.87 46.42 38.69
C THR D 22 -26.14 45.98 40.11
N ASP D 23 -27.00 44.98 40.27
CA ASP D 23 -27.42 44.51 41.58
C ASP D 23 -26.25 43.89 42.36
N ASN D 24 -25.27 43.38 41.62
CA ASN D 24 -24.10 42.76 42.22
C ASN D 24 -22.92 43.71 42.26
N GLY D 25 -23.04 44.81 41.53
CA GLY D 25 -21.95 45.76 41.37
C GLY D 25 -21.05 45.32 40.23
N GLY D 26 -21.41 44.21 39.60
CA GLY D 26 -20.62 43.66 38.52
C GLY D 26 -20.76 44.45 37.24
N PRO D 27 -20.18 43.92 36.15
CA PRO D 27 -20.16 44.56 34.82
C PRO D 27 -21.53 44.56 34.16
N VAL D 28 -21.68 45.31 33.08
CA VAL D 28 -22.94 45.37 32.34
C VAL D 28 -22.93 44.35 31.21
N VAL D 29 -23.85 43.40 31.27
CA VAL D 29 -23.91 42.33 30.27
C VAL D 29 -24.44 42.84 28.95
N VAL D 30 -23.67 42.64 27.89
CA VAL D 30 -24.10 43.12 26.57
C VAL D 30 -24.23 41.98 25.56
N SER D 31 -25.48 41.69 25.17
CA SER D 31 -25.76 40.66 24.17
C SER D 31 -25.63 41.22 22.76
N VAL D 32 -24.93 40.49 21.89
CA VAL D 32 -24.62 41.00 20.57
C VAL D 32 -25.08 40.09 19.45
N ASN D 33 -25.97 40.61 18.62
CA ASN D 33 -26.39 39.93 17.42
C ASN D 33 -25.87 40.68 16.20
N MET D 34 -25.21 39.98 15.29
CA MET D 34 -24.63 40.64 14.13
C MET D 34 -25.21 40.09 12.83
N LEU D 35 -25.30 40.94 11.82
CA LEU D 35 -25.87 40.56 10.54
C LEU D 35 -25.02 41.11 9.39
N LEU D 36 -24.35 40.21 8.67
CA LEU D 36 -23.50 40.62 7.54
C LEU D 36 -24.31 40.91 6.29
N ARG D 37 -24.43 42.19 5.92
CA ARG D 37 -25.18 42.60 4.73
C ARG D 37 -24.42 42.21 3.46
N THR D 38 -23.32 42.89 3.18
CA THR D 38 -22.53 42.60 1.98
C THR D 38 -21.02 42.63 2.24
N ILE D 39 -20.27 41.88 1.45
CA ILE D 39 -18.81 41.90 1.53
C ILE D 39 -18.21 42.10 0.14
N SER D 40 -17.26 43.02 0.03
CA SER D 40 -16.65 43.33 -1.25
C SER D 40 -15.28 43.95 -1.08
N LYS D 41 -14.63 44.26 -2.21
CA LYS D 41 -13.31 44.89 -2.22
C LYS D 41 -12.32 44.15 -1.34
N ILE D 42 -12.15 42.86 -1.60
CA ILE D 42 -11.21 42.09 -0.82
C ILE D 42 -9.82 42.35 -1.38
N ASP D 43 -9.15 43.35 -0.82
CA ASP D 43 -7.87 43.80 -1.33
C ASP D 43 -6.72 42.94 -0.82
N VAL D 44 -6.14 42.15 -1.71
CA VAL D 44 -5.00 41.33 -1.34
C VAL D 44 -3.74 42.18 -1.11
N VAL D 45 -3.62 43.25 -1.89
CA VAL D 45 -2.45 44.12 -1.83
C VAL D 45 -2.43 44.97 -0.56
N ASN D 46 -3.51 45.73 -0.34
CA ASN D 46 -3.55 46.66 0.78
C ASN D 46 -4.05 46.02 2.08
N MET D 47 -4.19 44.69 2.05
CA MET D 47 -4.58 43.92 3.23
C MET D 47 -5.80 44.52 3.92
N GLU D 48 -6.92 44.50 3.21
CA GLU D 48 -8.16 45.08 3.70
C GLU D 48 -9.34 44.60 2.87
N TYR D 49 -10.53 44.68 3.44
CA TYR D 49 -11.74 44.32 2.72
C TYR D 49 -12.91 45.15 3.19
N SER D 50 -13.78 45.51 2.26
CA SER D 50 -14.95 46.31 2.57
C SER D 50 -16.11 45.42 2.95
N ALA D 51 -16.54 45.51 4.20
CA ALA D 51 -17.70 44.77 4.67
C ALA D 51 -18.76 45.71 5.22
N GLN D 52 -20.01 45.40 4.94
CA GLN D 52 -21.16 46.19 5.37
C GLN D 52 -22.06 45.31 6.24
N LEU D 53 -22.43 45.79 7.41
CA LEU D 53 -23.16 44.93 8.34
C LEU D 53 -24.21 45.69 9.14
N THR D 54 -24.98 44.93 9.92
CA THR D 54 -25.96 45.49 10.83
C THR D 54 -25.75 44.93 12.23
N LEU D 55 -25.40 45.80 13.17
CA LEU D 55 -25.09 45.36 14.53
C LEU D 55 -26.26 45.54 15.48
N ARG D 56 -26.51 44.53 16.29
CA ARG D 56 -27.58 44.58 17.29
C ARG D 56 -27.03 44.33 18.70
N GLU D 57 -27.13 45.34 19.54
CA GLU D 57 -26.70 45.21 20.92
C GLU D 57 -27.90 45.22 21.85
N SER D 58 -27.75 44.56 22.99
CA SER D 58 -28.84 44.47 23.95
C SER D 58 -28.36 44.39 25.40
N TRP D 59 -28.82 45.31 26.23
CA TRP D 59 -28.46 45.33 27.66
C TRP D 59 -29.63 45.76 28.52
N ILE D 60 -29.46 45.69 29.83
CA ILE D 60 -30.52 46.05 30.74
C ILE D 60 -30.19 47.29 31.58
N ASP D 61 -30.96 48.34 31.38
CA ASP D 61 -30.83 49.57 32.14
C ASP D 61 -32.10 49.81 32.96
N LYS D 62 -32.06 49.44 34.24
CA LYS D 62 -33.22 49.48 35.11
C LYS D 62 -33.81 50.89 35.26
N ARG D 63 -32.99 51.91 34.99
CA ARG D 63 -33.43 53.30 35.07
C ARG D 63 -34.54 53.59 34.04
N LEU D 64 -34.45 52.94 32.89
CA LEU D 64 -35.38 53.18 31.80
C LEU D 64 -36.64 52.32 31.88
N SER D 65 -36.74 51.49 32.91
CA SER D 65 -37.90 50.61 33.06
C SER D 65 -39.16 51.42 33.39
N TYR D 66 -40.13 51.39 32.47
CA TYR D 66 -41.33 52.18 32.66
C TYR D 66 -42.51 51.30 33.07
N GLY D 67 -42.71 50.21 32.35
CA GLY D 67 -43.86 49.36 32.59
C GLY D 67 -43.57 48.24 33.59
N VAL D 68 -42.29 47.94 33.75
CA VAL D 68 -41.84 46.84 34.60
C VAL D 68 -42.54 45.55 34.17
N LYS D 69 -43.57 45.15 34.91
CA LYS D 69 -44.39 44.00 34.54
C LYS D 69 -45.22 44.33 33.30
N GLY D 70 -45.65 45.59 33.21
CA GLY D 70 -46.42 46.06 32.08
C GLY D 70 -47.75 45.35 31.94
N ASP D 71 -47.92 44.65 30.83
CA ASP D 71 -49.13 43.87 30.55
C ASP D 71 -50.39 44.75 30.56
N GLY D 72 -50.17 46.06 30.48
CA GLY D 72 -51.23 47.04 30.36
C GLY D 72 -50.66 48.25 29.63
N GLN D 73 -49.42 48.10 29.20
CA GLN D 73 -48.69 49.14 28.47
C GLN D 73 -47.93 48.50 27.29
N PRO D 74 -47.58 49.29 26.27
CA PRO D 74 -46.81 48.77 25.13
C PRO D 74 -45.55 48.03 25.55
N ASP D 75 -45.24 46.94 24.86
CA ASP D 75 -44.10 46.09 25.21
C ASP D 75 -42.81 46.88 25.17
N PHE D 76 -42.60 47.62 24.08
CA PHE D 76 -41.44 48.51 24.00
C PHE D 76 -41.86 49.86 23.43
N VAL D 77 -41.03 50.87 23.66
CA VAL D 77 -41.27 52.20 23.15
C VAL D 77 -40.08 52.68 22.34
N ILE D 78 -40.27 52.94 21.05
CA ILE D 78 -39.20 53.43 20.21
C ILE D 78 -38.72 54.80 20.68
N LEU D 79 -37.41 54.92 20.87
CA LEU D 79 -36.83 56.18 21.32
C LEU D 79 -36.80 57.22 20.22
N THR D 80 -37.39 58.38 20.48
CA THR D 80 -37.39 59.47 19.52
C THR D 80 -36.11 60.29 19.66
N VAL D 81 -35.78 61.05 18.62
CA VAL D 81 -34.62 61.93 18.64
C VAL D 81 -34.79 63.03 19.69
N GLY D 82 -33.74 63.27 20.46
CA GLY D 82 -33.74 64.32 21.47
C GLY D 82 -33.53 63.79 22.88
N HIS D 83 -33.45 62.47 23.01
CA HIS D 83 -33.23 61.84 24.31
C HIS D 83 -31.95 61.01 24.31
N GLN D 84 -31.07 61.28 25.27
CA GLN D 84 -29.80 60.57 25.37
C GLN D 84 -29.88 59.33 26.28
N ILE D 85 -29.51 58.17 25.74
CA ILE D 85 -29.47 56.93 26.50
C ILE D 85 -28.05 56.41 26.54
N TRP D 86 -27.57 56.03 27.73
CA TRP D 86 -26.25 55.42 27.84
C TRP D 86 -26.18 54.20 26.96
N MET D 87 -25.07 54.07 26.24
CA MET D 87 -24.84 52.92 25.38
C MET D 87 -23.38 52.50 25.53
N PRO D 88 -23.09 51.21 25.33
CA PRO D 88 -21.72 50.71 25.30
C PRO D 88 -20.86 51.40 24.25
N ASP D 89 -19.74 52.00 24.67
CA ASP D 89 -18.87 52.66 23.71
C ASP D 89 -18.18 51.64 22.84
N THR D 90 -18.94 51.02 21.94
CA THR D 90 -18.41 50.02 21.02
C THR D 90 -17.58 50.63 19.88
N PHE D 91 -16.45 49.98 19.57
CA PHE D 91 -15.59 50.38 18.47
C PHE D 91 -15.03 49.14 17.80
N PHE D 92 -14.58 49.27 16.55
CA PHE D 92 -13.92 48.17 15.86
C PHE D 92 -12.41 48.35 15.87
N PRO D 93 -11.71 47.48 16.60
CA PRO D 93 -10.25 47.58 16.75
C PRO D 93 -9.49 47.47 15.43
N ASN D 94 -9.96 46.62 14.53
CA ASN D 94 -9.24 46.35 13.29
C ASN D 94 -9.72 47.24 12.16
N GLU D 95 -10.66 48.13 12.48
CA GLU D 95 -11.22 49.04 11.50
C GLU D 95 -10.16 50.00 10.99
N LYS D 96 -10.19 50.26 9.68
CA LYS D 96 -9.19 51.06 9.01
C LYS D 96 -9.84 51.89 7.91
N GLN D 97 -9.20 52.99 7.53
CA GLN D 97 -9.60 53.78 6.35
C GLN D 97 -11.09 54.03 6.42
N ALA D 98 -11.56 54.52 7.55
CA ALA D 98 -13.00 54.57 7.75
C ALA D 98 -13.53 55.97 8.03
N TYR D 99 -14.49 56.35 7.21
CA TYR D 99 -15.25 57.57 7.39
C TYR D 99 -16.70 57.18 7.66
N LYS D 100 -17.29 57.82 8.66
CA LYS D 100 -18.64 57.47 9.12
C LYS D 100 -19.72 58.50 8.74
N HIS D 101 -20.75 57.99 8.07
CA HIS D 101 -21.92 58.77 7.70
C HIS D 101 -22.65 59.31 8.92
N THR D 102 -23.48 60.31 8.71
CA THR D 102 -24.14 61.05 9.77
C THR D 102 -23.13 61.71 10.70
N PRO D 106 -30.65 59.29 9.89
CA PRO D 106 -29.62 58.32 10.31
C PRO D 106 -30.16 56.90 10.40
N ASN D 107 -29.33 55.93 10.05
CA ASN D 107 -29.73 54.53 10.10
C ASN D 107 -29.51 53.93 11.49
N VAL D 108 -30.32 54.39 12.45
CA VAL D 108 -30.23 53.90 13.82
C VAL D 108 -31.62 53.58 14.40
N LEU D 109 -31.67 52.60 15.29
CA LEU D 109 -32.93 52.19 15.94
C LEU D 109 -32.70 51.80 17.40
N ILE D 110 -33.41 52.48 18.30
CA ILE D 110 -33.29 52.23 19.73
C ILE D 110 -34.64 51.93 20.34
N ARG D 111 -34.76 50.73 20.91
CA ARG D 111 -36.00 50.32 21.58
C ARG D 111 -35.76 50.17 23.08
N ILE D 112 -36.70 50.67 23.88
CA ILE D 112 -36.64 50.48 25.32
C ILE D 112 -37.79 49.60 25.79
N HIS D 113 -37.52 48.32 26.02
CA HIS D 113 -38.55 47.42 26.54
C HIS D 113 -38.95 47.83 27.95
N ASN D 114 -40.12 47.39 28.38
CA ASN D 114 -40.68 47.79 29.67
C ASN D 114 -39.83 47.40 30.87
N ASP D 115 -39.16 46.25 30.78
CA ASP D 115 -38.36 45.76 31.89
C ASP D 115 -37.06 46.53 32.02
N GLY D 116 -36.74 47.31 30.98
CA GLY D 116 -35.51 48.09 30.96
C GLY D 116 -34.50 47.57 29.96
N THR D 117 -34.89 46.55 29.21
CA THR D 117 -34.02 45.99 28.18
C THR D 117 -33.95 46.93 26.98
N VAL D 118 -32.75 47.25 26.53
CA VAL D 118 -32.59 48.14 25.40
C VAL D 118 -32.12 47.38 24.18
N LEU D 119 -32.71 47.65 23.02
CA LEU D 119 -32.19 47.11 21.77
C LEU D 119 -31.61 48.20 20.89
N TYR D 120 -30.37 48.02 20.45
CA TYR D 120 -29.70 49.00 19.62
C TYR D 120 -29.38 48.36 18.26
N SER D 121 -29.82 49.02 17.19
CA SER D 121 -29.57 48.55 15.84
C SER D 121 -28.89 49.64 15.01
N VAL D 122 -27.84 49.28 14.27
CA VAL D 122 -27.07 50.27 13.54
C VAL D 122 -26.51 49.69 12.25
N ARG D 123 -26.43 50.51 11.21
CA ARG D 123 -25.84 50.07 9.94
C ARG D 123 -24.50 50.77 9.75
N ILE D 124 -23.47 49.99 9.47
CA ILE D 124 -22.14 50.56 9.30
C ILE D 124 -21.42 49.92 8.14
N SER D 125 -20.66 50.72 7.40
CA SER D 125 -19.73 50.20 6.42
C SER D 125 -18.32 50.32 6.96
N LEU D 126 -17.60 49.22 6.98
CA LEU D 126 -16.27 49.19 7.57
C LEU D 126 -15.24 48.67 6.59
N VAL D 127 -14.04 49.21 6.68
CA VAL D 127 -12.91 48.60 5.98
C VAL D 127 -12.00 48.00 7.05
N LEU D 128 -11.75 46.70 6.97
CA LEU D 128 -11.02 46.01 8.04
C LEU D 128 -9.72 45.37 7.53
N SER D 129 -8.64 45.59 8.26
CA SER D 129 -7.34 45.02 7.87
C SER D 129 -7.42 43.52 8.00
N CYS D 130 -6.95 42.83 6.96
CA CYS D 130 -6.96 41.38 6.99
C CYS D 130 -5.62 40.84 6.48
N PRO D 131 -4.72 40.47 7.41
CA PRO D 131 -3.44 39.86 7.08
C PRO D 131 -3.65 38.58 6.29
N MET D 132 -3.10 38.51 5.08
CA MET D 132 -3.28 37.32 4.26
C MET D 132 -1.97 36.64 3.94
N TYR D 133 -2.04 35.33 3.76
CA TYR D 133 -0.85 34.51 3.58
C TYR D 133 -0.99 33.75 2.26
N LEU D 134 -0.06 34.01 1.34
CA LEU D 134 -0.16 33.52 -0.03
C LEU D 134 0.93 32.50 -0.46
N GLN D 135 1.26 31.65 0.49
CA GLN D 135 2.22 30.54 0.28
C GLN D 135 1.64 29.58 -0.76
N TYR D 136 0.35 29.29 -0.60
CA TYR D 136 -0.39 28.44 -1.53
C TYR D 136 -1.10 29.34 -2.51
N TYR D 137 -0.54 29.49 -3.69
CA TYR D 137 -1.23 30.26 -4.71
C TYR D 137 -1.42 29.39 -5.94
N PRO D 138 -2.63 29.42 -6.49
CA PRO D 138 -3.71 30.23 -5.92
C PRO D 138 -4.61 29.43 -5.00
N MET D 139 -4.21 28.20 -4.72
CA MET D 139 -5.04 27.32 -3.92
C MET D 139 -4.82 27.51 -2.42
N ASP D 140 -5.13 28.70 -1.93
CA ASP D 140 -5.02 28.99 -0.50
C ASP D 140 -6.37 29.19 0.16
N VAL D 141 -6.31 29.72 1.38
CA VAL D 141 -7.50 30.03 2.12
C VAL D 141 -7.19 31.12 3.16
N GLN D 142 -8.05 32.13 3.21
CA GLN D 142 -7.84 33.25 4.12
C GLN D 142 -8.93 33.33 5.17
N GLN D 143 -8.60 33.90 6.32
CA GLN D 143 -9.59 34.11 7.38
C GLN D 143 -9.59 35.57 7.83
N CYS D 144 -10.63 36.30 7.44
CA CYS D 144 -10.77 37.70 7.84
C CYS D 144 -11.72 37.79 9.02
N SER D 145 -11.51 38.79 9.87
CA SER D 145 -12.29 38.90 11.10
C SER D 145 -12.85 40.29 11.30
N ILE D 146 -13.86 40.40 12.15
CA ILE D 146 -14.34 41.70 12.60
C ILE D 146 -14.31 41.72 14.13
N ASP D 147 -13.37 42.46 14.69
CA ASP D 147 -13.23 42.53 16.14
C ASP D 147 -14.18 43.59 16.70
N LEU D 148 -14.62 43.38 17.93
CA LEU D 148 -15.61 44.25 18.56
C LEU D 148 -15.40 44.33 20.08
N ALA D 149 -15.28 45.54 20.61
CA ALA D 149 -14.99 45.73 22.04
C ALA D 149 -15.33 47.15 22.52
N SER D 150 -15.25 47.39 23.83
CA SER D 150 -15.42 48.74 24.36
C SER D 150 -14.09 49.47 24.45
N TYR D 151 -14.11 50.80 24.36
CA TYR D 151 -12.86 51.55 24.36
C TYR D 151 -12.52 52.02 25.75
N ALA D 152 -13.46 52.68 26.40
CA ALA D 152 -13.17 53.33 27.68
C ALA D 152 -13.43 52.39 28.85
N TYR D 153 -14.52 51.65 28.79
CA TYR D 153 -14.91 50.79 29.90
C TYR D 153 -14.13 49.47 29.92
N THR D 154 -13.63 49.10 31.10
CA THR D 154 -12.86 47.88 31.25
C THR D 154 -13.76 46.68 31.54
N THR D 155 -13.17 45.60 32.05
CA THR D 155 -13.90 44.37 32.31
C THR D 155 -14.79 44.46 33.55
N LYS D 156 -14.61 45.50 34.36
CA LYS D 156 -15.39 45.64 35.59
C LYS D 156 -16.73 46.34 35.36
N ASP D 157 -16.83 47.05 34.25
CA ASP D 157 -18.01 47.86 33.96
C ASP D 157 -18.85 47.26 32.84
N ILE D 158 -18.20 46.59 31.89
CA ILE D 158 -18.88 46.08 30.71
C ILE D 158 -18.23 44.80 30.18
N GLU D 159 -19.06 43.86 29.74
CA GLU D 159 -18.57 42.62 29.13
C GLU D 159 -19.50 42.14 28.02
N TYR D 160 -18.92 41.88 26.86
CA TYR D 160 -19.69 41.46 25.70
C TYR D 160 -19.84 39.95 25.62
N LEU D 161 -21.01 39.51 25.17
CA LEU D 161 -21.28 38.11 24.95
C LEU D 161 -22.08 37.94 23.67
N TRP D 162 -21.63 37.01 22.81
CA TRP D 162 -22.37 36.70 21.60
C TRP D 162 -23.77 36.24 21.98
N LYS D 163 -24.76 36.68 21.21
CA LYS D 163 -26.14 36.25 21.42
C LYS D 163 -26.20 34.72 21.41
N GLU D 164 -27.13 34.16 22.16
CA GLU D 164 -27.15 32.71 22.35
C GLU D 164 -27.43 31.95 21.06
N HIS D 165 -28.28 32.51 20.20
CA HIS D 165 -28.67 31.83 18.97
C HIS D 165 -28.40 32.67 17.73
N SER D 166 -27.79 32.04 16.73
CA SER D 166 -27.43 32.67 15.46
C SER D 166 -26.77 34.02 15.68
N PRO D 167 -25.62 34.05 16.36
CA PRO D 167 -25.02 35.34 16.66
C PRO D 167 -24.65 36.05 15.37
N LEU D 168 -24.16 35.28 14.40
CA LEU D 168 -23.80 35.81 13.11
C LEU D 168 -24.81 35.35 12.07
N GLN D 169 -25.36 36.30 11.35
CA GLN D 169 -26.31 36.01 10.29
C GLN D 169 -25.84 36.63 9.00
N LEU D 170 -26.11 35.97 7.88
CA LEU D 170 -25.59 36.43 6.60
C LEU D 170 -26.74 36.67 5.62
N LYS D 171 -26.56 37.65 4.74
CA LYS D 171 -27.59 38.00 3.76
C LYS D 171 -27.79 36.81 2.83
N VAL D 172 -28.89 36.85 2.09
CA VAL D 172 -29.35 35.69 1.34
C VAL D 172 -28.27 35.06 0.46
N GLY D 173 -27.62 35.87 -0.37
CA GLY D 173 -26.67 35.34 -1.33
C GLY D 173 -25.24 35.78 -1.13
N LEU D 174 -24.82 35.88 0.12
CA LEU D 174 -23.48 36.36 0.43
C LEU D 174 -22.38 35.48 -0.19
N SER D 175 -22.51 34.16 -0.08
CA SER D 175 -21.48 33.24 -0.60
C SER D 175 -21.25 33.44 -2.09
N SER D 176 -22.33 33.75 -2.79
CA SER D 176 -22.27 34.03 -4.21
C SER D 176 -21.79 35.44 -4.47
N SER D 177 -22.13 36.35 -3.56
CA SER D 177 -21.91 37.78 -3.79
C SER D 177 -20.43 38.12 -3.99
N LEU D 178 -19.56 37.38 -3.31
CA LEU D 178 -18.12 37.69 -3.36
C LEU D 178 -17.54 37.51 -4.76
N PRO D 179 -16.70 38.47 -5.19
CA PRO D 179 -16.10 38.52 -6.52
C PRO D 179 -15.01 37.49 -6.78
N SER D 180 -14.06 37.34 -5.85
CA SER D 180 -12.86 36.58 -6.13
C SER D 180 -12.64 35.39 -5.20
N PHE D 181 -13.46 35.30 -4.15
CA PHE D 181 -13.31 34.23 -3.16
C PHE D 181 -14.66 33.57 -2.91
N GLN D 182 -14.61 32.39 -2.30
CA GLN D 182 -15.82 31.67 -1.95
C GLN D 182 -15.89 31.43 -0.45
N LEU D 183 -16.99 31.82 0.17
CA LEU D 183 -17.11 31.75 1.63
C LEU D 183 -17.50 30.34 2.09
N THR D 184 -16.60 29.71 2.82
CA THR D 184 -16.82 28.33 3.26
C THR D 184 -17.41 28.24 4.67
N ASN D 185 -16.91 29.05 5.59
CA ASN D 185 -17.20 28.90 7.00
C ASN D 185 -17.42 30.24 7.66
N THR D 186 -18.20 30.25 8.73
CA THR D 186 -18.35 31.44 9.56
C THR D 186 -18.09 31.01 11.00
N SER D 187 -17.70 31.96 11.85
CA SER D 187 -17.29 31.59 13.19
C SER D 187 -17.41 32.76 14.17
N THR D 188 -18.12 32.52 15.26
CA THR D 188 -18.23 33.48 16.35
C THR D 188 -17.40 33.02 17.54
N THR D 189 -16.33 33.77 17.84
CA THR D 189 -15.47 33.47 18.97
C THR D 189 -15.26 34.70 19.83
N TYR D 190 -14.47 34.54 20.90
CA TYR D 190 -14.11 35.66 21.77
C TYR D 190 -12.64 36.00 21.58
N CYS D 191 -12.30 37.28 21.71
CA CYS D 191 -10.93 37.74 21.56
C CYS D 191 -10.58 38.71 22.67
N THR D 192 -11.29 38.59 23.78
CA THR D 192 -11.00 39.38 24.97
C THR D 192 -9.53 39.27 25.34
N SER D 193 -8.82 40.38 25.42
CA SER D 193 -7.39 40.32 25.73
C SER D 193 -6.96 41.28 26.82
N VAL D 194 -5.70 41.16 27.22
CA VAL D 194 -5.14 41.93 28.31
C VAL D 194 -4.10 42.90 27.78
N THR D 195 -4.37 44.19 27.89
CA THR D 195 -3.43 45.20 27.41
C THR D 195 -2.85 46.02 28.56
N ASN D 196 -1.91 46.89 28.23
CA ASN D 196 -1.23 47.73 29.22
C ASN D 196 -2.20 48.61 29.99
N THR D 197 -3.33 48.95 29.36
CA THR D 197 -4.34 49.79 29.99
C THR D 197 -5.35 48.98 30.82
N GLY D 198 -5.52 47.70 30.49
CA GLY D 198 -6.40 46.84 31.26
C GLY D 198 -6.93 45.65 30.48
N ILE D 199 -7.97 45.02 31.03
CA ILE D 199 -8.58 43.85 30.42
C ILE D 199 -9.92 44.21 29.77
N TYR D 200 -9.99 44.22 28.45
CA TYR D 200 -11.22 44.62 27.79
C TYR D 200 -11.89 43.46 27.10
N SER D 201 -13.20 43.33 27.32
CA SER D 201 -13.99 42.28 26.70
C SER D 201 -14.06 42.56 25.21
N CYS D 202 -14.03 41.52 24.40
CA CYS D 202 -13.98 41.69 22.95
C CYS D 202 -14.57 40.51 22.19
N LEU D 203 -15.38 40.79 21.17
CA LEU D 203 -15.97 39.75 20.33
C LEU D 203 -15.39 39.75 18.92
N ARG D 204 -15.14 38.57 18.38
CA ARG D 204 -14.61 38.44 17.04
C ARG D 204 -15.43 37.49 16.19
N THR D 205 -15.99 38.02 15.11
CA THR D 205 -16.65 37.19 14.13
C THR D 205 -15.65 36.97 12.99
N THR D 206 -15.70 35.79 12.38
CA THR D 206 -14.67 35.41 11.42
C THR D 206 -15.25 34.69 10.20
N ILE D 207 -14.78 35.07 9.01
CA ILE D 207 -15.18 34.39 7.79
C ILE D 207 -13.98 33.76 7.10
N GLN D 208 -14.21 32.63 6.45
CA GLN D 208 -13.16 31.87 5.81
C GLN D 208 -13.35 31.80 4.30
N LEU D 209 -12.42 32.40 3.56
CA LEU D 209 -12.52 32.50 2.11
C LEU D 209 -11.50 31.62 1.42
N LYS D 210 -11.96 30.69 0.58
CA LYS D 210 -11.04 29.95 -0.25
C LYS D 210 -11.48 30.08 -1.70
N ARG D 211 -10.53 29.95 -2.63
CA ARG D 211 -10.80 30.20 -4.04
C ARG D 211 -11.19 28.93 -4.79
N GLU D 212 -11.88 29.12 -5.91
CA GLU D 212 -12.27 28.01 -6.77
C GLU D 212 -11.07 27.46 -7.54
N PHE D 213 -10.70 26.23 -7.21
CA PHE D 213 -9.57 25.57 -7.85
C PHE D 213 -9.85 25.39 -9.33
N SER D 214 -11.13 25.16 -9.66
CA SER D 214 -11.57 24.91 -11.03
C SER D 214 -11.10 25.96 -12.02
N PHE D 215 -11.31 27.22 -11.68
CA PHE D 215 -10.95 28.34 -12.54
C PHE D 215 -9.46 28.37 -12.86
N TYR D 216 -8.67 28.45 -11.80
CA TYR D 216 -7.23 28.56 -11.90
C TYR D 216 -6.56 27.35 -12.53
N LEU D 217 -7.25 26.22 -12.50
CA LEU D 217 -6.78 25.00 -13.13
C LEU D 217 -6.83 25.13 -14.63
N LEU D 218 -7.98 25.61 -15.12
CA LEU D 218 -8.23 25.76 -16.54
C LEU D 218 -7.42 26.92 -17.14
N GLN D 219 -7.25 27.98 -16.35
CA GLN D 219 -6.64 29.21 -16.83
C GLN D 219 -5.11 29.16 -16.80
N LEU D 220 -4.55 28.51 -15.79
CA LEU D 220 -3.10 28.57 -15.57
C LEU D 220 -2.41 27.23 -15.79
N TYR D 221 -2.89 26.21 -15.11
CA TYR D 221 -2.19 24.92 -15.08
C TYR D 221 -2.30 24.12 -16.38
N ILE D 222 -3.54 23.82 -16.77
CA ILE D 222 -3.79 23.05 -17.98
C ILE D 222 -3.04 23.58 -19.23
N PRO D 223 -3.00 24.92 -19.44
CA PRO D 223 -2.27 25.40 -20.61
C PRO D 223 -0.80 24.98 -20.65
N SER D 224 -0.09 25.11 -19.53
CA SER D 224 1.33 24.82 -19.49
C SER D 224 1.62 23.32 -19.59
N CYS D 225 0.68 22.52 -19.09
CA CYS D 225 0.78 21.06 -19.19
C CYS D 225 0.86 20.63 -20.64
N MET D 226 0.08 21.31 -21.48
CA MET D 226 0.11 21.06 -22.91
C MET D 226 1.44 21.48 -23.51
N LEU D 227 2.02 22.55 -22.96
CA LEU D 227 3.30 23.07 -23.45
C LEU D 227 4.46 22.15 -23.11
N VAL D 228 4.44 21.59 -21.92
CA VAL D 228 5.47 20.65 -21.50
C VAL D 228 5.41 19.34 -22.32
N ILE D 229 4.19 18.87 -22.58
CA ILE D 229 3.98 17.68 -23.41
C ILE D 229 4.52 17.92 -24.81
N VAL D 230 4.27 19.11 -25.35
CA VAL D 230 4.76 19.48 -26.68
C VAL D 230 6.28 19.43 -26.76
N SER D 231 6.95 19.89 -25.71
CA SER D 231 8.41 19.90 -25.67
C SER D 231 9.01 18.49 -25.74
N TRP D 232 8.17 17.49 -25.48
CA TRP D 232 8.61 16.09 -25.44
C TRP D 232 8.62 15.41 -26.81
N VAL D 233 7.76 15.87 -27.71
CA VAL D 233 7.60 15.20 -28.99
C VAL D 233 8.78 15.45 -29.93
N SER D 234 9.70 16.30 -29.50
CA SER D 234 10.93 16.52 -30.26
C SER D 234 11.90 15.35 -30.04
N PHE D 235 11.63 14.56 -28.99
CA PHE D 235 12.43 13.38 -28.70
C PHE D 235 12.11 12.25 -29.66
N TRP D 236 10.86 12.23 -30.13
CA TRP D 236 10.39 11.16 -31.00
C TRP D 236 10.73 11.44 -32.46
N PHE D 237 11.36 12.58 -32.72
CA PHE D 237 11.90 12.88 -34.04
C PHE D 237 13.36 12.47 -34.11
N ASP D 238 13.81 12.03 -35.28
CA ASP D 238 15.19 11.61 -35.44
C ASP D 238 16.16 12.78 -35.35
N ARG D 239 17.45 12.46 -35.24
CA ARG D 239 18.49 13.47 -35.08
C ARG D 239 18.71 14.29 -36.36
N THR D 240 18.43 13.67 -37.51
CA THR D 240 18.73 14.28 -38.80
C THR D 240 17.85 15.49 -39.10
N ALA D 241 16.60 15.45 -38.62
CA ALA D 241 15.67 16.55 -38.83
C ALA D 241 15.98 17.74 -37.93
N ILE D 242 17.01 18.48 -38.28
CA ILE D 242 17.41 19.67 -37.52
C ILE D 242 16.33 20.78 -37.53
N PRO D 243 15.75 21.11 -38.71
CA PRO D 243 14.73 22.17 -38.66
C PRO D 243 13.53 21.82 -37.79
N ALA D 244 13.24 20.53 -37.66
CA ALA D 244 12.10 20.07 -36.86
C ALA D 244 12.29 20.36 -35.38
N ARG D 245 13.37 19.83 -34.81
CA ARG D 245 13.57 19.86 -33.37
C ARG D 245 14.04 21.21 -32.86
N VAL D 246 14.73 21.97 -33.71
CA VAL D 246 15.12 23.33 -33.34
C VAL D 246 13.88 24.20 -33.19
N THR D 247 13.04 24.19 -34.21
CA THR D 247 11.81 24.98 -34.22
C THR D 247 10.88 24.58 -33.07
N LEU D 248 10.70 23.29 -32.87
CA LEU D 248 9.90 22.79 -31.74
C LEU D 248 10.42 23.30 -30.40
N GLY D 249 11.72 23.19 -30.19
CA GLY D 249 12.33 23.58 -28.93
C GLY D 249 12.31 25.06 -28.62
N VAL D 250 12.64 25.88 -29.61
CA VAL D 250 12.74 27.32 -29.40
C VAL D 250 11.36 27.97 -29.34
N THR D 251 10.40 27.44 -30.08
CA THR D 251 9.04 27.98 -30.10
C THR D 251 8.35 27.69 -28.78
N THR D 252 8.51 26.45 -28.31
CA THR D 252 7.94 26.02 -27.04
C THR D 252 8.43 26.90 -25.90
N LEU D 253 9.70 27.29 -25.97
CA LEU D 253 10.29 28.16 -24.97
C LEU D 253 9.78 29.60 -25.06
N LEU D 254 9.63 30.09 -26.28
CA LEU D 254 9.09 31.43 -26.52
C LEU D 254 7.64 31.48 -26.04
N THR D 255 6.89 30.43 -26.34
CA THR D 255 5.49 30.31 -25.95
C THR D 255 5.33 30.33 -24.44
N MET D 256 6.20 29.60 -23.76
CA MET D 256 6.17 29.51 -22.30
C MET D 256 6.46 30.86 -21.65
N THR D 257 7.38 31.62 -22.24
CA THR D 257 7.71 32.95 -21.73
C THR D 257 6.50 33.88 -21.86
N ALA D 258 5.76 33.71 -22.96
CA ALA D 258 4.55 34.48 -23.20
C ALA D 258 3.44 34.06 -22.24
N GLN D 259 3.25 32.75 -22.13
CA GLN D 259 2.28 32.17 -21.19
C GLN D 259 2.56 32.68 -19.78
N SER D 260 3.83 32.63 -19.39
CA SER D 260 4.24 33.09 -18.08
C SER D 260 4.05 34.59 -17.94
N ALA D 261 4.19 35.30 -19.05
CA ALA D 261 4.00 36.75 -19.05
C ALA D 261 2.53 37.08 -18.80
N GLY D 262 1.64 36.37 -19.48
CA GLY D 262 0.21 36.59 -19.34
C GLY D 262 -0.29 36.26 -17.95
N ILE D 263 0.27 35.21 -17.36
CA ILE D 263 -0.05 34.83 -16.00
C ILE D 263 0.49 35.85 -14.99
N ASN D 264 1.78 36.17 -15.13
CA ASN D 264 2.47 37.06 -14.20
C ASN D 264 1.85 38.46 -14.09
N SER D 265 1.23 38.92 -15.17
CA SER D 265 0.65 40.27 -15.19
C SER D 265 -0.82 40.27 -14.79
N GLN D 266 -1.18 39.39 -13.86
CA GLN D 266 -2.53 39.38 -13.31
C GLN D 266 -2.49 38.86 -11.88
N LEU D 267 -1.37 38.24 -11.52
CA LEU D 267 -1.15 37.88 -10.13
C LEU D 267 -1.05 39.18 -9.35
N PRO D 268 -1.72 39.24 -8.20
CA PRO D 268 -1.67 40.42 -7.34
C PRO D 268 -0.22 40.65 -6.93
N PRO D 269 0.23 41.92 -6.93
CA PRO D 269 1.65 42.15 -6.60
C PRO D 269 2.03 41.66 -5.21
N VAL D 270 2.98 40.73 -5.15
CA VAL D 270 3.56 40.28 -3.90
C VAL D 270 5.05 40.05 -4.08
N SER D 271 5.79 40.10 -2.99
CA SER D 271 7.22 39.94 -3.10
C SER D 271 7.73 38.67 -2.40
N TYR D 272 6.87 37.66 -2.26
CA TYR D 272 7.31 36.34 -1.84
C TYR D 272 6.81 35.25 -2.78
N ILE D 273 7.57 34.17 -2.87
CA ILE D 273 7.30 33.12 -3.85
C ILE D 273 5.96 32.44 -3.62
N LYS D 274 5.04 32.65 -4.57
CA LYS D 274 3.74 32.00 -4.51
C LYS D 274 3.92 30.59 -5.06
N ALA D 275 2.91 29.74 -4.84
CA ALA D 275 2.96 28.38 -5.34
C ALA D 275 2.91 28.33 -6.87
N ILE D 276 2.08 29.16 -7.48
CA ILE D 276 1.96 29.19 -8.93
C ILE D 276 3.30 29.62 -9.53
N ASP D 277 4.01 30.48 -8.82
CA ASP D 277 5.28 31.01 -9.30
C ASP D 277 6.30 29.87 -9.41
N VAL D 278 6.22 28.95 -8.47
CA VAL D 278 7.04 27.74 -8.49
C VAL D 278 6.72 26.88 -9.72
N TRP D 279 5.42 26.66 -9.94
CA TRP D 279 4.97 25.80 -11.00
C TRP D 279 5.27 26.38 -12.38
N ILE D 280 5.40 27.71 -12.44
CA ILE D 280 5.78 28.37 -13.68
C ILE D 280 7.25 28.17 -13.97
N GLY D 281 8.09 28.46 -12.97
CA GLY D 281 9.52 28.30 -13.11
C GLY D 281 9.88 26.86 -13.40
N ALA D 282 9.02 25.95 -12.97
CA ALA D 282 9.22 24.53 -13.23
C ALA D 282 9.07 24.19 -14.71
N CYS D 283 7.91 24.53 -15.27
CA CYS D 283 7.63 24.28 -16.68
C CYS D 283 8.65 25.00 -17.57
N MET D 284 9.11 26.16 -17.11
CA MET D 284 10.15 26.93 -17.79
C MET D 284 11.45 26.15 -17.85
N THR D 285 11.69 25.32 -16.84
CA THR D 285 12.91 24.51 -16.77
C THR D 285 12.80 23.26 -17.64
N PHE D 286 11.65 22.61 -17.59
CA PHE D 286 11.42 21.37 -18.34
C PHE D 286 11.47 21.60 -19.85
N ILE D 287 11.22 22.84 -20.26
CA ILE D 287 11.30 23.22 -21.67
C ILE D 287 12.72 23.69 -21.98
N PHE D 288 13.37 24.32 -21.00
CA PHE D 288 14.79 24.68 -21.12
C PHE D 288 15.66 23.43 -21.26
N CYS D 289 15.27 22.38 -20.57
CA CYS D 289 16.00 21.11 -20.60
C CYS D 289 15.70 20.33 -21.87
N ALA D 290 14.47 20.46 -22.38
CA ALA D 290 14.06 19.81 -23.61
C ALA D 290 14.80 20.38 -24.81
N LEU D 291 14.88 21.71 -24.86
CA LEU D 291 15.62 22.39 -25.91
C LEU D 291 17.11 22.13 -25.74
N LEU D 292 17.52 21.83 -24.51
CA LEU D 292 18.92 21.55 -24.21
C LEU D 292 19.27 20.11 -24.61
N GLU D 293 18.31 19.20 -24.48
CA GLU D 293 18.53 17.79 -24.77
C GLU D 293 18.90 17.58 -26.23
N PHE D 294 18.22 18.29 -27.12
CA PHE D 294 18.50 18.20 -28.55
C PHE D 294 19.90 18.70 -28.86
N ALA D 295 20.35 19.70 -28.12
CA ALA D 295 21.68 20.26 -28.31
C ALA D 295 22.77 19.22 -28.02
N LEU D 296 22.51 18.39 -27.02
CA LEU D 296 23.42 17.31 -26.67
C LEU D 296 23.42 16.22 -27.75
N VAL D 297 22.24 15.87 -28.23
CA VAL D 297 22.08 14.84 -29.26
C VAL D 297 22.75 15.24 -30.58
N ASN D 298 22.56 16.50 -30.97
CA ASN D 298 23.14 17.02 -32.20
C ASN D 298 24.67 17.11 -32.15
N HIS D 299 25.19 17.31 -30.94
CA HIS D 299 26.63 17.45 -30.73
C HIS D 299 27.40 16.13 -30.91
N ILE D 300 26.86 15.06 -30.34
CA ILE D 300 27.53 13.76 -30.35
C ILE D 300 27.21 12.98 -31.63
N ALA D 301 26.17 13.39 -32.32
CA ALA D 301 25.75 12.72 -33.54
C ALA D 301 26.64 13.11 -34.70
N ASN D 302 27.31 14.25 -34.54
CA ASN D 302 28.18 14.79 -35.58
C ASN D 302 29.45 13.98 -35.73
N ALA D 303 29.85 13.30 -34.66
CA ALA D 303 31.00 12.40 -34.73
C ALA D 303 30.68 11.23 -35.66
N GLY D 304 31.60 10.95 -36.56
CA GLY D 304 31.42 9.91 -37.57
C GLY D 304 31.46 8.50 -37.05
N THR D 305 31.92 8.31 -35.82
CA THR D 305 31.97 6.98 -35.25
C THR D 305 30.57 6.42 -35.01
N THR D 306 30.37 5.14 -35.31
CA THR D 306 29.05 4.53 -35.11
C THR D 306 28.83 4.37 -33.63
N GLU D 307 29.90 4.35 -32.85
CA GLU D 307 29.77 4.20 -31.43
C GLU D 307 28.98 5.41 -30.92
N TRP D 308 29.40 6.62 -31.30
CA TRP D 308 28.70 7.80 -30.84
C TRP D 308 27.26 7.89 -31.36
N ASN D 309 27.00 7.40 -32.57
CA ASN D 309 25.65 7.46 -33.11
C ASN D 309 24.61 6.74 -32.28
N ASP D 310 24.96 5.55 -31.79
CA ASP D 310 24.06 4.77 -30.94
C ASP D 310 23.93 5.46 -29.58
N ILE D 311 24.95 6.22 -29.16
CA ILE D 311 24.85 7.00 -27.91
C ILE D 311 23.86 8.14 -28.15
N SER D 312 23.95 8.75 -29.34
CA SER D 312 23.02 9.79 -29.73
C SER D 312 21.59 9.28 -29.74
N LYS D 313 21.41 8.09 -30.31
CA LYS D 313 20.11 7.48 -30.40
C LYS D 313 19.60 7.06 -29.03
N ARG D 314 20.53 6.67 -28.16
CA ARG D 314 20.17 6.22 -26.82
C ARG D 314 19.60 7.36 -25.97
N VAL D 315 20.23 8.53 -26.03
CA VAL D 315 19.79 9.71 -25.29
C VAL D 315 18.33 10.07 -25.62
N ASP D 316 17.98 9.96 -26.90
CA ASP D 316 16.62 10.20 -27.35
C ASP D 316 15.64 9.21 -26.72
N LEU D 317 15.92 7.92 -26.86
CA LEU D 317 15.06 6.87 -26.33
C LEU D 317 14.86 7.00 -24.82
N ILE D 318 15.88 7.49 -24.13
CA ILE D 318 15.79 7.73 -22.69
C ILE D 318 14.84 8.89 -22.40
N SER D 319 15.10 10.03 -23.03
CA SER D 319 14.31 11.25 -22.83
C SER D 319 12.84 11.06 -23.23
N ARG D 320 12.58 10.13 -24.16
CA ARG D 320 11.23 9.79 -24.60
C ARG D 320 10.33 9.35 -23.43
N ALA D 321 10.93 8.86 -22.37
CA ALA D 321 10.19 8.39 -21.20
C ALA D 321 10.78 8.94 -19.90
N LEU D 322 11.95 9.57 -19.97
CA LEU D 322 12.58 10.15 -18.78
C LEU D 322 11.85 11.41 -18.33
N PHE D 323 11.74 12.37 -19.24
CA PHE D 323 11.05 13.62 -18.96
C PHE D 323 9.61 13.40 -18.46
N PRO D 324 8.81 12.53 -19.12
CA PRO D 324 7.46 12.33 -18.60
C PRO D 324 7.45 11.79 -17.18
N VAL D 325 8.46 11.00 -16.83
CA VAL D 325 8.58 10.47 -15.48
C VAL D 325 8.97 11.58 -14.51
N LEU D 326 10.03 12.31 -14.85
CA LEU D 326 10.55 13.36 -13.98
C LEU D 326 9.51 14.45 -13.72
N PHE D 327 8.73 14.78 -14.75
CA PHE D 327 7.64 15.74 -14.60
C PHE D 327 6.57 15.18 -13.68
N PHE D 328 6.27 13.89 -13.83
CA PHE D 328 5.28 13.21 -13.01
C PHE D 328 5.76 13.10 -11.57
N VAL D 329 7.07 13.00 -11.38
CA VAL D 329 7.66 13.03 -10.05
C VAL D 329 7.45 14.39 -9.41
N PHE D 330 7.83 15.44 -10.15
CA PHE D 330 7.62 16.81 -9.69
C PHE D 330 6.15 17.10 -9.45
N ASN D 331 5.31 16.61 -10.36
CA ASN D 331 3.86 16.74 -10.24
C ASN D 331 3.38 16.21 -8.89
N ILE D 332 3.85 15.03 -8.51
CA ILE D 332 3.51 14.44 -7.22
C ILE D 332 4.03 15.30 -6.06
N LEU D 333 5.31 15.67 -6.13
CA LEU D 333 5.94 16.51 -5.11
C LEU D 333 5.24 17.85 -4.95
N TYR D 334 4.90 18.48 -6.08
CA TYR D 334 4.29 19.80 -6.08
C TYR D 334 2.94 19.82 -5.38
N TRP D 335 2.00 19.02 -5.86
CA TRP D 335 0.64 19.00 -5.33
C TRP D 335 0.60 18.56 -3.87
N SER D 336 1.46 17.62 -3.49
CA SER D 336 1.51 17.15 -2.11
C SER D 336 2.00 18.25 -1.19
N ARG D 337 2.89 19.10 -1.70
CA ARG D 337 3.41 20.23 -0.95
C ARG D 337 2.38 21.34 -0.82
N PHE D 338 1.55 21.50 -1.84
CA PHE D 338 0.59 22.60 -1.92
C PHE D 338 -0.87 22.15 -1.88
N GLY D 339 -1.12 20.97 -1.31
CA GLY D 339 -2.48 20.47 -1.18
C GLY D 339 -3.05 20.63 0.21
N HIS D 340 -2.27 21.27 1.10
CA HIS D 340 -2.67 21.48 2.50
C HIS D 340 -3.91 22.36 2.60
N SER E 1 -18.30 58.16 42.36
CA SER E 1 -17.44 59.04 43.13
C SER E 1 -16.40 59.71 42.23
N ASP E 2 -16.19 59.15 41.06
CA ASP E 2 -15.23 59.70 40.09
C ASP E 2 -15.71 61.03 39.53
N SER E 3 -17.03 61.15 39.37
CA SER E 3 -17.62 62.39 38.86
C SER E 3 -17.55 63.52 39.90
N LYS E 4 -17.38 63.15 41.16
CA LYS E 4 -17.29 64.12 42.24
C LYS E 4 -15.88 64.70 42.34
N ILE E 5 -14.88 63.92 41.92
CA ILE E 5 -13.49 64.36 41.95
C ILE E 5 -13.17 65.21 40.72
N LEU E 6 -13.67 64.80 39.56
CA LEU E 6 -13.52 65.59 38.33
C LEU E 6 -14.21 66.95 38.47
N ALA E 7 -15.29 66.98 39.25
CA ALA E 7 -15.99 68.22 39.55
C ALA E 7 -15.09 69.17 40.34
N HIS E 8 -14.46 68.63 41.38
CA HIS E 8 -13.62 69.40 42.30
C HIS E 8 -12.41 70.04 41.61
N LEU E 9 -11.91 69.40 40.55
CA LEU E 9 -10.72 69.87 39.85
C LEU E 9 -11.02 71.06 38.93
N PHE E 10 -12.05 70.91 38.11
CA PHE E 10 -12.36 71.91 37.09
C PHE E 10 -13.27 73.03 37.60
N THR E 11 -13.83 72.86 38.79
CA THR E 11 -14.59 73.93 39.43
C THR E 11 -13.67 75.05 39.89
N SER E 12 -12.37 74.75 39.89
CA SER E 12 -11.34 75.70 40.28
C SER E 12 -10.90 76.52 39.08
N GLY E 13 -9.83 77.28 39.26
CA GLY E 13 -9.32 78.14 38.19
C GLY E 13 -8.34 77.44 37.27
N TYR E 14 -8.82 76.45 36.52
CA TYR E 14 -7.98 75.74 35.57
C TYR E 14 -8.18 76.29 34.16
N ASP E 15 -7.07 76.64 33.52
CA ASP E 15 -7.11 77.16 32.14
C ASP E 15 -6.43 76.17 31.20
N PHE E 16 -7.20 75.57 30.30
CA PHE E 16 -6.65 74.54 29.41
C PHE E 16 -5.79 75.12 28.29
N ARG E 17 -5.74 76.45 28.22
CA ARG E 17 -4.93 77.13 27.22
C ARG E 17 -3.56 77.48 27.81
N VAL E 18 -3.43 77.29 29.12
CA VAL E 18 -2.22 77.69 29.83
C VAL E 18 -1.31 76.50 30.07
N ARG E 19 -0.04 76.65 29.70
CA ARG E 19 0.98 75.64 29.92
C ARG E 19 1.10 75.29 31.41
N PRO E 20 1.24 73.98 31.72
CA PRO E 20 1.40 73.51 33.11
C PRO E 20 2.63 74.07 33.82
N PRO E 21 2.53 74.26 35.14
CA PRO E 21 3.61 74.87 35.92
C PRO E 21 4.81 73.94 36.08
N THR E 22 6.00 74.54 36.09
CA THR E 22 7.23 73.82 36.34
C THR E 22 7.97 74.44 37.52
N ASP E 23 8.47 73.59 38.42
CA ASP E 23 9.13 74.05 39.63
C ASP E 23 10.42 74.81 39.35
N ASN E 24 11.04 74.49 38.21
CA ASN E 24 12.28 75.13 37.80
C ASN E 24 12.04 76.25 36.79
N GLY E 25 10.81 76.31 36.26
CA GLY E 25 10.47 77.25 35.22
C GLY E 25 10.83 76.68 33.87
N GLY E 26 11.39 75.48 33.89
CA GLY E 26 11.82 74.79 32.70
C GLY E 26 10.68 74.23 31.88
N PRO E 27 11.01 73.44 30.85
CA PRO E 27 10.02 72.85 29.94
C PRO E 27 9.19 71.76 30.59
N VAL E 28 8.13 71.35 29.90
CA VAL E 28 7.26 70.28 30.36
C VAL E 28 7.70 68.95 29.75
N VAL E 29 8.10 68.02 30.59
CA VAL E 29 8.59 66.73 30.13
C VAL E 29 7.44 65.86 29.62
N VAL E 30 7.56 65.40 28.39
CA VAL E 30 6.51 64.56 27.80
C VAL E 30 7.03 63.18 27.42
N SER E 31 6.58 62.17 28.16
CA SER E 31 6.96 60.79 27.88
C SER E 31 6.09 60.24 26.77
N VAL E 32 6.72 59.55 25.81
CA VAL E 32 5.98 59.08 24.65
C VAL E 32 6.15 57.58 24.42
N ASN E 33 5.03 56.88 24.46
CA ASN E 33 4.98 55.47 24.12
C ASN E 33 4.19 55.29 22.83
N MET E 34 4.76 54.57 21.88
CA MET E 34 4.10 54.39 20.58
C MET E 34 3.83 52.91 20.26
N LEU E 35 2.74 52.66 19.57
CA LEU E 35 2.33 51.30 19.22
C LEU E 35 1.86 51.19 17.78
N LEU E 36 2.65 50.54 16.95
CA LEU E 36 2.33 50.38 15.54
C LEU E 36 1.28 49.29 15.34
N ARG E 37 0.05 49.70 14.99
CA ARG E 37 -1.02 48.75 14.74
C ARG E 37 -0.79 48.02 13.41
N THR E 38 -0.98 48.74 12.30
CA THR E 38 -0.80 48.16 10.97
C THR E 38 -0.07 49.09 10.00
N ILE E 39 0.60 48.48 9.03
CA ILE E 39 1.27 49.23 7.97
C ILE E 39 0.84 48.65 6.62
N SER E 40 0.47 49.51 5.69
CA SER E 40 0.02 49.06 4.38
C SER E 40 0.19 50.17 3.34
N LYS E 41 -0.15 49.86 2.08
CA LYS E 41 -0.08 50.83 0.98
C LYS E 41 1.27 51.51 0.90
N ILE E 42 2.34 50.73 0.78
CA ILE E 42 3.66 51.32 0.66
C ILE E 42 3.88 51.76 -0.77
N ASP E 43 3.55 53.01 -1.04
CA ASP E 43 3.55 53.53 -2.42
C ASP E 43 4.96 53.97 -2.82
N VAL E 44 5.56 53.21 -3.72
CA VAL E 44 6.88 53.53 -4.24
C VAL E 44 6.79 54.76 -5.12
N VAL E 45 5.68 54.85 -5.86
CA VAL E 45 5.50 55.93 -6.81
C VAL E 45 5.21 57.26 -6.14
N ASN E 46 4.18 57.30 -5.30
CA ASN E 46 3.77 58.57 -4.71
C ASN E 46 4.54 58.90 -3.45
N MET E 47 5.55 58.09 -3.15
CA MET E 47 6.43 58.32 -2.02
C MET E 47 5.65 58.57 -0.73
N GLU E 48 4.92 57.55 -0.29
CA GLU E 48 4.06 57.63 0.88
C GLU E 48 3.66 56.24 1.30
N TYR E 49 3.25 56.09 2.57
CA TYR E 49 2.76 54.81 3.05
C TYR E 49 1.71 55.00 4.13
N SER E 50 0.72 54.11 4.13
CA SER E 50 -0.35 54.18 5.10
C SER E 50 -0.01 53.37 6.34
N ALA E 51 0.15 54.06 7.45
CA ALA E 51 0.41 53.41 8.73
C ALA E 51 -0.64 53.78 9.76
N GLN E 52 -1.00 52.82 10.58
CA GLN E 52 -2.01 53.01 11.63
C GLN E 52 -1.38 52.70 12.97
N LEU E 53 -1.53 53.62 13.93
CA LEU E 53 -0.82 53.47 15.20
C LEU E 53 -1.63 53.92 16.41
N THR E 54 -1.07 53.68 17.58
CA THR E 54 -1.64 54.14 18.83
C THR E 54 -0.59 54.89 19.63
N LEU E 55 -0.83 56.18 19.86
CA LEU E 55 0.14 57.03 20.55
C LEU E 55 -0.24 57.21 22.02
N ARG E 56 0.77 57.12 22.89
CA ARG E 56 0.56 57.34 24.32
C ARG E 56 1.52 58.41 24.83
N GLU E 57 0.95 59.54 25.29
CA GLU E 57 1.76 60.61 25.84
C GLU E 57 1.55 60.69 27.35
N SER E 58 2.57 61.17 28.07
CA SER E 58 2.49 61.25 29.53
C SER E 58 3.25 62.44 30.08
N TRP E 59 2.56 63.26 30.87
CA TRP E 59 3.18 64.41 31.50
C TRP E 59 2.59 64.67 32.88
N ILE E 60 3.16 65.62 33.60
CA ILE E 60 2.69 65.95 34.95
C ILE E 60 2.11 67.36 35.03
N ASP E 61 0.83 67.44 35.34
CA ASP E 61 0.14 68.70 35.54
C ASP E 61 -0.31 68.79 36.99
N LYS E 62 0.47 69.48 37.82
CA LYS E 62 0.22 69.55 39.26
C LYS E 62 -1.15 70.14 39.60
N ARG E 63 -1.71 70.91 38.67
CA ARG E 63 -3.02 71.51 38.86
C ARG E 63 -4.11 70.44 39.00
N LEU E 64 -3.95 69.33 38.28
CA LEU E 64 -4.97 68.28 38.26
C LEU E 64 -4.80 67.27 39.40
N SER E 65 -3.81 67.48 40.25
CA SER E 65 -3.55 66.56 41.36
C SER E 65 -4.67 66.64 42.40
N TYR E 66 -5.40 65.52 42.56
CA TYR E 66 -6.53 65.48 43.48
C TYR E 66 -6.19 64.70 44.75
N GLY E 67 -5.59 63.52 44.59
CA GLY E 67 -5.30 62.64 45.71
C GLY E 67 -3.90 62.83 46.28
N VAL E 68 -3.03 63.42 45.47
CA VAL E 68 -1.63 63.61 45.82
C VAL E 68 -1.02 62.28 46.26
N LYS E 69 -0.87 62.08 47.57
CA LYS E 69 -0.41 60.81 48.11
C LYS E 69 -1.47 59.76 47.88
N GLY E 70 -2.73 60.18 47.99
CA GLY E 70 -3.86 59.29 47.77
C GLY E 70 -3.91 58.18 48.80
N ASP E 71 -3.76 56.95 48.31
CA ASP E 71 -3.74 55.76 49.15
C ASP E 71 -5.02 55.62 49.97
N GLY E 72 -6.04 56.37 49.57
CA GLY E 72 -7.36 56.30 50.18
C GLY E 72 -8.36 56.72 49.11
N GLN E 73 -7.84 56.95 47.92
CA GLN E 73 -8.64 57.35 46.77
C GLN E 73 -8.18 56.57 45.56
N PRO E 74 -9.04 56.45 44.53
CA PRO E 74 -8.64 55.75 43.31
C PRO E 74 -7.34 56.27 42.72
N ASP E 75 -6.53 55.36 42.19
CA ASP E 75 -5.21 55.70 41.66
C ASP E 75 -5.30 56.72 40.54
N PHE E 76 -6.20 56.48 39.58
CA PHE E 76 -6.46 57.43 38.51
C PHE E 76 -7.95 57.60 38.27
N VAL E 77 -8.32 58.70 37.64
CA VAL E 77 -9.72 58.95 37.30
C VAL E 77 -9.86 59.25 35.81
N ILE E 78 -10.62 58.40 35.11
CA ILE E 78 -10.87 58.60 33.68
C ILE E 78 -11.59 59.91 33.44
N LEU E 79 -11.06 60.73 32.53
CA LEU E 79 -11.69 62.00 32.22
C LEU E 79 -12.91 61.80 31.34
N THR E 80 -14.05 62.32 31.80
CA THR E 80 -15.29 62.25 31.05
C THR E 80 -15.37 63.39 30.04
N VAL E 81 -16.24 63.24 29.04
CA VAL E 81 -16.43 64.28 28.04
C VAL E 81 -16.99 65.55 28.66
N GLY E 82 -16.41 66.69 28.30
CA GLY E 82 -16.91 67.97 28.78
C GLY E 82 -15.91 68.75 29.61
N HIS E 83 -14.75 68.15 29.86
CA HIS E 83 -13.70 68.81 30.62
C HIS E 83 -12.45 68.97 29.78
N GLN E 84 -11.97 70.20 29.69
CA GLN E 84 -10.79 70.50 28.88
C GLN E 84 -9.50 70.40 29.70
N ILE E 85 -8.57 69.58 29.21
CA ILE E 85 -7.26 69.44 29.83
C ILE E 85 -6.17 69.87 28.85
N TRP E 86 -5.25 70.70 29.31
CA TRP E 86 -4.13 71.09 28.48
C TRP E 86 -3.38 69.87 28.02
N MET E 87 -3.03 69.84 26.73
CA MET E 87 -2.26 68.77 26.17
C MET E 87 -1.22 69.34 25.22
N PRO E 88 -0.09 68.63 25.07
CA PRO E 88 0.93 69.01 24.10
C PRO E 88 0.37 69.06 22.69
N ASP E 89 0.51 70.20 22.03
CA ASP E 89 0.01 70.32 20.67
C ASP E 89 0.89 69.48 19.75
N THR E 90 0.74 68.16 19.85
CA THR E 90 1.49 67.24 19.03
C THR E 90 1.01 67.22 17.58
N PHE E 91 1.94 67.18 16.64
CA PHE E 91 1.62 67.05 15.22
C PHE E 91 2.67 66.18 14.55
N PHE E 92 2.34 65.62 13.40
CA PHE E 92 3.30 64.87 12.60
C PHE E 92 3.81 65.69 11.43
N PRO E 93 5.10 66.04 11.46
CA PRO E 93 5.71 66.88 10.41
C PRO E 93 5.66 66.27 9.02
N ASN E 94 5.82 64.95 8.93
CA ASN E 94 5.91 64.28 7.62
C ASN E 94 4.57 63.74 7.15
N GLU E 95 3.52 64.01 7.91
CA GLU E 95 2.18 63.54 7.59
C GLU E 95 1.65 64.20 6.32
N LYS E 96 0.98 63.41 5.48
CA LYS E 96 0.51 63.85 4.18
C LYS E 96 -0.85 63.23 3.85
N GLN E 97 -1.60 63.92 2.98
CA GLN E 97 -2.83 63.38 2.41
C GLN E 97 -3.69 62.84 3.54
N ALA E 98 -3.89 63.66 4.56
CA ALA E 98 -4.51 63.15 5.77
C ALA E 98 -5.78 63.88 6.15
N TYR E 99 -6.85 63.09 6.30
CA TYR E 99 -8.12 63.54 6.82
C TYR E 99 -8.35 62.82 8.15
N LYS E 100 -8.78 63.58 9.15
CA LYS E 100 -8.91 63.05 10.50
C LYS E 100 -10.36 62.81 10.94
N HIS E 101 -10.62 61.57 11.36
CA HIS E 101 -11.90 61.16 11.89
C HIS E 101 -12.25 61.94 13.16
N THR E 102 -13.53 61.92 13.52
CA THR E 102 -14.07 62.74 14.61
C THR E 102 -13.84 64.23 14.35
N PRO E 106 -15.43 58.78 19.77
CA PRO E 106 -14.04 59.02 19.40
C PRO E 106 -13.08 58.06 20.09
N ASN E 107 -12.03 57.65 19.39
CA ASN E 107 -11.05 56.72 19.95
C ASN E 107 -9.99 57.47 20.75
N VAL E 108 -10.39 58.01 21.91
CA VAL E 108 -9.47 58.73 22.79
C VAL E 108 -9.64 58.28 24.24
N LEU E 109 -8.55 58.36 25.00
CA LEU E 109 -8.57 57.98 26.41
C LEU E 109 -7.68 58.89 27.23
N ILE E 110 -8.26 59.53 28.25
CA ILE E 110 -7.47 60.41 29.10
C ILE E 110 -7.57 60.05 30.57
N ARG E 111 -6.42 59.71 31.16
CA ARG E 111 -6.36 59.35 32.58
C ARG E 111 -5.62 60.40 33.39
N ILE E 112 -6.19 60.75 34.55
CA ILE E 112 -5.55 61.66 35.48
C ILE E 112 -5.16 60.95 36.76
N HIS E 113 -3.89 60.58 36.88
CA HIS E 113 -3.40 59.96 38.10
C HIS E 113 -3.43 60.96 39.26
N ASN E 114 -3.43 60.45 40.49
CA ASN E 114 -3.57 61.28 41.68
C ASN E 114 -2.45 62.32 41.87
N ASP E 115 -1.24 61.96 41.45
CA ASP E 115 -0.10 62.86 41.61
C ASP E 115 -0.11 64.00 40.59
N GLY E 116 -0.96 63.88 39.58
CA GLY E 116 -1.07 64.89 38.54
C GLY E 116 -0.55 64.39 37.20
N THR E 117 -0.15 63.13 37.16
CA THR E 117 0.33 62.52 35.93
C THR E 117 -0.84 62.23 35.00
N VAL E 118 -0.73 62.68 33.76
CA VAL E 118 -1.79 62.47 32.77
C VAL E 118 -1.34 61.46 31.72
N LEU E 119 -2.22 60.51 31.39
CA LEU E 119 -1.98 59.60 30.28
C LEU E 119 -2.96 59.87 29.14
N TYR E 120 -2.43 60.05 27.94
CA TYR E 120 -3.23 60.33 26.76
C TYR E 120 -3.04 59.20 25.75
N SER E 121 -4.13 58.61 25.29
CA SER E 121 -4.07 57.55 24.29
C SER E 121 -4.98 57.91 23.12
N VAL E 122 -4.47 57.72 21.90
CA VAL E 122 -5.21 58.12 20.71
C VAL E 122 -4.92 57.19 19.54
N ARG E 123 -5.93 56.96 18.71
CA ARG E 123 -5.75 56.14 17.52
C ARG E 123 -5.79 57.02 16.28
N ILE E 124 -4.78 56.88 15.43
CA ILE E 124 -4.71 57.70 14.24
C ILE E 124 -4.27 56.88 13.03
N SER E 125 -4.87 57.18 11.87
CA SER E 125 -4.41 56.65 10.60
C SER E 125 -3.67 57.75 9.86
N LEU E 126 -2.43 57.48 9.48
CA LEU E 126 -1.58 58.49 8.88
C LEU E 126 -1.00 58.04 7.55
N VAL E 127 -0.87 58.99 6.62
CA VAL E 127 -0.11 58.76 5.42
C VAL E 127 1.16 59.63 5.49
N LEU E 128 2.31 58.99 5.41
CA LEU E 128 3.58 59.68 5.63
C LEU E 128 4.49 59.61 4.41
N SER E 129 5.07 60.74 4.03
CA SER E 129 5.99 60.78 2.91
C SER E 129 7.26 60.01 3.25
N CYS E 130 7.68 59.14 2.33
CA CYS E 130 8.89 58.35 2.54
C CYS E 130 9.76 58.34 1.29
N PRO E 131 10.77 59.22 1.25
CA PRO E 131 11.72 59.25 0.14
C PRO E 131 12.42 57.92 -0.02
N MET E 132 12.28 57.31 -1.18
CA MET E 132 12.88 56.00 -1.42
C MET E 132 13.93 56.08 -2.51
N TYR E 133 14.92 55.20 -2.41
CA TYR E 133 16.05 55.21 -3.32
C TYR E 133 16.18 53.82 -3.94
N LEU E 134 16.05 53.76 -5.26
CA LEU E 134 15.96 52.49 -5.98
C LEU E 134 17.14 52.18 -6.92
N GLN E 135 18.31 52.55 -6.43
CA GLN E 135 19.58 52.28 -7.13
C GLN E 135 19.78 50.77 -7.24
N TYR E 136 19.48 50.11 -6.13
CA TYR E 136 19.55 48.65 -6.04
C TYR E 136 18.16 48.09 -6.26
N TYR E 137 17.86 47.62 -7.46
CA TYR E 137 16.56 47.01 -7.68
C TYR E 137 16.76 45.59 -8.16
N PRO E 138 16.01 44.64 -7.60
CA PRO E 138 15.01 44.86 -6.55
C PRO E 138 15.60 44.62 -5.16
N MET E 139 16.89 44.38 -5.12
CA MET E 139 17.56 44.07 -3.87
C MET E 139 17.99 45.33 -3.10
N ASP E 140 17.02 46.16 -2.72
CA ASP E 140 17.32 47.37 -1.96
C ASP E 140 16.84 47.30 -0.52
N VAL E 141 16.87 48.46 0.14
CA VAL E 141 16.34 48.59 1.49
C VAL E 141 15.94 50.04 1.76
N GLN E 142 14.73 50.22 2.28
CA GLN E 142 14.21 51.56 2.52
C GLN E 142 14.01 51.80 4.01
N GLN E 143 14.09 53.06 4.41
CA GLN E 143 13.85 53.43 5.80
C GLN E 143 12.79 54.53 5.90
N CYS E 144 11.59 54.15 6.33
CA CYS E 144 10.51 55.12 6.51
C CYS E 144 10.42 55.53 7.96
N SER E 145 9.95 56.74 8.18
CA SER E 145 9.95 57.31 9.52
C SER E 145 8.61 57.93 9.90
N ILE E 146 8.37 58.08 11.19
CA ILE E 146 7.25 58.87 11.67
C ILE E 146 7.75 59.94 12.62
N ASP E 147 7.76 61.19 12.16
CA ASP E 147 8.26 62.29 12.98
C ASP E 147 7.15 62.81 13.88
N LEU E 148 7.53 63.33 15.04
CA LEU E 148 6.59 63.76 16.05
C LEU E 148 7.12 64.95 16.83
N ALA E 149 6.35 66.03 16.90
CA ALA E 149 6.80 67.25 17.59
C ALA E 149 5.64 68.14 17.95
N SER E 150 5.93 69.21 18.71
CA SER E 150 4.93 70.23 18.99
C SER E 150 5.01 71.35 17.96
N TYR E 151 3.89 72.02 17.73
CA TYR E 151 3.85 73.04 16.69
C TYR E 151 4.10 74.44 17.23
N ALA E 152 3.36 74.80 18.28
CA ALA E 152 3.37 76.16 18.79
C ALA E 152 4.43 76.34 19.88
N TYR E 153 4.53 75.37 20.77
CA TYR E 153 5.45 75.47 21.90
C TYR E 153 6.88 75.12 21.49
N THR E 154 7.83 75.94 21.90
CA THR E 154 9.23 75.72 21.58
C THR E 154 9.91 74.82 22.60
N THR E 155 11.23 74.86 22.62
CA THR E 155 12.03 74.06 23.51
C THR E 155 12.02 74.57 24.95
N LYS E 156 11.53 75.78 25.17
CA LYS E 156 11.51 76.33 26.52
C LYS E 156 10.26 75.92 27.28
N ASP E 157 9.23 75.50 26.54
CA ASP E 157 7.94 75.18 27.15
C ASP E 157 7.70 73.67 27.15
N ILE E 158 8.19 72.99 26.14
CA ILE E 158 7.92 71.56 25.98
C ILE E 158 9.08 70.81 25.32
N GLU E 159 9.35 69.61 25.82
CA GLU E 159 10.37 68.74 25.25
C GLU E 159 9.98 67.27 25.36
N TYR E 160 10.02 66.59 24.22
CA TYR E 160 9.60 65.20 24.16
C TYR E 160 10.76 64.27 24.46
N LEU E 161 10.44 63.14 25.07
CA LEU E 161 11.42 62.09 25.33
C LEU E 161 10.77 60.73 25.11
N TRP E 162 11.43 59.86 24.37
CA TRP E 162 10.94 58.50 24.20
C TRP E 162 10.82 57.83 25.57
N LYS E 163 9.75 57.07 25.76
CA LYS E 163 9.58 56.31 27.01
C LYS E 163 10.81 55.44 27.25
N GLU E 164 11.13 55.21 28.51
CA GLU E 164 12.37 54.53 28.86
C GLU E 164 12.42 53.09 28.36
N HIS E 165 11.28 52.41 28.38
CA HIS E 165 11.24 51.00 27.98
C HIS E 165 10.24 50.73 26.86
N SER E 166 10.70 50.00 25.86
CA SER E 166 9.91 49.64 24.68
C SER E 166 9.15 50.84 24.11
N PRO E 167 9.88 51.86 23.66
CA PRO E 167 9.22 53.09 23.19
C PRO E 167 8.32 52.78 22.01
N LEU E 168 8.82 51.90 21.15
CA LEU E 168 8.08 51.46 19.98
C LEU E 168 7.63 50.02 20.13
N GLN E 169 6.33 49.79 19.97
CA GLN E 169 5.79 48.45 20.05
C GLN E 169 5.04 48.14 18.76
N LEU E 170 5.07 46.89 18.33
CA LEU E 170 4.47 46.52 17.05
C LEU E 170 3.44 45.41 17.24
N LYS E 171 2.40 45.43 16.41
CA LYS E 171 1.34 44.43 16.52
C LYS E 171 1.91 43.06 16.22
N VAL E 172 1.14 42.04 16.58
CA VAL E 172 1.63 40.68 16.64
C VAL E 172 2.37 40.23 15.39
N GLY E 173 1.73 40.41 14.24
CA GLY E 173 2.29 39.92 12.99
C GLY E 173 2.63 40.99 11.99
N LEU E 174 3.15 42.11 12.47
CA LEU E 174 3.45 43.24 11.58
C LEU E 174 4.46 42.85 10.49
N SER E 175 5.51 42.12 10.86
CA SER E 175 6.53 41.75 9.88
C SER E 175 5.94 40.93 8.74
N SER E 176 4.94 40.11 9.05
CA SER E 176 4.26 39.31 8.05
C SER E 176 3.20 40.12 7.29
N SER E 177 2.59 41.09 7.97
CA SER E 177 1.43 41.83 7.46
C SER E 177 1.74 42.60 6.17
N LEU E 178 2.96 43.09 6.05
CA LEU E 178 3.33 43.91 4.89
C LEU E 178 3.25 43.12 3.59
N PRO E 179 2.69 43.77 2.56
CA PRO E 179 2.46 43.16 1.23
C PRO E 179 3.71 42.95 0.39
N SER E 180 4.59 43.95 0.31
CA SER E 180 5.67 43.91 -0.66
C SER E 180 7.07 44.01 -0.05
N PHE E 181 7.14 44.29 1.24
CA PHE E 181 8.43 44.45 1.89
C PHE E 181 8.49 43.61 3.15
N GLN E 182 9.70 43.39 3.65
CA GLN E 182 9.87 42.65 4.89
C GLN E 182 10.56 43.53 5.91
N LEU E 183 9.95 43.68 7.08
CA LEU E 183 10.48 44.59 8.08
C LEU E 183 11.61 43.95 8.88
N THR E 184 12.81 44.52 8.75
CA THR E 184 13.98 43.96 9.40
C THR E 184 14.24 44.60 10.76
N ASN E 185 14.09 45.93 10.83
CA ASN E 185 14.53 46.65 12.00
C ASN E 185 13.60 47.79 12.39
N THR E 186 13.61 48.12 13.68
CA THR E 186 12.91 49.31 14.18
C THR E 186 13.88 50.15 15.00
N SER E 187 13.59 51.43 15.14
CA SER E 187 14.53 52.33 15.76
C SER E 187 13.86 53.60 16.31
N THR E 188 14.09 53.87 17.59
CA THR E 188 13.60 55.10 18.20
C THR E 188 14.74 56.08 18.41
N THR E 189 14.71 57.18 17.69
CA THR E 189 15.73 58.21 17.82
C THR E 189 15.11 59.58 18.01
N TYR E 190 15.96 60.59 18.10
CA TYR E 190 15.51 61.97 18.22
C TYR E 190 15.80 62.71 16.92
N CYS E 191 14.95 63.67 16.57
CA CYS E 191 15.14 64.45 15.36
C CYS E 191 14.91 65.93 15.63
N THR E 192 15.05 66.32 16.89
CA THR E 192 14.96 67.70 17.34
C THR E 192 15.86 68.59 16.49
N SER E 193 15.29 69.60 15.85
CA SER E 193 16.07 70.45 14.97
C SER E 193 15.88 71.95 15.20
N VAL E 194 16.66 72.74 14.47
CA VAL E 194 16.63 74.18 14.61
C VAL E 194 16.12 74.85 13.34
N THR E 195 14.97 75.48 13.44
CA THR E 195 14.33 76.16 12.31
C THR E 195 14.32 77.66 12.50
N ASN E 196 13.86 78.37 11.46
CA ASN E 196 13.79 79.82 11.48
C ASN E 196 12.91 80.39 12.59
N THR E 197 11.91 79.62 13.01
CA THR E 197 11.01 80.06 14.07
C THR E 197 11.54 79.73 15.47
N GLY E 198 12.39 78.71 15.56
CA GLY E 198 13.01 78.34 16.83
C GLY E 198 13.47 76.90 16.92
N ILE E 199 13.73 76.44 18.15
CA ILE E 199 14.21 75.09 18.39
C ILE E 199 13.09 74.22 18.97
N TYR E 200 12.62 73.26 18.17
CA TYR E 200 11.51 72.42 18.61
C TYR E 200 11.96 70.98 18.85
N SER E 201 11.56 70.44 19.98
CA SER E 201 11.89 69.06 20.32
C SER E 201 11.12 68.15 19.37
N CYS E 202 11.72 67.02 18.99
CA CYS E 202 11.07 66.12 18.03
C CYS E 202 11.51 64.67 18.17
N LEU E 203 10.54 63.75 18.09
CA LEU E 203 10.84 62.32 18.16
C LEU E 203 10.62 61.67 16.80
N ARG E 204 11.51 60.75 16.44
CA ARG E 204 11.37 60.01 15.21
C ARG E 204 11.48 58.51 15.40
N THR E 205 10.43 57.81 15.06
CA THR E 205 10.47 56.36 15.03
C THR E 205 10.68 55.91 13.59
N THR E 206 11.43 54.84 13.39
CA THR E 206 11.85 54.46 12.05
C THR E 206 11.77 52.96 11.79
N ILE E 207 11.26 52.59 10.61
CA ILE E 207 11.23 51.18 10.23
C ILE E 207 12.06 50.94 8.98
N GLN E 208 12.66 49.76 8.93
CA GLN E 208 13.57 49.41 7.85
C GLN E 208 13.02 48.24 7.03
N LEU E 209 12.71 48.52 5.77
CA LEU E 209 12.10 47.53 4.90
C LEU E 209 13.05 47.08 3.82
N LYS E 210 13.29 45.78 3.74
CA LYS E 210 14.02 45.20 2.61
C LYS E 210 13.18 44.06 2.01
N ARG E 211 13.40 43.80 0.73
CA ARG E 211 12.59 42.84 0.00
C ARG E 211 13.19 41.44 -0.01
N GLU E 212 12.35 40.44 -0.22
CA GLU E 212 12.80 39.06 -0.31
C GLU E 212 13.53 38.81 -1.62
N PHE E 213 14.84 38.55 -1.53
CA PHE E 213 15.63 38.30 -2.72
C PHE E 213 15.15 37.04 -3.43
N SER E 214 14.67 36.08 -2.65
CA SER E 214 14.21 34.80 -3.16
C SER E 214 13.20 34.91 -4.31
N PHE E 215 12.16 35.71 -4.11
CA PHE E 215 11.11 35.88 -5.09
C PHE E 215 11.63 36.40 -6.42
N TYR E 216 12.29 37.55 -6.34
CA TYR E 216 12.83 38.26 -7.49
C TYR E 216 13.92 37.49 -8.22
N LEU E 217 14.53 36.55 -7.52
CA LEU E 217 15.53 35.68 -8.11
C LEU E 217 14.85 34.70 -9.06
N LEU E 218 13.78 34.08 -8.57
CA LEU E 218 13.05 33.08 -9.31
C LEU E 218 12.24 33.68 -10.45
N GLN E 219 11.72 34.88 -10.22
CA GLN E 219 10.81 35.50 -11.18
C GLN E 219 11.55 36.21 -12.32
N LEU E 220 12.68 36.83 -12.00
CA LEU E 220 13.36 37.69 -12.96
C LEU E 220 14.70 37.14 -13.42
N TYR E 221 15.57 36.81 -12.47
CA TYR E 221 16.95 36.47 -12.79
C TYR E 221 17.13 35.11 -13.44
N ILE E 222 16.70 34.06 -12.75
CA ILE E 222 16.81 32.70 -13.26
C ILE E 222 16.26 32.49 -14.69
N PRO E 223 15.08 33.08 -15.03
CA PRO E 223 14.61 32.86 -16.40
C PRO E 223 15.59 33.32 -17.48
N SER E 224 16.17 34.51 -17.31
CA SER E 224 17.08 35.06 -18.31
C SER E 224 18.41 34.31 -18.35
N CYS E 225 18.82 33.78 -17.20
CA CYS E 225 20.03 32.97 -17.14
C CYS E 225 19.91 31.79 -18.07
N MET E 226 18.71 31.21 -18.13
CA MET E 226 18.43 30.09 -19.02
C MET E 226 18.50 30.56 -20.48
N LEU E 227 18.05 31.78 -20.74
CA LEU E 227 18.02 32.32 -22.10
C LEU E 227 19.42 32.62 -22.62
N VAL E 228 20.29 33.14 -21.76
CA VAL E 228 21.67 33.41 -22.16
C VAL E 228 22.41 32.11 -22.43
N ILE E 229 22.15 31.09 -21.61
CA ILE E 229 22.74 29.77 -21.80
C ILE E 229 22.31 29.17 -23.15
N VAL E 230 21.03 29.33 -23.49
CA VAL E 230 20.49 28.84 -24.77
C VAL E 230 21.19 29.49 -25.96
N SER E 231 21.47 30.78 -25.85
CA SER E 231 22.13 31.52 -26.92
C SER E 231 23.54 30.99 -27.22
N TRP E 232 24.09 30.23 -26.27
CA TRP E 232 25.44 29.70 -26.39
C TRP E 232 25.51 28.41 -27.20
N VAL E 233 24.44 27.62 -27.18
CA VAL E 233 24.47 26.28 -27.79
C VAL E 233 24.46 26.34 -29.32
N SER E 234 24.34 27.54 -29.87
CA SER E 234 24.46 27.71 -31.31
C SER E 234 25.93 27.71 -31.72
N PHE E 235 26.81 27.88 -30.75
CA PHE E 235 28.25 27.83 -31.00
C PHE E 235 28.71 26.40 -31.19
N TRP E 236 28.01 25.47 -30.54
CA TRP E 236 28.38 24.05 -30.60
C TRP E 236 27.80 23.37 -31.83
N PHE E 237 27.03 24.12 -32.62
CA PHE E 237 26.57 23.62 -33.92
C PHE E 237 27.53 24.06 -35.01
N ASP E 238 27.69 23.22 -36.04
CA ASP E 238 28.61 23.54 -37.12
C ASP E 238 28.09 24.71 -37.96
N ARG E 239 28.96 25.23 -38.82
CA ARG E 239 28.63 26.39 -39.65
C ARG E 239 27.61 26.05 -40.73
N THR E 240 27.60 24.79 -41.17
CA THR E 240 26.78 24.37 -42.31
C THR E 240 25.27 24.39 -42.01
N ALA E 241 24.92 24.11 -40.76
CA ALA E 241 23.52 24.10 -40.35
C ALA E 241 22.99 25.53 -40.17
N ILE E 242 22.72 26.20 -41.29
CA ILE E 242 22.18 27.56 -41.27
C ILE E 242 20.79 27.64 -40.61
N PRO E 243 19.84 26.74 -40.98
CA PRO E 243 18.53 26.86 -40.33
C PRO E 243 18.59 26.69 -38.81
N ALA E 244 19.56 25.91 -38.32
CA ALA E 244 19.70 25.67 -36.90
C ALA E 244 20.08 26.94 -36.13
N ARG E 245 21.20 27.55 -36.51
CA ARG E 245 21.77 28.66 -35.76
C ARG E 245 21.03 29.99 -35.99
N VAL E 246 20.41 30.13 -37.16
CA VAL E 246 19.60 31.30 -37.41
C VAL E 246 18.39 31.31 -36.48
N THR E 247 17.65 30.21 -36.48
CA THR E 247 16.44 30.07 -35.66
C THR E 247 16.77 30.20 -34.17
N LEU E 248 17.83 29.54 -33.72
CA LEU E 248 18.28 29.66 -32.33
C LEU E 248 18.57 31.11 -31.94
N GLY E 249 19.31 31.80 -32.79
CA GLY E 249 19.70 33.17 -32.52
C GLY E 249 18.57 34.17 -32.51
N VAL E 250 17.68 34.08 -33.50
CA VAL E 250 16.60 35.05 -33.63
C VAL E 250 15.46 34.79 -32.63
N THR E 251 15.23 33.53 -32.28
CA THR E 251 14.17 33.20 -31.34
C THR E 251 14.57 33.63 -29.94
N THR E 252 15.82 33.35 -29.57
CA THR E 252 16.35 33.72 -28.27
C THR E 252 16.25 35.22 -28.03
N LEU E 253 16.48 35.99 -29.08
CA LEU E 253 16.38 37.44 -29.00
C LEU E 253 14.92 37.89 -28.87
N LEU E 254 14.03 37.26 -29.63
CA LEU E 254 12.60 37.55 -29.56
C LEU E 254 12.06 37.19 -28.18
N THR E 255 12.50 36.05 -27.66
CA THR E 255 12.09 35.60 -26.33
C THR E 255 12.56 36.58 -25.25
N MET E 256 13.79 37.06 -25.38
CA MET E 256 14.32 37.99 -24.39
C MET E 256 13.57 39.31 -24.39
N THR E 257 13.17 39.78 -25.56
CA THR E 257 12.40 41.01 -25.69
C THR E 257 11.04 40.86 -25.01
N ALA E 258 10.47 39.66 -25.12
CA ALA E 258 9.21 39.35 -24.46
C ALA E 258 9.42 39.25 -22.95
N GLN E 259 10.47 38.53 -22.57
CA GLN E 259 10.86 38.38 -21.18
C GLN E 259 11.06 39.75 -20.53
N SER E 260 11.77 40.63 -21.23
CA SER E 260 11.99 41.99 -20.77
C SER E 260 10.70 42.79 -20.73
N ALA E 261 9.78 42.47 -21.64
CA ALA E 261 8.50 43.16 -21.70
C ALA E 261 7.65 42.82 -20.48
N GLY E 262 7.60 41.55 -20.12
CA GLY E 262 6.84 41.09 -18.98
C GLY E 262 7.37 41.65 -17.67
N ILE E 263 8.70 41.74 -17.59
CA ILE E 263 9.34 42.31 -16.41
C ILE E 263 9.10 43.81 -16.33
N ASN E 264 9.35 44.50 -17.43
CA ASN E 264 9.26 45.95 -17.50
C ASN E 264 7.88 46.49 -17.14
N SER E 265 6.84 45.70 -17.42
CA SER E 265 5.47 46.13 -17.17
C SER E 265 4.97 45.69 -15.80
N GLN E 266 5.85 45.69 -14.82
CA GLN E 266 5.45 45.41 -13.45
C GLN E 266 6.36 46.13 -12.49
N LEU E 267 7.51 46.56 -13.01
CA LEU E 267 8.39 47.44 -12.25
C LEU E 267 7.66 48.74 -12.00
N PRO E 268 7.76 49.27 -10.77
CA PRO E 268 7.11 50.54 -10.42
C PRO E 268 7.68 51.63 -11.31
N PRO E 269 6.82 52.53 -11.80
CA PRO E 269 7.35 53.57 -12.71
C PRO E 269 8.40 54.44 -12.04
N VAL E 270 9.61 54.45 -12.59
CA VAL E 270 10.66 55.36 -12.17
C VAL E 270 11.45 55.80 -13.38
N SER E 271 12.12 56.93 -13.28
CA SER E 271 12.86 57.44 -14.41
C SER E 271 14.36 57.47 -14.18
N TYR E 272 14.86 56.60 -13.29
CA TYR E 272 16.30 56.40 -13.18
C TYR E 272 16.65 54.91 -13.24
N ILE E 273 17.86 54.61 -13.72
CA ILE E 273 18.25 53.23 -14.00
C ILE E 273 18.30 52.38 -12.75
N LYS E 274 17.39 51.40 -12.68
CA LYS E 274 17.37 50.45 -11.58
C LYS E 274 18.41 49.38 -11.87
N ALA E 275 18.77 48.59 -10.87
CA ALA E 275 19.75 47.52 -11.04
C ALA E 275 19.23 46.41 -11.95
N ILE E 276 17.96 46.06 -11.82
CA ILE E 276 17.40 45.01 -12.68
C ILE E 276 17.45 45.48 -14.13
N ASP E 277 17.27 46.77 -14.34
CA ASP E 277 17.24 47.35 -15.67
C ASP E 277 18.60 47.18 -16.36
N VAL E 278 19.66 47.28 -15.57
CA VAL E 278 21.01 47.01 -16.04
C VAL E 278 21.15 45.55 -16.47
N TRP E 279 20.69 44.66 -15.61
CA TRP E 279 20.84 43.23 -15.82
C TRP E 279 19.98 42.73 -16.99
N ILE E 280 18.92 43.47 -17.30
CA ILE E 280 18.09 43.15 -18.46
C ILE E 280 18.81 43.52 -19.75
N GLY E 281 19.31 44.75 -19.81
CA GLY E 281 20.04 45.23 -20.97
C GLY E 281 21.31 44.44 -21.24
N ALA E 282 21.86 43.85 -20.19
CA ALA E 282 23.05 43.02 -20.31
C ALA E 282 22.72 41.73 -21.07
N CYS E 283 21.71 41.00 -20.58
CA CYS E 283 21.26 39.77 -21.23
C CYS E 283 20.82 40.05 -22.65
N MET E 284 20.22 41.22 -22.86
CA MET E 284 19.80 41.67 -24.18
C MET E 284 21.00 41.84 -25.10
N THR E 285 22.14 42.18 -24.50
CA THR E 285 23.37 42.38 -25.26
C THR E 285 24.05 41.05 -25.56
N PHE E 286 24.07 40.15 -24.57
CA PHE E 286 24.75 38.85 -24.74
C PHE E 286 24.07 37.96 -25.77
N ILE E 287 22.79 38.21 -26.04
CA ILE E 287 22.06 37.47 -27.06
C ILE E 287 22.20 38.18 -28.41
N PHE E 288 22.29 39.50 -28.36
CA PHE E 288 22.55 40.29 -29.55
C PHE E 288 23.92 39.97 -30.13
N CYS E 289 24.88 39.72 -29.25
CA CYS E 289 26.23 39.38 -29.65
C CYS E 289 26.31 37.92 -30.10
N ALA E 290 25.49 37.08 -29.50
CA ALA E 290 25.42 35.66 -29.86
C ALA E 290 24.86 35.50 -31.27
N LEU E 291 23.77 36.21 -31.56
CA LEU E 291 23.19 36.20 -32.89
C LEU E 291 24.13 36.88 -33.88
N LEU E 292 24.98 37.76 -33.36
CA LEU E 292 25.96 38.47 -34.18
C LEU E 292 27.16 37.59 -34.49
N GLU E 293 27.52 36.73 -33.54
CA GLU E 293 28.68 35.86 -33.70
C GLU E 293 28.51 34.91 -34.89
N PHE E 294 27.30 34.38 -35.04
CA PHE E 294 27.01 33.46 -36.14
C PHE E 294 27.12 34.17 -37.49
N ALA E 295 26.75 35.44 -37.51
CA ALA E 295 26.81 36.25 -38.74
C ALA E 295 28.24 36.40 -39.24
N LEU E 296 29.17 36.52 -38.30
CA LEU E 296 30.59 36.62 -38.63
C LEU E 296 31.12 35.30 -39.16
N VAL E 297 30.70 34.22 -38.50
CA VAL E 297 31.12 32.87 -38.87
C VAL E 297 30.63 32.52 -40.28
N ASN E 298 29.38 32.84 -40.55
CA ASN E 298 28.79 32.54 -41.85
C ASN E 298 29.42 33.36 -42.97
N HIS E 299 29.88 34.55 -42.63
CA HIS E 299 30.47 35.47 -43.59
C HIS E 299 31.82 34.99 -44.11
N ILE E 300 32.66 34.50 -43.20
CA ILE E 300 34.02 34.08 -43.55
C ILE E 300 34.07 32.63 -44.02
N ALA E 301 33.02 31.87 -43.72
CA ALA E 301 32.96 30.45 -44.07
C ALA E 301 32.61 30.24 -45.53
N ASN E 302 32.01 31.27 -46.12
CA ASN E 302 31.58 31.19 -47.51
C ASN E 302 32.75 31.19 -48.48
N ALA E 303 33.87 31.74 -48.04
CA ALA E 303 35.11 31.73 -48.82
C ALA E 303 35.70 30.32 -48.95
N GLY E 304 36.02 29.93 -50.18
CA GLY E 304 36.52 28.61 -50.54
C GLY E 304 37.91 28.26 -50.07
N THR E 305 38.64 29.27 -49.61
CA THR E 305 40.00 29.05 -49.13
C THR E 305 40.02 28.29 -47.80
N THR E 306 41.03 27.44 -47.68
CA THR E 306 41.18 26.53 -46.55
C THR E 306 41.55 27.30 -45.28
N GLU E 307 42.20 28.45 -45.44
CA GLU E 307 42.60 29.21 -44.28
C GLU E 307 41.38 29.84 -43.62
N TRP E 308 40.51 30.46 -44.39
CA TRP E 308 39.33 31.10 -43.85
C TRP E 308 38.47 30.05 -43.13
N ASN E 309 38.44 28.82 -43.64
CA ASN E 309 37.66 27.79 -42.97
C ASN E 309 38.21 27.52 -41.55
N ASP E 310 39.53 27.55 -41.42
CA ASP E 310 40.19 27.32 -40.14
C ASP E 310 39.84 28.45 -39.17
N ILE E 311 39.71 29.69 -39.68
CA ILE E 311 39.34 30.83 -38.84
C ILE E 311 37.86 30.77 -38.46
N SER E 312 37.01 30.37 -39.41
CA SER E 312 35.59 30.21 -39.12
C SER E 312 35.36 29.20 -38.00
N LYS E 313 36.09 28.09 -38.04
CA LYS E 313 36.00 27.06 -37.01
C LYS E 313 36.58 27.57 -35.70
N ARG E 314 37.61 28.40 -35.80
CA ARG E 314 38.30 28.97 -34.64
C ARG E 314 37.39 29.91 -33.85
N VAL E 315 36.67 30.78 -34.56
CA VAL E 315 35.75 31.72 -33.94
C VAL E 315 34.70 31.01 -33.10
N ASP E 316 34.18 29.90 -33.62
CA ASP E 316 33.22 29.08 -32.90
C ASP E 316 33.80 28.52 -31.61
N LEU E 317 34.95 27.85 -31.73
CA LEU E 317 35.62 27.23 -30.60
C LEU E 317 35.94 28.23 -29.49
N ILE E 318 36.25 29.47 -29.87
CA ILE E 318 36.50 30.52 -28.90
C ILE E 318 35.22 30.88 -28.15
N SER E 319 34.19 31.23 -28.91
CA SER E 319 32.90 31.64 -28.36
C SER E 319 32.26 30.55 -27.49
N ARG E 320 32.58 29.30 -27.79
CA ARG E 320 32.09 28.18 -27.00
C ARG E 320 32.47 28.32 -25.53
N ALA E 321 33.55 29.05 -25.27
CA ALA E 321 34.02 29.24 -23.90
C ALA E 321 34.28 30.71 -23.58
N LEU E 322 34.24 31.57 -24.59
CA LEU E 322 34.45 32.99 -24.39
C LEU E 322 33.24 33.61 -23.71
N PHE E 323 32.07 33.46 -24.33
CA PHE E 323 30.82 33.98 -23.79
C PHE E 323 30.52 33.53 -22.35
N PRO E 324 30.66 32.23 -22.04
CA PRO E 324 30.42 31.84 -20.63
C PRO E 324 31.39 32.52 -19.66
N VAL E 325 32.60 32.81 -20.12
CA VAL E 325 33.57 33.52 -19.29
C VAL E 325 33.16 34.97 -19.11
N LEU E 326 32.91 35.66 -20.22
CA LEU E 326 32.57 37.08 -20.17
C LEU E 326 31.30 37.34 -19.36
N PHE E 327 30.32 36.45 -19.47
CA PHE E 327 29.10 36.56 -18.68
C PHE E 327 29.41 36.37 -17.21
N PHE E 328 30.27 35.40 -16.92
CA PHE E 328 30.68 35.12 -15.55
C PHE E 328 31.49 36.29 -14.98
N VAL E 329 32.22 36.99 -15.85
CA VAL E 329 32.92 38.20 -15.45
C VAL E 329 31.92 39.27 -15.07
N PHE E 330 30.98 39.54 -15.97
CA PHE E 330 29.90 40.49 -15.72
C PHE E 330 29.11 40.10 -14.48
N ASN E 331 28.82 38.81 -14.36
CA ASN E 331 28.13 38.25 -13.21
C ASN E 331 28.81 38.68 -11.90
N ILE E 332 30.12 38.52 -11.86
CA ILE E 332 30.91 38.94 -10.70
C ILE E 332 30.83 40.44 -10.47
N LEU E 333 31.05 41.20 -11.55
CA LEU E 333 30.99 42.66 -11.48
C LEU E 333 29.61 43.17 -11.03
N TYR E 334 28.56 42.56 -11.57
CA TYR E 334 27.19 42.98 -11.28
C TYR E 334 26.81 42.83 -9.80
N TRP E 335 26.92 41.61 -9.29
CA TRP E 335 26.52 41.32 -7.91
C TRP E 335 27.37 42.07 -6.90
N SER E 336 28.66 42.23 -7.19
CA SER E 336 29.57 42.95 -6.29
C SER E 336 29.19 44.44 -6.22
N ARG E 337 28.70 44.97 -7.33
CA ARG E 337 28.28 46.36 -7.39
C ARG E 337 26.96 46.57 -6.65
N PHE E 338 26.09 45.56 -6.69
CA PHE E 338 24.74 45.68 -6.16
C PHE E 338 24.48 44.75 -4.96
N GLY E 339 25.55 44.36 -4.29
CA GLY E 339 25.44 43.49 -3.12
C GLY E 339 25.53 44.26 -1.82
N HIS E 340 25.63 45.58 -1.93
CA HIS E 340 25.74 46.46 -0.77
C HIS E 340 24.49 46.39 0.11
N GLU F 1 -41.19 65.47 -45.19
CA GLU F 1 -41.86 66.58 -44.51
C GLU F 1 -42.57 66.12 -43.26
N VAL F 2 -43.01 67.08 -42.45
CA VAL F 2 -43.76 66.78 -41.24
C VAL F 2 -45.25 67.02 -41.46
N GLN F 3 -46.07 66.46 -40.57
CA GLN F 3 -47.52 66.66 -40.65
C GLN F 3 -48.17 66.59 -39.27
N LEU F 4 -49.21 67.39 -39.09
CA LEU F 4 -49.99 67.36 -37.87
C LEU F 4 -51.47 67.24 -38.19
N GLN F 5 -51.92 66.02 -38.49
CA GLN F 5 -53.33 65.80 -38.80
C GLN F 5 -54.16 65.66 -37.54
N GLN F 6 -55.11 66.57 -37.38
CA GLN F 6 -56.00 66.56 -36.22
C GLN F 6 -57.28 65.78 -36.53
N SER F 7 -58.19 65.75 -35.56
CA SER F 7 -59.45 65.03 -35.74
C SER F 7 -60.45 65.85 -36.54
N GLY F 8 -61.54 65.19 -36.95
CA GLY F 8 -62.59 65.84 -37.69
C GLY F 8 -63.47 66.65 -36.75
N PRO F 9 -64.19 67.64 -37.29
CA PRO F 9 -65.03 68.54 -36.49
C PRO F 9 -66.10 67.80 -35.69
N GLU F 10 -66.47 68.34 -34.53
CA GLU F 10 -67.41 67.69 -33.64
C GLU F 10 -68.57 68.61 -33.27
N LEU F 11 -69.75 68.02 -33.08
CA LEU F 11 -70.93 68.76 -32.67
C LEU F 11 -71.50 68.12 -31.42
N VAL F 12 -71.46 68.84 -30.29
CA VAL F 12 -71.94 68.28 -29.03
C VAL F 12 -72.73 69.31 -28.23
N ARG F 13 -73.48 68.82 -27.24
CA ARG F 13 -74.33 69.68 -26.43
C ARG F 13 -73.65 70.10 -25.14
N PRO F 14 -74.00 71.30 -24.63
CA PRO F 14 -73.45 71.84 -23.38
C PRO F 14 -73.53 70.89 -22.19
N GLY F 15 -72.47 70.83 -21.40
CA GLY F 15 -72.39 69.92 -20.27
C GLY F 15 -71.55 68.69 -20.57
N ALA F 16 -71.55 68.27 -21.83
CA ALA F 16 -70.80 67.10 -22.26
C ALA F 16 -69.31 67.40 -22.38
N SER F 17 -68.57 66.45 -22.95
CA SER F 17 -67.13 66.60 -23.12
C SER F 17 -66.60 65.65 -24.19
N MET F 18 -65.51 66.04 -24.84
CA MET F 18 -64.91 65.21 -25.87
C MET F 18 -63.41 65.47 -26.02
N LYS F 19 -62.74 64.65 -26.81
CA LYS F 19 -61.28 64.70 -26.93
C LYS F 19 -60.84 64.90 -28.38
N ILE F 20 -60.02 65.93 -28.61
CA ILE F 20 -59.49 66.20 -29.94
C ILE F 20 -58.10 65.59 -30.12
N SER F 21 -57.94 64.81 -31.18
CA SER F 21 -56.66 64.15 -31.45
C SER F 21 -55.77 65.01 -32.34
N CYS F 22 -54.48 64.69 -32.36
CA CYS F 22 -53.51 65.39 -33.20
C CYS F 22 -52.32 64.49 -33.48
N LYS F 23 -52.36 63.77 -34.59
CA LYS F 23 -51.30 62.82 -34.91
C LYS F 23 -50.11 63.52 -35.55
N ALA F 24 -48.91 63.13 -35.10
CA ALA F 24 -47.67 63.66 -35.65
C ALA F 24 -47.03 62.64 -36.59
N SER F 25 -46.27 63.15 -37.55
CA SER F 25 -45.61 62.30 -38.53
C SER F 25 -44.52 63.08 -39.26
N GLY F 26 -43.33 62.49 -39.36
CA GLY F 26 -42.22 63.12 -40.05
C GLY F 26 -41.04 63.44 -39.16
N TYR F 27 -41.24 63.41 -37.85
CA TYR F 27 -40.17 63.71 -36.91
C TYR F 27 -40.25 62.80 -35.69
N SER F 28 -39.17 62.74 -34.93
CA SER F 28 -39.16 61.98 -33.67
C SER F 28 -40.10 62.67 -32.68
N PHE F 29 -41.27 62.07 -32.47
CA PHE F 29 -42.36 62.70 -31.74
C PHE F 29 -42.00 63.13 -30.32
N THR F 30 -41.25 62.28 -29.63
CA THR F 30 -40.90 62.53 -28.23
C THR F 30 -39.94 63.70 -28.11
N GLY F 31 -39.55 64.26 -29.26
CA GLY F 31 -38.55 65.31 -29.27
C GLY F 31 -39.10 66.69 -28.99
N TYR F 32 -40.03 67.14 -29.82
CA TYR F 32 -40.51 68.51 -29.72
C TYR F 32 -41.80 68.61 -28.89
N THR F 33 -41.87 69.58 -27.99
CA THR F 33 -43.06 69.78 -27.16
C THR F 33 -44.24 70.27 -28.01
N MET F 34 -45.45 70.19 -27.48
CA MET F 34 -46.64 70.56 -28.24
C MET F 34 -47.50 71.63 -27.58
N ASN F 35 -48.02 72.56 -28.38
CA ASN F 35 -48.92 73.60 -27.90
C ASN F 35 -50.37 73.36 -28.34
N TRP F 36 -51.29 74.12 -27.76
CA TRP F 36 -52.70 74.07 -28.15
C TRP F 36 -53.30 75.48 -28.13
N VAL F 37 -53.91 75.88 -29.24
CA VAL F 37 -54.42 77.25 -29.39
C VAL F 37 -55.91 77.28 -29.73
N LYS F 38 -56.66 78.11 -29.00
CA LYS F 38 -58.09 78.28 -29.20
C LYS F 38 -58.40 79.52 -30.04
N GLN F 39 -59.06 79.33 -31.18
CA GLN F 39 -59.46 80.45 -32.02
C GLN F 39 -60.97 80.66 -31.96
N SER F 40 -61.40 81.48 -31.01
CA SER F 40 -62.83 81.75 -30.84
C SER F 40 -63.28 82.86 -31.79
N HIS F 41 -64.58 82.92 -32.02
CA HIS F 41 -65.15 83.93 -32.89
C HIS F 41 -65.08 85.31 -32.24
N GLY F 42 -65.54 85.38 -30.98
CA GLY F 42 -65.59 86.63 -30.25
C GLY F 42 -64.23 87.16 -29.82
N LYS F 43 -63.40 86.28 -29.27
CA LYS F 43 -62.09 86.67 -28.77
C LYS F 43 -60.97 86.36 -29.76
N ASN F 44 -59.81 86.98 -29.57
CA ASN F 44 -58.64 86.71 -30.39
C ASN F 44 -58.09 85.31 -30.15
N LEU F 45 -56.94 85.02 -30.73
CA LEU F 45 -56.27 83.74 -30.49
C LEU F 45 -55.89 83.61 -29.02
N GLU F 46 -56.42 82.59 -28.36
CA GLU F 46 -56.09 82.32 -26.96
C GLU F 46 -55.14 81.13 -26.85
N TRP F 47 -54.31 81.12 -25.82
CA TRP F 47 -53.38 80.02 -25.62
C TRP F 47 -53.82 79.12 -24.47
N ILE F 48 -53.99 77.83 -24.76
CA ILE F 48 -54.47 76.89 -23.77
C ILE F 48 -53.35 76.43 -22.83
N GLY F 49 -52.35 75.74 -23.39
CA GLY F 49 -51.26 75.23 -22.58
C GLY F 49 -50.28 74.46 -23.45
N LEU F 50 -49.32 73.79 -22.83
CA LEU F 50 -48.35 73.01 -23.58
C LEU F 50 -48.02 71.71 -22.86
N ILE F 51 -47.46 70.76 -23.61
CA ILE F 51 -47.19 69.45 -23.06
C ILE F 51 -45.90 68.88 -23.66
N ASN F 52 -45.12 68.21 -22.81
CA ASN F 52 -43.88 67.58 -23.25
C ASN F 52 -44.06 66.09 -23.47
N PRO F 53 -44.03 65.66 -24.74
CA PRO F 53 -44.24 64.27 -25.15
C PRO F 53 -43.33 63.32 -24.39
N TYR F 54 -42.15 63.79 -24.01
CA TYR F 54 -41.16 62.94 -23.40
C TYR F 54 -41.41 62.78 -21.91
N ASN F 55 -41.53 63.91 -21.22
CA ASN F 55 -41.82 63.94 -19.80
C ASN F 55 -43.21 63.47 -19.45
N GLY F 56 -44.18 63.94 -20.23
CA GLY F 56 -45.57 63.78 -19.85
C GLY F 56 -45.94 65.00 -19.01
N GLY F 57 -44.96 65.88 -18.84
CA GLY F 57 -45.16 67.11 -18.09
C GLY F 57 -45.99 68.12 -18.86
N THR F 58 -46.74 68.92 -18.13
CA THR F 58 -47.65 69.88 -18.73
C THR F 58 -47.67 71.22 -17.99
N SER F 59 -48.05 72.28 -18.72
CA SER F 59 -48.28 73.59 -18.13
C SER F 59 -49.44 74.27 -18.85
N TYR F 60 -50.48 74.60 -18.09
CA TYR F 60 -51.70 75.19 -18.63
C TYR F 60 -51.76 76.70 -18.42
N ASN F 61 -52.50 77.39 -19.27
CA ASN F 61 -52.84 78.78 -19.02
C ASN F 61 -53.66 78.86 -17.73
N GLN F 62 -53.59 79.98 -17.04
CA GLN F 62 -54.34 80.14 -15.79
C GLN F 62 -55.85 80.17 -16.03
N LYS F 63 -56.24 80.60 -17.22
CA LYS F 63 -57.65 80.66 -17.60
C LYS F 63 -58.26 79.27 -17.84
N PHE F 64 -57.43 78.31 -18.27
CA PHE F 64 -57.93 77.01 -18.73
C PHE F 64 -57.73 75.89 -17.72
N LYS F 65 -57.44 76.25 -16.47
CA LYS F 65 -57.25 75.27 -15.40
C LYS F 65 -58.53 74.48 -15.13
N GLY F 66 -58.55 73.23 -15.59
CA GLY F 66 -59.70 72.37 -15.39
C GLY F 66 -60.57 72.28 -16.62
N LYS F 67 -60.47 73.27 -17.49
CA LYS F 67 -61.24 73.27 -18.74
C LYS F 67 -60.60 72.32 -19.75
N ALA F 68 -59.27 72.23 -19.72
CA ALA F 68 -58.54 71.38 -20.64
C ALA F 68 -57.63 70.40 -19.92
N THR F 69 -57.34 69.29 -20.58
CA THR F 69 -56.48 68.26 -20.02
C THR F 69 -55.64 67.61 -21.12
N LEU F 70 -54.38 68.02 -21.23
CA LEU F 70 -53.51 67.54 -22.30
C LEU F 70 -52.90 66.20 -21.93
N THR F 71 -52.94 65.26 -22.86
CA THR F 71 -52.33 63.96 -22.67
C THR F 71 -51.52 63.61 -23.91
N VAL F 72 -50.98 62.40 -23.95
CA VAL F 72 -50.09 62.02 -25.04
C VAL F 72 -49.86 60.50 -25.08
N ASP F 73 -49.82 59.95 -26.29
CA ASP F 73 -49.50 58.54 -26.49
C ASP F 73 -48.26 58.38 -27.36
N LYS F 74 -47.16 57.94 -26.76
CA LYS F 74 -45.89 57.85 -27.46
C LYS F 74 -45.90 56.77 -28.54
N SER F 75 -46.67 55.71 -28.34
CA SER F 75 -46.66 54.58 -29.26
C SER F 75 -47.30 54.92 -30.62
N SER F 76 -48.16 55.93 -30.64
CA SER F 76 -48.87 56.29 -31.86
C SER F 76 -48.49 57.68 -32.36
N SER F 77 -47.60 58.34 -31.63
CA SER F 77 -47.15 59.69 -31.96
C SER F 77 -48.31 60.67 -32.08
N THR F 78 -49.04 60.85 -30.99
CA THR F 78 -50.25 61.65 -31.00
C THR F 78 -50.45 62.41 -29.68
N ALA F 79 -50.77 63.69 -29.77
CA ALA F 79 -51.13 64.48 -28.60
C ALA F 79 -52.64 64.61 -28.50
N TYR F 80 -53.16 64.59 -27.29
CA TYR F 80 -54.61 64.66 -27.09
C TYR F 80 -54.99 65.85 -26.21
N MET F 81 -56.27 66.21 -26.23
CA MET F 81 -56.78 67.30 -25.41
C MET F 81 -58.27 67.15 -25.07
N GLU F 82 -58.54 66.82 -23.82
CA GLU F 82 -59.91 66.73 -23.33
C GLU F 82 -60.44 68.10 -22.93
N LEU F 83 -61.74 68.30 -23.10
CA LEU F 83 -62.38 69.56 -22.78
C LEU F 83 -63.65 69.31 -21.97
N LEU F 84 -63.54 69.43 -20.65
CA LEU F 84 -64.66 69.08 -19.78
C LEU F 84 -65.60 70.27 -19.58
N SER F 85 -66.86 69.96 -19.28
CA SER F 85 -67.88 70.98 -19.03
C SER F 85 -68.04 71.96 -20.20
N LEU F 86 -68.17 71.41 -21.40
CA LEU F 86 -68.34 72.22 -22.60
C LEU F 86 -69.58 73.11 -22.50
N THR F 87 -69.45 74.34 -23.00
CA THR F 87 -70.56 75.27 -23.03
C THR F 87 -70.66 75.93 -24.40
N SER F 88 -71.48 76.97 -24.51
CA SER F 88 -71.61 77.69 -25.77
C SER F 88 -70.35 78.52 -26.03
N GLU F 89 -69.66 78.89 -24.95
CA GLU F 89 -68.46 79.71 -25.05
C GLU F 89 -67.30 78.93 -25.66
N ASP F 90 -67.21 77.65 -25.33
CA ASP F 90 -66.09 76.83 -25.76
C ASP F 90 -66.15 76.45 -27.24
N SER F 91 -67.21 76.90 -27.92
CA SER F 91 -67.33 76.67 -29.34
C SER F 91 -66.31 77.50 -30.13
N ALA F 92 -65.38 76.81 -30.77
CA ALA F 92 -64.32 77.48 -31.53
C ALA F 92 -63.55 76.50 -32.41
N VAL F 93 -62.44 76.96 -32.96
CA VAL F 93 -61.53 76.13 -33.73
C VAL F 93 -60.23 75.92 -32.97
N TYR F 94 -59.85 74.67 -32.73
CA TYR F 94 -58.68 74.38 -31.91
C TYR F 94 -57.52 73.84 -32.75
N TYR F 95 -56.34 74.43 -32.57
CA TYR F 95 -55.14 73.99 -33.27
C TYR F 95 -54.11 73.43 -32.30
N CYS F 96 -53.32 72.47 -32.77
CA CYS F 96 -52.15 72.05 -32.01
C CYS F 96 -50.91 72.53 -32.73
N ALA F 97 -49.99 73.14 -31.99
CA ALA F 97 -48.80 73.74 -32.59
C ALA F 97 -47.52 73.20 -31.95
N ARG F 98 -46.62 72.72 -32.80
CA ARG F 98 -45.36 72.15 -32.35
C ARG F 98 -44.35 73.25 -31.98
N ASP F 99 -43.47 72.96 -31.03
CA ASP F 99 -42.34 73.83 -30.74
C ASP F 99 -41.24 73.55 -31.75
N GLY F 100 -40.25 74.42 -31.81
CA GLY F 100 -39.26 74.33 -32.86
C GLY F 100 -37.92 73.72 -32.50
N ASP F 101 -37.68 73.49 -31.21
CA ASP F 101 -36.37 73.01 -30.77
C ASP F 101 -36.40 71.54 -30.37
N TYR F 102 -35.27 70.87 -30.61
CA TYR F 102 -35.11 69.43 -30.37
C TYR F 102 -34.81 69.11 -28.91
N TYR F 103 -35.77 68.45 -28.24
CA TYR F 103 -35.69 68.05 -26.83
C TYR F 103 -35.39 69.20 -25.89
N ARG F 104 -36.01 70.35 -26.14
CA ARG F 104 -35.87 71.54 -25.32
C ARG F 104 -36.91 72.58 -25.72
N TYR F 105 -37.41 73.31 -24.74
CA TYR F 105 -38.42 74.34 -25.00
C TYR F 105 -37.78 75.64 -25.50
N GLY F 106 -37.71 75.81 -26.82
CA GLY F 106 -37.12 76.99 -27.41
C GLY F 106 -38.04 78.21 -27.45
N ARG F 107 -39.27 78.01 -26.99
CA ARG F 107 -40.31 79.05 -26.91
C ARG F 107 -40.63 79.72 -28.25
N TYR F 108 -40.72 78.92 -29.32
CA TYR F 108 -41.11 79.47 -30.61
C TYR F 108 -41.88 78.45 -31.43
N PHE F 109 -42.85 78.94 -32.20
CA PHE F 109 -43.80 78.09 -32.89
C PHE F 109 -43.30 77.60 -34.25
N ASP F 110 -43.50 76.31 -34.50
CA ASP F 110 -43.00 75.65 -35.70
C ASP F 110 -44.14 75.36 -36.69
N TYR F 111 -44.62 74.12 -36.68
CA TYR F 111 -45.72 73.72 -37.55
C TYR F 111 -47.07 73.70 -36.82
N TRP F 112 -48.14 74.02 -37.54
CA TRP F 112 -49.47 73.95 -36.97
C TRP F 112 -50.30 72.85 -37.66
N GLY F 113 -51.34 72.39 -36.99
CA GLY F 113 -52.27 71.46 -37.61
C GLY F 113 -53.28 72.24 -38.41
N GLN F 114 -54.11 71.55 -39.19
CA GLN F 114 -55.12 72.23 -39.99
C GLN F 114 -56.21 72.79 -39.09
N GLY F 115 -56.32 72.25 -37.88
CA GLY F 115 -57.31 72.71 -36.92
C GLY F 115 -58.51 71.79 -36.81
N THR F 116 -59.34 72.06 -35.82
CA THR F 116 -60.56 71.29 -35.60
C THR F 116 -61.69 72.19 -35.12
N THR F 117 -62.78 72.22 -35.88
CA THR F 117 -63.90 73.09 -35.56
C THR F 117 -64.83 72.44 -34.54
N LEU F 118 -64.88 73.01 -33.35
CA LEU F 118 -65.75 72.50 -32.30
C LEU F 118 -67.00 73.36 -32.16
N THR F 119 -68.13 72.82 -32.58
CA THR F 119 -69.40 73.52 -32.46
C THR F 119 -70.23 72.92 -31.32
N VAL F 120 -70.32 73.65 -30.20
CA VAL F 120 -71.11 73.19 -29.07
C VAL F 120 -72.34 74.07 -28.88
N SER F 121 -73.47 73.57 -29.39
CA SER F 121 -74.71 74.32 -29.33
C SER F 121 -75.83 73.49 -28.71
N SER F 122 -76.63 74.13 -27.86
CA SER F 122 -77.78 73.47 -27.25
C SER F 122 -79.00 73.59 -28.15
N ALA F 123 -78.75 73.78 -29.43
CA ALA F 123 -79.79 73.97 -30.43
C ALA F 123 -80.06 72.69 -31.21
N LYS F 124 -81.33 72.34 -31.35
CA LYS F 124 -81.73 71.17 -32.12
C LYS F 124 -81.63 71.47 -33.61
N THR F 125 -81.89 70.45 -34.44
CA THR F 125 -81.87 70.62 -35.89
C THR F 125 -82.96 71.61 -36.30
N THR F 126 -82.71 72.38 -37.36
CA THR F 126 -83.70 73.35 -37.82
C THR F 126 -83.65 73.54 -39.34
N PRO F 127 -84.81 73.45 -40.00
CA PRO F 127 -84.92 73.70 -41.44
C PRO F 127 -84.85 75.18 -41.75
N PRO F 128 -84.13 75.55 -42.82
CA PRO F 128 -83.92 76.96 -43.19
C PRO F 128 -85.22 77.66 -43.53
N SER F 129 -85.21 78.98 -43.49
CA SER F 129 -86.35 79.76 -43.96
C SER F 129 -85.84 80.84 -44.90
N VAL F 130 -86.30 80.80 -46.15
CA VAL F 130 -85.76 81.70 -47.17
C VAL F 130 -86.68 82.89 -47.45
N TYR F 131 -86.08 84.07 -47.53
CA TYR F 131 -86.80 85.29 -47.82
C TYR F 131 -86.17 86.02 -49.00
N PRO F 132 -87.00 86.46 -49.97
CA PRO F 132 -86.51 87.09 -51.20
C PRO F 132 -85.99 88.50 -51.00
N LEU F 133 -85.05 88.91 -51.85
CA LEU F 133 -84.44 90.23 -51.77
C LEU F 133 -84.45 90.95 -53.10
N ALA F 134 -85.50 91.72 -53.36
CA ALA F 134 -85.58 92.55 -54.56
C ALA F 134 -85.39 94.01 -54.18
N PRO F 135 -84.63 94.76 -55.00
CA PRO F 135 -84.20 96.14 -54.74
C PRO F 135 -85.27 97.05 -54.12
N GLY F 136 -86.54 96.73 -54.33
CA GLY F 136 -87.63 97.48 -53.74
C GLY F 136 -87.85 98.82 -54.41
N SER F 137 -89.11 99.25 -54.43
CA SER F 137 -89.50 100.52 -55.05
C SER F 137 -89.09 100.55 -56.52
N ALA F 138 -88.10 101.38 -56.84
CA ALA F 138 -87.59 101.47 -58.20
C ALA F 138 -86.08 101.66 -58.20
N ALA F 139 -85.40 100.88 -59.02
CA ALA F 139 -83.94 100.91 -59.09
C ALA F 139 -83.46 102.18 -59.77
N GLN F 140 -82.19 102.51 -59.56
CA GLN F 140 -81.60 103.72 -60.12
C GLN F 140 -80.93 103.46 -61.47
N THR F 141 -80.12 102.40 -61.54
CA THR F 141 -79.38 102.08 -62.75
C THR F 141 -79.96 100.88 -63.48
N ASN F 142 -80.06 100.99 -64.80
CA ASN F 142 -80.46 99.85 -65.62
C ASN F 142 -79.26 98.96 -65.93
N SER F 143 -78.07 99.56 -65.86
CA SER F 143 -76.84 98.82 -66.14
C SER F 143 -76.49 97.89 -65.00
N MET F 144 -76.98 98.21 -63.81
CA MET F 144 -76.64 97.42 -62.62
C MET F 144 -77.89 96.99 -61.85
N VAL F 145 -78.12 95.68 -61.82
CA VAL F 145 -79.25 95.10 -61.09
C VAL F 145 -78.80 93.92 -60.23
N THR F 146 -79.02 94.01 -58.93
CA THR F 146 -78.58 92.98 -58.00
C THR F 146 -79.74 92.33 -57.27
N LEU F 147 -79.82 91.00 -57.34
CA LEU F 147 -80.89 90.25 -56.70
C LEU F 147 -80.30 89.08 -55.90
N GLY F 148 -80.92 88.74 -54.77
CA GLY F 148 -80.41 87.65 -53.95
C GLY F 148 -81.40 87.02 -52.99
N CYS F 149 -80.94 85.97 -52.30
CA CYS F 149 -81.76 85.27 -51.32
C CYS F 149 -81.30 85.60 -49.90
N LEU F 150 -82.13 85.27 -48.92
CA LEU F 150 -81.78 85.46 -47.51
C LEU F 150 -82.14 84.22 -46.70
N VAL F 151 -81.15 83.37 -46.45
CA VAL F 151 -81.37 82.16 -45.66
C VAL F 151 -81.30 82.52 -44.18
N LYS F 152 -82.34 82.18 -43.43
CA LYS F 152 -82.45 82.65 -42.06
C LYS F 152 -82.92 81.57 -41.08
N GLY F 153 -82.01 81.16 -40.20
CA GLY F 153 -82.37 80.28 -39.10
C GLY F 153 -82.24 78.80 -39.39
N TYR F 154 -81.09 78.38 -39.88
CA TYR F 154 -80.85 76.96 -40.14
C TYR F 154 -79.83 76.38 -39.18
N PHE F 155 -80.03 75.13 -38.77
CA PHE F 155 -79.09 74.45 -37.89
C PHE F 155 -79.09 72.94 -38.14
N PRO F 156 -77.89 72.35 -38.23
CA PRO F 156 -76.63 73.09 -38.22
C PRO F 156 -76.12 73.38 -39.63
N GLU F 157 -74.92 73.93 -39.72
CA GLU F 157 -74.26 74.19 -40.99
C GLU F 157 -73.89 72.86 -41.67
N PRO F 158 -73.62 72.88 -42.98
CA PRO F 158 -73.60 74.02 -43.90
C PRO F 158 -74.94 74.27 -44.57
N VAL F 159 -75.00 75.34 -45.38
CA VAL F 159 -76.08 75.52 -46.34
C VAL F 159 -75.46 76.00 -47.65
N THR F 160 -75.64 75.20 -48.70
CA THR F 160 -75.09 75.53 -50.02
C THR F 160 -76.21 75.92 -50.96
N VAL F 161 -76.05 77.08 -51.60
CA VAL F 161 -77.11 77.63 -52.43
C VAL F 161 -76.66 77.81 -53.89
N THR F 162 -77.54 77.42 -54.81
CA THR F 162 -77.31 77.66 -56.23
C THR F 162 -78.46 78.47 -56.82
N TRP F 163 -78.30 78.92 -58.06
CA TRP F 163 -79.34 79.69 -58.72
C TRP F 163 -79.70 79.06 -60.06
N ASN F 164 -80.99 78.88 -60.29
CA ASN F 164 -81.49 78.17 -61.48
C ASN F 164 -80.86 76.80 -61.62
N SER F 165 -80.82 76.06 -60.50
CA SER F 165 -80.19 74.74 -60.44
C SER F 165 -78.72 74.78 -60.91
N GLY F 166 -78.09 75.95 -60.75
CA GLY F 166 -76.72 76.13 -61.18
C GLY F 166 -76.61 76.77 -62.55
N SER F 167 -75.59 76.36 -63.31
CA SER F 167 -75.33 76.87 -64.65
C SER F 167 -75.11 78.38 -64.70
N LEU F 168 -74.70 78.95 -63.57
CA LEU F 168 -74.39 80.37 -63.49
C LEU F 168 -73.22 80.61 -62.53
N SER F 169 -72.02 80.72 -63.10
CA SER F 169 -70.81 80.90 -62.28
C SER F 169 -70.25 82.31 -62.38
N SER F 170 -70.88 83.16 -63.18
CA SER F 170 -70.40 84.53 -63.39
C SER F 170 -70.83 85.45 -62.26
N GLY F 171 -72.04 85.24 -61.74
CA GLY F 171 -72.59 86.09 -60.70
C GLY F 171 -72.72 85.40 -59.35
N VAL F 172 -71.88 84.40 -59.13
CA VAL F 172 -71.92 83.63 -57.88
C VAL F 172 -71.33 84.44 -56.73
N HIS F 173 -72.01 84.41 -55.58
CA HIS F 173 -71.53 85.11 -54.41
C HIS F 173 -71.86 84.37 -53.12
N THR F 174 -70.81 84.00 -52.39
CA THR F 174 -70.96 83.25 -51.14
C THR F 174 -70.66 84.13 -49.94
N PHE F 175 -71.68 84.35 -49.11
CA PHE F 175 -71.53 85.21 -47.93
C PHE F 175 -71.46 84.40 -46.64
N PRO F 176 -70.55 84.79 -45.73
CA PRO F 176 -70.36 84.14 -44.43
C PRO F 176 -71.63 84.18 -43.57
N ALA F 177 -71.95 83.04 -42.95
CA ALA F 177 -73.09 82.98 -42.05
C ALA F 177 -72.82 83.74 -40.76
N VAL F 178 -73.87 84.03 -40.01
CA VAL F 178 -73.71 84.68 -38.71
C VAL F 178 -74.59 84.02 -37.65
N LEU F 179 -74.40 84.42 -36.39
CA LEU F 179 -75.08 83.77 -35.27
C LEU F 179 -76.05 84.71 -34.55
N GLN F 180 -77.30 84.70 -35.00
CA GLN F 180 -78.39 85.35 -34.29
C GLN F 180 -79.16 84.29 -33.51
N SER F 181 -79.51 84.61 -32.27
CA SER F 181 -80.12 83.64 -31.35
C SER F 181 -79.22 82.41 -31.22
N ASP F 182 -79.71 81.26 -31.68
CA ASP F 182 -78.92 80.04 -31.65
C ASP F 182 -78.81 79.45 -33.05
N LEU F 183 -79.38 80.15 -34.01
CA LEU F 183 -79.48 79.66 -35.37
C LEU F 183 -78.64 80.50 -36.32
N TYR F 184 -78.29 79.94 -37.47
CA TYR F 184 -77.40 80.63 -38.42
C TYR F 184 -78.18 81.35 -39.52
N THR F 185 -77.67 82.51 -39.91
CA THR F 185 -78.29 83.32 -40.95
C THR F 185 -77.29 83.62 -42.08
N LEU F 186 -77.61 83.16 -43.28
CA LEU F 186 -76.69 83.26 -44.41
C LEU F 186 -77.33 84.01 -45.57
N SER F 187 -76.54 84.83 -46.27
CA SER F 187 -77.01 85.52 -47.46
C SER F 187 -76.31 85.01 -48.71
N SER F 188 -76.77 85.44 -49.89
CA SER F 188 -76.20 84.99 -51.15
C SER F 188 -76.62 85.91 -52.30
N SER F 189 -75.66 86.37 -53.10
CA SER F 189 -75.94 87.40 -54.09
C SER F 189 -75.83 86.93 -55.53
N VAL F 190 -76.66 87.53 -56.39
CA VAL F 190 -76.63 87.29 -57.82
C VAL F 190 -76.73 88.63 -58.56
N THR F 191 -75.84 88.84 -59.53
CA THR F 191 -75.81 90.09 -60.27
C THR F 191 -76.15 89.90 -61.75
N VAL F 192 -77.12 90.65 -62.23
CA VAL F 192 -77.45 90.67 -63.64
C VAL F 192 -77.43 92.09 -64.18
N PRO F 193 -76.54 92.36 -65.15
CA PRO F 193 -76.36 93.73 -65.67
C PRO F 193 -77.57 94.22 -66.48
N SER F 194 -78.21 93.33 -67.22
CA SER F 194 -79.36 93.72 -68.02
C SER F 194 -80.65 93.54 -67.25
N SER F 195 -81.73 94.15 -67.74
CA SER F 195 -83.05 93.91 -67.17
C SER F 195 -83.45 92.48 -67.48
N THR F 196 -83.01 91.56 -66.63
CA THR F 196 -83.20 90.13 -66.88
C THR F 196 -84.50 89.63 -66.27
N TRP F 197 -84.88 90.17 -65.12
CA TRP F 197 -86.13 89.76 -64.47
C TRP F 197 -87.39 90.05 -65.31
N PRO F 198 -87.42 91.15 -66.12
CA PRO F 198 -88.62 91.20 -66.95
C PRO F 198 -88.46 90.37 -68.21
N SER F 199 -87.20 90.08 -68.56
CA SER F 199 -86.90 89.28 -69.73
C SER F 199 -87.08 87.81 -69.43
N GLU F 200 -86.64 87.38 -68.25
CA GLU F 200 -86.70 85.98 -67.87
C GLU F 200 -86.94 85.78 -66.38
N THR F 201 -86.98 84.52 -65.94
CA THR F 201 -87.27 84.18 -64.56
C THR F 201 -86.03 83.82 -63.75
N VAL F 202 -85.92 84.41 -62.56
CA VAL F 202 -84.77 84.21 -61.70
C VAL F 202 -85.14 83.48 -60.42
N THR F 203 -84.61 82.29 -60.23
CA THR F 203 -84.96 81.47 -59.06
C THR F 203 -83.71 80.89 -58.38
N CYS F 204 -83.66 80.98 -57.05
CA CYS F 204 -82.52 80.48 -56.30
C CYS F 204 -82.81 79.12 -55.67
N ASN F 205 -81.76 78.31 -55.51
CA ASN F 205 -81.91 76.97 -54.95
C ASN F 205 -81.08 76.77 -53.68
N VAL F 206 -81.75 76.80 -52.53
CA VAL F 206 -81.09 76.60 -51.24
C VAL F 206 -81.08 75.12 -50.84
N ALA F 207 -79.92 74.63 -50.40
CA ALA F 207 -79.80 73.21 -50.02
C ALA F 207 -79.35 73.05 -48.57
N HIS F 208 -79.96 72.10 -47.87
CA HIS F 208 -79.69 71.88 -46.45
C HIS F 208 -79.54 70.40 -46.15
N PRO F 209 -78.29 69.91 -46.12
CA PRO F 209 -78.00 68.49 -45.92
C PRO F 209 -78.27 67.99 -44.51
N ALA F 210 -78.31 68.92 -43.55
CA ALA F 210 -78.47 68.57 -42.14
C ALA F 210 -79.81 67.91 -41.86
N SER F 211 -80.83 68.35 -42.58
CA SER F 211 -82.15 67.74 -42.48
C SER F 211 -82.64 67.28 -43.84
N SER F 212 -81.70 67.19 -44.79
CA SER F 212 -81.98 66.81 -46.18
C SER F 212 -83.23 67.52 -46.73
N THR F 213 -83.16 68.84 -46.78
CA THR F 213 -84.28 69.67 -47.25
C THR F 213 -83.82 70.71 -48.27
N LYS F 214 -84.27 70.55 -49.51
CA LYS F 214 -83.93 71.47 -50.60
C LYS F 214 -85.16 72.28 -51.03
N VAL F 215 -85.13 73.59 -50.77
CA VAL F 215 -86.27 74.46 -51.06
C VAL F 215 -85.89 75.61 -52.00
N ASP F 216 -86.67 75.77 -53.07
CA ASP F 216 -86.45 76.85 -54.04
C ASP F 216 -87.40 78.02 -53.80
N LYS F 217 -87.08 79.16 -54.41
CA LYS F 217 -87.96 80.32 -54.38
C LYS F 217 -87.57 81.36 -55.43
N LYS F 218 -88.56 81.86 -56.15
CA LYS F 218 -88.33 82.86 -57.20
C LYS F 218 -88.37 84.27 -56.61
N ILE F 219 -87.76 85.24 -57.29
CA ILE F 219 -87.67 86.60 -56.79
C ILE F 219 -88.55 87.55 -57.56
N VAL F 220 -89.52 88.14 -56.87
CA VAL F 220 -90.45 89.07 -57.50
C VAL F 220 -90.34 90.45 -56.89
N PRO F 221 -89.94 91.44 -57.71
CA PRO F 221 -89.81 92.83 -57.25
C PRO F 221 -91.15 93.45 -56.88
N ARG F 222 -91.16 94.19 -55.76
CA ARG F 222 -92.36 94.88 -55.27
C ARG F 222 -93.55 93.95 -55.07
N GLU G 1 -45.17 20.05 -8.62
CA GLU G 1 -46.18 20.83 -7.91
C GLU G 1 -45.78 21.04 -6.46
N VAL G 2 -46.50 21.94 -5.78
CA VAL G 2 -46.25 22.20 -4.36
C VAL G 2 -47.27 21.50 -3.47
N GLN G 3 -46.94 21.36 -2.19
CA GLN G 3 -47.83 20.73 -1.24
C GLN G 3 -47.64 21.27 0.18
N LEU G 4 -48.75 21.37 0.91
CA LEU G 4 -48.71 21.79 2.30
C LEU G 4 -49.47 20.81 3.17
N GLN G 5 -48.84 19.69 3.51
CA GLN G 5 -49.47 18.67 4.34
C GLN G 5 -49.37 19.01 5.82
N GLN G 6 -50.51 19.20 6.46
CA GLN G 6 -50.57 19.53 7.87
C GLN G 6 -50.69 18.26 8.71
N SER G 7 -50.80 18.43 10.03
CA SER G 7 -50.92 17.30 10.94
C SER G 7 -52.36 16.78 10.99
N GLY G 8 -52.53 15.63 11.62
CA GLY G 8 -53.85 15.04 11.77
C GLY G 8 -54.63 15.72 12.89
N PRO G 9 -55.96 15.60 12.86
CA PRO G 9 -56.83 16.25 13.83
C PRO G 9 -56.51 15.81 15.25
N GLU G 10 -56.72 16.69 16.22
CA GLU G 10 -56.37 16.41 17.60
C GLU G 10 -57.56 16.63 18.54
N LEU G 11 -57.61 15.83 19.59
CA LEU G 11 -58.65 15.95 20.62
C LEU G 11 -57.98 16.13 21.98
N VAL G 12 -58.15 17.32 22.57
CA VAL G 12 -57.53 17.62 23.86
C VAL G 12 -58.47 18.38 24.78
N ARG G 13 -58.15 18.38 26.07
CA ARG G 13 -59.01 18.99 27.08
C ARG G 13 -58.58 20.43 27.40
N PRO G 14 -59.53 21.29 27.80
CA PRO G 14 -59.27 22.68 28.16
C PRO G 14 -58.15 22.86 29.17
N GLY G 15 -57.30 23.86 28.94
CA GLY G 15 -56.16 24.11 29.80
C GLY G 15 -54.86 23.61 29.20
N ALA G 16 -54.97 22.54 28.41
CA ALA G 16 -53.81 21.95 27.76
C ALA G 16 -53.34 22.77 26.57
N SER G 17 -52.40 22.21 25.82
CA SER G 17 -51.83 22.87 24.66
C SER G 17 -51.16 21.84 23.73
N MET G 18 -51.12 22.15 22.44
CA MET G 18 -50.49 21.28 21.47
C MET G 18 -50.01 22.05 20.25
N LYS G 19 -49.27 21.37 19.37
CA LYS G 19 -48.63 22.03 18.24
C LYS G 19 -49.07 21.40 16.91
N ILE G 20 -49.54 22.24 15.99
CA ILE G 20 -49.94 21.78 14.66
C ILE G 20 -48.79 21.95 13.67
N SER G 21 -48.46 20.88 12.97
CA SER G 21 -47.37 20.93 12.00
C SER G 21 -47.89 21.28 10.60
N CYS G 22 -46.99 21.70 9.73
CA CYS G 22 -47.33 22.01 8.34
C CYS G 22 -46.11 21.88 7.45
N LYS G 23 -45.93 20.71 6.85
CA LYS G 23 -44.74 20.46 6.03
C LYS G 23 -44.91 21.01 4.62
N ALA G 24 -43.85 21.68 4.13
CA ALA G 24 -43.86 22.23 2.78
C ALA G 24 -43.04 21.34 1.86
N SER G 25 -43.38 21.36 0.58
CA SER G 25 -42.72 20.53 -0.42
C SER G 25 -43.02 21.03 -1.83
N GLY G 26 -41.99 21.17 -2.64
CA GLY G 26 -42.15 21.59 -4.01
C GLY G 26 -41.47 22.91 -4.32
N TYR G 27 -41.12 23.65 -3.27
CA TYR G 27 -40.49 24.95 -3.44
C TYR G 27 -39.37 25.18 -2.41
N SER G 28 -38.54 26.19 -2.65
CA SER G 28 -37.52 26.59 -1.68
C SER G 28 -38.19 27.17 -0.44
N PHE G 29 -38.20 26.39 0.64
CA PHE G 29 -39.03 26.71 1.82
C PHE G 29 -38.69 28.07 2.43
N THR G 30 -37.41 28.41 2.48
CA THR G 30 -36.98 29.66 3.11
C THR G 30 -37.38 30.90 2.33
N GLY G 31 -37.99 30.70 1.16
CA GLY G 31 -38.34 31.81 0.29
C GLY G 31 -39.64 32.51 0.65
N TYR G 32 -40.73 31.75 0.67
CA TYR G 32 -42.05 32.34 0.84
C TYR G 32 -42.49 32.29 2.30
N THR G 33 -42.98 33.42 2.79
CA THR G 33 -43.47 33.50 4.17
C THR G 33 -44.74 32.68 4.35
N MET G 34 -45.12 32.42 5.59
CA MET G 34 -46.27 31.56 5.87
C MET G 34 -47.32 32.23 6.73
N ASN G 35 -48.60 31.98 6.42
CA ASN G 35 -49.72 32.48 7.22
C ASN G 35 -50.37 31.37 8.02
N TRP G 36 -51.27 31.74 8.93
CA TRP G 36 -52.08 30.78 9.70
C TRP G 36 -53.51 31.33 9.89
N VAL G 37 -54.52 30.53 9.52
CA VAL G 37 -55.91 30.99 9.56
C VAL G 37 -56.82 30.09 10.41
N LYS G 38 -57.63 30.72 11.26
CA LYS G 38 -58.56 30.00 12.12
C LYS G 38 -59.99 30.02 11.54
N GLN G 39 -60.54 28.84 11.29
CA GLN G 39 -61.92 28.73 10.82
C GLN G 39 -62.81 28.16 11.92
N SER G 40 -63.39 29.05 12.72
CA SER G 40 -64.26 28.64 13.80
C SER G 40 -65.69 28.43 13.30
N HIS G 41 -66.48 27.68 14.06
CA HIS G 41 -67.86 27.43 13.71
C HIS G 41 -68.70 28.70 13.87
N GLY G 42 -68.56 29.34 15.04
CA GLY G 42 -69.34 30.52 15.36
C GLY G 42 -68.92 31.76 14.58
N LYS G 43 -67.62 32.00 14.51
CA LYS G 43 -67.10 33.18 13.83
C LYS G 43 -66.61 32.85 12.41
N ASN G 44 -66.45 33.89 11.61
CA ASN G 44 -65.92 33.74 10.26
C ASN G 44 -64.44 33.37 10.28
N LEU G 45 -63.82 33.37 9.10
CA LEU G 45 -62.39 33.12 9.01
C LEU G 45 -61.58 34.18 9.74
N GLU G 46 -60.82 33.76 10.74
CA GLU G 46 -59.95 34.67 11.48
C GLU G 46 -58.50 34.48 11.08
N TRP G 47 -57.72 35.56 11.17
CA TRP G 47 -56.31 35.50 10.85
C TRP G 47 -55.46 35.54 12.10
N ILE G 48 -54.61 34.53 12.26
CA ILE G 48 -53.76 34.39 13.43
C ILE G 48 -52.52 35.27 13.36
N GLY G 49 -51.68 34.99 12.36
CA GLY G 49 -50.45 35.73 12.18
C GLY G 49 -49.64 35.17 11.03
N LEU G 50 -48.42 35.67 10.86
CA LEU G 50 -47.53 35.17 9.81
C LEU G 50 -46.10 35.09 10.31
N ILE G 51 -45.30 34.29 9.61
CA ILE G 51 -43.93 34.02 10.00
C ILE G 51 -43.04 33.91 8.76
N ASN G 52 -41.83 34.45 8.85
CA ASN G 52 -40.87 34.38 7.75
C ASN G 52 -39.83 33.29 8.01
N PRO G 53 -39.90 32.20 7.23
CA PRO G 53 -39.03 31.02 7.33
C PRO G 53 -37.56 31.39 7.31
N TYR G 54 -37.23 32.47 6.62
CA TYR G 54 -35.84 32.86 6.46
C TYR G 54 -35.33 33.60 7.67
N ASN G 55 -36.06 34.65 8.03
CA ASN G 55 -35.78 35.48 9.18
C ASN G 55 -36.01 34.81 10.52
N GLY G 56 -37.14 34.13 10.63
CA GLY G 56 -37.60 33.67 11.91
C GLY G 56 -38.43 34.77 12.51
N GLY G 57 -38.60 35.86 11.77
CA GLY G 57 -39.42 36.96 12.22
C GLY G 57 -40.90 36.64 12.18
N THR G 58 -41.66 37.25 13.09
CA THR G 58 -43.10 36.96 13.16
C THR G 58 -43.92 38.22 13.42
N SER G 59 -45.19 38.19 13.03
CA SER G 59 -46.14 39.25 13.35
C SER G 59 -47.51 38.62 13.60
N TYR G 60 -48.02 38.83 14.81
CA TYR G 60 -49.29 38.23 15.23
C TYR G 60 -50.43 39.22 15.16
N ASN G 61 -51.65 38.70 14.99
CA ASN G 61 -52.86 39.49 15.16
C ASN G 61 -52.93 39.97 16.60
N GLN G 62 -53.56 41.11 16.84
CA GLN G 62 -53.66 41.66 18.19
C GLN G 62 -54.51 40.76 19.09
N LYS G 63 -55.46 40.04 18.48
CA LYS G 63 -56.35 39.15 19.22
C LYS G 63 -55.63 37.90 19.73
N PHE G 64 -54.58 37.48 19.00
CA PHE G 64 -53.94 36.19 19.26
C PHE G 64 -52.61 36.30 20.00
N LYS G 65 -52.36 37.48 20.57
CA LYS G 65 -51.14 37.70 21.33
C LYS G 65 -51.09 36.78 22.55
N GLY G 66 -50.25 35.75 22.47
CA GLY G 66 -50.08 34.84 23.57
C GLY G 66 -50.85 33.54 23.41
N LYS G 67 -51.87 33.58 22.57
CA LYS G 67 -52.67 32.38 22.31
C LYS G 67 -51.95 31.45 21.35
N ALA G 68 -51.21 32.04 20.40
CA ALA G 68 -50.48 31.28 19.39
C ALA G 68 -49.00 31.63 19.37
N THR G 69 -48.18 30.68 18.94
CA THR G 69 -46.73 30.86 18.89
C THR G 69 -46.16 30.20 17.63
N LEU G 70 -45.84 31.01 16.63
CA LEU G 70 -45.34 30.49 15.36
C LEU G 70 -43.85 30.21 15.39
N THR G 71 -43.49 29.03 14.91
CA THR G 71 -42.08 28.66 14.80
C THR G 71 -41.83 28.01 13.44
N VAL G 72 -40.60 27.55 13.22
CA VAL G 72 -40.20 27.03 11.92
C VAL G 72 -38.88 26.24 11.99
N ASP G 73 -38.81 25.14 11.25
CA ASP G 73 -37.58 24.35 11.15
C ASP G 73 -37.14 24.27 9.70
N LYS G 74 -36.03 24.95 9.37
CA LYS G 74 -35.56 25.03 8.00
C LYS G 74 -35.05 23.70 7.45
N SER G 75 -34.54 22.84 8.34
CA SER G 75 -33.95 21.58 7.90
C SER G 75 -35.00 20.59 7.37
N SER G 76 -36.24 20.76 7.80
CA SER G 76 -37.31 19.82 7.42
C SER G 76 -38.39 20.47 6.56
N SER G 77 -38.22 21.77 6.30
CA SER G 77 -39.20 22.54 5.54
C SER G 77 -40.60 22.45 6.19
N THR G 78 -40.71 22.94 7.42
CA THR G 78 -41.95 22.82 8.18
C THR G 78 -42.21 24.03 9.08
N ALA G 79 -43.43 24.57 9.02
CA ALA G 79 -43.84 25.64 9.92
C ALA G 79 -44.69 25.06 11.04
N TYR G 80 -44.55 25.59 12.24
CA TYR G 80 -45.27 25.08 13.39
C TYR G 80 -46.14 26.15 14.02
N MET G 81 -47.05 25.72 14.88
CA MET G 81 -47.94 26.65 15.57
C MET G 81 -48.43 26.08 16.90
N GLU G 82 -47.89 26.59 18.00
CA GLU G 82 -48.34 26.18 19.32
C GLU G 82 -49.57 26.96 19.76
N LEU G 83 -50.42 26.31 20.56
CA LEU G 83 -51.65 26.92 21.04
C LEU G 83 -51.81 26.72 22.53
N LEU G 84 -51.43 27.72 23.30
CA LEU G 84 -51.42 27.60 24.75
C LEU G 84 -52.77 27.97 25.36
N SER G 85 -53.07 27.40 26.53
CA SER G 85 -54.31 27.66 27.27
C SER G 85 -55.56 27.41 26.44
N LEU G 86 -55.61 26.24 25.81
CA LEU G 86 -56.74 25.87 24.98
C LEU G 86 -58.05 25.85 25.77
N THR G 87 -59.13 26.29 25.13
CA THR G 87 -60.47 26.28 25.73
C THR G 87 -61.49 25.73 24.74
N SER G 88 -62.77 25.88 25.07
CA SER G 88 -63.84 25.43 24.19
C SER G 88 -63.94 26.34 22.97
N GLU G 89 -63.50 27.57 23.13
CA GLU G 89 -63.56 28.57 22.07
C GLU G 89 -62.58 28.27 20.95
N ASP G 90 -61.40 27.78 21.34
CA ASP G 90 -60.32 27.56 20.39
C ASP G 90 -60.55 26.34 19.50
N SER G 91 -61.66 25.63 19.73
CA SER G 91 -62.01 24.48 18.92
C SER G 91 -62.42 24.90 17.51
N ALA G 92 -61.60 24.55 16.53
CA ALA G 92 -61.85 24.94 15.13
C ALA G 92 -60.97 24.19 14.16
N VAL G 93 -60.97 24.63 12.90
CA VAL G 93 -60.09 24.08 11.88
C VAL G 93 -59.04 25.11 11.50
N TYR G 94 -57.77 24.73 11.61
CA TYR G 94 -56.67 25.65 11.39
C TYR G 94 -55.93 25.35 10.10
N TYR G 95 -55.75 26.38 9.27
CA TYR G 95 -55.03 26.22 8.00
C TYR G 95 -53.75 27.02 7.99
N CYS G 96 -52.77 26.52 7.25
CA CYS G 96 -51.57 27.27 6.96
C CYS G 96 -51.57 27.67 5.49
N ALA G 97 -51.30 28.95 5.23
CA ALA G 97 -51.38 29.47 3.87
C ALA G 97 -50.10 30.19 3.48
N ARG G 98 -49.55 29.81 2.33
CA ARG G 98 -48.32 30.42 1.86
C ARG G 98 -48.59 31.78 1.22
N ASP G 99 -47.61 32.67 1.32
CA ASP G 99 -47.65 33.91 0.57
C ASP G 99 -47.18 33.59 -0.84
N GLY G 100 -47.37 34.52 -1.77
CA GLY G 100 -47.10 34.24 -3.17
C GLY G 100 -45.81 34.78 -3.75
N ASP G 101 -45.10 35.61 -2.99
CA ASP G 101 -43.90 36.23 -3.54
C ASP G 101 -42.61 35.63 -2.99
N TYR G 102 -41.61 35.60 -3.87
CA TYR G 102 -40.32 34.98 -3.61
C TYR G 102 -39.41 35.90 -2.79
N TYR G 103 -39.14 35.49 -1.54
CA TYR G 103 -38.30 36.24 -0.61
C TYR G 103 -38.76 37.68 -0.44
N ARG G 104 -40.08 37.85 -0.35
CA ARG G 104 -40.69 39.16 -0.12
C ARG G 104 -42.18 39.01 0.19
N TYR G 105 -42.69 39.86 1.07
CA TYR G 105 -44.10 39.82 1.46
C TYR G 105 -44.97 40.54 0.43
N GLY G 106 -45.51 39.79 -0.52
CA GLY G 106 -46.35 40.37 -1.56
C GLY G 106 -47.77 40.60 -1.09
N ARG G 107 -48.05 40.18 0.14
CA ARG G 107 -49.37 40.36 0.75
C ARG G 107 -50.52 39.72 -0.05
N TYR G 108 -50.32 38.52 -0.58
CA TYR G 108 -51.40 37.81 -1.26
C TYR G 108 -51.29 36.30 -1.09
N PHE G 109 -52.43 35.64 -1.00
CA PHE G 109 -52.47 34.23 -0.63
C PHE G 109 -52.24 33.30 -1.82
N ASP G 110 -51.42 32.28 -1.59
CA ASP G 110 -51.04 31.35 -2.64
C ASP G 110 -51.74 30.01 -2.43
N TYR G 111 -51.01 29.05 -1.89
CA TYR G 111 -51.53 27.72 -1.64
C TYR G 111 -51.93 27.55 -0.19
N TRP G 112 -52.95 26.73 0.05
CA TRP G 112 -53.36 26.42 1.41
C TRP G 112 -53.14 24.94 1.71
N GLY G 113 -53.03 24.61 3.00
CA GLY G 113 -52.98 23.22 3.41
C GLY G 113 -54.39 22.67 3.49
N GLN G 114 -54.52 21.35 3.68
CA GLN G 114 -55.85 20.74 3.76
C GLN G 114 -56.56 21.14 5.05
N GLY G 115 -55.79 21.60 6.04
CA GLY G 115 -56.33 22.05 7.29
C GLY G 115 -56.17 21.01 8.39
N THR G 116 -56.45 21.41 9.62
CA THR G 116 -56.39 20.51 10.77
C THR G 116 -57.50 20.81 11.75
N THR G 117 -58.34 19.81 12.00
CA THR G 117 -59.49 19.97 12.88
C THR G 117 -59.10 19.81 14.34
N LEU G 118 -59.20 20.89 15.10
CA LEU G 118 -58.87 20.85 16.51
C LEU G 118 -60.14 20.84 17.35
N THR G 119 -60.43 19.70 17.96
CA THR G 119 -61.59 19.59 18.83
C THR G 119 -61.19 19.61 20.30
N VAL G 120 -61.47 20.72 20.97
CA VAL G 120 -61.16 20.83 22.39
C VAL G 120 -62.43 20.87 23.20
N SER G 121 -62.83 19.71 23.72
CA SER G 121 -64.11 19.59 24.40
C SER G 121 -63.96 19.14 25.84
N SER G 122 -64.73 19.76 26.73
CA SER G 122 -64.75 19.38 28.15
C SER G 122 -65.85 18.36 28.41
N ALA G 123 -65.62 17.14 27.95
CA ALA G 123 -66.53 16.02 28.17
C ALA G 123 -65.81 14.71 27.86
N LYS G 124 -66.52 13.59 27.94
CA LYS G 124 -65.91 12.31 27.62
C LYS G 124 -66.88 11.37 26.90
N THR G 125 -66.40 10.16 26.64
CA THR G 125 -67.11 9.17 25.81
C THR G 125 -68.55 8.96 26.27
N THR G 126 -69.49 9.20 25.36
CA THR G 126 -70.92 9.06 25.67
C THR G 126 -71.67 8.41 24.50
N PRO G 127 -72.32 7.26 24.76
CA PRO G 127 -73.03 6.49 23.75
C PRO G 127 -74.28 7.20 23.22
N PRO G 128 -74.62 6.94 21.96
CA PRO G 128 -75.77 7.56 21.28
C PRO G 128 -77.11 6.94 21.64
N SER G 129 -78.13 7.78 21.70
CA SER G 129 -79.51 7.33 21.87
C SER G 129 -80.29 7.67 20.60
N VAL G 130 -81.15 6.75 20.16
CA VAL G 130 -81.90 6.95 18.92
C VAL G 130 -83.41 6.88 19.12
N TYR G 131 -84.14 7.68 18.33
CA TYR G 131 -85.59 7.79 18.49
C TYR G 131 -86.27 7.84 17.11
N PRO G 132 -87.48 7.27 17.03
CA PRO G 132 -88.20 7.12 15.75
C PRO G 132 -88.78 8.42 15.19
N LEU G 133 -88.79 8.54 13.86
CA LEU G 133 -89.40 9.68 13.19
C LEU G 133 -90.49 9.22 12.22
N ALA G 134 -91.74 9.30 12.65
CA ALA G 134 -92.87 8.91 11.83
C ALA G 134 -93.95 9.97 11.88
N PRO G 135 -94.61 10.23 10.73
CA PRO G 135 -95.70 11.21 10.65
C PRO G 135 -96.82 10.93 11.65
N GLY G 136 -97.17 9.66 11.82
CA GLY G 136 -98.18 9.24 12.78
C GLY G 136 -99.53 9.94 12.66
N SER G 137 -99.68 10.73 11.61
CA SER G 137 -100.88 11.54 11.39
C SER G 137 -100.99 11.89 9.91
N ALA G 138 -102.22 12.21 9.48
CA ALA G 138 -102.51 12.53 8.09
C ALA G 138 -102.05 11.41 7.15
N ALA G 139 -100.95 11.65 6.43
CA ALA G 139 -100.32 10.66 5.57
C ALA G 139 -101.24 10.12 4.48
N GLN G 140 -101.84 8.95 4.74
CA GLN G 140 -102.67 8.21 3.79
C GLN G 140 -101.85 7.68 2.60
N THR G 141 -102.54 7.30 1.53
CA THR G 141 -101.87 6.69 0.38
C THR G 141 -101.28 7.78 -0.53
N ASN G 142 -100.29 8.49 -0.01
CA ASN G 142 -99.47 9.36 -0.85
C ASN G 142 -98.46 8.48 -1.56
N SER G 143 -97.96 8.94 -2.70
CA SER G 143 -97.06 8.13 -3.53
C SER G 143 -95.87 7.57 -2.73
N MET G 144 -95.29 8.40 -1.88
CA MET G 144 -94.17 7.96 -1.04
C MET G 144 -94.28 8.51 0.37
N VAL G 145 -93.91 7.69 1.35
CA VAL G 145 -93.88 8.12 2.74
C VAL G 145 -92.43 8.27 3.20
N THR G 146 -92.16 9.34 3.93
CA THR G 146 -90.82 9.61 4.42
C THR G 146 -90.71 9.23 5.89
N LEU G 147 -89.70 8.44 6.22
CA LEU G 147 -89.45 8.00 7.59
C LEU G 147 -88.00 8.28 7.99
N GLY G 148 -87.75 8.43 9.29
CA GLY G 148 -86.41 8.73 9.76
C GLY G 148 -86.07 8.32 11.18
N CYS G 149 -84.84 8.62 11.58
CA CYS G 149 -84.37 8.40 12.94
C CYS G 149 -83.88 9.72 13.53
N LEU G 150 -83.40 9.68 14.77
CA LEU G 150 -82.90 10.88 15.41
C LEU G 150 -81.81 10.56 16.42
N VAL G 151 -80.57 10.39 15.93
CA VAL G 151 -79.45 10.12 16.81
C VAL G 151 -79.14 11.36 17.64
N LYS G 152 -79.18 11.20 18.96
CA LYS G 152 -79.04 12.34 19.87
C LYS G 152 -78.25 11.98 21.12
N GLY G 153 -77.26 12.81 21.44
CA GLY G 153 -76.44 12.61 22.62
C GLY G 153 -75.30 11.64 22.44
N TYR G 154 -74.43 11.91 21.47
CA TYR G 154 -73.26 11.08 21.24
C TYR G 154 -71.99 11.93 21.17
N PHE G 155 -70.84 11.27 21.30
CA PHE G 155 -69.56 11.97 21.36
C PHE G 155 -68.40 11.00 21.21
N PRO G 156 -67.45 11.32 20.33
CA PRO G 156 -67.54 12.45 19.40
C PRO G 156 -68.07 11.99 18.05
N GLU G 157 -68.09 12.89 17.07
CA GLU G 157 -68.51 12.53 15.73
C GLU G 157 -67.38 11.82 15.00
N PRO G 158 -67.69 11.06 13.94
CA PRO G 158 -68.99 10.85 13.31
C PRO G 158 -69.75 9.64 13.84
N VAL G 159 -70.85 9.31 13.16
CA VAL G 159 -71.65 8.14 13.47
C VAL G 159 -72.24 7.57 12.18
N THR G 160 -71.78 6.39 11.79
CA THR G 160 -72.20 5.79 10.53
C THR G 160 -73.57 5.13 10.66
N VAL G 161 -74.51 5.58 9.82
CA VAL G 161 -75.89 5.14 9.89
C VAL G 161 -76.39 4.54 8.58
N THR G 162 -76.74 3.25 8.62
CA THR G 162 -77.27 2.55 7.46
C THR G 162 -78.77 2.32 7.60
N TRP G 163 -79.40 1.79 6.56
CA TRP G 163 -80.84 1.57 6.56
C TRP G 163 -81.21 0.16 6.08
N ASN G 164 -82.09 -0.50 6.84
CA ASN G 164 -82.47 -1.89 6.60
C ASN G 164 -81.22 -2.78 6.48
N SER G 165 -80.35 -2.66 7.48
CA SER G 165 -79.09 -3.40 7.56
C SER G 165 -78.09 -3.04 6.46
N GLY G 166 -78.50 -2.13 5.57
CA GLY G 166 -77.63 -1.66 4.51
C GLY G 166 -78.14 -2.00 3.12
N SER G 167 -79.33 -2.58 3.05
CA SER G 167 -79.90 -3.02 1.79
C SER G 167 -80.17 -1.85 0.85
N LEU G 168 -81.07 -0.96 1.25
CA LEU G 168 -81.52 0.11 0.38
C LEU G 168 -80.69 1.38 0.58
N SER G 169 -80.44 2.10 -0.52
CA SER G 169 -79.56 3.26 -0.49
C SER G 169 -80.07 4.39 -1.37
N SER G 170 -81.17 4.14 -2.08
CA SER G 170 -81.71 5.10 -3.04
C SER G 170 -82.12 6.40 -2.36
N GLY G 171 -83.12 6.33 -1.49
CA GLY G 171 -83.64 7.52 -0.83
C GLY G 171 -82.99 7.82 0.51
N VAL G 172 -81.71 7.48 0.65
CA VAL G 172 -81.01 7.65 1.91
C VAL G 172 -80.34 9.02 2.03
N HIS G 173 -80.64 9.72 3.12
CA HIS G 173 -80.00 10.99 3.43
C HIS G 173 -79.53 11.03 4.88
N THR G 174 -78.28 11.38 5.10
CA THR G 174 -77.76 11.56 6.45
C THR G 174 -77.30 13.00 6.66
N PHE G 175 -78.02 13.72 7.51
CA PHE G 175 -77.75 15.14 7.74
C PHE G 175 -76.51 15.33 8.61
N PRO G 176 -75.83 16.49 8.46
CA PRO G 176 -74.69 16.81 9.32
C PRO G 176 -75.13 17.10 10.75
N ALA G 177 -74.23 16.94 11.71
CA ALA G 177 -74.59 17.06 13.12
C ALA G 177 -74.65 18.51 13.59
N VAL G 178 -75.33 18.74 14.71
CA VAL G 178 -75.30 20.02 15.40
C VAL G 178 -74.81 19.86 16.82
N LEU G 179 -74.76 20.96 17.56
CA LEU G 179 -74.25 20.96 18.93
C LEU G 179 -75.24 21.68 19.84
N GLN G 180 -76.19 20.94 20.40
CA GLN G 180 -77.23 21.54 21.22
C GLN G 180 -76.71 22.03 22.57
N SER G 181 -76.03 21.14 23.31
CA SER G 181 -75.38 21.51 24.55
C SER G 181 -74.25 20.53 24.87
N ASP G 182 -73.08 20.78 24.31
CA ASP G 182 -71.91 19.91 24.43
C ASP G 182 -72.15 18.51 23.89
N LEU G 183 -73.28 18.30 23.24
CA LEU G 183 -73.61 17.00 22.66
C LEU G 183 -74.09 17.14 21.23
N TYR G 184 -73.77 16.15 20.42
CA TYR G 184 -74.13 16.17 19.01
C TYR G 184 -75.47 15.49 18.75
N THR G 185 -76.27 16.07 17.86
CA THR G 185 -77.61 15.58 17.57
C THR G 185 -77.97 15.72 16.09
N LEU G 186 -77.91 14.62 15.35
CA LEU G 186 -78.27 14.64 13.94
C LEU G 186 -79.52 13.83 13.67
N SER G 187 -79.84 13.67 12.39
CA SER G 187 -80.91 12.79 11.96
C SER G 187 -80.62 12.23 10.56
N SER G 188 -81.12 11.03 10.30
CA SER G 188 -80.93 10.39 9.00
C SER G 188 -82.27 9.89 8.46
N SER G 189 -82.75 10.53 7.39
CA SER G 189 -84.07 10.21 6.85
C SER G 189 -83.99 9.32 5.62
N VAL G 190 -85.14 8.77 5.23
CA VAL G 190 -85.23 7.89 4.07
C VAL G 190 -86.65 7.90 3.52
N THR G 191 -86.79 7.57 2.23
CA THR G 191 -88.09 7.67 1.56
C THR G 191 -88.43 6.42 0.76
N VAL G 192 -89.63 5.87 1.00
CA VAL G 192 -90.08 4.65 0.33
C VAL G 192 -91.53 4.77 -0.11
N PRO G 193 -91.98 3.89 -1.03
CA PRO G 193 -93.40 3.91 -1.40
C PRO G 193 -94.31 3.44 -0.26
N SER G 194 -95.52 3.99 -0.21
CA SER G 194 -96.47 3.68 0.85
C SER G 194 -97.17 2.34 0.65
N SER G 195 -96.79 1.62 -0.39
CA SER G 195 -97.36 0.31 -0.66
C SER G 195 -96.61 -0.78 0.10
N THR G 196 -95.31 -0.55 0.32
CA THR G 196 -94.48 -1.48 1.07
C THR G 196 -94.47 -1.12 2.56
N TRP G 197 -95.38 -0.23 2.96
CA TRP G 197 -95.42 0.26 4.33
C TRP G 197 -96.85 0.56 4.78
N PRO G 198 -97.22 0.07 5.98
CA PRO G 198 -96.38 -0.71 6.88
C PRO G 198 -96.61 -2.21 6.75
N SER G 199 -96.22 -2.78 5.60
CA SER G 199 -96.32 -4.22 5.39
C SER G 199 -94.98 -4.88 5.68
N GLU G 200 -93.93 -4.06 5.80
CA GLU G 200 -92.59 -4.56 6.05
C GLU G 200 -91.91 -3.74 7.14
N THR G 201 -91.09 -4.40 7.95
CA THR G 201 -90.43 -3.74 9.07
C THR G 201 -89.26 -2.87 8.65
N VAL G 202 -89.49 -1.56 8.58
CA VAL G 202 -88.44 -0.61 8.25
C VAL G 202 -87.57 -0.34 9.47
N THR G 203 -86.40 -0.99 9.51
CA THR G 203 -85.54 -0.90 10.68
C THR G 203 -84.32 0.00 10.43
N CYS G 204 -84.12 0.97 11.32
CA CYS G 204 -83.04 1.94 11.16
C CYS G 204 -81.79 1.54 11.93
N ASN G 205 -80.72 1.25 11.21
CA ASN G 205 -79.45 0.88 11.83
C ASN G 205 -78.59 2.10 12.17
N VAL G 206 -78.03 2.12 13.37
CA VAL G 206 -77.12 3.19 13.76
C VAL G 206 -75.88 2.63 14.47
N ALA G 207 -74.77 2.59 13.73
CA ALA G 207 -73.51 2.08 14.27
C ALA G 207 -72.66 3.22 14.80
N HIS G 208 -71.93 2.95 15.88
CA HIS G 208 -71.19 3.99 16.57
C HIS G 208 -69.79 3.51 16.90
N PRO G 209 -68.78 4.05 16.20
CA PRO G 209 -67.40 3.56 16.39
C PRO G 209 -66.74 4.10 17.65
N ALA G 210 -67.26 5.20 18.19
CA ALA G 210 -66.61 5.85 19.32
C ALA G 210 -67.10 5.33 20.67
N SER G 211 -67.95 4.30 20.62
CA SER G 211 -68.42 3.65 21.84
C SER G 211 -68.89 2.24 21.54
N SER G 212 -68.71 1.83 20.29
CA SER G 212 -69.03 0.46 19.84
C SER G 212 -70.48 0.08 20.12
N THR G 213 -71.40 1.00 19.84
CA THR G 213 -72.81 0.74 20.05
C THR G 213 -73.53 0.53 18.72
N LYS G 214 -74.44 -0.44 18.67
CA LYS G 214 -75.27 -0.66 17.50
C LYS G 214 -76.73 -0.82 17.89
N VAL G 215 -77.56 0.14 17.46
CA VAL G 215 -78.98 0.13 17.79
C VAL G 215 -79.85 0.02 16.54
N ASP G 216 -81.06 -0.52 16.70
CA ASP G 216 -82.02 -0.64 15.61
C ASP G 216 -83.34 0.01 15.99
N LYS G 217 -84.09 0.47 14.98
CA LYS G 217 -85.37 1.13 15.21
C LYS G 217 -86.36 0.92 14.08
N LYS G 218 -87.51 0.32 14.39
CA LYS G 218 -88.59 0.19 13.42
C LYS G 218 -89.57 1.36 13.59
N ILE G 219 -90.70 1.31 12.88
CA ILE G 219 -91.64 2.42 12.90
C ILE G 219 -93.10 1.98 13.08
N VAL G 220 -93.80 2.63 14.00
CA VAL G 220 -95.21 2.33 14.25
C VAL G 220 -96.05 3.60 14.40
N PRO G 221 -96.94 3.86 13.42
CA PRO G 221 -97.83 5.03 13.48
C PRO G 221 -98.99 4.85 14.45
N ARG G 222 -99.02 5.65 15.52
CA ARG G 222 -100.06 5.56 16.54
C ARG G 222 -100.79 6.87 16.73
N ASP G 223 -101.82 6.87 17.59
CA ASP G 223 -102.56 8.08 17.89
C ASP G 223 -102.77 8.24 19.39
N CYS G 224 -102.83 9.50 19.84
CA CYS G 224 -102.94 9.81 21.26
C CYS G 224 -104.32 9.40 21.80
N GLU H 1 12.01 94.80 -34.09
CA GLU H 1 11.76 95.81 -33.07
C GLU H 1 10.27 96.04 -32.88
N VAL H 2 9.93 96.77 -31.83
CA VAL H 2 8.53 97.11 -31.54
C VAL H 2 8.25 98.54 -31.99
N GLN H 3 6.97 98.86 -32.10
CA GLN H 3 6.55 100.21 -32.46
C GLN H 3 5.18 100.52 -31.88
N LEU H 4 4.97 101.77 -31.51
CA LEU H 4 3.66 102.21 -31.06
C LEU H 4 3.25 103.48 -31.79
N GLN H 5 2.76 103.34 -33.02
CA GLN H 5 2.36 104.49 -33.82
C GLN H 5 0.97 104.99 -33.43
N GLN H 6 0.91 106.24 -32.97
CA GLN H 6 -0.37 106.85 -32.58
C GLN H 6 -0.98 107.61 -33.76
N SER H 7 -2.13 108.23 -33.51
CA SER H 7 -2.83 108.97 -34.55
C SER H 7 -2.20 110.34 -34.75
N GLY H 8 -2.63 111.04 -35.80
CA GLY H 8 -2.17 112.38 -36.08
C GLY H 8 -2.88 113.38 -35.19
N PRO H 9 -2.26 114.56 -35.01
CA PRO H 9 -2.79 115.61 -34.11
C PRO H 9 -4.18 116.07 -34.52
N GLU H 10 -4.99 116.50 -33.55
CA GLU H 10 -6.36 116.88 -33.82
C GLU H 10 -6.69 118.28 -33.30
N LEU H 11 -7.57 118.96 -34.01
CA LEU H 11 -8.03 120.29 -33.63
C LEU H 11 -9.55 120.29 -33.53
N VAL H 12 -10.08 120.44 -32.33
CA VAL H 12 -11.53 120.42 -32.13
C VAL H 12 -11.99 121.48 -31.12
N ARG H 13 -13.29 121.76 -31.14
CA ARG H 13 -13.86 122.80 -30.32
C ARG H 13 -14.42 122.23 -29.02
N PRO H 14 -14.42 123.02 -27.94
CA PRO H 14 -14.92 122.65 -26.61
C PRO H 14 -16.33 122.06 -26.64
N GLY H 15 -16.55 121.00 -25.87
CA GLY H 15 -17.85 120.35 -25.85
C GLY H 15 -17.85 119.08 -26.68
N ALA H 16 -17.03 119.08 -27.72
CA ALA H 16 -16.94 117.94 -28.61
C ALA H 16 -16.16 116.80 -27.98
N SER H 17 -15.85 115.78 -28.77
CA SER H 17 -15.12 114.63 -28.29
C SER H 17 -14.47 113.87 -29.44
N MET H 18 -13.36 113.21 -29.17
CA MET H 18 -12.69 112.43 -30.20
C MET H 18 -11.86 111.28 -29.62
N LYS H 19 -11.37 110.42 -30.51
CA LYS H 19 -10.68 109.20 -30.10
C LYS H 19 -9.28 109.12 -30.70
N ILE H 20 -8.29 108.92 -29.83
CA ILE H 20 -6.89 108.78 -30.23
C ILE H 20 -6.51 107.31 -30.37
N SER H 21 -5.92 106.98 -31.51
CA SER H 21 -5.51 105.60 -31.78
C SER H 21 -4.06 105.36 -31.37
N CYS H 22 -3.72 104.08 -31.21
CA CYS H 22 -2.36 103.70 -30.88
C CYS H 22 -2.11 102.27 -31.33
N LYS H 23 -1.57 102.12 -32.54
CA LYS H 23 -1.33 100.80 -33.12
C LYS H 23 -0.04 100.20 -32.61
N ALA H 24 -0.08 98.92 -32.24
CA ALA H 24 1.08 98.20 -31.77
C ALA H 24 1.60 97.28 -32.87
N SER H 25 2.90 97.01 -32.83
CA SER H 25 3.54 96.17 -33.84
C SER H 25 4.90 95.71 -33.34
N GLY H 26 5.18 94.42 -33.46
CA GLY H 26 6.46 93.89 -33.04
C GLY H 26 6.38 92.88 -31.89
N TYR H 27 5.23 92.85 -31.22
CA TYR H 27 5.03 91.94 -30.11
C TYR H 27 3.61 91.38 -30.08
N SER H 28 3.41 90.31 -29.30
CA SER H 28 2.07 89.75 -29.08
C SER H 28 1.21 90.76 -28.33
N PHE H 29 0.29 91.40 -29.05
CA PHE H 29 -0.42 92.56 -28.50
C PHE H 29 -1.20 92.27 -27.22
N THR H 30 -1.84 91.11 -27.16
CA THR H 30 -2.68 90.77 -26.01
C THR H 30 -1.87 90.50 -24.75
N GLY H 31 -0.55 90.55 -24.87
CA GLY H 31 0.33 90.21 -23.78
C GLY H 31 0.58 91.31 -22.77
N TYR H 32 1.08 92.45 -23.25
CA TYR H 32 1.47 93.54 -22.35
C TYR H 32 0.38 94.59 -22.22
N THR H 33 0.07 94.98 -20.98
CA THR H 33 -0.96 95.99 -20.73
C THR H 33 -0.50 97.35 -21.23
N MET H 34 -1.43 98.30 -21.37
CA MET H 34 -1.13 99.61 -21.94
C MET H 34 -1.47 100.75 -21.01
N ASN H 35 -0.62 101.77 -20.98
CA ASN H 35 -0.88 102.97 -20.20
C ASN H 35 -1.25 104.15 -21.11
N TRP H 36 -1.73 105.24 -20.51
CA TRP H 36 -2.00 106.48 -21.24
C TRP H 36 -1.61 107.68 -20.38
N VAL H 37 -0.78 108.56 -20.93
CA VAL H 37 -0.24 109.69 -20.15
C VAL H 37 -0.54 111.04 -20.79
N LYS H 38 -0.98 111.99 -19.97
CA LYS H 38 -1.29 113.35 -20.40
C LYS H 38 -0.15 114.33 -20.09
N GLN H 39 0.40 114.95 -21.12
CA GLN H 39 1.43 115.96 -20.93
C GLN H 39 0.91 117.35 -21.24
N SER H 40 0.37 118.00 -20.22
CA SER H 40 -0.19 119.34 -20.39
C SER H 40 0.89 120.41 -20.27
N HIS H 41 0.60 121.59 -20.79
CA HIS H 41 1.55 122.70 -20.74
C HIS H 41 1.70 123.22 -19.32
N GLY H 42 0.56 123.48 -18.68
CA GLY H 42 0.56 124.04 -17.34
C GLY H 42 1.00 123.05 -16.27
N LYS H 43 0.48 121.83 -16.34
CA LYS H 43 0.80 120.80 -15.34
C LYS H 43 1.87 119.83 -15.84
N ASN H 44 2.46 119.09 -14.91
CA ASN H 44 3.44 118.06 -15.22
C ASN H 44 2.79 116.88 -15.94
N LEU H 45 3.55 115.82 -16.15
CA LEU H 45 3.02 114.59 -16.73
C LEU H 45 1.94 113.98 -15.84
N GLU H 46 0.72 113.86 -16.36
CA GLU H 46 -0.37 113.24 -15.60
C GLU H 46 -0.64 111.83 -16.11
N TRP H 47 -1.11 110.95 -15.23
CA TRP H 47 -1.40 109.58 -15.62
C TRP H 47 -2.90 109.35 -15.75
N ILE H 48 -3.35 108.94 -16.93
CA ILE H 48 -4.78 108.78 -17.18
C ILE H 48 -5.30 107.47 -16.63
N GLY H 49 -4.77 106.37 -17.17
CA GLY H 49 -5.20 105.06 -16.74
C GLY H 49 -4.49 103.97 -17.52
N LEU H 50 -4.92 102.72 -17.30
CA LEU H 50 -4.32 101.59 -18.00
C LEU H 50 -5.40 100.57 -18.38
N ILE H 51 -5.07 99.72 -19.34
CA ILE H 51 -6.01 98.76 -19.88
C ILE H 51 -5.29 97.46 -20.23
N ASN H 52 -5.94 96.34 -19.97
CA ASN H 52 -5.38 95.02 -20.29
C ASN H 52 -5.98 94.50 -21.58
N PRO H 53 -5.17 94.46 -22.65
CA PRO H 53 -5.55 94.00 -23.99
C PRO H 53 -6.23 92.63 -23.97
N TYR H 54 -5.86 91.80 -23.00
CA TYR H 54 -6.36 90.44 -22.93
C TYR H 54 -7.74 90.37 -22.29
N ASN H 55 -7.80 90.92 -21.09
CA ASN H 55 -9.02 91.01 -20.31
C ASN H 55 -10.04 91.99 -20.84
N GLY H 56 -9.57 93.16 -21.26
CA GLY H 56 -10.50 94.24 -21.56
C GLY H 56 -10.72 94.97 -20.27
N GLY H 57 -10.03 94.52 -19.22
CA GLY H 57 -10.12 95.16 -17.92
C GLY H 57 -9.40 96.49 -17.88
N THR H 58 -9.92 97.42 -17.08
CA THR H 58 -9.37 98.76 -17.04
C THR H 58 -9.30 99.31 -15.62
N SER H 59 -8.38 100.25 -15.42
CA SER H 59 -8.30 100.99 -14.17
C SER H 59 -7.88 102.44 -14.47
N TYR H 60 -8.74 103.38 -14.09
CA TYR H 60 -8.56 104.80 -14.37
C TYR H 60 -8.07 105.60 -13.18
N ASN H 61 -7.45 106.74 -13.46
CA ASN H 61 -7.16 107.71 -12.40
C ASN H 61 -8.46 108.23 -11.79
N GLN H 62 -8.40 108.62 -10.52
CA GLN H 62 -9.57 109.15 -9.87
C GLN H 62 -9.95 110.48 -10.51
N LYS H 63 -8.95 111.18 -11.03
CA LYS H 63 -9.14 112.48 -11.65
C LYS H 63 -9.84 112.36 -13.01
N PHE H 64 -9.62 111.25 -13.67
CA PHE H 64 -10.06 111.10 -15.06
C PHE H 64 -11.32 110.24 -15.22
N LYS H 65 -12.02 109.99 -14.10
CA LYS H 65 -13.25 109.21 -14.14
C LYS H 65 -14.31 109.90 -14.98
N GLY H 66 -14.54 109.40 -16.19
CA GLY H 66 -15.55 109.97 -17.05
C GLY H 66 -14.96 110.86 -18.13
N LYS H 67 -13.75 111.35 -17.91
CA LYS H 67 -13.09 112.18 -18.91
C LYS H 67 -12.49 111.32 -20.01
N ALA H 68 -12.02 110.12 -19.63
CA ALA H 68 -11.40 109.21 -20.58
C ALA H 68 -12.09 107.85 -20.59
N THR H 69 -11.97 107.15 -21.71
CA THR H 69 -12.58 105.83 -21.87
C THR H 69 -11.66 104.93 -22.72
N LEU H 70 -10.95 104.02 -22.05
CA LEU H 70 -10.01 103.15 -22.74
C LEU H 70 -10.70 101.94 -23.35
N THR H 71 -10.37 101.67 -24.61
CA THR H 71 -10.87 100.49 -25.30
C THR H 71 -9.74 99.82 -26.06
N VAL H 72 -10.06 98.77 -26.81
CA VAL H 72 -9.03 97.98 -27.46
C VAL H 72 -9.61 97.05 -28.52
N ASP H 73 -8.90 96.92 -29.64
CA ASP H 73 -9.28 95.98 -30.69
C ASP H 73 -8.18 94.96 -30.93
N LYS H 74 -8.42 93.71 -30.52
CA LYS H 74 -7.40 92.67 -30.61
C LYS H 74 -7.06 92.29 -32.04
N SER H 75 -8.04 92.40 -32.94
CA SER H 75 -7.85 91.95 -34.32
C SER H 75 -6.87 92.85 -35.07
N SER H 76 -6.71 94.09 -34.61
CA SER H 76 -5.86 95.04 -35.31
C SER H 76 -4.64 95.45 -34.47
N SER H 77 -4.55 94.90 -33.26
CA SER H 77 -3.49 95.25 -32.32
C SER H 77 -3.43 96.75 -32.07
N THR H 78 -4.51 97.29 -31.51
CA THR H 78 -4.62 98.73 -31.30
C THR H 78 -5.40 99.08 -30.03
N ALA H 79 -4.86 100.01 -29.25
CA ALA H 79 -5.55 100.54 -28.08
C ALA H 79 -6.16 101.89 -28.44
N TYR H 80 -7.32 102.18 -27.86
CA TYR H 80 -8.00 103.42 -28.14
C TYR H 80 -8.27 104.20 -26.85
N MET H 81 -8.61 105.47 -27.00
CA MET H 81 -8.92 106.33 -25.86
C MET H 81 -9.85 107.46 -26.24
N GLU H 82 -11.11 107.36 -25.83
CA GLU H 82 -12.07 108.43 -26.07
C GLU H 82 -11.96 109.51 -25.03
N LEU H 83 -12.24 110.74 -25.42
CA LEU H 83 -12.14 111.87 -24.52
C LEU H 83 -13.39 112.74 -24.61
N LEU H 84 -14.30 112.53 -23.66
CA LEU H 84 -15.60 113.21 -23.71
C LEU H 84 -15.57 114.57 -23.01
N SER H 85 -16.46 115.46 -23.45
CA SER H 85 -16.61 116.80 -22.89
C SER H 85 -15.30 117.59 -22.91
N LEU H 86 -14.65 117.62 -24.07
CA LEU H 86 -13.38 118.34 -24.23
C LEU H 86 -13.51 119.83 -23.91
N THR H 87 -12.47 120.37 -23.26
CA THR H 87 -12.42 121.79 -22.93
C THR H 87 -11.07 122.39 -23.30
N SER H 88 -10.82 123.61 -22.84
CA SER H 88 -9.55 124.28 -23.09
C SER H 88 -8.45 123.64 -22.27
N GLU H 89 -8.85 123.04 -21.15
CA GLU H 89 -7.92 122.41 -20.23
C GLU H 89 -7.33 121.12 -20.81
N ASP H 90 -8.17 120.36 -21.51
CA ASP H 90 -7.78 119.05 -22.00
C ASP H 90 -6.82 119.12 -23.19
N SER H 91 -6.52 120.34 -23.64
CA SER H 91 -5.56 120.50 -24.73
C SER H 91 -4.16 120.14 -24.26
N ALA H 92 -3.60 119.07 -24.84
CA ALA H 92 -2.28 118.61 -24.47
C ALA H 92 -1.74 117.57 -25.45
N VAL H 93 -0.61 116.96 -25.08
CA VAL H 93 -0.03 115.89 -25.88
C VAL H 93 -0.19 114.57 -25.17
N TYR H 94 -0.83 113.62 -25.83
CA TYR H 94 -1.15 112.36 -25.19
C TYR H 94 -0.29 111.21 -25.71
N TYR H 95 0.31 110.47 -24.77
CA TYR H 95 1.15 109.33 -25.10
C TYR H 95 0.55 108.03 -24.59
N CYS H 96 0.79 106.96 -25.32
CA CYS H 96 0.47 105.64 -24.84
C CYS H 96 1.78 104.89 -24.54
N ALA H 97 1.85 104.27 -23.37
CA ALA H 97 3.06 103.61 -22.92
C ALA H 97 2.80 102.17 -22.51
N ARG H 98 3.58 101.26 -23.08
CA ARG H 98 3.41 99.84 -22.81
C ARG H 98 3.96 99.43 -21.46
N ASP H 99 3.37 98.42 -20.86
CA ASP H 99 4.00 97.83 -19.69
C ASP H 99 5.09 96.88 -20.16
N GLY H 100 5.96 96.45 -19.24
CA GLY H 100 7.14 95.70 -19.63
C GLY H 100 7.10 94.20 -19.42
N ASP H 101 6.08 93.72 -18.73
CA ASP H 101 5.99 92.29 -18.42
C ASP H 101 4.97 91.56 -19.26
N TYR H 102 5.30 90.32 -19.56
CA TYR H 102 4.50 89.46 -20.44
C TYR H 102 3.32 88.84 -19.69
N TYR H 103 2.11 89.26 -20.07
CA TYR H 103 0.86 88.74 -19.47
C TYR H 103 0.83 88.88 -17.95
N ARG H 104 1.30 90.02 -17.46
CA ARG H 104 1.27 90.35 -16.03
C ARG H 104 1.63 91.81 -15.82
N TYR H 105 1.00 92.44 -14.83
CA TYR H 105 1.28 93.84 -14.54
C TYR H 105 2.55 93.99 -13.68
N GLY H 106 3.69 94.20 -14.34
CA GLY H 106 4.97 94.35 -13.67
C GLY H 106 5.22 95.74 -13.13
N ARG H 107 4.27 96.63 -13.41
CA ARG H 107 4.28 98.01 -12.94
C ARG H 107 5.52 98.82 -13.36
N TYR H 108 5.95 98.68 -14.61
CA TYR H 108 7.05 99.49 -15.12
C TYR H 108 6.92 99.78 -16.61
N PHE H 109 7.36 100.97 -17.01
CA PHE H 109 7.11 101.46 -18.35
C PHE H 109 8.15 100.98 -19.34
N ASP H 110 7.68 100.57 -20.51
CA ASP H 110 8.55 100.00 -21.51
C ASP H 110 8.78 100.98 -22.65
N TYR H 111 8.03 100.82 -23.72
CA TYR H 111 8.13 101.70 -24.88
C TYR H 111 7.00 102.74 -24.87
N TRP H 112 7.29 103.90 -25.44
CA TRP H 112 6.28 104.94 -25.58
C TRP H 112 5.98 105.21 -27.06
N GLY H 113 4.79 105.78 -27.33
CA GLY H 113 4.46 106.21 -28.67
C GLY H 113 5.04 107.58 -28.91
N GLN H 114 4.99 108.06 -30.16
CA GLN H 114 5.54 109.38 -30.47
C GLN H 114 4.65 110.45 -29.86
N GLY H 115 3.41 110.08 -29.54
CA GLY H 115 2.51 111.02 -28.91
C GLY H 115 1.52 111.62 -29.87
N THR H 116 0.53 112.32 -29.33
CA THR H 116 -0.47 112.97 -30.16
C THR H 116 -0.89 114.31 -29.56
N THR H 117 -0.68 115.36 -30.33
CA THR H 117 -0.97 116.72 -29.89
C THR H 117 -2.44 117.04 -30.05
N LEU H 118 -3.13 117.23 -28.93
CA LEU H 118 -4.54 117.59 -28.98
C LEU H 118 -4.74 119.07 -28.68
N THR H 119 -5.10 119.83 -29.70
CA THR H 119 -5.35 121.24 -29.50
C THR H 119 -6.84 121.52 -29.51
N VAL H 120 -7.39 121.81 -28.33
CA VAL H 120 -8.80 122.12 -28.21
C VAL H 120 -8.99 123.59 -27.83
N SER H 121 -9.32 124.40 -28.83
CA SER H 121 -9.54 125.83 -28.62
C SER H 121 -10.90 126.25 -29.18
N SER H 122 -11.45 127.29 -28.58
CA SER H 122 -12.76 127.82 -28.98
C SER H 122 -12.62 128.84 -30.11
N ALA H 123 -11.48 129.52 -30.16
CA ALA H 123 -11.27 130.60 -31.12
C ALA H 123 -11.18 130.08 -32.56
N LYS H 124 -11.62 130.91 -33.50
CA LYS H 124 -11.58 130.55 -34.92
C LYS H 124 -10.29 131.03 -35.57
N THR H 125 -10.07 130.56 -36.79
CA THR H 125 -8.83 130.84 -37.54
C THR H 125 -8.61 132.33 -37.75
N THR H 126 -7.48 132.83 -37.25
CA THR H 126 -7.17 134.25 -37.34
C THR H 126 -5.81 134.45 -38.04
N PRO H 127 -5.76 135.38 -39.01
CA PRO H 127 -4.51 135.74 -39.68
C PRO H 127 -3.54 136.47 -38.75
N PRO H 128 -2.24 136.21 -38.90
CA PRO H 128 -1.19 136.77 -38.03
C PRO H 128 -0.87 138.23 -38.31
N SER H 129 -0.55 138.98 -37.27
CA SER H 129 -0.02 140.33 -37.43
C SER H 129 1.51 140.26 -37.30
N VAL H 130 2.22 141.13 -38.00
CA VAL H 130 3.69 141.13 -37.91
C VAL H 130 4.26 142.54 -37.74
N TYR H 131 4.94 142.75 -36.62
CA TYR H 131 5.60 144.02 -36.33
C TYR H 131 7.12 143.83 -36.28
N PRO H 132 7.85 144.80 -36.85
CA PRO H 132 9.32 144.74 -36.88
C PRO H 132 9.96 145.13 -35.55
N LEU H 133 11.12 144.54 -35.25
CA LEU H 133 11.84 144.83 -34.02
C LEU H 133 13.28 145.23 -34.29
N ALA H 134 13.56 146.52 -34.20
CA ALA H 134 14.89 147.06 -34.45
C ALA H 134 15.58 147.40 -33.13
N PRO H 135 16.93 147.32 -33.11
CA PRO H 135 17.69 147.68 -31.90
C PRO H 135 17.47 149.13 -31.50
N GLY H 136 17.82 149.48 -30.26
CA GLY H 136 17.56 150.82 -29.75
C GLY H 136 18.75 151.57 -29.16
N SER H 137 18.81 152.87 -29.47
CA SER H 137 19.81 153.79 -28.92
C SER H 137 21.25 153.38 -29.20
N ALA H 138 21.95 152.97 -28.14
CA ALA H 138 23.36 152.61 -28.25
C ALA H 138 23.57 151.11 -28.25
N ALA H 139 22.70 150.39 -28.96
CA ALA H 139 22.84 148.94 -29.09
C ALA H 139 23.70 148.61 -30.30
N GLN H 140 24.68 149.47 -30.57
CA GLN H 140 25.55 149.32 -31.73
C GLN H 140 26.91 148.77 -31.35
N THR H 141 27.06 148.35 -30.09
CA THR H 141 28.27 147.68 -29.65
C THR H 141 28.31 146.28 -30.27
N ASN H 142 29.32 145.51 -29.90
CA ASN H 142 29.57 144.20 -30.51
C ASN H 142 29.83 144.29 -32.01
N SER H 143 30.28 143.20 -32.60
CA SER H 143 30.69 143.19 -34.01
C SER H 143 29.51 143.08 -34.97
N MET H 144 28.37 142.60 -34.47
CA MET H 144 27.23 142.29 -35.33
C MET H 144 25.93 142.87 -34.80
N VAL H 145 24.95 143.02 -35.69
CA VAL H 145 23.66 143.61 -35.33
C VAL H 145 22.54 142.57 -35.31
N THR H 146 21.89 142.44 -34.16
CA THR H 146 20.80 141.49 -34.00
C THR H 146 19.45 142.18 -34.09
N LEU H 147 18.59 141.69 -34.99
CA LEU H 147 17.25 142.23 -35.14
C LEU H 147 16.28 141.19 -35.66
N GLY H 148 14.99 141.54 -35.71
CA GLY H 148 13.97 140.62 -36.15
C GLY H 148 12.57 141.17 -36.13
N CYS H 149 11.58 140.29 -36.30
CA CYS H 149 10.19 140.69 -36.29
C CYS H 149 9.40 139.90 -35.26
N LEU H 150 8.12 140.24 -35.10
CA LEU H 150 7.29 139.69 -34.03
C LEU H 150 5.92 139.30 -34.53
N VAL H 151 5.60 138.01 -34.49
CA VAL H 151 4.29 137.54 -34.95
C VAL H 151 3.29 137.50 -33.79
N LYS H 152 2.20 138.25 -33.92
CA LYS H 152 1.22 138.39 -32.85
C LYS H 152 -0.21 138.02 -33.27
N GLY H 153 -0.93 137.40 -32.33
CA GLY H 153 -2.34 137.12 -32.50
C GLY H 153 -2.69 136.27 -33.70
N TYR H 154 -2.23 135.02 -33.71
CA TYR H 154 -2.53 134.12 -34.81
C TYR H 154 -3.03 132.76 -34.34
N PHE H 155 -3.70 132.07 -35.25
CA PHE H 155 -4.33 130.78 -34.98
C PHE H 155 -4.85 130.19 -36.28
N PRO H 156 -4.63 128.88 -36.49
CA PRO H 156 -3.84 128.03 -35.60
C PRO H 156 -2.38 127.97 -36.05
N GLU H 157 -1.60 127.13 -35.37
CA GLU H 157 -0.25 126.84 -35.79
C GLU H 157 -0.30 126.02 -37.09
N PRO H 158 0.82 125.92 -37.82
CA PRO H 158 2.14 126.51 -37.62
C PRO H 158 2.39 127.75 -38.48
N VAL H 159 3.26 128.63 -37.99
CA VAL H 159 3.68 129.79 -38.74
C VAL H 159 5.14 129.60 -39.17
N THR H 160 5.42 129.87 -40.44
CA THR H 160 6.77 129.69 -40.98
C THR H 160 7.42 131.03 -41.32
N VAL H 161 8.65 131.21 -40.87
CA VAL H 161 9.36 132.47 -41.05
C VAL H 161 10.66 132.29 -41.83
N THR H 162 10.82 133.06 -42.91
CA THR H 162 12.08 133.08 -43.64
C THR H 162 12.62 134.49 -43.72
N TRP H 163 13.88 134.63 -44.16
CA TRP H 163 14.53 135.93 -44.18
C TRP H 163 15.06 136.31 -45.55
N ASN H 164 14.61 137.47 -46.03
CA ASN H 164 14.88 137.94 -47.38
C ASN H 164 14.50 136.90 -48.43
N SER H 165 13.31 136.33 -48.27
CA SER H 165 12.75 135.33 -49.18
C SER H 165 13.63 134.07 -49.27
N GLY H 166 14.46 133.86 -48.25
CA GLY H 166 15.36 132.73 -48.24
C GLY H 166 16.78 133.06 -48.67
N SER H 167 16.98 134.29 -49.15
CA SER H 167 18.31 134.72 -49.60
C SER H 167 19.26 134.86 -48.41
N LEU H 168 18.70 135.19 -47.25
CA LEU H 168 19.48 135.27 -46.01
C LEU H 168 19.38 133.94 -45.26
N SER H 169 18.26 133.77 -44.55
CA SER H 169 17.86 132.50 -43.92
C SER H 169 19.02 131.66 -43.37
N SER H 170 19.92 132.31 -42.65
CA SER H 170 21.11 131.66 -42.14
C SER H 170 21.64 132.42 -40.94
N GLY H 171 21.33 131.93 -39.74
CA GLY H 171 21.71 132.62 -38.52
C GLY H 171 20.50 133.12 -37.78
N VAL H 172 19.33 132.68 -38.23
CA VAL H 172 18.05 133.11 -37.67
C VAL H 172 17.70 132.36 -36.39
N HIS H 173 17.13 133.08 -35.42
CA HIS H 173 16.64 132.46 -34.20
C HIS H 173 15.11 132.42 -34.17
N THR H 174 14.54 131.32 -34.66
CA THR H 174 13.10 131.11 -34.58
C THR H 174 12.73 130.49 -33.23
N PHE H 175 11.97 131.23 -32.45
CA PHE H 175 11.59 130.82 -31.10
C PHE H 175 10.24 130.10 -31.09
N PRO H 176 10.02 129.29 -30.04
CA PRO H 176 8.72 128.64 -29.86
C PRO H 176 7.64 129.66 -29.54
N ALA H 177 6.38 129.23 -29.65
CA ALA H 177 5.27 130.15 -29.46
C ALA H 177 4.79 130.17 -28.02
N VAL H 178 4.15 131.28 -27.65
CA VAL H 178 3.52 131.41 -26.35
C VAL H 178 2.04 131.72 -26.54
N LEU H 179 1.21 131.15 -25.68
CA LEU H 179 -0.23 131.25 -25.87
C LEU H 179 -0.85 132.28 -24.94
N GLN H 180 -1.16 133.46 -25.48
CA GLN H 180 -1.87 134.47 -24.71
C GLN H 180 -3.31 134.64 -25.23
N SER H 181 -4.25 134.09 -24.46
CA SER H 181 -5.67 134.19 -24.76
C SER H 181 -6.05 133.64 -26.14
N ASP H 182 -6.09 132.31 -26.25
CA ASP H 182 -6.52 131.62 -27.47
C ASP H 182 -5.77 132.03 -28.74
N LEU H 183 -4.69 132.78 -28.58
CA LEU H 183 -3.89 133.25 -29.71
C LEU H 183 -2.40 133.17 -29.40
N TYR H 184 -1.65 132.57 -30.33
CA TYR H 184 -0.22 132.35 -30.15
C TYR H 184 0.60 133.58 -30.56
N THR H 185 1.87 133.57 -30.16
CA THR H 185 2.80 134.65 -30.49
C THR H 185 4.25 134.14 -30.49
N LEU H 186 4.91 134.25 -31.64
CA LEU H 186 6.31 133.87 -31.76
C LEU H 186 7.15 135.05 -32.26
N SER H 187 8.45 134.91 -32.15
CA SER H 187 9.38 135.93 -32.64
C SER H 187 10.58 135.28 -33.32
N SER H 188 11.23 136.03 -34.19
CA SER H 188 12.32 135.49 -35.01
C SER H 188 13.43 136.52 -35.16
N SER H 189 14.55 136.27 -34.51
CA SER H 189 15.69 137.19 -34.55
C SER H 189 16.79 136.68 -35.45
N VAL H 190 17.14 137.48 -36.44
CA VAL H 190 18.29 137.20 -37.28
C VAL H 190 19.46 138.03 -36.78
N THR H 191 20.67 137.51 -36.94
CA THR H 191 21.85 138.26 -36.54
C THR H 191 22.85 138.27 -37.69
N VAL H 192 23.11 139.47 -38.20
CA VAL H 192 24.00 139.66 -39.33
C VAL H 192 25.14 140.57 -38.91
N PRO H 193 26.25 140.57 -39.69
CA PRO H 193 27.30 141.54 -39.39
C PRO H 193 26.79 142.97 -39.42
N SER H 194 27.32 143.80 -38.52
CA SER H 194 26.93 145.20 -38.46
C SER H 194 27.33 145.95 -39.74
N SER H 195 28.16 145.31 -40.55
CA SER H 195 28.60 145.87 -41.81
C SER H 195 27.68 145.46 -42.95
N THR H 196 26.50 144.95 -42.61
CA THR H 196 25.52 144.53 -43.60
C THR H 196 24.20 145.27 -43.39
N TRP H 197 24.18 146.14 -42.39
CA TRP H 197 22.98 146.89 -42.04
C TRP H 197 23.37 148.28 -41.57
N PRO H 198 22.55 149.30 -41.90
CA PRO H 198 21.33 149.20 -42.70
C PRO H 198 21.60 149.37 -44.20
N SER H 199 22.84 149.06 -44.60
CA SER H 199 23.23 149.18 -46.00
C SER H 199 22.42 148.22 -46.87
N GLU H 200 22.18 147.02 -46.35
CA GLU H 200 21.37 146.04 -47.05
C GLU H 200 20.06 145.78 -46.31
N THR H 201 19.01 145.55 -47.09
CA THR H 201 17.66 145.38 -46.54
C THR H 201 17.42 143.97 -46.00
N VAL H 202 16.98 143.89 -44.75
CA VAL H 202 16.74 142.60 -44.11
C VAL H 202 15.27 142.42 -43.69
N THR H 203 14.37 142.51 -44.66
CA THR H 203 12.97 142.21 -44.41
C THR H 203 12.81 140.72 -44.08
N CYS H 204 11.75 140.38 -43.36
CA CYS H 204 11.46 138.98 -43.06
C CYS H 204 10.17 138.52 -43.73
N ASN H 205 10.08 137.22 -43.96
CA ASN H 205 8.93 136.65 -44.64
C ASN H 205 8.20 135.63 -43.77
N VAL H 206 7.08 136.07 -43.22
CA VAL H 206 6.23 135.24 -42.36
C VAL H 206 5.11 134.60 -43.19
N ALA H 207 4.93 133.30 -43.02
CA ALA H 207 3.89 132.57 -43.75
C ALA H 207 2.98 131.77 -42.80
N HIS H 208 1.82 131.36 -43.29
CA HIS H 208 0.81 130.72 -42.46
C HIS H 208 -0.16 129.89 -43.30
N PRO H 209 0.12 128.58 -43.45
CA PRO H 209 -0.62 127.67 -44.33
C PRO H 209 -2.09 127.50 -43.98
N ALA H 210 -2.50 127.92 -42.79
CA ALA H 210 -3.87 127.72 -42.34
C ALA H 210 -4.80 128.84 -42.82
N SER H 211 -4.43 130.10 -42.58
CA SER H 211 -5.24 131.23 -43.04
C SER H 211 -4.77 131.70 -44.41
N SER H 212 -3.74 131.04 -44.93
CA SER H 212 -3.18 131.31 -46.26
C SER H 212 -2.69 132.75 -46.41
N THR H 213 -1.97 133.23 -45.39
CA THR H 213 -1.40 134.57 -45.42
C THR H 213 0.08 134.52 -45.78
N LYS H 214 0.53 135.48 -46.58
CA LYS H 214 1.95 135.65 -46.89
C LYS H 214 2.28 137.13 -46.91
N VAL H 215 2.95 137.58 -45.85
CA VAL H 215 3.24 139.00 -45.68
C VAL H 215 4.72 139.25 -45.41
N ASP H 216 5.20 140.44 -45.81
CA ASP H 216 6.59 140.84 -45.59
C ASP H 216 6.65 142.11 -44.75
N LYS H 217 7.74 142.28 -44.01
CA LYS H 217 7.92 143.51 -43.24
C LYS H 217 9.40 143.87 -43.15
N LYS H 218 9.76 145.03 -43.68
CA LYS H 218 11.14 145.49 -43.67
C LYS H 218 11.55 146.01 -42.31
N ILE H 219 12.86 146.04 -42.06
CA ILE H 219 13.38 146.51 -40.78
C ILE H 219 13.99 147.89 -40.89
N VAL H 220 13.29 148.88 -40.35
CA VAL H 220 13.76 150.27 -40.39
C VAL H 220 14.38 150.69 -39.05
N PRO H 221 15.63 151.16 -39.08
CA PRO H 221 16.35 151.61 -37.89
C PRO H 221 15.58 152.70 -37.15
N ARG H 222 15.90 152.90 -35.87
CA ARG H 222 15.20 153.92 -35.09
C ARG H 222 15.98 154.30 -33.83
N ASP H 223 15.95 155.57 -33.49
CA ASP H 223 16.61 156.06 -32.28
C ASP H 223 15.69 156.94 -31.45
N GLN I 1 -62.87 46.49 16.28
CA GLN I 1 -62.12 47.22 15.25
C GLN I 1 -63.02 47.55 14.06
N ALA I 2 -63.11 46.60 13.13
CA ALA I 2 -63.84 46.80 11.89
C ALA I 2 -64.28 45.46 11.33
N VAL I 3 -65.27 45.49 10.43
CA VAL I 3 -65.82 44.27 9.89
C VAL I 3 -65.93 44.30 8.37
N VAL I 4 -65.71 43.16 7.74
CA VAL I 4 -65.83 43.07 6.29
C VAL I 4 -67.15 42.43 5.90
N THR I 5 -67.90 43.12 5.05
CA THR I 5 -69.22 42.65 4.64
C THR I 5 -69.23 42.19 3.20
N GLN I 6 -69.53 40.91 3.00
CA GLN I 6 -69.73 40.35 1.67
C GLN I 6 -71.22 40.08 1.46
N GLU I 7 -71.61 39.73 0.24
CA GLU I 7 -72.98 39.32 -0.01
C GLU I 7 -73.24 37.96 0.64
N SER I 8 -74.49 37.71 1.00
CA SER I 8 -74.87 36.45 1.61
C SER I 8 -74.57 35.28 0.68
N ALA I 9 -75.21 35.29 -0.49
CA ALA I 9 -74.98 34.27 -1.52
C ALA I 9 -75.51 34.78 -2.85
N LEU I 10 -74.84 34.41 -3.94
CA LEU I 10 -75.26 34.84 -5.26
C LEU I 10 -75.41 33.65 -6.22
N THR I 11 -76.22 33.84 -7.25
CA THR I 11 -76.54 32.79 -8.21
C THR I 11 -76.30 33.26 -9.64
N THR I 12 -75.68 32.41 -10.45
CA THR I 12 -75.41 32.77 -11.84
C THR I 12 -75.43 31.54 -12.74
N SER I 13 -75.51 31.79 -14.06
CA SER I 13 -75.54 30.72 -15.05
C SER I 13 -74.20 30.55 -15.74
N PRO I 14 -73.88 29.31 -16.13
CA PRO I 14 -72.66 29.02 -16.88
C PRO I 14 -72.50 29.90 -18.11
N GLY I 15 -71.33 30.51 -18.25
CA GLY I 15 -71.04 31.34 -19.40
C GLY I 15 -71.32 32.80 -19.18
N GLU I 16 -71.94 33.12 -18.04
CA GLU I 16 -72.29 34.50 -17.74
C GLU I 16 -71.31 35.23 -16.84
N THR I 17 -71.56 36.51 -16.64
CA THR I 17 -70.69 37.35 -15.84
C THR I 17 -71.32 37.71 -14.50
N VAL I 18 -70.60 37.43 -13.41
CA VAL I 18 -71.08 37.71 -12.05
C VAL I 18 -70.01 38.50 -11.28
N THR I 19 -70.46 39.39 -10.39
CA THR I 19 -69.55 40.22 -9.60
C THR I 19 -69.84 40.16 -8.11
N LEU I 20 -68.85 39.71 -7.32
CA LEU I 20 -68.97 39.70 -5.88
C LEU I 20 -68.37 40.96 -5.29
N THR I 21 -69.06 41.58 -4.34
CA THR I 21 -68.56 42.79 -3.71
C THR I 21 -67.96 42.49 -2.35
N CYS I 22 -67.23 43.46 -1.82
CA CYS I 22 -66.54 43.30 -0.55
C CYS I 22 -66.43 44.65 0.14
N ARG I 23 -67.34 44.91 1.08
CA ARG I 23 -67.44 46.24 1.70
C ARG I 23 -66.68 46.36 3.03
N SER I 24 -65.97 47.48 3.19
CA SER I 24 -65.30 47.83 4.43
C SER I 24 -66.17 48.71 5.30
N SER I 25 -66.02 48.60 6.61
CA SER I 25 -66.82 49.40 7.54
C SER I 25 -66.11 50.68 7.96
N THR I 26 -64.80 50.73 7.75
CA THR I 26 -64.02 51.91 8.10
C THR I 26 -64.20 53.01 7.06
N GLY I 27 -64.51 52.60 5.84
CA GLY I 27 -64.66 53.52 4.73
C GLY I 27 -64.43 52.80 3.42
N ALA I 28 -63.94 53.53 2.42
CA ALA I 28 -63.69 52.93 1.11
C ALA I 28 -62.48 52.00 1.14
N VAL I 29 -62.56 50.94 0.35
CA VAL I 29 -61.45 50.00 0.20
C VAL I 29 -60.44 50.55 -0.78
N THR I 30 -59.30 50.98 -0.27
CA THR I 30 -58.24 51.56 -1.08
C THR I 30 -57.20 50.51 -1.48
N THR I 31 -56.19 50.94 -2.22
CA THR I 31 -55.13 50.05 -2.69
C THR I 31 -54.28 49.52 -1.54
N ILE I 32 -54.29 50.24 -0.42
CA ILE I 32 -53.49 49.85 0.73
C ILE I 32 -54.19 48.79 1.57
N ASN I 33 -55.33 48.31 1.09
CA ASN I 33 -56.06 47.24 1.75
C ASN I 33 -55.70 45.86 1.20
N PHE I 34 -55.09 45.87 0.00
CA PHE I 34 -54.60 44.66 -0.64
C PHE I 34 -55.63 43.56 -0.66
N ALA I 35 -56.75 43.84 -1.32
CA ALA I 35 -57.87 42.92 -1.33
C ALA I 35 -57.47 41.53 -1.83
N ASN I 36 -57.71 40.51 -1.01
CA ASN I 36 -57.50 39.14 -1.43
C ASN I 36 -58.83 38.43 -1.64
N TRP I 37 -58.81 37.43 -2.52
CA TRP I 37 -59.98 36.60 -2.73
C TRP I 37 -59.58 35.12 -2.66
N VAL I 38 -60.26 34.38 -1.79
CA VAL I 38 -59.95 32.97 -1.61
C VAL I 38 -61.18 32.10 -1.87
N GLN I 39 -60.97 31.03 -2.64
CA GLN I 39 -62.04 30.10 -3.02
C GLN I 39 -62.06 28.86 -2.13
N GLU I 40 -63.22 28.61 -1.50
CA GLU I 40 -63.39 27.43 -0.65
C GLU I 40 -64.23 26.35 -1.33
N LYS I 41 -63.55 25.35 -1.89
CA LYS I 41 -64.22 24.18 -2.43
C LYS I 41 -64.81 23.34 -1.29
N PRO I 42 -65.76 22.44 -1.58
CA PRO I 42 -66.28 21.53 -0.54
C PRO I 42 -65.19 20.68 0.11
N ASP I 43 -65.44 20.21 1.34
CA ASP I 43 -64.49 19.39 2.11
C ASP I 43 -63.25 20.18 2.53
N HIS I 44 -63.42 21.48 2.76
CA HIS I 44 -62.36 22.35 3.27
C HIS I 44 -61.15 22.44 2.34
N LEU I 45 -61.36 22.94 1.12
CA LEU I 45 -60.26 23.18 0.20
C LEU I 45 -60.17 24.65 -0.18
N PHE I 46 -59.03 25.28 0.14
CA PHE I 46 -58.86 26.69 -0.13
C PHE I 46 -57.77 26.95 -1.17
N THR I 47 -57.96 27.99 -1.98
CA THR I 47 -56.96 28.45 -2.92
C THR I 47 -57.11 29.94 -3.18
N GLY I 48 -56.00 30.66 -3.19
CA GLY I 48 -56.03 32.09 -3.43
C GLY I 48 -56.28 32.43 -4.89
N LEU I 49 -56.80 33.62 -5.13
CA LEU I 49 -57.08 34.07 -6.49
C LEU I 49 -56.34 35.34 -6.79
N ILE I 50 -56.97 36.46 -6.45
CA ILE I 50 -56.38 37.76 -6.67
C ILE I 50 -55.94 38.33 -5.33
N GLY I 51 -54.87 39.13 -5.35
CA GLY I 51 -54.39 39.75 -4.14
C GLY I 51 -53.27 40.75 -4.35
N GLY I 52 -52.86 41.40 -3.27
CA GLY I 52 -51.79 42.38 -3.34
C GLY I 52 -52.18 43.57 -4.18
N ILE I 53 -51.30 43.94 -5.11
CA ILE I 53 -51.57 45.06 -5.98
C ILE I 53 -52.21 44.58 -7.29
N ASN I 54 -51.74 43.46 -7.80
CA ASN I 54 -52.30 42.89 -9.03
C ASN I 54 -51.95 41.42 -9.16
N ASN I 55 -51.34 40.88 -8.11
CA ASN I 55 -50.85 39.52 -8.12
C ASN I 55 -51.93 38.46 -8.22
N ARG I 56 -51.59 37.33 -8.81
CA ARG I 56 -52.48 36.20 -8.92
C ARG I 56 -51.76 34.92 -8.58
N ALA I 57 -52.44 34.05 -7.87
CA ALA I 57 -51.89 32.74 -7.57
C ALA I 57 -51.66 31.99 -8.87
N PRO I 58 -50.55 31.25 -8.95
CA PRO I 58 -50.27 30.44 -10.14
C PRO I 58 -51.37 29.40 -10.35
N GLY I 59 -51.97 29.39 -11.54
CA GLY I 59 -52.99 28.43 -11.89
C GLY I 59 -54.41 28.97 -11.75
N VAL I 60 -54.53 30.29 -11.69
CA VAL I 60 -55.82 30.97 -11.59
C VAL I 60 -56.32 31.34 -12.98
N PRO I 61 -57.54 30.89 -13.31
CA PRO I 61 -58.19 31.12 -14.60
C PRO I 61 -58.22 32.60 -14.99
N ALA I 62 -58.20 32.86 -16.30
CA ALA I 62 -58.22 34.22 -16.82
C ALA I 62 -59.57 34.89 -16.59
N ARG I 63 -60.62 34.08 -16.48
CA ARG I 63 -61.97 34.59 -16.28
C ARG I 63 -62.10 35.31 -14.94
N PHE I 64 -61.23 34.94 -13.99
CA PHE I 64 -61.14 35.64 -12.71
C PHE I 64 -60.36 36.94 -12.86
N SER I 65 -60.90 38.02 -12.27
CA SER I 65 -60.29 39.32 -12.40
C SER I 65 -60.68 40.23 -11.23
N GLY I 66 -59.71 40.99 -10.74
CA GLY I 66 -59.94 41.88 -9.62
C GLY I 66 -60.13 43.32 -10.05
N SER I 67 -60.80 44.08 -9.20
CA SER I 67 -61.05 45.49 -9.46
C SER I 67 -61.57 46.20 -8.20
N LEU I 68 -61.83 47.50 -8.34
CA LEU I 68 -62.34 48.31 -7.25
C LEU I 68 -63.54 49.13 -7.73
N ILE I 69 -64.62 48.44 -8.07
CA ILE I 69 -65.85 49.10 -8.51
C ILE I 69 -66.47 49.83 -7.31
N GLY I 70 -66.84 51.08 -7.53
CA GLY I 70 -67.38 51.89 -6.45
C GLY I 70 -66.33 52.18 -5.39
N ASP I 71 -66.66 51.85 -4.15
CA ASP I 71 -65.73 52.04 -3.05
C ASP I 71 -65.50 50.73 -2.31
N LYS I 72 -65.69 49.61 -3.01
CA LYS I 72 -65.46 48.31 -2.42
C LYS I 72 -64.74 47.37 -3.39
N ALA I 73 -64.18 46.29 -2.84
CA ALA I 73 -63.39 45.34 -3.62
C ALA I 73 -64.27 44.47 -4.47
N ALA I 74 -63.79 44.10 -5.65
CA ALA I 74 -64.61 43.39 -6.59
C ALA I 74 -63.93 42.18 -7.21
N LEU I 75 -64.60 41.04 -7.14
CA LEU I 75 -64.17 39.84 -7.83
C LEU I 75 -65.16 39.55 -8.97
N THR I 76 -64.70 39.67 -10.22
CA THR I 76 -65.57 39.49 -11.38
C THR I 76 -65.20 38.28 -12.22
N ILE I 77 -66.15 37.37 -12.39
CA ILE I 77 -65.91 36.18 -13.19
C ILE I 77 -66.58 36.27 -14.54
N THR I 78 -65.81 36.59 -15.58
CA THR I 78 -66.37 36.68 -16.92
C THR I 78 -66.31 35.34 -17.63
N GLY I 79 -67.45 34.67 -17.69
CA GLY I 79 -67.54 33.35 -18.27
C GLY I 79 -67.51 32.28 -17.20
N ALA I 80 -68.51 32.31 -16.32
CA ALA I 80 -68.57 31.40 -15.19
C ALA I 80 -68.59 29.94 -15.63
N GLN I 81 -68.03 29.06 -14.78
CA GLN I 81 -68.01 27.63 -15.06
C GLN I 81 -68.69 26.86 -13.94
N THR I 82 -69.01 25.59 -14.20
CA THR I 82 -69.73 24.77 -13.22
C THR I 82 -68.90 24.50 -11.98
N GLU I 83 -67.59 24.42 -12.17
CA GLU I 83 -66.67 24.11 -11.08
C GLU I 83 -66.32 25.36 -10.27
N ASP I 84 -66.74 26.52 -10.76
CA ASP I 84 -66.51 27.77 -10.05
C ASP I 84 -67.53 27.94 -8.94
N GLU I 85 -68.36 26.93 -8.75
CA GLU I 85 -69.36 26.96 -7.69
C GLU I 85 -68.75 26.60 -6.34
N ALA I 86 -68.58 27.62 -5.50
CA ALA I 86 -68.00 27.44 -4.18
C ALA I 86 -68.31 28.66 -3.30
N ILE I 87 -67.71 28.70 -2.12
CA ILE I 87 -67.85 29.85 -1.23
C ILE I 87 -66.64 30.76 -1.37
N TYR I 88 -66.88 32.04 -1.66
CA TYR I 88 -65.78 32.94 -1.92
C TYR I 88 -65.55 33.93 -0.77
N PHE I 89 -64.36 33.89 -0.20
CA PHE I 89 -63.98 34.77 0.89
C PHE I 89 -63.05 35.89 0.44
N CYS I 90 -63.31 37.10 0.90
CA CYS I 90 -62.40 38.22 0.66
C CYS I 90 -61.82 38.72 1.97
N ALA I 91 -60.57 39.15 1.94
CA ALA I 91 -59.88 39.66 3.11
C ALA I 91 -59.26 41.01 2.81
N LEU I 92 -59.22 41.87 3.83
CA LEU I 92 -58.67 43.21 3.70
C LEU I 92 -57.55 43.48 4.70
N TRP I 93 -56.58 44.28 4.27
CA TRP I 93 -55.46 44.67 5.12
C TRP I 93 -55.75 45.96 5.89
N TYR I 94 -55.81 45.83 7.20
CA TYR I 94 -56.03 46.96 8.13
C TYR I 94 -54.76 47.25 8.95
N SER I 95 -53.90 48.06 8.33
CA SER I 95 -52.65 48.54 8.94
C SER I 95 -51.64 47.44 9.24
N ASN I 96 -52.05 46.40 9.95
CA ASN I 96 -51.12 45.35 10.36
C ASN I 96 -51.73 43.93 10.35
N HIS I 97 -53.02 43.81 10.07
CA HIS I 97 -53.58 42.47 10.12
C HIS I 97 -54.67 42.28 9.08
N TRP I 98 -55.02 41.01 8.90
CA TRP I 98 -56.02 40.60 7.94
C TRP I 98 -57.41 40.42 8.58
N VAL I 99 -58.41 40.94 7.90
CA VAL I 99 -59.79 40.76 8.36
C VAL I 99 -60.56 40.15 7.21
N PHE I 100 -61.03 38.93 7.44
CA PHE I 100 -61.85 38.24 6.46
C PHE I 100 -63.29 38.76 6.53
N GLY I 101 -64.11 38.32 5.59
CA GLY I 101 -65.51 38.73 5.57
C GLY I 101 -66.44 37.57 5.85
N GLY I 102 -67.72 37.75 5.52
CA GLY I 102 -68.71 36.72 5.75
C GLY I 102 -68.57 35.57 4.77
N GLY I 103 -68.12 35.90 3.56
CA GLY I 103 -67.99 34.92 2.50
C GLY I 103 -69.29 34.82 1.71
N THR I 104 -69.18 34.85 0.39
CA THR I 104 -70.35 34.73 -0.47
C THR I 104 -70.43 33.34 -1.06
N LYS I 105 -71.60 32.72 -0.96
CA LYS I 105 -71.79 31.40 -1.52
C LYS I 105 -72.26 31.50 -2.97
N LEU I 106 -71.33 31.34 -3.90
CA LEU I 106 -71.65 31.45 -5.33
C LEU I 106 -72.21 30.14 -5.83
N THR I 107 -73.29 30.23 -6.61
CA THR I 107 -73.92 29.05 -7.17
C THR I 107 -73.96 29.13 -8.69
N VAL I 108 -73.26 28.20 -9.35
CA VAL I 108 -73.33 28.09 -10.80
C VAL I 108 -74.24 26.92 -11.17
N LEU I 109 -75.41 27.24 -11.70
CA LEU I 109 -76.45 26.24 -11.93
C LEU I 109 -76.07 25.26 -13.03
N GLY I 110 -75.77 24.04 -12.62
CA GLY I 110 -75.53 22.95 -13.56
C GLY I 110 -76.65 21.94 -13.50
N GLN I 111 -77.82 22.43 -13.08
CA GLN I 111 -78.98 21.60 -12.81
C GLN I 111 -80.21 22.47 -12.58
N PRO I 112 -81.32 22.17 -13.27
CA PRO I 112 -82.57 22.93 -13.17
C PRO I 112 -83.01 23.13 -11.72
N LYS I 113 -83.53 24.31 -11.41
CA LYS I 113 -83.91 24.65 -10.05
C LYS I 113 -84.95 23.69 -9.49
N SER I 114 -84.62 23.06 -8.37
CA SER I 114 -85.50 22.06 -7.75
C SER I 114 -86.17 22.59 -6.50
N SER I 115 -87.43 22.21 -6.29
CA SER I 115 -88.18 22.60 -5.11
C SER I 115 -87.88 21.68 -3.93
N PRO I 116 -87.67 22.26 -2.74
CA PRO I 116 -87.31 21.53 -1.52
C PRO I 116 -88.41 20.60 -1.00
N SER I 117 -88.05 19.33 -0.77
CA SER I 117 -89.00 18.35 -0.26
C SER I 117 -89.09 18.41 1.26
N VAL I 118 -90.11 19.09 1.75
CA VAL I 118 -90.29 19.32 3.18
C VAL I 118 -91.05 18.18 3.85
N THR I 119 -90.52 17.70 4.97
CA THR I 119 -91.18 16.65 5.75
C THR I 119 -91.16 16.98 7.24
N LEU I 120 -92.33 17.27 7.79
CA LEU I 120 -92.44 17.68 9.20
C LEU I 120 -92.69 16.49 10.13
N PHE I 121 -91.89 16.39 11.18
CA PHE I 121 -91.98 15.28 12.11
C PHE I 121 -92.29 15.76 13.53
N PRO I 122 -93.32 15.17 14.15
CA PRO I 122 -93.66 15.43 15.55
C PRO I 122 -92.69 14.75 16.50
N PRO I 123 -92.66 15.17 17.77
CA PRO I 123 -91.80 14.54 18.79
C PRO I 123 -92.14 13.07 19.00
N SER I 124 -91.13 12.21 19.04
CA SER I 124 -91.36 10.79 19.32
C SER I 124 -91.76 10.60 20.79
N SER I 125 -92.62 9.63 21.04
CA SER I 125 -93.09 9.36 22.40
C SER I 125 -92.01 8.68 23.23
N GLU I 126 -91.00 8.15 22.54
CA GLU I 126 -89.94 7.37 23.17
C GLU I 126 -88.79 8.25 23.66
N GLU I 127 -88.95 9.56 23.54
CA GLU I 127 -87.94 10.47 24.10
C GLU I 127 -88.59 11.47 25.05
N LEU I 128 -89.86 11.23 25.35
CA LEU I 128 -90.58 12.03 26.33
C LEU I 128 -90.19 11.62 27.75
N GLU I 129 -89.52 10.48 27.85
CA GLU I 129 -89.04 9.98 29.13
C GLU I 129 -87.77 10.71 29.52
N THR I 130 -87.01 11.12 28.50
CA THR I 130 -85.84 11.96 28.70
C THR I 130 -86.31 13.40 28.91
N ASN I 131 -87.63 13.58 28.92
CA ASN I 131 -88.27 14.87 29.18
C ASN I 131 -87.87 15.95 28.18
N LYS I 132 -87.55 15.53 26.97
CA LYS I 132 -87.16 16.47 25.92
C LYS I 132 -87.85 16.11 24.60
N ALA I 133 -88.85 16.90 24.22
CA ALA I 133 -89.59 16.69 22.98
C ALA I 133 -89.03 17.54 21.85
N THR I 134 -88.49 16.88 20.84
CA THR I 134 -87.78 17.56 19.75
C THR I 134 -88.39 17.27 18.39
N LEU I 135 -89.00 18.29 17.78
CA LEU I 135 -89.51 18.17 16.43
C LEU I 135 -88.36 18.20 15.42
N VAL I 136 -88.52 17.48 14.32
CA VAL I 136 -87.49 17.43 13.28
C VAL I 136 -88.07 17.84 11.93
N CYS I 137 -87.47 18.85 11.30
CA CYS I 137 -87.94 19.35 10.03
C CYS I 137 -86.88 19.11 8.95
N THR I 138 -87.10 18.09 8.12
CA THR I 138 -86.11 17.72 7.11
C THR I 138 -86.36 18.43 5.79
N ILE I 139 -85.27 18.88 5.16
CA ILE I 139 -85.36 19.53 3.86
C ILE I 139 -84.43 18.85 2.87
N THR I 140 -85.01 18.16 1.88
CA THR I 140 -84.23 17.40 0.92
C THR I 140 -84.53 17.80 -0.51
N ASP I 141 -83.54 17.60 -1.38
CA ASP I 141 -83.69 17.84 -2.83
C ASP I 141 -84.04 19.29 -3.19
N PHE I 142 -83.17 20.23 -2.84
CA PHE I 142 -83.33 21.62 -3.27
C PHE I 142 -82.04 22.16 -3.88
N TYR I 143 -82.19 23.14 -4.77
CA TYR I 143 -81.05 23.68 -5.52
C TYR I 143 -81.44 25.01 -6.13
N PRO I 144 -80.66 26.07 -5.85
CA PRO I 144 -79.43 26.16 -5.06
C PRO I 144 -79.60 25.86 -3.57
N GLY I 145 -78.48 25.74 -2.86
CA GLY I 145 -78.50 25.37 -1.46
C GLY I 145 -78.62 26.55 -0.52
N VAL I 146 -79.75 27.25 -0.60
CA VAL I 146 -80.01 28.38 0.27
C VAL I 146 -81.46 28.34 0.76
N VAL I 147 -81.67 27.74 1.92
CA VAL I 147 -83.02 27.65 2.47
C VAL I 147 -83.15 28.38 3.79
N THR I 148 -84.28 29.06 3.95
CA THR I 148 -84.56 29.80 5.17
C THR I 148 -85.68 29.11 5.95
N VAL I 149 -85.46 28.93 7.24
CA VAL I 149 -86.36 28.13 8.06
C VAL I 149 -86.93 28.90 9.24
N ASP I 150 -88.26 28.93 9.35
CA ASP I 150 -88.93 29.58 10.48
C ASP I 150 -89.84 28.59 11.21
N TRP I 151 -90.36 29.00 12.36
CA TRP I 151 -91.20 28.13 13.17
C TRP I 151 -92.42 28.85 13.76
N LYS I 152 -93.61 28.53 13.25
CA LYS I 152 -94.82 29.18 13.73
C LYS I 152 -95.67 28.27 14.61
N VAL I 153 -95.60 28.50 15.91
CA VAL I 153 -96.44 27.78 16.87
C VAL I 153 -97.56 28.67 17.35
N ASP I 154 -98.79 28.36 16.92
CA ASP I 154 -99.97 29.17 17.23
C ASP I 154 -99.84 30.59 16.69
N GLY I 155 -98.93 30.79 15.74
CA GLY I 155 -98.74 32.08 15.11
C GLY I 155 -97.50 32.84 15.58
N THR I 156 -96.94 32.42 16.70
CA THR I 156 -95.79 33.13 17.27
C THR I 156 -94.50 32.31 17.17
N PRO I 157 -93.47 32.88 16.54
CA PRO I 157 -92.17 32.23 16.31
C PRO I 157 -91.39 31.94 17.59
N VAL I 158 -90.87 30.72 17.70
CA VAL I 158 -90.11 30.29 18.86
C VAL I 158 -88.79 31.06 18.96
N THR I 159 -88.26 31.16 20.18
CA THR I 159 -87.03 31.89 20.41
C THR I 159 -85.90 30.98 20.92
N GLN I 160 -86.24 29.75 21.26
CA GLN I 160 -85.27 28.84 21.88
C GLN I 160 -85.21 27.47 21.23
N GLY I 161 -84.07 26.79 21.41
CA GLY I 161 -83.91 25.40 21.00
C GLY I 161 -84.01 25.12 19.52
N MET I 162 -83.90 26.16 18.70
CA MET I 162 -84.01 25.98 17.26
C MET I 162 -82.70 26.25 16.53
N GLU I 163 -82.20 25.22 15.87
CA GLU I 163 -80.97 25.33 15.09
C GLU I 163 -81.19 24.82 13.68
N THR I 164 -80.51 25.44 12.71
CA THR I 164 -80.57 24.99 11.34
C THR I 164 -79.17 24.59 10.90
N THR I 165 -79.06 23.45 10.23
CA THR I 165 -77.77 22.94 9.80
C THR I 165 -77.25 23.65 8.56
N GLN I 166 -76.09 23.20 8.09
CA GLN I 166 -75.49 23.73 6.87
C GLN I 166 -76.02 22.96 5.65
N PRO I 167 -76.24 23.68 4.55
CA PRO I 167 -76.61 23.04 3.28
C PRO I 167 -75.53 22.06 2.82
N SER I 168 -75.93 20.84 2.46
CA SER I 168 -74.96 19.83 2.05
C SER I 168 -75.36 19.18 0.73
N LYS I 169 -74.38 19.05 -0.17
CA LYS I 169 -74.61 18.48 -1.50
C LYS I 169 -74.87 16.98 -1.44
N GLN I 170 -75.96 16.54 -2.07
CA GLN I 170 -76.30 15.11 -2.09
C GLN I 170 -75.54 14.38 -3.21
N SER I 171 -75.92 13.13 -3.43
CA SER I 171 -75.34 12.35 -4.51
C SER I 171 -75.81 12.85 -5.87
N ASN I 172 -77.01 13.42 -5.90
CA ASN I 172 -77.56 14.02 -7.12
C ASN I 172 -77.26 15.51 -7.19
N ASN I 173 -76.41 15.97 -6.28
CA ASN I 173 -75.93 17.35 -6.23
C ASN I 173 -77.01 18.39 -5.95
N LYS I 174 -78.21 17.93 -5.62
CA LYS I 174 -79.20 18.79 -4.99
C LYS I 174 -78.82 18.86 -3.52
N TYR I 175 -79.14 19.97 -2.85
CA TYR I 175 -78.69 20.15 -1.47
C TYR I 175 -79.69 19.61 -0.45
N MET I 176 -79.21 19.39 0.77
CA MET I 176 -80.03 18.85 1.84
C MET I 176 -79.71 19.51 3.18
N ALA I 177 -80.72 19.68 4.03
CA ALA I 177 -80.53 20.31 5.34
C ALA I 177 -81.66 20.01 6.32
N SER I 178 -81.38 20.18 7.60
CA SER I 178 -82.34 19.91 8.66
C SER I 178 -82.36 21.03 9.71
N SER I 179 -83.52 21.24 10.32
CA SER I 179 -83.69 22.27 11.33
C SER I 179 -84.61 21.79 12.45
N TYR I 180 -84.11 21.84 13.68
CA TYR I 180 -84.81 21.24 14.80
C TYR I 180 -85.59 22.27 15.62
N LEU I 181 -86.31 21.77 16.62
CA LEU I 181 -87.00 22.62 17.58
C LEU I 181 -86.92 21.97 18.96
N THR I 182 -85.71 21.95 19.52
CA THR I 182 -85.46 21.26 20.77
C THR I 182 -86.16 21.95 21.94
N LEU I 183 -87.31 21.39 22.33
CA LEU I 183 -88.03 21.83 23.51
C LEU I 183 -87.97 20.72 24.55
N THR I 184 -88.77 20.84 25.61
CA THR I 184 -88.85 19.79 26.61
C THR I 184 -90.13 19.00 26.44
N ALA I 185 -90.33 17.99 27.28
CA ALA I 185 -91.59 17.25 27.30
C ALA I 185 -92.68 18.15 27.87
N ARG I 186 -92.31 18.95 28.85
CA ARG I 186 -93.21 19.93 29.43
C ARG I 186 -93.63 20.99 28.41
N ALA I 187 -92.65 21.50 27.67
CA ALA I 187 -92.89 22.59 26.73
C ALA I 187 -93.79 22.17 25.57
N TRP I 188 -93.82 20.88 25.26
CA TRP I 188 -94.56 20.37 24.11
C TRP I 188 -96.04 20.10 24.42
N GLU I 189 -96.32 19.61 25.62
CA GLU I 189 -97.70 19.32 26.00
C GLU I 189 -98.49 20.61 26.21
N ARG I 190 -97.84 21.64 26.74
CA ARG I 190 -98.49 22.90 27.03
C ARG I 190 -99.01 23.57 25.76
N HIS I 191 -98.11 24.03 24.91
CA HIS I 191 -98.49 24.61 23.63
C HIS I 191 -99.08 23.52 22.73
N SER I 192 -99.96 23.90 21.82
CA SER I 192 -100.69 22.91 21.03
C SER I 192 -100.19 22.77 19.59
N SER I 193 -100.93 23.34 18.65
CA SER I 193 -100.67 23.15 17.23
C SER I 193 -99.30 23.67 16.78
N TYR I 194 -98.83 23.18 15.63
CA TYR I 194 -97.49 23.48 15.14
C TYR I 194 -97.46 23.84 13.67
N SER I 195 -96.30 24.31 13.20
CA SER I 195 -96.08 24.64 11.80
C SER I 195 -94.62 24.97 11.50
N CYS I 196 -94.04 24.24 10.54
CA CYS I 196 -92.67 24.49 10.09
C CYS I 196 -92.72 25.18 8.72
N GLN I 197 -91.96 26.26 8.56
CA GLN I 197 -91.93 26.98 7.30
C GLN I 197 -90.55 26.96 6.63
N VAL I 198 -90.54 26.64 5.35
CA VAL I 198 -89.31 26.59 4.56
C VAL I 198 -89.40 27.56 3.38
N THR I 199 -88.29 28.25 3.10
CA THR I 199 -88.23 29.22 2.01
C THR I 199 -87.05 28.95 1.10
N HIS I 200 -87.31 28.80 -0.21
CA HIS I 200 -86.24 28.55 -1.18
C HIS I 200 -86.43 29.39 -2.43
N GLU I 201 -85.37 30.11 -2.80
CA GLU I 201 -85.39 30.97 -3.99
C GLU I 201 -86.60 31.91 -3.96
N GLY I 202 -86.92 32.41 -2.78
CA GLY I 202 -88.02 33.35 -2.63
C GLY I 202 -89.39 32.71 -2.70
N HIS I 203 -89.44 31.39 -2.52
CA HIS I 203 -90.69 30.65 -2.48
C HIS I 203 -90.99 30.14 -1.08
N THR I 204 -92.13 30.55 -0.53
CA THR I 204 -92.54 30.08 0.79
C THR I 204 -93.35 28.79 0.69
N VAL I 205 -92.84 27.74 1.33
CA VAL I 205 -93.46 26.42 1.31
C VAL I 205 -93.78 25.98 2.74
N GLU I 206 -95.05 25.67 3.01
CA GLU I 206 -95.45 25.40 4.39
C GLU I 206 -95.99 24.00 4.63
N LYS I 207 -95.53 23.41 5.74
CA LYS I 207 -96.13 22.21 6.31
C LYS I 207 -96.69 22.57 7.69
N SER I 208 -97.54 21.71 8.23
CA SER I 208 -98.14 21.98 9.54
C SER I 208 -98.68 20.71 10.20
N LEU I 209 -98.61 20.67 11.53
CA LEU I 209 -99.11 19.53 12.30
C LEU I 209 -99.82 19.97 13.58
N SER I 210 -100.47 19.02 14.26
CA SER I 210 -101.09 19.28 15.55
C SER I 210 -100.77 18.14 16.52
N ARG I 211 -101.53 18.04 17.60
CA ARG I 211 -101.26 17.03 18.62
C ARG I 211 -101.85 15.68 18.25
N ALA I 212 -102.62 15.65 17.18
CA ALA I 212 -103.25 14.40 16.72
C ALA I 212 -102.23 13.44 16.11
N GLN J 1 -4.06 114.95 -3.07
CA GLN J 1 -3.51 113.67 -2.63
C GLN J 1 -2.06 113.83 -2.17
N ALA J 2 -1.13 113.75 -3.13
CA ALA J 2 0.29 113.79 -2.82
C ALA J 2 1.08 114.28 -4.03
N VAL J 3 2.32 114.72 -3.79
CA VAL J 3 3.15 115.26 -4.85
C VAL J 3 4.55 114.66 -4.84
N VAL J 4 5.09 114.44 -6.05
CA VAL J 4 6.43 113.92 -6.20
C VAL J 4 7.38 115.07 -6.54
N THR J 5 8.46 115.19 -5.77
CA THR J 5 9.40 116.28 -5.95
C THR J 5 10.74 115.79 -6.51
N GLN J 6 11.11 116.29 -7.68
CA GLN J 6 12.44 116.01 -8.23
C GLN J 6 13.28 117.28 -8.15
N GLU J 7 14.57 117.15 -8.42
CA GLU J 7 15.43 118.33 -8.48
C GLU J 7 15.05 119.15 -9.70
N SER J 8 15.27 120.46 -9.62
CA SER J 8 14.97 121.33 -10.75
C SER J 8 15.75 120.91 -11.98
N ALA J 9 17.08 120.99 -11.88
CA ALA J 9 17.98 120.57 -12.95
C ALA J 9 19.38 120.35 -12.41
N LEU J 10 20.08 119.38 -12.98
CA LEU J 10 21.43 119.05 -12.54
C LEU J 10 22.43 119.04 -13.71
N THR J 11 23.70 119.24 -13.38
CA THR J 11 24.76 119.34 -14.39
C THR J 11 25.89 118.37 -14.08
N THR J 12 26.37 117.67 -15.11
CA THR J 12 27.48 116.75 -14.92
C THR J 12 28.34 116.65 -16.18
N SER J 13 29.56 116.14 -16.03
CA SER J 13 30.49 115.99 -17.13
C SER J 13 30.55 114.54 -17.62
N PRO J 14 30.86 114.35 -18.91
CA PRO J 14 31.05 113.03 -19.49
C PRO J 14 32.05 112.16 -18.71
N GLY J 15 31.63 110.93 -18.39
CA GLY J 15 32.51 109.99 -17.71
C GLY J 15 32.34 110.00 -16.20
N GLU J 16 31.55 110.93 -15.68
CA GLU J 16 31.35 111.03 -14.24
C GLU J 16 30.05 110.41 -13.76
N THR J 17 29.87 110.40 -12.44
CA THR J 17 28.69 109.79 -11.83
C THR J 17 27.75 110.85 -11.27
N VAL J 18 26.48 110.77 -11.66
CA VAL J 18 25.47 111.72 -11.18
C VAL J 18 24.25 110.97 -10.63
N THR J 19 23.60 111.53 -9.62
CA THR J 19 22.45 110.87 -9.01
C THR J 19 21.22 111.78 -8.90
N LEU J 20 20.12 111.37 -9.51
CA LEU J 20 18.86 112.10 -9.37
C LEU J 20 18.00 111.51 -8.27
N THR J 21 17.42 112.37 -7.46
CA THR J 21 16.55 111.93 -6.37
C THR J 21 15.09 112.09 -6.73
N CYS J 22 14.23 111.47 -5.92
CA CYS J 22 12.79 111.48 -6.17
C CYS J 22 12.03 111.38 -4.85
N ARG J 23 11.60 112.53 -4.33
CA ARG J 23 11.03 112.58 -2.98
C ARG J 23 9.50 112.49 -2.97
N SER J 24 8.98 111.68 -2.06
CA SER J 24 7.54 111.56 -1.85
C SER J 24 7.09 112.50 -0.75
N SER J 25 5.86 112.98 -0.84
CA SER J 25 5.35 113.91 0.16
C SER J 25 4.58 113.17 1.27
N THR J 26 4.19 111.93 1.01
CA THR J 26 3.48 111.13 2.00
C THR J 26 4.43 110.58 3.05
N GLY J 27 5.69 110.40 2.64
CA GLY J 27 6.69 109.82 3.50
C GLY J 27 7.79 109.20 2.69
N ALA J 28 8.41 108.15 3.23
CA ALA J 28 9.50 107.47 2.56
C ALA J 28 9.02 106.70 1.34
N VAL J 29 9.87 106.66 0.33
CA VAL J 29 9.58 105.89 -0.87
C VAL J 29 9.93 104.42 -0.62
N THR J 30 8.92 103.57 -0.45
CA THR J 30 9.16 102.15 -0.17
C THR J 30 9.14 101.34 -1.46
N THR J 31 9.36 100.04 -1.33
CA THR J 31 9.40 99.15 -2.48
C THR J 31 8.03 99.04 -3.15
N ILE J 32 6.97 99.33 -2.39
CA ILE J 32 5.60 99.24 -2.88
C ILE J 32 5.22 100.47 -3.68
N ASN J 33 6.18 101.36 -3.90
CA ASN J 33 5.97 102.54 -4.72
C ASN J 33 6.42 102.28 -6.16
N PHE J 34 7.24 101.24 -6.33
CA PHE J 34 7.69 100.80 -7.65
C PHE J 34 8.20 101.96 -8.49
N ALA J 35 9.23 102.64 -7.99
CA ALA J 35 9.75 103.82 -8.65
C ALA J 35 10.11 103.55 -10.10
N ASN J 36 9.53 104.34 -11.01
CA ASN J 36 9.89 104.28 -12.43
C ASN J 36 10.72 105.48 -12.84
N TRP J 37 11.55 105.32 -13.86
CA TRP J 37 12.29 106.46 -14.41
C TRP J 37 12.12 106.53 -15.92
N VAL J 38 11.68 107.69 -16.40
CA VAL J 38 11.46 107.88 -17.83
C VAL J 38 12.28 109.03 -18.42
N GLN J 39 12.97 108.75 -19.53
CA GLN J 39 13.85 109.72 -20.17
C GLN J 39 13.17 110.43 -21.34
N GLU J 40 13.11 111.75 -21.26
CA GLU J 40 12.51 112.55 -22.32
C GLU J 40 13.55 113.25 -23.18
N LYS J 41 13.81 112.68 -24.35
CA LYS J 41 14.65 113.29 -25.36
C LYS J 41 13.91 114.50 -25.96
N PRO J 42 14.63 115.39 -26.65
CA PRO J 42 13.95 116.49 -27.34
C PRO J 42 12.94 116.01 -28.37
N ASP J 43 11.97 116.86 -28.70
CA ASP J 43 10.91 116.56 -29.66
C ASP J 43 9.96 115.48 -29.19
N HIS J 44 9.75 115.41 -27.87
CA HIS J 44 8.78 114.49 -27.27
C HIS J 44 9.05 113.02 -27.53
N LEU J 45 10.20 112.52 -27.07
CA LEU J 45 10.53 111.11 -27.17
C LEU J 45 10.72 110.52 -25.78
N PHE J 46 9.90 109.54 -25.42
CA PHE J 46 9.98 108.95 -24.10
C PHE J 46 10.41 107.48 -24.15
N THR J 47 11.17 107.06 -23.14
CA THR J 47 11.59 105.67 -22.98
C THR J 47 11.79 105.36 -21.50
N GLY J 48 11.27 104.22 -21.06
CA GLY J 48 11.42 103.80 -19.67
C GLY J 48 12.82 103.31 -19.38
N LEU J 49 13.22 103.37 -18.11
CA LEU J 49 14.54 102.91 -17.71
C LEU J 49 14.44 101.84 -16.66
N ILE J 50 14.35 102.27 -15.40
CA ILE J 50 14.22 101.36 -14.28
C ILE J 50 12.80 101.43 -13.76
N GLY J 51 12.30 100.33 -13.24
CA GLY J 51 10.96 100.28 -12.69
C GLY J 51 10.61 98.98 -11.99
N GLY J 52 9.41 98.93 -11.41
CA GLY J 52 8.94 97.74 -10.73
C GLY J 52 9.79 97.40 -9.54
N ILE J 53 10.20 96.14 -9.46
CA ILE J 53 11.03 95.71 -8.37
C ILE J 53 12.51 95.83 -8.75
N ASN J 54 12.83 95.48 -9.99
CA ASN J 54 14.22 95.59 -10.45
C ASN J 54 14.29 95.59 -11.97
N ASN J 55 13.12 95.68 -12.58
CA ASN J 55 12.98 95.59 -14.02
C ASN J 55 13.59 96.77 -14.77
N ARG J 56 14.04 96.47 -15.98
CA ARG J 56 14.64 97.44 -16.88
C ARG J 56 14.09 97.27 -18.29
N ALA J 57 13.78 98.37 -18.94
CA ALA J 57 13.29 98.29 -20.33
C ALA J 57 14.39 97.71 -21.20
N PRO J 58 14.00 96.89 -22.18
CA PRO J 58 14.97 96.31 -23.12
C PRO J 58 15.74 97.41 -23.85
N GLY J 59 17.07 97.38 -23.76
CA GLY J 59 17.90 98.37 -24.45
C GLY J 59 18.38 99.50 -23.56
N VAL J 60 18.32 99.30 -22.25
CA VAL J 60 18.80 100.30 -21.30
C VAL J 60 20.24 100.01 -20.93
N PRO J 61 21.12 101.01 -21.12
CA PRO J 61 22.56 100.91 -20.86
C PRO J 61 22.83 100.43 -19.44
N ALA J 62 23.95 99.76 -19.22
CA ALA J 62 24.26 99.26 -17.89
C ALA J 62 24.55 100.41 -16.92
N ARG J 63 25.00 101.54 -17.45
CA ARG J 63 25.39 102.68 -16.61
C ARG J 63 24.22 103.24 -15.80
N PHE J 64 23.01 103.00 -16.30
CA PHE J 64 21.81 103.34 -15.56
C PHE J 64 21.55 102.31 -14.49
N SER J 65 21.21 102.77 -13.29
CA SER J 65 20.99 101.87 -12.19
C SER J 65 20.08 102.48 -11.13
N GLY J 66 19.15 101.68 -10.63
CA GLY J 66 18.19 102.15 -9.65
C GLY J 66 18.56 101.78 -8.24
N SER J 67 18.05 102.55 -7.29
CA SER J 67 18.31 102.34 -5.88
C SER J 67 17.38 103.16 -5.00
N LEU J 68 17.55 103.01 -3.69
CA LEU J 68 16.74 103.76 -2.72
C LEU J 68 17.64 104.39 -1.66
N ILE J 69 18.47 105.34 -2.09
CA ILE J 69 19.35 106.07 -1.18
C ILE J 69 18.50 106.96 -0.28
N GLY J 70 18.79 106.92 1.02
CA GLY J 70 18.03 107.69 1.99
C GLY J 70 16.60 107.17 2.07
N ASP J 71 15.65 108.07 1.92
CA ASP J 71 14.24 107.69 1.95
C ASP J 71 13.53 108.12 0.68
N LYS J 72 14.30 108.23 -0.40
CA LYS J 72 13.73 108.58 -1.70
C LYS J 72 14.35 107.74 -2.81
N ALA J 73 13.67 107.72 -3.96
CA ALA J 73 14.11 106.91 -5.10
C ALA J 73 15.30 107.55 -5.79
N ALA J 74 16.18 106.72 -6.34
CA ALA J 74 17.44 107.22 -6.89
C ALA J 74 17.78 106.64 -8.26
N LEU J 75 18.05 107.52 -9.21
CA LEU J 75 18.55 107.13 -10.53
C LEU J 75 20.00 107.53 -10.61
N THR J 76 20.89 106.55 -10.71
CA THR J 76 22.31 106.83 -10.73
C THR J 76 22.97 106.43 -12.05
N ILE J 77 23.61 107.40 -12.70
CA ILE J 77 24.32 107.14 -13.95
C ILE J 77 25.81 107.13 -13.73
N THR J 78 26.37 105.94 -13.68
CA THR J 78 27.82 105.80 -13.50
C THR J 78 28.53 105.77 -14.85
N GLY J 79 29.13 106.91 -15.23
CA GLY J 79 29.76 107.01 -16.53
C GLY J 79 28.87 107.71 -17.54
N ALA J 80 28.53 108.95 -17.25
CA ALA J 80 27.61 109.74 -18.06
C ALA J 80 28.10 109.87 -19.49
N GLN J 81 27.16 109.97 -20.42
CA GLN J 81 27.48 110.15 -21.83
C GLN J 81 26.83 111.43 -22.34
N THR J 82 27.26 111.89 -23.52
CA THR J 82 26.73 113.13 -24.08
C THR J 82 25.25 113.00 -24.46
N GLU J 83 24.85 111.79 -24.87
CA GLU J 83 23.48 111.55 -25.32
C GLU J 83 22.54 111.29 -24.16
N ASP J 84 23.08 111.18 -22.95
CA ASP J 84 22.24 110.99 -21.78
C ASP J 84 21.68 112.34 -21.30
N GLU J 85 21.95 113.40 -22.06
CA GLU J 85 21.46 114.73 -21.72
C GLU J 85 20.00 114.87 -22.12
N ALA J 86 19.12 114.84 -21.13
CA ALA J 86 17.69 114.94 -21.38
C ALA J 86 16.97 115.29 -20.10
N ILE J 87 15.64 115.30 -20.16
CA ILE J 87 14.85 115.55 -18.98
C ILE J 87 14.37 114.23 -18.41
N TYR J 88 14.65 114.00 -17.14
CA TYR J 88 14.35 112.70 -16.53
C TYR J 88 13.18 112.77 -15.56
N PHE J 89 12.15 111.99 -15.84
CA PHE J 89 10.96 111.94 -14.99
C PHE J 89 10.88 110.68 -14.17
N CYS J 90 10.50 110.83 -12.90
CA CYS J 90 10.24 109.66 -12.08
C CYS J 90 8.77 109.64 -11.67
N ALA J 91 8.22 108.43 -11.58
CA ALA J 91 6.84 108.24 -11.16
C ALA J 91 6.76 107.23 -10.05
N LEU J 92 5.85 107.49 -9.10
CA LEU J 92 5.69 106.62 -7.94
C LEU J 92 4.25 106.11 -7.81
N TRP J 93 4.09 104.84 -7.42
CA TRP J 93 2.77 104.18 -7.28
C TRP J 93 2.06 104.35 -5.95
N TYR J 94 1.04 105.20 -5.91
CA TYR J 94 0.31 105.48 -4.67
C TYR J 94 -1.08 104.85 -4.70
N SER J 95 -1.16 103.57 -4.35
CA SER J 95 -2.45 102.88 -4.14
C SER J 95 -3.42 102.84 -5.31
N ASN J 96 -3.77 104.02 -5.84
CA ASN J 96 -4.84 104.19 -6.83
C ASN J 96 -4.24 104.33 -8.19
N HIS J 97 -3.32 105.29 -8.28
CA HIS J 97 -2.82 105.72 -9.56
C HIS J 97 -1.37 106.19 -9.53
N TRP J 98 -0.76 106.31 -10.72
CA TRP J 98 0.62 106.76 -10.82
C TRP J 98 0.72 108.26 -10.72
N VAL J 99 1.74 108.72 -10.01
CA VAL J 99 2.00 110.14 -9.89
C VAL J 99 3.40 110.45 -10.31
N PHE J 100 3.52 111.25 -11.38
CA PHE J 100 4.81 111.71 -11.86
C PHE J 100 5.34 112.86 -11.02
N GLY J 101 6.57 113.26 -11.32
CA GLY J 101 7.18 114.36 -10.60
C GLY J 101 7.39 115.56 -11.50
N GLY J 102 8.22 116.49 -11.05
CA GLY J 102 8.50 117.69 -11.80
C GLY J 102 9.40 117.42 -12.99
N GLY J 103 10.26 116.43 -12.86
CA GLY J 103 11.22 116.10 -13.89
C GLY J 103 12.48 116.92 -13.73
N THR J 104 13.62 116.25 -13.76
CA THR J 104 14.90 116.91 -13.59
C THR J 104 15.58 117.08 -14.93
N LYS J 105 16.03 118.30 -15.22
CA LYS J 105 16.71 118.55 -16.48
C LYS J 105 18.20 118.30 -16.37
N LEU J 106 18.63 117.11 -16.79
CA LEU J 106 20.02 116.73 -16.71
C LEU J 106 20.80 117.29 -17.88
N THR J 107 21.97 117.83 -17.56
CA THR J 107 22.83 118.41 -18.58
C THR J 107 24.19 117.73 -18.55
N VAL J 108 24.53 117.05 -19.64
CA VAL J 108 25.87 116.51 -19.82
C VAL J 108 26.64 117.38 -20.81
N LEU J 109 27.63 118.11 -20.31
CA LEU J 109 28.34 119.10 -21.12
C LEU J 109 29.09 118.48 -22.30
N GLY J 110 28.66 118.83 -23.51
CA GLY J 110 29.33 118.36 -24.72
C GLY J 110 30.33 119.39 -25.21
N GLN J 111 30.15 120.62 -24.74
CA GLN J 111 31.04 121.72 -25.05
C GLN J 111 31.16 122.59 -23.82
N PRO J 112 32.24 123.38 -23.70
CA PRO J 112 32.43 124.20 -22.51
C PRO J 112 31.28 125.15 -22.27
N LYS J 113 31.01 125.48 -21.02
CA LYS J 113 29.91 126.38 -20.66
C LYS J 113 30.03 127.71 -21.37
N SER J 114 28.90 128.38 -21.59
CA SER J 114 28.91 129.68 -22.27
C SER J 114 27.91 130.67 -21.67
N SER J 115 28.36 131.92 -21.53
CA SER J 115 27.51 133.00 -21.05
C SER J 115 26.43 133.35 -22.08
N PRO J 116 25.22 133.69 -21.60
CA PRO J 116 24.05 133.97 -22.45
C PRO J 116 24.08 135.32 -23.16
N SER J 117 24.04 135.29 -24.49
CA SER J 117 23.89 136.50 -25.28
C SER J 117 22.45 136.99 -25.18
N VAL J 118 22.28 138.24 -24.77
CA VAL J 118 20.96 138.76 -24.42
C VAL J 118 20.61 140.08 -25.12
N THR J 119 19.60 140.05 -25.98
CA THR J 119 19.22 141.27 -26.70
C THR J 119 17.81 141.73 -26.35
N LEU J 120 17.67 143.03 -26.15
CA LEU J 120 16.41 143.64 -25.76
C LEU J 120 15.85 144.46 -26.91
N PHE J 121 14.56 144.28 -27.20
CA PHE J 121 13.90 145.03 -28.26
C PHE J 121 12.73 145.86 -27.73
N PRO J 122 12.81 147.19 -27.88
CA PRO J 122 11.67 148.07 -27.59
C PRO J 122 10.51 147.79 -28.55
N PRO J 123 9.28 148.17 -28.16
CA PRO J 123 8.12 147.90 -29.01
C PRO J 123 8.10 148.81 -30.24
N SER J 124 7.63 148.30 -31.37
CA SER J 124 7.65 149.05 -32.62
C SER J 124 6.62 150.18 -32.63
N SER J 125 6.80 151.12 -33.54
CA SER J 125 5.89 152.26 -33.68
C SER J 125 4.59 151.82 -34.32
N GLU J 126 4.66 150.79 -35.15
CA GLU J 126 3.49 150.27 -35.84
C GLU J 126 2.62 149.44 -34.90
N GLU J 127 3.19 149.06 -33.76
CA GLU J 127 2.48 148.22 -32.81
C GLU J 127 1.76 149.02 -31.74
N LEU J 128 2.37 150.14 -31.34
CA LEU J 128 1.82 150.98 -30.29
C LEU J 128 0.48 151.61 -30.68
N GLU J 129 0.13 151.51 -31.95
CA GLU J 129 -1.16 152.01 -32.43
C GLU J 129 -2.26 150.99 -32.16
N THR J 130 -1.86 149.75 -31.88
CA THR J 130 -2.79 148.69 -31.52
C THR J 130 -3.03 148.71 -30.02
N ASN J 131 -2.33 149.61 -29.34
CA ASN J 131 -2.34 149.71 -27.88
C ASN J 131 -1.78 148.45 -27.21
N LYS J 132 -0.84 147.79 -27.88
CA LYS J 132 -0.24 146.56 -27.35
C LYS J 132 1.27 146.63 -27.26
N ALA J 133 1.78 147.42 -26.32
CA ALA J 133 3.23 147.55 -26.14
C ALA J 133 3.85 146.25 -25.66
N THR J 134 4.61 145.60 -26.54
CA THR J 134 5.22 144.32 -26.20
C THR J 134 6.74 144.35 -26.34
N LEU J 135 7.42 144.36 -25.20
CA LEU J 135 8.88 144.21 -25.15
C LEU J 135 9.27 142.80 -25.54
N VAL J 136 10.48 142.64 -26.08
CA VAL J 136 10.98 141.31 -26.43
C VAL J 136 12.39 141.11 -25.89
N CYS J 137 12.67 139.93 -25.39
CA CYS J 137 14.00 139.61 -24.86
C CYS J 137 14.55 138.32 -25.45
N THR J 138 15.46 138.45 -26.42
CA THR J 138 16.03 137.30 -27.09
C THR J 138 17.31 136.83 -26.39
N ILE J 139 17.26 135.62 -25.85
CA ILE J 139 18.38 135.04 -25.11
C ILE J 139 19.02 133.94 -25.92
N THR J 140 20.28 134.13 -26.31
CA THR J 140 20.95 133.17 -27.18
C THR J 140 22.29 132.69 -26.62
N ASP J 141 22.65 131.47 -27.00
CA ASP J 141 23.98 130.91 -26.75
C ASP J 141 24.36 130.76 -25.28
N PHE J 142 23.50 130.11 -24.50
CA PHE J 142 23.84 129.76 -23.13
C PHE J 142 23.80 128.25 -22.95
N TYR J 143 24.61 127.76 -22.02
CA TYR J 143 24.79 126.32 -21.85
C TYR J 143 25.44 126.07 -20.51
N PRO J 144 24.79 125.29 -19.63
CA PRO J 144 23.56 124.50 -19.73
C PRO J 144 22.29 125.29 -20.08
N GLY J 145 21.24 124.57 -20.46
CA GLY J 145 20.00 125.17 -20.91
C GLY J 145 18.99 125.51 -19.83
N VAL J 146 19.31 126.54 -19.05
CA VAL J 146 18.38 127.04 -18.05
C VAL J 146 18.66 128.51 -17.83
N VAL J 147 17.60 129.31 -17.73
CA VAL J 147 17.74 130.76 -17.57
C VAL J 147 16.68 131.28 -16.61
N THR J 148 17.09 132.19 -15.73
CA THR J 148 16.15 132.85 -14.82
C THR J 148 15.92 134.29 -15.28
N VAL J 149 14.81 134.49 -15.99
CA VAL J 149 14.48 135.79 -16.55
C VAL J 149 13.65 136.64 -15.60
N ASP J 150 14.16 137.83 -15.27
CA ASP J 150 13.46 138.77 -14.40
C ASP J 150 13.30 140.13 -15.07
N TRP J 151 12.08 140.68 -15.01
CA TRP J 151 11.78 141.99 -15.59
C TRP J 151 11.68 143.07 -14.51
N LYS J 152 12.23 144.25 -14.82
CA LYS J 152 12.26 145.37 -13.88
C LYS J 152 11.86 146.68 -14.55
N VAL J 153 10.70 147.20 -14.20
CA VAL J 153 10.24 148.47 -14.77
C VAL J 153 10.37 149.60 -13.73
N ASP J 154 11.00 150.69 -14.13
CA ASP J 154 11.26 151.83 -13.24
C ASP J 154 11.95 151.40 -11.94
N GLY J 155 12.69 150.29 -12.01
CA GLY J 155 13.37 149.75 -10.85
C GLY J 155 12.52 148.74 -10.09
N THR J 156 11.21 148.79 -10.31
CA THR J 156 10.27 147.92 -9.61
C THR J 156 10.06 146.59 -10.34
N PRO J 157 10.49 145.48 -9.72
CA PRO J 157 10.34 144.13 -10.30
C PRO J 157 8.90 143.81 -10.70
N VAL J 158 8.70 143.35 -11.93
CA VAL J 158 7.35 143.11 -12.43
C VAL J 158 6.83 141.73 -12.05
N THR J 159 5.64 141.69 -11.45
CA THR J 159 5.00 140.45 -11.07
C THR J 159 4.37 139.77 -12.29
N GLN J 160 3.25 140.31 -12.76
CA GLN J 160 2.53 139.74 -13.89
C GLN J 160 2.71 140.57 -15.16
N GLY J 161 2.28 139.99 -16.28
CA GLY J 161 2.41 140.64 -17.57
C GLY J 161 3.56 140.08 -18.36
N MET J 162 4.36 139.24 -17.70
CA MET J 162 5.52 138.62 -18.34
C MET J 162 5.30 137.14 -18.60
N GLU J 163 6.01 136.62 -19.60
CA GLU J 163 5.93 135.22 -19.99
C GLU J 163 7.21 134.83 -20.72
N THR J 164 7.65 133.59 -20.55
CA THR J 164 8.91 133.16 -21.14
C THR J 164 8.81 131.80 -21.83
N THR J 165 9.57 131.64 -22.91
CA THR J 165 9.58 130.39 -23.65
C THR J 165 10.48 129.35 -22.99
N GLN J 166 10.31 128.09 -23.39
CA GLN J 166 11.16 127.01 -22.94
C GLN J 166 12.48 127.03 -23.70
N PRO J 167 13.57 126.67 -23.01
CA PRO J 167 14.87 126.57 -23.67
C PRO J 167 14.85 125.55 -24.82
N SER J 168 15.10 125.98 -26.05
CA SER J 168 15.21 125.05 -27.16
C SER J 168 16.65 125.04 -27.67
N LYS J 169 17.17 123.85 -27.95
CA LYS J 169 18.56 123.71 -28.39
C LYS J 169 18.82 124.46 -29.69
N GLN J 170 19.93 125.17 -29.74
CA GLN J 170 20.40 125.77 -30.97
C GLN J 170 21.00 124.71 -31.87
N SER J 171 21.53 125.13 -33.01
CA SER J 171 22.29 124.25 -33.88
C SER J 171 23.68 124.07 -33.29
N ASN J 172 24.08 125.01 -32.44
CA ASN J 172 25.33 124.92 -31.70
C ASN J 172 25.15 124.04 -30.46
N ASN J 173 23.98 123.41 -30.38
CA ASN J 173 23.54 122.65 -29.21
C ASN J 173 23.51 123.52 -27.95
N LYS J 174 23.60 124.82 -28.15
CA LYS J 174 23.65 125.79 -27.08
C LYS J 174 22.27 126.40 -26.92
N TYR J 175 21.54 125.94 -25.92
CA TYR J 175 20.16 126.35 -25.69
C TYR J 175 19.90 127.85 -25.83
N MET J 176 18.77 128.20 -26.43
CA MET J 176 18.34 129.59 -26.55
C MET J 176 16.89 129.72 -26.09
N ALA J 177 16.47 130.95 -25.83
CA ALA J 177 15.12 131.21 -25.36
C ALA J 177 14.71 132.66 -25.54
N SER J 178 13.42 132.94 -25.36
CA SER J 178 12.90 134.29 -25.51
C SER J 178 11.88 134.60 -24.42
N SER J 179 11.98 135.79 -23.83
CA SER J 179 11.01 136.23 -22.85
C SER J 179 10.26 137.46 -23.35
N TYR J 180 8.99 137.58 -22.94
CA TYR J 180 8.13 138.66 -23.41
C TYR J 180 7.61 139.49 -22.25
N LEU J 181 7.14 140.70 -22.56
CA LEU J 181 6.51 141.58 -21.56
C LEU J 181 5.38 142.36 -22.21
N THR J 182 4.15 141.96 -21.91
CA THR J 182 2.99 142.56 -22.56
C THR J 182 2.32 143.61 -21.69
N LEU J 183 2.11 144.79 -22.27
CA LEU J 183 1.44 145.90 -21.60
C LEU J 183 0.46 146.57 -22.56
N THR J 184 0.01 147.77 -22.18
CA THR J 184 -0.82 148.58 -23.06
C THR J 184 -0.05 149.82 -23.49
N ALA J 185 -0.57 150.52 -24.51
CA ALA J 185 0.09 151.72 -25.02
C ALA J 185 0.23 152.76 -23.94
N ARG J 186 -0.84 152.98 -23.19
CA ARG J 186 -0.79 153.93 -22.09
C ARG J 186 0.19 153.45 -21.03
N ALA J 187 0.24 152.14 -20.83
CA ALA J 187 1.17 151.55 -19.87
C ALA J 187 2.61 151.84 -20.28
N TRP J 188 2.87 151.70 -21.57
CA TRP J 188 4.19 151.99 -22.13
C TRP J 188 4.59 153.44 -21.92
N GLU J 189 3.75 154.34 -22.41
CA GLU J 189 4.00 155.78 -22.28
C GLU J 189 4.09 156.22 -20.82
N ARG J 190 3.42 155.48 -19.94
CA ARG J 190 3.34 155.86 -18.52
C ARG J 190 4.64 155.61 -17.78
N HIS J 191 5.31 154.50 -18.09
CA HIS J 191 6.55 154.17 -17.43
C HIS J 191 7.75 154.48 -18.33
N SER J 192 8.74 155.13 -17.74
CA SER J 192 9.87 155.64 -18.50
C SER J 192 10.88 154.56 -18.87
N SER J 193 11.26 153.75 -17.89
CA SER J 193 12.39 152.84 -18.06
C SER J 193 12.04 151.37 -17.88
N TYR J 194 12.83 150.51 -18.51
CA TYR J 194 12.64 149.07 -18.39
C TYR J 194 13.96 148.33 -18.21
N SER J 195 13.88 147.05 -17.84
CA SER J 195 15.08 146.25 -17.58
C SER J 195 14.83 144.75 -17.63
N CYS J 196 15.31 144.11 -18.69
CA CYS J 196 15.27 142.65 -18.81
C CYS J 196 16.54 142.05 -18.21
N GLN J 197 16.38 141.19 -17.22
CA GLN J 197 17.51 140.62 -16.52
C GLN J 197 17.47 139.09 -16.52
N VAL J 198 18.56 138.46 -16.95
CA VAL J 198 18.63 137.00 -16.96
C VAL J 198 19.67 136.48 -15.97
N THR J 199 19.62 135.18 -15.72
CA THR J 199 20.55 134.53 -14.82
C THR J 199 20.89 133.13 -15.32
N HIS J 200 22.18 132.79 -15.30
CA HIS J 200 22.62 131.50 -15.79
C HIS J 200 23.89 131.02 -15.11
N GLU J 201 23.84 129.82 -14.54
CA GLU J 201 25.00 129.20 -13.90
C GLU J 201 25.59 130.10 -12.81
N GLY J 202 24.77 131.02 -12.31
CA GLY J 202 25.20 131.91 -11.24
C GLY J 202 25.45 133.34 -11.66
N HIS J 203 26.02 133.54 -12.85
CA HIS J 203 26.27 134.90 -13.35
C HIS J 203 24.95 135.63 -13.60
N THR J 204 25.02 136.96 -13.63
CA THR J 204 23.83 137.79 -13.82
C THR J 204 24.07 138.91 -14.82
N VAL J 205 23.38 138.86 -15.95
CA VAL J 205 23.47 139.92 -16.95
C VAL J 205 22.20 140.78 -16.96
N GLU J 206 22.35 142.08 -17.15
CA GLU J 206 21.21 142.99 -17.19
C GLU J 206 21.24 143.93 -18.40
N LYS J 207 20.18 143.90 -19.19
CA LYS J 207 20.00 144.83 -20.30
C LYS J 207 18.82 145.76 -20.03
N SER J 208 19.02 147.04 -20.27
CA SER J 208 17.97 148.02 -20.02
C SER J 208 17.76 148.92 -21.24
N LEU J 209 16.82 149.85 -21.14
CA LEU J 209 16.56 150.79 -22.22
C LEU J 209 15.71 151.95 -21.75
N SER J 210 15.79 153.08 -22.44
CA SER J 210 15.09 154.31 -22.06
C SER J 210 13.95 154.64 -23.02
N ARG J 211 12.91 155.28 -22.48
CA ARG J 211 11.71 155.73 -23.20
C ARG J 211 11.24 154.78 -24.29
N GLN K 1 -55.40 90.68 -16.90
CA GLN K 1 -53.93 90.67 -16.90
C GLN K 1 -53.37 91.77 -17.80
N ALA K 2 -53.21 91.46 -19.09
CA ALA K 2 -52.60 92.40 -20.03
C ALA K 2 -53.05 92.09 -21.45
N VAL K 3 -52.86 93.05 -22.35
CA VAL K 3 -53.30 92.89 -23.73
C VAL K 3 -52.22 93.26 -24.75
N VAL K 4 -52.17 92.51 -25.84
CA VAL K 4 -51.23 92.77 -26.92
C VAL K 4 -51.93 93.50 -28.05
N THR K 5 -51.39 94.64 -28.45
CA THR K 5 -52.01 95.46 -29.49
C THR K 5 -51.20 95.46 -30.79
N GLN K 6 -51.82 94.98 -31.87
CA GLN K 6 -51.22 95.07 -33.18
C GLN K 6 -51.95 96.11 -34.01
N GLU K 7 -51.42 96.43 -35.19
CA GLU K 7 -52.13 97.32 -36.09
C GLU K 7 -53.36 96.63 -36.63
N SER K 8 -54.37 97.41 -36.97
CA SER K 8 -55.60 96.86 -37.54
C SER K 8 -55.30 96.09 -38.82
N ALA K 9 -54.79 96.81 -39.82
CA ALA K 9 -54.40 96.21 -41.09
C ALA K 9 -53.47 97.14 -41.85
N LEU K 10 -52.52 96.57 -42.59
CA LEU K 10 -51.57 97.38 -43.34
C LEU K 10 -51.50 96.94 -44.81
N THR K 11 -51.08 97.86 -45.66
CA THR K 11 -51.04 97.62 -47.10
C THR K 11 -49.65 97.95 -47.66
N THR K 12 -49.15 97.08 -48.53
CA THR K 12 -47.85 97.32 -49.14
C THR K 12 -47.80 96.76 -50.56
N SER K 13 -46.81 97.20 -51.33
CA SER K 13 -46.64 96.76 -52.70
C SER K 13 -45.54 95.73 -52.81
N PRO K 14 -45.65 94.80 -53.77
CA PRO K 14 -44.63 93.77 -54.02
C PRO K 14 -43.23 94.36 -54.21
N GLY K 15 -42.26 93.85 -53.48
CA GLY K 15 -40.88 94.30 -53.61
C GLY K 15 -40.48 95.37 -52.61
N GLU K 16 -41.45 95.87 -51.84
CA GLU K 16 -41.19 96.93 -50.88
C GLU K 16 -41.02 96.38 -49.47
N THR K 17 -40.65 97.27 -48.54
CA THR K 17 -40.42 96.89 -47.15
C THR K 17 -41.52 97.39 -46.24
N VAL K 18 -42.08 96.48 -45.46
CA VAL K 18 -43.16 96.80 -44.55
C VAL K 18 -42.80 96.30 -43.14
N THR K 19 -43.24 97.03 -42.12
CA THR K 19 -42.95 96.68 -40.74
C THR K 19 -44.21 96.65 -39.87
N LEU K 20 -44.51 95.50 -39.30
CA LEU K 20 -45.63 95.36 -38.37
C LEU K 20 -45.13 95.51 -36.94
N THR K 21 -45.87 96.26 -36.12
CA THR K 21 -45.49 96.45 -34.73
C THR K 21 -46.34 95.57 -33.81
N CYS K 22 -45.91 95.45 -32.55
CA CYS K 22 -46.58 94.62 -31.57
C CYS K 22 -46.39 95.17 -30.17
N ARG K 23 -47.38 95.92 -29.68
CA ARG K 23 -47.22 96.65 -28.43
C ARG K 23 -47.74 95.89 -27.21
N SER K 24 -46.97 95.96 -26.14
CA SER K 24 -47.37 95.40 -24.86
C SER K 24 -48.04 96.47 -24.02
N SER K 25 -48.96 96.04 -23.15
CA SER K 25 -49.69 96.96 -22.28
C SER K 25 -49.05 97.09 -20.91
N THR K 26 -48.20 96.14 -20.56
CA THR K 26 -47.50 96.18 -19.28
C THR K 26 -46.32 97.13 -19.33
N GLY K 27 -45.79 97.33 -20.53
CA GLY K 27 -44.63 98.17 -20.73
C GLY K 27 -43.89 97.80 -22.00
N ALA K 28 -42.58 97.99 -21.99
CA ALA K 28 -41.75 97.70 -23.16
C ALA K 28 -41.61 96.19 -23.37
N VAL K 29 -41.56 95.80 -24.64
CA VAL K 29 -41.35 94.40 -25.00
C VAL K 29 -39.87 94.06 -24.92
N THR K 30 -39.50 93.32 -23.89
CA THR K 30 -38.10 92.96 -23.67
C THR K 30 -37.78 91.60 -24.28
N THR K 31 -36.54 91.16 -24.12
CA THR K 31 -36.09 89.89 -24.67
C THR K 31 -36.75 88.70 -23.99
N ILE K 32 -37.23 88.91 -22.77
CA ILE K 32 -37.87 87.86 -21.96
C ILE K 32 -39.34 87.64 -22.34
N ASN K 33 -39.79 88.35 -23.38
CA ASN K 33 -41.15 88.20 -23.90
C ASN K 33 -41.19 87.20 -25.05
N PHE K 34 -40.02 86.93 -25.62
CA PHE K 34 -39.86 85.94 -26.69
C PHE K 34 -40.89 86.13 -27.78
N ALA K 35 -40.87 87.30 -28.42
CA ALA K 35 -41.87 87.64 -29.42
C ALA K 35 -41.94 86.60 -30.54
N ASN K 36 -43.13 86.03 -30.74
CA ASN K 36 -43.38 85.11 -31.85
C ASN K 36 -44.24 85.79 -32.93
N TRP K 37 -44.09 85.36 -34.18
CA TRP K 37 -44.93 85.85 -35.27
C TRP K 37 -45.50 84.67 -36.06
N VAL K 38 -46.82 84.60 -36.17
CA VAL K 38 -47.45 83.49 -36.87
C VAL K 38 -48.31 84.00 -38.03
N GLN K 39 -48.16 83.37 -39.19
CA GLN K 39 -48.85 83.76 -40.43
C GLN K 39 -50.09 82.91 -40.68
N GLU K 40 -51.24 83.56 -40.80
CA GLU K 40 -52.49 82.85 -41.06
C GLU K 40 -52.92 83.00 -42.51
N LYS K 41 -52.65 81.97 -43.30
CA LYS K 41 -53.13 81.90 -44.67
C LYS K 41 -54.65 81.71 -44.67
N PRO K 42 -55.32 81.97 -45.81
CA PRO K 42 -56.76 81.69 -45.89
C PRO K 42 -57.08 80.22 -45.64
N ASP K 43 -58.31 79.95 -45.19
CA ASP K 43 -58.79 78.60 -44.87
C ASP K 43 -58.11 78.00 -43.65
N HIS K 44 -57.75 78.87 -42.71
CA HIS K 44 -57.17 78.43 -41.43
C HIS K 44 -55.86 77.67 -41.58
N LEU K 45 -54.85 78.32 -42.14
CA LEU K 45 -53.52 77.73 -42.24
C LEU K 45 -52.50 78.59 -41.49
N PHE K 46 -51.87 78.01 -40.47
CA PHE K 46 -50.92 78.73 -39.62
C PHE K 46 -49.50 78.19 -39.77
N THR K 47 -48.51 79.07 -39.67
CA THR K 47 -47.11 78.66 -39.66
C THR K 47 -46.29 79.69 -38.89
N GLY K 48 -45.37 79.22 -38.05
CA GLY K 48 -44.53 80.11 -37.28
C GLY K 48 -43.47 80.79 -38.12
N LEU K 49 -42.98 81.94 -37.67
CA LEU K 49 -41.95 82.67 -38.38
C LEU K 49 -40.72 82.89 -37.51
N ILE K 50 -40.73 83.99 -36.77
CA ILE K 50 -39.64 84.32 -35.85
C ILE K 50 -40.11 84.10 -34.42
N GLY K 51 -39.19 83.70 -33.54
CA GLY K 51 -39.56 83.49 -32.15
C GLY K 51 -38.37 83.22 -31.26
N GLY K 52 -38.64 83.08 -29.97
CA GLY K 52 -37.58 82.84 -29.00
C GLY K 52 -36.61 84.01 -28.94
N ILE K 53 -35.32 83.70 -29.02
CA ILE K 53 -34.28 84.71 -28.98
C ILE K 53 -33.88 85.15 -30.40
N ASN K 54 -33.81 84.20 -31.31
CA ASN K 54 -33.48 84.49 -32.70
C ASN K 54 -33.89 83.35 -33.60
N ASN K 55 -34.62 82.39 -33.03
CA ASN K 55 -35.00 81.18 -33.76
C ASN K 55 -35.98 81.43 -34.89
N ARG K 56 -35.91 80.59 -35.92
CA ARG K 56 -36.83 80.66 -37.06
C ARG K 56 -37.32 79.28 -37.44
N ALA K 57 -38.62 79.19 -37.72
CA ALA K 57 -39.19 77.93 -38.17
C ALA K 57 -38.53 77.55 -39.49
N PRO K 58 -38.23 76.25 -39.67
CA PRO K 58 -37.61 75.75 -40.90
C PRO K 58 -38.46 76.06 -42.13
N GLY K 59 -37.87 76.75 -43.10
CA GLY K 59 -38.57 77.07 -44.32
C GLY K 59 -39.14 78.48 -44.35
N VAL K 60 -38.63 79.35 -43.49
CA VAL K 60 -39.07 80.74 -43.45
C VAL K 60 -38.15 81.61 -44.30
N PRO K 61 -38.74 82.36 -45.26
CA PRO K 61 -38.00 83.21 -46.20
C PRO K 61 -37.04 84.18 -45.51
N ALA K 62 -35.96 84.52 -46.21
CA ALA K 62 -34.94 85.41 -45.66
C ALA K 62 -35.49 86.81 -45.51
N ARG K 63 -36.48 87.15 -46.33
CA ARG K 63 -37.07 88.49 -46.30
C ARG K 63 -37.76 88.77 -44.97
N PHE K 64 -38.17 87.73 -44.28
CA PHE K 64 -38.71 87.86 -42.93
C PHE K 64 -37.60 88.06 -41.92
N SER K 65 -37.79 89.00 -40.99
CA SER K 65 -36.76 89.31 -40.01
C SER K 65 -37.35 89.95 -38.75
N GLY K 66 -36.87 89.52 -37.59
CA GLY K 66 -37.36 90.04 -36.33
C GLY K 66 -36.42 91.07 -35.74
N SER K 67 -36.96 91.93 -34.89
CA SER K 67 -36.19 93.00 -34.24
C SER K 67 -37.02 93.60 -33.12
N LEU K 68 -36.46 94.61 -32.45
CA LEU K 68 -37.18 95.31 -31.38
C LEU K 68 -37.10 96.82 -31.58
N ILE K 69 -37.73 97.32 -32.64
CA ILE K 69 -37.78 98.76 -32.90
C ILE K 69 -38.63 99.47 -31.85
N GLY K 70 -38.10 100.55 -31.29
CA GLY K 70 -38.77 101.29 -30.23
C GLY K 70 -38.84 100.47 -28.95
N ASP K 71 -40.04 100.30 -28.42
CA ASP K 71 -40.23 99.51 -27.21
C ASP K 71 -41.26 98.40 -27.48
N LYS K 72 -41.39 98.03 -28.75
CA LYS K 72 -42.30 96.96 -29.16
C LYS K 72 -41.65 96.04 -30.19
N ALA K 73 -42.23 94.85 -30.35
CA ALA K 73 -41.70 93.84 -31.26
C ALA K 73 -41.99 94.19 -32.71
N ALA K 74 -41.10 93.81 -33.61
CA ALA K 74 -41.22 94.19 -35.02
C ALA K 74 -40.99 93.02 -35.97
N LEU K 75 -41.93 92.83 -36.89
CA LEU K 75 -41.77 91.88 -37.97
C LEU K 75 -41.58 92.66 -39.27
N THR K 76 -40.40 92.57 -39.86
CA THR K 76 -40.10 93.35 -41.05
C THR K 76 -39.87 92.49 -42.28
N ILE K 77 -40.66 92.75 -43.32
CA ILE K 77 -40.54 92.02 -44.58
C ILE K 77 -39.88 92.89 -45.64
N THR K 78 -38.58 92.68 -45.86
CA THR K 78 -37.84 93.43 -46.86
C THR K 78 -37.91 92.70 -48.21
N GLY K 79 -38.77 93.19 -49.09
CA GLY K 79 -39.00 92.56 -50.38
C GLY K 79 -40.26 91.73 -50.35
N ALA K 80 -41.39 92.39 -50.10
CA ALA K 80 -42.67 91.73 -49.97
C ALA K 80 -43.06 90.98 -51.24
N GLN K 81 -43.79 89.88 -51.06
CA GLN K 81 -44.25 89.07 -52.18
C GLN K 81 -45.77 88.98 -52.20
N THR K 82 -46.33 88.51 -53.30
CA THR K 82 -47.78 88.43 -53.44
C THR K 82 -48.38 87.39 -52.50
N GLU K 83 -47.62 86.34 -52.21
CA GLU K 83 -48.09 85.26 -51.35
C GLU K 83 -47.92 85.57 -49.87
N ASP K 84 -47.24 86.66 -49.56
CA ASP K 84 -47.07 87.09 -48.17
C ASP K 84 -48.30 87.84 -47.67
N GLU K 85 -49.35 87.88 -48.50
CA GLU K 85 -50.59 88.53 -48.12
C GLU K 85 -51.42 87.61 -47.23
N ALA K 86 -51.46 87.93 -45.94
CA ALA K 86 -52.22 87.14 -44.98
C ALA K 86 -52.41 87.92 -43.69
N ILE K 87 -52.96 87.25 -42.68
CA ILE K 87 -53.12 87.86 -41.37
C ILE K 87 -51.97 87.41 -40.46
N TYR K 88 -51.27 88.38 -39.90
CA TYR K 88 -50.09 88.10 -39.09
C TYR K 88 -50.35 88.33 -37.62
N PHE K 89 -50.18 87.27 -36.83
CA PHE K 89 -50.37 87.32 -35.38
C PHE K 89 -49.04 87.31 -34.66
N CYS K 90 -48.91 88.17 -33.64
CA CYS K 90 -47.75 88.13 -32.77
C CYS K 90 -48.17 87.78 -31.35
N ALA K 91 -47.31 87.03 -30.66
CA ALA K 91 -47.59 86.61 -29.31
C ALA K 91 -46.43 86.95 -28.38
N LEU K 92 -46.77 87.25 -27.13
CA LEU K 92 -45.78 87.60 -26.13
C LEU K 92 -45.85 86.67 -24.92
N TRP K 93 -44.69 86.37 -24.35
CA TRP K 93 -44.55 85.54 -23.16
C TRP K 93 -44.66 86.36 -21.89
N TYR K 94 -45.73 86.17 -21.12
CA TYR K 94 -45.88 86.87 -19.86
C TYR K 94 -45.73 85.93 -18.66
N SER K 95 -44.48 85.76 -18.23
CA SER K 95 -44.14 85.00 -17.03
C SER K 95 -44.45 83.50 -17.16
N ASN K 96 -45.66 83.11 -17.53
CA ASN K 96 -45.98 81.68 -17.53
C ASN K 96 -46.86 81.22 -18.70
N HIS K 97 -47.34 82.15 -19.52
CA HIS K 97 -48.31 81.83 -20.56
C HIS K 97 -48.19 82.75 -21.78
N TRP K 98 -48.80 82.35 -22.91
CA TRP K 98 -48.75 83.17 -24.12
C TRP K 98 -49.94 84.10 -24.24
N VAL K 99 -49.71 85.31 -24.72
CA VAL K 99 -50.81 86.23 -24.97
C VAL K 99 -50.67 86.68 -26.42
N PHE K 100 -51.65 86.30 -27.23
CA PHE K 100 -51.69 86.73 -28.62
C PHE K 100 -52.22 88.15 -28.72
N GLY K 101 -52.18 88.71 -29.92
CA GLY K 101 -52.70 90.04 -30.14
C GLY K 101 -53.92 90.01 -31.03
N GLY K 102 -54.28 91.17 -31.56
CA GLY K 102 -55.43 91.30 -32.44
C GLY K 102 -55.15 90.73 -33.82
N GLY K 103 -53.89 90.80 -34.25
CA GLY K 103 -53.50 90.36 -35.57
C GLY K 103 -53.61 91.46 -36.61
N THR K 104 -52.56 91.62 -37.42
CA THR K 104 -52.57 92.65 -38.47
C THR K 104 -52.85 91.99 -39.81
N LYS K 105 -53.81 92.54 -40.55
CA LYS K 105 -54.16 92.00 -41.86
C LYS K 105 -53.30 92.66 -42.94
N LEU K 106 -52.26 91.96 -43.36
CA LEU K 106 -51.33 92.50 -44.35
C LEU K 106 -51.84 92.32 -45.77
N THR K 107 -51.75 93.37 -46.57
CA THR K 107 -52.22 93.31 -47.95
C THR K 107 -51.12 93.65 -48.96
N VAL K 108 -50.73 92.66 -49.75
CA VAL K 108 -49.80 92.87 -50.85
C VAL K 108 -50.58 92.88 -52.16
N LEU K 109 -50.45 93.98 -52.91
CA LEU K 109 -51.27 94.21 -54.10
C LEU K 109 -51.09 93.15 -55.16
N GLY K 110 -52.20 92.56 -55.59
CA GLY K 110 -52.23 91.64 -56.71
C GLY K 110 -53.18 92.17 -57.76
N GLN K 111 -53.78 93.31 -57.47
CA GLN K 111 -54.71 94.00 -58.36
C GLN K 111 -54.98 95.40 -57.80
N PRO K 112 -55.25 96.38 -58.68
CA PRO K 112 -55.46 97.75 -58.20
C PRO K 112 -56.72 97.88 -57.33
N LYS K 113 -56.74 98.91 -56.49
CA LYS K 113 -57.84 99.13 -55.56
C LYS K 113 -59.19 99.25 -56.26
N SER K 114 -60.16 98.49 -55.79
CA SER K 114 -61.48 98.47 -56.39
C SER K 114 -62.55 99.02 -55.46
N SER K 115 -63.47 99.79 -56.02
CA SER K 115 -64.55 100.39 -55.25
C SER K 115 -65.57 99.34 -54.79
N PRO K 116 -66.09 99.51 -53.57
CA PRO K 116 -67.10 98.60 -53.00
C PRO K 116 -68.48 98.80 -53.61
N SER K 117 -69.05 97.76 -54.21
CA SER K 117 -70.39 97.86 -54.80
C SER K 117 -71.46 97.44 -53.78
N VAL K 118 -72.16 98.43 -53.24
CA VAL K 118 -73.13 98.21 -52.18
C VAL K 118 -74.56 98.20 -52.69
N THR K 119 -75.36 97.24 -52.22
CA THR K 119 -76.75 97.15 -52.63
C THR K 119 -77.64 96.83 -51.42
N LEU K 120 -78.55 97.75 -51.11
CA LEU K 120 -79.43 97.58 -49.95
C LEU K 120 -80.70 96.82 -50.31
N PHE K 121 -81.18 96.01 -49.37
CA PHE K 121 -82.43 95.26 -49.56
C PHE K 121 -83.41 95.51 -48.41
N PRO K 122 -84.71 95.48 -48.71
CA PRO K 122 -85.78 95.68 -47.72
C PRO K 122 -86.27 94.37 -47.10
N PRO K 123 -87.02 94.45 -45.98
CA PRO K 123 -87.59 93.25 -45.36
C PRO K 123 -88.61 92.55 -46.26
N SER K 124 -88.78 91.25 -46.04
CA SER K 124 -89.61 90.42 -46.91
C SER K 124 -91.07 90.41 -46.51
N SER K 125 -91.93 90.07 -47.47
CA SER K 125 -93.36 89.93 -47.24
C SER K 125 -93.65 88.87 -46.20
N GLU K 126 -93.05 87.69 -46.38
CA GLU K 126 -93.29 86.56 -45.51
C GLU K 126 -92.58 86.73 -44.18
N GLU K 127 -91.64 87.67 -44.13
CA GLU K 127 -90.91 87.92 -42.89
C GLU K 127 -91.60 89.00 -42.06
N LEU K 128 -92.06 90.05 -42.73
CA LEU K 128 -92.73 91.15 -42.04
C LEU K 128 -93.93 90.65 -41.24
N GLU K 129 -94.63 89.64 -41.75
CA GLU K 129 -95.79 89.09 -41.08
C GLU K 129 -95.41 88.27 -39.84
N THR K 130 -94.15 87.90 -39.75
CA THR K 130 -93.66 87.14 -38.60
C THR K 130 -93.16 88.08 -37.49
N ASN K 131 -93.55 89.35 -37.60
CA ASN K 131 -93.23 90.38 -36.61
C ASN K 131 -91.72 90.57 -36.40
N LYS K 132 -90.95 90.30 -37.44
CA LYS K 132 -89.50 90.52 -37.42
C LYS K 132 -89.02 91.02 -38.78
N ALA K 133 -88.23 92.08 -38.78
CA ALA K 133 -87.77 92.69 -40.02
C ALA K 133 -86.25 92.66 -40.13
N THR K 134 -85.74 92.12 -41.23
CA THR K 134 -84.29 91.98 -41.41
C THR K 134 -83.77 92.69 -42.66
N LEU K 135 -83.15 93.85 -42.46
CA LEU K 135 -82.44 94.54 -43.53
C LEU K 135 -81.23 93.71 -43.96
N VAL K 136 -80.78 93.87 -45.20
CA VAL K 136 -79.57 93.22 -45.67
C VAL K 136 -78.77 94.16 -46.56
N CYS K 137 -77.48 94.30 -46.25
CA CYS K 137 -76.59 95.19 -46.97
C CYS K 137 -75.39 94.39 -47.47
N THR K 138 -75.29 94.22 -48.79
CA THR K 138 -74.23 93.39 -49.37
C THR K 138 -73.15 94.21 -50.05
N ILE K 139 -71.91 94.06 -49.56
CA ILE K 139 -70.75 94.76 -50.12
C ILE K 139 -69.91 93.78 -50.96
N THR K 140 -69.70 94.10 -52.23
CA THR K 140 -68.95 93.20 -53.11
C THR K 140 -67.84 93.91 -53.89
N ASP K 141 -66.79 93.16 -54.20
CA ASP K 141 -65.71 93.61 -55.07
C ASP K 141 -64.99 94.85 -54.55
N PHE K 142 -64.38 94.74 -53.38
CA PHE K 142 -63.56 95.82 -52.84
C PHE K 142 -62.19 95.30 -52.43
N TYR K 143 -61.20 96.19 -52.45
CA TYR K 143 -59.82 95.81 -52.16
C TYR K 143 -58.99 97.05 -51.85
N PRO K 144 -58.30 97.06 -50.71
CA PRO K 144 -58.06 96.01 -49.70
C PRO K 144 -59.31 95.58 -48.94
N GLY K 145 -59.17 94.50 -48.16
CA GLY K 145 -60.29 93.96 -47.41
C GLY K 145 -60.47 94.57 -46.03
N VAL K 146 -60.81 95.86 -46.02
CA VAL K 146 -61.14 96.54 -44.79
C VAL K 146 -62.34 97.45 -45.03
N VAL K 147 -63.46 97.16 -44.37
CA VAL K 147 -64.66 97.96 -44.54
C VAL K 147 -65.33 98.28 -43.21
N THR K 148 -65.72 99.54 -43.06
CA THR K 148 -66.45 99.98 -41.86
C THR K 148 -67.94 100.01 -42.16
N VAL K 149 -68.70 99.19 -41.45
CA VAL K 149 -70.14 99.09 -41.68
C VAL K 149 -70.93 99.79 -40.57
N ASP K 150 -71.57 100.90 -40.94
CA ASP K 150 -72.32 101.70 -39.97
C ASP K 150 -73.75 101.98 -40.44
N TRP K 151 -74.72 101.73 -39.57
CA TRP K 151 -76.13 101.90 -39.92
C TRP K 151 -76.73 103.19 -39.34
N LYS K 152 -77.65 103.79 -40.08
CA LYS K 152 -78.34 105.00 -39.62
C LYS K 152 -79.85 104.91 -39.88
N VAL K 153 -80.63 105.24 -38.87
CA VAL K 153 -82.09 105.24 -38.98
C VAL K 153 -82.66 106.61 -38.61
N ASP K 154 -83.51 107.15 -39.48
CA ASP K 154 -84.10 108.47 -39.29
C ASP K 154 -83.06 109.58 -39.12
N GLY K 155 -81.82 109.29 -39.51
CA GLY K 155 -80.74 110.24 -39.35
C GLY K 155 -80.01 110.07 -38.03
N THR K 156 -80.36 109.00 -37.32
CA THR K 156 -79.76 108.70 -36.03
C THR K 156 -78.93 107.43 -36.13
N PRO K 157 -77.68 107.47 -35.63
CA PRO K 157 -76.84 106.27 -35.63
C PRO K 157 -77.45 105.15 -34.81
N VAL K 158 -77.38 103.93 -35.33
CA VAL K 158 -77.93 102.76 -34.65
C VAL K 158 -76.92 102.15 -33.70
N THR K 159 -77.39 101.69 -32.55
CA THR K 159 -76.52 101.09 -31.55
C THR K 159 -76.53 99.56 -31.64
N GLN K 160 -77.49 98.95 -30.95
CA GLN K 160 -77.62 97.51 -30.93
C GLN K 160 -78.44 97.03 -32.13
N GLY K 161 -78.26 95.77 -32.50
CA GLY K 161 -79.05 95.19 -33.56
C GLY K 161 -78.28 94.94 -34.84
N MET K 162 -77.34 95.81 -35.13
CA MET K 162 -76.53 95.67 -36.34
C MET K 162 -75.53 94.52 -36.19
N GLU K 163 -75.08 94.00 -37.32
CA GLU K 163 -74.11 92.90 -37.35
C GLU K 163 -73.52 92.79 -38.76
N THR K 164 -72.27 92.36 -38.84
CA THR K 164 -71.60 92.24 -40.14
C THR K 164 -70.55 91.13 -40.13
N THR K 165 -70.19 90.64 -41.31
CA THR K 165 -69.21 89.56 -41.44
C THR K 165 -67.83 90.08 -41.80
N GLN K 166 -66.81 89.31 -41.45
CA GLN K 166 -65.43 89.64 -41.78
C GLN K 166 -65.20 89.48 -43.29
N PRO K 167 -64.45 90.41 -43.89
CA PRO K 167 -64.13 90.37 -45.33
C PRO K 167 -63.53 89.04 -45.77
N SER K 168 -64.34 88.20 -46.43
CA SER K 168 -63.87 86.92 -46.94
C SER K 168 -63.47 87.03 -48.41
N LYS K 169 -62.59 86.13 -48.85
CA LYS K 169 -62.03 86.19 -50.20
C LYS K 169 -63.03 85.74 -51.26
N GLN K 170 -62.81 86.17 -52.51
CA GLN K 170 -63.69 85.82 -53.61
C GLN K 170 -62.94 85.03 -54.69
N SER K 171 -63.60 84.78 -55.81
CA SER K 171 -62.99 84.07 -56.93
C SER K 171 -61.98 84.94 -57.66
N ASN K 172 -62.24 86.24 -57.69
CA ASN K 172 -61.36 87.19 -58.37
C ASN K 172 -60.56 88.05 -57.40
N ASN K 173 -60.29 87.49 -56.22
CA ASN K 173 -59.47 88.13 -55.19
C ASN K 173 -60.06 89.40 -54.60
N LYS K 174 -61.25 89.78 -55.05
CA LYS K 174 -61.95 90.95 -54.51
C LYS K 174 -62.86 90.53 -53.36
N TYR K 175 -62.41 90.77 -52.13
CA TYR K 175 -63.12 90.31 -50.94
C TYR K 175 -64.56 90.82 -50.87
N MET K 176 -65.39 90.12 -50.11
CA MET K 176 -66.81 90.45 -50.02
C MET K 176 -67.33 90.38 -48.59
N ALA K 177 -68.48 91.00 -48.36
CA ALA K 177 -69.08 91.04 -47.03
C ALA K 177 -70.59 91.14 -47.08
N SER K 178 -71.24 90.95 -45.94
CA SER K 178 -72.70 91.05 -45.85
C SER K 178 -73.12 91.52 -44.46
N SER K 179 -73.86 92.63 -44.42
CA SER K 179 -74.33 93.17 -43.15
C SER K 179 -75.80 92.85 -42.91
N TYR K 180 -76.22 92.91 -41.65
CA TYR K 180 -77.59 92.61 -41.26
C TYR K 180 -78.08 93.60 -40.19
N LEU K 181 -79.36 93.93 -40.23
CA LEU K 181 -79.98 94.81 -39.23
C LEU K 181 -81.35 94.29 -38.82
N THR K 182 -81.41 93.53 -37.73
CA THR K 182 -82.65 92.89 -37.30
C THR K 182 -83.53 93.81 -36.44
N LEU K 183 -84.79 93.96 -36.82
CA LEU K 183 -85.74 94.80 -36.09
C LEU K 183 -87.13 94.18 -36.04
N THR K 184 -87.97 94.69 -35.13
CA THR K 184 -89.36 94.26 -35.05
C THR K 184 -90.18 94.96 -36.13
N ALA K 185 -91.27 94.30 -36.53
CA ALA K 185 -92.12 94.83 -37.60
C ALA K 185 -92.78 96.15 -37.19
N ARG K 186 -93.21 96.23 -35.93
CA ARG K 186 -93.84 97.44 -35.43
C ARG K 186 -92.88 98.62 -35.47
N ALA K 187 -91.58 98.33 -35.40
CA ALA K 187 -90.56 99.36 -35.43
C ALA K 187 -90.18 99.71 -36.85
N TRP K 188 -90.21 98.72 -37.74
CA TRP K 188 -89.92 98.94 -39.15
C TRP K 188 -90.92 99.90 -39.77
N GLU K 189 -92.18 99.73 -39.38
CA GLU K 189 -93.25 100.61 -39.83
C GLU K 189 -93.09 101.97 -39.17
N ARG K 190 -92.61 101.96 -37.93
CA ARG K 190 -92.54 103.14 -37.08
C ARG K 190 -91.59 104.21 -37.61
N HIS K 191 -90.46 103.79 -38.13
CA HIS K 191 -89.45 104.72 -38.61
C HIS K 191 -89.58 105.00 -40.10
N SER K 192 -88.96 106.09 -40.55
CA SER K 192 -89.02 106.50 -41.94
C SER K 192 -87.80 105.98 -42.70
N SER K 193 -86.79 106.83 -42.84
CA SER K 193 -85.63 106.51 -43.65
C SER K 193 -84.60 105.66 -42.93
N TYR K 194 -84.07 104.68 -43.65
CA TYR K 194 -82.95 103.88 -43.16
C TYR K 194 -81.73 104.16 -44.02
N SER K 195 -80.55 103.84 -43.51
CA SER K 195 -79.32 104.13 -44.24
C SER K 195 -78.24 103.08 -43.96
N CYS K 196 -77.62 102.56 -45.02
CA CYS K 196 -76.49 101.66 -44.89
C CYS K 196 -75.22 102.36 -45.38
N GLN K 197 -74.20 102.43 -44.54
CA GLN K 197 -72.99 103.17 -44.87
C GLN K 197 -71.74 102.31 -44.80
N VAL K 198 -71.05 102.20 -45.93
CA VAL K 198 -69.80 101.44 -45.99
C VAL K 198 -68.64 102.37 -46.36
N THR K 199 -67.60 102.37 -45.52
CA THR K 199 -66.44 103.23 -45.75
C THR K 199 -65.23 102.42 -46.17
N HIS K 200 -64.45 102.95 -47.11
CA HIS K 200 -63.32 102.22 -47.66
C HIS K 200 -62.26 103.15 -48.27
N GLU K 201 -61.11 103.23 -47.60
CA GLU K 201 -59.97 104.01 -48.06
C GLU K 201 -60.30 105.47 -48.31
N GLY K 202 -61.02 106.09 -47.38
CA GLY K 202 -61.28 107.52 -47.45
C GLY K 202 -62.59 107.90 -48.08
N HIS K 203 -63.04 107.11 -49.04
CA HIS K 203 -64.35 107.32 -49.66
C HIS K 203 -65.41 106.51 -48.93
N THR K 204 -66.60 107.09 -48.73
CA THR K 204 -67.71 106.36 -48.13
C THR K 204 -68.97 106.43 -48.99
N VAL K 205 -69.39 105.28 -49.50
CA VAL K 205 -70.62 105.18 -50.27
C VAL K 205 -71.79 104.90 -49.35
N GLU K 206 -73.00 104.96 -49.87
CA GLU K 206 -74.19 104.78 -49.05
C GLU K 206 -75.43 104.37 -49.85
N LYS K 207 -76.25 103.49 -49.28
CA LYS K 207 -77.52 103.11 -49.87
C LYS K 207 -78.64 103.20 -48.83
N SER K 208 -79.57 104.12 -49.06
CA SER K 208 -80.66 104.35 -48.11
C SER K 208 -81.88 103.48 -48.44
N LEU K 209 -82.95 103.68 -47.68
CA LEU K 209 -84.23 103.01 -47.92
C LEU K 209 -85.34 103.64 -47.08
N SER K 210 -86.47 103.94 -47.71
CA SER K 210 -87.61 104.51 -47.01
C SER K 210 -88.91 103.76 -47.34
N ARG K 211 -89.73 103.53 -46.31
CA ARG K 211 -91.04 102.91 -46.47
C ARG K 211 -91.89 103.05 -45.21
N GLN L 1 -15.30 41.56 50.27
CA GLN L 1 -15.95 41.53 48.98
C GLN L 1 -17.00 40.43 48.92
N ALA L 2 -16.57 39.21 48.57
CA ALA L 2 -17.47 38.10 48.40
C ALA L 2 -16.74 36.78 48.62
N VAL L 3 -17.48 35.71 48.87
CA VAL L 3 -16.86 34.43 49.16
C VAL L 3 -17.46 33.31 48.32
N VAL L 4 -16.61 32.37 47.92
CA VAL L 4 -17.04 31.23 47.15
C VAL L 4 -17.16 30.00 48.05
N THR L 5 -18.32 29.37 48.05
CA THR L 5 -18.56 28.24 48.93
C THR L 5 -18.65 26.92 48.17
N GLN L 6 -17.74 25.99 48.48
CA GLN L 6 -17.83 24.64 47.94
C GLN L 6 -18.27 23.67 49.04
N GLU L 7 -18.56 22.43 48.66
CA GLU L 7 -18.86 21.39 49.63
C GLU L 7 -17.59 21.04 50.38
N SER L 8 -17.75 20.61 51.63
CA SER L 8 -16.60 20.22 52.45
C SER L 8 -15.83 19.08 51.80
N ALA L 9 -16.49 17.93 51.66
CA ALA L 9 -15.91 16.77 50.99
C ALA L 9 -17.02 15.80 50.59
N LEU L 10 -16.85 15.16 49.44
CA LEU L 10 -17.84 14.23 48.95
C LEU L 10 -17.21 12.89 48.63
N THR L 11 -18.05 11.86 48.64
CA THR L 11 -17.58 10.48 48.46
C THR L 11 -18.39 9.82 47.34
N THR L 12 -17.69 9.08 46.47
CA THR L 12 -18.35 8.37 45.39
C THR L 12 -17.62 7.08 45.04
N SER L 13 -18.31 6.20 44.32
CA SER L 13 -17.76 4.92 43.91
C SER L 13 -17.34 4.96 42.45
N PRO L 14 -16.29 4.18 42.10
CA PRO L 14 -15.82 4.09 40.71
C PRO L 14 -16.93 3.72 39.72
N GLY L 15 -17.05 4.50 38.64
CA GLY L 15 -18.03 4.22 37.61
C GLY L 15 -19.33 4.96 37.80
N GLU L 16 -19.47 5.65 38.92
CA GLU L 16 -20.71 6.36 39.20
C GLU L 16 -20.60 7.84 38.85
N THR L 17 -21.70 8.55 38.99
CA THR L 17 -21.75 9.97 38.67
C THR L 17 -21.84 10.83 39.92
N VAL L 18 -20.95 11.81 40.03
CA VAL L 18 -20.90 12.71 41.18
C VAL L 18 -20.92 14.17 40.69
N THR L 19 -21.55 15.05 41.46
CA THR L 19 -21.65 16.46 41.09
C THR L 19 -21.20 17.38 42.24
N LEU L 20 -20.17 18.18 41.98
CA LEU L 20 -19.70 19.18 42.92
C LEU L 20 -20.34 20.53 42.62
N THR L 21 -20.79 21.22 43.65
CA THR L 21 -21.39 22.54 43.47
C THR L 21 -20.42 23.65 43.84
N CYS L 22 -20.76 24.88 43.45
CA CYS L 22 -19.89 26.04 43.67
C CYS L 22 -20.74 27.29 43.84
N ARG L 23 -21.00 27.68 45.09
CA ARG L 23 -21.95 28.78 45.35
C ARG L 23 -21.28 30.15 45.51
N SER L 24 -21.89 31.16 44.88
CA SER L 24 -21.47 32.55 45.04
C SER L 24 -22.27 33.22 46.15
N SER L 25 -21.65 34.19 46.81
CA SER L 25 -22.32 34.89 47.91
C SER L 25 -23.01 36.15 47.41
N THR L 26 -22.61 36.62 46.24
CA THR L 26 -23.17 37.83 45.66
C THR L 26 -24.53 37.54 45.05
N GLY L 27 -24.73 36.30 44.63
CA GLY L 27 -25.95 35.88 43.98
C GLY L 27 -25.74 34.65 43.11
N ALA L 28 -26.55 34.54 42.06
CA ALA L 28 -26.46 33.40 41.16
C ALA L 28 -25.17 33.44 40.35
N VAL L 29 -24.62 32.26 40.05
CA VAL L 29 -23.43 32.17 39.23
C VAL L 29 -23.80 32.26 37.74
N THR L 30 -23.48 33.39 37.13
CA THR L 30 -23.80 33.62 35.73
C THR L 30 -22.64 33.24 34.81
N THR L 31 -22.84 33.42 33.51
CA THR L 31 -21.83 33.09 32.51
C THR L 31 -20.62 34.02 32.58
N ILE L 32 -20.84 35.21 33.13
CA ILE L 32 -19.81 36.24 33.22
C ILE L 32 -18.89 36.01 34.42
N ASN L 33 -19.11 34.90 35.12
CA ASN L 33 -18.27 34.52 36.23
C ASN L 33 -17.17 33.58 35.77
N PHE L 34 -17.39 32.98 34.59
CA PHE L 34 -16.41 32.10 33.94
C PHE L 34 -15.85 31.06 34.90
N ALA L 35 -16.73 30.26 35.48
CA ALA L 35 -16.34 29.30 36.50
C ALA L 35 -15.20 28.39 36.01
N ASN L 36 -14.12 28.35 36.79
CA ASN L 36 -13.03 27.42 36.52
C ASN L 36 -13.00 26.28 37.53
N TRP L 37 -12.49 25.13 37.11
CA TRP L 37 -12.32 24.00 38.03
C TRP L 37 -10.90 23.49 37.93
N VAL L 38 -10.21 23.44 39.08
CA VAL L 38 -8.83 22.99 39.12
C VAL L 38 -8.67 21.81 40.08
N GLN L 39 -7.95 20.79 39.60
CA GLN L 39 -7.74 19.54 40.34
C GLN L 39 -6.40 19.51 41.06
N GLU L 40 -6.43 19.34 42.38
CA GLU L 40 -5.20 19.27 43.17
C GLU L 40 -4.86 17.86 43.56
N LYS L 41 -3.92 17.26 42.84
CA LYS L 41 -3.37 15.98 43.19
C LYS L 41 -2.50 16.13 44.45
N PRO L 42 -2.22 15.01 45.13
CA PRO L 42 -1.31 15.07 46.28
C PRO L 42 0.08 15.60 45.88
N ASP L 43 0.80 16.13 46.86
CA ASP L 43 2.13 16.69 46.66
C ASP L 43 2.07 17.96 45.81
N HIS L 44 0.98 18.70 45.94
CA HIS L 44 0.84 19.99 45.29
C HIS L 44 0.94 19.93 43.77
N LEU L 45 0.03 19.21 43.15
CA LEU L 45 -0.04 19.15 41.70
C LEU L 45 -1.38 19.69 41.20
N PHE L 46 -1.33 20.77 40.43
CA PHE L 46 -2.55 21.40 39.93
C PHE L 46 -2.70 21.30 38.41
N THR L 47 -3.94 21.16 37.95
CA THR L 47 -4.28 21.16 36.52
C THR L 47 -5.69 21.69 36.29
N GLY L 48 -5.84 22.55 35.29
CA GLY L 48 -7.15 23.11 34.98
C GLY L 48 -8.04 22.08 34.31
N LEU L 49 -9.35 22.26 34.43
CA LEU L 49 -10.32 21.34 33.84
C LEU L 49 -11.25 22.09 32.89
N ILE L 50 -12.33 22.63 33.47
CA ILE L 50 -13.30 23.39 32.70
C ILE L 50 -13.16 24.87 33.06
N GLY L 51 -13.40 25.75 32.10
CA GLY L 51 -13.31 27.18 32.35
C GLY L 51 -13.78 28.05 31.20
N GLY L 52 -13.77 29.36 31.42
CA GLY L 52 -14.21 30.29 30.40
C GLY L 52 -15.68 30.09 30.08
N ILE L 53 -15.98 30.00 28.78
CA ILE L 53 -17.35 29.81 28.34
C ILE L 53 -17.67 28.32 28.14
N ASN L 54 -16.71 27.58 27.60
CA ASN L 54 -16.85 26.14 27.40
C ASN L 54 -15.51 25.48 27.23
N ASN L 55 -14.45 26.25 27.46
CA ASN L 55 -13.09 25.80 27.21
C ASN L 55 -12.68 24.66 28.14
N ARG L 56 -11.77 23.83 27.66
CA ARG L 56 -11.21 22.73 28.46
C ARG L 56 -9.71 22.67 28.27
N ALA L 57 -8.98 22.46 29.36
CA ALA L 57 -7.54 22.29 29.29
C ALA L 57 -7.23 21.05 28.47
N PRO L 58 -6.19 21.14 27.63
CA PRO L 58 -5.80 19.97 26.82
C PRO L 58 -5.45 18.78 27.68
N GLY L 59 -6.10 17.64 27.43
CA GLY L 59 -5.83 16.41 28.14
C GLY L 59 -6.82 16.13 29.25
N VAL L 60 -7.96 16.79 29.21
CA VAL L 60 -9.00 16.58 30.20
C VAL L 60 -10.00 15.53 29.73
N PRO L 61 -10.20 14.49 30.55
CA PRO L 61 -11.09 13.36 30.27
C PRO L 61 -12.51 13.79 29.88
N ALA L 62 -13.18 12.97 29.08
CA ALA L 62 -14.52 13.29 28.61
C ALA L 62 -15.55 13.22 29.74
N ARG L 63 -15.25 12.42 30.76
CA ARG L 63 -16.15 12.22 31.88
C ARG L 63 -16.34 13.52 32.67
N PHE L 64 -15.35 14.41 32.59
CA PHE L 64 -15.47 15.73 33.19
C PHE L 64 -16.34 16.62 32.32
N SER L 65 -17.24 17.36 32.96
CA SER L 65 -18.17 18.21 32.22
C SER L 65 -18.70 19.36 33.07
N GLY L 66 -18.77 20.54 32.47
CA GLY L 66 -19.25 21.72 33.18
C GLY L 66 -20.68 22.07 32.87
N SER L 67 -21.33 22.77 33.80
CA SER L 67 -22.72 23.17 33.66
C SER L 67 -23.09 24.21 34.73
N LEU L 68 -24.34 24.64 34.72
CA LEU L 68 -24.84 25.59 35.72
C LEU L 68 -26.15 25.11 36.32
N ILE L 69 -26.09 24.01 37.08
CA ILE L 69 -27.26 23.49 37.75
C ILE L 69 -27.71 24.44 38.86
N GLY L 70 -29.00 24.76 38.87
CA GLY L 70 -29.53 25.71 39.81
C GLY L 70 -29.03 27.11 39.53
N ASP L 71 -28.44 27.73 40.54
CA ASP L 71 -27.89 29.07 40.41
C ASP L 71 -26.42 29.08 40.81
N LYS L 72 -25.79 27.91 40.72
CA LYS L 72 -24.37 27.78 41.04
C LYS L 72 -23.66 26.90 40.02
N ALA L 73 -22.33 26.99 40.00
CA ALA L 73 -21.50 26.27 39.03
C ALA L 73 -21.39 24.80 39.38
N ALA L 74 -21.28 23.97 38.35
CA ALA L 74 -21.31 22.52 38.55
C ALA L 74 -20.21 21.78 37.79
N LEU L 75 -19.47 20.95 38.52
CA LEU L 75 -18.51 20.03 37.92
C LEU L 75 -19.02 18.60 38.06
N THR L 76 -19.36 17.98 36.94
CA THR L 76 -19.95 16.65 36.97
C THR L 76 -19.05 15.59 36.32
N ILE L 77 -18.72 14.55 37.10
CA ILE L 77 -17.89 13.45 36.62
C ILE L 77 -18.74 12.21 36.37
N THR L 78 -19.10 11.98 35.13
CA THR L 78 -19.91 10.82 34.77
C THR L 78 -19.00 9.64 34.47
N GLY L 79 -18.90 8.74 35.44
CA GLY L 79 -18.00 7.60 35.32
C GLY L 79 -16.71 7.85 36.08
N ALA L 80 -16.83 8.03 37.38
CA ALA L 80 -15.68 8.34 38.23
C ALA L 80 -14.62 7.26 38.14
N GLN L 81 -13.37 7.66 38.30
CA GLN L 81 -12.25 6.73 38.28
C GLN L 81 -11.47 6.85 39.59
N THR L 82 -10.62 5.87 39.87
CA THR L 82 -9.87 5.84 41.12
C THR L 82 -8.87 6.99 41.20
N GLU L 83 -8.34 7.40 40.05
CA GLU L 83 -7.34 8.46 40.01
C GLU L 83 -7.96 9.85 40.05
N ASP L 84 -9.29 9.92 39.96
CA ASP L 84 -9.99 11.19 40.07
C ASP L 84 -10.15 11.61 41.53
N GLU L 85 -9.55 10.85 42.43
CA GLU L 85 -9.61 11.17 43.85
C GLU L 85 -8.60 12.26 44.16
N ALA L 86 -9.12 13.45 44.42
CA ALA L 86 -8.27 14.58 44.74
C ALA L 86 -9.12 15.68 45.35
N ILE L 87 -8.51 16.85 45.55
CA ILE L 87 -9.23 18.03 46.02
C ILE L 87 -9.54 18.92 44.82
N TYR L 88 -10.80 19.30 44.68
CA TYR L 88 -11.23 20.07 43.54
C TYR L 88 -11.57 21.52 43.91
N PHE L 89 -10.86 22.46 43.31
CA PHE L 89 -11.10 23.87 43.56
C PHE L 89 -11.83 24.51 42.39
N CYS L 90 -12.81 25.36 42.71
CA CYS L 90 -13.47 26.16 41.68
C CYS L 90 -13.23 27.65 41.94
N ALA L 91 -13.12 28.42 40.85
CA ALA L 91 -12.90 29.85 40.97
C ALA L 91 -13.90 30.64 40.13
N LEU L 92 -14.28 31.80 40.64
CA LEU L 92 -15.25 32.66 39.98
C LEU L 92 -14.68 34.03 39.70
N TRP L 93 -15.05 34.56 38.54
CA TRP L 93 -14.62 35.89 38.09
C TRP L 93 -15.58 36.97 38.58
N TYR L 94 -15.06 37.84 39.42
CA TYR L 94 -15.77 38.99 39.97
C TYR L 94 -15.19 40.28 39.44
N SER L 95 -15.69 40.70 38.26
CA SER L 95 -15.34 41.98 37.64
C SER L 95 -13.87 42.11 37.22
N ASN L 96 -12.92 41.85 38.13
CA ASN L 96 -11.53 42.12 37.76
C ASN L 96 -10.54 41.10 38.34
N HIS L 97 -11.03 40.18 39.15
CA HIS L 97 -10.13 39.23 39.82
C HIS L 97 -10.77 37.87 40.05
N TRP L 98 -9.92 36.86 40.28
CA TRP L 98 -10.36 35.51 40.51
C TRP L 98 -10.54 35.32 41.99
N VAL L 99 -11.55 34.54 42.38
CA VAL L 99 -11.75 34.19 43.79
C VAL L 99 -12.00 32.70 43.97
N PHE L 100 -11.07 32.02 44.59
CA PHE L 100 -11.22 30.59 44.79
C PHE L 100 -12.22 30.33 45.90
N GLY L 101 -12.55 29.06 46.10
CA GLY L 101 -13.47 28.67 47.16
C GLY L 101 -12.69 27.86 48.16
N GLY L 102 -13.41 27.13 49.01
CA GLY L 102 -12.78 26.29 50.01
C GLY L 102 -12.15 25.04 49.42
N GLY L 103 -12.73 24.54 48.33
CA GLY L 103 -12.27 23.31 47.72
C GLY L 103 -12.96 22.10 48.33
N THR L 104 -13.41 21.21 47.47
CA THR L 104 -14.10 20.01 47.91
C THR L 104 -13.17 18.81 47.82
N LYS L 105 -13.09 18.02 48.89
CA LYS L 105 -12.24 16.85 48.88
C LYS L 105 -12.99 15.63 48.40
N LEU L 106 -12.80 15.30 47.13
CA LEU L 106 -13.50 14.18 46.50
C LEU L 106 -12.80 12.86 46.82
N THR L 107 -13.60 11.86 47.17
CA THR L 107 -13.08 10.53 47.49
C THR L 107 -13.69 9.45 46.60
N VAL L 108 -12.86 8.82 45.77
CA VAL L 108 -13.28 7.65 45.01
C VAL L 108 -12.73 6.38 45.63
N LEU L 109 -13.62 5.53 46.14
CA LEU L 109 -13.20 4.35 46.88
C LEU L 109 -12.37 3.38 46.02
N GLY L 110 -11.11 3.22 46.41
CA GLY L 110 -10.24 2.23 45.79
C GLY L 110 -10.27 0.96 46.64
N GLN L 111 -10.87 1.09 47.82
CA GLN L 111 -10.98 -0.01 48.78
C GLN L 111 -12.04 0.34 49.81
N PRO L 112 -12.66 -0.68 50.43
CA PRO L 112 -13.68 -0.43 51.46
C PRO L 112 -13.15 0.38 52.64
N LYS L 113 -14.05 1.07 53.32
CA LYS L 113 -13.70 1.98 54.41
C LYS L 113 -13.10 1.23 55.59
N SER L 114 -12.15 1.87 56.28
CA SER L 114 -11.56 1.31 57.49
C SER L 114 -11.58 2.33 58.61
N SER L 115 -11.95 1.90 59.82
CA SER L 115 -12.01 2.79 60.97
C SER L 115 -10.62 3.28 61.37
N PRO L 116 -10.55 4.49 61.96
CA PRO L 116 -9.26 5.10 62.34
C PRO L 116 -8.57 4.38 63.49
N SER L 117 -7.29 4.10 63.33
CA SER L 117 -6.48 3.49 64.38
C SER L 117 -5.86 4.56 65.27
N VAL L 118 -6.44 4.75 66.44
CA VAL L 118 -6.05 5.83 67.33
C VAL L 118 -5.21 5.35 68.51
N THR L 119 -4.14 6.08 68.82
CA THR L 119 -3.29 5.81 69.98
C THR L 119 -2.87 7.12 70.65
N LEU L 120 -3.12 7.25 71.95
CA LEU L 120 -2.77 8.48 72.67
C LEU L 120 -1.47 8.32 73.45
N PHE L 121 -0.61 9.33 73.37
CA PHE L 121 0.66 9.33 74.06
C PHE L 121 0.74 10.44 75.10
N PRO L 122 1.17 10.11 76.32
CA PRO L 122 1.39 11.04 77.43
C PRO L 122 2.59 11.96 77.20
N PRO L 123 2.72 13.01 78.03
CA PRO L 123 3.93 13.84 78.04
C PRO L 123 5.17 13.04 78.43
N SER L 124 6.35 13.50 78.02
CA SER L 124 7.60 12.82 78.35
C SER L 124 8.07 13.19 79.75
N SER L 125 8.62 12.21 80.47
CA SER L 125 9.14 12.44 81.81
C SER L 125 10.26 13.48 81.76
N GLU L 126 11.02 13.46 80.66
CA GLU L 126 12.08 14.41 80.44
C GLU L 126 11.54 15.79 80.06
N GLU L 127 10.42 15.81 79.34
CA GLU L 127 9.91 17.08 78.85
C GLU L 127 9.06 17.78 79.91
N LEU L 128 8.74 17.07 81.00
CA LEU L 128 7.99 17.68 82.09
C LEU L 128 8.84 18.69 82.85
N GLU L 129 10.13 18.69 82.59
CA GLU L 129 11.07 19.57 83.28
C GLU L 129 11.30 20.86 82.48
N THR L 130 10.52 21.02 81.42
CA THR L 130 10.56 22.23 80.60
C THR L 130 9.38 23.14 80.94
N ASN L 131 8.56 22.67 81.89
CA ASN L 131 7.31 23.32 82.26
C ASN L 131 6.30 23.39 81.10
N LYS L 132 6.38 22.39 80.23
CA LYS L 132 5.47 22.28 79.08
C LYS L 132 5.11 20.81 78.88
N ALA L 133 3.82 20.54 78.64
CA ALA L 133 3.36 19.17 78.44
C ALA L 133 2.68 18.99 77.08
N THR L 134 3.07 17.94 76.36
CA THR L 134 2.59 17.70 75.00
C THR L 134 1.93 16.34 74.84
N LEU L 135 0.60 16.32 74.81
CA LEU L 135 -0.15 15.09 74.57
C LEU L 135 -0.33 14.89 73.06
N VAL L 136 -0.01 13.70 72.57
CA VAL L 136 -0.06 13.44 71.13
C VAL L 136 -0.99 12.29 70.77
N CYS L 137 -1.91 12.56 69.86
CA CYS L 137 -2.91 11.60 69.41
C CYS L 137 -2.68 11.32 67.93
N THR L 138 -2.03 10.19 67.64
CA THR L 138 -1.73 9.84 66.25
C THR L 138 -2.83 8.98 65.64
N ILE L 139 -3.40 9.46 64.54
CA ILE L 139 -4.48 8.77 63.86
C ILE L 139 -3.97 8.13 62.57
N THR L 140 -4.10 6.81 62.45
CA THR L 140 -3.62 6.12 61.26
C THR L 140 -4.68 5.19 60.64
N ASP L 141 -4.52 4.94 59.35
CA ASP L 141 -5.34 3.99 58.60
C ASP L 141 -6.85 4.28 58.67
N PHE L 142 -7.24 5.49 58.28
CA PHE L 142 -8.66 5.81 58.11
C PHE L 142 -8.93 6.26 56.67
N TYR L 143 -10.13 5.96 56.19
CA TYR L 143 -10.50 6.25 54.80
C TYR L 143 -12.02 6.25 54.62
N PRO L 144 -12.58 7.30 54.00
CA PRO L 144 -11.99 8.51 53.40
C PRO L 144 -11.22 9.40 54.38
N GLY L 145 -10.32 10.24 53.85
CA GLY L 145 -9.42 11.03 54.65
C GLY L 145 -10.05 12.23 55.33
N VAL L 146 -11.06 11.98 56.15
CA VAL L 146 -11.75 13.03 56.88
C VAL L 146 -11.87 12.67 58.35
N VAL L 147 -11.37 13.54 59.22
CA VAL L 147 -11.39 13.26 60.65
C VAL L 147 -11.61 14.50 61.50
N THR L 148 -12.56 14.40 62.42
CA THR L 148 -12.76 15.42 63.45
C THR L 148 -11.95 15.04 64.69
N VAL L 149 -11.37 16.03 65.36
CA VAL L 149 -10.58 15.78 66.56
C VAL L 149 -11.02 16.63 67.74
N ASP L 150 -11.38 15.97 68.84
CA ASP L 150 -11.80 16.66 70.05
C ASP L 150 -11.04 16.18 71.26
N TRP L 151 -10.68 17.11 72.15
CA TRP L 151 -9.95 16.77 73.36
C TRP L 151 -10.77 17.10 74.59
N LYS L 152 -10.81 16.18 75.54
CA LYS L 152 -11.61 16.36 76.74
C LYS L 152 -10.81 16.01 77.99
N VAL L 153 -10.58 17.01 78.83
CA VAL L 153 -9.93 16.80 80.11
C VAL L 153 -10.90 17.13 81.25
N ASP L 154 -11.01 16.20 82.20
CA ASP L 154 -11.96 16.31 83.30
C ASP L 154 -13.38 16.56 82.79
N GLY L 155 -13.73 15.88 81.70
CA GLY L 155 -15.07 15.94 81.14
C GLY L 155 -15.40 17.21 80.37
N THR L 156 -14.39 18.06 80.15
CA THR L 156 -14.60 19.35 79.51
C THR L 156 -13.82 19.51 78.21
N PRO L 157 -14.55 19.68 77.09
CA PRO L 157 -13.94 19.95 75.79
C PRO L 157 -13.17 21.27 75.77
N VAL L 158 -11.87 21.19 75.53
CA VAL L 158 -11.04 22.39 75.56
C VAL L 158 -10.81 22.94 74.15
N THR L 159 -11.12 24.21 73.98
CA THR L 159 -10.99 24.89 72.69
C THR L 159 -9.54 25.27 72.39
N GLN L 160 -9.06 26.30 73.06
CA GLN L 160 -7.70 26.81 72.82
C GLN L 160 -6.64 25.85 73.32
N GLY L 161 -5.52 25.78 72.59
CA GLY L 161 -4.39 24.98 73.00
C GLY L 161 -4.23 23.67 72.24
N MET L 162 -4.92 23.56 71.11
CA MET L 162 -4.87 22.35 70.31
C MET L 162 -4.74 22.65 68.81
N GLU L 163 -4.09 21.73 68.11
CA GLU L 163 -3.97 21.78 66.65
C GLU L 163 -4.00 20.37 66.10
N THR L 164 -4.39 20.23 64.84
CA THR L 164 -4.39 18.92 64.18
C THR L 164 -3.88 19.06 62.76
N THR L 165 -3.01 18.15 62.33
CA THR L 165 -2.46 18.21 60.99
C THR L 165 -3.50 17.81 59.96
N GLN L 166 -3.31 18.26 58.73
CA GLN L 166 -4.18 17.86 57.63
C GLN L 166 -4.01 16.37 57.34
N PRO L 167 -5.12 15.68 57.07
CA PRO L 167 -5.07 14.26 56.66
C PRO L 167 -4.15 14.08 55.48
N SER L 168 -3.23 13.12 55.57
CA SER L 168 -2.23 12.93 54.53
C SER L 168 -2.25 11.52 53.96
N LYS L 169 -2.02 11.41 52.65
CA LYS L 169 -2.02 10.12 51.97
C LYS L 169 -0.90 9.23 52.49
N GLN L 170 -1.22 7.97 52.75
CA GLN L 170 -0.23 7.00 53.22
C GLN L 170 0.29 6.12 52.10
N SER L 171 1.18 5.20 52.46
CA SER L 171 1.72 4.24 51.51
C SER L 171 0.63 3.33 50.96
N ASN L 172 -0.41 3.10 51.77
CA ASN L 172 -1.48 2.19 51.37
C ASN L 172 -2.82 2.89 51.16
N ASN L 173 -2.75 4.18 50.84
CA ASN L 173 -3.93 4.99 50.52
C ASN L 173 -4.97 5.02 51.65
N LYS L 174 -4.52 4.78 52.87
CA LYS L 174 -5.35 5.01 54.06
C LYS L 174 -4.79 6.22 54.79
N TYR L 175 -5.53 7.32 54.75
CA TYR L 175 -5.03 8.60 55.26
C TYR L 175 -4.60 8.56 56.73
N MET L 176 -3.70 9.47 57.08
CA MET L 176 -3.14 9.54 58.44
C MET L 176 -3.25 10.96 58.99
N ALA L 177 -3.11 11.09 60.31
CA ALA L 177 -3.20 12.39 60.97
C ALA L 177 -2.64 12.37 62.38
N SER L 178 -2.35 13.55 62.92
CA SER L 178 -1.84 13.68 64.28
C SER L 178 -2.32 14.98 64.92
N SER L 179 -2.66 14.91 66.19
CA SER L 179 -3.16 16.08 66.92
C SER L 179 -2.45 16.25 68.25
N TYR L 180 -1.82 17.40 68.45
CA TYR L 180 -1.05 17.66 69.65
C TYR L 180 -1.78 18.64 70.58
N LEU L 181 -1.76 18.35 71.88
CA LEU L 181 -2.36 19.24 72.87
C LEU L 181 -1.32 19.73 73.86
N THR L 182 -0.99 21.01 73.77
CA THR L 182 0.07 21.58 74.60
C THR L 182 -0.49 22.32 75.82
N LEU L 183 -0.05 21.90 77.00
CA LEU L 183 -0.43 22.55 78.25
C LEU L 183 0.81 22.87 79.08
N THR L 184 0.61 23.48 80.26
CA THR L 184 1.73 23.71 81.18
C THR L 184 1.98 22.46 82.02
N ALA L 185 3.16 22.40 82.63
CA ALA L 185 3.48 21.28 83.52
C ALA L 185 2.55 21.29 84.72
N ARG L 186 2.29 22.47 85.25
CA ARG L 186 1.40 22.62 86.40
C ARG L 186 -0.02 22.21 86.03
N ALA L 187 -0.40 22.39 84.77
CA ALA L 187 -1.70 21.99 84.29
C ALA L 187 -1.82 20.47 84.20
N TRP L 188 -0.76 19.83 83.70
CA TRP L 188 -0.75 18.39 83.51
C TRP L 188 -0.92 17.61 84.82
N GLU L 189 -0.37 18.14 85.90
CA GLU L 189 -0.45 17.47 87.20
C GLU L 189 -1.70 17.90 87.96
N ARG L 190 -2.27 19.04 87.58
CA ARG L 190 -3.46 19.57 88.22
C ARG L 190 -4.69 18.76 87.84
N HIS L 191 -4.91 18.59 86.54
CA HIS L 191 -5.99 17.76 86.04
C HIS L 191 -5.65 16.28 86.20
N SER L 192 -6.65 15.43 86.03
CA SER L 192 -6.46 13.99 86.22
C SER L 192 -6.53 13.22 84.90
N SER L 193 -7.75 12.98 84.44
CA SER L 193 -7.97 12.17 83.24
C SER L 193 -7.98 13.01 81.96
N TYR L 194 -7.44 12.46 80.88
CA TYR L 194 -7.42 13.13 79.58
C TYR L 194 -8.05 12.24 78.52
N SER L 195 -8.53 12.83 77.44
CA SER L 195 -9.24 12.07 76.42
C SER L 195 -9.11 12.67 75.02
N CYS L 196 -8.86 11.81 74.04
CA CYS L 196 -8.82 12.21 72.65
C CYS L 196 -9.95 11.55 71.87
N GLN L 197 -10.96 12.35 71.52
CA GLN L 197 -12.15 11.83 70.85
C GLN L 197 -12.09 12.06 69.34
N VAL L 198 -11.98 10.96 68.59
CA VAL L 198 -11.88 11.02 67.14
C VAL L 198 -13.18 10.61 66.47
N THR L 199 -13.56 11.32 65.41
CA THR L 199 -14.79 11.00 64.68
C THR L 199 -14.52 10.78 63.19
N HIS L 200 -14.91 9.61 62.71
CA HIS L 200 -14.73 9.26 61.30
C HIS L 200 -15.97 8.59 60.73
N GLU L 201 -16.50 9.18 59.65
CA GLU L 201 -17.65 8.62 58.93
C GLU L 201 -18.88 8.45 59.82
N GLY L 202 -19.00 9.33 60.81
CA GLY L 202 -20.13 9.27 61.73
C GLY L 202 -19.86 8.32 62.90
N HIS L 203 -18.80 7.54 62.78
CA HIS L 203 -18.40 6.66 63.88
C HIS L 203 -17.54 7.45 64.87
N THR L 204 -17.44 6.96 66.10
CA THR L 204 -16.67 7.65 67.12
C THR L 204 -15.74 6.67 67.84
N VAL L 205 -14.45 7.00 67.86
CA VAL L 205 -13.44 6.16 68.48
C VAL L 205 -12.73 6.88 69.63
N GLU L 206 -12.96 6.42 70.84
CA GLU L 206 -12.44 7.07 72.04
C GLU L 206 -11.01 6.63 72.37
N LYS L 207 -10.29 7.49 73.08
CA LYS L 207 -8.96 7.14 73.58
C LYS L 207 -8.59 8.01 74.78
N SER L 208 -8.65 7.42 75.96
CA SER L 208 -8.40 8.15 77.20
C SER L 208 -7.05 7.81 77.82
N LEU L 209 -6.66 8.60 78.80
CA LEU L 209 -5.45 8.39 79.57
C LEU L 209 -5.56 9.12 80.90
N SER L 210 -5.04 8.51 81.97
CA SER L 210 -5.10 9.15 83.28
C SER L 210 -3.73 9.14 83.96
N ARG L 211 -3.44 10.22 84.68
CA ARG L 211 -2.15 10.43 85.33
C ARG L 211 -1.83 9.37 86.38
N SER M 1 19.60 -104.05 -4.10
CA SER M 1 18.72 -104.70 -5.06
C SER M 1 17.61 -103.76 -5.51
N ASP M 2 17.38 -102.69 -4.75
CA ASP M 2 16.37 -101.71 -5.09
C ASP M 2 16.76 -100.90 -6.33
N SER M 3 18.06 -100.67 -6.49
CA SER M 3 18.56 -99.94 -7.65
C SER M 3 18.46 -100.79 -8.92
N LYS M 4 18.36 -102.10 -8.75
CA LYS M 4 18.24 -103.01 -9.88
C LYS M 4 16.80 -103.07 -10.41
N ILE M 5 15.84 -102.82 -9.52
CA ILE M 5 14.42 -102.83 -9.88
C ILE M 5 14.00 -101.51 -10.52
N LEU M 6 14.47 -100.41 -9.94
CA LEU M 6 14.21 -99.09 -10.49
C LEU M 6 14.80 -98.98 -11.88
N ALA M 7 15.92 -99.68 -12.08
CA ALA M 7 16.54 -99.75 -13.39
C ALA M 7 15.61 -100.45 -14.36
N HIS M 8 15.08 -101.60 -13.95
CA HIS M 8 14.24 -102.40 -14.82
C HIS M 8 12.97 -101.65 -15.26
N LEU M 9 12.49 -100.75 -14.42
CA LEU M 9 11.25 -100.02 -14.71
C LEU M 9 11.41 -98.88 -15.72
N PHE M 10 12.39 -98.02 -15.47
CA PHE M 10 12.59 -96.82 -16.30
C PHE M 10 13.47 -97.10 -17.48
N THR M 11 14.10 -98.26 -17.47
CA THR M 11 14.88 -98.63 -18.64
C THR M 11 13.93 -98.92 -19.78
N SER M 12 12.64 -99.08 -19.49
CA SER M 12 11.61 -99.34 -20.50
C SER M 12 11.05 -98.06 -21.11
N GLY M 13 9.96 -98.19 -21.87
CA GLY M 13 9.35 -97.06 -22.53
C GLY M 13 8.33 -96.32 -21.67
N TYR M 14 8.82 -95.73 -20.58
CA TYR M 14 7.98 -94.96 -19.68
C TYR M 14 8.07 -93.46 -19.97
N ASP M 15 6.92 -92.83 -20.18
CA ASP M 15 6.88 -91.39 -20.45
C ASP M 15 6.21 -90.66 -19.30
N PHE M 16 6.97 -89.82 -18.61
CA PHE M 16 6.46 -89.10 -17.43
C PHE M 16 5.56 -87.93 -17.82
N ARG M 17 5.43 -87.69 -19.12
CA ARG M 17 4.52 -86.66 -19.62
C ARG M 17 3.17 -87.25 -19.99
N VAL M 18 3.10 -88.57 -19.96
CA VAL M 18 1.89 -89.28 -20.37
C VAL M 18 1.07 -89.76 -19.17
N ARG M 19 -0.21 -89.40 -19.17
CA ARG M 19 -1.14 -89.84 -18.13
C ARG M 19 -1.20 -91.37 -18.04
N PRO M 20 -1.23 -91.92 -16.82
CA PRO M 20 -1.32 -93.36 -16.57
C PRO M 20 -2.57 -93.97 -17.17
N PRO M 21 -2.48 -95.24 -17.59
CA PRO M 21 -3.56 -95.96 -18.27
C PRO M 21 -4.69 -96.33 -17.31
N THR M 22 -5.91 -96.29 -17.81
CA THR M 22 -7.08 -96.72 -17.03
C THR M 22 -7.81 -97.83 -17.78
N ASP M 23 -8.20 -98.87 -17.06
CA ASP M 23 -8.84 -100.03 -17.68
C ASP M 23 -10.20 -99.68 -18.29
N ASN M 24 -10.83 -98.63 -17.75
CA ASN M 24 -12.13 -98.19 -18.23
C ASN M 24 -11.98 -97.02 -19.20
N GLY M 25 -10.79 -96.44 -19.23
CA GLY M 25 -10.53 -95.25 -20.02
C GLY M 25 -10.91 -94.03 -19.20
N GLY M 26 -11.39 -94.28 -17.99
CA GLY M 26 -11.84 -93.22 -17.12
C GLY M 26 -10.68 -92.45 -16.51
N PRO M 27 -11.01 -91.55 -15.57
CA PRO M 27 -10.02 -90.68 -14.93
C PRO M 27 -9.10 -91.45 -13.98
N VAL M 28 -8.00 -90.83 -13.54
CA VAL M 28 -7.07 -91.46 -12.61
C VAL M 28 -7.42 -91.08 -11.18
N VAL M 29 -7.72 -92.08 -10.35
CA VAL M 29 -8.12 -91.82 -8.98
C VAL M 29 -6.96 -91.42 -8.08
N VAL M 30 -7.08 -90.26 -7.43
CA VAL M 30 -6.02 -89.75 -6.58
C VAL M 30 -6.49 -89.60 -5.13
N SER M 31 -5.94 -90.46 -4.27
CA SER M 31 -6.25 -90.44 -2.85
C SER M 31 -5.38 -89.41 -2.14
N VAL M 32 -5.99 -88.58 -1.29
CA VAL M 32 -5.26 -87.49 -0.68
C VAL M 32 -5.33 -87.49 0.84
N ASN M 33 -4.17 -87.63 1.46
CA ASN M 33 -4.04 -87.52 2.90
C ASN M 33 -3.25 -86.26 3.23
N MET M 34 -3.79 -85.43 4.12
CA MET M 34 -3.14 -84.16 4.47
C MET M 34 -2.78 -84.09 5.95
N LEU M 35 -1.69 -83.39 6.25
CA LEU M 35 -1.22 -83.24 7.61
C LEU M 35 -0.79 -81.80 7.91
N LEU M 36 -1.58 -81.11 8.72
CA LEU M 36 -1.29 -79.73 9.08
C LEU M 36 -0.20 -79.64 10.15
N ARG M 37 0.98 -79.18 9.74
CA ARG M 37 2.10 -79.02 10.67
C ARG M 37 1.88 -77.86 11.62
N THR M 38 1.97 -76.64 11.10
CA THR M 38 1.80 -75.46 11.93
C THR M 38 0.98 -74.38 11.24
N ILE M 39 0.33 -73.55 12.03
CA ILE M 39 -0.39 -72.42 11.51
C ILE M 39 0.03 -71.17 12.28
N SER M 40 0.30 -70.08 11.55
CA SER M 40 0.75 -68.84 12.16
C SER M 40 0.43 -67.61 11.29
N LYS M 41 0.75 -66.42 11.80
CA LYS M 41 0.55 -65.18 11.05
C LYS M 41 -0.84 -65.05 10.47
N ILE M 42 -1.87 -65.10 11.30
CA ILE M 42 -3.22 -64.97 10.78
C ILE M 42 -3.54 -63.50 10.56
N ASP M 43 -3.30 -63.02 9.34
CA ASP M 43 -3.40 -61.60 9.05
C ASP M 43 -4.84 -61.18 8.78
N VAL M 44 -5.42 -60.43 9.70
CA VAL M 44 -6.77 -59.92 9.51
C VAL M 44 -6.79 -58.83 8.46
N VAL M 45 -5.73 -58.04 8.42
CA VAL M 45 -5.66 -56.92 7.50
C VAL M 45 -5.45 -57.36 6.05
N ASN M 46 -4.39 -58.13 5.82
CA ASN M 46 -4.05 -58.53 4.45
C ASN M 46 -4.77 -59.79 4.00
N MET M 47 -5.71 -60.26 4.82
CA MET M 47 -6.56 -61.39 4.47
C MET M 47 -5.76 -62.58 3.96
N GLU M 48 -4.94 -63.15 4.84
CA GLU M 48 -4.06 -64.25 4.48
C GLU M 48 -3.55 -64.89 5.75
N TYR M 49 -3.08 -66.12 5.65
CA TYR M 49 -2.48 -66.79 6.80
C TYR M 49 -1.41 -67.76 6.34
N SER M 50 -0.35 -67.86 7.13
CA SER M 50 0.76 -68.76 6.85
C SER M 50 0.50 -70.13 7.44
N ALA M 51 0.34 -71.12 6.59
CA ALA M 51 0.14 -72.48 7.07
C ALA M 51 1.23 -73.39 6.51
N GLN M 52 1.67 -74.33 7.33
CA GLN M 52 2.71 -75.27 6.92
C GLN M 52 2.19 -76.69 7.03
N LEU M 53 2.32 -77.47 5.95
CA LEU M 53 1.67 -78.78 5.92
C LEU M 53 2.48 -79.87 5.21
N THR M 54 1.99 -81.10 5.31
CA THR M 54 2.56 -82.26 4.65
C THR M 54 1.47 -82.95 3.85
N LEU M 55 1.63 -82.95 2.52
CA LEU M 55 0.61 -83.51 1.64
C LEU M 55 0.99 -84.92 1.20
N ARG M 56 0.01 -85.83 1.22
CA ARG M 56 0.24 -87.20 0.77
C ARG M 56 -0.74 -87.61 -0.33
N GLU M 57 -0.22 -87.86 -1.52
CA GLU M 57 -1.03 -88.30 -2.64
C GLU M 57 -0.77 -89.76 -2.97
N SER M 58 -1.78 -90.44 -3.50
CA SER M 58 -1.68 -91.86 -3.81
C SER M 58 -2.52 -92.24 -5.02
N TRP M 59 -1.87 -92.84 -6.02
CA TRP M 59 -2.56 -93.29 -7.23
C TRP M 59 -1.96 -94.57 -7.74
N ILE M 60 -2.58 -95.16 -8.76
CA ILE M 60 -2.09 -96.42 -9.31
C ILE M 60 -1.59 -96.27 -10.74
N ASP M 61 -0.30 -96.51 -10.94
CA ASP M 61 0.32 -96.47 -12.26
C ASP M 61 0.81 -97.87 -12.61
N LYS M 62 0.02 -98.60 -13.40
CA LYS M 62 0.32 -99.99 -13.73
C LYS M 62 1.65 -100.16 -14.44
N ARG M 63 2.14 -99.08 -15.06
CA ARG M 63 3.42 -99.10 -15.75
C ARG M 63 4.58 -99.36 -14.78
N LEU M 64 4.45 -98.85 -13.57
CA LEU M 64 5.52 -98.96 -12.59
C LEU M 64 5.47 -100.24 -11.77
N SER M 65 4.49 -101.09 -12.06
CA SER M 65 4.33 -102.34 -11.32
C SER M 65 5.46 -103.30 -11.62
N TYR M 66 6.25 -103.61 -10.59
CA TYR M 66 7.41 -104.47 -10.77
C TYR M 66 7.18 -105.88 -10.21
N GLY M 67 6.67 -105.94 -8.98
CA GLY M 67 6.48 -107.21 -8.30
C GLY M 67 5.11 -107.79 -8.52
N VAL M 68 4.17 -106.93 -8.90
CA VAL M 68 2.76 -107.31 -9.06
C VAL M 68 2.26 -108.00 -7.79
N LYS M 69 2.17 -109.32 -7.82
CA LYS M 69 1.82 -110.09 -6.64
C LYS M 69 2.96 -110.03 -5.62
N GLY M 70 4.19 -110.04 -6.13
CA GLY M 70 5.38 -109.94 -5.30
C GLY M 70 5.51 -111.11 -4.36
N ASP M 71 5.45 -110.82 -3.06
CA ASP M 71 5.54 -111.83 -2.00
C ASP M 71 6.86 -112.60 -2.09
N GLY M 72 7.80 -112.04 -2.83
CA GLY M 72 9.15 -112.56 -2.96
C GLY M 72 10.08 -111.40 -3.24
N GLN M 73 9.50 -110.19 -3.24
CA GLN M 73 10.22 -108.95 -3.48
C GLN M 73 9.76 -107.89 -2.47
N PRO M 74 10.59 -106.85 -2.23
CA PRO M 74 10.19 -105.77 -1.32
C PRO M 74 8.83 -105.16 -1.65
N ASP M 75 8.06 -104.83 -0.62
CA ASP M 75 6.70 -104.32 -0.81
C ASP M 75 6.72 -103.03 -1.64
N PHE M 76 7.58 -102.10 -1.28
CA PHE M 76 7.74 -100.89 -2.07
C PHE M 76 9.22 -100.56 -2.25
N VAL M 77 9.52 -99.76 -3.28
CA VAL M 77 10.87 -99.32 -3.56
C VAL M 77 10.95 -97.80 -3.62
N ILE M 78 11.74 -97.22 -2.72
CA ILE M 78 11.91 -95.78 -2.70
C ILE M 78 12.54 -95.30 -4.00
N LEU M 79 11.92 -94.31 -4.62
CA LEU M 79 12.44 -93.76 -5.87
C LEU M 79 13.64 -92.87 -5.62
N THR M 80 14.75 -93.18 -6.27
CA THR M 80 15.97 -92.38 -6.15
C THR M 80 15.94 -91.21 -7.12
N VAL M 81 16.77 -90.19 -6.85
CA VAL M 81 16.86 -89.02 -7.71
C VAL M 81 17.39 -89.41 -9.09
N GLY M 82 16.74 -88.90 -10.14
CA GLY M 82 17.18 -89.17 -11.49
C GLY M 82 16.15 -89.90 -12.32
N HIS M 83 15.04 -90.27 -11.68
CA HIS M 83 13.96 -90.95 -12.38
C HIS M 83 12.67 -90.14 -12.31
N GLN M 84 12.09 -89.87 -13.48
CA GLN M 84 10.86 -89.08 -13.58
C GLN M 84 9.61 -89.95 -13.55
N ILE M 85 8.71 -89.65 -12.62
CA ILE M 85 7.44 -90.34 -12.54
C ILE M 85 6.31 -89.36 -12.74
N TRP M 86 5.36 -89.72 -13.60
CA TRP M 86 4.18 -88.88 -13.79
C TRP M 86 3.50 -88.65 -12.45
N MET M 87 3.11 -87.41 -12.21
CA MET M 87 2.38 -87.06 -11.01
C MET M 87 1.27 -86.09 -11.35
N PRO M 88 0.19 -86.12 -10.56
CA PRO M 88 -0.92 -85.16 -10.68
C PRO M 88 -0.45 -83.73 -10.55
N ASP M 89 -0.68 -82.91 -11.57
CA ASP M 89 -0.24 -81.52 -11.50
C ASP M 89 -1.07 -80.75 -10.48
N THR M 90 -0.83 -81.05 -9.21
CA THR M 90 -1.51 -80.40 -8.10
C THR M 90 -1.02 -78.98 -7.88
N PHE M 91 -1.95 -78.07 -7.63
CA PHE M 91 -1.64 -76.69 -7.30
C PHE M 91 -2.65 -76.20 -6.28
N PHE M 92 -2.31 -75.14 -5.56
CA PHE M 92 -3.26 -74.53 -4.62
C PHE M 92 -3.88 -73.27 -5.21
N PRO M 93 -5.19 -73.29 -5.47
CA PRO M 93 -5.92 -72.17 -6.09
C PRO M 93 -5.90 -70.90 -5.25
N ASN M 94 -5.98 -71.03 -3.94
CA ASN M 94 -6.09 -69.87 -3.06
C ASN M 94 -4.74 -69.41 -2.52
N GLU M 95 -3.69 -70.09 -2.98
CA GLU M 95 -2.34 -69.77 -2.57
C GLU M 95 -1.92 -68.37 -3.03
N LYS M 96 -1.23 -67.64 -2.17
CA LYS M 96 -0.86 -66.26 -2.45
C LYS M 96 0.53 -65.97 -1.89
N GLN M 97 1.21 -64.99 -2.49
CA GLN M 97 2.46 -64.47 -1.94
C GLN M 97 3.39 -65.63 -1.63
N ALA M 98 3.59 -66.49 -2.62
CA ALA M 98 4.29 -67.72 -2.33
C ALA M 98 5.56 -67.92 -3.15
N TYR M 99 6.66 -68.15 -2.43
CA TYR M 99 7.93 -68.56 -3.00
C TYR M 99 8.26 -69.97 -2.52
N LYS M 100 8.66 -70.81 -3.46
CA LYS M 100 8.88 -72.24 -3.18
C LYS M 100 10.34 -72.65 -3.10
N HIS M 101 10.68 -73.27 -1.98
CA HIS M 101 12.02 -73.81 -1.74
C HIS M 101 12.36 -74.92 -2.74
N THR M 102 13.66 -75.20 -2.86
CA THR M 102 14.18 -76.12 -3.88
C THR M 102 13.88 -75.63 -5.29
N PRO M 106 15.97 -81.83 -0.92
CA PRO M 106 14.55 -81.50 -1.02
C PRO M 106 13.68 -82.35 -0.11
N ASN M 107 12.62 -81.76 0.45
CA ASN M 107 11.73 -82.48 1.32
C ASN M 107 10.62 -83.19 0.53
N VAL M 108 11.00 -84.23 -0.21
CA VAL M 108 10.06 -85.05 -1.00
C VAL M 108 10.29 -86.56 -0.80
N LEU M 109 9.21 -87.33 -0.91
CA LEU M 109 9.31 -88.78 -0.76
C LEU M 109 8.38 -89.50 -1.72
N ILE M 110 8.95 -90.36 -2.55
CA ILE M 110 8.19 -91.12 -3.55
C ILE M 110 8.41 -92.63 -3.43
N ARG M 111 7.32 -93.34 -3.12
CA ARG M 111 7.35 -94.79 -3.00
C ARG M 111 6.56 -95.43 -4.14
N ILE M 112 7.12 -96.48 -4.72
CA ILE M 112 6.44 -97.27 -5.74
C ILE M 112 6.15 -98.67 -5.21
N HIS M 113 4.93 -98.91 -4.75
CA HIS M 113 4.55 -100.24 -4.28
C HIS M 113 4.55 -101.20 -5.46
N ASN M 114 4.63 -102.49 -5.16
CA ASN M 114 4.74 -103.51 -6.18
C ASN M 114 3.57 -103.59 -7.17
N ASP M 115 2.37 -103.29 -6.69
CA ASP M 115 1.17 -103.37 -7.53
C ASP M 115 1.06 -102.19 -8.49
N GLY M 116 1.86 -101.16 -8.27
CA GLY M 116 1.82 -99.96 -9.10
C GLY M 116 1.27 -98.75 -8.38
N THR M 117 1.00 -98.91 -7.09
CA THR M 117 0.53 -97.81 -6.26
C THR M 117 1.68 -96.88 -5.91
N VAL M 118 1.48 -95.58 -6.14
CA VAL M 118 2.51 -94.58 -5.86
C VAL M 118 2.13 -93.74 -4.65
N LEU M 119 3.07 -93.54 -3.72
CA LEU M 119 2.86 -92.62 -2.62
C LEU M 119 3.76 -91.39 -2.76
N TYR M 120 3.16 -90.21 -2.73
CA TYR M 120 3.89 -88.97 -2.87
C TYR M 120 3.74 -88.13 -1.60
N SER M 121 4.85 -87.75 -0.99
CA SER M 121 4.84 -86.94 0.23
C SER M 121 5.69 -85.69 0.03
N VAL M 122 5.16 -84.55 0.45
CA VAL M 122 5.84 -83.28 0.20
C VAL M 122 5.58 -82.28 1.33
N ARG M 123 6.58 -81.44 1.63
CA ARG M 123 6.42 -80.41 2.64
C ARG M 123 6.36 -79.05 1.96
N ILE M 124 5.34 -78.28 2.30
CA ILE M 124 5.19 -76.96 1.70
C ILE M 124 4.73 -75.94 2.74
N SER M 125 5.25 -74.72 2.64
CA SER M 125 4.71 -73.57 3.38
C SER M 125 3.95 -72.68 2.41
N LEU M 126 2.70 -72.39 2.76
CA LEU M 126 1.80 -71.66 1.89
C LEU M 126 1.24 -70.43 2.57
N VAL M 127 1.01 -69.39 1.80
CA VAL M 127 0.20 -68.28 2.30
C VAL M 127 -1.12 -68.31 1.54
N LEU M 128 -2.22 -68.42 2.26
CA LEU M 128 -3.53 -68.60 1.63
C LEU M 128 -4.48 -67.46 1.97
N SER M 129 -5.16 -66.90 0.97
CA SER M 129 -6.10 -65.81 1.20
C SER M 129 -7.30 -66.30 1.99
N CYS M 130 -7.68 -65.56 3.02
CA CYS M 130 -8.83 -65.94 3.83
C CYS M 130 -9.74 -64.75 4.08
N PRO M 131 -10.81 -64.63 3.28
CA PRO M 131 -11.77 -63.55 3.52
C PRO M 131 -12.36 -63.64 4.92
N MET M 132 -12.17 -62.60 5.72
CA MET M 132 -12.72 -62.62 7.07
C MET M 132 -13.73 -61.51 7.30
N TYR M 133 -14.72 -61.81 8.13
CA TYR M 133 -15.87 -60.94 8.31
C TYR M 133 -15.97 -60.54 9.78
N LEU M 134 -15.86 -59.24 10.02
CA LEU M 134 -15.73 -58.74 11.40
C LEU M 134 -16.90 -57.90 11.92
N GLN M 135 -18.09 -58.32 11.52
CA GLN M 135 -19.34 -57.69 11.98
C GLN M 135 -19.45 -57.90 13.48
N TYR M 136 -19.09 -59.11 13.90
CA TYR M 136 -19.07 -59.45 15.31
C TYR M 136 -17.65 -59.29 15.82
N TYR M 137 -17.34 -58.18 16.46
CA TYR M 137 -16.03 -58.03 17.02
C TYR M 137 -16.16 -57.76 18.51
N PRO M 138 -15.35 -58.46 19.30
CA PRO M 138 -14.37 -59.43 18.82
C PRO M 138 -14.88 -60.86 18.88
N MET M 139 -16.14 -61.01 19.26
CA MET M 139 -16.73 -62.32 19.45
C MET M 139 -17.23 -62.88 18.13
N ASP M 140 -16.33 -63.09 17.18
CA ASP M 140 -16.70 -63.67 15.90
C ASP M 140 -16.15 -65.06 15.69
N VAL M 141 -16.22 -65.50 14.45
CA VAL M 141 -15.68 -66.79 14.06
C VAL M 141 -15.33 -66.78 12.57
N GLN M 142 -14.11 -67.21 12.26
CA GLN M 142 -13.66 -67.20 10.87
C GLN M 142 -13.41 -68.61 10.36
N GLN M 143 -13.57 -68.79 9.06
CA GLN M 143 -13.30 -70.08 8.44
C GLN M 143 -12.34 -69.94 7.26
N CYS M 144 -11.10 -70.39 7.48
CA CYS M 144 -10.07 -70.38 6.44
C CYS M 144 -9.96 -71.74 5.80
N SER M 145 -9.57 -71.76 4.53
CA SER M 145 -9.55 -73.02 3.78
C SER M 145 -8.25 -73.24 3.02
N ILE M 146 -7.99 -74.49 2.65
CA ILE M 146 -6.91 -74.80 1.73
C ILE M 146 -7.47 -75.58 0.54
N ASP M 147 -7.56 -74.93 -0.61
CA ASP M 147 -8.09 -75.56 -1.82
C ASP M 147 -6.98 -76.33 -2.53
N LEU M 148 -7.37 -77.40 -3.22
CA LEU M 148 -6.43 -78.29 -3.87
C LEU M 148 -7.06 -78.89 -5.13
N ALA M 149 -6.38 -78.75 -6.27
CA ALA M 149 -6.91 -79.21 -7.56
C ALA M 149 -5.81 -79.40 -8.60
N SER M 150 -6.14 -79.97 -9.75
CA SER M 150 -5.18 -80.06 -10.85
C SER M 150 -5.32 -78.84 -11.75
N TYR M 151 -4.25 -78.49 -12.45
CA TYR M 151 -4.31 -77.30 -13.29
C TYR M 151 -4.63 -77.64 -14.74
N ALA M 152 -3.86 -78.55 -15.32
CA ALA M 152 -3.98 -78.81 -16.74
C ALA M 152 -5.01 -79.90 -17.02
N TYR M 153 -5.00 -80.95 -16.19
CA TYR M 153 -5.89 -82.08 -16.40
C TYR M 153 -7.31 -81.81 -15.90
N THR M 154 -8.29 -82.15 -16.73
CA THR M 154 -9.70 -81.94 -16.41
C THR M 154 -10.29 -83.13 -15.66
N THR M 155 -11.62 -83.21 -15.63
CA THR M 155 -12.30 -84.27 -14.90
C THR M 155 -12.25 -85.63 -15.61
N LYS M 156 -11.84 -85.63 -16.87
CA LYS M 156 -11.82 -86.86 -17.64
C LYS M 156 -10.52 -87.63 -17.41
N ASP M 157 -9.49 -86.92 -16.97
CA ASP M 157 -8.17 -87.52 -16.83
C ASP M 157 -7.81 -87.76 -15.36
N ILE M 158 -8.31 -86.90 -14.48
CA ILE M 158 -7.93 -86.97 -13.07
C ILE M 158 -9.06 -86.51 -12.14
N GLU M 159 -9.22 -87.20 -11.02
CA GLU M 159 -10.21 -86.79 -10.03
C GLU M 159 -9.72 -87.09 -8.63
N TYR M 160 -9.76 -86.05 -7.79
CA TYR M 160 -9.26 -86.17 -6.43
C TYR M 160 -10.35 -86.67 -5.48
N LEU M 161 -9.94 -87.46 -4.50
CA LEU M 161 -10.83 -87.96 -3.46
C LEU M 161 -10.12 -87.92 -2.12
N TRP M 162 -10.77 -87.37 -1.09
CA TRP M 162 -10.19 -87.39 0.24
C TRP M 162 -10.00 -88.83 0.68
N LYS M 163 -8.87 -89.10 1.33
CA LYS M 163 -8.59 -90.44 1.85
C LYS M 163 -9.74 -90.86 2.76
N GLU M 164 -9.99 -92.16 2.82
CA GLU M 164 -11.15 -92.68 3.51
C GLU M 164 -11.12 -92.40 5.01
N HIS M 165 -9.94 -92.48 5.60
CA HIS M 165 -9.81 -92.30 7.05
C HIS M 165 -8.84 -91.20 7.41
N SER M 166 -9.28 -90.33 8.32
CA SER M 166 -8.48 -89.21 8.78
C SER M 166 -7.84 -88.45 7.62
N PRO M 167 -8.67 -87.85 6.75
CA PRO M 167 -8.12 -87.16 5.58
C PRO M 167 -7.26 -85.99 6.05
N LEU M 168 -7.72 -85.31 7.10
CA LEU M 168 -7.00 -84.19 7.67
C LEU M 168 -6.43 -84.56 9.03
N GLN M 169 -5.12 -84.37 9.20
CA GLN M 169 -4.49 -84.63 10.48
C GLN M 169 -3.75 -83.39 10.97
N LEU M 170 -3.74 -83.19 12.28
CA LEU M 170 -3.18 -81.96 12.85
C LEU M 170 -2.09 -82.29 13.83
N LYS M 171 -1.07 -81.44 13.90
CA LYS M 171 0.07 -81.66 14.80
C LYS M 171 -0.42 -81.62 16.23
N VAL M 172 0.40 -82.14 17.14
CA VAL M 172 -0.02 -82.44 18.49
C VAL M 172 -0.74 -81.27 19.17
N GLY M 173 -0.11 -80.10 19.15
CA GLY M 173 -0.65 -78.97 19.88
C GLY M 173 -1.07 -77.79 19.01
N LEU M 174 -1.65 -78.07 17.85
CA LEU M 174 -2.02 -77.01 16.93
C LEU M 174 -3.05 -76.04 17.54
N SER M 175 -4.05 -76.55 18.27
CA SER M 175 -5.08 -75.69 18.85
C SER M 175 -4.50 -74.63 19.81
N SER M 176 -3.45 -75.02 20.53
CA SER M 176 -2.74 -74.12 21.44
C SER M 176 -1.77 -73.21 20.70
N SER M 177 -1.21 -73.72 19.61
CA SER M 177 -0.12 -73.06 18.90
C SER M 177 -0.54 -71.69 18.37
N LEU M 178 -1.81 -71.57 18.00
CA LEU M 178 -2.28 -70.32 17.41
C LEU M 178 -2.22 -69.16 18.40
N PRO M 179 -1.73 -68.01 17.92
CA PRO M 179 -1.51 -66.79 18.71
C PRO M 179 -2.78 -66.04 19.09
N SER M 180 -3.69 -65.84 18.15
CA SER M 180 -4.81 -64.92 18.38
C SER M 180 -6.19 -65.57 18.27
N PHE M 181 -6.24 -66.80 17.79
CA PHE M 181 -7.51 -67.49 17.60
C PHE M 181 -7.44 -68.86 18.24
N GLN M 182 -8.61 -69.47 18.42
CA GLN M 182 -8.67 -70.82 18.96
C GLN M 182 -9.35 -71.74 17.95
N LEU M 183 -8.71 -72.85 17.63
CA LEU M 183 -9.25 -73.72 16.59
C LEU M 183 -10.33 -74.65 17.15
N THR M 184 -11.55 -74.48 16.68
CA THR M 184 -12.68 -75.24 17.18
C THR M 184 -12.95 -76.48 16.35
N ASN M 185 -12.88 -76.33 15.03
CA ASN M 185 -13.34 -77.38 14.13
C ASN M 185 -12.46 -77.55 12.90
N THR M 186 -12.45 -78.76 12.35
CA THR M 186 -11.83 -79.04 11.07
C THR M 186 -12.84 -79.75 10.17
N SER M 187 -12.61 -79.66 8.86
CA SER M 187 -13.58 -80.16 7.90
C SER M 187 -12.97 -80.47 6.54
N THR M 188 -13.17 -81.69 6.07
CA THR M 188 -12.73 -82.09 4.74
C THR M 188 -13.94 -82.17 3.82
N THR M 189 -14.02 -81.28 2.84
CA THR M 189 -15.13 -81.29 1.88
C THR M 189 -14.61 -81.26 0.44
N TYR M 190 -15.55 -81.23 -0.51
CA TYR M 190 -15.18 -81.12 -1.91
C TYR M 190 -15.56 -79.73 -2.43
N CYS M 191 -14.77 -79.21 -3.36
CA CYS M 191 -15.05 -77.90 -3.95
C CYS M 191 -14.86 -77.92 -5.46
N THR M 192 -14.97 -79.12 -6.03
CA THR M 192 -14.94 -79.30 -7.46
C THR M 192 -15.93 -78.37 -8.14
N SER M 193 -15.45 -77.54 -9.05
CA SER M 193 -16.34 -76.60 -9.70
C SER M 193 -16.16 -76.63 -11.22
N VAL M 194 -17.03 -75.88 -11.90
CA VAL M 194 -17.10 -75.86 -13.35
C VAL M 194 -16.67 -74.50 -13.88
N THR M 195 -15.55 -74.44 -14.60
CA THR M 195 -15.08 -73.16 -15.09
C THR M 195 -15.18 -73.05 -16.60
N ASN M 196 -14.86 -71.87 -17.11
CA ASN M 196 -14.92 -71.61 -18.53
C ASN M 196 -14.02 -72.56 -19.31
N THR M 197 -12.96 -73.02 -18.67
CA THR M 197 -12.02 -73.94 -19.31
C THR M 197 -12.48 -75.38 -19.15
N GLY M 198 -13.26 -75.66 -18.11
CA GLY M 198 -13.79 -76.99 -17.91
C GLY M 198 -14.16 -77.35 -16.48
N ILE M 199 -14.31 -78.64 -16.23
CA ILE M 199 -14.69 -79.14 -14.91
C ILE M 199 -13.49 -79.76 -14.22
N TYR M 200 -12.99 -79.12 -13.17
CA TYR M 200 -11.81 -79.64 -12.48
C TYR M 200 -12.14 -80.12 -11.07
N SER M 201 -11.68 -81.32 -10.74
CA SER M 201 -11.92 -81.88 -9.42
C SER M 201 -11.13 -81.08 -8.41
N CYS M 202 -11.68 -80.91 -7.21
CA CYS M 202 -11.03 -80.06 -6.22
C CYS M 202 -11.38 -80.43 -4.77
N LEU M 203 -10.35 -80.46 -3.91
CA LEU M 203 -10.53 -80.77 -2.50
C LEU M 203 -10.34 -79.54 -1.63
N ARG M 204 -11.18 -79.38 -0.63
CA ARG M 204 -11.02 -78.26 0.28
C ARG M 204 -11.03 -78.68 1.73
N THR M 205 -9.92 -78.42 2.41
CA THR M 205 -9.86 -78.63 3.84
C THR M 205 -10.09 -77.29 4.51
N THR M 206 -10.77 -77.30 5.65
CA THR M 206 -11.23 -76.06 6.27
C THR M 206 -11.02 -76.09 7.79
N ILE M 207 -10.55 -74.97 8.33
CA ILE M 207 -10.42 -74.83 9.77
C ILE M 207 -11.29 -73.68 10.27
N GLN M 208 -11.82 -73.84 11.48
CA GLN M 208 -12.73 -72.86 12.05
C GLN M 208 -12.15 -72.19 13.29
N LEU M 209 -11.91 -70.89 13.18
CA LEU M 209 -11.27 -70.12 14.24
C LEU M 209 -12.25 -69.18 14.91
N LYS M 210 -12.39 -69.32 16.23
CA LYS M 210 -13.14 -68.34 17.02
C LYS M 210 -12.27 -67.87 18.18
N ARG M 211 -12.56 -66.66 18.66
CA ARG M 211 -11.71 -66.05 19.68
C ARG M 211 -12.17 -66.31 21.11
N GLU M 212 -11.24 -66.21 22.05
CA GLU M 212 -11.57 -66.37 23.46
C GLU M 212 -12.33 -65.16 23.97
N PHE M 213 -13.60 -65.38 24.32
CA PHE M 213 -14.42 -64.29 24.82
C PHE M 213 -13.88 -63.76 26.14
N SER M 214 -13.29 -64.66 26.94
CA SER M 214 -12.78 -64.34 28.26
C SER M 214 -11.85 -63.13 28.26
N PHE M 215 -10.87 -63.17 27.36
CA PHE M 215 -9.85 -62.13 27.27
C PHE M 215 -10.47 -60.78 27.01
N TYR M 216 -11.19 -60.69 25.89
CA TYR M 216 -11.80 -59.44 25.45
C TYR M 216 -12.85 -58.93 26.40
N LEU M 217 -13.36 -59.82 27.24
CA LEU M 217 -14.32 -59.44 28.25
C LEU M 217 -13.63 -58.63 29.34
N LEU M 218 -12.50 -59.16 29.80
CA LEU M 218 -11.74 -58.55 30.87
C LEU M 218 -11.02 -57.28 30.42
N GLN M 219 -10.58 -57.27 29.17
CA GLN M 219 -9.77 -56.17 28.66
C GLN M 219 -10.60 -54.97 28.19
N LEU M 220 -11.76 -55.24 27.58
CA LEU M 220 -12.53 -54.17 26.93
C LEU M 220 -13.83 -53.82 27.61
N TYR M 221 -14.66 -54.83 27.85
CA TYR M 221 -16.02 -54.62 28.32
C TYR M 221 -16.12 -54.23 29.80
N ILE M 222 -15.58 -55.08 30.67
CA ILE M 222 -15.59 -54.83 32.11
C ILE M 222 -15.06 -53.43 32.53
N PRO M 223 -13.96 -52.94 31.93
CA PRO M 223 -13.52 -51.60 32.33
C PRO M 223 -14.58 -50.52 32.10
N SER M 224 -15.22 -50.54 30.94
CA SER M 224 -16.21 -49.51 30.62
C SER M 224 -17.49 -49.64 31.43
N CYS M 225 -17.85 -50.86 31.80
CA CYS M 225 -19.01 -51.06 32.65
C CYS M 225 -18.82 -50.32 33.95
N MET M 226 -17.60 -50.35 34.47
CA MET M 226 -17.27 -49.63 35.68
C MET M 226 -17.39 -48.13 35.46
N LEU M 227 -17.03 -47.68 34.26
CA LEU M 227 -17.06 -46.26 33.95
C LEU M 227 -18.50 -45.75 33.82
N VAL M 228 -19.37 -46.55 33.22
CA VAL M 228 -20.76 -46.17 33.09
C VAL M 228 -21.43 -46.11 34.47
N ILE M 229 -21.11 -47.08 35.32
CA ILE M 229 -21.62 -47.11 36.69
C ILE M 229 -21.16 -45.87 37.45
N VAL M 230 -19.90 -45.47 37.26
CA VAL M 230 -19.37 -44.29 37.92
C VAL M 230 -20.18 -43.05 37.55
N SER M 231 -20.53 -42.97 36.27
CA SER M 231 -21.27 -41.81 35.76
C SER M 231 -22.63 -41.67 36.41
N TRP M 232 -23.10 -42.73 37.05
CA TRP M 232 -24.43 -42.74 37.65
C TRP M 232 -24.42 -42.14 39.06
N VAL M 233 -23.29 -42.24 39.76
CA VAL M 233 -23.26 -41.84 41.17
C VAL M 233 -23.33 -40.32 41.39
N SER M 234 -23.32 -39.57 40.29
CA SER M 234 -23.52 -38.13 40.38
C SER M 234 -25.01 -37.82 40.57
N PHE M 235 -25.85 -38.80 40.29
CA PHE M 235 -27.29 -38.65 40.47
C PHE M 235 -27.65 -38.73 41.94
N TRP M 236 -26.85 -39.47 42.70
CA TRP M 236 -27.10 -39.67 44.12
C TRP M 236 -26.51 -38.53 44.95
N PHE M 237 -25.86 -37.57 44.28
CA PHE M 237 -25.41 -36.35 44.94
C PHE M 237 -26.45 -35.24 44.75
N ASP M 238 -26.61 -34.39 45.77
CA ASP M 238 -27.59 -33.32 45.68
C ASP M 238 -27.18 -32.27 44.66
N ARG M 239 -28.11 -31.38 44.33
CA ARG M 239 -27.89 -30.36 43.32
C ARG M 239 -26.89 -29.29 43.77
N THR M 240 -26.81 -29.06 45.07
CA THR M 240 -26.00 -27.96 45.61
C THR M 240 -24.50 -28.18 45.45
N ALA M 241 -24.06 -29.43 45.51
CA ALA M 241 -22.65 -29.76 45.36
C ALA M 241 -22.22 -29.71 43.90
N ILE M 242 -22.07 -28.49 43.38
CA ILE M 242 -21.64 -28.29 42.01
C ILE M 242 -20.24 -28.86 41.73
N PRO M 243 -19.25 -28.60 42.61
CA PRO M 243 -17.93 -29.16 42.29
C PRO M 243 -17.93 -30.68 42.20
N ALA M 244 -18.82 -31.32 42.95
CA ALA M 244 -18.90 -32.78 42.96
C ALA M 244 -19.29 -33.32 41.60
N ARG M 245 -20.46 -32.90 41.13
CA ARG M 245 -21.06 -33.48 39.95
C ARG M 245 -20.40 -32.99 38.67
N VAL M 246 -19.84 -31.80 38.69
CA VAL M 246 -19.11 -31.34 37.53
C VAL M 246 -17.88 -32.20 37.32
N THR M 247 -17.07 -32.35 38.37
CA THR M 247 -15.84 -33.11 38.29
C THR M 247 -16.10 -34.56 37.92
N LEU M 248 -17.07 -35.18 38.57
CA LEU M 248 -17.46 -36.56 38.26
C LEU M 248 -17.83 -36.71 36.80
N GLY M 249 -18.66 -35.80 36.31
CA GLY M 249 -19.15 -35.88 34.94
C GLY M 249 -18.09 -35.67 33.89
N VAL M 250 -17.25 -34.66 34.09
CA VAL M 250 -16.25 -34.34 33.08
C VAL M 250 -15.09 -35.33 33.11
N THR M 251 -14.78 -35.84 34.29
CA THR M 251 -13.67 -36.77 34.43
C THR M 251 -14.04 -38.10 33.78
N THR M 252 -15.26 -38.56 34.06
CA THR M 252 -15.75 -39.81 33.52
C THR M 252 -15.70 -39.80 32.00
N LEU M 253 -16.03 -38.65 31.40
CA LEU M 253 -16.01 -38.50 29.96
C LEU M 253 -14.58 -38.47 29.39
N LEU M 254 -13.68 -37.82 30.11
CA LEU M 254 -12.27 -37.79 29.73
C LEU M 254 -11.70 -39.20 29.81
N THR M 255 -12.07 -39.92 30.86
CA THR M 255 -11.61 -41.30 31.07
C THR M 255 -12.05 -42.20 29.94
N MET M 256 -13.30 -42.06 29.55
CA MET M 256 -13.89 -42.87 28.49
C MET M 256 -13.22 -42.62 27.14
N THR M 257 -12.89 -41.36 26.86
CA THR M 257 -12.22 -41.03 25.61
C THR M 257 -10.84 -41.68 25.61
N ALA M 258 -10.23 -41.72 26.80
CA ALA M 258 -8.94 -42.36 27.00
C ALA M 258 -9.06 -43.87 26.90
N GLN M 259 -10.06 -44.41 27.57
CA GLN M 259 -10.35 -45.83 27.49
C GLN M 259 -10.54 -46.24 26.04
N SER M 260 -11.34 -45.45 25.33
CA SER M 260 -11.63 -45.69 23.92
C SER M 260 -10.41 -45.57 23.03
N ALA M 261 -9.49 -44.69 23.39
CA ALA M 261 -8.27 -44.49 22.61
C ALA M 261 -7.37 -45.72 22.68
N GLY M 262 -7.20 -46.25 23.88
CA GLY M 262 -6.36 -47.42 24.09
C GLY M 262 -6.89 -48.64 23.38
N ILE M 263 -8.21 -48.77 23.39
CA ILE M 263 -8.87 -49.86 22.70
C ILE M 263 -8.72 -49.68 21.19
N ASN M 264 -9.08 -48.50 20.71
CA ASN M 264 -9.09 -48.18 19.29
C ASN M 264 -7.73 -48.39 18.63
N SER M 265 -6.67 -48.20 19.40
CA SER M 265 -5.32 -48.31 18.88
C SER M 265 -4.75 -49.71 19.05
N GLN M 266 -5.60 -50.72 18.93
CA GLN M 266 -5.15 -52.11 18.95
C GLN M 266 -6.09 -52.98 18.14
N LEU M 267 -7.28 -52.46 17.85
CA LEU M 267 -8.19 -53.12 16.93
C LEU M 267 -7.53 -53.14 15.56
N PRO M 268 -7.61 -54.27 14.87
CA PRO M 268 -7.02 -54.39 13.52
C PRO M 268 -7.68 -53.37 12.59
N PRO M 269 -6.90 -52.70 11.73
CA PRO M 269 -7.52 -51.67 10.89
C PRO M 269 -8.62 -52.21 9.97
N VAL M 270 -9.84 -51.71 10.14
CA VAL M 270 -10.94 -52.02 9.24
C VAL M 270 -11.80 -50.77 9.06
N SER M 271 -12.54 -50.68 7.98
CA SER M 271 -13.32 -49.49 7.77
C SER M 271 -14.81 -49.76 7.83
N TYR M 272 -15.18 -50.82 8.55
CA TYR M 272 -16.61 -51.05 8.82
C TYR M 272 -16.87 -51.24 10.31
N ILE M 273 -18.07 -50.86 10.72
CA ILE M 273 -18.40 -50.82 12.14
C ILE M 273 -18.38 -52.20 12.75
N LYS M 274 -17.41 -52.42 13.62
CA LYS M 274 -17.29 -53.66 14.34
C LYS M 274 -18.27 -53.59 15.50
N ALA M 275 -18.54 -54.71 16.14
CA ALA M 275 -19.46 -54.75 17.28
C ALA M 275 -18.91 -53.99 18.48
N ILE M 276 -17.62 -54.15 18.75
CA ILE M 276 -17.01 -53.48 19.90
C ILE M 276 -17.12 -51.97 19.69
N ASP M 277 -17.03 -51.55 18.43
CA ASP M 277 -17.05 -50.14 18.10
C ASP M 277 -18.40 -49.55 18.48
N VAL M 278 -19.44 -50.34 18.29
CA VAL M 278 -20.78 -49.96 18.73
C VAL M 278 -20.81 -49.80 20.24
N TRP M 279 -20.27 -50.79 20.93
CA TRP M 279 -20.32 -50.84 22.40
C TRP M 279 -19.48 -49.73 23.02
N ILE M 280 -18.51 -49.24 22.28
CA ILE M 280 -17.72 -48.10 22.74
C ILE M 280 -18.54 -46.82 22.62
N GLY M 281 -19.10 -46.58 21.44
CA GLY M 281 -19.91 -45.40 21.18
C GLY M 281 -21.13 -45.32 22.08
N ALA M 282 -21.60 -46.48 22.53
CA ALA M 282 -22.73 -46.53 23.43
C ALA M 282 -22.34 -45.97 24.78
N CYS M 283 -21.28 -46.53 25.35
CA CYS M 283 -20.78 -46.10 26.64
C CYS M 283 -20.39 -44.62 26.58
N MET M 284 -19.90 -44.20 25.42
CA MET M 284 -19.55 -42.80 25.19
C MET M 284 -20.79 -41.91 25.29
N THR M 285 -21.94 -42.45 24.91
CA THR M 285 -23.18 -41.71 24.92
C THR M 285 -23.79 -41.65 26.32
N PHE M 286 -23.77 -42.77 27.03
CA PHE M 286 -24.36 -42.84 28.37
C PHE M 286 -23.68 -41.95 29.38
N ILE M 287 -22.42 -41.61 29.11
CA ILE M 287 -21.68 -40.71 29.97
C ILE M 287 -21.89 -39.29 29.51
N PHE M 288 -22.04 -39.11 28.20
CA PHE M 288 -22.40 -37.82 27.64
C PHE M 288 -23.77 -37.37 28.15
N CYS M 289 -24.67 -38.34 28.30
CA CYS M 289 -26.02 -38.07 28.80
C CYS M 289 -26.00 -37.85 30.30
N ALA M 290 -25.09 -38.53 30.99
CA ALA M 290 -24.95 -38.38 32.43
C ALA M 290 -24.43 -36.99 32.77
N LEU M 291 -23.41 -36.54 32.04
CA LEU M 291 -22.87 -35.21 32.23
C LEU M 291 -23.88 -34.16 31.77
N LEU M 292 -24.76 -34.57 30.87
CA LEU M 292 -25.77 -33.67 30.34
C LEU M 292 -26.93 -33.53 31.33
N GLU M 293 -27.24 -34.62 32.05
CA GLU M 293 -28.37 -34.62 32.97
C GLU M 293 -28.19 -33.62 34.09
N PHE M 294 -26.97 -33.52 34.61
CA PHE M 294 -26.67 -32.59 35.67
C PHE M 294 -26.85 -31.15 35.22
N ALA M 295 -26.55 -30.90 33.95
CA ALA M 295 -26.68 -29.56 33.40
C ALA M 295 -28.15 -29.12 33.42
N LEU M 296 -29.04 -30.07 33.16
CA LEU M 296 -30.46 -29.80 33.19
C LEU M 296 -30.91 -29.52 34.61
N VAL M 297 -30.40 -30.32 35.54
CA VAL M 297 -30.76 -30.18 36.94
C VAL M 297 -30.29 -28.83 37.48
N ASN M 298 -29.07 -28.45 37.14
CA ASN M 298 -28.52 -27.18 37.62
C ASN M 298 -29.25 -25.98 37.03
N HIS M 299 -29.77 -26.17 35.82
CA HIS M 299 -30.46 -25.07 35.12
C HIS M 299 -31.80 -24.74 35.78
N ILE M 300 -32.57 -25.76 36.10
CA ILE M 300 -33.90 -25.55 36.64
C ILE M 300 -33.85 -25.31 38.15
N ALA M 301 -32.70 -25.63 38.75
CA ALA M 301 -32.58 -25.49 40.19
C ALA M 301 -32.36 -24.03 40.58
N ASN M 302 -31.86 -23.24 39.62
CA ASN M 302 -31.56 -21.84 39.86
C ASN M 302 -32.82 -20.99 40.01
N ALA M 303 -33.94 -21.47 39.49
CA ALA M 303 -35.20 -20.76 39.71
C ALA M 303 -35.61 -20.86 41.18
N GLY M 304 -35.93 -19.71 41.77
CA GLY M 304 -36.25 -19.62 43.19
C GLY M 304 -37.58 -20.23 43.61
N THR M 305 -38.42 -20.54 42.65
CA THR M 305 -39.73 -21.13 42.95
C THR M 305 -39.59 -22.57 43.47
N THR M 306 -40.45 -22.93 44.42
CA THR M 306 -40.40 -24.24 45.07
C THR M 306 -40.87 -25.33 44.10
N GLU M 307 -41.67 -24.93 43.12
CA GLU M 307 -42.17 -25.87 42.10
C GLU M 307 -41.00 -26.32 41.24
N TRP M 308 -40.16 -25.39 40.82
CA TRP M 308 -39.02 -25.81 40.01
C TRP M 308 -38.05 -26.68 40.81
N ASN M 309 -37.90 -26.41 42.10
CA ASN M 309 -37.01 -27.21 42.93
C ASN M 309 -37.41 -28.69 43.02
N ASP M 310 -38.71 -28.95 43.16
CA ASP M 310 -39.22 -30.32 43.21
C ASP M 310 -39.08 -31.04 41.87
N ILE M 311 -39.06 -30.29 40.77
CA ILE M 311 -38.81 -30.90 39.47
C ILE M 311 -37.32 -31.25 39.33
N SER M 312 -36.46 -30.35 39.81
CA SER M 312 -35.03 -30.61 39.85
C SER M 312 -34.72 -31.86 40.65
N LYS M 313 -35.41 -32.00 41.78
CA LYS M 313 -35.20 -33.17 42.63
C LYS M 313 -35.76 -34.42 41.97
N ARG M 314 -36.85 -34.25 41.22
CA ARG M 314 -37.50 -35.37 40.55
C ARG M 314 -36.63 -35.95 39.44
N VAL M 315 -36.02 -35.07 38.65
CA VAL M 315 -35.15 -35.49 37.55
C VAL M 315 -34.04 -36.39 38.05
N ASP M 316 -33.44 -36.01 39.18
CA ASP M 316 -32.39 -36.80 39.79
C ASP M 316 -32.91 -38.18 40.17
N LEU M 317 -34.01 -38.19 40.92
CA LEU M 317 -34.60 -39.44 41.39
C LEU M 317 -34.95 -40.37 40.25
N ILE M 318 -35.35 -39.79 39.11
CA ILE M 318 -35.63 -40.59 37.93
C ILE M 318 -34.36 -41.20 37.38
N SER M 319 -33.38 -40.36 37.12
CA SER M 319 -32.12 -40.79 36.53
C SER M 319 -31.41 -41.83 37.38
N ARG M 320 -31.62 -41.77 38.69
CA ARG M 320 -31.01 -42.69 39.64
C ARG M 320 -31.33 -44.15 39.31
N ALA M 321 -32.44 -44.37 38.62
CA ALA M 321 -32.86 -45.71 38.26
C ALA M 321 -33.20 -45.78 36.77
N LEU M 322 -33.25 -44.63 36.12
CA LEU M 322 -33.53 -44.61 34.69
C LEU M 322 -32.36 -45.13 33.87
N PHE M 323 -31.20 -44.49 34.06
CA PHE M 323 -29.97 -44.87 33.37
C PHE M 323 -29.59 -46.35 33.57
N PRO M 324 -29.67 -46.87 34.81
CA PRO M 324 -29.35 -48.30 34.94
C PRO M 324 -30.30 -49.20 34.15
N VAL M 325 -31.55 -48.76 34.01
CA VAL M 325 -32.52 -49.54 33.24
C VAL M 325 -32.20 -49.46 31.76
N LEU M 326 -32.06 -48.24 31.24
CA LEU M 326 -31.81 -48.03 29.82
C LEU M 326 -30.53 -48.71 29.34
N PHE M 327 -29.50 -48.71 30.18
CA PHE M 327 -28.26 -49.40 29.87
C PHE M 327 -28.51 -50.91 29.81
N PHE M 328 -29.29 -51.41 30.77
CA PHE M 328 -29.63 -52.83 30.85
C PHE M 328 -30.49 -53.26 29.67
N VAL M 329 -31.29 -52.34 29.18
CA VAL M 329 -32.07 -52.57 27.97
C VAL M 329 -31.11 -52.72 26.81
N PHE M 330 -30.24 -51.72 26.65
CA PHE M 330 -29.24 -51.76 25.60
C PHE M 330 -28.36 -53.00 25.74
N ASN M 331 -27.99 -53.30 26.97
CA ASN M 331 -27.20 -54.50 27.27
C ASN M 331 -27.86 -55.74 26.68
N ILE M 332 -29.17 -55.87 26.92
CA ILE M 332 -29.93 -56.99 26.38
C ILE M 332 -29.93 -56.99 24.86
N LEU M 333 -30.27 -55.84 24.28
CA LEU M 333 -30.30 -55.69 22.83
C LEU M 333 -28.94 -55.98 22.19
N TYR M 334 -27.89 -55.47 22.80
CA TYR M 334 -26.54 -55.61 22.27
C TYR M 334 -26.10 -57.06 22.16
N TRP M 335 -26.10 -57.75 23.30
CA TRP M 335 -25.64 -59.12 23.33
C TRP M 335 -26.48 -60.06 22.47
N SER M 336 -27.79 -59.81 22.43
CA SER M 336 -28.67 -60.64 21.63
C SER M 336 -28.36 -60.49 20.15
N ARG M 337 -27.97 -59.27 19.77
CA ARG M 337 -27.65 -58.97 18.38
C ARG M 337 -26.32 -59.58 17.97
N PHE M 338 -25.39 -59.67 18.92
CA PHE M 338 -24.03 -60.10 18.62
C PHE M 338 -23.68 -61.42 19.31
N GLY M 339 -24.71 -62.19 19.65
CA GLY M 339 -24.49 -63.47 20.31
C GLY M 339 -24.60 -64.63 19.35
N HIS M 340 -24.81 -64.32 18.07
CA HIS M 340 -24.94 -65.32 17.03
C HIS M 340 -23.66 -66.14 16.88
N SER N 1 -3.44 -89.47 -28.94
CA SER N 1 -3.44 -88.96 -30.30
C SER N 1 -3.10 -87.47 -30.33
N ASP N 2 -3.23 -86.81 -29.18
CA ASP N 2 -2.93 -85.39 -29.10
C ASP N 2 -1.45 -85.14 -29.28
N SER N 3 -0.64 -86.08 -28.82
CA SER N 3 0.81 -85.98 -28.93
C SER N 3 1.25 -86.18 -30.38
N LYS N 4 0.39 -86.81 -31.19
CA LYS N 4 0.69 -87.05 -32.59
C LYS N 4 0.42 -85.81 -33.42
N ILE N 5 -0.52 -84.99 -32.96
CA ILE N 5 -0.88 -83.77 -33.66
C ILE N 5 0.10 -82.63 -33.34
N LEU N 6 0.46 -82.53 -32.07
CA LEU N 6 1.45 -81.55 -31.62
C LEU N 6 2.79 -81.82 -32.29
N ALA N 7 3.05 -83.10 -32.56
CA ALA N 7 4.25 -83.52 -33.29
C ALA N 7 4.23 -82.98 -34.72
N HIS N 8 3.10 -83.17 -35.39
CA HIS N 8 2.96 -82.76 -36.79
C HIS N 8 3.14 -81.26 -37.00
N LEU N 9 2.78 -80.47 -35.99
CA LEU N 9 2.84 -79.01 -36.10
C LEU N 9 4.25 -78.45 -35.98
N PHE N 10 4.96 -78.87 -34.93
CA PHE N 10 6.27 -78.31 -34.63
C PHE N 10 7.40 -79.03 -35.35
N THR N 11 7.10 -80.17 -35.95
CA THR N 11 8.08 -80.87 -36.77
C THR N 11 8.32 -80.06 -38.04
N SER N 12 7.45 -79.09 -38.29
CA SER N 12 7.56 -78.21 -39.44
C SER N 12 8.47 -77.02 -39.15
N GLY N 13 8.48 -76.06 -40.06
CA GLY N 13 9.32 -74.89 -39.91
C GLY N 13 8.63 -73.79 -39.12
N TYR N 14 8.35 -74.06 -37.85
CA TYR N 14 7.71 -73.06 -36.99
C TYR N 14 8.75 -72.31 -36.16
N ASP N 15 8.71 -70.99 -36.25
CA ASP N 15 9.63 -70.15 -35.51
C ASP N 15 8.88 -69.32 -34.46
N PHE N 16 9.13 -69.60 -33.19
CA PHE N 16 8.41 -68.96 -32.10
C PHE N 16 8.87 -67.53 -31.87
N ARG N 17 9.91 -67.12 -32.57
CA ARG N 17 10.42 -65.76 -32.47
C ARG N 17 9.80 -64.89 -33.56
N VAL N 18 9.09 -65.52 -34.48
CA VAL N 18 8.51 -64.83 -35.62
C VAL N 18 7.03 -64.52 -35.41
N ARG N 19 6.65 -63.26 -35.60
CA ARG N 19 5.25 -62.83 -35.52
C ARG N 19 4.37 -63.62 -36.50
N PRO N 20 3.16 -64.02 -36.07
CA PRO N 20 2.21 -64.75 -36.91
C PRO N 20 1.79 -63.97 -38.15
N PRO N 21 1.48 -64.67 -39.24
CA PRO N 21 1.11 -64.05 -40.53
C PRO N 21 -0.27 -63.41 -40.53
N THR N 22 -0.40 -62.29 -41.23
CA THR N 22 -1.68 -61.62 -41.37
C THR N 22 -2.03 -61.50 -42.85
N ASP N 23 -3.28 -61.80 -43.20
CA ASP N 23 -3.71 -61.79 -44.59
C ASP N 23 -3.64 -60.40 -45.20
N ASN N 24 -3.77 -59.38 -44.36
CA ASN N 24 -3.72 -58.00 -44.82
C ASN N 24 -2.35 -57.39 -44.61
N GLY N 25 -1.52 -58.08 -43.84
CA GLY N 25 -0.21 -57.57 -43.47
C GLY N 25 -0.33 -56.72 -42.23
N GLY N 26 -1.57 -56.61 -41.73
CA GLY N 26 -1.85 -55.79 -40.57
C GLY N 26 -1.38 -56.42 -39.27
N PRO N 27 -1.76 -55.80 -38.14
CA PRO N 27 -1.36 -56.24 -36.80
C PRO N 27 -2.05 -57.53 -36.38
N VAL N 28 -1.57 -58.14 -35.30
CA VAL N 28 -2.17 -59.36 -34.79
C VAL N 28 -3.20 -59.04 -33.71
N VAL N 29 -4.44 -59.42 -33.96
CA VAL N 29 -5.54 -59.11 -33.05
C VAL N 29 -5.47 -59.98 -31.80
N VAL N 30 -5.42 -59.34 -30.63
CA VAL N 30 -5.34 -60.09 -29.39
C VAL N 30 -6.53 -59.82 -28.46
N SER N 31 -7.37 -60.83 -28.28
CA SER N 31 -8.53 -60.72 -27.41
C SER N 31 -8.10 -60.94 -25.97
N VAL N 32 -8.57 -60.09 -25.06
CA VAL N 32 -8.15 -60.18 -23.66
C VAL N 32 -9.30 -60.29 -22.67
N ASN N 33 -9.35 -61.41 -21.98
CA ASN N 33 -10.29 -61.64 -20.90
C ASN N 33 -9.56 -61.65 -19.58
N MET N 34 -10.05 -60.88 -18.63
CA MET N 34 -9.38 -60.80 -17.34
C MET N 34 -10.29 -61.24 -16.20
N LEU N 35 -9.67 -61.84 -15.17
CA LEU N 35 -10.39 -62.34 -14.02
C LEU N 35 -9.67 -62.01 -12.72
N LEU N 36 -10.25 -61.09 -11.95
CA LEU N 36 -9.68 -60.65 -10.69
C LEU N 36 -9.94 -61.65 -9.55
N ARG N 37 -8.91 -62.37 -9.13
CA ARG N 37 -9.01 -63.34 -8.05
C ARG N 37 -9.18 -62.63 -6.70
N THR N 38 -8.10 -62.02 -6.21
CA THR N 38 -8.16 -61.32 -4.92
C THR N 38 -7.45 -59.98 -4.95
N ILE N 39 -7.90 -59.08 -4.09
CA ILE N 39 -7.26 -57.79 -3.92
C ILE N 39 -7.00 -57.56 -2.43
N SER N 40 -5.78 -57.13 -2.10
CA SER N 40 -5.36 -56.93 -0.71
C SER N 40 -4.22 -55.92 -0.59
N LYS N 41 -3.83 -55.63 0.66
CA LYS N 41 -2.71 -54.73 0.96
C LYS N 41 -2.83 -53.42 0.21
N ILE N 42 -3.92 -52.70 0.39
CA ILE N 42 -4.05 -51.43 -0.29
C ILE N 42 -3.27 -50.38 0.49
N ASP N 43 -2.03 -50.17 0.07
CA ASP N 43 -1.10 -49.28 0.79
C ASP N 43 -1.31 -47.82 0.40
N VAL N 44 -1.85 -47.04 1.33
CA VAL N 44 -2.05 -45.62 1.10
C VAL N 44 -0.71 -44.90 1.13
N VAL N 45 0.18 -45.38 1.98
CA VAL N 45 1.47 -44.76 2.15
C VAL N 45 2.42 -44.99 0.97
N ASN N 46 2.66 -46.24 0.62
CA ASN N 46 3.63 -46.56 -0.44
C ASN N 46 3.03 -46.53 -1.84
N MET N 47 1.78 -46.07 -1.92
CA MET N 47 1.10 -45.91 -3.19
C MET N 47 1.18 -47.15 -4.06
N GLU N 48 0.54 -48.22 -3.58
CA GLU N 48 0.59 -49.51 -4.25
C GLU N 48 -0.49 -50.43 -3.69
N TYR N 49 -0.84 -51.47 -4.43
CA TYR N 49 -1.76 -52.49 -3.92
C TYR N 49 -1.45 -53.85 -4.53
N SER N 50 -1.61 -54.89 -3.73
CA SER N 50 -1.38 -56.25 -4.16
C SER N 50 -2.65 -56.86 -4.72
N ALA N 51 -2.63 -57.13 -6.02
CA ALA N 51 -3.76 -57.74 -6.72
C ALA N 51 -3.33 -59.06 -7.34
N GLN N 52 -4.22 -60.04 -7.29
CA GLN N 52 -3.95 -61.37 -7.83
C GLN N 52 -5.01 -61.68 -8.89
N LEU N 53 -4.58 -62.09 -10.08
CA LEU N 53 -5.52 -62.23 -11.19
C LEU N 53 -5.24 -63.41 -12.12
N THR N 54 -6.17 -63.64 -13.04
CA THR N 54 -6.02 -64.65 -14.08
C THR N 54 -6.26 -64.05 -15.45
N LEU N 55 -5.24 -64.01 -16.28
CA LEU N 55 -5.33 -63.37 -17.59
C LEU N 55 -5.58 -64.39 -18.67
N ARG N 56 -6.48 -64.06 -19.60
CA ARG N 56 -6.74 -64.92 -20.76
C ARG N 56 -6.56 -64.16 -22.07
N GLU N 57 -5.57 -64.55 -22.85
CA GLU N 57 -5.32 -63.91 -24.15
C GLU N 57 -5.72 -64.84 -25.26
N SER N 58 -6.13 -64.29 -26.40
CA SER N 58 -6.57 -65.11 -27.53
C SER N 58 -6.24 -64.47 -28.87
N TRP N 59 -5.54 -65.21 -29.72
CA TRP N 59 -5.19 -64.74 -31.05
C TRP N 59 -5.22 -65.88 -32.04
N ILE N 60 -5.04 -65.58 -33.32
CA ILE N 60 -5.08 -66.60 -34.36
C ILE N 60 -3.72 -66.76 -35.06
N ASP N 61 -3.15 -67.94 -34.92
CA ASP N 61 -1.88 -68.27 -35.57
C ASP N 61 -2.14 -69.37 -36.59
N LYS N 62 -2.26 -68.99 -37.85
CA LYS N 62 -2.62 -69.93 -38.92
C LYS N 62 -1.60 -71.06 -39.08
N ARG N 63 -0.38 -70.83 -38.62
CA ARG N 63 0.67 -71.83 -38.69
C ARG N 63 0.35 -73.07 -37.85
N LEU N 64 -0.34 -72.85 -36.73
CA LEU N 64 -0.65 -73.92 -35.79
C LEU N 64 -1.97 -74.64 -36.12
N SER N 65 -2.62 -74.24 -37.22
CA SER N 65 -3.89 -74.86 -37.61
C SER N 65 -3.69 -76.30 -38.09
N TYR N 66 -4.25 -77.26 -37.37
CA TYR N 66 -4.08 -78.67 -37.69
C TYR N 66 -5.33 -79.27 -38.32
N GLY N 67 -6.48 -79.01 -37.71
CA GLY N 67 -7.72 -79.61 -38.16
C GLY N 67 -8.46 -78.73 -39.13
N VAL N 68 -8.14 -77.44 -39.13
CA VAL N 68 -8.82 -76.44 -39.94
C VAL N 68 -10.33 -76.52 -39.72
N LYS N 69 -11.04 -77.16 -40.66
CA LYS N 69 -12.46 -77.39 -40.49
C LYS N 69 -12.68 -78.40 -39.39
N GLY N 70 -11.77 -79.37 -39.30
CA GLY N 70 -11.81 -80.40 -38.27
C GLY N 70 -13.04 -81.27 -38.39
N ASP N 71 -13.88 -81.23 -37.36
CA ASP N 71 -15.15 -81.98 -37.33
C ASP N 71 -14.92 -83.50 -37.48
N GLY N 72 -13.67 -83.91 -37.30
CA GLY N 72 -13.29 -85.32 -37.32
C GLY N 72 -12.06 -85.45 -36.42
N GLN N 73 -11.71 -84.33 -35.79
CA GLN N 73 -10.57 -84.23 -34.89
C GLN N 73 -10.99 -83.43 -33.66
N PRO N 74 -10.27 -83.60 -32.54
CA PRO N 74 -10.57 -82.83 -31.32
C PRO N 74 -10.59 -81.33 -31.59
N ASP N 75 -11.49 -80.62 -30.93
CA ASP N 75 -11.66 -79.19 -31.15
C ASP N 75 -10.38 -78.41 -30.85
N PHE N 76 -9.78 -78.69 -29.70
CA PHE N 76 -8.49 -78.09 -29.37
C PHE N 76 -7.54 -79.12 -28.79
N VAL N 77 -6.24 -78.83 -28.84
CA VAL N 77 -5.23 -79.71 -28.29
C VAL N 77 -4.36 -78.97 -27.28
N ILE N 78 -4.37 -79.43 -26.03
CA ILE N 78 -3.56 -78.82 -24.99
C ILE N 78 -2.08 -78.94 -25.31
N LEU N 79 -1.37 -77.82 -25.26
CA LEU N 79 0.06 -77.80 -25.54
C LEU N 79 0.85 -78.37 -24.37
N THR N 80 1.65 -79.40 -24.64
CA THR N 80 2.50 -79.99 -23.61
C THR N 80 3.81 -79.22 -23.51
N VAL N 81 4.50 -79.40 -22.38
CA VAL N 81 5.79 -78.75 -22.16
C VAL N 81 6.84 -79.22 -23.17
N GLY N 82 7.58 -78.27 -23.72
CA GLY N 82 8.65 -78.60 -24.65
C GLY N 82 8.44 -78.02 -26.04
N HIS N 83 7.29 -77.38 -26.23
CA HIS N 83 6.98 -76.77 -27.51
C HIS N 83 6.77 -75.27 -27.35
N GLN N 84 7.52 -74.50 -28.13
CA GLN N 84 7.49 -73.04 -28.07
C GLN N 84 6.48 -72.46 -29.04
N ILE N 85 5.56 -71.66 -28.52
CA ILE N 85 4.59 -70.99 -29.37
C ILE N 85 4.78 -69.49 -29.22
N TRP N 86 4.80 -68.77 -30.35
CA TRP N 86 4.87 -67.32 -30.29
C TRP N 86 3.70 -66.80 -29.46
N MET N 87 3.99 -65.84 -28.60
CA MET N 87 2.97 -65.18 -27.79
C MET N 87 3.25 -63.69 -27.74
N PRO N 88 2.19 -62.89 -27.57
CA PRO N 88 2.34 -61.45 -27.36
C PRO N 88 3.18 -61.14 -26.15
N ASP N 89 4.24 -60.38 -26.33
CA ASP N 89 5.10 -60.04 -25.20
C ASP N 89 4.35 -59.06 -24.30
N THR N 90 3.37 -59.57 -23.57
CA THR N 90 2.59 -58.76 -22.64
C THR N 90 3.36 -58.42 -21.37
N PHE N 91 3.24 -57.17 -20.93
CA PHE N 91 3.84 -56.71 -19.69
C PHE N 91 2.88 -55.73 -19.02
N PHE N 92 3.05 -55.52 -17.72
CA PHE N 92 2.27 -54.54 -16.99
C PHE N 92 3.09 -53.28 -16.74
N PRO N 93 2.72 -52.16 -17.36
CA PRO N 93 3.47 -50.90 -17.24
C PRO N 93 3.54 -50.34 -15.82
N ASN N 94 2.47 -50.50 -15.06
CA ASN N 94 2.38 -49.93 -13.72
C ASN N 94 2.77 -50.90 -12.62
N GLU N 95 3.20 -52.09 -13.02
CA GLU N 95 3.64 -53.12 -12.09
C GLU N 95 4.89 -52.66 -11.34
N LYS N 96 4.95 -52.95 -10.05
CA LYS N 96 6.04 -52.49 -9.19
C LYS N 96 6.39 -53.55 -8.14
N GLN N 97 7.63 -53.51 -7.63
CA GLN N 97 8.04 -54.35 -6.51
C GLN N 97 7.69 -55.79 -6.78
N ALA N 98 8.09 -56.29 -7.94
CA ALA N 98 7.55 -57.57 -8.36
C ALA N 98 8.59 -58.65 -8.58
N TYR N 99 8.34 -59.79 -7.93
CA TYR N 99 9.09 -61.01 -8.17
C TYR N 99 8.13 -62.06 -8.72
N LYS N 100 8.56 -62.76 -9.76
CA LYS N 100 7.72 -63.72 -10.46
C LYS N 100 8.08 -65.19 -10.19
N HIS N 101 7.08 -65.95 -9.75
CA HIS N 101 7.19 -67.38 -9.53
C HIS N 101 7.50 -68.14 -10.81
N THR N 102 7.99 -69.37 -10.66
CA THR N 102 8.47 -70.18 -11.78
C THR N 102 9.63 -69.48 -12.49
N PRO N 106 4.16 -75.00 -13.05
CA PRO N 106 3.80 -73.60 -13.35
C PRO N 106 2.32 -73.45 -13.62
N ASN N 107 1.74 -72.32 -13.21
CA ASN N 107 0.32 -72.08 -13.42
C ASN N 107 0.06 -71.45 -14.79
N VAL N 108 0.21 -72.26 -15.85
CA VAL N 108 -0.03 -71.82 -17.22
C VAL N 108 -0.88 -72.83 -18.03
N LEU N 109 -1.65 -72.32 -18.97
CA LEU N 109 -2.48 -73.17 -19.82
C LEU N 109 -2.54 -72.62 -21.24
N ILE N 110 -2.12 -73.44 -22.20
CA ILE N 110 -2.11 -73.05 -23.61
C ILE N 110 -2.89 -74.04 -24.46
N ARG N 111 -3.94 -73.54 -25.10
CA ARG N 111 -4.77 -74.35 -25.99
C ARG N 111 -4.61 -73.91 -27.44
N ILE N 112 -4.49 -74.89 -28.34
CA ILE N 112 -4.44 -74.61 -29.77
C ILE N 112 -5.68 -75.15 -30.47
N HIS N 113 -6.66 -74.29 -30.74
CA HIS N 113 -7.85 -74.72 -31.46
C HIS N 113 -7.49 -75.10 -32.89
N ASN N 114 -8.35 -75.88 -33.51
CA ASN N 114 -8.08 -76.43 -34.83
C ASN N 114 -7.90 -75.35 -35.90
N ASP N 115 -8.62 -74.25 -35.76
CA ASP N 115 -8.55 -73.17 -36.75
C ASP N 115 -7.27 -72.36 -36.62
N GLY N 116 -6.55 -72.55 -35.53
CA GLY N 116 -5.31 -71.82 -35.29
C GLY N 116 -5.47 -70.81 -34.18
N THR N 117 -6.65 -70.81 -33.56
CA THR N 117 -6.91 -69.92 -32.44
C THR N 117 -6.20 -70.44 -31.19
N VAL N 118 -5.43 -69.58 -30.55
CA VAL N 118 -4.69 -69.95 -29.35
C VAL N 118 -5.31 -69.32 -28.11
N LEU N 119 -5.47 -70.11 -27.05
CA LEU N 119 -5.89 -69.56 -25.76
C LEU N 119 -4.74 -69.67 -24.76
N TYR N 120 -4.42 -68.54 -24.13
CA TYR N 120 -3.35 -68.48 -23.14
C TYR N 120 -3.98 -68.09 -21.82
N SER N 121 -3.74 -68.90 -20.79
CA SER N 121 -4.23 -68.62 -19.44
C SER N 121 -3.07 -68.63 -18.45
N VAL N 122 -3.03 -67.65 -17.56
CA VAL N 122 -1.91 -67.50 -16.65
C VAL N 122 -2.32 -66.88 -15.31
N ARG N 123 -1.68 -67.30 -14.23
CA ARG N 123 -1.95 -66.71 -12.92
C ARG N 123 -0.78 -65.85 -12.49
N ILE N 124 -1.06 -64.61 -12.11
CA ILE N 124 0.02 -63.74 -11.66
C ILE N 124 -0.42 -62.93 -10.46
N SER N 125 0.50 -62.72 -9.52
CA SER N 125 0.30 -61.76 -8.44
C SER N 125 1.12 -60.51 -8.72
N LEU N 126 0.45 -59.37 -8.67
CA LEU N 126 1.07 -58.11 -9.03
C LEU N 126 0.95 -57.06 -7.94
N VAL N 127 1.98 -56.24 -7.81
CA VAL N 127 1.87 -55.05 -7.01
C VAL N 127 1.87 -53.87 -7.97
N LEU N 128 0.83 -53.07 -7.93
CA LEU N 128 0.66 -51.98 -8.90
C LEU N 128 0.60 -50.63 -8.20
N SER N 129 1.34 -49.66 -8.73
CA SER N 129 1.35 -48.32 -8.17
C SER N 129 -0.02 -47.66 -8.36
N CYS N 130 -0.52 -47.04 -7.30
CA CYS N 130 -1.81 -46.37 -7.35
C CYS N 130 -1.75 -45.00 -6.67
N PRO N 131 -1.54 -43.93 -7.46
CA PRO N 131 -1.54 -42.57 -6.91
C PRO N 131 -2.87 -42.25 -6.25
N MET N 132 -2.86 -41.92 -4.96
CA MET N 132 -4.11 -41.64 -4.29
C MET N 132 -4.17 -40.21 -3.77
N TYR N 133 -5.39 -39.67 -3.72
CA TYR N 133 -5.60 -38.27 -3.39
C TYR N 133 -6.51 -38.19 -2.18
N LEU N 134 -5.98 -37.61 -1.10
CA LEU N 134 -6.67 -37.64 0.19
C LEU N 134 -7.10 -36.27 0.74
N GLN N 135 -7.57 -35.44 -0.18
CA GLN N 135 -8.12 -34.12 0.12
C GLN N 135 -9.38 -34.32 0.97
N TYR N 136 -10.15 -35.31 0.56
CA TYR N 136 -11.36 -35.71 1.27
C TYR N 136 -11.07 -36.89 2.17
N TYR N 137 -10.82 -36.65 3.43
CA TYR N 137 -10.60 -37.74 4.33
C TYR N 137 -11.67 -37.68 5.38
N PRO N 138 -12.26 -38.83 5.73
CA PRO N 138 -11.96 -40.12 5.10
C PRO N 138 -12.97 -40.44 4.03
N MET N 139 -13.84 -39.48 3.75
CA MET N 139 -14.90 -39.67 2.80
C MET N 139 -14.44 -39.36 1.37
N ASP N 140 -13.44 -40.10 0.90
CA ASP N 140 -12.93 -39.93 -0.47
C ASP N 140 -13.27 -41.13 -1.33
N VAL N 141 -12.62 -41.18 -2.50
CA VAL N 141 -12.77 -42.30 -3.41
C VAL N 141 -11.52 -42.42 -4.28
N GLN N 142 -10.98 -43.63 -4.39
CA GLN N 142 -9.77 -43.86 -5.17
C GLN N 142 -10.00 -44.75 -6.38
N GLN N 143 -9.19 -44.56 -7.42
CA GLN N 143 -9.29 -45.39 -8.61
C GLN N 143 -7.95 -46.00 -8.98
N CYS N 144 -7.85 -47.30 -8.74
CA CYS N 144 -6.64 -48.05 -9.08
C CYS N 144 -6.83 -48.80 -10.39
N SER N 145 -5.74 -48.97 -11.12
CA SER N 145 -5.81 -49.54 -12.46
C SER N 145 -4.81 -50.65 -12.68
N ILE N 146 -5.04 -51.47 -13.69
CA ILE N 146 -4.06 -52.43 -14.13
C ILE N 146 -3.82 -52.21 -15.62
N ASP N 147 -2.67 -51.64 -15.96
CA ASP N 147 -2.37 -51.37 -17.36
C ASP N 147 -1.76 -52.62 -17.99
N LEU N 148 -1.97 -52.78 -19.29
CA LEU N 148 -1.54 -53.98 -19.99
C LEU N 148 -1.17 -53.63 -21.42
N ALA N 149 0.03 -54.02 -21.86
CA ALA N 149 0.51 -53.67 -23.19
C ALA N 149 1.62 -54.59 -23.66
N SER N 150 2.02 -54.45 -24.92
CA SER N 150 3.21 -55.14 -25.44
C SER N 150 4.42 -54.25 -25.29
N TYR N 151 5.60 -54.85 -25.16
CA TYR N 151 6.81 -54.06 -24.96
C TYR N 151 7.56 -53.81 -26.26
N ALA N 152 7.85 -54.87 -26.99
CA ALA N 152 8.71 -54.76 -28.16
C ALA N 152 7.90 -54.47 -29.41
N TYR N 153 6.76 -55.13 -29.57
CA TYR N 153 5.94 -54.95 -30.76
C TYR N 153 5.10 -53.69 -30.69
N THR N 154 5.12 -52.90 -31.76
CA THR N 154 4.39 -51.64 -31.82
C THR N 154 2.96 -51.87 -32.31
N THR N 155 2.32 -50.80 -32.76
CA THR N 155 0.93 -50.88 -33.20
C THR N 155 0.80 -51.56 -34.57
N LYS N 156 1.91 -51.73 -35.27
CA LYS N 156 1.84 -52.30 -36.61
C LYS N 156 1.86 -53.82 -36.57
N ASP N 157 2.33 -54.38 -35.46
CA ASP N 157 2.49 -55.82 -35.35
C ASP N 157 1.44 -56.45 -34.43
N ILE N 158 1.01 -55.67 -33.43
CA ILE N 158 0.08 -56.18 -32.42
C ILE N 158 -0.86 -55.10 -31.89
N GLU N 159 -2.12 -55.46 -31.68
CA GLU N 159 -3.10 -54.56 -31.06
C GLU N 159 -4.08 -55.30 -30.18
N TYR N 160 -4.20 -54.83 -28.94
CA TYR N 160 -5.04 -55.47 -27.95
C TYR N 160 -6.44 -54.92 -28.00
N LEU N 161 -7.40 -55.81 -27.77
CA LEU N 161 -8.81 -55.46 -27.69
C LEU N 161 -9.46 -56.22 -26.56
N TRP N 162 -10.19 -55.51 -25.71
CA TRP N 162 -10.95 -56.16 -24.66
C TRP N 162 -11.94 -57.13 -25.28
N LYS N 163 -12.07 -58.31 -24.67
CA LYS N 163 -13.03 -59.31 -25.11
C LYS N 163 -14.42 -58.67 -25.15
N GLU N 164 -15.26 -59.14 -26.06
CA GLU N 164 -16.55 -58.51 -26.31
C GLU N 164 -17.52 -58.60 -25.12
N HIS N 165 -17.48 -59.72 -24.40
CA HIS N 165 -18.40 -59.91 -23.28
C HIS N 165 -17.68 -60.21 -21.98
N SER N 166 -18.08 -59.50 -20.93
CA SER N 166 -17.49 -59.62 -19.60
C SER N 166 -15.96 -59.63 -19.63
N PRO N 167 -15.35 -58.52 -20.10
CA PRO N 167 -13.90 -58.47 -20.23
C PRO N 167 -13.23 -58.61 -18.86
N LEU N 168 -13.85 -57.99 -17.86
CA LEU N 168 -13.38 -58.06 -16.50
C LEU N 168 -14.32 -58.90 -15.67
N GLN N 169 -13.78 -59.92 -15.02
CA GLN N 169 -14.58 -60.75 -14.14
C GLN N 169 -13.97 -60.78 -12.76
N LEU N 170 -14.81 -60.87 -11.74
CA LEU N 170 -14.34 -60.77 -10.37
C LEU N 170 -14.75 -62.00 -9.60
N LYS N 171 -13.92 -62.41 -8.64
CA LYS N 171 -14.24 -63.56 -7.80
C LYS N 171 -15.48 -63.27 -6.98
N VAL N 172 -16.05 -64.32 -6.42
CA VAL N 172 -17.38 -64.28 -5.83
C VAL N 172 -17.58 -63.15 -4.81
N GLY N 173 -16.69 -63.04 -3.84
CA GLY N 173 -16.87 -62.07 -2.77
C GLY N 173 -15.83 -60.98 -2.69
N LEU N 174 -15.38 -60.51 -3.84
CA LEU N 174 -14.32 -59.51 -3.89
C LEU N 174 -14.71 -58.20 -3.19
N SER N 175 -15.93 -57.73 -3.39
CA SER N 175 -16.36 -56.46 -2.78
C SER N 175 -16.27 -56.52 -1.25
N SER N 176 -16.55 -57.69 -0.71
CA SER N 176 -16.46 -57.93 0.73
C SER N 176 -15.03 -58.18 1.19
N SER N 177 -14.23 -58.81 0.33
CA SER N 177 -12.90 -59.30 0.68
C SER N 177 -11.96 -58.17 1.10
N LEU N 178 -12.13 -56.99 0.51
CA LEU N 178 -11.23 -55.87 0.82
C LEU N 178 -11.34 -55.44 2.28
N PRO N 179 -10.18 -55.17 2.91
CA PRO N 179 -10.04 -54.81 4.32
C PRO N 179 -10.51 -53.41 4.67
N SER N 180 -10.15 -52.42 3.87
CA SER N 180 -10.36 -51.04 4.27
C SER N 180 -11.21 -50.22 3.30
N PHE N 181 -11.48 -50.76 2.12
CA PHE N 181 -12.23 -50.02 1.12
C PHE N 181 -13.37 -50.87 0.62
N GLN N 182 -14.32 -50.21 -0.04
CA GLN N 182 -15.44 -50.92 -0.62
C GLN N 182 -15.46 -50.65 -2.12
N LEU N 183 -15.51 -51.72 -2.91
CA LEU N 183 -15.44 -51.58 -4.35
C LEU N 183 -16.80 -51.25 -4.94
N THR N 184 -16.91 -50.07 -5.55
CA THR N 184 -18.19 -49.64 -6.10
C THR N 184 -18.30 -49.99 -7.58
N ASN N 185 -17.23 -49.78 -8.32
CA ASN N 185 -17.36 -49.80 -9.77
C ASN N 185 -16.19 -50.54 -10.38
N THR N 186 -16.40 -51.13 -11.56
CA THR N 186 -15.31 -51.68 -12.34
C THR N 186 -15.41 -51.12 -13.74
N SER N 187 -14.29 -51.11 -14.46
CA SER N 187 -14.27 -50.44 -15.74
C SER N 187 -13.14 -50.93 -16.64
N THR N 188 -13.48 -51.35 -17.86
CA THR N 188 -12.51 -51.75 -18.87
C THR N 188 -12.41 -50.68 -19.93
N THR N 189 -11.25 -50.04 -20.01
CA THR N 189 -11.05 -49.00 -21.02
C THR N 189 -9.78 -49.24 -21.82
N TYR N 190 -9.49 -48.31 -22.73
CA TYR N 190 -8.25 -48.39 -23.49
C TYR N 190 -7.31 -47.28 -23.02
N CYS N 191 -6.01 -47.55 -23.06
CA CYS N 191 -5.04 -46.55 -22.65
C CYS N 191 -3.88 -46.51 -23.63
N THR N 192 -4.13 -46.97 -24.85
CA THR N 192 -3.16 -46.92 -25.92
C THR N 192 -2.58 -45.52 -26.03
N SER N 193 -1.25 -45.39 -25.94
CA SER N 193 -0.65 -44.05 -25.99
C SER N 193 0.54 -43.97 -26.94
N VAL N 194 1.04 -42.75 -27.14
CA VAL N 194 2.14 -42.49 -28.07
C VAL N 194 3.39 -42.05 -27.33
N THR N 195 4.43 -42.86 -27.40
CA THR N 195 5.67 -42.57 -26.72
C THR N 195 6.79 -42.28 -27.70
N ASN N 196 7.95 -41.90 -27.17
CA ASN N 196 9.10 -41.57 -28.00
C ASN N 196 9.55 -42.73 -28.89
N THR N 197 9.29 -43.96 -28.44
CA THR N 197 9.68 -45.15 -29.19
C THR N 197 8.61 -45.54 -30.21
N GLY N 198 7.37 -45.16 -29.96
CA GLY N 198 6.30 -45.43 -30.89
C GLY N 198 4.91 -45.48 -30.29
N ILE N 199 3.98 -46.07 -31.05
CA ILE N 199 2.60 -46.18 -30.62
C ILE N 199 2.31 -47.62 -30.21
N TYR N 200 2.08 -47.83 -28.90
CA TYR N 200 1.82 -49.16 -28.38
C TYR N 200 0.39 -49.30 -27.86
N SER N 201 -0.29 -50.36 -28.31
CA SER N 201 -1.67 -50.60 -27.88
C SER N 201 -1.65 -51.00 -26.41
N CYS N 202 -2.68 -50.59 -25.68
CA CYS N 202 -2.72 -50.86 -24.25
C CYS N 202 -4.13 -50.92 -23.69
N LEU N 203 -4.36 -51.89 -22.80
CA LEU N 203 -5.65 -52.05 -22.14
C LEU N 203 -5.56 -51.69 -20.67
N ARG N 204 -6.58 -51.00 -20.16
CA ARG N 204 -6.59 -50.63 -18.76
C ARG N 204 -7.89 -51.03 -18.09
N THR N 205 -7.80 -51.92 -17.11
CA THR N 205 -8.96 -52.25 -16.29
C THR N 205 -8.89 -51.42 -15.03
N THR N 206 -10.04 -51.02 -14.50
CA THR N 206 -10.05 -50.06 -13.42
C THR N 206 -11.08 -50.39 -12.35
N ILE N 207 -10.69 -50.29 -11.09
CA ILE N 207 -11.62 -50.49 -9.98
C ILE N 207 -11.77 -49.22 -9.15
N GLN N 208 -12.96 -49.02 -8.59
CA GLN N 208 -13.24 -47.80 -7.84
C GLN N 208 -13.52 -48.07 -6.36
N LEU N 209 -12.65 -47.55 -5.50
CA LEU N 209 -12.75 -47.81 -4.07
C LEU N 209 -13.17 -46.56 -3.29
N LYS N 210 -14.28 -46.67 -2.56
CA LYS N 210 -14.69 -45.64 -1.61
C LYS N 210 -14.93 -46.26 -0.24
N ARG N 211 -14.80 -45.45 0.80
CA ARG N 211 -14.88 -45.96 2.17
C ARG N 211 -16.25 -45.85 2.79
N GLU N 212 -16.50 -46.70 3.78
CA GLU N 212 -17.77 -46.66 4.51
C GLU N 212 -17.82 -45.45 5.42
N PHE N 213 -18.72 -44.52 5.08
CA PHE N 213 -18.89 -43.30 5.87
C PHE N 213 -19.37 -43.64 7.28
N SER N 214 -20.17 -44.70 7.37
CA SER N 214 -20.78 -45.13 8.61
C SER N 214 -19.75 -45.32 9.73
N PHE N 215 -18.71 -46.07 9.43
CA PHE N 215 -17.66 -46.38 10.40
C PHE N 215 -17.04 -45.11 10.93
N TYR N 216 -16.50 -44.33 10.01
CA TYR N 216 -15.79 -43.11 10.31
C TYR N 216 -16.66 -42.05 10.96
N LEU N 217 -17.97 -42.18 10.79
CA LEU N 217 -18.90 -41.28 11.44
C LEU N 217 -18.97 -41.57 12.93
N LEU N 218 -19.10 -42.85 13.26
CA LEU N 218 -19.22 -43.31 14.63
C LEU N 218 -17.91 -43.20 15.39
N GLN N 219 -16.81 -43.41 14.69
CA GLN N 219 -15.51 -43.47 15.35
C GLN N 219 -14.92 -42.08 15.58
N LEU N 220 -15.11 -41.17 14.64
CA LEU N 220 -14.41 -39.89 14.69
C LEU N 220 -15.30 -38.68 14.94
N TYR N 221 -16.34 -38.55 14.12
CA TYR N 221 -17.16 -37.34 14.13
C TYR N 221 -18.08 -37.24 15.34
N ILE N 222 -18.93 -38.24 15.53
CA ILE N 222 -19.85 -38.27 16.66
C ILE N 222 -19.21 -38.01 18.04
N PRO N 223 -18.03 -38.60 18.32
CA PRO N 223 -17.43 -38.28 19.64
C PRO N 223 -17.19 -36.80 19.86
N SER N 224 -16.63 -36.13 18.87
CA SER N 224 -16.27 -34.72 19.03
C SER N 224 -17.49 -33.82 19.10
N CYS N 225 -18.55 -34.20 18.41
CA CYS N 225 -19.80 -33.45 18.46
C CYS N 225 -20.30 -33.40 19.89
N MET N 226 -20.14 -34.50 20.59
CA MET N 226 -20.54 -34.56 21.98
C MET N 226 -19.65 -33.62 22.80
N LEU N 227 -18.38 -33.53 22.43
CA LEU N 227 -17.44 -32.70 23.18
C LEU N 227 -17.72 -31.21 22.99
N VAL N 228 -18.05 -30.82 21.77
CA VAL N 228 -18.36 -29.43 21.46
C VAL N 228 -19.65 -29.01 22.18
N ILE N 229 -20.62 -29.90 22.20
CA ILE N 229 -21.86 -29.66 22.92
C ILE N 229 -21.59 -29.47 24.40
N VAL N 230 -20.70 -30.29 24.95
CA VAL N 230 -20.33 -30.21 26.37
C VAL N 230 -19.73 -28.85 26.70
N SER N 231 -18.92 -28.34 25.77
CA SER N 231 -18.27 -27.05 25.95
C SER N 231 -19.29 -25.91 26.05
N TRP N 232 -20.51 -26.18 25.61
CA TRP N 232 -21.55 -25.16 25.59
C TRP N 232 -22.27 -25.00 26.92
N VAL N 233 -22.34 -26.07 27.70
CA VAL N 233 -23.14 -26.07 28.92
C VAL N 233 -22.53 -25.24 30.05
N SER N 234 -21.33 -24.71 29.83
CA SER N 234 -20.74 -23.79 30.80
C SER N 234 -21.38 -22.41 30.67
N PHE N 235 -22.03 -22.16 29.54
CA PHE N 235 -22.70 -20.89 29.30
C PHE N 235 -23.97 -20.79 30.12
N TRP N 236 -24.60 -21.95 30.36
CA TRP N 236 -25.86 -21.97 31.08
C TRP N 236 -25.63 -21.97 32.59
N PHE N 237 -24.37 -21.96 33.00
CA PHE N 237 -24.03 -21.79 34.40
C PHE N 237 -23.74 -20.32 34.69
N ASP N 238 -24.12 -19.85 35.87
CA ASP N 238 -23.90 -18.45 36.20
C ASP N 238 -22.43 -18.13 36.37
N ARG N 239 -22.14 -16.84 36.44
CA ARG N 239 -20.77 -16.35 36.51
C ARG N 239 -20.11 -16.67 37.86
N THR N 240 -20.92 -16.77 38.91
CA THR N 240 -20.39 -16.91 40.26
C THR N 240 -19.74 -18.27 40.50
N ALA N 241 -20.26 -19.30 39.83
CA ALA N 241 -19.72 -20.65 39.99
C ALA N 241 -18.42 -20.79 39.21
N ILE N 242 -17.35 -20.24 39.76
CA ILE N 242 -16.03 -20.35 39.13
C ILE N 242 -15.52 -21.80 39.03
N PRO N 243 -15.62 -22.59 40.12
CA PRO N 243 -15.09 -23.96 39.97
C PRO N 243 -15.78 -24.77 38.88
N ALA N 244 -17.05 -24.48 38.65
CA ALA N 244 -17.82 -25.20 37.65
C ALA N 244 -17.31 -24.98 36.24
N ARG N 245 -17.28 -23.71 35.82
CA ARG N 245 -17.00 -23.38 34.42
C ARG N 245 -15.52 -23.50 34.10
N VAL N 246 -14.66 -23.33 35.09
CA VAL N 246 -13.24 -23.55 34.86
C VAL N 246 -13.01 -25.03 34.57
N THR N 247 -13.52 -25.89 35.45
CA THR N 247 -13.33 -27.33 35.31
C THR N 247 -13.95 -27.81 34.00
N LEU N 248 -15.15 -27.36 33.70
CA LEU N 248 -15.79 -27.70 32.44
C LEU N 248 -14.95 -27.29 31.24
N GLY N 249 -14.46 -26.05 31.24
CA GLY N 249 -13.72 -25.55 30.11
C GLY N 249 -12.39 -26.25 29.87
N VAL N 250 -11.62 -26.43 30.94
CA VAL N 250 -10.27 -26.99 30.81
C VAL N 250 -10.29 -28.50 30.59
N THR N 251 -11.29 -29.17 31.13
CA THR N 251 -11.39 -30.61 30.99
C THR N 251 -11.76 -30.94 29.55
N THR N 252 -12.73 -30.20 29.01
CA THR N 252 -13.17 -30.41 27.63
C THR N 252 -12.03 -30.26 26.66
N LEU N 253 -11.17 -29.28 26.92
CA LEU N 253 -10.03 -29.03 26.05
C LEU N 253 -8.99 -30.13 26.16
N LEU N 254 -8.79 -30.61 27.38
CA LEU N 254 -7.88 -31.73 27.61
C LEU N 254 -8.38 -32.98 26.90
N THR N 255 -9.69 -33.23 27.01
CA THR N 255 -10.32 -34.38 26.39
C THR N 255 -10.16 -34.33 24.89
N MET N 256 -10.39 -33.14 24.33
CA MET N 256 -10.30 -32.98 22.89
C MET N 256 -8.90 -33.24 22.40
N THR N 257 -7.90 -32.81 23.18
CA THR N 257 -6.52 -33.05 22.83
C THR N 257 -6.25 -34.54 22.84
N ALA N 258 -6.86 -35.23 23.80
CA ALA N 258 -6.72 -36.67 23.87
C ALA N 258 -7.45 -37.30 22.70
N GLN N 259 -8.69 -36.87 22.48
CA GLN N 259 -9.49 -37.37 21.37
C GLN N 259 -8.74 -37.22 20.06
N SER N 260 -8.16 -36.03 19.86
CA SER N 260 -7.41 -35.74 18.65
C SER N 260 -6.13 -36.59 18.57
N ALA N 261 -5.56 -36.92 19.72
CA ALA N 261 -4.36 -37.75 19.74
C ALA N 261 -4.67 -39.17 19.27
N GLY N 262 -5.77 -39.72 19.74
CA GLY N 262 -6.19 -41.07 19.36
C GLY N 262 -6.52 -41.20 17.90
N ILE N 263 -7.13 -40.16 17.35
CA ILE N 263 -7.46 -40.10 15.93
C ILE N 263 -6.19 -39.93 15.09
N ASN N 264 -5.38 -38.95 15.47
CA ASN N 264 -4.18 -38.61 14.73
C ASN N 264 -3.22 -39.78 14.61
N SER N 265 -3.22 -40.66 15.60
CA SER N 265 -2.31 -41.79 15.61
C SER N 265 -2.94 -43.03 14.98
N GLN N 266 -3.74 -42.82 13.94
CA GLN N 266 -4.28 -43.96 13.19
C GLN N 266 -4.54 -43.55 11.74
N LEU N 267 -4.57 -42.24 11.51
CA LEU N 267 -4.62 -41.71 10.15
C LEU N 267 -3.35 -42.12 9.46
N PRO N 268 -3.47 -42.55 8.20
CA PRO N 268 -2.29 -42.95 7.41
C PRO N 268 -1.34 -41.76 7.29
N PRO N 269 -0.02 -41.97 7.42
CA PRO N 269 0.85 -40.78 7.36
C PRO N 269 0.76 -40.05 6.02
N VAL N 270 0.37 -38.77 6.07
CA VAL N 270 0.40 -37.89 4.91
C VAL N 270 0.79 -36.48 5.34
N SER N 271 1.33 -35.70 4.43
CA SER N 271 1.80 -34.39 4.82
C SER N 271 0.98 -33.27 4.17
N TYR N 272 -0.25 -33.59 3.78
CA TYR N 272 -1.19 -32.55 3.34
C TYR N 272 -2.50 -32.63 4.11
N ILE N 273 -3.13 -31.47 4.24
CA ILE N 273 -4.30 -31.33 5.09
C ILE N 273 -5.47 -32.16 4.60
N LYS N 274 -5.80 -33.19 5.38
CA LYS N 274 -6.93 -34.03 5.07
C LYS N 274 -8.17 -33.31 5.57
N ALA N 275 -9.34 -33.77 5.15
CA ALA N 275 -10.62 -33.19 5.58
C ALA N 275 -10.88 -33.41 7.07
N ILE N 276 -10.60 -34.61 7.59
CA ILE N 276 -10.81 -34.89 9.01
C ILE N 276 -9.92 -33.98 9.86
N ASP N 277 -8.74 -33.68 9.32
CA ASP N 277 -7.77 -32.87 10.03
C ASP N 277 -8.32 -31.46 10.23
N VAL N 278 -9.05 -30.98 9.23
CA VAL N 278 -9.75 -29.71 9.33
C VAL N 278 -10.79 -29.75 10.43
N TRP N 279 -11.60 -30.81 10.42
CA TRP N 279 -12.71 -30.96 11.35
C TRP N 279 -12.24 -31.14 12.79
N ILE N 280 -11.03 -31.63 12.96
CA ILE N 280 -10.44 -31.76 14.27
C ILE N 280 -10.04 -30.38 14.78
N GLY N 281 -9.28 -29.65 13.95
CA GLY N 281 -8.83 -28.32 14.31
C GLY N 281 -9.97 -27.38 14.57
N ALA N 282 -11.12 -27.66 13.95
CA ALA N 282 -12.32 -26.87 14.16
C ALA N 282 -12.85 -27.08 15.56
N CYS N 283 -13.08 -28.34 15.94
CA CYS N 283 -13.57 -28.66 17.27
C CYS N 283 -12.59 -28.16 18.32
N MET N 284 -11.30 -28.22 17.99
CA MET N 284 -10.23 -27.75 18.86
C MET N 284 -10.37 -26.24 19.09
N THR N 285 -10.91 -25.55 18.10
CA THR N 285 -11.11 -24.11 18.17
C THR N 285 -12.37 -23.73 18.94
N PHE N 286 -13.46 -24.46 18.70
CA PHE N 286 -14.73 -24.18 19.34
C PHE N 286 -14.71 -24.41 20.85
N ILE N 287 -13.77 -25.22 21.30
CA ILE N 287 -13.59 -25.45 22.72
C ILE N 287 -12.59 -24.46 23.29
N PHE N 288 -11.61 -24.07 22.48
CA PHE N 288 -10.67 -23.04 22.88
C PHE N 288 -11.41 -21.72 23.09
N CYS N 289 -12.43 -21.49 22.27
CA CYS N 289 -13.23 -20.27 22.36
C CYS N 289 -14.23 -20.33 23.51
N ALA N 290 -14.71 -21.53 23.79
CA ALA N 290 -15.64 -21.72 24.90
C ALA N 290 -14.94 -21.45 26.22
N LEU N 291 -13.73 -21.99 26.37
CA LEU N 291 -12.94 -21.75 27.56
C LEU N 291 -12.50 -20.31 27.66
N LEU N 292 -12.42 -19.65 26.51
CA LEU N 292 -12.03 -18.25 26.42
C LEU N 292 -13.20 -17.34 26.78
N GLU N 293 -14.41 -17.77 26.42
CA GLU N 293 -15.60 -16.98 26.66
C GLU N 293 -15.81 -16.75 28.15
N PHE N 294 -15.60 -17.79 28.94
CA PHE N 294 -15.75 -17.67 30.38
C PHE N 294 -14.74 -16.70 30.96
N ALA N 295 -13.55 -16.68 30.35
CA ALA N 295 -12.50 -15.78 30.80
C ALA N 295 -12.91 -14.32 30.62
N LEU N 296 -13.62 -14.02 29.53
CA LEU N 296 -14.11 -12.67 29.29
C LEU N 296 -15.20 -12.30 30.28
N VAL N 297 -16.11 -13.24 30.52
CA VAL N 297 -17.21 -13.03 31.44
C VAL N 297 -16.72 -12.78 32.86
N ASN N 298 -15.75 -13.58 33.31
CA ASN N 298 -15.21 -13.46 34.66
C ASN N 298 -14.46 -12.14 34.84
N HIS N 299 -13.90 -11.63 33.75
CA HIS N 299 -13.12 -10.40 33.79
C HIS N 299 -14.00 -9.17 34.01
N ILE N 300 -15.11 -9.09 33.28
CA ILE N 300 -15.96 -7.91 33.33
C ILE N 300 -16.93 -7.97 34.50
N ALA N 301 -17.11 -9.16 35.05
CA ALA N 301 -18.02 -9.35 36.17
C ALA N 301 -17.40 -8.88 37.47
N ASN N 302 -16.07 -8.74 37.46
CA ASN N 302 -15.35 -8.31 38.65
C ASN N 302 -15.56 -6.83 38.99
N ALA N 303 -15.87 -6.02 37.99
CA ALA N 303 -16.20 -4.61 38.23
C ALA N 303 -17.52 -4.49 38.97
N GLY N 304 -17.49 -3.72 40.06
CA GLY N 304 -18.62 -3.54 40.96
C GLY N 304 -19.79 -2.77 40.37
N THR N 305 -19.59 -2.19 39.20
CA THR N 305 -20.66 -1.43 38.56
C THR N 305 -21.75 -2.38 38.00
N THR N 306 -23.00 -1.94 38.15
CA THR N 306 -24.18 -2.74 37.78
C THR N 306 -24.31 -2.86 36.26
N GLU N 307 -23.78 -1.87 35.55
CA GLU N 307 -23.82 -1.86 34.09
C GLU N 307 -22.95 -2.96 33.51
N TRP N 308 -21.74 -3.09 34.06
CA TRP N 308 -20.82 -4.11 33.62
C TRP N 308 -21.36 -5.50 33.93
N ASN N 309 -22.05 -5.63 35.07
CA ASN N 309 -22.67 -6.89 35.45
C ASN N 309 -23.67 -7.34 34.42
N ASP N 310 -24.46 -6.38 33.93
CA ASP N 310 -25.47 -6.64 32.91
C ASP N 310 -24.86 -7.06 31.57
N ILE N 311 -23.65 -6.60 31.29
CA ILE N 311 -22.93 -7.01 30.07
C ILE N 311 -22.41 -8.43 30.21
N SER N 312 -21.93 -8.76 31.40
CA SER N 312 -21.46 -10.12 31.68
C SER N 312 -22.56 -11.15 31.47
N LYS N 313 -23.76 -10.82 31.92
CA LYS N 313 -24.92 -11.70 31.79
C LYS N 313 -25.35 -11.78 30.32
N ARG N 314 -25.17 -10.68 29.61
CA ARG N 314 -25.54 -10.60 28.21
C ARG N 314 -24.63 -11.50 27.37
N VAL N 315 -23.34 -11.45 27.65
CA VAL N 315 -22.36 -12.27 26.94
C VAL N 315 -22.70 -13.75 27.02
N ASP N 316 -23.08 -14.20 28.21
CA ASP N 316 -23.47 -15.59 28.39
C ASP N 316 -24.69 -15.91 27.54
N LEU N 317 -25.73 -15.10 27.68
CA LEU N 317 -26.99 -15.30 26.97
C LEU N 317 -26.79 -15.34 25.45
N ILE N 318 -25.82 -14.58 24.97
CA ILE N 318 -25.50 -14.62 23.54
C ILE N 318 -24.87 -15.96 23.19
N SER N 319 -23.81 -16.31 23.90
CA SER N 319 -23.07 -17.54 23.64
C SER N 319 -23.94 -18.80 23.77
N ARG N 320 -24.97 -18.73 24.61
CA ARG N 320 -25.88 -19.85 24.80
C ARG N 320 -26.50 -20.31 23.49
N ALA N 321 -26.58 -19.40 22.52
CA ALA N 321 -27.16 -19.71 21.23
C ALA N 321 -26.25 -19.26 20.08
N LEU N 322 -25.20 -18.52 20.41
CA LEU N 322 -24.26 -18.08 19.39
C LEU N 322 -23.40 -19.24 18.89
N PHE N 323 -22.71 -19.89 19.83
CA PHE N 323 -21.87 -21.03 19.50
C PHE N 323 -22.62 -22.15 18.75
N PRO N 324 -23.82 -22.54 19.23
CA PRO N 324 -24.51 -23.60 18.47
C PRO N 324 -24.84 -23.18 17.04
N VAL N 325 -25.05 -21.89 16.81
CA VAL N 325 -25.29 -21.39 15.47
C VAL N 325 -24.02 -21.43 14.64
N LEU N 326 -22.95 -20.86 15.17
CA LEU N 326 -21.70 -20.77 14.45
C LEU N 326 -21.16 -22.14 14.05
N PHE N 327 -21.32 -23.12 14.94
CA PHE N 327 -20.92 -24.47 14.66
C PHE N 327 -21.76 -25.07 13.54
N PHE N 328 -23.06 -24.79 13.59
CA PHE N 328 -24.01 -25.27 12.59
C PHE N 328 -23.73 -24.62 11.23
N VAL N 329 -23.23 -23.38 11.25
CA VAL N 329 -22.80 -22.71 10.03
C VAL N 329 -21.59 -23.43 9.46
N PHE N 330 -20.58 -23.62 10.31
CA PHE N 330 -19.39 -24.34 9.91
C PHE N 330 -19.76 -25.75 9.45
N ASN N 331 -20.65 -26.38 10.20
CA ASN N 331 -21.13 -27.72 9.88
C ASN N 331 -21.61 -27.77 8.43
N ILE N 332 -22.44 -26.79 8.07
CA ILE N 332 -22.96 -26.68 6.71
C ILE N 332 -21.83 -26.49 5.71
N LEU N 333 -20.97 -25.51 5.99
CA LEU N 333 -19.83 -25.19 5.13
C LEU N 333 -18.91 -26.39 4.96
N TYR N 334 -18.65 -27.10 6.06
CA TYR N 334 -17.72 -28.23 6.03
C TYR N 334 -18.20 -29.34 5.10
N TRP N 335 -19.39 -29.87 5.37
CA TRP N 335 -19.91 -31.00 4.61
C TRP N 335 -20.14 -30.66 3.14
N SER N 336 -20.58 -29.44 2.87
CA SER N 336 -20.81 -29.03 1.50
C SER N 336 -19.50 -28.99 0.74
N ARG N 337 -18.43 -28.63 1.44
CA ARG N 337 -17.10 -28.56 0.84
C ARG N 337 -16.54 -29.96 0.57
N PHE N 338 -16.88 -30.91 1.44
CA PHE N 338 -16.30 -32.25 1.37
C PHE N 338 -17.34 -33.33 1.04
N GLY N 339 -18.45 -32.93 0.42
CA GLY N 339 -19.49 -33.86 0.05
C GLY N 339 -19.44 -34.25 -1.42
N HIS N 340 -18.43 -33.75 -2.11
CA HIS N 340 -18.24 -34.02 -3.53
C HIS N 340 -18.00 -35.51 -3.78
N SER O 1 12.40 -59.09 -43.45
CA SER O 1 13.67 -58.65 -43.99
C SER O 1 14.61 -58.17 -42.88
N ASP O 2 14.07 -57.87 -41.71
CA ASP O 2 14.87 -57.42 -40.57
C ASP O 2 15.77 -58.53 -40.03
N SER O 3 15.28 -59.77 -40.10
CA SER O 3 16.04 -60.93 -39.64
C SER O 3 17.20 -61.24 -40.58
N LYS O 4 17.13 -60.74 -41.80
CA LYS O 4 18.18 -60.94 -42.81
C LYS O 4 19.33 -59.94 -42.63
N ILE O 5 19.02 -58.78 -42.06
CA ILE O 5 20.03 -57.74 -41.81
C ILE O 5 20.78 -58.01 -40.52
N LEU O 6 20.05 -58.40 -39.48
CA LEU O 6 20.65 -58.78 -38.20
C LEU O 6 21.57 -59.98 -38.38
N ALA O 7 21.20 -60.84 -39.33
CA ALA O 7 22.02 -61.99 -39.70
C ALA O 7 23.34 -61.52 -40.29
N HIS O 8 23.26 -60.58 -41.22
CA HIS O 8 24.43 -60.08 -41.93
C HIS O 8 25.44 -59.41 -41.01
N LEU O 9 24.95 -58.83 -39.91
CA LEU O 9 25.81 -58.10 -38.99
C LEU O 9 26.62 -59.04 -38.09
N PHE O 10 25.93 -60.00 -37.47
CA PHE O 10 26.55 -60.86 -36.47
C PHE O 10 27.21 -62.11 -37.07
N THR O 11 26.96 -62.36 -38.37
CA THR O 11 27.66 -63.43 -39.08
C THR O 11 29.12 -63.05 -39.30
N SER O 12 29.43 -61.77 -39.06
CA SER O 12 30.79 -61.27 -39.18
C SER O 12 31.55 -61.45 -37.87
N GLY O 13 32.75 -60.88 -37.80
CA GLY O 13 33.58 -60.99 -36.62
C GLY O 13 33.27 -59.93 -35.57
N TYR O 14 32.06 -59.95 -35.02
CA TYR O 14 31.69 -58.98 -33.99
C TYR O 14 31.90 -59.56 -32.61
N ASP O 15 32.64 -58.85 -31.76
CA ASP O 15 32.89 -59.29 -30.40
C ASP O 15 32.22 -58.34 -29.41
N PHE O 16 31.24 -58.87 -28.66
CA PHE O 16 30.46 -58.05 -27.74
C PHE O 16 31.24 -57.74 -26.46
N ARG O 17 32.43 -58.33 -26.33
CA ARG O 17 33.29 -58.05 -25.18
C ARG O 17 34.28 -56.95 -25.52
N VAL O 18 34.33 -56.57 -26.79
CA VAL O 18 35.28 -55.59 -27.27
C VAL O 18 34.66 -54.20 -27.42
N ARG O 19 35.30 -53.21 -26.81
CA ARG O 19 34.88 -51.82 -26.89
C ARG O 19 34.81 -51.36 -28.35
N PRO O 20 33.75 -50.61 -28.70
CA PRO O 20 33.57 -50.08 -30.06
C PRO O 20 34.71 -49.15 -30.49
N PRO O 21 35.01 -49.12 -31.79
CA PRO O 21 36.13 -48.33 -32.32
C PRO O 21 35.87 -46.82 -32.31
N THR O 22 36.92 -46.04 -32.07
CA THR O 22 36.84 -44.59 -32.14
C THR O 22 37.85 -44.05 -33.15
N ASP O 23 37.42 -43.11 -33.98
CA ASP O 23 38.28 -42.58 -35.04
C ASP O 23 39.50 -41.83 -34.49
N ASN O 24 39.36 -41.30 -33.28
CA ASN O 24 40.44 -40.55 -32.63
C ASN O 24 41.19 -41.43 -31.63
N GLY O 25 40.62 -42.60 -31.34
CA GLY O 25 41.15 -43.49 -30.33
C GLY O 25 40.61 -43.10 -28.97
N GLY O 26 39.79 -42.06 -28.94
CA GLY O 26 39.23 -41.55 -27.71
C GLY O 26 38.12 -42.40 -27.13
N PRO O 27 37.45 -41.88 -26.09
CA PRO O 27 36.38 -42.61 -25.41
C PRO O 27 35.14 -42.74 -26.26
N VAL O 28 34.22 -43.60 -25.83
CA VAL O 28 32.94 -43.79 -26.50
C VAL O 28 31.89 -42.88 -25.90
N VAL O 29 31.32 -42.02 -26.72
CA VAL O 29 30.33 -41.06 -26.24
C VAL O 29 28.98 -41.73 -25.98
N VAL O 30 28.48 -41.60 -24.75
CA VAL O 30 27.20 -42.20 -24.40
C VAL O 30 26.16 -41.16 -23.97
N SER O 31 25.17 -40.93 -24.81
CA SER O 31 24.11 -39.97 -24.52
C SER O 31 23.06 -40.61 -23.62
N VAL O 32 22.63 -39.90 -22.59
CA VAL O 32 21.71 -40.50 -21.65
C VAL O 32 20.43 -39.70 -21.44
N ASN O 33 19.32 -40.34 -21.74
CA ASN O 33 18.01 -39.78 -21.47
C ASN O 33 17.33 -40.59 -20.37
N MET O 34 16.83 -39.91 -19.34
CA MET O 34 16.22 -40.63 -18.23
C MET O 34 14.75 -40.25 -18.02
N LEU O 35 13.95 -41.22 -17.56
CA LEU O 35 12.53 -41.00 -17.35
C LEU O 35 12.07 -41.60 -16.03
N LEU O 36 11.73 -40.72 -15.09
CA LEU O 36 11.27 -41.12 -13.76
C LEU O 36 9.81 -41.57 -13.79
N ARG O 37 9.58 -42.86 -13.63
CA ARG O 37 8.22 -43.39 -13.61
C ARG O 37 7.51 -43.01 -12.31
N THR O 38 7.88 -43.64 -11.20
CA THR O 38 7.24 -43.35 -9.92
C THR O 38 8.26 -43.28 -8.79
N ILE O 39 7.93 -42.52 -7.76
CA ILE O 39 8.76 -42.44 -6.57
C ILE O 39 7.90 -42.72 -5.35
N SER O 40 8.37 -43.59 -4.45
CA SER O 40 7.60 -43.97 -3.27
C SER O 40 8.50 -44.44 -2.13
N LYS O 41 7.91 -44.74 -0.98
CA LYS O 41 8.66 -45.25 0.18
C LYS O 41 9.86 -44.38 0.51
N ILE O 42 9.65 -43.09 0.78
CA ILE O 42 10.76 -42.22 1.14
C ILE O 42 11.09 -42.40 2.61
N ASP O 43 12.01 -43.30 2.89
CA ASP O 43 12.33 -43.70 4.25
C ASP O 43 13.28 -42.72 4.92
N VAL O 44 12.77 -41.98 5.90
CA VAL O 44 13.60 -41.05 6.64
C VAL O 44 14.55 -41.81 7.56
N VAL O 45 14.06 -42.91 8.11
CA VAL O 45 14.82 -43.71 9.08
C VAL O 45 15.96 -44.48 8.43
N ASN O 46 15.65 -45.30 7.43
CA ASN O 46 16.69 -46.14 6.85
C ASN O 46 17.46 -45.44 5.74
N MET O 47 17.19 -44.15 5.58
CA MET O 47 17.89 -43.32 4.59
C MET O 47 17.95 -43.96 3.19
N GLU O 48 16.77 -44.10 2.60
CA GLU O 48 16.60 -44.73 1.30
C GLU O 48 15.22 -44.40 0.74
N TYR O 49 15.07 -44.51 -0.58
CA TYR O 49 13.78 -44.28 -1.21
C TYR O 49 13.67 -45.15 -2.44
N SER O 50 12.46 -45.64 -2.68
CA SER O 50 12.19 -46.49 -3.83
C SER O 50 11.81 -45.64 -5.03
N ALA O 51 12.65 -45.67 -6.05
CA ALA O 51 12.37 -44.98 -7.29
C ALA O 51 12.35 -45.96 -8.45
N GLN O 52 11.41 -45.74 -9.37
CA GLN O 52 11.25 -46.59 -10.54
C GLN O 52 11.38 -45.73 -11.79
N LEU O 53 12.25 -46.13 -12.72
CA LEU O 53 12.58 -45.27 -13.85
C LEU O 53 12.78 -46.03 -15.17
N THR O 54 12.94 -45.27 -16.24
CA THR O 54 13.27 -45.83 -17.55
C THR O 54 14.49 -45.11 -18.09
N LEU O 55 15.58 -45.85 -18.28
CA LEU O 55 16.84 -45.28 -18.72
C LEU O 55 17.05 -45.47 -20.21
N ARG O 56 17.48 -44.41 -20.90
CA ARG O 56 17.76 -44.48 -22.33
C ARG O 56 19.19 -44.05 -22.64
N GLU O 57 19.99 -44.98 -23.13
CA GLU O 57 21.38 -44.73 -23.50
C GLU O 57 21.52 -44.76 -25.01
N SER O 58 22.50 -44.02 -25.52
CA SER O 58 22.71 -43.95 -26.95
C SER O 58 24.18 -43.75 -27.30
N TRP O 59 24.71 -44.65 -28.14
CA TRP O 59 26.10 -44.53 -28.58
C TRP O 59 26.24 -44.99 -30.02
N ILE O 60 27.43 -44.81 -30.58
CA ILE O 60 27.68 -45.19 -31.97
C ILE O 60 28.69 -46.32 -32.09
N ASP O 61 28.22 -47.45 -32.63
CA ASP O 61 29.06 -48.61 -32.89
C ASP O 61 29.12 -48.84 -34.40
N LYS O 62 30.19 -48.36 -35.02
CA LYS O 62 30.34 -48.42 -36.47
C LYS O 62 30.30 -49.85 -37.00
N ARG O 63 30.59 -50.81 -36.13
CA ARG O 63 30.57 -52.22 -36.51
C ARG O 63 29.17 -52.68 -36.91
N LEU O 64 28.16 -52.12 -36.25
CA LEU O 64 26.77 -52.53 -36.47
C LEU O 64 26.08 -51.78 -37.61
N SER O 65 26.81 -50.88 -38.27
CA SER O 65 26.23 -50.10 -39.36
C SER O 65 25.95 -50.97 -40.57
N TYR O 66 24.67 -51.09 -40.92
CA TYR O 66 24.25 -51.93 -42.03
C TYR O 66 23.89 -51.10 -43.26
N GLY O 67 23.07 -50.07 -43.04
CA GLY O 67 22.57 -49.27 -44.13
C GLY O 67 23.44 -48.05 -44.42
N VAL O 68 24.24 -47.66 -43.44
CA VAL O 68 25.08 -46.46 -43.54
C VAL O 68 24.21 -45.26 -43.93
N LYS O 69 24.25 -44.88 -45.21
CA LYS O 69 23.39 -43.81 -45.72
C LYS O 69 21.94 -44.30 -45.75
N GLY O 70 21.77 -45.57 -46.06
CA GLY O 70 20.46 -46.19 -46.12
C GLY O 70 19.59 -45.58 -47.19
N ASP O 71 18.48 -44.98 -46.78
CA ASP O 71 17.54 -44.30 -47.68
C ASP O 71 16.98 -45.26 -48.73
N GLY O 72 17.14 -46.55 -48.48
CA GLY O 72 16.59 -47.61 -49.30
C GLY O 72 16.37 -48.80 -48.38
N GLN O 73 16.65 -48.58 -47.10
CA GLN O 73 16.51 -49.59 -46.07
C GLN O 73 15.83 -48.99 -44.82
N PRO O 74 15.24 -49.85 -43.96
CA PRO O 74 14.62 -49.36 -42.72
C PRO O 74 15.58 -48.52 -41.89
N ASP O 75 15.06 -47.46 -41.27
CA ASP O 75 15.90 -46.54 -40.51
C ASP O 75 16.62 -47.27 -39.38
N PHE O 76 15.88 -48.06 -38.62
CA PHE O 76 16.48 -48.89 -37.58
C PHE O 76 15.91 -50.30 -37.60
N VAL O 77 16.65 -51.23 -37.00
CA VAL O 77 16.22 -52.62 -36.90
C VAL O 77 16.23 -53.08 -35.46
N ILE O 78 15.06 -53.45 -34.95
CA ILE O 78 14.97 -53.92 -33.57
C ILE O 78 15.78 -55.20 -33.39
N LEU O 79 16.64 -55.21 -32.37
CA LEU O 79 17.45 -56.38 -32.09
C LEU O 79 16.61 -57.48 -31.45
N THR O 80 16.64 -58.66 -32.06
CA THR O 80 15.94 -59.83 -31.53
C THR O 80 16.81 -60.55 -30.50
N VAL O 81 16.19 -61.37 -29.66
CA VAL O 81 16.90 -62.15 -28.67
C VAL O 81 17.86 -63.15 -29.31
N GLY O 82 19.08 -63.21 -28.81
CA GLY O 82 20.05 -64.17 -29.32
C GLY O 82 21.29 -63.52 -29.92
N HIS O 83 21.29 -62.20 -29.99
CA HIS O 83 22.43 -61.47 -30.51
C HIS O 83 23.01 -60.56 -29.44
N GLN O 84 24.31 -60.71 -29.20
CA GLN O 84 25.01 -59.93 -28.18
C GLN O 84 25.60 -58.66 -28.74
N ILE O 85 25.22 -57.53 -28.14
CA ILE O 85 25.78 -56.24 -28.53
C ILE O 85 26.51 -55.61 -27.36
N TRP O 86 27.72 -55.11 -27.61
CA TRP O 86 28.45 -54.41 -26.57
C TRP O 86 27.60 -53.25 -26.06
N MET O 87 27.57 -53.10 -24.74
CA MET O 87 26.87 -52.01 -24.11
C MET O 87 27.73 -51.47 -22.99
N PRO O 88 27.56 -50.17 -22.68
CA PRO O 88 28.23 -49.58 -21.51
C PRO O 88 27.85 -50.30 -20.21
N ASP O 89 28.84 -50.78 -19.48
CA ASP O 89 28.56 -51.46 -18.22
C ASP O 89 28.07 -50.46 -17.18
N THR O 90 26.86 -49.96 -17.37
CA THR O 90 26.26 -49.00 -16.44
C THR O 90 25.80 -49.64 -15.14
N PHE O 91 26.07 -48.95 -14.03
CA PHE O 91 25.64 -49.38 -12.71
C PHE O 91 25.23 -48.14 -11.90
N PHE O 92 24.45 -48.34 -10.84
CA PHE O 92 24.10 -47.25 -9.95
C PHE O 92 24.93 -47.30 -8.68
N PRO O 93 25.81 -46.31 -8.50
CA PRO O 93 26.71 -46.27 -7.33
C PRO O 93 25.99 -46.21 -5.98
N ASN O 94 24.87 -45.48 -5.91
CA ASN O 94 24.17 -45.26 -4.65
C ASN O 94 23.06 -46.26 -4.41
N GLU O 95 22.93 -47.21 -5.32
CA GLU O 95 21.92 -48.23 -5.25
C GLU O 95 22.12 -49.12 -4.04
N LYS O 96 21.02 -49.47 -3.38
CA LYS O 96 21.07 -50.24 -2.15
C LYS O 96 19.88 -51.20 -2.10
N GLN O 97 20.04 -52.30 -1.35
CA GLN O 97 18.94 -53.22 -1.07
C GLN O 97 18.24 -53.62 -2.36
N ALA O 98 19.01 -54.06 -3.34
CA ALA O 98 18.43 -54.22 -4.67
C ALA O 98 18.50 -55.64 -5.24
N TYR O 99 17.33 -56.12 -5.63
CA TYR O 99 17.20 -57.36 -6.36
C TYR O 99 16.61 -57.04 -7.74
N LYS O 100 17.22 -57.63 -8.77
CA LYS O 100 16.89 -57.32 -10.16
C LYS O 100 16.10 -58.42 -10.86
N HIS O 101 14.94 -58.04 -11.39
CA HIS O 101 14.08 -58.92 -12.17
C HIS O 101 14.77 -59.41 -13.43
N THR O 102 14.22 -60.47 -14.02
CA THR O 102 14.83 -61.18 -15.14
C THR O 102 16.19 -61.74 -14.75
N PRO O 106 11.44 -59.90 -20.68
CA PRO O 106 12.23 -58.85 -20.03
C PRO O 106 11.89 -57.47 -20.56
N ASN O 107 11.92 -56.46 -19.70
CA ASN O 107 11.59 -55.10 -20.13
C ASN O 107 12.82 -54.41 -20.71
N VAL O 108 13.25 -54.83 -21.90
CA VAL O 108 14.39 -54.24 -22.58
C VAL O 108 14.12 -53.95 -24.06
N LEU O 109 14.75 -52.91 -24.59
CA LEU O 109 14.59 -52.55 -25.99
C LEU O 109 15.88 -52.04 -26.60
N ILE O 110 16.34 -52.70 -27.66
CA ILE O 110 17.59 -52.32 -28.32
C ILE O 110 17.38 -52.06 -29.80
N ARG O 111 17.65 -50.84 -30.24
CA ARG O 111 17.52 -50.47 -31.64
C ARG O 111 18.88 -50.21 -32.26
N ILE O 112 19.09 -50.72 -33.47
CA ILE O 112 20.32 -50.44 -34.20
C ILE O 112 20.02 -49.59 -35.43
N HIS O 113 20.25 -48.29 -35.33
CA HIS O 113 20.06 -47.42 -36.49
C HIS O 113 21.08 -47.75 -37.56
N ASN O 114 20.78 -47.35 -38.79
CA ASN O 114 21.61 -47.70 -39.93
C ASN O 114 23.05 -47.17 -39.85
N ASP O 115 23.21 -45.98 -39.28
CA ASP O 115 24.53 -45.37 -39.21
C ASP O 115 25.41 -46.02 -38.16
N GLY O 116 24.80 -46.83 -37.30
CA GLY O 116 25.52 -47.49 -36.22
C GLY O 116 25.14 -46.96 -34.85
N THR O 117 24.18 -46.03 -34.81
CA THR O 117 23.70 -45.49 -33.55
C THR O 117 22.81 -46.52 -32.84
N VAL O 118 23.11 -46.80 -31.58
CA VAL O 118 22.34 -47.78 -30.83
C VAL O 118 21.49 -47.09 -29.78
N LEU O 119 20.23 -47.49 -29.67
CA LEU O 119 19.39 -47.03 -28.58
C LEU O 119 19.06 -48.16 -27.62
N TYR O 120 19.31 -47.93 -26.34
CA TYR O 120 19.06 -48.92 -25.29
C TYR O 120 18.03 -48.36 -24.32
N SER O 121 16.95 -49.11 -24.11
CA SER O 121 15.92 -48.67 -23.18
C SER O 121 15.69 -49.78 -22.16
N VAL O 122 15.57 -49.42 -20.89
CA VAL O 122 15.43 -50.42 -19.83
C VAL O 122 14.57 -49.89 -18.69
N ARG O 123 13.80 -50.77 -18.05
CA ARG O 123 13.01 -50.42 -16.87
C ARG O 123 13.62 -51.04 -15.64
N ILE O 124 13.85 -50.24 -14.61
CA ILE O 124 14.44 -50.75 -13.39
C ILE O 124 13.78 -50.14 -12.17
N SER O 125 13.61 -50.93 -11.11
CA SER O 125 13.23 -50.39 -9.82
C SER O 125 14.44 -50.40 -8.90
N LEU O 126 14.74 -49.25 -8.32
CA LEU O 126 15.93 -49.08 -7.51
C LEU O 126 15.60 -48.55 -6.14
N VAL O 127 16.36 -48.99 -5.14
CA VAL O 127 16.32 -48.35 -3.84
C VAL O 127 17.65 -47.61 -3.67
N LEU O 128 17.59 -46.31 -3.44
CA LEU O 128 18.80 -45.50 -3.42
C LEU O 128 18.97 -44.82 -2.06
N SER O 129 20.19 -44.87 -1.51
CA SER O 129 20.44 -44.23 -0.22
C SER O 129 20.33 -42.72 -0.35
N CYS O 130 19.63 -42.10 0.58
CA CYS O 130 19.53 -40.65 0.55
C CYS O 130 19.76 -40.06 1.93
N PRO O 131 20.97 -39.58 2.19
CA PRO O 131 21.26 -38.93 3.47
C PRO O 131 20.34 -37.73 3.68
N MET O 132 19.58 -37.72 4.77
CA MET O 132 18.69 -36.60 5.02
C MET O 132 19.02 -35.87 6.32
N TYR O 133 18.74 -34.57 6.32
CA TYR O 133 19.13 -33.72 7.42
C TYR O 133 17.89 -33.03 7.99
N LEU O 134 17.61 -33.31 9.26
CA LEU O 134 16.35 -32.89 9.87
C LEU O 134 16.48 -31.84 10.98
N GLN O 135 17.41 -30.93 10.75
CA GLN O 135 17.64 -29.79 11.66
C GLN O 135 16.38 -28.92 11.70
N TYR O 136 15.82 -28.72 10.51
CA TYR O 136 14.57 -27.99 10.39
C TYR O 136 13.43 -28.98 10.30
N TYR O 137 12.74 -29.24 11.40
CA TYR O 137 11.59 -30.12 11.33
C TYR O 137 10.38 -29.38 11.82
N PRO O 138 9.28 -29.48 11.08
CA PRO O 138 9.26 -30.28 9.87
C PRO O 138 9.50 -29.45 8.63
N MET O 139 9.84 -28.19 8.82
CA MET O 139 10.02 -27.30 7.70
C MET O 139 11.42 -27.39 7.11
N ASP O 140 11.76 -28.56 6.58
CA ASP O 140 13.06 -28.77 5.94
C ASP O 140 12.97 -28.97 4.45
N VAL O 141 14.09 -29.41 3.89
CA VAL O 141 14.14 -29.74 2.48
C VAL O 141 15.26 -30.74 2.23
N GLN O 142 14.94 -31.80 1.49
CA GLN O 142 15.90 -32.85 1.19
C GLN O 142 16.22 -32.90 -0.29
N GLN O 143 17.41 -33.37 -0.60
CA GLN O 143 17.82 -33.56 -1.98
C GLN O 143 18.34 -34.95 -2.22
N CYS O 144 17.54 -35.78 -2.89
CA CYS O 144 17.94 -37.14 -3.20
C CYS O 144 18.43 -37.24 -4.65
N SER O 145 19.34 -38.18 -4.90
CA SER O 145 19.97 -38.30 -6.20
C SER O 145 19.95 -39.71 -6.76
N ILE O 146 20.17 -39.80 -8.07
CA ILE O 146 20.44 -41.08 -8.69
C ILE O 146 21.75 -40.95 -9.47
N ASP O 147 22.81 -41.57 -8.95
CA ASP O 147 24.12 -41.54 -9.59
C ASP O 147 24.21 -42.63 -10.65
N LEU O 148 25.01 -42.37 -11.68
CA LEU O 148 25.09 -43.27 -12.81
C LEU O 148 26.49 -43.23 -13.42
N ALA O 149 27.14 -44.38 -13.56
CA ALA O 149 28.51 -44.44 -14.08
C ALA O 149 28.85 -45.83 -14.59
N SER O 150 30.01 -45.97 -15.24
CA SER O 150 30.50 -47.28 -15.68
C SER O 150 31.36 -47.91 -14.59
N TYR O 151 31.42 -49.25 -14.56
CA TYR O 151 32.17 -49.89 -13.49
C TYR O 151 33.59 -50.24 -13.89
N ALA O 152 33.72 -50.93 -15.02
CA ALA O 152 35.02 -51.44 -15.42
C ALA O 152 35.76 -50.42 -16.27
N TYR O 153 35.05 -49.79 -17.19
CA TYR O 153 35.67 -48.86 -18.12
C TYR O 153 35.96 -47.48 -17.50
N THR O 154 37.16 -46.98 -17.73
CA THR O 154 37.58 -45.68 -17.19
C THR O 154 37.20 -44.56 -18.13
N THR O 155 37.81 -43.39 -17.92
CA THR O 155 37.49 -42.21 -18.71
C THR O 155 38.11 -42.25 -20.11
N LYS O 156 39.00 -43.20 -20.35
CA LYS O 156 39.67 -43.29 -21.65
C LYS O 156 38.84 -44.10 -22.65
N ASP O 157 37.93 -44.92 -22.13
CA ASP O 157 37.17 -45.85 -22.94
C ASP O 157 35.70 -45.42 -23.10
N ILE O 158 35.17 -44.77 -22.07
CA ILE O 158 33.76 -44.38 -22.04
C ILE O 158 33.51 -43.10 -21.25
N GLU O 159 32.62 -42.24 -21.75
CA GLU O 159 32.26 -41.03 -21.03
C GLU O 159 30.79 -40.70 -21.23
N TYR O 160 30.08 -40.49 -20.13
CA TYR O 160 28.66 -40.22 -20.17
C TYR O 160 28.40 -38.73 -20.30
N LEU O 161 27.33 -38.41 -21.04
CA LEU O 161 26.88 -37.04 -21.20
C LEU O 161 25.36 -37.01 -21.17
N TRP O 162 24.78 -36.13 -20.38
CA TRP O 162 23.34 -35.97 -20.37
C TRP O 162 22.88 -35.57 -21.77
N LYS O 163 21.77 -36.16 -22.21
CA LYS O 163 21.17 -35.81 -23.49
C LYS O 163 20.94 -34.31 -23.55
N GLU O 164 21.02 -33.74 -24.74
CA GLU O 164 21.01 -32.28 -24.89
C GLU O 164 19.68 -31.66 -24.45
N HIS O 165 18.57 -32.34 -24.71
CA HIS O 165 17.27 -31.78 -24.38
C HIS O 165 16.45 -32.70 -23.50
N SER O 166 15.87 -32.10 -22.46
CA SER O 166 15.07 -32.80 -21.47
C SER O 166 15.72 -34.09 -21.01
N PRO O 167 16.91 -33.99 -20.40
CA PRO O 167 17.63 -35.19 -20.00
C PRO O 167 16.82 -35.97 -18.99
N LEU O 168 16.16 -35.23 -18.11
CA LEU O 168 15.30 -35.83 -17.11
C LEU O 168 13.84 -35.54 -17.42
N GLN O 169 13.05 -36.61 -17.49
CA GLN O 169 11.61 -36.47 -17.73
C GLN O 169 10.83 -37.17 -16.63
N LEU O 170 9.68 -36.63 -16.27
CA LEU O 170 8.93 -37.17 -15.14
C LEU O 170 7.52 -37.54 -15.56
N LYS O 171 6.97 -38.59 -14.94
CA LYS O 171 5.62 -39.05 -15.26
C LYS O 171 4.62 -37.96 -14.94
N VAL O 172 3.42 -38.10 -15.49
CA VAL O 172 2.46 -37.01 -15.50
C VAL O 172 2.22 -36.38 -14.15
N GLY O 173 1.90 -37.19 -13.15
CA GLY O 173 1.52 -36.66 -11.86
C GLY O 173 2.47 -36.98 -10.72
N LEU O 174 3.76 -36.97 -11.02
CA LEU O 174 4.77 -37.34 -10.04
C LEU O 174 4.77 -36.44 -8.80
N SER O 175 4.66 -35.13 -8.99
CA SER O 175 4.69 -34.20 -7.84
C SER O 175 3.55 -34.48 -6.86
N SER O 176 2.41 -34.92 -7.41
CA SER O 176 1.26 -35.28 -6.60
C SER O 176 1.45 -36.67 -5.99
N SER O 177 2.15 -37.53 -6.73
CA SER O 177 2.25 -38.95 -6.40
C SER O 177 2.91 -39.21 -5.05
N LEU O 178 3.85 -38.34 -4.67
CA LEU O 178 4.59 -38.53 -3.42
C LEU O 178 3.69 -38.39 -2.20
N PRO O 179 3.84 -39.32 -1.25
CA PRO O 179 3.02 -39.45 -0.04
C PRO O 179 3.28 -38.38 1.01
N SER O 180 4.55 -38.06 1.25
CA SER O 180 4.90 -37.24 2.40
C SER O 180 5.66 -35.96 2.06
N PHE O 181 6.10 -35.85 0.81
CA PHE O 181 6.90 -34.71 0.40
C PHE O 181 6.32 -34.15 -0.89
N GLN O 182 6.74 -32.94 -1.21
CA GLN O 182 6.31 -32.29 -2.44
C GLN O 182 7.54 -31.99 -3.30
N LEU O 183 7.52 -32.42 -4.55
CA LEU O 183 8.70 -32.26 -5.39
C LEU O 183 8.75 -30.85 -5.99
N THR O 184 9.76 -30.07 -5.61
CA THR O 184 9.87 -28.68 -6.04
C THR O 184 10.72 -28.50 -7.29
N ASN O 185 11.84 -29.21 -7.34
CA ASN O 185 12.86 -28.99 -8.34
C ASN O 185 13.48 -30.30 -8.83
N THR O 186 13.95 -30.30 -10.07
CA THR O 186 14.73 -31.41 -10.59
C THR O 186 16.01 -30.85 -11.20
N SER O 187 17.02 -31.70 -11.32
CA SER O 187 18.33 -31.21 -11.75
C SER O 187 19.23 -32.28 -12.34
N THR O 188 19.76 -32.02 -13.54
CA THR O 188 20.72 -32.92 -14.17
C THR O 188 22.12 -32.35 -14.09
N THR O 189 23.00 -33.00 -13.33
CA THR O 189 24.38 -32.57 -13.21
C THR O 189 25.36 -33.72 -13.46
N TYR O 190 26.64 -33.43 -13.37
CA TYR O 190 27.67 -34.43 -13.51
C TYR O 190 28.27 -34.68 -12.13
N CYS O 191 28.74 -35.90 -11.90
CA CYS O 191 29.38 -36.19 -10.63
C CYS O 191 30.64 -37.01 -10.88
N THR O 192 31.20 -36.88 -12.07
CA THR O 192 32.45 -37.53 -12.42
C THR O 192 33.53 -37.27 -11.38
N SER O 193 34.08 -38.33 -10.80
CA SER O 193 35.08 -38.15 -9.75
C SER O 193 36.32 -39.00 -9.97
N VAL O 194 37.32 -38.79 -9.12
CA VAL O 194 38.60 -39.47 -9.24
C VAL O 194 38.81 -40.39 -8.06
N THR O 195 38.88 -41.70 -8.33
CA THR O 195 39.05 -42.67 -7.25
C THR O 195 40.42 -43.34 -7.34
N ASN O 196 40.72 -44.17 -6.34
CA ASN O 196 42.01 -44.86 -6.28
C ASN O 196 42.25 -45.74 -7.50
N THR O 197 41.17 -46.20 -8.09
CA THR O 197 41.25 -47.06 -9.26
C THR O 197 41.33 -46.26 -10.55
N GLY O 198 40.82 -45.03 -10.53
CA GLY O 198 40.90 -44.16 -11.69
C GLY O 198 39.84 -43.06 -11.77
N ILE O 199 39.70 -42.48 -12.96
CA ILE O 199 38.73 -41.42 -13.20
C ILE O 199 37.53 -41.95 -13.99
N TYR O 200 36.37 -42.05 -13.35
CA TYR O 200 35.19 -42.61 -14.02
C TYR O 200 34.13 -41.55 -14.27
N SER O 201 33.62 -41.51 -15.50
CA SER O 201 32.58 -40.55 -15.84
C SER O 201 31.29 -40.93 -15.13
N CYS O 202 30.52 -39.94 -14.72
CA CYS O 202 29.32 -40.20 -13.94
C CYS O 202 28.26 -39.11 -14.04
N LEU O 203 27.00 -39.54 -14.16
CA LEU O 203 25.87 -38.61 -14.21
C LEU O 203 25.04 -38.66 -12.94
N ARG O 204 24.60 -37.49 -12.50
CA ARG O 204 23.73 -37.43 -11.32
C ARG O 204 22.49 -36.62 -11.58
N THR O 205 21.35 -37.29 -11.49
CA THR O 205 20.07 -36.60 -11.54
C THR O 205 19.60 -36.42 -10.10
N THR O 206 18.92 -35.31 -9.83
CA THR O 206 18.59 -34.93 -8.46
C THR O 206 17.18 -34.38 -8.32
N ILE O 207 16.47 -34.79 -7.28
CA ILE O 207 15.16 -34.23 -7.00
C ILE O 207 15.15 -33.55 -5.63
N GLN O 208 14.36 -32.48 -5.51
CA GLN O 208 14.30 -31.70 -4.28
C GLN O 208 12.93 -31.76 -3.62
N LEU O 209 12.86 -32.34 -2.44
CA LEU O 209 11.59 -32.57 -1.75
C LEU O 209 11.48 -31.67 -0.55
N LYS O 210 10.44 -30.85 -0.48
CA LYS O 210 10.17 -30.08 0.72
C LYS O 210 8.72 -30.34 1.16
N ARG O 211 8.44 -30.17 2.45
CA ARG O 211 7.13 -30.54 2.96
C ARG O 211 6.12 -29.40 2.96
N GLU O 212 4.84 -29.76 2.99
CA GLU O 212 3.79 -28.76 3.08
C GLU O 212 3.73 -28.19 4.48
N PHE O 213 4.06 -26.90 4.61
CA PHE O 213 4.05 -26.23 5.90
C PHE O 213 2.64 -26.21 6.46
N SER O 214 1.68 -26.07 5.57
CA SER O 214 0.26 -25.95 5.90
C SER O 214 -0.24 -27.05 6.83
N PHE O 215 0.07 -28.29 6.48
CA PHE O 215 -0.35 -29.45 7.26
C PHE O 215 0.16 -29.38 8.68
N TYR O 216 1.48 -29.31 8.77
CA TYR O 216 2.19 -29.32 10.04
C TYR O 216 1.88 -28.12 10.92
N LEU O 217 1.42 -27.04 10.29
CA LEU O 217 1.04 -25.84 11.01
C LEU O 217 -0.24 -26.09 11.78
N LEU O 218 -1.21 -26.65 11.07
CA LEU O 218 -2.53 -26.91 11.63
C LEU O 218 -2.49 -28.07 12.63
N GLN O 219 -1.63 -29.06 12.36
CA GLN O 219 -1.61 -30.28 13.17
C GLN O 219 -0.79 -30.14 14.46
N LEU O 220 0.31 -29.38 14.39
CA LEU O 220 1.25 -29.33 15.50
C LEU O 220 1.29 -27.96 16.18
N TYR O 221 1.49 -26.92 15.39
CA TYR O 221 1.75 -25.59 15.94
C TYR O 221 0.53 -24.91 16.53
N ILE O 222 -0.49 -24.70 15.72
CA ILE O 222 -1.72 -24.05 16.16
C ILE O 222 -2.35 -24.62 17.44
N PRO O 223 -2.40 -25.96 17.59
CA PRO O 223 -2.97 -26.46 18.86
C PRO O 223 -2.24 -25.95 20.11
N SER O 224 -0.91 -25.94 20.09
CA SER O 224 -0.16 -25.53 21.27
C SER O 224 -0.25 -24.03 21.54
N CYS O 225 -0.37 -23.24 20.48
CA CYS O 225 -0.55 -21.81 20.66
C CYS O 225 -1.82 -21.54 21.47
N MET O 226 -2.84 -22.33 21.21
CA MET O 226 -4.07 -22.21 21.98
C MET O 226 -3.82 -22.59 23.43
N LEU O 227 -2.95 -23.57 23.65
CA LEU O 227 -2.67 -24.01 25.02
C LEU O 227 -1.88 -22.96 25.80
N VAL O 228 -0.91 -22.34 25.14
CA VAL O 228 -0.11 -21.30 25.79
C VAL O 228 -0.96 -20.08 26.12
N ILE O 229 -1.86 -19.72 25.22
CA ILE O 229 -2.80 -18.63 25.47
C ILE O 229 -3.68 -18.95 26.68
N VAL O 230 -4.11 -20.21 26.78
CA VAL O 230 -4.94 -20.67 27.90
C VAL O 230 -4.21 -20.49 29.23
N SER O 231 -2.92 -20.81 29.25
CA SER O 231 -2.13 -20.70 30.47
C SER O 231 -2.03 -19.26 30.95
N TRP O 232 -2.34 -18.31 30.07
CA TRP O 232 -2.22 -16.90 30.41
C TRP O 232 -3.45 -16.38 31.14
N VAL O 233 -4.60 -16.99 30.90
CA VAL O 233 -5.84 -16.44 31.43
C VAL O 233 -5.99 -16.63 32.94
N SER O 234 -5.05 -17.35 33.55
CA SER O 234 -5.04 -17.48 35.00
C SER O 234 -4.49 -16.22 35.65
N PHE O 235 -3.81 -15.41 34.83
CA PHE O 235 -3.27 -14.15 35.31
C PHE O 235 -4.38 -13.13 35.49
N TRP O 236 -5.43 -13.27 34.68
CA TRP O 236 -6.53 -12.31 34.71
C TRP O 236 -7.54 -12.66 35.80
N PHE O 237 -7.29 -13.76 36.49
CA PHE O 237 -8.08 -14.12 37.67
C PHE O 237 -7.41 -13.63 38.95
N ASP O 238 -8.20 -13.23 39.94
CA ASP O 238 -7.63 -12.71 41.19
C ASP O 238 -6.93 -13.80 41.99
N ARG O 239 -6.18 -13.38 42.99
CA ARG O 239 -5.40 -14.31 43.80
C ARG O 239 -6.30 -15.19 44.66
N THR O 240 -7.48 -14.68 45.02
CA THR O 240 -8.35 -15.35 45.98
C THR O 240 -8.96 -16.64 45.43
N ALA O 241 -9.23 -16.66 44.13
CA ALA O 241 -9.83 -17.84 43.50
C ALA O 241 -8.78 -18.93 43.31
N ILE O 242 -8.43 -19.61 44.40
CA ILE O 242 -7.46 -20.69 44.35
C ILE O 242 -7.90 -21.88 43.48
N PRO O 243 -9.16 -22.35 43.63
CA PRO O 243 -9.53 -23.49 42.78
C PRO O 243 -9.45 -23.17 41.29
N ALA O 244 -9.66 -21.91 40.95
CA ALA O 244 -9.63 -21.49 39.55
C ALA O 244 -8.25 -21.65 38.92
N ARG O 245 -7.26 -21.00 39.51
CA ARG O 245 -5.93 -20.89 38.92
C ARG O 245 -5.12 -22.18 39.10
N VAL O 246 -5.43 -22.94 40.14
CA VAL O 246 -4.78 -24.23 40.30
C VAL O 246 -5.20 -25.15 39.17
N THR O 247 -6.51 -25.27 38.97
CA THR O 247 -7.08 -26.15 37.95
C THR O 247 -6.61 -25.73 36.56
N LEU O 248 -6.69 -24.43 36.27
CA LEU O 248 -6.21 -23.89 35.01
C LEU O 248 -4.75 -24.25 34.76
N GLY O 249 -3.92 -24.04 35.78
CA GLY O 249 -2.50 -24.28 35.67
C GLY O 249 -2.12 -25.72 35.50
N VAL O 250 -2.71 -26.61 36.30
CA VAL O 250 -2.32 -28.02 36.28
C VAL O 250 -2.90 -28.75 35.08
N THR O 251 -4.08 -28.33 34.65
CA THR O 251 -4.73 -28.98 33.52
C THR O 251 -4.00 -28.64 32.22
N THR O 252 -3.66 -27.36 32.05
CA THR O 252 -2.95 -26.92 30.86
C THR O 252 -1.63 -27.67 30.70
N LEU O 253 -0.96 -27.95 31.82
CA LEU O 253 0.28 -28.71 31.78
C LEU O 253 0.04 -30.18 31.44
N LEU O 254 -1.03 -30.75 31.98
CA LEU O 254 -1.38 -32.14 31.67
C LEU O 254 -1.70 -32.23 30.17
N THR O 255 -2.49 -31.27 29.69
CA THR O 255 -2.88 -31.24 28.29
C THR O 255 -1.66 -31.13 27.39
N MET O 256 -0.72 -30.28 27.78
CA MET O 256 0.49 -30.10 27.00
C MET O 256 1.32 -31.37 26.94
N THR O 257 1.35 -32.12 28.04
CA THR O 257 2.07 -33.38 28.08
C THR O 257 1.42 -34.40 27.16
N ALA O 258 0.09 -34.38 27.11
CA ALA O 258 -0.65 -35.25 26.22
C ALA O 258 -0.43 -34.83 24.77
N GLN O 259 -0.58 -33.52 24.52
CA GLN O 259 -0.35 -32.93 23.21
C GLN O 259 1.02 -33.31 22.66
N SER O 260 2.03 -33.16 23.52
CA SER O 260 3.40 -33.49 23.16
C SER O 260 3.56 -34.99 22.94
N ALA O 261 2.78 -35.78 23.67
CA ALA O 261 2.84 -37.24 23.55
C ALA O 261 2.34 -37.70 22.19
N GLY O 262 1.22 -37.13 21.75
CA GLY O 262 0.63 -37.47 20.46
C GLY O 262 1.53 -37.06 19.31
N ILE O 263 2.18 -35.91 19.47
CA ILE O 263 3.12 -35.40 18.47
C ILE O 263 4.36 -36.29 18.43
N ASN O 264 4.94 -36.51 19.60
CA ASN O 264 6.18 -37.27 19.72
C ASN O 264 6.09 -38.69 19.15
N SER O 265 4.90 -39.27 19.19
CA SER O 265 4.70 -40.63 18.72
C SER O 265 4.27 -40.69 17.26
N GLN O 266 4.79 -39.77 16.45
CA GLN O 266 4.52 -39.83 15.03
C GLN O 266 5.69 -39.22 14.28
N LEU O 267 6.51 -38.48 15.00
CA LEU O 267 7.77 -37.99 14.46
C LEU O 267 8.62 -39.20 14.13
N PRO O 268 9.29 -39.16 12.98
CA PRO O 268 10.17 -40.25 12.57
C PRO O 268 11.26 -40.43 13.62
N PRO O 269 11.62 -41.67 13.98
CA PRO O 269 12.62 -41.78 15.04
C PRO O 269 13.95 -41.13 14.65
N VAL O 270 14.40 -40.14 15.41
CA VAL O 270 15.73 -39.58 15.23
C VAL O 270 16.32 -39.24 16.58
N SER O 271 17.64 -39.18 16.66
CA SER O 271 18.24 -38.93 17.95
C SER O 271 18.95 -37.58 17.99
N TYR O 272 18.54 -36.66 17.14
CA TYR O 272 19.04 -35.30 17.27
C TYR O 272 17.87 -34.33 17.32
N ILE O 273 18.10 -33.20 17.98
CA ILE O 273 17.03 -32.25 18.24
C ILE O 273 16.47 -31.64 16.97
N LYS O 274 15.22 -31.98 16.70
CA LYS O 274 14.49 -31.41 15.59
C LYS O 274 13.94 -30.06 16.01
N ALA O 275 13.54 -29.26 15.03
CA ALA O 275 13.00 -27.92 15.27
C ALA O 275 11.67 -27.98 16.00
N ILE O 276 10.82 -28.92 15.61
CA ILE O 276 9.53 -29.06 16.27
C ILE O 276 9.77 -29.44 17.72
N ASP O 277 10.82 -30.20 17.96
CA ASP O 277 11.13 -30.68 19.30
C ASP O 277 11.46 -29.51 20.22
N VAL O 278 12.15 -28.51 19.65
CA VAL O 278 12.44 -27.27 20.35
C VAL O 278 11.15 -26.55 20.69
N TRP O 279 10.29 -26.43 19.70
CA TRP O 279 9.04 -25.69 19.85
C TRP O 279 8.11 -26.37 20.85
N ILE O 280 8.27 -27.68 21.01
CA ILE O 280 7.47 -28.39 22.00
C ILE O 280 7.96 -28.08 23.40
N GLY O 281 9.27 -28.21 23.61
CA GLY O 281 9.86 -27.93 24.91
C GLY O 281 9.66 -26.49 25.34
N ALA O 282 9.48 -25.61 24.36
CA ALA O 282 9.25 -24.20 24.65
C ALA O 282 7.90 -24.02 25.30
N CYS O 283 6.86 -24.48 24.62
CA CYS O 283 5.50 -24.37 25.13
C CYS O 283 5.38 -25.09 26.47
N MET O 284 6.12 -26.19 26.60
CA MET O 284 6.16 -26.95 27.84
C MET O 284 6.70 -26.08 28.97
N THR O 285 7.60 -25.16 28.62
CA THR O 285 8.22 -24.29 29.62
C THR O 285 7.32 -23.12 29.97
N PHE O 286 6.67 -22.54 28.96
CA PHE O 286 5.81 -21.39 29.16
C PHE O 286 4.58 -21.72 29.99
N ILE O 287 4.22 -23.00 30.02
CA ILE O 287 3.09 -23.43 30.84
C ILE O 287 3.60 -23.81 32.23
N PHE O 288 4.81 -24.35 32.28
CA PHE O 288 5.45 -24.64 33.55
C PHE O 288 5.68 -23.35 34.33
N CYS O 289 6.01 -22.27 33.61
CA CYS O 289 6.25 -20.98 34.26
C CYS O 289 4.93 -20.34 34.65
N ALA O 290 3.89 -20.61 33.85
CA ALA O 290 2.57 -20.07 34.14
C ALA O 290 2.00 -20.66 35.43
N LEU O 291 2.14 -21.98 35.58
CA LEU O 291 1.72 -22.66 36.78
C LEU O 291 2.61 -22.28 37.96
N LEU O 292 3.83 -21.86 37.63
CA LEU O 292 4.79 -21.48 38.64
C LEU O 292 4.49 -20.06 39.13
N GLU O 293 4.02 -19.22 38.22
CA GLU O 293 3.77 -17.82 38.53
C GLU O 293 2.69 -17.68 39.60
N PHE O 294 1.65 -18.50 39.50
CA PHE O 294 0.57 -18.44 40.47
C PHE O 294 1.06 -18.86 41.85
N ALA O 295 2.00 -19.80 41.88
CA ALA O 295 2.56 -20.28 43.14
C ALA O 295 3.26 -19.14 43.88
N LEU O 296 3.93 -18.28 43.11
CA LEU O 296 4.62 -17.13 43.68
C LEU O 296 3.62 -16.13 44.23
N VAL O 297 2.57 -15.89 43.46
CA VAL O 297 1.52 -14.96 43.86
C VAL O 297 0.79 -15.43 45.12
N ASN O 298 0.47 -16.72 45.18
CA ASN O 298 -0.22 -17.25 46.34
C ASN O 298 0.65 -17.21 47.59
N HIS O 299 1.96 -17.33 47.40
CA HIS O 299 2.89 -17.36 48.52
C HIS O 299 3.01 -16.01 49.22
N ILE O 300 3.11 -14.94 48.43
CA ILE O 300 3.33 -13.60 48.99
C ILE O 300 2.02 -12.93 49.39
N ALA O 301 0.89 -13.44 48.90
CA ALA O 301 -0.42 -12.87 49.20
C ALA O 301 -0.93 -13.33 50.56
N ASN O 302 -0.37 -14.42 51.07
CA ASN O 302 -0.78 -14.98 52.36
C ASN O 302 -0.29 -14.12 53.51
N ALA O 303 0.77 -13.36 53.31
CA ALA O 303 1.24 -12.41 54.32
C ALA O 303 0.23 -11.25 54.48
N GLY O 304 -0.16 -10.97 55.72
CA GLY O 304 -1.24 -10.03 56.04
C GLY O 304 -1.01 -8.56 55.80
N THR O 305 0.24 -8.20 55.56
CA THR O 305 0.60 -6.83 55.26
C THR O 305 0.11 -6.35 53.88
N THR O 306 -0.24 -5.07 53.83
CA THR O 306 -0.81 -4.43 52.65
C THR O 306 0.21 -4.22 51.53
N GLU O 307 1.49 -4.13 51.92
CA GLU O 307 2.61 -3.95 50.99
C GLU O 307 2.88 -5.22 50.17
N TRP O 308 2.92 -6.39 50.82
CA TRP O 308 3.13 -7.61 50.05
C TRP O 308 1.93 -7.86 49.15
N ASN O 309 0.75 -7.45 49.59
CA ASN O 309 -0.41 -7.64 48.74
C ASN O 309 -0.27 -6.82 47.44
N ASP O 310 0.28 -5.62 47.58
CA ASP O 310 0.50 -4.71 46.47
C ASP O 310 1.50 -5.34 45.48
N ILE O 311 2.44 -6.12 46.02
CA ILE O 311 3.40 -6.85 45.18
C ILE O 311 2.73 -8.03 44.48
N SER O 312 1.90 -8.75 45.23
CA SER O 312 1.12 -9.87 44.70
C SER O 312 0.23 -9.46 43.54
N LYS O 313 -0.40 -8.30 43.68
CA LYS O 313 -1.24 -7.78 42.63
C LYS O 313 -0.37 -7.31 41.47
N ARG O 314 0.82 -6.83 41.79
CA ARG O 314 1.73 -6.32 40.80
C ARG O 314 2.25 -7.43 39.90
N VAL O 315 2.63 -8.54 40.50
CA VAL O 315 3.14 -9.70 39.78
C VAL O 315 2.14 -10.17 38.73
N ASP O 316 0.86 -10.20 39.09
CA ASP O 316 -0.19 -10.58 38.17
C ASP O 316 -0.24 -9.61 36.99
N LEU O 317 -0.33 -8.33 37.29
CA LEU O 317 -0.44 -7.30 36.25
C LEU O 317 0.71 -7.34 35.26
N ILE O 318 1.89 -7.69 35.76
CA ILE O 318 3.06 -7.82 34.90
C ILE O 318 2.89 -9.01 33.97
N SER O 319 2.65 -10.18 34.57
CA SER O 319 2.52 -11.41 33.80
C SER O 319 1.40 -11.33 32.78
N ARG O 320 0.39 -10.51 33.08
CA ARG O 320 -0.72 -10.31 32.16
C ARG O 320 -0.25 -9.86 30.79
N ALA O 321 0.93 -9.25 30.74
CA ALA O 321 1.48 -8.78 29.48
C ALA O 321 2.92 -9.21 29.27
N LEU O 322 3.54 -9.75 30.32
CA LEU O 322 4.92 -10.18 30.21
C LEU O 322 5.03 -11.45 29.37
N PHE O 323 4.29 -12.48 29.79
CA PHE O 323 4.27 -13.74 29.07
C PHE O 323 3.93 -13.62 27.58
N PRO O 324 2.86 -12.88 27.23
CA PRO O 324 2.59 -12.77 25.79
C PRO O 324 3.74 -12.10 25.02
N VAL O 325 4.46 -11.20 25.67
CA VAL O 325 5.60 -10.55 25.04
C VAL O 325 6.75 -11.54 24.87
N LEU O 326 7.11 -12.20 25.95
CA LEU O 326 8.22 -13.13 25.94
C LEU O 326 7.99 -14.25 24.93
N PHE O 327 6.74 -14.72 24.84
CA PHE O 327 6.38 -15.74 23.85
C PHE O 327 6.55 -15.19 22.44
N PHE O 328 6.12 -13.94 22.26
CA PHE O 328 6.23 -13.27 20.97
C PHE O 328 7.68 -13.04 20.58
N VAL O 329 8.52 -12.83 21.58
CA VAL O 329 9.96 -12.70 21.33
C VAL O 329 10.52 -14.04 20.86
N PHE O 330 10.22 -15.09 21.61
CA PHE O 330 10.64 -16.43 21.24
C PHE O 330 10.11 -16.82 19.87
N ASN O 331 8.84 -16.49 19.64
CA ASN O 331 8.19 -16.75 18.37
C ASN O 331 9.03 -16.17 17.25
N ILE O 332 9.44 -14.92 17.41
CA ILE O 332 10.29 -14.25 16.43
C ILE O 332 11.61 -14.97 16.28
N LEU O 333 12.28 -15.22 17.40
CA LEU O 333 13.57 -15.92 17.39
C LEU O 333 13.46 -17.29 16.74
N TYR O 334 12.39 -18.00 17.07
CA TYR O 334 12.20 -19.36 16.58
C TYR O 334 12.10 -19.42 15.07
N TRP O 335 11.10 -18.72 14.53
CA TRP O 335 10.83 -18.77 13.11
C TRP O 335 11.99 -18.23 12.30
N SER O 336 12.65 -17.22 12.82
CA SER O 336 13.80 -16.65 12.14
C SER O 336 14.94 -17.67 12.06
N ARG O 337 15.07 -18.48 13.10
CA ARG O 337 16.11 -19.50 13.15
C ARG O 337 15.82 -20.66 12.19
N PHE O 338 14.53 -20.96 12.01
CA PHE O 338 14.11 -22.14 11.25
C PHE O 338 13.34 -21.78 9.98
N GLY O 339 13.55 -20.57 9.46
CA GLY O 339 12.88 -20.15 8.25
C GLY O 339 13.76 -20.26 7.03
N HIS O 340 14.98 -20.75 7.23
CA HIS O 340 15.96 -20.93 6.16
C HIS O 340 15.46 -21.93 5.10
N SER P 1 45.97 -54.96 -26.89
CA SER P 1 47.16 -55.74 -26.53
C SER P 1 46.99 -56.41 -25.17
N ASP P 2 46.03 -55.92 -24.38
CA ASP P 2 45.77 -56.49 -23.06
C ASP P 2 45.19 -57.89 -23.15
N SER P 3 44.40 -58.13 -24.19
CA SER P 3 43.80 -59.44 -24.43
C SER P 3 44.84 -60.46 -24.88
N LYS P 4 45.97 -59.98 -25.40
CA LYS P 4 47.05 -60.84 -25.86
C LYS P 4 47.93 -61.31 -24.70
N ILE P 5 47.98 -60.51 -23.64
CA ILE P 5 48.76 -60.85 -22.46
C ILE P 5 47.98 -61.78 -21.54
N LEU P 6 46.69 -61.48 -21.35
CA LEU P 6 45.81 -62.34 -20.56
C LEU P 6 45.73 -63.73 -21.19
N ALA P 7 45.84 -63.77 -22.51
CA ALA P 7 45.87 -65.04 -23.23
C ALA P 7 47.12 -65.82 -22.86
N HIS P 8 48.26 -65.14 -22.87
CA HIS P 8 49.56 -65.75 -22.61
C HIS P 8 49.65 -66.37 -21.21
N LEU P 9 48.94 -65.79 -20.26
CA LEU P 9 49.01 -66.24 -18.88
C LEU P 9 48.20 -67.52 -18.64
N PHE P 10 46.96 -67.52 -19.10
CA PHE P 10 46.03 -68.62 -18.84
C PHE P 10 46.13 -69.74 -19.87
N THR P 11 46.84 -69.50 -20.97
CA THR P 11 47.12 -70.56 -21.93
C THR P 11 48.11 -71.54 -21.32
N SER P 12 48.70 -71.13 -20.20
CA SER P 12 49.66 -71.95 -19.47
C SER P 12 48.93 -72.86 -18.48
N GLY P 13 49.70 -73.55 -17.65
CA GLY P 13 49.15 -74.47 -16.67
C GLY P 13 48.80 -73.80 -15.35
N TYR P 14 47.85 -72.90 -15.39
CA TYR P 14 47.42 -72.21 -14.19
C TYR P 14 46.20 -72.90 -13.59
N ASP P 15 46.28 -73.23 -12.31
CA ASP P 15 45.16 -73.87 -11.62
C ASP P 15 44.60 -72.91 -10.57
N PHE P 16 43.37 -72.46 -10.78
CA PHE P 16 42.75 -71.47 -9.89
C PHE P 16 42.30 -72.11 -8.58
N ARG P 17 42.41 -73.42 -8.50
CA ARG P 17 42.07 -74.15 -7.29
C ARG P 17 43.30 -74.38 -6.43
N VAL P 18 44.46 -74.05 -6.99
CA VAL P 18 45.73 -74.28 -6.31
C VAL P 18 46.27 -73.00 -5.68
N ARG P 19 46.59 -73.08 -4.40
CA ARG P 19 47.18 -71.97 -3.64
C ARG P 19 48.49 -71.49 -4.29
N PRO P 20 48.69 -70.16 -4.35
CA PRO P 20 49.91 -69.55 -4.93
C PRO P 20 51.18 -69.98 -4.23
N PRO P 21 52.29 -70.07 -5.00
CA PRO P 21 53.58 -70.55 -4.47
C PRO P 21 54.24 -69.55 -3.56
N THR P 22 54.91 -70.04 -2.52
CA THR P 22 55.67 -69.18 -1.62
C THR P 22 57.12 -69.63 -1.59
N ASP P 23 58.04 -68.66 -1.66
CA ASP P 23 59.47 -68.95 -1.70
C ASP P 23 59.96 -69.63 -0.43
N ASN P 24 59.27 -69.37 0.67
CA ASN P 24 59.62 -69.95 1.96
C ASN P 24 58.77 -71.17 2.31
N GLY P 25 57.70 -71.35 1.54
CA GLY P 25 56.73 -72.41 1.80
C GLY P 25 55.69 -71.93 2.78
N GLY P 26 55.85 -70.70 3.25
CA GLY P 26 54.95 -70.11 4.22
C GLY P 26 53.61 -69.72 3.63
N PRO P 27 52.80 -69.01 4.42
CA PRO P 27 51.45 -68.58 4.03
C PRO P 27 51.47 -67.48 2.97
N VAL P 28 50.30 -67.22 2.39
CA VAL P 28 50.17 -66.17 1.40
C VAL P 28 49.73 -64.87 2.06
N VAL P 29 50.53 -63.83 1.93
CA VAL P 29 50.24 -62.54 2.55
C VAL P 29 49.14 -61.78 1.83
N VAL P 30 48.07 -61.45 2.55
CA VAL P 30 46.95 -60.73 1.95
C VAL P 30 46.71 -59.37 2.59
N SER P 31 47.02 -58.32 1.84
CA SER P 31 46.82 -56.96 2.30
C SER P 31 45.36 -56.54 2.10
N VAL P 32 44.78 -55.91 3.11
CA VAL P 32 43.35 -55.58 3.06
C VAL P 32 43.06 -54.11 3.30
N ASN P 33 42.47 -53.48 2.29
CA ASN P 33 41.99 -52.12 2.41
C ASN P 33 40.47 -52.08 2.37
N MET P 34 39.86 -51.41 3.34
CA MET P 34 38.41 -51.42 3.40
C MET P 34 37.87 -50.00 3.32
N LEU P 35 36.67 -49.88 2.77
CA LEU P 35 36.01 -48.59 2.59
C LEU P 35 34.52 -48.65 2.92
N LEU P 36 34.14 -48.02 4.03
CA LEU P 36 32.74 -48.01 4.45
C LEU P 36 31.93 -47.02 3.63
N ARG P 37 31.04 -47.55 2.79
CA ARG P 37 30.14 -46.73 1.97
C ARG P 37 29.02 -46.11 2.83
N THR P 38 28.08 -46.93 3.27
CA THR P 38 26.98 -46.44 4.08
C THR P 38 26.65 -47.37 5.23
N ILE P 39 26.09 -46.81 6.30
CA ILE P 39 25.61 -47.60 7.42
C ILE P 39 24.17 -47.17 7.72
N SER P 40 23.29 -48.14 7.93
CA SER P 40 21.90 -47.84 8.22
C SER P 40 21.18 -48.99 8.93
N LYS P 41 19.91 -48.78 9.28
CA LYS P 41 19.12 -49.81 9.93
C LYS P 41 19.83 -50.41 11.12
N ILE P 42 20.18 -49.59 12.09
CA ILE P 42 20.83 -50.11 13.27
C ILE P 42 19.77 -50.66 14.22
N ASP P 43 19.53 -51.96 14.11
CA ASP P 43 18.45 -52.61 14.87
C ASP P 43 18.89 -52.95 16.28
N VAL P 44 18.34 -52.24 17.25
CA VAL P 44 18.63 -52.53 18.64
C VAL P 44 17.97 -53.84 19.03
N VAL P 45 16.78 -54.06 18.50
CA VAL P 45 15.98 -55.22 18.84
C VAL P 45 16.56 -56.51 18.27
N ASN P 46 16.75 -56.54 16.96
CA ASN P 46 17.19 -57.78 16.33
C ASN P 46 18.70 -57.94 16.35
N MET P 47 19.37 -57.03 17.05
CA MET P 47 20.81 -57.10 17.21
C MET P 47 21.53 -57.31 15.88
N GLU P 48 21.42 -56.32 15.01
CA GLU P 48 21.98 -56.37 13.67
C GLU P 48 22.01 -54.96 13.08
N TYR P 49 22.84 -54.75 12.07
CA TYR P 49 22.86 -53.46 11.38
C TYR P 49 23.25 -53.65 9.92
N SER P 50 22.63 -52.88 9.03
CA SER P 50 22.92 -52.99 7.61
C SER P 50 24.08 -52.09 7.22
N ALA P 51 25.18 -52.69 6.82
CA ALA P 51 26.34 -51.93 6.38
C ALA P 51 26.71 -52.27 4.95
N GLN P 52 27.10 -51.25 4.20
CA GLN P 52 27.47 -51.39 2.80
C GLN P 52 28.91 -50.91 2.63
N LEU P 53 29.76 -51.74 2.01
CA LEU P 53 31.18 -51.42 1.97
C LEU P 53 31.86 -51.82 0.66
N THR P 54 33.12 -51.44 0.53
CA THR P 54 33.95 -51.80 -0.62
C THR P 54 35.24 -52.44 -0.14
N LEU P 55 35.43 -53.72 -0.43
CA LEU P 55 36.59 -54.42 0.09
C LEU P 55 37.69 -54.48 -0.95
N ARG P 56 38.92 -54.22 -0.52
CA ARG P 56 40.07 -54.32 -1.42
C ARG P 56 41.15 -55.27 -0.87
N GLU P 57 41.38 -56.37 -1.59
CA GLU P 57 42.41 -57.34 -1.21
C GLU P 57 43.59 -57.31 -2.17
N SER P 58 44.77 -57.64 -1.65
CA SER P 58 46.01 -57.59 -2.43
C SER P 58 47.00 -58.67 -2.03
N TRP P 59 47.42 -59.47 -3.00
CA TRP P 59 48.40 -60.53 -2.78
C TRP P 59 49.31 -60.69 -3.99
N ILE P 60 50.32 -61.53 -3.84
CA ILE P 60 51.27 -61.76 -4.93
C ILE P 60 51.20 -63.20 -5.44
N ASP P 61 50.80 -63.34 -6.70
CA ASP P 61 50.75 -64.62 -7.38
C ASP P 61 51.78 -64.61 -8.49
N LYS P 62 52.95 -65.19 -8.23
CA LYS P 62 54.05 -65.15 -9.19
C LYS P 62 53.71 -65.79 -10.52
N ARG P 63 52.71 -66.67 -10.51
CA ARG P 63 52.26 -67.35 -11.72
C ARG P 63 51.69 -66.36 -12.74
N LEU P 64 51.05 -65.31 -12.25
CA LEU P 64 50.39 -64.33 -13.13
C LEU P 64 51.33 -63.21 -13.58
N SER P 65 52.59 -63.27 -13.16
CA SER P 65 53.55 -62.23 -13.54
C SER P 65 53.88 -62.31 -15.03
N TYR P 66 53.53 -61.26 -15.76
CA TYR P 66 53.73 -61.22 -17.20
C TYR P 66 54.90 -60.33 -17.59
N GLY P 67 54.92 -59.12 -17.03
CA GLY P 67 55.92 -58.14 -17.39
C GLY P 67 57.14 -58.19 -16.49
N VAL P 68 56.96 -58.77 -15.31
CA VAL P 68 58.00 -58.83 -14.29
C VAL P 68 58.53 -57.42 -14.02
N LYS P 69 59.70 -57.10 -14.56
CA LYS P 69 60.26 -55.76 -14.47
C LYS P 69 59.43 -54.80 -15.32
N GLY P 70 58.94 -55.30 -16.44
CA GLY P 70 58.09 -54.53 -17.32
C GLY P 70 58.80 -53.34 -17.92
N ASP P 71 58.32 -52.14 -17.58
CA ASP P 71 58.88 -50.87 -18.03
C ASP P 71 58.91 -50.76 -19.55
N GLY P 72 58.15 -51.64 -20.21
CA GLY P 72 57.97 -51.64 -21.64
C GLY P 72 56.59 -52.22 -21.94
N GLN P 73 55.87 -52.50 -20.87
CA GLN P 73 54.52 -53.04 -20.93
C GLN P 73 53.62 -52.32 -19.93
N PRO P 74 52.28 -52.38 -20.14
CA PRO P 74 51.36 -51.76 -19.19
C PRO P 74 51.58 -52.24 -17.75
N ASP P 75 51.45 -51.32 -16.79
CA ASP P 75 51.73 -51.62 -15.40
C ASP P 75 50.85 -52.75 -14.88
N PHE P 76 49.55 -52.65 -15.15
CA PHE P 76 48.63 -53.71 -14.78
C PHE P 76 47.68 -53.99 -15.95
N VAL P 77 47.08 -55.17 -15.94
CA VAL P 77 46.11 -55.54 -16.97
C VAL P 77 44.81 -55.97 -16.33
N ILE P 78 43.73 -55.25 -16.64
CA ILE P 78 42.43 -55.60 -16.10
C ILE P 78 42.02 -56.98 -16.58
N LEU P 79 41.64 -57.84 -15.64
CA LEU P 79 41.20 -59.18 -15.97
C LEU P 79 39.79 -59.17 -16.55
N THR P 80 39.65 -59.75 -17.74
CA THR P 80 38.34 -59.85 -18.39
C THR P 80 37.60 -61.09 -17.91
N VAL P 81 36.28 -61.08 -18.10
CA VAL P 81 35.43 -62.20 -17.72
C VAL P 81 35.82 -63.43 -18.53
N GLY P 82 35.94 -64.57 -17.85
CA GLY P 82 36.25 -65.82 -18.52
C GLY P 82 37.56 -66.45 -18.05
N HIS P 83 38.27 -65.73 -17.18
CA HIS P 83 39.52 -66.25 -16.66
C HIS P 83 39.45 -66.37 -15.14
N GLN P 84 39.76 -67.57 -14.64
CA GLN P 84 39.71 -67.85 -13.21
C GLN P 84 41.06 -67.60 -12.55
N ILE P 85 41.05 -66.76 -11.53
CA ILE P 85 42.26 -66.49 -10.74
C ILE P 85 42.02 -66.92 -9.30
N TRP P 86 42.98 -67.64 -8.74
CA TRP P 86 42.88 -68.02 -7.34
C TRP P 86 42.71 -66.77 -6.48
N MET P 87 41.80 -66.84 -5.52
CA MET P 87 41.58 -65.76 -4.57
C MET P 87 41.37 -66.32 -3.17
N PRO P 88 41.75 -65.53 -2.14
CA PRO P 88 41.50 -65.89 -0.75
C PRO P 88 40.03 -66.14 -0.48
N ASP P 89 39.67 -67.33 0.00
CA ASP P 89 38.28 -67.61 0.26
C ASP P 89 37.81 -66.81 1.47
N THR P 90 37.65 -65.52 1.26
CA THR P 90 37.19 -64.60 2.28
C THR P 90 35.70 -64.72 2.57
N PHE P 91 35.33 -64.70 3.85
CA PHE P 91 33.94 -64.69 4.27
C PHE P 91 33.80 -63.82 5.50
N PHE P 92 32.58 -63.39 5.80
CA PHE P 92 32.33 -62.62 7.01
C PHE P 92 31.71 -63.51 8.10
N PRO P 93 32.44 -63.76 9.19
CA PRO P 93 31.96 -64.64 10.24
C PRO P 93 30.68 -64.16 10.92
N ASN P 94 30.57 -62.85 11.10
CA ASN P 94 29.45 -62.29 11.87
C ASN P 94 28.29 -61.87 10.98
N GLU P 95 28.42 -62.15 9.68
CA GLU P 95 27.38 -61.83 8.71
C GLU P 95 26.12 -62.63 8.97
N LYS P 96 24.97 -61.99 8.82
CA LYS P 96 23.68 -62.60 9.12
C LYS P 96 22.64 -62.14 8.12
N GLN P 97 21.60 -62.96 7.92
CA GLN P 97 20.44 -62.57 7.14
C GLN P 97 20.88 -62.00 5.82
N ALA P 98 21.72 -62.74 5.11
CA ALA P 98 22.35 -62.16 3.94
C ALA P 98 22.10 -62.93 2.66
N TYR P 99 21.60 -62.20 1.67
CA TYR P 99 21.46 -62.68 0.31
C TYR P 99 22.38 -61.86 -0.59
N LYS P 100 23.10 -62.54 -1.48
CA LYS P 100 24.10 -61.90 -2.30
C LYS P 100 23.71 -61.73 -3.77
N HIS P 101 23.80 -60.48 -4.23
CA HIS P 101 23.56 -60.11 -5.62
C HIS P 101 24.53 -60.82 -6.55
N THR P 102 24.20 -60.85 -7.84
CA THR P 102 24.95 -61.60 -8.84
C THR P 102 24.96 -63.10 -8.51
N PRO P 106 28.22 -57.42 -12.74
CA PRO P 106 28.65 -57.60 -11.36
C PRO P 106 29.60 -56.50 -10.89
N ASN P 107 29.50 -56.11 -9.63
CA ASN P 107 30.37 -55.07 -9.10
C ASN P 107 31.70 -55.63 -8.59
N VAL P 108 32.56 -56.07 -9.50
CA VAL P 108 33.88 -56.61 -9.17
C VAL P 108 34.99 -56.07 -10.08
N LEU P 109 36.20 -55.97 -9.54
CA LEU P 109 37.34 -55.49 -10.31
C LEU P 109 38.63 -56.22 -9.93
N ILE P 110 39.26 -56.85 -10.92
CA ILE P 110 40.50 -57.60 -10.67
C ILE P 110 41.65 -57.12 -11.54
N ARG P 111 42.70 -56.63 -10.90
CA ARG P 111 43.88 -56.16 -11.60
C ARG P 111 45.05 -57.09 -11.38
N ILE P 112 45.78 -57.37 -12.46
CA ILE P 112 47.02 -58.14 -12.36
C ILE P 112 48.22 -57.28 -12.72
N HIS P 113 48.92 -56.79 -11.72
CA HIS P 113 50.13 -56.02 -11.95
C HIS P 113 51.20 -56.93 -12.55
N ASN P 114 52.18 -56.33 -13.19
CA ASN P 114 53.23 -57.05 -13.90
C ASN P 114 54.08 -57.97 -13.02
N ASP P 115 54.30 -57.57 -11.78
CA ASP P 115 55.13 -58.36 -10.86
C ASP P 115 54.37 -59.57 -10.31
N GLY P 116 53.06 -59.60 -10.52
CA GLY P 116 52.25 -60.70 -10.01
C GLY P 116 51.35 -60.28 -8.86
N THR P 117 51.35 -59.00 -8.54
CA THR P 117 50.48 -58.46 -7.49
C THR P 117 49.05 -58.36 -8.00
N VAL P 118 48.11 -58.92 -7.24
CA VAL P 118 46.70 -58.89 -7.64
C VAL P 118 45.91 -57.93 -6.77
N LEU P 119 45.08 -57.10 -7.38
CA LEU P 119 44.15 -56.25 -6.64
C LEU P 119 42.72 -56.70 -6.87
N TYR P 120 41.99 -56.95 -5.78
CA TYR P 120 40.61 -57.42 -5.86
C TYR P 120 39.71 -56.39 -5.21
N SER P 121 38.70 -55.93 -5.95
CA SER P 121 37.77 -54.94 -5.42
C SER P 121 36.35 -55.45 -5.54
N VAL P 122 35.56 -55.28 -4.49
CA VAL P 122 34.20 -55.82 -4.47
C VAL P 122 33.23 -54.96 -3.66
N ARG P 123 31.98 -54.89 -4.10
CA ARG P 123 30.96 -54.16 -3.37
C ARG P 123 29.98 -55.14 -2.73
N ILE P 124 29.77 -55.01 -1.43
CA ILE P 124 28.87 -55.93 -0.73
C ILE P 124 27.98 -55.20 0.27
N SER P 125 26.72 -55.64 0.36
CA SER P 125 25.81 -55.20 1.40
C SER P 125 25.66 -56.32 2.43
N LEU P 126 25.94 -56.01 3.69
CA LEU P 126 25.97 -57.03 4.73
C LEU P 126 25.06 -56.67 5.89
N VAL P 127 24.48 -57.69 6.50
CA VAL P 127 23.84 -57.51 7.79
C VAL P 127 24.68 -58.25 8.84
N LEU P 128 25.15 -57.53 9.84
CA LEU P 128 26.07 -58.08 10.81
C LEU P 128 25.48 -58.03 12.22
N SER P 129 25.56 -59.15 12.94
CA SER P 129 25.04 -59.22 14.30
C SER P 129 25.83 -58.30 15.22
N CYS P 130 25.12 -57.52 16.03
CA CYS P 130 25.80 -56.60 16.91
C CYS P 130 25.23 -56.66 18.33
N PRO P 131 25.84 -57.44 19.21
CA PRO P 131 25.39 -57.50 20.60
C PRO P 131 25.46 -56.11 21.24
N MET P 132 24.34 -55.60 21.71
CA MET P 132 24.32 -54.27 22.33
C MET P 132 23.92 -54.31 23.80
N TYR P 133 24.45 -53.37 24.58
CA TYR P 133 24.24 -53.39 26.02
C TYR P 133 23.61 -52.06 26.44
N LEU P 134 22.40 -52.13 27.00
CA LEU P 134 21.59 -50.94 27.30
C LEU P 134 21.33 -50.67 28.78
N GLN P 135 22.37 -50.94 29.55
CA GLN P 135 22.35 -50.66 30.99
C GLN P 135 22.20 -49.16 31.14
N TYR P 136 22.96 -48.45 30.31
CA TYR P 136 22.94 -47.00 30.30
C TYR P 136 22.01 -46.53 29.20
N TYR P 137 20.79 -46.16 29.53
CA TYR P 137 19.89 -45.62 28.53
C TYR P 137 19.43 -44.24 28.96
N PRO P 138 19.46 -43.29 28.02
CA PRO P 138 19.91 -43.54 26.65
C PRO P 138 21.36 -43.15 26.45
N MET P 139 22.02 -42.81 27.54
CA MET P 139 23.38 -42.33 27.45
C MET P 139 24.37 -43.47 27.44
N ASP P 140 24.29 -44.33 26.42
CA ASP P 140 25.21 -45.45 26.29
C ASP P 140 26.18 -45.29 25.15
N VAL P 141 26.87 -46.39 24.85
CA VAL P 141 27.77 -46.44 23.70
C VAL P 141 27.93 -47.87 23.24
N GLN P 142 27.76 -48.08 21.94
CA GLN P 142 27.84 -49.40 21.36
C GLN P 142 29.02 -49.51 20.42
N GLN P 143 29.53 -50.73 20.28
CA GLN P 143 30.62 -51.00 19.37
C GLN P 143 30.25 -52.16 18.44
N CYS P 144 30.02 -51.85 17.17
CA CYS P 144 29.75 -52.88 16.16
C CYS P 144 31.00 -53.19 15.35
N SER P 145 31.09 -54.44 14.89
CA SER P 145 32.30 -54.88 14.20
C SER P 145 31.99 -55.56 12.89
N ILE P 146 32.97 -55.62 12.01
CA ILE P 146 32.89 -56.43 10.80
C ILE P 146 34.08 -57.37 10.76
N ASP P 147 33.84 -58.64 11.04
CA ASP P 147 34.91 -59.63 11.06
C ASP P 147 35.16 -60.14 9.65
N LEU P 148 36.38 -60.57 9.38
CA LEU P 148 36.80 -60.98 8.04
C LEU P 148 37.85 -62.08 8.13
N ALA P 149 37.65 -63.20 7.47
CA ALA P 149 38.60 -64.31 7.60
C ALA P 149 38.51 -65.28 6.43
N SER P 150 39.42 -66.25 6.38
CA SER P 150 39.32 -67.32 5.38
C SER P 150 38.54 -68.48 5.96
N TYR P 151 37.87 -69.24 5.10
CA TYR P 151 37.06 -70.33 5.61
C TYR P 151 37.82 -71.65 5.56
N ALA P 152 38.38 -71.97 4.39
CA ALA P 152 39.00 -73.28 4.20
C ALA P 152 40.48 -73.25 4.54
N TYR P 153 41.18 -72.19 4.14
CA TYR P 153 42.62 -72.12 4.35
C TYR P 153 42.94 -71.69 5.78
N THR P 154 43.86 -72.41 6.40
CA THR P 154 44.29 -72.15 7.77
C THR P 154 45.43 -71.15 7.81
N THR P 155 46.15 -71.10 8.93
CA THR P 155 47.23 -70.14 9.12
C THR P 155 48.51 -70.50 8.37
N LYS P 156 48.60 -71.72 7.86
CA LYS P 156 49.81 -72.15 7.19
C LYS P 156 49.79 -71.72 5.73
N ASP P 157 48.60 -71.45 5.21
CA ASP P 157 48.44 -71.15 3.79
C ASP P 157 48.15 -69.67 3.54
N ILE P 158 47.42 -69.04 4.46
CA ILE P 158 46.97 -67.67 4.25
C ILE P 158 46.88 -66.90 5.56
N GLU P 159 47.29 -65.64 5.53
CA GLU P 159 47.23 -64.76 6.68
C GLU P 159 46.92 -63.34 6.29
N TYR P 160 45.90 -62.77 6.92
CA TYR P 160 45.45 -61.43 6.60
C TYR P 160 46.20 -60.38 7.42
N LEU P 161 46.46 -59.25 6.78
CA LEU P 161 47.10 -58.11 7.44
C LEU P 161 46.47 -56.82 6.97
N TRP P 162 46.09 -55.95 7.90
CA TRP P 162 45.56 -54.66 7.53
C TRP P 162 46.59 -53.90 6.72
N LYS P 163 46.11 -53.21 5.69
CA LYS P 163 46.97 -52.38 4.87
C LYS P 163 47.67 -51.40 5.80
N GLU P 164 48.88 -51.01 5.43
CA GLU P 164 49.71 -50.20 6.31
C GLU P 164 49.11 -48.82 6.58
N HIS P 165 48.49 -48.24 5.56
CA HIS P 165 47.96 -46.89 5.67
C HIS P 165 46.47 -46.82 5.37
N SER P 166 45.74 -46.14 6.25
CA SER P 166 44.29 -45.99 6.14
C SER P 166 43.58 -47.30 5.82
N PRO P 167 43.69 -48.30 6.71
CA PRO P 167 43.09 -49.60 6.43
C PRO P 167 41.58 -49.46 6.29
N LEU P 168 41.02 -48.60 7.13
CA LEU P 168 39.60 -48.30 7.11
C LEU P 168 39.37 -46.89 6.59
N GLN P 169 38.53 -46.77 5.57
CA GLN P 169 38.19 -45.47 5.03
C GLN P 169 36.68 -45.31 5.04
N LEU P 170 36.20 -44.09 5.25
CA LEU P 170 34.77 -43.88 5.39
C LEU P 170 34.27 -42.86 4.39
N LYS P 171 33.03 -43.04 3.94
CA LYS P 171 32.43 -42.12 2.97
C LYS P 171 32.33 -40.75 3.59
N VAL P 172 32.13 -39.76 2.74
CA VAL P 172 32.27 -38.37 3.13
C VAL P 172 31.49 -37.98 4.38
N GLY P 173 30.19 -38.27 4.41
CA GLY P 173 29.39 -37.82 5.53
C GLY P 173 28.78 -38.91 6.39
N LEU P 174 29.53 -40.00 6.57
CA LEU P 174 29.01 -41.15 7.30
C LEU P 174 28.60 -40.79 8.73
N SER P 175 29.37 -39.97 9.43
CA SER P 175 29.05 -39.61 10.81
C SER P 175 27.67 -38.95 10.93
N SER P 176 27.33 -38.17 9.92
CA SER P 176 26.04 -37.51 9.85
C SER P 176 24.93 -38.44 9.35
N SER P 177 25.31 -39.37 8.46
CA SER P 177 24.35 -40.22 7.75
C SER P 177 23.53 -41.11 8.70
N LEU P 178 24.13 -41.51 9.82
CA LEU P 178 23.44 -42.41 10.75
C LEU P 178 22.21 -41.72 11.34
N PRO P 179 21.10 -42.47 11.40
CA PRO P 179 19.77 -42.04 11.85
C PRO P 179 19.64 -41.80 13.35
N SER P 180 20.16 -42.71 14.16
CA SER P 180 19.90 -42.69 15.59
C SER P 180 21.14 -42.64 16.49
N PHE P 181 22.32 -42.80 15.90
CA PHE P 181 23.57 -42.82 16.65
C PHE P 181 24.55 -41.87 16.03
N GLN P 182 25.60 -41.55 16.76
CA GLN P 182 26.66 -40.71 16.25
C GLN P 182 27.96 -41.48 16.30
N LEU P 183 28.66 -41.56 15.17
CA LEU P 183 29.86 -42.35 15.11
C LEU P 183 31.03 -41.57 15.69
N THR P 184 31.59 -42.08 16.79
CA THR P 184 32.68 -41.39 17.46
C THR P 184 34.04 -41.88 16.99
N ASN P 185 34.18 -43.19 16.87
CA ASN P 185 35.49 -43.78 16.65
C ASN P 185 35.45 -44.96 15.69
N THR P 186 36.56 -45.17 15.01
CA THR P 186 36.75 -46.34 14.18
C THR P 186 38.06 -47.02 14.61
N SER P 187 38.18 -48.30 14.30
CA SER P 187 39.31 -49.07 14.80
C SER P 187 39.59 -50.31 13.96
N THR P 188 40.82 -50.45 13.49
CA THR P 188 41.20 -51.64 12.76
C THR P 188 42.06 -52.53 13.65
N THR P 189 41.53 -53.70 14.01
CA THR P 189 42.29 -54.61 14.86
C THR P 189 42.35 -55.99 14.25
N TYR P 190 42.98 -56.91 14.96
CA TYR P 190 43.04 -58.30 14.53
C TYR P 190 42.16 -59.11 15.47
N CYS P 191 41.57 -60.18 14.96
CA CYS P 191 40.74 -61.05 15.78
C CYS P 191 41.02 -62.52 15.46
N THR P 192 42.21 -62.78 14.93
CA THR P 192 42.66 -64.13 14.62
C THR P 192 42.47 -65.04 15.82
N SER P 193 41.74 -66.14 15.65
CA SER P 193 41.53 -67.00 16.81
C SER P 193 41.77 -68.49 16.52
N VAL P 194 41.70 -69.28 17.59
CA VAL P 194 42.01 -70.70 17.52
C VAL P 194 40.75 -71.49 17.77
N THR P 195 40.31 -72.22 16.75
CA THR P 195 39.12 -73.03 16.86
C THR P 195 39.45 -74.51 16.78
N ASN P 196 38.44 -75.33 16.99
CA ASN P 196 38.60 -76.77 16.98
C ASN P 196 39.15 -77.30 15.67
N THR P 197 38.88 -76.57 14.59
CA THR P 197 39.36 -76.95 13.26
C THR P 197 40.76 -76.42 12.98
N GLY P 198 41.15 -75.36 13.68
CA GLY P 198 42.49 -74.82 13.53
C GLY P 198 42.61 -73.34 13.87
N ILE P 199 43.71 -72.75 13.43
CA ILE P 199 44.01 -71.33 13.66
C ILE P 199 43.81 -70.53 12.39
N TYR P 200 42.78 -69.68 12.35
CA TYR P 200 42.49 -68.92 11.15
C TYR P 200 42.73 -67.43 11.33
N SER P 201 43.45 -66.83 10.38
CA SER P 201 43.75 -65.40 10.44
C SER P 201 42.44 -64.65 10.25
N CYS P 202 42.31 -63.51 10.92
CA CYS P 202 41.07 -62.74 10.90
C CYS P 202 41.30 -61.26 11.17
N LEU P 203 40.63 -60.40 10.41
CA LEU P 203 40.71 -58.96 10.60
C LEU P 203 39.38 -58.46 11.12
N ARG P 204 39.41 -57.52 12.04
CA ARG P 204 38.17 -56.95 12.55
C ARG P 204 38.18 -55.44 12.50
N THR P 205 37.24 -54.87 11.76
CA THR P 205 37.05 -53.43 11.78
C THR P 205 35.89 -53.11 12.72
N THR P 206 35.99 -51.99 13.42
CA THR P 206 35.04 -51.65 14.48
C THR P 206 34.67 -50.16 14.46
N ILE P 207 33.40 -49.88 14.65
CA ILE P 207 32.91 -48.51 14.78
C ILE P 207 32.26 -48.30 16.14
N GLN P 208 32.35 -47.07 16.66
CA GLN P 208 31.83 -46.77 17.99
C GLN P 208 30.69 -45.75 17.91
N LEU P 209 29.49 -46.18 18.31
CA LEU P 209 28.31 -45.32 18.23
C LEU P 209 27.83 -44.93 19.61
N LYS P 210 27.74 -43.62 19.85
CA LYS P 210 27.10 -43.11 21.06
C LYS P 210 26.04 -42.10 20.66
N ARG P 211 25.03 -41.92 21.49
CA ARG P 211 23.87 -41.08 21.14
C ARG P 211 24.04 -39.66 21.63
N GLU P 212 23.32 -38.76 21.00
CA GLU P 212 23.33 -37.36 21.40
C GLU P 212 22.58 -37.19 22.71
N PHE P 213 23.30 -36.81 23.74
CA PHE P 213 22.68 -36.61 25.03
C PHE P 213 21.66 -35.48 24.96
N SER P 214 21.96 -34.50 24.12
CA SER P 214 21.13 -33.31 23.98
C SER P 214 19.66 -33.60 23.74
N PHE P 215 19.42 -34.45 22.75
CA PHE P 215 18.06 -34.78 22.35
C PHE P 215 17.29 -35.35 23.51
N TYR P 216 17.83 -36.44 24.04
CA TYR P 216 17.19 -37.19 25.08
C TYR P 216 17.03 -36.38 26.35
N LEU P 217 17.85 -35.36 26.49
CA LEU P 217 17.75 -34.48 27.64
C LEU P 217 16.49 -33.65 27.54
N LEU P 218 16.29 -33.08 26.36
CA LEU P 218 15.17 -32.18 26.12
C LEU P 218 13.85 -32.94 26.03
N GLN P 219 13.90 -34.16 25.51
CA GLN P 219 12.69 -34.93 25.24
C GLN P 219 12.16 -35.67 26.47
N LEU P 220 13.08 -36.17 27.31
CA LEU P 220 12.70 -37.04 28.42
C LEU P 220 12.95 -36.41 29.79
N TYR P 221 14.18 -35.96 30.02
CA TYR P 221 14.59 -35.56 31.37
C TYR P 221 13.97 -34.24 31.84
N ILE P 222 14.21 -33.17 31.09
CA ILE P 222 13.68 -31.86 31.43
C ILE P 222 12.16 -31.83 31.69
N PRO P 223 11.33 -32.53 30.88
CA PRO P 223 9.89 -32.48 31.16
C PRO P 223 9.52 -32.94 32.56
N SER P 224 10.09 -34.06 32.99
CA SER P 224 9.75 -34.63 34.29
C SER P 224 10.30 -33.78 35.43
N CYS P 225 11.44 -33.13 35.19
CA CYS P 225 12.00 -32.24 36.18
C CYS P 225 11.00 -31.16 36.53
N MET P 226 10.30 -30.70 35.51
CA MET P 226 9.27 -29.71 35.69
C MET P 226 8.11 -30.27 36.52
N LEU P 227 7.80 -31.54 36.29
CA LEU P 227 6.68 -32.19 36.97
C LEU P 227 6.98 -32.42 38.45
N VAL P 228 8.21 -32.82 38.74
CA VAL P 228 8.59 -33.04 40.13
C VAL P 228 8.55 -31.72 40.87
N ILE P 229 9.04 -30.67 40.22
CA ILE P 229 9.03 -29.32 40.79
C ILE P 229 7.61 -28.86 41.08
N VAL P 230 6.70 -29.16 40.16
CA VAL P 230 5.29 -28.81 40.35
C VAL P 230 4.72 -29.52 41.59
N SER P 231 5.13 -30.77 41.80
CA SER P 231 4.62 -31.54 42.93
C SER P 231 4.99 -30.92 44.27
N TRP P 232 5.99 -30.05 44.28
CA TRP P 232 6.49 -29.46 45.51
C TRP P 232 5.67 -28.25 45.95
N VAL P 233 5.06 -27.56 45.01
CA VAL P 233 4.40 -26.29 45.32
C VAL P 233 3.12 -26.46 46.13
N SER P 234 2.72 -27.70 46.34
CA SER P 234 1.59 -27.97 47.20
C SER P 234 2.03 -27.85 48.65
N PHE P 235 3.35 -27.87 48.87
CA PHE P 235 3.89 -27.72 50.21
C PHE P 235 3.77 -26.27 50.66
N TRP P 236 3.84 -25.36 49.70
CA TRP P 236 3.81 -23.93 50.00
C TRP P 236 2.39 -23.39 50.11
N PHE P 237 1.41 -24.27 49.95
CA PHE P 237 0.01 -23.93 50.23
C PHE P 237 -0.38 -24.39 51.65
N ASP P 238 -1.22 -23.63 52.33
CA ASP P 238 -1.62 -23.98 53.69
C ASP P 238 -2.47 -25.24 53.71
N ARG P 239 -2.69 -25.77 54.91
CA ARG P 239 -3.43 -27.01 55.06
C ARG P 239 -4.91 -26.84 54.73
N THR P 240 -5.43 -25.63 54.91
CA THR P 240 -6.86 -25.39 54.79
C THR P 240 -7.37 -25.50 53.37
N ALA P 241 -6.54 -25.12 52.41
CA ALA P 241 -6.92 -25.18 51.00
C ALA P 241 -6.86 -26.61 50.46
N ILE P 242 -7.86 -27.40 50.83
CA ILE P 242 -7.97 -28.79 50.40
C ILE P 242 -8.12 -28.94 48.86
N PRO P 243 -9.01 -28.17 48.21
CA PRO P 243 -9.12 -28.37 46.76
C PRO P 243 -7.83 -28.07 46.02
N ALA P 244 -7.03 -27.15 46.58
CA ALA P 244 -5.78 -26.75 45.96
C ALA P 244 -4.80 -27.91 45.90
N ARG P 245 -4.48 -28.46 47.08
CA ARG P 245 -3.41 -29.45 47.19
C ARG P 245 -3.85 -30.83 46.72
N VAL P 246 -5.14 -31.13 46.79
CA VAL P 246 -5.64 -32.38 46.25
C VAL P 246 -5.48 -32.39 44.74
N THR P 247 -5.98 -31.33 44.10
CA THR P 247 -5.91 -31.20 42.64
C THR P 247 -4.47 -31.21 42.13
N LEU P 248 -3.61 -30.44 42.79
CA LEU P 248 -2.19 -30.42 42.45
C LEU P 248 -1.56 -31.79 42.51
N GLY P 249 -1.82 -32.51 43.60
CA GLY P 249 -1.22 -33.81 43.81
C GLY P 249 -1.65 -34.90 42.86
N VAL P 250 -2.96 -34.97 42.60
CA VAL P 250 -3.53 -36.04 41.77
C VAL P 250 -3.30 -35.81 40.28
N THR P 251 -3.26 -34.53 39.90
CA THR P 251 -3.06 -34.16 38.51
C THR P 251 -1.63 -34.45 38.10
N THR P 252 -0.70 -34.04 38.95
CA THR P 252 0.73 -34.25 38.71
C THR P 252 1.03 -35.73 38.55
N LEU P 253 0.38 -36.56 39.35
CA LEU P 253 0.58 -38.01 39.26
C LEU P 253 -0.02 -38.52 37.97
N LEU P 254 -1.19 -38.00 37.60
CA LEU P 254 -1.82 -38.39 36.35
C LEU P 254 -0.92 -37.97 35.19
N THR P 255 -0.41 -36.76 35.26
CA THR P 255 0.46 -36.22 34.23
C THR P 255 1.70 -37.08 34.11
N MET P 256 2.26 -37.48 35.24
CA MET P 256 3.46 -38.29 35.23
C MET P 256 3.19 -39.64 34.58
N THR P 257 2.01 -40.21 34.82
CA THR P 257 1.67 -41.50 34.22
C THR P 257 1.59 -41.39 32.71
N ALA P 258 1.06 -40.26 32.23
CA ALA P 258 0.96 -39.99 30.81
C ALA P 258 2.35 -39.75 30.23
N GLN P 259 3.12 -38.91 30.90
CA GLN P 259 4.49 -38.63 30.49
C GLN P 259 5.25 -39.93 30.34
N SER P 260 5.12 -40.81 31.33
CA SER P 260 5.79 -42.10 31.32
C SER P 260 5.27 -43.01 30.21
N ALA P 261 3.99 -42.86 29.89
CA ALA P 261 3.40 -43.68 28.83
C ALA P 261 3.96 -43.31 27.48
N GLY P 262 4.07 -42.01 27.22
CA GLY P 262 4.61 -41.54 25.96
C GLY P 262 6.06 -41.92 25.79
N ILE P 263 6.81 -41.87 26.89
CA ILE P 263 8.20 -42.26 26.85
C ILE P 263 8.30 -43.77 26.65
N ASN P 264 7.57 -44.51 27.47
CA ASN P 264 7.62 -45.96 27.43
C ASN P 264 7.28 -46.55 26.07
N SER P 265 6.43 -45.84 25.32
CA SER P 265 5.99 -46.35 24.03
C SER P 265 6.88 -45.84 22.89
N GLN P 266 8.16 -45.70 23.15
CA GLN P 266 9.10 -45.34 22.09
C GLN P 266 10.48 -45.90 22.40
N LEU P 267 10.68 -46.29 23.65
CA LEU P 267 11.88 -47.03 24.03
C LEU P 267 11.86 -48.36 23.30
N PRO P 268 13.02 -48.77 22.77
CA PRO P 268 13.12 -50.05 22.07
C PRO P 268 12.75 -51.20 23.00
N PRO P 269 11.98 -52.20 22.52
CA PRO P 269 11.60 -53.27 23.46
C PRO P 269 12.78 -54.01 24.04
N VAL P 270 12.94 -53.95 25.35
CA VAL P 270 13.95 -54.74 26.06
C VAL P 270 13.37 -55.21 27.37
N SER P 271 13.93 -56.26 27.92
CA SER P 271 13.37 -56.80 29.13
C SER P 271 14.32 -56.66 30.31
N TYR P 272 15.25 -55.71 30.23
CA TYR P 272 16.06 -55.39 31.39
C TYR P 272 16.00 -53.90 31.68
N ILE P 273 16.19 -53.58 32.95
CA ILE P 273 16.03 -52.22 33.42
C ILE P 273 17.05 -51.29 32.81
N LYS P 274 16.57 -50.39 31.97
CA LYS P 274 17.43 -49.38 31.36
C LYS P 274 17.57 -48.24 32.37
N ALA P 275 18.51 -47.33 32.13
CA ALA P 275 18.74 -46.20 33.04
C ALA P 275 17.56 -45.23 33.05
N ILE P 276 16.98 -44.94 31.88
CA ILE P 276 15.85 -44.02 31.82
C ILE P 276 14.68 -44.58 32.61
N ASP P 277 14.54 -45.90 32.61
CA ASP P 277 13.43 -46.55 33.28
C ASP P 277 13.51 -46.33 34.79
N VAL P 278 14.74 -46.31 35.30
CA VAL P 278 15.01 -45.97 36.70
C VAL P 278 14.58 -44.55 36.99
N TRP P 279 14.98 -43.65 36.10
CA TRP P 279 14.74 -42.22 36.26
C TRP P 279 13.25 -41.88 36.13
N ILE P 280 12.50 -42.74 35.43
CA ILE P 280 11.06 -42.56 35.35
C ILE P 280 10.44 -42.99 36.68
N GLY P 281 10.81 -44.18 37.13
CA GLY P 281 10.28 -44.73 38.37
C GLY P 281 10.59 -43.89 39.59
N ALA P 282 11.68 -43.14 39.51
CA ALA P 282 12.07 -42.24 40.57
C ALA P 282 11.09 -41.07 40.66
N CYS P 283 10.90 -40.40 39.53
CA CYS P 283 9.99 -39.28 39.45
C CYS P 283 8.57 -39.70 39.80
N MET P 284 8.23 -40.93 39.43
CA MET P 284 6.93 -41.50 39.78
C MET P 284 6.79 -41.62 41.29
N THR P 285 7.90 -41.84 41.96
CA THR P 285 7.89 -42.00 43.41
C THR P 285 7.83 -40.66 44.10
N PHE P 286 8.59 -39.70 43.58
CA PHE P 286 8.65 -38.38 44.20
C PHE P 286 7.33 -37.64 44.14
N ILE P 287 6.49 -38.03 43.20
CA ILE P 287 5.18 -37.43 43.10
C ILE P 287 4.18 -38.22 43.93
N PHE P 288 4.38 -39.53 43.99
CA PHE P 288 3.55 -40.37 44.85
C PHE P 288 3.74 -39.98 46.31
N CYS P 289 4.96 -39.57 46.66
CA CYS P 289 5.26 -39.14 48.02
C CYS P 289 4.75 -37.74 48.28
N ALA P 290 4.74 -36.91 47.24
CA ALA P 290 4.24 -35.55 47.37
C ALA P 290 2.74 -35.59 47.67
N LEU P 291 2.03 -36.39 46.89
CA LEU P 291 0.59 -36.56 47.08
C LEU P 291 0.33 -37.27 48.40
N LEU P 292 1.31 -38.05 48.85
CA LEU P 292 1.16 -38.78 50.09
C LEU P 292 1.40 -37.83 51.26
N GLU P 293 2.29 -36.86 51.07
CA GLU P 293 2.66 -35.93 52.14
C GLU P 293 1.47 -35.11 52.59
N PHE P 294 0.66 -34.65 51.63
CA PHE P 294 -0.51 -33.86 51.95
C PHE P 294 -1.51 -34.68 52.74
N ALA P 295 -1.58 -35.97 52.45
CA ALA P 295 -2.50 -36.86 53.15
C ALA P 295 -2.15 -36.93 54.64
N LEU P 296 -0.85 -36.88 54.94
CA LEU P 296 -0.39 -36.89 56.32
C LEU P 296 -0.74 -35.59 57.02
N VAL P 297 -0.54 -34.49 56.33
CA VAL P 297 -0.81 -33.18 56.89
C VAL P 297 -2.30 -33.01 57.20
N ASN P 298 -3.15 -33.42 56.26
CA ASN P 298 -4.58 -33.28 56.44
C ASN P 298 -5.08 -34.17 57.56
N HIS P 299 -4.43 -35.31 57.77
CA HIS P 299 -4.86 -36.25 58.79
C HIS P 299 -4.64 -35.70 60.18
N ILE P 300 -3.47 -35.10 60.40
CA ILE P 300 -3.09 -34.62 61.72
C ILE P 300 -3.60 -33.21 62.03
N ALA P 301 -4.01 -32.48 61.02
CA ALA P 301 -4.50 -31.13 61.23
C ALA P 301 -5.94 -31.17 61.69
N ASN P 302 -6.75 -31.94 60.97
CA ASN P 302 -8.16 -32.10 61.28
C ASN P 302 -8.38 -32.93 62.54
N ALA P 303 -7.39 -33.73 62.92
CA ALA P 303 -7.50 -34.56 64.13
C ALA P 303 -7.63 -33.79 65.44
N GLY P 304 -8.67 -34.15 66.19
CA GLY P 304 -9.03 -33.50 67.42
C GLY P 304 -8.12 -33.76 68.60
N THR P 305 -7.48 -32.70 69.10
CA THR P 305 -6.62 -32.85 70.26
C THR P 305 -6.80 -31.63 71.16
N THR P 306 -6.81 -31.85 72.46
CA THR P 306 -7.07 -30.76 73.37
C THR P 306 -5.89 -29.81 73.41
N GLU P 307 -4.69 -30.34 73.19
CA GLU P 307 -3.47 -29.53 73.18
C GLU P 307 -3.53 -28.72 71.90
N TRP P 308 -2.71 -27.66 71.82
CA TRP P 308 -2.67 -26.85 70.62
C TRP P 308 -2.02 -27.57 69.44
N ASN P 309 -1.07 -28.45 69.72
CA ASN P 309 -0.40 -29.22 68.67
C ASN P 309 0.35 -28.37 67.64
N ASP P 310 -0.26 -28.22 66.46
CA ASP P 310 0.30 -27.45 65.36
C ASP P 310 1.60 -28.11 64.84
N ILE P 311 1.74 -29.40 65.12
CA ILE P 311 2.86 -30.16 64.61
C ILE P 311 2.71 -30.32 63.09
N SER P 312 1.46 -30.31 62.65
CA SER P 312 1.06 -30.42 61.25
C SER P 312 1.72 -29.40 60.31
N LYS P 313 1.91 -28.19 60.80
CA LYS P 313 2.55 -27.12 60.03
C LYS P 313 4.05 -27.39 59.83
N ARG P 314 4.63 -28.10 60.79
CA ARG P 314 6.05 -28.47 60.75
C ARG P 314 6.36 -29.42 59.58
N VAL P 315 5.47 -30.40 59.38
CA VAL P 315 5.64 -31.35 58.29
C VAL P 315 5.73 -30.64 56.94
N ASP P 316 4.88 -29.64 56.75
CA ASP P 316 4.92 -28.84 55.53
C ASP P 316 6.25 -28.12 55.35
N LEU P 317 6.64 -27.38 56.39
CA LEU P 317 7.87 -26.60 56.37
C LEU P 317 9.10 -27.46 56.08
N ILE P 318 9.07 -28.69 56.57
CA ILE P 318 10.15 -29.62 56.32
C ILE P 318 10.17 -30.02 54.83
N SER P 319 9.03 -30.51 54.36
CA SER P 319 8.90 -30.98 52.97
C SER P 319 9.20 -29.90 51.95
N ARG P 320 8.95 -28.64 52.32
CA ARG P 320 9.23 -27.50 51.46
C ARG P 320 10.68 -27.49 51.04
N ALA P 321 11.53 -28.12 51.84
CA ALA P 321 12.93 -28.18 51.54
C ALA P 321 13.50 -29.59 51.65
N LEU P 322 12.71 -30.52 52.17
CA LEU P 322 13.19 -31.90 52.27
C LEU P 322 13.24 -32.56 50.89
N PHE P 323 12.11 -32.53 50.18
CA PHE P 323 12.01 -33.10 48.84
C PHE P 323 13.03 -32.58 47.81
N PRO P 324 13.23 -31.25 47.71
CA PRO P 324 14.24 -30.78 46.74
C PRO P 324 15.63 -31.27 47.08
N VAL P 325 15.91 -31.46 48.36
CA VAL P 325 17.20 -31.98 48.78
C VAL P 325 17.31 -33.44 48.39
N LEU P 326 16.33 -34.24 48.78
CA LEU P 326 16.35 -35.67 48.53
C LEU P 326 16.41 -35.98 47.03
N PHE P 327 15.72 -35.18 46.23
CA PHE P 327 15.77 -35.33 44.77
C PHE P 327 17.16 -35.00 44.26
N PHE P 328 17.75 -33.94 44.81
CA PHE P 328 19.08 -33.52 44.44
C PHE P 328 20.12 -34.55 44.86
N VAL P 329 19.84 -35.24 45.97
CA VAL P 329 20.70 -36.33 46.42
C VAL P 329 20.62 -37.44 45.39
N PHE P 330 19.40 -37.83 45.07
CA PHE P 330 19.17 -38.83 44.04
C PHE P 330 19.74 -38.40 42.70
N ASN P 331 19.54 -37.12 42.38
CA ASN P 331 20.08 -36.55 41.15
C ASN P 331 21.57 -36.85 41.04
N ILE P 332 22.29 -36.57 42.12
CA ILE P 332 23.73 -36.80 42.20
C ILE P 332 24.07 -38.27 42.05
N LEU P 333 23.39 -39.12 42.82
CA LEU P 333 23.61 -40.56 42.76
C LEU P 333 23.37 -41.11 41.38
N TYR P 334 22.29 -40.66 40.76
CA TYR P 334 21.88 -41.17 39.46
C TYR P 334 22.92 -40.94 38.38
N TRP P 335 23.23 -39.67 38.15
CA TRP P 335 24.13 -39.29 37.08
C TRP P 335 25.51 -39.86 37.31
N SER P 336 25.93 -39.92 38.57
CA SER P 336 27.23 -40.48 38.89
C SER P 336 27.26 -41.97 38.54
N ARG P 337 26.13 -42.64 38.72
CA ARG P 337 26.03 -44.06 38.43
C ARG P 337 26.06 -44.33 36.93
N PHE P 338 25.47 -43.41 36.16
CA PHE P 338 25.27 -43.61 34.74
C PHE P 338 26.06 -42.63 33.87
N GLY P 339 27.12 -42.05 34.43
CA GLY P 339 27.91 -41.09 33.67
C GLY P 339 29.16 -41.71 33.09
N HIS P 340 29.29 -43.02 33.30
CA HIS P 340 30.46 -43.77 32.84
C HIS P 340 30.59 -43.74 31.31
N SER Q 1 50.33 -82.39 -2.84
CA SER Q 1 50.18 -83.84 -2.73
C SER Q 1 48.76 -84.25 -2.33
N ASP Q 2 48.01 -83.30 -1.79
CA ASP Q 2 46.62 -83.57 -1.38
C ASP Q 2 45.72 -83.81 -2.58
N SER Q 3 46.03 -83.14 -3.68
CA SER Q 3 45.27 -83.28 -4.91
C SER Q 3 45.53 -84.64 -5.56
N LYS Q 4 46.65 -85.25 -5.19
CA LYS Q 4 47.01 -86.56 -5.73
C LYS Q 4 46.29 -87.68 -4.99
N ILE Q 5 45.96 -87.44 -3.73
CA ILE Q 5 45.25 -88.41 -2.90
C ILE Q 5 43.76 -88.38 -3.18
N LEU Q 6 43.21 -87.17 -3.31
CA LEU Q 6 41.81 -87.00 -3.66
C LEU Q 6 41.52 -87.59 -5.04
N ALA Q 7 42.52 -87.54 -5.91
CA ALA Q 7 42.42 -88.14 -7.22
C ALA Q 7 42.28 -89.66 -7.09
N HIS Q 8 43.13 -90.26 -6.28
CA HIS Q 8 43.17 -91.71 -6.10
C HIS Q 8 41.87 -92.29 -5.55
N LEU Q 9 41.15 -91.50 -4.76
CA LEU Q 9 39.92 -91.95 -4.13
C LEU Q 9 38.72 -91.96 -5.08
N PHE Q 10 38.52 -90.86 -5.78
CA PHE Q 10 37.35 -90.70 -6.63
C PHE Q 10 37.59 -91.21 -8.04
N THR Q 11 38.83 -91.50 -8.37
CA THR Q 11 39.14 -92.16 -9.63
C THR Q 11 38.64 -93.59 -9.56
N SER Q 12 38.27 -94.04 -8.36
CA SER Q 12 37.73 -95.37 -8.13
C SER Q 12 36.21 -95.44 -8.29
N GLY Q 13 35.63 -96.58 -7.92
CA GLY Q 13 34.20 -96.78 -8.04
C GLY Q 13 33.39 -96.29 -6.85
N TYR Q 14 33.45 -94.99 -6.61
CA TYR Q 14 32.71 -94.39 -5.50
C TYR Q 14 31.39 -93.80 -5.99
N ASP Q 15 30.30 -94.21 -5.37
CA ASP Q 15 28.99 -93.69 -5.73
C ASP Q 15 28.46 -92.86 -4.57
N PHE Q 16 28.31 -91.56 -4.81
CA PHE Q 16 27.90 -90.64 -3.75
C PHE Q 16 26.40 -90.77 -3.45
N ARG Q 17 25.71 -91.59 -4.23
CA ARG Q 17 24.29 -91.84 -4.00
C ARG Q 17 24.09 -93.11 -3.17
N VAL Q 18 25.18 -93.85 -2.96
CA VAL Q 18 25.11 -95.11 -2.25
C VAL Q 18 25.54 -94.98 -0.79
N ARG Q 19 24.69 -95.46 0.12
CA ARG Q 19 24.99 -95.47 1.55
C ARG Q 19 26.29 -96.22 1.83
N PRO Q 20 27.14 -95.68 2.73
CA PRO Q 20 28.41 -96.31 3.13
C PRO Q 20 28.24 -97.71 3.72
N PRO Q 21 29.21 -98.60 3.51
CA PRO Q 21 29.11 -100.00 3.96
C PRO Q 21 29.24 -100.15 5.48
N THR Q 22 28.52 -101.09 6.06
CA THR Q 22 28.65 -101.39 7.48
C THR Q 22 29.04 -102.85 7.64
N ASP Q 23 29.99 -103.10 8.54
CA ASP Q 23 30.52 -104.43 8.75
C ASP Q 23 29.47 -105.39 9.31
N ASN Q 24 28.49 -104.82 10.01
CA ASN Q 24 27.41 -105.60 10.60
C ASN Q 24 26.16 -105.55 9.73
N GLY Q 25 26.17 -104.64 8.75
CA GLY Q 25 25.02 -104.39 7.91
C GLY Q 25 24.10 -103.39 8.55
N GLY Q 26 24.49 -102.94 9.74
CA GLY Q 26 23.69 -102.02 10.53
C GLY Q 26 23.71 -100.60 10.00
N PRO Q 27 23.12 -99.68 10.76
CA PRO Q 27 23.01 -98.27 10.35
C PRO Q 27 24.36 -97.56 10.37
N VAL Q 28 24.40 -96.36 9.79
CA VAL Q 28 25.61 -95.55 9.78
C VAL Q 28 25.62 -94.58 10.94
N VAL Q 29 26.61 -94.71 11.81
CA VAL Q 29 26.69 -93.87 13.00
C VAL Q 29 27.10 -92.45 12.64
N VAL Q 30 26.27 -91.49 13.04
CA VAL Q 30 26.54 -90.08 12.75
C VAL Q 30 26.68 -89.26 14.04
N SER Q 31 27.92 -88.84 14.31
CA SER Q 31 28.20 -88.00 15.48
C SER Q 31 27.93 -86.53 15.16
N VAL Q 32 27.23 -85.85 16.07
CA VAL Q 32 26.82 -84.48 15.82
C VAL Q 32 27.27 -83.50 16.88
N ASN Q 33 28.10 -82.55 16.47
CA ASN Q 33 28.51 -81.47 17.33
C ASN Q 33 27.91 -80.16 16.83
N MET Q 34 27.24 -79.42 17.71
CA MET Q 34 26.53 -78.22 17.29
C MET Q 34 27.07 -76.98 18.00
N LEU Q 35 27.03 -75.86 17.30
CA LEU Q 35 27.55 -74.61 17.83
C LEU Q 35 26.63 -73.43 17.53
N LEU Q 36 25.98 -72.92 18.58
CA LEU Q 36 25.04 -71.80 18.43
C LEU Q 36 25.76 -70.47 18.30
N ARG Q 37 25.76 -69.91 17.09
CA ARG Q 37 26.39 -68.62 16.83
C ARG Q 37 25.57 -67.49 17.45
N THR Q 38 24.43 -67.19 16.85
CA THR Q 38 23.57 -66.11 17.36
C THR Q 38 22.09 -66.48 17.37
N ILE Q 39 21.37 -65.86 18.30
CA ILE Q 39 19.93 -66.01 18.40
C ILE Q 39 19.30 -64.63 18.46
N SER Q 40 18.25 -64.44 17.65
CA SER Q 40 17.58 -63.15 17.55
C SER Q 40 16.15 -63.31 17.05
N LYS Q 41 15.42 -62.19 16.97
CA LYS Q 41 14.05 -62.16 16.47
C LYS Q 41 13.15 -63.20 17.12
N ILE Q 42 13.06 -63.18 18.44
CA ILE Q 42 12.20 -64.15 19.09
C ILE Q 42 10.77 -63.64 19.04
N ASP Q 43 10.07 -64.05 18.00
CA ASP Q 43 8.74 -63.56 17.72
C ASP Q 43 7.68 -64.30 18.52
N VAL Q 44 7.10 -63.62 19.49
CA VAL Q 44 6.05 -64.20 20.31
C VAL Q 44 4.77 -64.35 19.49
N VAL Q 45 4.53 -63.41 18.59
CA VAL Q 45 3.32 -63.42 17.79
C VAL Q 45 3.31 -64.52 16.75
N ASN Q 46 4.31 -64.53 15.87
CA ASN Q 46 4.31 -65.49 14.77
C ASN Q 46 4.91 -66.83 15.17
N MET Q 47 5.19 -66.97 16.47
CA MET Q 47 5.72 -68.21 17.02
C MET Q 47 6.89 -68.77 16.24
N GLU Q 48 8.00 -68.04 16.27
CA GLU Q 48 9.21 -68.38 15.54
C GLU Q 48 10.38 -67.57 16.06
N TYR Q 49 11.60 -68.05 15.83
CA TYR Q 49 12.79 -67.30 16.20
C TYR Q 49 13.91 -67.59 15.23
N SER Q 50 14.69 -66.55 14.94
CA SER Q 50 15.81 -66.66 14.03
C SER Q 50 17.07 -67.05 14.79
N ALA Q 51 17.57 -68.25 14.52
CA ALA Q 51 18.80 -68.72 15.15
C ALA Q 51 19.83 -69.03 14.08
N GLN Q 52 21.08 -68.71 14.38
CA GLN Q 52 22.16 -68.94 13.43
C GLN Q 52 23.19 -69.87 14.06
N LEU Q 53 23.58 -70.94 13.36
CA LEU Q 53 24.42 -71.94 13.99
C LEU Q 53 25.47 -72.54 13.06
N THR Q 54 26.33 -73.38 13.64
CA THR Q 54 27.34 -74.13 12.91
C THR Q 54 27.27 -75.62 13.25
N LEU Q 55 26.92 -76.44 12.26
CA LEU Q 55 26.71 -77.86 12.50
C LEU Q 55 27.94 -78.67 12.10
N ARG Q 56 28.31 -79.63 12.94
CA ARG Q 56 29.42 -80.53 12.64
C ARG Q 56 28.97 -81.98 12.72
N GLU Q 57 29.00 -82.66 11.58
CA GLU Q 57 28.63 -84.07 11.52
C GLU Q 57 29.87 -84.92 11.31
N SER Q 58 29.84 -86.15 11.81
CA SER Q 58 30.98 -87.04 11.69
C SER Q 58 30.57 -88.51 11.57
N TRP Q 59 31.06 -89.14 10.51
CA TRP Q 59 30.79 -90.55 10.26
C TRP Q 59 32.01 -91.23 9.63
N ILE Q 60 31.93 -92.55 9.46
CA ILE Q 60 33.02 -93.32 8.87
C ILE Q 60 32.64 -93.97 7.54
N ASP Q 61 33.32 -93.54 6.48
CA ASP Q 61 33.12 -94.10 5.15
C ASP Q 61 34.41 -94.82 4.75
N LYS Q 62 34.43 -96.13 4.90
CA LYS Q 62 35.63 -96.92 4.65
C LYS Q 62 36.11 -96.81 3.21
N ARG Q 63 35.22 -96.43 2.31
CA ARG Q 63 35.55 -96.25 0.90
C ARG Q 63 36.58 -95.13 0.71
N LEU Q 64 36.47 -94.09 1.54
CA LEU Q 64 37.32 -92.92 1.41
C LEU Q 64 38.65 -93.05 2.14
N SER Q 65 38.87 -94.19 2.77
CA SER Q 65 40.11 -94.41 3.52
C SER Q 65 41.31 -94.52 2.60
N TYR Q 66 42.24 -93.57 2.72
CA TYR Q 66 43.41 -93.55 1.86
C TYR Q 66 44.67 -94.00 2.59
N GLY Q 67 44.89 -93.46 3.78
CA GLY Q 67 46.09 -93.73 4.53
C GLY Q 67 45.93 -94.90 5.48
N VAL Q 68 44.68 -95.22 5.83
CA VAL Q 68 44.37 -96.26 6.80
C VAL Q 68 45.13 -96.01 8.10
N LYS Q 69 46.22 -96.75 8.31
CA LYS Q 69 47.08 -96.53 9.45
C LYS Q 69 47.80 -95.20 9.28
N GLY Q 70 48.14 -94.88 8.03
CA GLY Q 70 48.80 -93.63 7.71
C GLY Q 70 50.17 -93.51 8.35
N ASP Q 71 50.33 -92.52 9.21
CA ASP Q 71 51.57 -92.30 9.96
C ASP Q 71 52.76 -92.07 9.03
N GLY Q 72 52.47 -91.81 7.76
CA GLY Q 72 53.46 -91.48 6.76
C GLY Q 72 52.79 -90.60 5.73
N GLN Q 73 51.53 -90.26 6.03
CA GLN Q 73 50.71 -89.41 5.18
C GLN Q 73 49.95 -88.41 6.07
N PRO Q 74 49.49 -87.29 5.49
CA PRO Q 74 48.69 -86.30 6.24
C PRO Q 74 47.49 -86.94 6.93
N ASP Q 75 47.19 -86.46 8.14
CA ASP Q 75 46.13 -87.04 8.94
C ASP Q 75 44.77 -86.96 8.23
N PHE Q 76 44.46 -85.78 7.71
CA PHE Q 76 43.24 -85.62 6.91
C PHE Q 76 43.54 -84.80 5.65
N VAL Q 77 42.66 -84.92 4.67
CA VAL Q 77 42.79 -84.16 3.43
C VAL Q 77 41.52 -83.38 3.17
N ILE Q 78 41.63 -82.06 3.11
CA ILE Q 78 40.48 -81.21 2.82
C ILE Q 78 39.94 -81.51 1.42
N LEU Q 79 38.63 -81.76 1.34
CA LEU Q 79 38.00 -82.05 0.06
C LEU Q 79 37.83 -80.78 -0.77
N THR Q 80 38.35 -80.81 -1.99
CA THR Q 80 38.22 -79.69 -2.91
C THR Q 80 36.90 -79.77 -3.67
N VAL Q 81 36.44 -78.64 -4.21
CA VAL Q 81 35.20 -78.61 -4.98
C VAL Q 81 35.34 -79.47 -6.24
N GLY Q 82 34.32 -80.27 -6.53
CA GLY Q 82 34.33 -81.09 -7.73
C GLY Q 82 34.26 -82.58 -7.43
N HIS Q 83 34.27 -82.92 -6.15
CA HIS Q 83 34.16 -84.32 -5.75
C HIS Q 83 32.95 -84.55 -4.84
N GLN Q 84 32.10 -85.50 -5.24
CA GLN Q 84 30.88 -85.80 -4.49
C GLN Q 84 31.09 -86.89 -3.45
N ILE Q 85 30.78 -86.57 -2.20
CA ILE Q 85 30.85 -87.54 -1.11
C ILE Q 85 29.47 -87.75 -0.51
N TRP Q 86 29.12 -89.02 -0.31
CA TRP Q 86 27.86 -89.31 0.34
C TRP Q 86 27.81 -88.61 1.69
N MET Q 87 26.66 -88.01 1.99
CA MET Q 87 26.44 -87.38 3.27
C MET Q 87 25.05 -87.70 3.75
N PRO Q 88 24.85 -87.71 5.07
CA PRO Q 88 23.53 -87.84 5.66
C PRO Q 88 22.59 -86.74 5.23
N ASP Q 89 21.46 -87.11 4.64
CA ASP Q 89 20.49 -86.12 4.20
C ASP Q 89 19.83 -85.49 5.41
N THR Q 90 20.59 -84.67 6.12
CA THR Q 90 20.09 -83.99 7.30
C THR Q 90 19.15 -82.83 6.97
N PHE Q 91 18.05 -82.73 7.72
CA PHE Q 91 17.10 -81.63 7.57
C PHE Q 91 16.56 -81.21 8.93
N PHE Q 92 16.03 -80.00 9.01
CA PHE Q 92 15.39 -79.52 10.23
C PHE Q 92 13.86 -79.59 10.12
N PRO Q 93 13.23 -80.48 10.90
CA PRO Q 93 11.78 -80.70 10.89
C PRO Q 93 10.95 -79.48 11.28
N ASN Q 94 11.46 -78.68 12.20
CA ASN Q 94 10.72 -77.54 12.71
C ASN Q 94 11.07 -76.25 11.97
N GLU Q 95 11.93 -76.36 10.97
CA GLU Q 95 12.36 -75.20 10.20
C GLU Q 95 11.21 -74.59 9.42
N LYS Q 96 11.17 -73.26 9.38
CA LYS Q 96 10.07 -72.53 8.77
C LYS Q 96 10.57 -71.28 8.08
N GLN Q 97 9.83 -70.79 7.08
CA GLN Q 97 10.11 -69.51 6.46
C GLN Q 97 11.56 -69.43 6.05
N ALA Q 98 12.03 -70.44 5.33
CA ALA Q 98 13.46 -70.53 5.13
C ALA Q 98 13.91 -70.52 3.68
N TYR Q 99 14.83 -69.60 3.43
CA TYR Q 99 15.56 -69.51 2.16
C TYR Q 99 17.04 -69.75 2.44
N LYS Q 100 17.65 -70.58 1.62
CA LYS Q 100 19.04 -70.99 1.82
C LYS Q 100 20.05 -70.38 0.85
N HIS Q 101 21.08 -69.75 1.41
CA HIS Q 101 22.19 -69.18 0.65
C HIS Q 101 22.95 -70.25 -0.13
N THR Q 102 23.72 -69.81 -1.12
CA THR Q 102 24.41 -70.70 -2.05
C THR Q 102 23.41 -71.57 -2.82
N PRO Q 106 30.91 -70.65 -0.73
CA PRO Q 106 29.98 -71.29 0.21
C PRO Q 106 30.64 -71.59 1.55
N ASN Q 107 29.88 -71.47 2.63
CA ASN Q 107 30.42 -71.73 3.95
C ASN Q 107 30.33 -73.21 4.34
N VAL Q 108 31.12 -74.05 3.69
CA VAL Q 108 31.15 -75.50 3.99
C VAL Q 108 32.57 -76.03 4.11
N LEU Q 109 32.75 -77.06 4.94
CA LEU Q 109 34.06 -77.65 5.13
C LEU Q 109 33.93 -79.16 5.28
N ILE Q 110 34.65 -79.88 4.42
CA ILE Q 110 34.63 -81.33 4.44
C ILE Q 110 36.03 -81.91 4.55
N ARG Q 111 36.26 -82.65 5.64
CA ARG Q 111 37.55 -83.29 5.87
C ARG Q 111 37.44 -84.81 5.78
N ILE Q 112 38.40 -85.43 5.10
CA ILE Q 112 38.46 -86.89 5.03
C ILE Q 112 39.69 -87.40 5.78
N HIS Q 113 39.50 -87.87 7.00
CA HIS Q 113 40.60 -88.45 7.75
C HIS Q 113 41.05 -89.75 7.10
N ASN Q 114 42.26 -90.17 7.40
CA ASN Q 114 42.89 -91.33 6.76
C ASN Q 114 42.14 -92.64 6.99
N ASP Q 115 41.52 -92.78 8.16
CA ASP Q 115 40.80 -94.00 8.50
C ASP Q 115 39.45 -94.08 7.80
N GLY Q 116 39.02 -92.97 7.21
CA GLY Q 116 37.75 -92.92 6.52
C GLY Q 116 36.72 -92.09 7.25
N THR Q 117 37.14 -91.47 8.36
CA THR Q 117 36.27 -90.60 9.13
C THR Q 117 36.08 -89.28 8.41
N VAL Q 118 34.83 -88.87 8.25
CA VAL Q 118 34.53 -87.63 7.56
C VAL Q 118 34.05 -86.58 8.55
N LEU Q 119 34.56 -85.35 8.41
CA LEU Q 119 34.02 -84.24 9.17
C LEU Q 119 33.32 -83.26 8.24
N TYR Q 120 32.07 -82.93 8.55
CA TYR Q 120 31.29 -82.00 7.75
C TYR Q 120 30.95 -80.79 8.59
N SER Q 121 31.28 -79.61 8.10
CA SER Q 121 30.98 -78.37 8.81
C SER Q 121 30.19 -77.42 7.90
N VAL Q 122 29.14 -76.82 8.45
CA VAL Q 122 28.25 -75.97 7.67
C VAL Q 122 27.66 -74.84 8.50
N ARG Q 123 27.46 -73.68 7.89
CA ARG Q 123 26.83 -72.56 8.57
C ARG Q 123 25.43 -72.36 8.02
N ILE Q 124 24.44 -72.27 8.89
CA ILE Q 124 23.08 -72.09 8.42
C ILE Q 124 22.32 -71.08 9.27
N SER Q 125 21.48 -70.26 8.63
CA SER Q 125 20.54 -69.44 9.36
C SER Q 125 19.15 -70.04 9.23
N LEU Q 126 18.53 -70.30 10.38
CA LEU Q 126 17.26 -71.00 10.40
C LEU Q 126 16.21 -70.21 11.12
N VAL Q 127 14.98 -70.31 10.65
CA VAL Q 127 13.87 -69.80 11.42
C VAL Q 127 13.09 -71.01 11.91
N LEU Q 128 12.90 -71.12 13.22
CA LEU Q 128 12.26 -72.30 13.78
C LEU Q 128 11.00 -71.94 14.57
N SER Q 129 9.93 -72.70 14.34
CA SER Q 129 8.67 -72.48 15.05
C SER Q 129 8.82 -72.84 16.52
N CYS Q 130 8.38 -71.95 17.40
CA CYS Q 130 8.46 -72.22 18.82
C CYS Q 130 7.15 -71.88 19.51
N PRO Q 131 6.33 -72.91 19.76
CA PRO Q 131 5.07 -72.71 20.49
C PRO Q 131 5.33 -72.11 21.87
N MET Q 132 4.74 -70.96 22.13
CA MET Q 132 4.96 -70.29 23.41
C MET Q 132 3.66 -70.15 24.19
N TYR Q 133 3.77 -70.23 25.52
CA TYR Q 133 2.61 -70.26 26.39
C TYR Q 133 2.71 -69.11 27.35
N LEU Q 134 1.74 -68.20 27.28
CA LEU Q 134 1.80 -66.93 28.02
C LEU Q 134 0.75 -66.76 29.12
N GLN Q 135 0.48 -67.86 29.80
CA GLN Q 135 -0.45 -67.87 30.95
C GLN Q 135 0.15 -66.99 32.03
N TYR Q 136 1.46 -67.15 32.19
CA TYR Q 136 2.22 -66.36 33.15
C TYR Q 136 2.89 -65.20 32.43
N TYR Q 137 2.31 -64.02 32.52
CA TYR Q 137 2.94 -62.85 31.94
C TYR Q 137 3.16 -61.82 33.03
N PRO Q 138 4.34 -61.23 33.04
CA PRO Q 138 5.42 -61.52 32.10
C PRO Q 138 6.40 -62.52 32.67
N MET Q 139 6.07 -63.04 33.85
CA MET Q 139 6.94 -63.94 34.56
C MET Q 139 6.77 -65.37 34.09
N ASP Q 140 7.09 -65.62 32.83
CA ASP Q 140 7.01 -66.96 32.28
C ASP Q 140 8.34 -67.55 31.93
N VAL Q 141 8.27 -68.67 31.20
CA VAL Q 141 9.48 -69.29 30.73
C VAL Q 141 9.14 -70.15 29.51
N GLN Q 142 9.93 -69.97 28.45
CA GLN Q 142 9.68 -70.68 27.21
C GLN Q 142 10.80 -71.65 26.90
N GLN Q 143 10.48 -72.69 26.14
CA GLN Q 143 11.51 -73.64 25.71
C GLN Q 143 11.45 -73.84 24.20
N CYS Q 144 12.43 -73.30 23.51
CA CYS Q 144 12.54 -73.45 22.07
C CYS Q 144 13.55 -74.54 21.72
N SER Q 145 13.33 -75.23 20.60
CA SER Q 145 14.15 -76.38 20.22
C SER Q 145 14.65 -76.29 18.79
N ILE Q 146 15.70 -77.05 18.49
CA ILE Q 146 16.12 -77.25 17.12
C ILE Q 146 16.18 -78.75 16.84
N ASP Q 147 15.22 -79.25 16.08
CA ASP Q 147 15.15 -80.66 15.75
C ASP Q 147 16.04 -80.94 14.54
N LEU Q 148 16.55 -82.16 14.48
CA LEU Q 148 17.48 -82.54 13.44
C LEU Q 148 17.32 -84.02 13.12
N ALA Q 149 17.11 -84.36 11.85
CA ALA Q 149 16.89 -85.74 11.46
C ALA Q 149 17.17 -85.98 9.99
N SER Q 150 17.15 -87.23 9.58
CA SER Q 150 17.29 -87.60 8.17
C SER Q 150 15.91 -87.68 7.54
N TYR Q 151 15.83 -87.39 6.24
CA TYR Q 151 14.53 -87.37 5.59
C TYR Q 151 14.23 -88.69 4.91
N ALA Q 152 15.17 -89.15 4.09
CA ALA Q 152 14.91 -90.32 3.27
C ALA Q 152 15.33 -91.60 3.98
N TYR Q 153 16.47 -91.58 4.64
CA TYR Q 153 16.99 -92.79 5.28
C TYR Q 153 16.30 -93.07 6.61
N THR Q 154 15.90 -94.32 6.81
CA THR Q 154 15.22 -94.72 8.03
C THR Q 154 16.22 -95.14 9.10
N THR Q 155 15.73 -95.85 10.11
CA THR Q 155 16.55 -96.25 11.25
C THR Q 155 17.51 -97.39 10.90
N LYS Q 156 17.30 -98.02 9.75
CA LYS Q 156 18.14 -99.16 9.39
C LYS Q 156 19.41 -98.71 8.67
N ASP Q 157 19.38 -97.48 8.15
CA ASP Q 157 20.49 -96.99 7.33
C ASP Q 157 21.32 -95.93 8.06
N ILE Q 158 20.67 -95.15 8.91
CA ILE Q 158 21.33 -94.04 9.58
C ILE Q 158 20.74 -93.76 10.97
N GLU Q 159 21.62 -93.44 11.92
CA GLU Q 159 21.18 -93.08 13.28
C GLU Q 159 22.09 -92.01 13.85
N TYR Q 160 21.48 -90.93 14.32
CA TYR Q 160 22.22 -89.79 14.86
C TYR Q 160 22.47 -89.97 16.33
N LEU Q 161 23.64 -89.53 16.78
CA LEU Q 161 24.00 -89.56 18.18
C LEU Q 161 24.73 -88.28 18.55
N TRP Q 162 24.29 -87.62 19.61
CA TRP Q 162 24.97 -86.43 20.08
C TRP Q 162 26.41 -86.78 20.41
N LYS Q 163 27.33 -85.90 20.05
CA LYS Q 163 28.74 -86.07 20.34
C LYS Q 163 28.90 -86.29 21.84
N GLU Q 164 29.92 -87.04 22.23
CA GLU Q 164 30.07 -87.44 23.62
C GLU Q 164 30.34 -86.26 24.55
N HIS Q 165 31.10 -85.28 24.07
CA HIS Q 165 31.46 -84.13 24.91
C HIS Q 165 31.07 -82.80 24.30
N SER Q 166 30.44 -81.96 25.11
CA SER Q 166 29.96 -80.65 24.68
C SER Q 166 29.19 -80.69 23.37
N PRO Q 167 28.06 -81.41 23.33
CA PRO Q 167 27.32 -81.55 22.07
C PRO Q 167 26.84 -80.19 21.60
N LEU Q 168 26.41 -79.38 22.56
CA LEU Q 168 25.96 -78.02 22.27
C LEU Q 168 26.96 -77.01 22.77
N GLN Q 169 27.38 -76.13 21.87
CA GLN Q 169 28.29 -75.07 22.26
C GLN Q 169 27.69 -73.73 21.88
N LEU Q 170 27.96 -72.71 22.69
CA LEU Q 170 27.33 -71.42 22.51
C LEU Q 170 28.41 -70.34 22.35
N LYS Q 171 28.12 -69.32 21.57
CA LYS Q 171 29.07 -68.23 21.36
C LYS Q 171 29.28 -67.49 22.66
N VAL Q 172 30.34 -66.70 22.71
CA VAL Q 172 30.85 -66.14 23.94
C VAL Q 172 29.78 -65.46 24.79
N GLY Q 173 29.02 -64.55 24.19
CA GLY Q 173 28.06 -63.77 24.96
C GLY Q 173 26.61 -63.99 24.59
N LEU Q 174 26.25 -65.23 24.29
CA LEU Q 174 24.89 -65.54 23.83
C LEU Q 174 23.79 -65.15 24.82
N SER Q 175 24.00 -65.42 26.11
CA SER Q 175 23.00 -65.14 27.14
C SER Q 175 22.68 -63.63 27.23
N SER Q 176 23.70 -62.80 26.98
CA SER Q 176 23.54 -61.36 26.98
C SER Q 176 22.93 -60.87 25.66
N SER Q 177 23.25 -61.60 24.58
CA SER Q 177 22.93 -61.18 23.22
C SER Q 177 21.43 -61.04 22.99
N LEU Q 178 20.65 -61.89 23.66
CA LEU Q 178 19.20 -61.88 23.46
C LEU Q 178 18.59 -60.57 23.93
N PRO Q 179 17.69 -60.02 23.10
CA PRO Q 179 17.03 -58.72 23.29
C PRO Q 179 15.99 -58.73 24.40
N SER Q 180 15.15 -59.74 24.44
CA SER Q 180 13.98 -59.69 25.31
C SER Q 180 13.91 -60.82 26.32
N PHE Q 181 14.79 -61.81 26.18
CA PHE Q 181 14.77 -62.96 27.08
C PHE Q 181 16.16 -63.23 27.61
N GLN Q 182 16.22 -64.01 28.67
CA GLN Q 182 17.49 -64.40 29.25
C GLN Q 182 17.62 -65.91 29.24
N LEU Q 183 18.71 -66.40 28.66
CA LEU Q 183 18.87 -67.83 28.50
C LEU Q 183 19.36 -68.47 29.78
N THR Q 184 18.55 -69.34 30.36
CA THR Q 184 18.90 -69.95 31.62
C THR Q 184 19.60 -71.28 31.43
N ASN Q 185 19.07 -72.08 30.52
CA ASN Q 185 19.50 -73.47 30.39
C ASN Q 185 19.61 -73.93 28.95
N THR Q 186 20.47 -74.91 28.71
CA THR Q 186 20.53 -75.60 27.42
C THR Q 186 20.45 -77.10 27.65
N SER Q 187 20.05 -77.82 26.61
CA SER Q 187 19.75 -79.24 26.75
C SER Q 187 19.86 -79.99 25.42
N THR Q 188 20.66 -81.06 25.42
CA THR Q 188 20.78 -81.94 24.26
C THR Q 188 20.07 -83.27 24.54
N THR Q 189 18.99 -83.52 23.83
CA THR Q 189 18.22 -84.76 24.00
C THR Q 189 17.97 -85.48 22.68
N TYR Q 190 17.23 -86.58 22.75
CA TYR Q 190 16.83 -87.31 21.56
C TYR Q 190 15.33 -87.14 21.31
N CYS Q 191 14.93 -87.08 20.05
CA CYS Q 191 13.52 -86.92 19.71
C CYS Q 191 13.13 -87.87 18.60
N THR Q 192 13.90 -88.95 18.49
CA THR Q 192 13.61 -90.03 17.55
C THR Q 192 12.16 -90.50 17.71
N SER Q 193 11.37 -90.46 16.64
CA SER Q 193 9.96 -90.85 16.74
C SER Q 193 9.56 -91.83 15.64
N VAL Q 194 8.33 -92.32 15.75
CA VAL Q 194 7.82 -93.32 14.83
C VAL Q 194 6.67 -92.74 14.02
N THR Q 195 6.86 -92.62 12.71
CA THR Q 195 5.83 -92.04 11.85
C THR Q 195 5.24 -93.09 10.92
N ASN Q 196 4.21 -92.69 10.18
CA ASN Q 196 3.51 -93.59 9.25
C ASN Q 196 4.46 -94.16 8.19
N THR Q 197 5.51 -93.41 7.88
CA THR Q 197 6.49 -93.83 6.87
C THR Q 197 7.59 -94.71 7.49
N GLY Q 198 7.81 -94.56 8.79
CA GLY Q 198 8.80 -95.37 9.50
C GLY Q 198 9.37 -94.74 10.75
N ILE Q 199 10.49 -95.28 11.22
CA ILE Q 199 11.19 -94.82 12.42
C ILE Q 199 12.47 -94.05 12.06
N TYR Q 200 12.48 -92.74 12.28
CA TYR Q 200 13.64 -91.92 11.90
C TYR Q 200 14.36 -91.37 13.12
N SER Q 201 15.69 -91.52 13.15
CA SER Q 201 16.47 -91.02 14.27
C SER Q 201 16.44 -89.49 14.26
N CYS Q 202 16.44 -88.89 15.43
CA CYS Q 202 16.32 -87.44 15.51
C CYS Q 202 16.94 -86.86 16.79
N LEU Q 203 17.65 -85.76 16.64
CA LEU Q 203 18.29 -85.05 17.76
C LEU Q 203 17.58 -83.75 18.02
N ARG Q 204 17.44 -83.41 19.30
CA ARG Q 204 16.84 -82.13 19.66
C ARG Q 204 17.68 -81.35 20.65
N THR Q 205 18.13 -80.18 20.23
CA THR Q 205 18.79 -79.27 21.13
C THR Q 205 17.77 -78.24 21.58
N THR Q 206 17.86 -77.80 22.82
CA THR Q 206 16.82 -76.98 23.42
C THR Q 206 17.38 -75.86 24.28
N ILE Q 207 16.79 -74.68 24.14
CA ILE Q 207 17.17 -73.56 24.98
C ILE Q 207 15.99 -73.09 25.81
N GLN Q 208 16.26 -72.62 27.01
CA GLN Q 208 15.22 -72.20 27.95
C GLN Q 208 15.32 -70.71 28.22
N LEU Q 209 14.28 -69.97 27.84
CA LEU Q 209 14.27 -68.52 27.97
C LEU Q 209 13.29 -68.07 29.02
N LYS Q 210 13.75 -67.33 30.03
CA LYS Q 210 12.85 -66.69 30.96
C LYS Q 210 13.18 -65.21 31.04
N ARG Q 211 12.21 -64.39 31.44
CA ARG Q 211 12.39 -62.93 31.44
C ARG Q 211 12.88 -62.36 32.75
N GLU Q 212 13.49 -61.18 32.68
CA GLU Q 212 13.93 -60.49 33.88
C GLU Q 212 12.73 -59.89 34.61
N PHE Q 213 12.43 -60.42 35.79
CA PHE Q 213 11.30 -59.96 36.60
C PHE Q 213 11.49 -58.51 36.98
N SER Q 214 12.75 -58.17 37.20
CA SER Q 214 13.16 -56.85 37.65
C SER Q 214 12.56 -55.74 36.80
N PHE Q 215 12.71 -55.88 35.49
CA PHE Q 215 12.23 -54.87 34.56
C PHE Q 215 10.74 -54.66 34.71
N TYR Q 216 10.01 -55.76 34.51
CA TYR Q 216 8.57 -55.73 34.52
C TYR Q 216 7.98 -55.34 35.86
N LEU Q 217 8.78 -55.49 36.90
CA LEU Q 217 8.38 -55.08 38.22
C LEU Q 217 8.36 -53.57 38.32
N LEU Q 218 9.43 -52.95 37.85
CA LEU Q 218 9.57 -51.52 37.92
C LEU Q 218 8.64 -50.80 36.95
N GLN Q 219 8.42 -51.41 35.79
CA GLN Q 219 7.70 -50.76 34.71
C GLN Q 219 6.16 -50.89 34.85
N LEU Q 220 5.69 -52.03 35.34
CA LEU Q 220 4.26 -52.32 35.34
C LEU Q 220 3.62 -52.38 36.73
N TYR Q 221 4.22 -53.16 37.62
CA TYR Q 221 3.61 -53.44 38.93
C TYR Q 221 3.69 -52.28 39.94
N ILE Q 222 4.92 -51.82 40.23
CA ILE Q 222 5.14 -50.71 41.17
C ILE Q 222 4.31 -49.44 40.87
N PRO Q 223 4.19 -49.03 39.59
CA PRO Q 223 3.36 -47.84 39.34
C PRO Q 223 1.92 -47.99 39.82
N SER Q 224 1.29 -49.12 39.56
CA SER Q 224 -0.11 -49.32 39.93
C SER Q 224 -0.30 -49.49 41.43
N CYS Q 225 0.68 -50.09 42.09
CA CYS Q 225 0.63 -50.27 43.53
C CYS Q 225 0.52 -48.92 44.22
N MET Q 226 1.24 -47.94 43.69
CA MET Q 226 1.17 -46.58 44.20
C MET Q 226 -0.22 -46.04 43.97
N LEU Q 227 -0.81 -46.38 42.82
CA LEU Q 227 -2.11 -45.84 42.46
C LEU Q 227 -3.19 -46.39 43.38
N VAL Q 228 -3.10 -47.68 43.69
CA VAL Q 228 -4.08 -48.28 44.57
C VAL Q 228 -3.96 -47.68 45.96
N ILE Q 229 -2.72 -47.44 46.39
CA ILE Q 229 -2.48 -46.80 47.68
C ILE Q 229 -3.09 -45.40 47.71
N VAL Q 230 -2.95 -44.68 46.60
CA VAL Q 230 -3.52 -43.34 46.50
C VAL Q 230 -5.03 -43.36 46.67
N SER Q 231 -5.67 -44.36 46.08
CA SER Q 231 -7.13 -44.51 46.15
C SER Q 231 -7.62 -44.70 47.58
N TRP Q 232 -6.71 -45.05 48.47
CA TRP Q 232 -7.04 -45.33 49.87
C TRP Q 232 -7.09 -44.06 50.72
N VAL Q 233 -6.32 -43.05 50.33
CA VAL Q 233 -6.18 -41.87 51.18
C VAL Q 233 -7.42 -40.99 51.21
N SER Q 234 -8.42 -41.32 50.38
CA SER Q 234 -9.70 -40.61 50.40
C SER Q 234 -10.53 -41.11 51.57
N PHE Q 235 -10.13 -42.25 52.12
CA PHE Q 235 -10.81 -42.80 53.29
C PHE Q 235 -10.42 -42.00 54.53
N TRP Q 236 -9.21 -41.44 54.52
CA TRP Q 236 -8.72 -40.71 55.70
C TRP Q 236 -9.17 -39.25 55.74
N PHE Q 237 -9.90 -38.83 54.71
CA PHE Q 237 -10.53 -37.51 54.70
C PHE Q 237 -11.96 -37.63 55.21
N ASP Q 238 -12.46 -36.60 55.89
CA ASP Q 238 -13.82 -36.63 56.41
C ASP Q 238 -14.86 -36.59 55.29
N ARG Q 239 -16.12 -36.86 55.64
CA ARG Q 239 -17.19 -36.90 54.66
C ARG Q 239 -17.51 -35.53 54.07
N THR Q 240 -17.28 -34.48 54.85
CA THR Q 240 -17.69 -33.12 54.49
C THR Q 240 -16.90 -32.58 53.30
N ALA Q 241 -15.64 -32.98 53.19
CA ALA Q 241 -14.80 -32.52 52.10
C ALA Q 241 -15.17 -33.25 50.81
N ILE Q 242 -16.28 -32.82 50.21
CA ILE Q 242 -16.72 -33.40 48.94
C ILE Q 242 -15.72 -33.17 47.78
N PRO Q 243 -15.24 -31.93 47.58
CA PRO Q 243 -14.32 -31.75 46.44
C PRO Q 243 -13.06 -32.60 46.55
N ALA Q 244 -12.65 -32.89 47.78
CA ALA Q 244 -11.45 -33.69 47.99
C ALA Q 244 -11.60 -35.10 47.47
N ARG Q 245 -12.59 -35.82 48.00
CA ARG Q 245 -12.70 -37.24 47.75
C ARG Q 245 -13.24 -37.54 46.37
N VAL Q 246 -14.02 -36.62 45.81
CA VAL Q 246 -14.47 -36.79 44.44
C VAL Q 246 -13.28 -36.73 43.50
N THR Q 247 -12.49 -35.67 43.63
CA THR Q 247 -11.33 -35.45 42.78
C THR Q 247 -10.34 -36.59 42.92
N LEU Q 248 -10.05 -36.98 44.16
CA LEU Q 248 -9.17 -38.10 44.41
C LEU Q 248 -9.65 -39.36 43.72
N GLY Q 249 -10.94 -39.67 43.88
CA GLY Q 249 -11.50 -40.90 43.34
C GLY Q 249 -11.54 -40.99 41.83
N VAL Q 250 -12.00 -39.93 41.18
CA VAL Q 250 -12.16 -39.97 39.75
C VAL Q 250 -10.83 -39.84 39.01
N THR Q 251 -9.90 -39.09 39.59
CA THR Q 251 -8.58 -38.89 38.98
C THR Q 251 -7.80 -40.18 39.04
N THR Q 252 -7.86 -40.85 40.17
CA THR Q 252 -7.17 -42.12 40.34
C THR Q 252 -7.66 -43.11 39.28
N LEU Q 253 -8.97 -43.09 39.00
CA LEU Q 253 -9.54 -43.99 38.02
C LEU Q 253 -9.12 -43.61 36.60
N LEU Q 254 -9.06 -42.31 36.32
CA LEU Q 254 -8.60 -41.83 35.03
C LEU Q 254 -7.15 -42.23 34.83
N THR Q 255 -6.34 -42.06 35.87
CA THR Q 255 -4.92 -42.39 35.83
C THR Q 255 -4.69 -43.86 35.55
N MET Q 256 -5.48 -44.69 36.24
CA MET Q 256 -5.37 -46.13 36.11
C MET Q 256 -5.71 -46.58 34.69
N THR Q 257 -6.70 -45.94 34.08
CA THR Q 257 -7.10 -46.25 32.71
C THR Q 257 -5.96 -45.89 31.76
N ALA Q 258 -5.29 -44.78 32.04
CA ALA Q 258 -4.15 -44.33 31.25
C ALA Q 258 -2.97 -45.26 31.45
N GLN Q 259 -2.72 -45.57 32.73
CA GLN Q 259 -1.68 -46.52 33.08
C GLN Q 259 -1.89 -47.83 32.34
N SER Q 260 -3.14 -48.31 32.37
CA SER Q 260 -3.50 -49.56 31.72
C SER Q 260 -3.35 -49.45 30.20
N ALA Q 261 -3.60 -48.26 29.66
CA ALA Q 261 -3.48 -48.02 28.23
C ALA Q 261 -2.04 -48.12 27.77
N GLY Q 262 -1.15 -47.51 28.54
CA GLY Q 262 0.26 -47.52 28.21
C GLY Q 262 0.82 -48.93 28.26
N ILE Q 263 0.35 -49.70 29.24
CA ILE Q 263 0.74 -51.09 29.38
C ILE Q 263 0.19 -51.96 28.25
N ASN Q 264 -1.12 -51.84 28.03
CA ASN Q 264 -1.81 -52.65 27.06
C ASN Q 264 -1.25 -52.49 25.63
N SER Q 265 -0.70 -51.31 25.32
CA SER Q 265 -0.20 -51.04 23.99
C SER Q 265 1.29 -51.36 23.84
N GLN Q 266 1.75 -52.40 24.53
CA GLN Q 266 3.12 -52.85 24.37
C GLN Q 266 3.19 -54.34 24.64
N LEU Q 267 2.14 -54.87 25.25
CA LEU Q 267 2.00 -56.31 25.40
C LEU Q 267 1.87 -56.92 24.02
N PRO Q 268 2.56 -58.03 23.78
CA PRO Q 268 2.48 -58.70 22.48
C PRO Q 268 1.04 -59.11 22.23
N PRO Q 269 0.54 -58.93 21.00
CA PRO Q 269 -0.87 -59.28 20.78
C PRO Q 269 -1.17 -60.74 21.05
N VAL Q 270 -2.05 -61.00 22.01
CA VAL Q 270 -2.56 -62.34 22.27
C VAL Q 270 -4.03 -62.25 22.64
N SER Q 271 -4.74 -63.35 22.45
CA SER Q 271 -6.16 -63.31 22.71
C SER Q 271 -6.53 -64.20 23.89
N TYR Q 272 -5.58 -64.46 24.79
CA TYR Q 272 -5.91 -65.14 26.04
C TYR Q 272 -5.41 -64.34 27.23
N ILE Q 273 -6.10 -64.50 28.35
CA ILE Q 273 -5.82 -63.70 29.52
C ILE Q 273 -4.44 -64.00 30.08
N LYS Q 274 -3.54 -63.01 29.97
CA LYS Q 274 -2.21 -63.14 30.53
C LYS Q 274 -2.29 -62.79 32.01
N ALA Q 275 -1.26 -63.13 32.77
CA ALA Q 275 -1.26 -62.86 34.21
C ALA Q 275 -1.28 -61.37 34.51
N ILE Q 276 -0.49 -60.59 33.76
CA ILE Q 276 -0.42 -59.14 33.98
C ILE Q 276 -1.80 -58.54 33.72
N ASP Q 277 -2.52 -59.15 32.79
CA ASP Q 277 -3.83 -58.64 32.43
C ASP Q 277 -4.78 -58.79 33.62
N VAL Q 278 -4.61 -59.87 34.37
CA VAL Q 278 -5.38 -60.09 35.59
C VAL Q 278 -5.08 -58.98 36.60
N TRP Q 279 -3.79 -58.71 36.78
CA TRP Q 279 -3.33 -57.75 37.77
C TRP Q 279 -3.74 -56.32 37.44
N ILE Q 280 -3.96 -56.05 36.16
CA ILE Q 280 -4.43 -54.74 35.73
C ILE Q 280 -5.92 -54.61 36.07
N GLY Q 281 -6.69 -55.61 35.71
CA GLY Q 281 -8.11 -55.61 36.00
C GLY Q 281 -8.41 -55.54 37.48
N ALA Q 282 -7.47 -56.04 38.29
CA ALA Q 282 -7.61 -56.03 39.74
C ALA Q 282 -7.49 -54.62 40.31
N CYS Q 283 -6.39 -53.93 39.97
CA CYS Q 283 -6.18 -52.56 40.42
C CYS Q 283 -7.31 -51.68 39.91
N MET Q 284 -7.79 -51.99 38.71
CA MET Q 284 -8.90 -51.27 38.11
C MET Q 284 -10.16 -51.43 38.95
N THR Q 285 -10.28 -52.57 39.61
CA THR Q 285 -11.45 -52.84 40.43
C THR Q 285 -11.30 -52.17 41.79
N PHE Q 286 -10.10 -52.25 42.36
CA PHE Q 286 -9.87 -51.69 43.68
C PHE Q 286 -10.04 -50.20 43.71
N ILE Q 287 -9.87 -49.56 42.55
CA ILE Q 287 -10.04 -48.13 42.49
C ILE Q 287 -11.50 -47.82 42.16
N PHE Q 288 -12.12 -48.69 41.36
CA PHE Q 288 -13.54 -48.57 41.09
C PHE Q 288 -14.32 -48.72 42.40
N CYS Q 289 -13.82 -49.57 43.30
CA CYS Q 289 -14.47 -49.78 44.59
C CYS Q 289 -14.21 -48.61 45.53
N ALA Q 290 -13.03 -48.02 45.41
CA ALA Q 290 -12.66 -46.90 46.25
C ALA Q 290 -13.55 -45.69 45.94
N LEU Q 291 -13.71 -45.41 44.65
CA LEU Q 291 -14.56 -44.31 44.21
C LEU Q 291 -16.01 -44.60 44.54
N LEU Q 292 -16.31 -45.89 44.65
CA LEU Q 292 -17.65 -46.34 44.97
C LEU Q 292 -17.89 -46.22 46.48
N GLU Q 293 -16.84 -46.41 47.27
CA GLU Q 293 -16.99 -46.36 48.72
C GLU Q 293 -17.43 -44.99 49.17
N PHE Q 294 -16.86 -43.94 48.57
CA PHE Q 294 -17.20 -42.58 48.94
C PHE Q 294 -18.64 -42.27 48.61
N ALA Q 295 -19.14 -42.84 47.53
CA ALA Q 295 -20.52 -42.61 47.10
C ALA Q 295 -21.50 -43.14 48.14
N LEU Q 296 -21.16 -44.27 48.76
CA LEU Q 296 -21.99 -44.85 49.80
C LEU Q 296 -21.97 -43.98 51.03
N VAL Q 297 -20.78 -43.47 51.37
CA VAL Q 297 -20.60 -42.63 52.53
C VAL Q 297 -21.39 -41.33 52.41
N ASN Q 298 -21.31 -40.71 51.24
CA ASN Q 298 -22.01 -39.45 51.00
C ASN Q 298 -23.52 -39.63 50.99
N HIS Q 299 -23.98 -40.80 50.59
CA HIS Q 299 -25.39 -41.08 50.49
C HIS Q 299 -26.05 -41.18 51.86
N ILE Q 300 -25.39 -41.85 52.78
CA ILE Q 300 -25.97 -42.09 54.10
C ILE Q 300 -25.69 -40.92 55.04
N ALA Q 301 -24.72 -40.08 54.69
CA ALA Q 301 -24.36 -38.93 55.52
C ALA Q 301 -25.31 -37.76 55.32
N ASN Q 302 -26.08 -37.77 54.24
CA ASN Q 302 -27.01 -36.69 53.96
C ASN Q 302 -28.22 -36.72 54.90
N ALA Q 303 -28.54 -37.90 55.42
CA ALA Q 303 -29.61 -38.03 56.41
C ALA Q 303 -29.22 -37.33 57.72
N GLY Q 304 -30.13 -36.51 58.22
CA GLY Q 304 -29.90 -35.70 59.41
C GLY Q 304 -29.82 -36.45 60.72
N THR Q 305 -30.20 -37.72 60.71
CA THR Q 305 -30.17 -38.51 61.94
C THR Q 305 -28.72 -38.83 62.36
N THR Q 306 -28.49 -38.81 63.67
CA THR Q 306 -27.16 -39.01 64.25
C THR Q 306 -26.68 -40.46 64.14
N GLU Q 307 -27.64 -41.38 64.07
CA GLU Q 307 -27.31 -42.79 63.95
C GLU Q 307 -26.72 -43.03 62.58
N TRP Q 308 -27.33 -42.45 61.55
CA TRP Q 308 -26.77 -42.61 60.22
C TRP Q 308 -25.40 -41.96 60.12
N ASN Q 309 -25.18 -40.86 60.83
CA ASN Q 309 -23.87 -40.22 60.77
C ASN Q 309 -22.75 -41.14 61.30
N ASP Q 310 -23.03 -41.88 62.37
CA ASP Q 310 -22.04 -42.79 62.92
C ASP Q 310 -21.76 -43.94 61.94
N ILE Q 311 -22.77 -44.31 61.16
CA ILE Q 311 -22.61 -45.37 60.16
C ILE Q 311 -21.75 -44.88 58.99
N SER Q 312 -21.96 -43.64 58.58
CA SER Q 312 -21.13 -43.02 57.56
C SER Q 312 -19.65 -42.97 58.00
N LYS Q 313 -19.43 -42.62 59.26
CA LYS Q 313 -18.08 -42.57 59.84
C LYS Q 313 -17.48 -43.96 60.03
N ARG Q 314 -18.34 -44.92 60.30
CA ARG Q 314 -17.90 -46.29 60.51
C ARG Q 314 -17.39 -46.91 59.22
N VAL Q 315 -18.13 -46.69 58.13
CA VAL Q 315 -17.75 -47.20 56.81
C VAL Q 315 -16.35 -46.74 56.41
N ASP Q 316 -16.08 -45.47 56.69
CA ASP Q 316 -14.77 -44.92 56.42
C ASP Q 316 -13.70 -45.64 57.23
N LEU Q 317 -13.91 -45.71 58.54
CA LEU Q 317 -12.95 -46.34 59.46
C LEU Q 317 -12.66 -47.79 59.09
N ILE Q 318 -13.66 -48.47 58.56
CA ILE Q 318 -13.49 -49.84 58.09
C ILE Q 318 -12.60 -49.87 56.84
N SER Q 319 -12.99 -49.11 55.83
CA SER Q 319 -12.26 -49.06 54.57
C SER Q 319 -10.82 -48.62 54.73
N ARG Q 320 -10.55 -47.82 55.77
CA ARG Q 320 -9.21 -47.33 56.07
C ARG Q 320 -8.23 -48.48 56.24
N ALA Q 321 -8.76 -49.64 56.60
CA ALA Q 321 -7.93 -50.81 56.80
C ALA Q 321 -8.48 -52.03 56.07
N LEU Q 322 -9.71 -51.91 55.56
CA LEU Q 322 -10.32 -53.03 54.85
C LEU Q 322 -9.64 -53.23 53.51
N PHE Q 323 -9.64 -52.18 52.70
CA PHE Q 323 -9.00 -52.22 51.39
C PHE Q 323 -7.54 -52.68 51.46
N PRO Q 324 -6.72 -52.09 52.37
CA PRO Q 324 -5.34 -52.58 52.40
C PRO Q 324 -5.22 -54.06 52.73
N VAL Q 325 -6.15 -54.59 53.51
CA VAL Q 325 -6.14 -56.01 53.82
C VAL Q 325 -6.50 -56.81 52.58
N LEU Q 326 -7.63 -56.46 51.97
CA LEU Q 326 -8.16 -57.18 50.83
C LEU Q 326 -7.18 -57.21 49.66
N PHE Q 327 -6.49 -56.10 49.45
CA PHE Q 327 -5.47 -56.03 48.41
C PHE Q 327 -4.33 -56.98 48.73
N PHE Q 328 -3.94 -57.01 50.01
CA PHE Q 328 -2.87 -57.88 50.49
C PHE Q 328 -3.26 -59.34 50.38
N VAL Q 329 -4.55 -59.61 50.54
CA VAL Q 329 -5.07 -60.95 50.35
C VAL Q 329 -4.92 -61.34 48.89
N PHE Q 330 -5.44 -60.49 48.01
CA PHE Q 330 -5.32 -60.70 46.57
C PHE Q 330 -3.86 -60.80 46.13
N ASN Q 331 -3.03 -59.92 46.70
CA ASN Q 331 -1.61 -59.93 46.46
C ASN Q 331 -1.02 -61.32 46.71
N ILE Q 332 -1.37 -61.87 47.86
CA ILE Q 332 -0.95 -63.20 48.25
C ILE Q 332 -1.45 -64.24 47.25
N LEU Q 333 -2.74 -64.20 46.98
CA LEU Q 333 -3.34 -65.13 46.05
C LEU Q 333 -2.70 -65.04 44.67
N TYR Q 334 -2.49 -63.81 44.20
CA TYR Q 334 -2.01 -63.58 42.85
C TYR Q 334 -0.63 -64.19 42.59
N TRP Q 335 0.35 -63.79 43.39
CA TRP Q 335 1.72 -64.23 43.21
C TRP Q 335 1.88 -65.74 43.40
N SER Q 336 1.13 -66.31 44.33
CA SER Q 336 1.17 -67.74 44.61
C SER Q 336 0.67 -68.53 43.41
N ARG Q 337 -0.29 -67.96 42.71
CA ARG Q 337 -0.86 -68.57 41.51
C ARG Q 337 0.11 -68.48 40.32
N PHE Q 338 0.86 -67.38 40.25
CA PHE Q 338 1.71 -67.08 39.10
C PHE Q 338 3.20 -67.10 39.44
N GLY Q 339 3.55 -67.79 40.52
CA GLY Q 339 4.94 -67.88 40.94
C GLY Q 339 5.57 -69.20 40.54
N HIS Q 340 4.79 -70.02 39.84
CA HIS Q 340 5.24 -71.33 39.39
C HIS Q 340 6.43 -71.22 38.44
N GLU R 1 -14.62 -22.40 -24.16
CA GLU R 1 -14.45 -23.20 -25.36
C GLU R 1 -12.98 -23.36 -25.72
N VAL R 2 -12.71 -24.24 -26.66
CA VAL R 2 -11.35 -24.48 -27.12
C VAL R 2 -11.08 -23.77 -28.44
N GLN R 3 -9.81 -23.60 -28.77
CA GLN R 3 -9.42 -22.96 -30.04
C GLN R 3 -8.08 -23.45 -30.55
N LEU R 4 -7.96 -23.52 -31.88
CA LEU R 4 -6.72 -23.88 -32.52
C LEU R 4 -6.38 -22.87 -33.62
N GLN R 5 -5.83 -21.72 -33.24
CA GLN R 5 -5.46 -20.71 -34.21
C GLN R 5 -4.11 -20.99 -34.84
N GLN R 6 -4.10 -21.18 -36.15
CA GLN R 6 -2.88 -21.45 -36.90
C GLN R 6 -2.28 -20.16 -37.43
N SER R 7 -1.17 -20.28 -38.16
CA SER R 7 -0.51 -19.11 -38.73
C SER R 7 -1.21 -18.66 -40.01
N GLY R 8 -0.82 -17.48 -40.49
CA GLY R 8 -1.35 -16.94 -41.73
C GLY R 8 -0.70 -17.59 -42.94
N PRO R 9 -1.38 -17.54 -44.09
CA PRO R 9 -0.92 -18.18 -45.33
C PRO R 9 0.44 -17.68 -45.77
N GLU R 10 1.21 -18.55 -46.42
CA GLU R 10 2.58 -18.20 -46.81
C GLU R 10 2.83 -18.43 -48.30
N LEU R 11 3.69 -17.59 -48.87
CA LEU R 11 4.08 -17.72 -50.27
C LEU R 11 5.60 -17.82 -50.36
N VAL R 12 6.09 -18.98 -50.77
CA VAL R 12 7.54 -19.19 -50.85
C VAL R 12 7.93 -19.96 -52.10
N ARG R 13 9.22 -19.91 -52.44
CA ARG R 13 9.71 -20.51 -53.66
C ARG R 13 10.27 -21.91 -53.41
N PRO R 14 10.19 -22.79 -54.43
CA PRO R 14 10.71 -24.16 -54.36
C PRO R 14 12.15 -24.25 -53.88
N GLY R 15 12.42 -25.23 -53.03
CA GLY R 15 13.74 -25.40 -52.45
C GLY R 15 13.80 -24.87 -51.03
N ALA R 16 13.02 -23.83 -50.77
CA ALA R 16 13.00 -23.21 -49.45
C ALA R 16 12.25 -24.05 -48.44
N SER R 17 12.01 -23.48 -47.27
CA SER R 17 11.32 -24.17 -46.20
C SER R 17 10.75 -23.17 -45.20
N MET R 18 9.67 -23.54 -44.53
CA MET R 18 9.07 -22.67 -43.52
C MET R 18 8.31 -23.48 -42.47
N LYS R 19 7.86 -22.80 -41.43
CA LYS R 19 7.23 -23.46 -40.30
C LYS R 19 5.82 -22.90 -40.04
N ILE R 20 4.83 -23.80 -40.00
CA ILE R 20 3.46 -23.42 -39.70
C ILE R 20 3.15 -23.61 -38.22
N SER R 21 2.62 -22.56 -37.59
CA SER R 21 2.29 -22.61 -36.17
C SER R 21 0.84 -23.04 -35.94
N CYS R 22 0.56 -23.46 -34.71
CA CYS R 22 -0.78 -23.85 -34.30
C CYS R 22 -0.98 -23.67 -32.80
N LYS R 23 -1.49 -22.52 -32.39
CA LYS R 23 -1.65 -22.23 -30.97
C LYS R 23 -2.93 -22.85 -30.42
N ALA R 24 -2.81 -23.46 -29.26
CA ALA R 24 -3.94 -24.05 -28.56
C ALA R 24 -4.40 -23.16 -27.41
N SER R 25 -5.68 -23.27 -27.08
CA SER R 25 -6.25 -22.46 -26.01
C SER R 25 -7.60 -23.02 -25.60
N GLY R 26 -7.79 -23.18 -24.29
CA GLY R 26 -9.05 -23.67 -23.75
C GLY R 26 -8.92 -24.98 -23.00
N TYR R 27 -7.80 -25.67 -23.20
CA TYR R 27 -7.59 -26.97 -22.55
C TYR R 27 -6.14 -27.11 -22.07
N SER R 28 -5.90 -28.09 -21.20
CA SER R 28 -4.54 -28.41 -20.78
C SER R 28 -3.76 -28.97 -21.97
N PHE R 29 -2.88 -28.15 -22.52
CA PHE R 29 -2.24 -28.45 -23.80
C PHE R 29 -1.46 -29.77 -23.83
N THR R 30 -0.76 -30.07 -22.75
CA THR R 30 0.10 -31.25 -22.68
C THR R 30 -0.71 -32.55 -22.61
N GLY R 31 -2.03 -32.44 -22.57
CA GLY R 31 -2.89 -33.59 -22.43
C GLY R 31 -3.18 -34.34 -23.71
N TYR R 32 -3.75 -33.63 -24.69
CA TYR R 32 -4.20 -34.28 -25.90
C TYR R 32 -3.16 -34.19 -27.00
N THR R 33 -2.91 -35.32 -27.67
CA THR R 33 -1.94 -35.37 -28.77
C THR R 33 -2.45 -34.58 -29.96
N MET R 34 -1.55 -34.27 -30.91
CA MET R 34 -1.92 -33.44 -32.07
C MET R 34 -1.64 -34.12 -33.41
N ASN R 35 -2.55 -33.94 -34.36
CA ASN R 35 -2.38 -34.44 -35.72
C ASN R 35 -2.09 -33.31 -36.71
N TRP R 36 -1.69 -33.68 -37.92
CA TRP R 36 -1.49 -32.72 -39.00
C TRP R 36 -1.96 -33.32 -40.33
N VAL R 37 -2.82 -32.59 -41.03
CA VAL R 37 -3.44 -33.09 -42.26
C VAL R 37 -3.18 -32.19 -43.46
N LYS R 38 -2.81 -32.81 -44.58
CA LYS R 38 -2.55 -32.09 -45.83
C LYS R 38 -3.73 -32.17 -46.78
N GLN R 39 -4.28 -31.03 -47.16
CA GLN R 39 -5.37 -30.98 -48.13
C GLN R 39 -4.89 -30.39 -49.46
N SER R 40 -4.41 -31.25 -50.34
CA SER R 40 -3.91 -30.81 -51.64
C SER R 40 -5.06 -30.69 -52.63
N HIS R 41 -4.82 -29.95 -53.70
CA HIS R 41 -5.83 -29.77 -54.74
C HIS R 41 -6.04 -31.07 -55.52
N GLY R 42 -4.95 -31.66 -55.98
CA GLY R 42 -5.01 -32.87 -56.79
C GLY R 42 -5.41 -34.13 -56.04
N LYS R 43 -4.82 -34.33 -54.87
CA LYS R 43 -5.08 -35.53 -54.08
C LYS R 43 -6.09 -35.26 -52.96
N ASN R 44 -6.65 -36.33 -52.40
CA ASN R 44 -7.58 -36.24 -51.28
C ASN R 44 -6.87 -35.78 -50.00
N LEU R 45 -7.60 -35.81 -48.89
CA LEU R 45 -7.03 -35.49 -47.59
C LEU R 45 -5.93 -36.49 -47.21
N GLU R 46 -4.72 -36.00 -47.04
CA GLU R 46 -3.61 -36.85 -46.64
C GLU R 46 -3.28 -36.63 -45.17
N TRP R 47 -2.74 -37.67 -44.53
CA TRP R 47 -2.35 -37.57 -43.13
C TRP R 47 -0.83 -37.51 -43.00
N ILE R 48 -0.34 -36.44 -42.38
CA ILE R 48 1.09 -36.21 -42.24
C ILE R 48 1.68 -37.04 -41.10
N GLY R 49 1.22 -36.76 -39.89
CA GLY R 49 1.70 -37.46 -38.71
C GLY R 49 1.08 -36.92 -37.45
N LEU R 50 1.57 -37.36 -36.30
CA LEU R 50 1.07 -36.89 -35.02
C LEU R 50 2.19 -36.72 -34.01
N ILE R 51 1.92 -35.93 -32.97
CA ILE R 51 2.92 -35.61 -31.96
C ILE R 51 2.27 -35.50 -30.58
N ASN R 52 2.98 -35.99 -29.57
CA ASN R 52 2.51 -35.96 -28.18
C ASN R 52 3.15 -34.81 -27.43
N PRO R 53 2.37 -33.77 -27.11
CA PRO R 53 2.83 -32.55 -26.43
C PRO R 53 3.59 -32.85 -25.15
N TYR R 54 3.25 -33.96 -24.51
CA TYR R 54 3.82 -34.32 -23.23
C TYR R 54 5.16 -35.03 -23.38
N ASN R 55 5.17 -36.10 -24.16
CA ASN R 55 6.38 -36.85 -24.42
C ASN R 55 7.37 -36.10 -25.28
N GLY R 56 6.87 -35.46 -26.33
CA GLY R 56 7.73 -34.94 -27.36
C GLY R 56 7.92 -36.03 -28.41
N GLY R 57 7.26 -37.16 -28.17
CA GLY R 57 7.30 -38.27 -29.10
C GLY R 57 6.50 -38.04 -30.35
N THR R 58 6.94 -38.63 -31.46
CA THR R 58 6.29 -38.42 -32.73
C THR R 58 6.20 -39.69 -33.56
N SER R 59 5.25 -39.71 -34.49
CA SER R 59 5.12 -40.78 -35.46
C SER R 59 4.67 -40.19 -36.79
N TYR R 60 5.47 -40.38 -37.83
CA TYR R 60 5.17 -39.80 -39.15
C TYR R 60 4.59 -40.83 -40.11
N ASN R 61 3.82 -40.35 -41.08
CA ASN R 61 3.41 -41.18 -42.20
C ASN R 61 4.65 -41.61 -42.96
N GLN R 62 4.61 -42.77 -43.61
CA GLN R 62 5.77 -43.28 -44.34
C GLN R 62 6.07 -42.39 -45.54
N LYS R 63 5.04 -41.74 -46.06
CA LYS R 63 5.18 -40.87 -47.22
C LYS R 63 5.92 -39.58 -46.85
N PHE R 64 5.79 -39.14 -45.61
CA PHE R 64 6.26 -37.82 -45.23
C PHE R 64 7.57 -37.85 -44.44
N LYS R 65 8.26 -38.98 -44.47
CA LYS R 65 9.54 -39.12 -43.78
C LYS R 65 10.58 -38.16 -44.32
N GLY R 66 10.86 -37.10 -43.56
CA GLY R 66 11.85 -36.12 -43.95
C GLY R 66 11.24 -34.86 -44.54
N LYS R 67 10.01 -34.97 -45.03
CA LYS R 67 9.30 -33.83 -45.61
C LYS R 67 8.74 -32.92 -44.52
N ALA R 68 8.33 -33.52 -43.40
CA ALA R 68 7.76 -32.76 -42.30
C ALA R 68 8.51 -33.04 -41.01
N THR R 69 8.48 -32.06 -40.10
CA THR R 69 9.16 -32.19 -38.81
C THR R 69 8.31 -31.52 -37.73
N LEU R 70 7.62 -32.34 -36.95
CA LEU R 70 6.71 -31.85 -35.92
C LEU R 70 7.47 -31.53 -34.63
N THR R 71 7.19 -30.36 -34.08
CA THR R 71 7.78 -29.95 -32.81
C THR R 71 6.69 -29.37 -31.92
N VAL R 72 7.08 -28.87 -30.75
CA VAL R 72 6.10 -28.40 -29.77
C VAL R 72 6.77 -27.56 -28.68
N ASP R 73 6.10 -26.48 -28.27
CA ASP R 73 6.56 -25.64 -27.19
C ASP R 73 5.51 -25.60 -26.09
N LYS R 74 5.82 -26.23 -24.95
CA LYS R 74 4.88 -26.36 -23.85
C LYS R 74 4.55 -25.03 -23.16
N SER R 75 5.52 -24.11 -23.18
CA SER R 75 5.36 -22.83 -22.47
C SER R 75 4.34 -21.92 -23.13
N SER R 76 4.10 -22.12 -24.42
CA SER R 76 3.21 -21.26 -25.18
C SER R 76 1.98 -22.01 -25.69
N SER R 77 1.91 -23.30 -25.36
CA SER R 77 0.82 -24.17 -25.81
C SER R 77 0.69 -24.11 -27.32
N THR R 78 1.73 -24.56 -28.02
CA THR R 78 1.76 -24.46 -29.47
C THR R 78 2.49 -25.64 -30.13
N ALA R 79 1.88 -26.21 -31.16
CA ALA R 79 2.52 -27.24 -31.97
C ALA R 79 3.03 -26.63 -33.25
N TYR R 80 4.18 -27.13 -33.71
CA TYR R 80 4.81 -26.59 -34.92
C TYR R 80 5.01 -27.69 -35.95
N MET R 81 5.30 -27.29 -37.19
CA MET R 81 5.54 -28.22 -38.27
C MET R 81 6.43 -27.62 -39.36
N GLU R 82 7.69 -28.06 -39.41
CA GLU R 82 8.59 -27.60 -40.46
C GLU R 82 8.39 -28.41 -41.73
N LEU R 83 8.62 -27.76 -42.87
CA LEU R 83 8.44 -28.41 -44.16
C LEU R 83 9.66 -28.14 -45.04
N LEU R 84 10.59 -29.10 -45.08
CA LEU R 84 11.84 -28.92 -45.81
C LEU R 84 11.72 -29.33 -47.28
N SER R 85 12.56 -28.73 -48.11
CA SER R 85 12.60 -29.01 -49.55
C SER R 85 11.25 -28.83 -50.22
N LEU R 86 10.61 -27.69 -49.98
CA LEU R 86 9.31 -27.37 -50.57
C LEU R 86 9.37 -27.38 -52.09
N THR R 87 8.31 -27.89 -52.72
CA THR R 87 8.20 -27.90 -54.18
C THR R 87 6.82 -27.40 -54.62
N SER R 88 6.51 -27.60 -55.89
CA SER R 88 5.19 -27.23 -56.42
C SER R 88 4.12 -28.18 -55.90
N GLU R 89 4.53 -29.39 -55.56
CA GLU R 89 3.61 -30.43 -55.07
C GLU R 89 3.11 -30.15 -53.66
N ASP R 90 3.99 -29.60 -52.82
CA ASP R 90 3.68 -29.39 -51.41
C ASP R 90 2.72 -28.21 -51.19
N SER R 91 2.36 -27.54 -52.28
CA SER R 91 1.42 -26.43 -52.21
C SER R 91 0.02 -26.94 -51.88
N ALA R 92 -0.47 -26.59 -50.70
CA ALA R 92 -1.79 -27.05 -50.24
C ALA R 92 -2.28 -26.28 -49.02
N VAL R 93 -3.34 -26.78 -48.40
CA VAL R 93 -3.85 -26.22 -47.15
C VAL R 93 -3.63 -27.22 -46.02
N TYR R 94 -2.92 -26.78 -44.98
CA TYR R 94 -2.53 -27.67 -43.88
C TYR R 94 -3.31 -27.37 -42.60
N TYR R 95 -3.89 -28.42 -42.01
CA TYR R 95 -4.64 -28.29 -40.77
C TYR R 95 -3.96 -29.02 -39.63
N CYS R 96 -4.16 -28.52 -38.42
CA CYS R 96 -3.76 -29.26 -37.24
C CYS R 96 -5.01 -29.74 -36.51
N ALA R 97 -5.03 -31.01 -36.14
CA ALA R 97 -6.21 -31.60 -35.53
C ALA R 97 -5.88 -32.28 -34.20
N ARG R 98 -6.63 -31.92 -33.17
CA ARG R 98 -6.43 -32.47 -31.84
C ARG R 98 -7.04 -33.86 -31.72
N ASP R 99 -6.43 -34.70 -30.89
CA ASP R 99 -7.04 -35.96 -30.53
C ASP R 99 -8.08 -35.68 -29.45
N GLY R 100 -8.94 -36.66 -29.16
CA GLY R 100 -10.08 -36.41 -28.29
C GLY R 100 -9.95 -36.91 -26.86
N ASP R 101 -8.91 -37.69 -26.58
CA ASP R 101 -8.76 -38.30 -25.27
C ASP R 101 -7.67 -37.65 -24.40
N TYR R 102 -7.93 -37.65 -23.10
CA TYR R 102 -7.08 -36.99 -22.11
C TYR R 102 -5.87 -37.84 -21.73
N TYR R 103 -4.68 -37.37 -22.13
CA TYR R 103 -3.41 -38.05 -21.86
C TYR R 103 -3.39 -39.51 -22.33
N ARG R 104 -3.96 -39.73 -23.51
CA ARG R 104 -3.96 -41.06 -24.15
C ARG R 104 -4.44 -40.96 -25.59
N TYR R 105 -3.86 -41.78 -26.46
CA TYR R 105 -4.23 -41.78 -27.88
C TYR R 105 -5.50 -42.59 -28.11
N GLY R 106 -6.64 -41.91 -28.12
CA GLY R 106 -7.91 -42.56 -28.34
C GLY R 106 -8.20 -42.82 -29.80
N ARG R 107 -7.29 -42.36 -30.66
CA ARG R 107 -7.39 -42.54 -32.10
C ARG R 107 -8.67 -41.97 -32.70
N TYR R 108 -9.08 -40.77 -32.27
CA TYR R 108 -10.23 -40.12 -32.89
C TYR R 108 -10.12 -38.60 -32.87
N PHE R 109 -10.63 -37.98 -33.93
CA PHE R 109 -10.44 -36.55 -34.17
C PHE R 109 -11.43 -35.66 -33.43
N ASP R 110 -10.91 -34.60 -32.84
CA ASP R 110 -11.70 -33.69 -32.03
C ASP R 110 -11.93 -32.37 -32.75
N TYR R 111 -11.14 -31.36 -32.39
CA TYR R 111 -11.24 -30.03 -32.99
C TYR R 111 -10.16 -29.82 -34.05
N TRP R 112 -10.50 -29.05 -35.08
CA TRP R 112 -9.54 -28.72 -36.12
C TRP R 112 -9.22 -27.22 -36.10
N GLY R 113 -8.08 -26.84 -36.66
CA GLY R 113 -7.77 -25.44 -36.84
C GLY R 113 -8.45 -24.94 -38.10
N GLN R 114 -8.42 -23.63 -38.32
CA GLN R 114 -9.05 -23.07 -39.52
C GLN R 114 -8.25 -23.43 -40.75
N GLY R 115 -6.98 -23.79 -40.54
CA GLY R 115 -6.10 -24.18 -41.62
C GLY R 115 -5.11 -23.11 -42.04
N THR R 116 -4.16 -23.50 -42.88
CA THR R 116 -3.16 -22.57 -43.38
C THR R 116 -2.84 -22.86 -44.84
N THR R 117 -3.08 -21.89 -45.70
CA THR R 117 -2.88 -22.07 -47.13
C THR R 117 -1.43 -21.83 -47.51
N LEU R 118 -0.75 -22.89 -47.94
CA LEU R 118 0.63 -22.80 -48.36
C LEU R 118 0.74 -22.80 -49.87
N THR R 119 1.06 -21.65 -50.45
CA THR R 119 1.24 -21.55 -51.89
C THR R 119 2.74 -21.48 -52.22
N VAL R 120 3.27 -22.57 -52.78
CA VAL R 120 4.67 -22.62 -53.18
C VAL R 120 4.80 -22.66 -54.70
N SER R 121 5.03 -21.49 -55.29
CA SER R 121 5.18 -21.37 -56.74
C SER R 121 6.45 -20.60 -57.08
N SER R 122 7.19 -21.07 -58.09
CA SER R 122 8.41 -20.39 -58.51
C SER R 122 8.12 -19.28 -59.51
N ALA R 123 6.85 -18.94 -59.66
CA ALA R 123 6.42 -17.88 -60.58
C ALA R 123 6.58 -16.50 -59.95
N LYS R 124 6.84 -15.50 -60.78
CA LYS R 124 6.94 -14.13 -60.30
C LYS R 124 5.62 -13.40 -60.53
N THR R 125 5.51 -12.19 -59.98
CA THR R 125 4.27 -11.42 -60.05
C THR R 125 3.86 -11.08 -61.47
N THR R 126 2.68 -11.56 -61.87
CA THR R 126 2.17 -11.31 -63.21
C THR R 126 0.86 -10.52 -63.17
N PRO R 127 0.83 -9.36 -63.86
CA PRO R 127 -0.37 -8.54 -63.97
C PRO R 127 -1.50 -9.26 -64.69
N PRO R 128 -2.75 -8.98 -64.29
CA PRO R 128 -3.93 -9.65 -64.83
C PRO R 128 -4.32 -9.14 -66.22
N SER R 129 -4.50 -10.06 -67.15
CA SER R 129 -4.97 -9.73 -68.49
C SER R 129 -6.48 -9.92 -68.57
N VAL R 130 -7.20 -8.90 -69.05
CA VAL R 130 -8.65 -8.92 -69.02
C VAL R 130 -9.30 -8.90 -70.40
N TYR R 131 -10.07 -9.93 -70.70
CA TYR R 131 -10.78 -10.03 -71.97
C TYR R 131 -12.29 -10.17 -71.74
N PRO R 132 -13.09 -9.41 -72.50
CA PRO R 132 -14.54 -9.39 -72.34
C PRO R 132 -15.23 -10.65 -72.85
N LEU R 133 -16.40 -10.94 -72.31
CA LEU R 133 -17.17 -12.11 -72.72
C LEU R 133 -18.61 -11.75 -73.11
N ALA R 134 -18.83 -11.59 -74.41
CA ALA R 134 -20.15 -11.29 -74.95
C ALA R 134 -20.49 -12.34 -76.00
N PRO R 135 -21.75 -12.37 -76.48
CA PRO R 135 -22.07 -13.24 -77.62
C PRO R 135 -21.11 -13.04 -78.80
N GLY R 136 -20.77 -14.13 -79.48
CA GLY R 136 -19.81 -14.09 -80.56
C GLY R 136 -20.20 -13.13 -81.68
N SER R 137 -19.26 -12.85 -82.57
CA SER R 137 -19.50 -11.95 -83.70
C SER R 137 -20.64 -12.45 -84.57
N ALA R 138 -20.82 -13.76 -84.61
CA ALA R 138 -21.95 -14.36 -85.33
C ALA R 138 -22.85 -15.11 -84.35
N ALA R 139 -23.49 -14.38 -83.46
CA ALA R 139 -24.32 -14.99 -82.43
C ALA R 139 -25.65 -14.27 -82.26
N GLN R 140 -26.59 -14.94 -81.58
CA GLN R 140 -27.94 -14.40 -81.41
C GLN R 140 -28.06 -13.54 -80.16
N THR R 141 -29.00 -12.61 -80.17
CA THR R 141 -29.23 -11.72 -79.05
C THR R 141 -30.68 -11.75 -78.58
N ASN R 142 -31.11 -10.64 -77.98
CA ASN R 142 -32.48 -10.41 -77.52
C ASN R 142 -32.96 -11.30 -76.36
N SER R 143 -32.36 -12.46 -76.19
CA SER R 143 -32.66 -13.31 -75.04
C SER R 143 -32.08 -12.67 -73.78
N MET R 144 -32.48 -13.16 -72.62
CA MET R 144 -32.05 -12.57 -71.35
C MET R 144 -30.53 -12.62 -71.19
N VAL R 145 -29.91 -11.45 -71.27
CA VAL R 145 -28.47 -11.30 -71.40
C VAL R 145 -27.65 -11.85 -70.24
N THR R 146 -26.55 -12.51 -70.58
CA THR R 146 -25.54 -12.93 -69.63
C THR R 146 -24.15 -12.55 -70.14
N LEU R 147 -23.52 -11.56 -69.50
CA LEU R 147 -22.19 -11.13 -69.87
C LEU R 147 -21.20 -11.50 -68.77
N GLY R 148 -19.96 -11.00 -68.88
CA GLY R 148 -18.97 -11.26 -67.85
C GLY R 148 -17.54 -10.95 -68.24
N CYS R 149 -16.68 -10.90 -67.22
CA CYS R 149 -15.26 -10.63 -67.41
C CYS R 149 -14.46 -11.93 -67.38
N LEU R 150 -13.29 -11.91 -68.01
CA LEU R 150 -12.43 -13.09 -68.04
C LEU R 150 -10.98 -12.70 -67.78
N VAL R 151 -10.49 -12.95 -66.56
CA VAL R 151 -9.15 -12.58 -66.18
C VAL R 151 -8.21 -13.78 -66.23
N LYS R 152 -7.27 -13.76 -67.18
CA LYS R 152 -6.34 -14.87 -67.35
C LYS R 152 -4.88 -14.43 -67.21
N GLY R 153 -4.10 -15.23 -66.49
CA GLY R 153 -2.67 -15.01 -66.37
C GLY R 153 -2.29 -14.01 -65.30
N TYR R 154 -2.46 -14.39 -64.04
CA TYR R 154 -2.13 -13.50 -62.95
C TYR R 154 -1.47 -14.25 -61.79
N PHE R 155 -0.64 -13.52 -61.04
CA PHE R 155 0.04 -14.08 -59.88
C PHE R 155 0.45 -12.96 -58.92
N PRO R 156 0.15 -13.13 -57.63
CA PRO R 156 -0.64 -14.22 -57.03
C PRO R 156 -2.04 -13.79 -56.61
N GLU R 157 -2.74 -14.66 -55.90
CA GLU R 157 -4.08 -14.36 -55.38
C GLU R 157 -3.99 -13.31 -54.27
N PRO R 158 -5.11 -12.66 -53.95
CA PRO R 158 -6.46 -12.72 -54.52
C PRO R 158 -6.80 -11.56 -55.46
N VAL R 159 -7.70 -11.81 -56.40
CA VAL R 159 -8.15 -10.78 -57.34
C VAL R 159 -9.63 -10.45 -57.10
N THR R 160 -9.94 -9.16 -57.03
CA THR R 160 -11.30 -8.71 -56.79
C THR R 160 -11.92 -8.09 -58.04
N VAL R 161 -13.14 -8.51 -58.36
CA VAL R 161 -13.79 -8.07 -59.59
C VAL R 161 -15.21 -7.54 -59.36
N THR R 162 -15.44 -6.29 -59.77
CA THR R 162 -16.76 -5.69 -59.70
C THR R 162 -17.20 -5.18 -61.07
N TRP R 163 -18.44 -4.71 -61.16
CA TRP R 163 -18.99 -4.20 -62.41
C TRP R 163 -19.41 -2.74 -62.28
N ASN R 164 -18.82 -1.90 -63.12
CA ASN R 164 -19.11 -0.47 -63.17
C ASN R 164 -18.84 0.22 -61.83
N SER R 165 -17.70 -0.12 -61.23
CA SER R 165 -17.25 0.49 -59.98
C SER R 165 -18.28 0.35 -58.85
N GLY R 166 -18.97 -0.77 -58.81
CA GLY R 166 -19.96 -1.03 -57.78
C GLY R 166 -21.35 -0.57 -58.18
N SER R 167 -21.90 -1.21 -59.21
CA SER R 167 -23.22 -0.84 -59.69
C SER R 167 -24.29 -1.80 -59.20
N LEU R 168 -24.32 -3.02 -59.76
CA LEU R 168 -25.37 -3.98 -59.46
C LEU R 168 -24.86 -5.14 -58.61
N SER R 169 -25.48 -5.32 -57.44
CA SER R 169 -25.17 -6.47 -56.58
C SER R 169 -26.17 -7.60 -56.85
N SER R 170 -27.09 -7.34 -57.78
CA SER R 170 -28.16 -8.29 -58.07
C SER R 170 -27.73 -9.35 -59.08
N GLY R 171 -26.74 -9.04 -59.90
CA GLY R 171 -26.32 -9.94 -60.94
C GLY R 171 -24.91 -10.48 -60.79
N VAL R 172 -24.22 -10.07 -59.72
CA VAL R 172 -22.82 -10.45 -59.53
C VAL R 172 -22.66 -11.94 -59.24
N HIS R 173 -21.84 -12.61 -60.07
CA HIS R 173 -21.47 -14.00 -59.85
C HIS R 173 -19.96 -14.17 -59.90
N THR R 174 -19.40 -14.75 -58.84
CA THR R 174 -17.96 -14.93 -58.74
C THR R 174 -17.55 -16.39 -58.74
N PHE R 175 -16.81 -16.80 -59.77
CA PHE R 175 -16.37 -18.18 -59.90
C PHE R 175 -14.97 -18.38 -59.35
N PRO R 176 -14.68 -19.58 -58.83
CA PRO R 176 -13.36 -19.92 -58.30
C PRO R 176 -12.29 -19.92 -59.38
N ALA R 177 -11.03 -20.10 -58.98
CA ALA R 177 -9.91 -20.02 -59.91
C ALA R 177 -9.34 -21.40 -60.23
N VAL R 178 -8.57 -21.47 -61.30
CA VAL R 178 -7.84 -22.69 -61.66
C VAL R 178 -6.36 -22.41 -61.78
N LEU R 179 -5.56 -23.46 -61.90
CA LEU R 179 -4.12 -23.31 -62.06
C LEU R 179 -3.74 -23.59 -63.51
N GLN R 180 -3.67 -22.54 -64.31
CA GLN R 180 -3.32 -22.66 -65.72
C GLN R 180 -1.81 -22.52 -65.93
N SER R 181 -1.08 -23.58 -65.62
CA SER R 181 0.37 -23.63 -65.79
C SER R 181 1.09 -22.53 -65.02
N ASP R 182 1.17 -22.70 -63.70
CA ASP R 182 1.90 -21.80 -62.81
C ASP R 182 1.29 -20.39 -62.70
N LEU R 183 0.22 -20.14 -63.44
CA LEU R 183 -0.52 -18.88 -63.34
C LEU R 183 -2.01 -19.17 -63.15
N TYR R 184 -2.69 -18.32 -62.39
CA TYR R 184 -4.11 -18.52 -62.10
C TYR R 184 -5.00 -17.89 -63.16
N THR R 185 -6.19 -18.46 -63.34
CA THR R 185 -7.14 -18.00 -64.36
C THR R 185 -8.58 -18.21 -63.92
N LEU R 186 -9.27 -17.14 -63.57
CA LEU R 186 -10.67 -17.24 -63.18
C LEU R 186 -11.57 -16.46 -64.15
N SER R 187 -12.85 -16.42 -63.83
CA SER R 187 -13.81 -15.64 -64.60
C SER R 187 -15.00 -15.30 -63.73
N SER R 188 -15.77 -14.29 -64.14
CA SER R 188 -16.93 -13.87 -63.37
C SER R 188 -18.09 -13.54 -64.31
N SER R 189 -19.31 -13.86 -63.88
CA SER R 189 -20.47 -13.69 -64.72
C SER R 189 -21.48 -12.70 -64.13
N VAL R 190 -22.27 -12.09 -64.99
CA VAL R 190 -23.34 -11.19 -64.56
C VAL R 190 -24.53 -11.26 -65.52
N THR R 191 -25.74 -11.25 -64.96
CA THR R 191 -26.95 -11.36 -65.76
C THR R 191 -27.81 -10.09 -65.68
N VAL R 192 -28.23 -9.60 -66.84
CA VAL R 192 -29.02 -8.39 -66.94
C VAL R 192 -30.12 -8.53 -68.00
N PRO R 193 -31.17 -7.70 -67.91
CA PRO R 193 -32.18 -7.66 -68.98
C PRO R 193 -31.60 -7.10 -70.26
N SER R 194 -32.31 -7.28 -71.37
CA SER R 194 -31.83 -6.82 -72.67
C SER R 194 -32.11 -5.34 -72.88
N SER R 195 -32.62 -4.69 -71.84
CA SER R 195 -33.00 -3.28 -71.93
C SER R 195 -31.86 -2.35 -71.53
N THR R 196 -30.73 -2.93 -71.14
CA THR R 196 -29.54 -2.15 -70.81
C THR R 196 -28.36 -2.63 -71.63
N TRP R 197 -28.64 -3.41 -72.66
CA TRP R 197 -27.62 -3.92 -73.56
C TRP R 197 -28.16 -3.86 -74.98
N PRO R 198 -27.33 -3.42 -75.94
CA PRO R 198 -25.94 -3.02 -75.74
C PRO R 198 -25.71 -1.50 -75.58
N SER R 199 -26.78 -0.72 -75.61
CA SER R 199 -26.66 0.74 -75.56
C SER R 199 -25.97 1.21 -74.29
N GLU R 200 -26.46 0.76 -73.14
CA GLU R 200 -25.91 1.15 -71.85
C GLU R 200 -24.57 0.47 -71.58
N THR R 201 -23.50 1.06 -72.11
CA THR R 201 -22.16 0.50 -71.95
C THR R 201 -21.75 0.44 -70.47
N VAL R 202 -21.11 -0.65 -70.08
CA VAL R 202 -20.68 -0.85 -68.70
C VAL R 202 -19.25 -1.37 -68.63
N THR R 203 -18.37 -0.57 -68.02
CA THR R 203 -16.96 -0.92 -67.92
C THR R 203 -16.61 -1.47 -66.53
N CYS R 204 -16.34 -2.77 -66.46
CA CYS R 204 -16.02 -3.40 -65.19
C CYS R 204 -14.52 -3.38 -64.91
N ASN R 205 -14.13 -2.75 -63.82
CA ASN R 205 -12.72 -2.66 -63.45
C ASN R 205 -12.29 -3.87 -62.63
N VAL R 206 -11.01 -4.23 -62.74
CA VAL R 206 -10.46 -5.36 -62.00
C VAL R 206 -9.22 -4.93 -61.21
N ALA R 207 -9.27 -5.07 -59.90
CA ALA R 207 -8.19 -4.62 -59.05
C ALA R 207 -7.34 -5.79 -58.54
N HIS R 208 -6.05 -5.73 -58.82
CA HIS R 208 -5.11 -6.76 -58.39
C HIS R 208 -4.07 -6.18 -57.45
N PRO R 209 -4.39 -6.11 -56.15
CA PRO R 209 -3.52 -5.53 -55.12
C PRO R 209 -2.15 -6.21 -55.03
N ALA R 210 -2.06 -7.47 -55.46
CA ALA R 210 -0.80 -8.21 -55.41
C ALA R 210 0.06 -7.90 -56.63
N SER R 211 -0.39 -6.94 -57.42
CA SER R 211 0.38 -6.49 -58.58
C SER R 211 0.25 -4.98 -58.70
N SER R 212 -0.57 -4.40 -57.83
CA SER R 212 -0.85 -2.96 -57.82
C SER R 212 -1.32 -2.47 -59.19
N THR R 213 -2.00 -3.34 -59.92
CA THR R 213 -2.41 -3.03 -61.28
C THR R 213 -3.92 -3.06 -61.44
N LYS R 214 -4.49 -1.90 -61.76
CA LYS R 214 -5.92 -1.80 -62.04
C LYS R 214 -6.15 -1.46 -63.51
N VAL R 215 -6.74 -2.38 -64.24
CA VAL R 215 -7.10 -2.15 -65.63
C VAL R 215 -8.56 -2.54 -65.87
N ASP R 216 -9.21 -1.85 -66.80
CA ASP R 216 -10.64 -2.09 -67.04
C ASP R 216 -10.93 -2.30 -68.51
N LYS R 217 -12.05 -2.97 -68.79
CA LYS R 217 -12.48 -3.26 -70.16
C LYS R 217 -13.98 -3.10 -70.33
N LYS R 218 -14.39 -2.55 -71.47
CA LYS R 218 -15.80 -2.40 -71.80
C LYS R 218 -16.35 -3.68 -72.45
N ILE R 219 -17.64 -3.71 -72.73
CA ILE R 219 -18.25 -4.88 -73.35
C ILE R 219 -18.88 -4.54 -74.69
N VAL R 220 -18.12 -4.75 -75.76
CA VAL R 220 -18.58 -4.43 -77.11
C VAL R 220 -18.93 -5.67 -77.90
N PRO R 221 -20.22 -5.83 -78.25
CA PRO R 221 -20.67 -6.91 -79.11
C PRO R 221 -20.29 -6.67 -80.58
N GLU S 1 39.22 -15.24 1.16
CA GLU S 1 39.79 -15.65 -0.12
C GLU S 1 40.57 -16.94 0.02
N VAL S 2 40.95 -17.54 -1.11
CA VAL S 2 41.76 -18.76 -1.10
C VAL S 2 43.21 -18.46 -1.43
N GLN S 3 44.11 -19.38 -1.10
CA GLN S 3 45.53 -19.23 -1.40
C GLN S 3 46.23 -20.58 -1.61
N LEU S 4 47.18 -20.58 -2.53
CA LEU S 4 48.00 -21.75 -2.79
C LEU S 4 49.48 -21.38 -2.77
N GLN S 5 50.05 -21.29 -1.57
CA GLN S 5 51.46 -20.94 -1.43
C GLN S 5 52.37 -22.16 -1.60
N GLN S 6 53.22 -22.12 -2.62
CA GLN S 6 54.15 -23.20 -2.89
C GLN S 6 55.49 -22.97 -2.19
N SER S 7 56.44 -23.89 -2.40
CA SER S 7 57.76 -23.77 -1.79
C SER S 7 58.65 -22.80 -2.54
N GLY S 8 59.78 -22.48 -1.93
CA GLY S 8 60.76 -21.60 -2.56
C GLY S 8 61.56 -22.33 -3.60
N PRO S 9 62.18 -21.59 -4.54
CA PRO S 9 62.93 -22.17 -5.65
C PRO S 9 64.09 -23.03 -5.15
N GLU S 10 64.43 -24.06 -5.92
CA GLU S 10 65.46 -25.00 -5.50
C GLU S 10 66.54 -25.17 -6.58
N LEU S 11 67.76 -25.39 -6.12
CA LEU S 11 68.89 -25.63 -7.01
C LEU S 11 69.55 -26.95 -6.64
N VAL S 12 69.48 -27.93 -7.54
CA VAL S 12 70.05 -29.25 -7.27
C VAL S 12 70.73 -29.83 -8.49
N ARG S 13 71.58 -30.84 -8.26
CA ARG S 13 72.37 -31.45 -9.32
C ARG S 13 71.68 -32.70 -9.87
N PRO S 14 71.93 -33.00 -11.16
CA PRO S 14 71.36 -34.16 -11.86
C PRO S 14 71.57 -35.48 -11.15
N GLY S 15 70.53 -36.31 -11.15
CA GLY S 15 70.56 -37.60 -10.47
C GLY S 15 69.79 -37.54 -9.16
N ALA S 16 69.80 -36.37 -8.54
CA ALA S 16 69.15 -36.17 -7.26
C ALA S 16 67.64 -36.10 -7.38
N SER S 17 66.99 -35.71 -6.29
CA SER S 17 65.55 -35.61 -6.24
C SER S 17 65.12 -34.71 -5.08
N MET S 18 63.98 -34.06 -5.23
CA MET S 18 63.44 -33.20 -4.18
C MET S 18 61.92 -33.09 -4.28
N LYS S 19 61.32 -32.47 -3.27
CA LYS S 19 59.86 -32.41 -3.16
C LYS S 19 59.36 -30.97 -3.07
N ILE S 20 58.41 -30.63 -3.95
CA ILE S 20 57.80 -29.30 -3.96
C ILE S 20 56.51 -29.28 -3.14
N SER S 21 56.40 -28.34 -2.22
CA SER S 21 55.21 -28.23 -1.39
C SER S 21 54.20 -27.25 -1.99
N CYS S 22 52.95 -27.37 -1.54
CA CYS S 22 51.88 -26.49 -1.99
C CYS S 22 50.77 -26.44 -0.95
N LYS S 23 50.83 -25.45 -0.06
CA LYS S 23 49.86 -25.35 1.02
C LYS S 23 48.58 -24.65 0.57
N ALA S 24 47.44 -25.23 0.97
CA ALA S 24 46.14 -24.65 0.64
C ALA S 24 45.57 -23.95 1.87
N SER S 25 44.74 -22.94 1.62
CA SER S 25 44.16 -22.16 2.69
C SER S 25 42.98 -21.35 2.18
N GLY S 26 41.86 -21.42 2.90
CA GLY S 26 40.69 -20.66 2.50
C GLY S 26 39.50 -21.53 2.15
N TYR S 27 39.76 -22.82 1.93
CA TYR S 27 38.70 -23.77 1.56
C TYR S 27 38.89 -25.12 2.24
N SER S 28 37.82 -25.94 2.24
CA SER S 28 37.90 -27.30 2.75
C SER S 28 38.82 -28.12 1.86
N PHE S 29 40.05 -28.36 2.32
CA PHE S 29 41.11 -28.92 1.49
C PHE S 29 40.78 -30.25 0.86
N THR S 30 40.13 -31.12 1.62
CA THR S 30 39.82 -32.47 1.17
C THR S 30 38.77 -32.50 0.06
N GLY S 31 38.23 -31.34 -0.28
CA GLY S 31 37.15 -31.25 -1.25
C GLY S 31 37.57 -31.23 -2.71
N TYR S 32 38.39 -30.26 -3.08
CA TYR S 32 38.74 -30.06 -4.48
C TYR S 32 40.04 -30.78 -4.80
N THR S 33 40.04 -31.51 -5.92
CA THR S 33 41.24 -32.24 -6.37
C THR S 33 42.33 -31.28 -6.84
N MET S 34 43.57 -31.77 -6.94
CA MET S 34 44.71 -30.90 -7.28
C MET S 34 45.48 -31.36 -8.53
N ASN S 35 45.88 -30.39 -9.35
CA ASN S 35 46.71 -30.63 -10.53
C ASN S 35 48.13 -30.15 -10.34
N TRP S 36 49.02 -30.55 -11.26
CA TRP S 36 50.40 -30.10 -11.29
C TRP S 36 50.82 -29.86 -12.73
N VAL S 37 51.34 -28.67 -13.02
CA VAL S 37 51.67 -28.31 -14.39
C VAL S 37 53.14 -27.88 -14.54
N LYS S 38 53.80 -28.41 -15.57
CA LYS S 38 55.20 -28.11 -15.85
C LYS S 38 55.34 -27.04 -16.94
N GLN S 39 55.99 -25.93 -16.59
CA GLN S 39 56.29 -24.89 -17.57
C GLN S 39 57.77 -24.84 -17.89
N SER S 40 58.17 -25.60 -18.91
CA SER S 40 59.56 -25.64 -19.33
C SER S 40 59.86 -24.50 -20.29
N HIS S 41 61.14 -24.19 -20.44
CA HIS S 41 61.57 -23.14 -21.34
C HIS S 41 61.38 -23.55 -22.80
N GLY S 42 61.87 -24.73 -23.13
CA GLY S 42 61.80 -25.23 -24.50
C GLY S 42 60.41 -25.62 -24.95
N LYS S 43 59.71 -26.36 -24.09
CA LYS S 43 58.39 -26.86 -24.42
C LYS S 43 57.28 -25.97 -23.85
N ASN S 44 56.07 -26.15 -24.35
CA ASN S 44 54.90 -25.45 -23.84
C ASN S 44 54.51 -25.96 -22.46
N LEU S 45 53.37 -25.50 -21.96
CA LEU S 45 52.84 -25.97 -20.69
C LEU S 45 52.51 -27.46 -20.75
N GLU S 46 53.18 -28.26 -19.91
CA GLU S 46 52.91 -29.68 -19.85
C GLU S 46 52.11 -30.02 -18.60
N TRP S 47 51.29 -31.06 -18.67
CA TRP S 47 50.48 -31.48 -17.53
C TRP S 47 51.06 -32.74 -16.91
N ILE S 48 51.36 -32.66 -15.62
CA ILE S 48 51.96 -33.78 -14.92
C ILE S 48 50.92 -34.83 -14.52
N GLY S 49 49.97 -34.42 -13.69
CA GLY S 49 48.95 -35.34 -13.21
C GLY S 49 48.01 -34.68 -12.23
N LEU S 50 47.16 -35.47 -11.58
CA LEU S 50 46.26 -34.94 -10.57
C LEU S 50 46.09 -35.89 -9.40
N ILE S 51 45.63 -35.35 -8.28
CA ILE S 51 45.49 -36.12 -7.06
C ILE S 51 44.26 -35.68 -6.29
N ASN S 52 43.57 -36.65 -5.72
CA ASN S 52 42.38 -36.39 -4.93
C ASN S 52 42.72 -36.42 -3.45
N PRO S 53 42.69 -35.24 -2.80
CA PRO S 53 43.01 -35.05 -1.38
C PRO S 53 42.23 -36.00 -0.48
N TYR S 54 41.02 -36.37 -0.90
CA TYR S 54 40.13 -37.16 -0.08
C TYR S 54 40.45 -38.65 -0.18
N ASN S 55 40.49 -39.13 -1.41
CA ASN S 55 40.82 -40.51 -1.70
C ASN S 55 42.28 -40.85 -1.46
N GLY S 56 43.16 -39.97 -1.91
CA GLY S 56 44.57 -40.31 -1.98
C GLY S 56 44.84 -40.93 -3.34
N GLY S 57 43.79 -41.02 -4.15
CA GLY S 57 43.91 -41.55 -5.49
C GLY S 57 44.63 -40.58 -6.42
N THR S 58 45.31 -41.13 -7.41
CA THR S 58 46.09 -40.31 -8.33
C THR S 58 45.98 -40.83 -9.76
N SER S 59 46.25 -39.95 -10.71
CA SER S 59 46.36 -40.34 -12.10
C SER S 59 47.44 -39.48 -12.77
N TYR S 60 48.45 -40.14 -13.32
CA TYR S 60 49.58 -39.43 -13.92
C TYR S 60 49.49 -39.36 -15.44
N ASN S 61 50.13 -38.36 -16.03
CA ASN S 61 50.34 -38.33 -17.47
C ASN S 61 51.18 -39.53 -17.86
N GLN S 62 51.03 -40.00 -19.09
CA GLN S 62 51.78 -41.16 -19.54
C GLN S 62 53.26 -40.83 -19.64
N LYS S 63 53.57 -39.55 -19.90
CA LYS S 63 54.94 -39.11 -20.03
C LYS S 63 55.67 -39.08 -18.69
N PHE S 64 54.93 -38.87 -17.60
CA PHE S 64 55.53 -38.61 -16.29
C PHE S 64 55.48 -39.81 -15.35
N LYS S 65 55.20 -40.98 -15.92
CA LYS S 65 55.16 -42.21 -15.13
C LYS S 65 56.53 -42.52 -14.53
N GLY S 66 56.66 -42.29 -13.23
CA GLY S 66 57.90 -42.57 -12.52
C GLY S 66 58.74 -41.33 -12.28
N LYS S 67 58.52 -40.30 -13.09
CA LYS S 67 59.26 -39.05 -12.93
C LYS S 67 58.68 -38.26 -11.77
N ALA S 68 57.37 -38.38 -11.57
CA ALA S 68 56.68 -37.65 -10.51
C ALA S 68 55.90 -38.56 -9.58
N THR S 69 55.70 -38.11 -8.36
CA THR S 69 54.96 -38.86 -7.34
C THR S 69 54.14 -37.93 -6.46
N LEU S 70 52.84 -37.87 -6.72
CA LEU S 70 51.96 -36.97 -5.99
C LEU S 70 51.50 -37.55 -4.67
N THR S 71 51.59 -36.76 -3.62
CA THR S 71 51.14 -37.14 -2.30
C THR S 71 50.34 -36.01 -1.67
N VAL S 72 49.93 -36.20 -0.43
CA VAL S 72 49.05 -35.24 0.23
C VAL S 72 48.97 -35.45 1.75
N ASP S 73 48.96 -34.36 2.51
CA ASP S 73 48.79 -34.44 3.95
C ASP S 73 47.55 -33.64 4.36
N LYS S 74 46.52 -34.36 4.78
CA LYS S 74 45.24 -33.74 5.12
C LYS S 74 45.32 -32.86 6.36
N SER S 75 46.21 -33.21 7.30
CA SER S 75 46.29 -32.51 8.58
C SER S 75 46.83 -31.09 8.43
N SER S 76 47.59 -30.85 7.36
CA SER S 76 48.21 -29.55 7.17
C SER S 76 47.67 -28.83 5.94
N SER S 77 46.74 -29.48 5.24
CA SER S 77 46.16 -28.96 4.00
C SER S 77 47.25 -28.66 2.97
N THR S 78 47.98 -29.69 2.54
CA THR S 78 49.11 -29.49 1.64
C THR S 78 49.28 -30.63 0.64
N ALA S 79 49.48 -30.28 -0.63
CA ALA S 79 49.80 -31.27 -1.65
C ALA S 79 51.29 -31.26 -1.93
N TYR S 80 51.86 -32.44 -2.18
CA TYR S 80 53.30 -32.57 -2.42
C TYR S 80 53.57 -33.21 -3.77
N MET S 81 54.81 -33.09 -4.22
CA MET S 81 55.21 -33.69 -5.49
C MET S 81 56.69 -33.99 -5.56
N GLU S 82 57.04 -35.27 -5.47
CA GLU S 82 58.44 -35.68 -5.59
C GLU S 82 58.84 -35.80 -7.04
N LEU S 83 60.12 -35.54 -7.33
CA LEU S 83 60.65 -35.61 -8.68
C LEU S 83 61.95 -36.39 -8.70
N LEU S 84 61.87 -37.68 -9.04
CA LEU S 84 63.03 -38.55 -8.99
C LEU S 84 63.86 -38.50 -10.26
N SER S 85 65.15 -38.80 -10.13
CA SER S 85 66.10 -38.84 -11.25
C SER S 85 66.13 -37.54 -12.04
N LEU S 86 66.26 -36.42 -11.34
CA LEU S 86 66.29 -35.10 -11.95
C LEU S 86 67.43 -34.97 -12.96
N THR S 87 67.17 -34.29 -14.08
CA THR S 87 68.19 -34.04 -15.09
C THR S 87 68.15 -32.58 -15.52
N SER S 88 68.86 -32.27 -16.61
CA SER S 88 68.89 -30.92 -17.14
C SER S 88 67.54 -30.56 -17.77
N GLU S 89 66.82 -31.58 -18.23
CA GLU S 89 65.52 -31.38 -18.87
C GLU S 89 64.45 -30.97 -17.87
N ASP S 90 64.49 -31.53 -16.67
CA ASP S 90 63.45 -31.30 -15.67
C ASP S 90 63.51 -29.89 -15.07
N SER S 91 64.48 -29.10 -15.48
CA SER S 91 64.59 -27.72 -15.02
C SER S 91 63.48 -26.85 -15.61
N ALA S 92 62.60 -26.37 -14.74
CA ALA S 92 61.45 -25.57 -15.17
C ALA S 92 60.75 -24.90 -14.00
N VAL S 93 59.57 -24.32 -14.27
CA VAL S 93 58.73 -23.75 -13.23
C VAL S 93 57.48 -24.60 -13.05
N TYR S 94 57.26 -25.08 -11.83
CA TYR S 94 56.17 -26.00 -11.54
C TYR S 94 55.03 -25.34 -10.76
N TYR S 95 53.82 -25.49 -11.26
CA TYR S 95 52.63 -24.94 -10.61
C TYR S 95 51.70 -26.04 -10.13
N CYS S 96 50.99 -25.77 -9.04
CA CYS S 96 49.90 -26.63 -8.61
C CYS S 96 48.59 -25.88 -8.83
N ALA S 97 47.62 -26.55 -9.46
CA ALA S 97 46.36 -25.91 -9.81
C ALA S 97 45.15 -26.68 -9.29
N ARG S 98 44.26 -25.98 -8.59
CA ARG S 98 43.08 -26.61 -8.01
C ARG S 98 41.98 -26.84 -9.05
N ASP S 99 41.19 -27.88 -8.85
CA ASP S 99 39.99 -28.10 -9.65
C ASP S 99 38.90 -27.20 -9.08
N GLY S 100 37.81 -27.03 -9.80
CA GLY S 100 36.81 -26.04 -9.43
C GLY S 100 35.56 -26.57 -8.76
N ASP S 101 35.39 -27.88 -8.73
CA ASP S 101 34.17 -28.48 -8.21
C ASP S 101 34.35 -29.12 -6.83
N TYR S 102 33.30 -29.04 -6.03
CA TYR S 102 33.30 -29.50 -4.64
C TYR S 102 33.10 -31.01 -4.56
N TYR S 103 34.13 -31.73 -4.13
CA TYR S 103 34.10 -33.19 -3.99
C TYR S 103 33.69 -33.92 -5.26
N ARG S 104 34.21 -33.47 -6.39
CA ARG S 104 33.96 -34.10 -7.69
C ARG S 104 34.89 -33.51 -8.75
N TYR S 105 35.33 -34.34 -9.69
CA TYR S 105 36.23 -33.87 -10.75
C TYR S 105 35.44 -33.16 -11.86
N GLY S 106 35.35 -31.83 -11.76
CA GLY S 106 34.63 -31.05 -12.74
C GLY S 106 35.42 -30.76 -14.01
N ARG S 107 36.67 -31.21 -14.01
CA ARG S 107 37.57 -31.06 -15.15
C ARG S 107 37.75 -29.62 -15.60
N TYR S 108 37.90 -28.70 -14.66
CA TYR S 108 38.20 -27.30 -15.02
C TYR S 108 39.06 -26.60 -13.96
N PHE S 109 39.95 -25.73 -14.42
CA PHE S 109 40.97 -25.14 -13.56
C PHE S 109 40.49 -23.93 -12.79
N ASP S 110 40.82 -23.90 -11.51
CA ASP S 110 40.34 -22.87 -10.61
C ASP S 110 41.46 -21.89 -10.27
N TYR S 111 42.06 -22.06 -9.10
CA TYR S 111 43.15 -21.21 -8.66
C TYR S 111 44.52 -21.87 -8.88
N TRP S 112 45.52 -21.05 -9.17
CA TRP S 112 46.88 -21.54 -9.32
C TRP S 112 47.77 -20.98 -8.24
N GLY S 113 48.88 -21.68 -7.98
CA GLY S 113 49.89 -21.17 -7.07
C GLY S 113 50.80 -20.21 -7.81
N GLN S 114 51.67 -19.52 -7.08
CA GLN S 114 52.58 -18.58 -7.70
C GLN S 114 53.65 -19.33 -8.50
N GLY S 115 53.82 -20.61 -8.19
CA GLY S 115 54.78 -21.45 -8.90
C GLY S 115 56.07 -21.65 -8.12
N THR S 116 56.90 -22.56 -8.62
CA THR S 116 58.21 -22.82 -8.01
C THR S 116 59.25 -23.09 -9.09
N THR S 117 60.29 -22.27 -9.12
CA THR S 117 61.31 -22.39 -10.15
C THR S 117 62.32 -23.46 -9.75
N LEU S 118 62.37 -24.54 -10.53
CA LEU S 118 63.31 -25.61 -10.28
C LEU S 118 64.48 -25.53 -11.25
N THR S 119 65.65 -25.13 -10.75
CA THR S 119 66.85 -25.06 -11.58
C THR S 119 67.75 -26.25 -11.27
N VAL S 120 67.81 -27.20 -12.21
CA VAL S 120 68.66 -28.36 -12.04
C VAL S 120 69.82 -28.31 -13.04
N SER S 121 70.96 -27.82 -12.57
CA SER S 121 72.16 -27.74 -13.41
C SER S 121 73.35 -28.39 -12.72
N SER S 122 74.15 -29.09 -13.51
CA SER S 122 75.34 -29.77 -13.00
C SER S 122 76.55 -28.85 -12.96
N ALA S 123 76.29 -27.54 -12.87
CA ALA S 123 77.36 -26.55 -12.92
C ALA S 123 77.78 -26.09 -11.53
N LYS S 124 79.06 -25.74 -11.40
CA LYS S 124 79.60 -25.21 -10.15
C LYS S 124 79.46 -23.68 -10.13
N THR S 125 79.52 -23.11 -8.93
CA THR S 125 79.38 -21.65 -8.75
C THR S 125 80.45 -20.89 -9.53
N THR S 126 80.02 -19.89 -10.30
CA THR S 126 80.94 -19.11 -11.13
C THR S 126 80.61 -17.62 -11.07
N PRO S 127 81.65 -16.79 -10.84
CA PRO S 127 81.51 -15.32 -10.82
C PRO S 127 81.34 -14.73 -12.23
N PRO S 128 80.72 -13.54 -12.33
CA PRO S 128 80.48 -12.92 -13.63
C PRO S 128 81.76 -12.55 -14.37
N SER S 129 81.62 -12.08 -15.61
CA SER S 129 82.75 -11.61 -16.38
C SER S 129 82.31 -10.42 -17.22
N VAL S 130 82.41 -9.21 -16.66
CA VAL S 130 81.81 -8.04 -17.28
C VAL S 130 82.68 -7.43 -18.38
N TYR S 131 82.04 -7.18 -19.53
CA TYR S 131 82.66 -6.46 -20.63
C TYR S 131 81.79 -5.26 -20.99
N PRO S 132 82.35 -4.04 -20.95
CA PRO S 132 81.59 -2.87 -21.39
C PRO S 132 81.30 -2.94 -22.88
N LEU S 133 80.29 -2.19 -23.34
CA LEU S 133 79.95 -2.20 -24.75
C LEU S 133 80.29 -0.86 -25.40
N ALA S 134 81.15 -0.91 -26.41
CA ALA S 134 81.65 0.28 -27.07
C ALA S 134 80.79 0.69 -28.27
N PRO S 135 80.10 1.82 -28.16
CA PRO S 135 79.25 2.34 -29.23
C PRO S 135 80.03 2.63 -30.51
N GLY S 136 79.53 2.16 -31.64
CA GLY S 136 80.12 2.46 -32.92
C GLY S 136 79.85 3.90 -33.29
N SER S 137 80.53 4.41 -34.32
CA SER S 137 80.41 5.82 -34.69
C SER S 137 79.26 6.09 -35.66
N ALA S 138 78.60 5.04 -36.12
CA ALA S 138 77.62 5.15 -37.20
C ALA S 138 76.31 5.81 -36.77
N ALA S 139 75.42 5.97 -37.75
CA ALA S 139 74.05 6.46 -37.58
C ALA S 139 73.94 7.98 -37.34
N GLN S 140 74.98 8.57 -36.77
CA GLN S 140 75.02 10.01 -36.51
C GLN S 140 73.84 10.49 -35.65
N THR S 141 72.81 11.00 -36.33
CA THR S 141 71.61 11.57 -35.70
C THR S 141 71.94 12.86 -34.92
N ASN S 142 73.23 13.10 -34.69
CA ASN S 142 73.73 14.29 -34.02
C ASN S 142 73.14 14.54 -32.63
N SER S 143 72.63 13.49 -31.99
CA SER S 143 72.08 13.61 -30.64
C SER S 143 72.01 12.28 -29.91
N MET S 144 71.93 12.36 -28.58
CA MET S 144 71.74 11.20 -27.71
C MET S 144 72.92 10.22 -27.72
N VAL S 145 72.99 9.40 -26.69
CA VAL S 145 74.08 8.42 -26.55
C VAL S 145 73.61 7.14 -25.88
N THR S 146 73.98 6.01 -26.46
CA THR S 146 73.61 4.72 -25.90
C THR S 146 74.84 3.90 -25.51
N LEU S 147 74.99 3.64 -24.22
CA LEU S 147 76.09 2.82 -23.73
C LEU S 147 75.57 1.46 -23.28
N GLY S 148 76.40 0.44 -23.41
CA GLY S 148 76.02 -0.90 -23.02
C GLY S 148 76.87 -1.46 -21.90
N CYS S 149 76.52 -2.66 -21.44
CA CYS S 149 77.23 -3.33 -20.35
C CYS S 149 76.87 -4.83 -20.32
N LEU S 150 77.68 -5.64 -20.97
CA LEU S 150 77.46 -7.08 -21.06
C LEU S 150 78.01 -7.80 -19.83
N VAL S 151 77.24 -8.77 -19.33
CA VAL S 151 77.69 -9.60 -18.22
C VAL S 151 77.65 -11.06 -18.64
N LYS S 152 78.79 -11.59 -19.05
CA LYS S 152 78.85 -12.96 -19.56
C LYS S 152 79.41 -13.94 -18.53
N GLY S 153 78.87 -15.15 -18.55
CA GLY S 153 79.40 -16.25 -17.75
C GLY S 153 79.25 -16.11 -16.24
N TYR S 154 78.04 -16.35 -15.74
CA TYR S 154 77.81 -16.37 -14.30
C TYR S 154 76.78 -17.43 -13.94
N PHE S 155 76.84 -17.90 -12.69
CA PHE S 155 76.01 -19.00 -12.23
C PHE S 155 76.18 -19.16 -10.71
N PRO S 156 75.06 -19.24 -9.96
CA PRO S 156 73.67 -19.15 -10.42
C PRO S 156 73.09 -17.74 -10.34
N GLU S 157 71.76 -17.65 -10.42
CA GLU S 157 71.03 -16.39 -10.33
C GLU S 157 70.92 -15.92 -8.87
N PRO S 158 70.61 -14.63 -8.65
CA PRO S 158 70.42 -13.52 -9.60
C PRO S 158 71.68 -12.69 -9.76
N VAL S 159 71.58 -11.63 -10.57
CA VAL S 159 72.64 -10.65 -10.67
C VAL S 159 72.04 -9.26 -10.83
N THR S 160 72.41 -8.34 -9.94
CA THR S 160 71.84 -7.01 -9.94
C THR S 160 72.79 -6.00 -10.58
N VAL S 161 72.25 -5.16 -11.47
CA VAL S 161 73.05 -4.19 -12.18
C VAL S 161 72.54 -2.77 -11.95
N THR S 162 73.45 -1.88 -11.54
CA THR S 162 73.14 -0.47 -11.35
C THR S 162 74.16 0.40 -12.08
N TRP S 163 73.76 1.62 -12.43
CA TRP S 163 74.65 2.52 -13.14
C TRP S 163 75.01 3.74 -12.30
N ASN S 164 76.32 3.98 -12.20
CA ASN S 164 76.89 5.03 -11.34
C ASN S 164 76.38 4.95 -9.91
N SER S 165 76.57 3.79 -9.30
CA SER S 165 76.19 3.55 -7.90
C SER S 165 74.71 3.83 -7.65
N GLY S 166 73.89 3.72 -8.70
CA GLY S 166 72.48 3.98 -8.59
C GLY S 166 72.13 5.45 -8.60
N SER S 167 72.94 6.25 -9.28
CA SER S 167 72.70 7.68 -9.40
C SER S 167 72.03 7.98 -10.73
N LEU S 168 71.67 6.94 -11.46
CA LEU S 168 70.98 7.08 -12.74
C LEU S 168 69.55 6.59 -12.63
N SER S 169 68.67 7.43 -12.07
CA SER S 169 67.28 7.07 -11.86
C SER S 169 66.55 6.91 -13.19
N SER S 170 66.49 7.98 -13.98
CA SER S 170 65.71 8.01 -15.21
C SER S 170 66.22 7.03 -16.26
N GLY S 171 67.54 6.91 -16.36
CA GLY S 171 68.13 6.09 -17.41
C GLY S 171 68.08 4.59 -17.13
N VAL S 172 68.63 3.83 -18.08
CA VAL S 172 68.88 2.38 -17.96
C VAL S 172 67.64 1.49 -18.05
N HIS S 173 67.80 0.37 -18.75
CA HIS S 173 66.85 -0.74 -18.73
C HIS S 173 67.61 -2.05 -18.48
N THR S 174 66.90 -3.09 -18.07
CA THR S 174 67.54 -4.39 -17.77
C THR S 174 66.90 -5.57 -18.49
N PHE S 175 67.69 -6.28 -19.29
CA PHE S 175 67.18 -7.36 -20.13
C PHE S 175 67.21 -8.72 -19.42
N PRO S 176 66.40 -9.69 -19.91
CA PRO S 176 66.39 -11.04 -19.34
C PRO S 176 67.72 -11.76 -19.50
N ALA S 177 67.86 -12.92 -18.86
CA ALA S 177 69.08 -13.69 -18.92
C ALA S 177 68.89 -14.97 -19.73
N VAL S 178 69.78 -15.19 -20.70
CA VAL S 178 69.67 -16.36 -21.58
C VAL S 178 70.57 -17.51 -21.14
N LEU S 179 70.41 -18.63 -21.83
CA LEU S 179 71.24 -19.79 -21.62
C LEU S 179 72.11 -20.01 -22.85
N GLN S 180 72.98 -19.04 -23.13
CA GLN S 180 73.90 -19.15 -24.25
C GLN S 180 74.86 -20.32 -24.02
N SER S 181 75.25 -20.51 -22.77
CA SER S 181 76.03 -21.67 -22.35
C SER S 181 75.41 -22.24 -21.09
N ASP S 182 76.18 -23.01 -20.34
CA ASP S 182 75.72 -23.52 -19.05
C ASP S 182 75.72 -22.43 -17.99
N LEU S 183 76.33 -21.30 -18.34
CA LEU S 183 76.27 -20.10 -17.52
C LEU S 183 75.27 -19.13 -18.15
N TYR S 184 74.71 -18.23 -17.35
CA TYR S 184 73.73 -17.29 -17.89
C TYR S 184 74.41 -16.04 -18.44
N THR S 185 73.75 -15.40 -19.40
CA THR S 185 74.32 -14.24 -20.08
C THR S 185 73.27 -13.17 -20.32
N LEU S 186 73.39 -12.04 -19.63
CA LEU S 186 72.46 -10.94 -19.81
C LEU S 186 73.17 -9.63 -20.11
N SER S 187 72.44 -8.52 -19.96
CA SER S 187 73.00 -7.20 -20.20
C SER S 187 72.10 -6.11 -19.62
N SER S 188 72.62 -4.88 -19.60
CA SER S 188 71.89 -3.73 -19.08
C SER S 188 72.28 -2.46 -19.82
N SER S 189 71.30 -1.88 -20.52
CA SER S 189 71.57 -0.77 -21.41
C SER S 189 71.11 0.56 -20.82
N VAL S 190 71.94 1.59 -21.00
CA VAL S 190 71.65 2.95 -20.51
C VAL S 190 71.67 3.97 -21.64
N THR S 191 70.81 4.97 -21.55
CA THR S 191 70.84 6.08 -22.48
C THR S 191 70.99 7.40 -21.74
N VAL S 192 72.05 8.14 -22.09
CA VAL S 192 72.30 9.47 -21.54
C VAL S 192 72.46 10.46 -22.68
N PRO S 193 72.25 11.77 -22.40
CA PRO S 193 72.47 12.79 -23.43
C PRO S 193 73.89 12.75 -23.98
N SER S 194 74.09 13.28 -25.19
CA SER S 194 75.39 13.26 -25.84
C SER S 194 76.32 14.35 -25.29
N SER S 195 75.83 15.10 -24.32
CA SER S 195 76.58 16.19 -23.72
C SER S 195 77.14 15.80 -22.35
N THR S 196 76.98 14.53 -21.99
CA THR S 196 77.48 14.04 -20.72
C THR S 196 78.46 12.87 -20.88
N TRP S 197 78.68 12.44 -22.12
CA TRP S 197 79.64 11.37 -22.40
C TRP S 197 80.53 11.71 -23.59
N PRO S 198 81.85 11.50 -23.41
CA PRO S 198 82.48 11.01 -22.18
C PRO S 198 82.90 12.13 -21.24
N SER S 199 82.08 13.17 -21.15
CA SER S 199 82.34 14.30 -20.28
C SER S 199 82.21 13.94 -18.80
N GLU S 200 81.69 12.74 -18.54
CA GLU S 200 81.63 12.24 -17.18
C GLU S 200 81.97 10.75 -17.16
N THR S 201 82.68 10.32 -16.12
CA THR S 201 83.03 8.92 -15.95
C THR S 201 81.76 8.08 -15.76
N VAL S 202 81.52 7.17 -16.68
CA VAL S 202 80.35 6.30 -16.63
C VAL S 202 80.75 4.88 -16.28
N THR S 203 80.27 4.41 -15.13
CA THR S 203 80.65 3.09 -14.63
C THR S 203 79.45 2.32 -14.10
N CYS S 204 79.15 1.18 -14.72
CA CYS S 204 78.03 0.36 -14.26
C CYS S 204 78.51 -0.64 -13.22
N ASN S 205 77.67 -0.87 -12.21
CA ASN S 205 78.01 -1.78 -11.12
C ASN S 205 77.29 -3.12 -11.27
N VAL S 206 78.03 -4.21 -11.13
CA VAL S 206 77.47 -5.55 -11.24
C VAL S 206 77.67 -6.35 -9.96
N ALA S 207 76.56 -6.66 -9.29
CA ALA S 207 76.61 -7.38 -8.02
C ALA S 207 76.18 -8.83 -8.18
N HIS S 208 76.91 -9.73 -7.53
CA HIS S 208 76.66 -11.15 -7.66
C HIS S 208 76.84 -11.84 -6.30
N PRO S 209 75.73 -12.00 -5.56
CA PRO S 209 75.78 -12.57 -4.20
C PRO S 209 76.07 -14.07 -4.20
N ALA S 210 75.82 -14.74 -5.33
CA ALA S 210 75.96 -16.19 -5.41
C ALA S 210 77.41 -16.63 -5.33
N SER S 211 78.30 -15.79 -5.83
CA SER S 211 79.74 -16.03 -5.72
C SER S 211 80.36 -14.92 -4.89
N SER S 212 79.50 -14.09 -4.30
CA SER S 212 79.91 -12.98 -3.45
C SER S 212 80.88 -12.08 -4.18
N THR S 213 80.39 -11.38 -5.21
CA THR S 213 81.24 -10.55 -6.04
C THR S 213 80.65 -9.17 -6.27
N LYS S 214 81.52 -8.17 -6.32
CA LYS S 214 81.11 -6.78 -6.54
C LYS S 214 82.11 -6.07 -7.46
N VAL S 215 81.93 -6.24 -8.76
CA VAL S 215 82.90 -5.72 -9.73
C VAL S 215 82.39 -4.47 -10.45
N ASP S 216 83.28 -3.49 -10.59
CA ASP S 216 83.00 -2.27 -11.35
C ASP S 216 83.82 -2.23 -12.64
N LYS S 217 83.21 -1.77 -13.73
CA LYS S 217 83.90 -1.62 -14.99
C LYS S 217 83.52 -0.31 -15.68
N LYS S 218 84.53 0.46 -16.06
CA LYS S 218 84.32 1.77 -16.66
C LYS S 218 84.11 1.65 -18.16
N ILE S 219 83.42 2.63 -18.73
CA ILE S 219 83.13 2.64 -20.16
C ILE S 219 84.29 3.26 -20.96
N VAL S 220 84.87 2.47 -21.86
CA VAL S 220 86.01 2.90 -22.66
C VAL S 220 85.68 2.98 -24.15
N PRO S 221 85.62 4.21 -24.69
CA PRO S 221 85.35 4.47 -26.11
C PRO S 221 86.16 3.59 -27.06
N ARG S 222 85.57 3.27 -28.22
CA ARG S 222 86.14 2.32 -29.15
C ARG S 222 87.24 2.92 -30.02
N ASP S 223 88.47 2.45 -29.83
CA ASP S 223 89.60 2.91 -30.64
C ASP S 223 89.82 1.99 -31.85
N CYS S 224 90.11 2.61 -32.98
CA CYS S 224 90.33 1.89 -34.23
C CYS S 224 89.15 0.99 -34.56
N GLU T 1 -39.94 -71.25 -0.57
CA GLU T 1 -39.63 -72.41 -1.39
C GLU T 1 -38.99 -71.98 -2.70
N VAL T 2 -38.45 -72.94 -3.44
CA VAL T 2 -37.83 -72.66 -4.72
C VAL T 2 -38.77 -73.01 -5.87
N GLN T 3 -38.50 -72.50 -7.05
CA GLN T 3 -39.29 -72.81 -8.24
C GLN T 3 -38.48 -72.74 -9.53
N LEU T 4 -38.79 -73.62 -10.47
CA LEU T 4 -38.17 -73.61 -11.78
C LEU T 4 -39.21 -73.68 -12.89
N GLN T 5 -39.85 -72.54 -13.19
CA GLN T 5 -40.87 -72.50 -14.23
C GLN T 5 -40.26 -72.37 -15.61
N GLN T 6 -40.53 -73.36 -16.46
CA GLN T 6 -40.03 -73.39 -17.82
C GLN T 6 -41.06 -72.77 -18.76
N SER T 7 -40.75 -72.75 -20.06
CA SER T 7 -41.66 -72.18 -21.05
C SER T 7 -42.78 -73.14 -21.42
N GLY T 8 -43.77 -72.64 -22.16
CA GLY T 8 -44.86 -73.45 -22.63
C GLY T 8 -44.45 -74.28 -23.82
N PRO T 9 -45.19 -75.36 -24.10
CA PRO T 9 -44.88 -76.29 -25.19
C PRO T 9 -44.87 -75.63 -26.56
N GLU T 10 -44.02 -76.12 -27.45
CA GLU T 10 -43.84 -75.50 -28.76
C GLU T 10 -44.05 -76.51 -29.88
N LEU T 11 -44.55 -76.02 -31.00
CA LEU T 11 -44.74 -76.84 -32.17
C LEU T 11 -44.03 -76.17 -33.33
N VAL T 12 -42.99 -76.82 -33.86
CA VAL T 12 -42.22 -76.24 -34.95
C VAL T 12 -41.82 -77.28 -36.01
N ARG T 13 -41.44 -76.79 -37.19
CA ARG T 13 -41.11 -77.68 -38.30
C ARG T 13 -39.61 -77.96 -38.39
N PRO T 14 -39.24 -79.15 -38.89
CA PRO T 14 -37.85 -79.58 -39.05
C PRO T 14 -36.98 -78.57 -39.81
N GLY T 15 -35.76 -78.38 -39.33
CA GLY T 15 -34.85 -77.41 -39.93
C GLY T 15 -34.80 -76.12 -39.12
N ALA T 16 -35.91 -75.79 -38.48
CA ALA T 16 -35.99 -74.57 -37.69
C ALA T 16 -35.27 -74.70 -36.36
N SER T 17 -35.45 -73.71 -35.49
CA SER T 17 -34.81 -73.71 -34.19
C SER T 17 -35.55 -72.79 -33.22
N MET T 18 -35.49 -73.11 -31.93
CA MET T 18 -36.14 -72.30 -30.91
C MET T 18 -35.45 -72.44 -29.55
N LYS T 19 -35.86 -71.60 -28.61
CA LYS T 19 -35.21 -71.50 -27.31
C LYS T 19 -36.18 -71.73 -26.15
N ILE T 20 -35.81 -72.67 -25.28
CA ILE T 20 -36.61 -73.00 -24.09
C ILE T 20 -36.13 -72.24 -22.86
N SER T 21 -37.05 -71.56 -22.19
CA SER T 21 -36.71 -70.79 -21.00
C SER T 21 -36.89 -71.62 -19.73
N CYS T 22 -36.24 -71.18 -18.66
CA CYS T 22 -36.35 -71.81 -17.35
C CYS T 22 -36.04 -70.79 -16.25
N LYS T 23 -37.08 -70.15 -15.73
CA LYS T 23 -36.90 -69.10 -14.74
C LYS T 23 -36.73 -69.68 -13.34
N ALA T 24 -35.78 -69.13 -12.61
CA ALA T 24 -35.52 -69.56 -11.24
C ALA T 24 -36.08 -68.55 -10.25
N SER T 25 -36.44 -69.04 -9.07
CA SER T 25 -37.02 -68.21 -8.03
C SER T 25 -36.97 -68.94 -6.68
N GLY T 26 -36.48 -68.24 -5.67
CA GLY T 26 -36.41 -68.81 -4.33
C GLY T 26 -34.99 -68.95 -3.79
N TYR T 27 -34.01 -68.85 -4.67
CA TYR T 27 -32.61 -68.98 -4.26
C TYR T 27 -31.73 -68.00 -5.00
N SER T 28 -30.51 -67.82 -4.51
CA SER T 28 -29.51 -67.01 -5.19
C SER T 28 -29.11 -67.71 -6.49
N PHE T 29 -29.60 -67.18 -7.60
CA PHE T 29 -29.50 -67.85 -8.90
C PHE T 29 -28.08 -68.15 -9.36
N THR T 30 -27.18 -67.19 -9.15
CA THR T 30 -25.80 -67.32 -9.60
C THR T 30 -25.04 -68.36 -8.79
N GLY T 31 -25.71 -68.94 -7.81
CA GLY T 31 -25.05 -69.87 -6.91
C GLY T 31 -24.98 -71.28 -7.45
N TYR T 32 -26.13 -71.87 -7.77
CA TYR T 32 -26.16 -73.27 -8.17
C TYR T 32 -26.15 -73.45 -9.68
N THR T 33 -25.31 -74.36 -10.18
CA THR T 33 -25.22 -74.64 -11.61
C THR T 33 -26.49 -75.33 -12.09
N MET T 34 -26.71 -75.34 -13.41
CA MET T 34 -27.95 -75.89 -13.98
C MET T 34 -27.73 -77.02 -14.99
N ASN T 35 -28.59 -78.03 -14.93
CA ASN T 35 -28.55 -79.11 -15.92
C ASN T 35 -29.72 -79.06 -16.91
N TRP T 36 -29.61 -79.83 -17.99
CA TRP T 36 -30.68 -79.96 -18.96
C TRP T 36 -30.79 -81.41 -19.41
N VAL T 37 -31.99 -81.96 -19.30
CA VAL T 37 -32.23 -83.37 -19.56
C VAL T 37 -33.31 -83.57 -20.62
N LYS T 38 -33.02 -84.45 -21.58
CA LYS T 38 -33.93 -84.78 -22.67
C LYS T 38 -34.65 -86.10 -22.39
N GLN T 39 -35.99 -86.05 -22.36
CA GLN T 39 -36.79 -87.25 -22.18
C GLN T 39 -37.50 -87.56 -23.49
N SER T 40 -36.87 -88.37 -24.34
CA SER T 40 -37.47 -88.74 -25.61
C SER T 40 -38.38 -89.94 -25.44
N HIS T 41 -39.28 -90.16 -26.40
CA HIS T 41 -40.20 -91.29 -26.34
C HIS T 41 -39.45 -92.60 -26.53
N GLY T 42 -38.63 -92.67 -27.57
CA GLY T 42 -37.89 -93.88 -27.91
C GLY T 42 -36.75 -94.22 -26.98
N LYS T 43 -35.93 -93.21 -26.66
CA LYS T 43 -34.76 -93.45 -25.82
C LYS T 43 -35.07 -93.07 -24.38
N ASN T 44 -34.23 -93.55 -23.47
CA ASN T 44 -34.36 -93.22 -22.05
C ASN T 44 -34.03 -91.75 -21.81
N LEU T 45 -33.95 -91.38 -20.54
CA LEU T 45 -33.53 -90.04 -20.17
C LEU T 45 -32.09 -89.77 -20.61
N GLU T 46 -31.91 -88.75 -21.46
CA GLU T 46 -30.59 -88.37 -21.93
C GLU T 46 -30.13 -87.08 -21.23
N TRP T 47 -28.82 -86.91 -21.07
CA TRP T 47 -28.28 -85.71 -20.44
C TRP T 47 -27.67 -84.78 -21.48
N ILE T 48 -28.16 -83.55 -21.54
CA ILE T 48 -27.71 -82.62 -22.56
C ILE T 48 -26.37 -82.01 -22.17
N GLY T 49 -26.34 -81.28 -21.06
CA GLY T 49 -25.13 -80.62 -20.59
C GLY T 49 -25.39 -79.82 -19.32
N LEU T 50 -24.43 -79.00 -18.90
CA LEU T 50 -24.63 -78.15 -17.73
C LEU T 50 -23.97 -76.77 -17.88
N ILE T 51 -24.45 -75.81 -17.09
CA ILE T 51 -23.99 -74.43 -17.22
C ILE T 51 -23.88 -73.76 -15.86
N ASN T 52 -22.83 -72.97 -15.70
CA ASN T 52 -22.60 -72.27 -14.45
C ASN T 52 -23.03 -70.81 -14.57
N PRO T 53 -24.15 -70.47 -13.92
CA PRO T 53 -24.78 -69.15 -13.94
C PRO T 53 -23.80 -68.04 -13.60
N TYR T 54 -22.81 -68.37 -12.78
CA TYR T 54 -21.86 -67.38 -12.32
C TYR T 54 -20.76 -67.16 -13.34
N ASN T 55 -20.15 -68.27 -13.74
CA ASN T 55 -19.09 -68.29 -14.72
C ASN T 55 -19.53 -67.93 -16.12
N GLY T 56 -20.63 -68.54 -16.55
CA GLY T 56 -21.01 -68.53 -17.94
C GLY T 56 -20.36 -69.73 -18.62
N GLY T 57 -19.61 -70.50 -17.83
CA GLY T 57 -18.94 -71.68 -18.34
C GLY T 57 -19.93 -72.80 -18.57
N THR T 58 -19.64 -73.64 -19.56
CA THR T 58 -20.55 -74.71 -19.92
C THR T 58 -19.79 -75.98 -20.24
N SER T 59 -20.46 -77.11 -20.13
CA SER T 59 -19.90 -78.36 -20.56
C SER T 59 -21.01 -79.23 -21.15
N TYR T 60 -20.86 -79.59 -22.43
CA TYR T 60 -21.88 -80.34 -23.14
C TYR T 60 -21.57 -81.83 -23.23
N ASN T 61 -22.62 -82.64 -23.36
CA ASN T 61 -22.47 -84.04 -23.71
C ASN T 61 -21.82 -84.13 -25.08
N GLN T 62 -21.11 -85.22 -25.32
CA GLN T 62 -20.44 -85.40 -26.61
C GLN T 62 -21.46 -85.59 -27.74
N LYS T 63 -22.63 -86.12 -27.40
CA LYS T 63 -23.68 -86.36 -28.38
C LYS T 63 -24.34 -85.06 -28.84
N PHE T 64 -24.37 -84.05 -27.98
CA PHE T 64 -25.16 -82.86 -28.25
C PHE T 64 -24.33 -81.65 -28.70
N LYS T 65 -23.08 -81.90 -29.08
CA LYS T 65 -22.19 -80.84 -29.57
C LYS T 65 -22.77 -80.23 -30.84
N GLY T 66 -23.30 -79.02 -30.72
CA GLY T 66 -23.86 -78.31 -31.85
C GLY T 66 -25.37 -78.34 -31.91
N LYS T 67 -25.96 -79.34 -31.24
CA LYS T 67 -27.40 -79.47 -31.19
C LYS T 67 -28.01 -78.53 -30.16
N ALA T 68 -27.30 -78.31 -29.06
CA ALA T 68 -27.78 -77.45 -27.99
C ALA T 68 -26.79 -76.33 -27.63
N THR T 69 -27.32 -75.22 -27.14
CA THR T 69 -26.51 -74.06 -26.79
C THR T 69 -27.05 -73.38 -25.53
N LEU T 70 -26.40 -73.66 -24.41
CA LEU T 70 -26.86 -73.17 -23.12
C LEU T 70 -26.37 -71.74 -22.88
N THR T 71 -27.30 -70.89 -22.46
CA THR T 71 -26.98 -69.51 -22.12
C THR T 71 -27.67 -69.16 -20.81
N VAL T 72 -27.56 -67.90 -20.38
CA VAL T 72 -28.07 -67.52 -19.08
C VAL T 72 -28.17 -66.01 -18.93
N ASP T 73 -29.22 -65.54 -18.27
CA ASP T 73 -29.36 -64.13 -17.97
C ASP T 73 -29.43 -63.90 -16.46
N LYS T 74 -28.39 -63.32 -15.89
CA LYS T 74 -28.32 -63.14 -14.45
C LYS T 74 -29.34 -62.15 -13.92
N SER T 75 -29.67 -61.15 -14.73
CA SER T 75 -30.54 -60.07 -14.28
C SER T 75 -31.98 -60.55 -14.08
N SER T 76 -32.36 -61.64 -14.74
CA SER T 76 -33.72 -62.13 -14.65
C SER T 76 -33.77 -63.49 -13.97
N SER T 77 -32.59 -64.00 -13.61
CA SER T 77 -32.46 -65.32 -12.98
C SER T 77 -33.10 -66.40 -13.84
N THR T 78 -32.56 -66.58 -15.05
CA THR T 78 -33.12 -67.51 -16.02
C THR T 78 -32.05 -68.20 -16.85
N ALA T 79 -32.19 -69.51 -17.02
CA ALA T 79 -31.30 -70.27 -17.90
C ALA T 79 -32.00 -70.54 -19.23
N TYR T 80 -31.23 -70.51 -20.31
CA TYR T 80 -31.81 -70.72 -21.65
C TYR T 80 -31.13 -71.89 -22.36
N MET T 81 -31.78 -72.37 -23.43
CA MET T 81 -31.27 -73.47 -24.25
C MET T 81 -31.79 -73.42 -25.67
N GLU T 82 -30.92 -73.06 -26.60
CA GLU T 82 -31.25 -73.07 -28.01
C GLU T 82 -31.07 -74.46 -28.59
N LEU T 83 -31.88 -74.78 -29.58
CA LEU T 83 -31.84 -76.08 -30.23
C LEU T 83 -31.84 -75.89 -31.75
N LEU T 84 -30.65 -75.94 -32.35
CA LEU T 84 -30.51 -75.68 -33.78
C LEU T 84 -30.71 -76.94 -34.62
N SER T 85 -31.14 -76.76 -35.86
CA SER T 85 -31.36 -77.85 -36.82
C SER T 85 -32.29 -78.93 -36.28
N LEU T 86 -33.44 -78.50 -35.76
CA LEU T 86 -34.45 -79.42 -35.22
C LEU T 86 -34.93 -80.42 -36.26
N THR T 87 -35.15 -81.67 -35.83
CA THR T 87 -35.68 -82.72 -36.69
C THR T 87 -36.81 -83.47 -36.00
N SER T 88 -37.21 -84.61 -36.57
CA SER T 88 -38.25 -85.42 -35.97
C SER T 88 -37.73 -86.10 -34.71
N GLU T 89 -36.42 -86.32 -34.68
CA GLU T 89 -35.79 -87.01 -33.56
C GLU T 89 -35.80 -86.16 -32.29
N ASP T 90 -35.59 -84.87 -32.45
CA ASP T 90 -35.44 -83.94 -31.31
C ASP T 90 -36.76 -83.68 -30.61
N SER T 91 -37.84 -84.27 -31.13
CA SER T 91 -39.13 -84.13 -30.50
C SER T 91 -39.15 -84.88 -29.17
N ALA T 92 -39.27 -84.13 -28.08
CA ALA T 92 -39.26 -84.72 -26.74
C ALA T 92 -39.70 -83.72 -25.67
N VAL T 93 -39.53 -84.13 -24.41
CA VAL T 93 -39.80 -83.26 -23.26
C VAL T 93 -38.48 -82.90 -22.59
N TYR T 94 -38.21 -81.60 -22.47
CA TYR T 94 -36.94 -81.14 -21.94
C TYR T 94 -37.09 -80.52 -20.57
N TYR T 95 -36.27 -80.98 -19.63
CA TYR T 95 -36.29 -80.45 -18.27
C TYR T 95 -34.99 -79.74 -17.96
N CYS T 96 -35.06 -78.73 -17.09
CA CYS T 96 -33.87 -78.13 -16.54
C CYS T 96 -33.77 -78.49 -15.06
N ALA T 97 -32.60 -78.94 -14.63
CA ALA T 97 -32.41 -79.43 -13.27
C ALA T 97 -31.26 -78.73 -12.55
N ARG T 98 -31.54 -78.23 -11.35
CA ARG T 98 -30.54 -77.53 -10.56
C ARG T 98 -29.60 -78.51 -9.87
N ASP T 99 -28.36 -78.09 -9.69
CA ASP T 99 -27.43 -78.84 -8.85
C ASP T 99 -27.74 -78.51 -7.39
N GLY T 100 -27.17 -79.26 -6.47
CA GLY T 100 -27.55 -79.15 -5.07
C GLY T 100 -26.61 -78.37 -4.17
N ASP T 101 -25.44 -78.01 -4.68
CA ASP T 101 -24.43 -77.34 -3.87
C ASP T 101 -24.26 -75.86 -4.17
N TYR T 102 -23.95 -75.09 -3.14
CA TYR T 102 -23.83 -73.63 -3.20
C TYR T 102 -22.48 -73.17 -3.77
N TYR T 103 -22.52 -72.59 -4.96
CA TYR T 103 -21.32 -72.10 -5.66
C TYR T 103 -20.24 -73.16 -5.83
N ARG T 104 -20.66 -74.38 -6.15
CA ARG T 104 -19.74 -75.49 -6.40
C ARG T 104 -20.51 -76.67 -7.00
N TYR T 105 -19.84 -77.40 -7.89
CA TYR T 105 -20.44 -78.55 -8.55
C TYR T 105 -20.39 -79.78 -7.64
N GLY T 106 -21.48 -80.02 -6.92
CA GLY T 106 -21.60 -81.16 -6.03
C GLY T 106 -21.99 -82.45 -6.72
N ARG T 107 -22.25 -82.37 -8.02
CA ARG T 107 -22.59 -83.52 -8.85
C ARG T 107 -23.82 -84.30 -8.34
N TYR T 108 -24.85 -83.59 -7.91
CA TYR T 108 -26.08 -84.27 -7.53
C TYR T 108 -27.30 -83.38 -7.79
N PHE T 109 -28.39 -84.03 -8.18
CA PHE T 109 -29.57 -83.32 -8.67
C PHE T 109 -30.53 -82.87 -7.57
N ASP T 110 -30.98 -81.63 -7.68
CA ASP T 110 -31.80 -81.01 -6.67
C ASP T 110 -33.24 -80.92 -7.14
N TYR T 111 -33.61 -79.73 -7.59
CA TYR T 111 -34.96 -79.47 -8.08
C TYR T 111 -35.00 -79.52 -9.61
N TRP T 112 -36.12 -79.96 -10.14
CA TRP T 112 -36.36 -79.99 -11.57
C TRP T 112 -37.51 -79.05 -11.92
N GLY T 113 -37.58 -78.64 -13.18
CA GLY T 113 -38.72 -77.88 -13.67
C GLY T 113 -39.85 -78.82 -14.04
N GLN T 114 -41.02 -78.28 -14.36
CA GLN T 114 -42.15 -79.11 -14.74
C GLN T 114 -41.90 -79.74 -16.10
N GLY T 115 -40.99 -79.14 -16.87
CA GLY T 115 -40.63 -79.66 -18.18
C GLY T 115 -41.29 -78.87 -19.30
N THR T 116 -40.85 -79.14 -20.53
CA THR T 116 -41.42 -78.48 -21.70
C THR T 116 -41.52 -79.45 -22.86
N THR T 117 -42.73 -79.66 -23.36
CA THR T 117 -42.95 -80.61 -24.44
C THR T 117 -42.64 -79.97 -25.79
N LEU T 118 -41.61 -80.47 -26.46
CA LEU T 118 -41.24 -79.98 -27.78
C LEU T 118 -41.70 -80.94 -28.87
N THR T 119 -42.74 -80.56 -29.61
CA THR T 119 -43.22 -81.39 -30.73
C THR T 119 -42.77 -80.82 -32.06
N VAL T 120 -41.82 -81.50 -32.70
CA VAL T 120 -41.33 -81.09 -34.00
C VAL T 120 -41.77 -82.07 -35.06
N SER T 121 -42.91 -81.78 -35.69
CA SER T 121 -43.47 -82.67 -36.70
C SER T 121 -43.83 -81.90 -37.96
N SER T 122 -43.52 -82.48 -39.12
CA SER T 122 -43.79 -81.84 -40.40
C SER T 122 -45.13 -82.31 -40.97
N ALA T 123 -46.21 -81.93 -40.31
CA ALA T 123 -47.54 -82.28 -40.78
C ALA T 123 -48.49 -81.12 -40.56
N LYS T 124 -49.46 -80.96 -41.49
CA LYS T 124 -50.46 -79.91 -41.39
C LYS T 124 -51.65 -80.38 -40.57
N THR T 125 -52.61 -79.49 -40.33
CA THR T 125 -53.78 -79.83 -39.53
C THR T 125 -54.64 -80.88 -40.24
N THR T 126 -54.59 -82.10 -39.73
CA THR T 126 -55.33 -83.22 -40.30
C THR T 126 -56.51 -83.58 -39.39
N PRO T 127 -57.71 -83.76 -39.97
CA PRO T 127 -58.91 -84.15 -39.23
C PRO T 127 -58.94 -85.64 -38.88
N PRO T 128 -59.61 -85.98 -37.76
CA PRO T 128 -59.69 -87.35 -37.24
C PRO T 128 -60.62 -88.25 -38.07
N SER T 129 -60.10 -89.40 -38.52
CA SER T 129 -60.89 -90.32 -39.34
C SER T 129 -61.57 -91.39 -38.49
N VAL T 130 -62.60 -91.00 -37.73
CA VAL T 130 -63.20 -91.88 -36.74
C VAL T 130 -63.96 -93.04 -37.35
N TYR T 131 -63.55 -94.25 -36.97
CA TYR T 131 -64.20 -95.45 -37.42
C TYR T 131 -64.82 -96.18 -36.23
N PRO T 132 -66.14 -96.43 -36.26
CA PRO T 132 -66.79 -97.17 -35.17
C PRO T 132 -66.34 -98.63 -35.14
N LEU T 133 -66.08 -99.14 -33.95
CA LEU T 133 -65.74 -100.56 -33.78
C LEU T 133 -66.89 -101.32 -33.16
N ALA T 134 -67.18 -102.51 -33.68
CA ALA T 134 -68.19 -103.38 -33.10
C ALA T 134 -67.60 -104.75 -32.84
N PRO T 135 -68.04 -105.41 -31.75
CA PRO T 135 -67.44 -106.70 -31.40
C PRO T 135 -67.95 -107.83 -32.30
N GLY T 136 -67.04 -108.68 -32.75
CA GLY T 136 -67.41 -109.87 -33.48
C GLY T 136 -68.22 -110.79 -32.58
N SER T 137 -68.86 -111.79 -33.18
CA SER T 137 -69.76 -112.67 -32.44
C SER T 137 -69.13 -113.28 -31.18
N ALA T 138 -67.97 -113.91 -31.35
CA ALA T 138 -67.37 -114.72 -30.30
C ALA T 138 -67.11 -113.97 -28.99
N ALA T 139 -66.38 -112.87 -29.09
CA ALA T 139 -65.78 -112.20 -27.93
C ALA T 139 -66.75 -111.89 -26.78
N GLN T 140 -67.89 -111.31 -27.10
CA GLN T 140 -68.80 -110.84 -26.06
C GLN T 140 -70.04 -111.72 -25.86
N THR T 141 -69.87 -112.81 -25.12
CA THR T 141 -71.00 -113.63 -24.74
C THR T 141 -71.39 -113.25 -23.31
N ASN T 142 -70.60 -112.38 -22.71
CA ASN T 142 -70.86 -111.90 -21.36
C ASN T 142 -72.17 -111.13 -21.27
N SER T 143 -72.70 -111.03 -20.06
CA SER T 143 -73.95 -110.34 -19.81
C SER T 143 -73.79 -108.83 -19.99
N MET T 144 -72.56 -108.38 -20.19
CA MET T 144 -72.30 -107.00 -20.54
C MET T 144 -71.35 -106.97 -21.73
N VAL T 145 -71.38 -105.89 -22.50
CA VAL T 145 -70.61 -105.83 -23.75
C VAL T 145 -69.85 -104.50 -23.89
N THR T 146 -68.65 -104.56 -24.48
CA THR T 146 -67.80 -103.39 -24.65
C THR T 146 -67.62 -103.00 -26.13
N LEU T 147 -67.84 -101.72 -26.44
CA LEU T 147 -67.78 -101.21 -27.81
C LEU T 147 -67.09 -99.85 -27.84
N GLY T 148 -66.26 -99.60 -28.85
CA GLY T 148 -65.50 -98.36 -28.89
C GLY T 148 -65.27 -97.73 -30.25
N CYS T 149 -64.65 -96.56 -30.24
CA CYS T 149 -64.26 -95.86 -31.47
C CYS T 149 -62.84 -96.24 -31.88
N LEU T 150 -62.32 -95.55 -32.88
CA LEU T 150 -60.95 -95.75 -33.35
C LEU T 150 -60.48 -94.49 -34.07
N VAL T 151 -60.35 -93.39 -33.31
CA VAL T 151 -59.94 -92.11 -33.90
C VAL T 151 -58.57 -92.24 -34.54
N LYS T 152 -58.53 -92.14 -35.87
CA LYS T 152 -57.31 -92.43 -36.62
C LYS T 152 -56.93 -91.29 -37.55
N GLY T 153 -55.64 -91.12 -37.76
CA GLY T 153 -55.12 -90.15 -38.71
C GLY T 153 -55.47 -88.71 -38.38
N TYR T 154 -54.97 -88.21 -37.26
CA TYR T 154 -55.18 -86.81 -36.89
C TYR T 154 -53.92 -86.17 -36.30
N PHE T 155 -53.91 -84.84 -36.36
CA PHE T 155 -52.76 -84.03 -35.98
C PHE T 155 -53.15 -82.55 -36.12
N PRO T 156 -52.80 -81.72 -35.12
CA PRO T 156 -52.16 -82.15 -33.88
C PRO T 156 -53.17 -82.34 -32.73
N GLU T 157 -52.67 -82.76 -31.57
CA GLU T 157 -53.47 -82.98 -30.37
C GLU T 157 -54.24 -81.70 -29.98
N PRO T 158 -55.25 -81.82 -29.12
CA PRO T 158 -55.86 -83.02 -28.54
C PRO T 158 -57.24 -83.33 -29.14
N VAL T 159 -57.82 -84.47 -28.79
CA VAL T 159 -59.20 -84.77 -29.18
C VAL T 159 -59.98 -85.32 -27.98
N THR T 160 -61.18 -84.78 -27.76
CA THR T 160 -62.02 -85.24 -26.68
C THR T 160 -63.07 -86.21 -27.20
N VAL T 161 -63.34 -87.25 -26.41
CA VAL T 161 -64.29 -88.28 -26.82
C VAL T 161 -65.36 -88.50 -25.76
N THR T 162 -66.62 -88.36 -26.16
CA THR T 162 -67.76 -88.61 -25.28
C THR T 162 -68.69 -89.64 -25.89
N TRP T 163 -69.57 -90.20 -25.06
CA TRP T 163 -70.51 -91.24 -25.50
C TRP T 163 -71.95 -90.84 -25.23
N ASN T 164 -72.76 -90.84 -26.29
CA ASN T 164 -74.13 -90.34 -26.23
C ASN T 164 -74.19 -88.92 -25.68
N SER T 165 -73.29 -88.07 -26.20
CA SER T 165 -73.13 -86.70 -25.74
C SER T 165 -72.82 -86.65 -24.24
N GLY T 166 -72.11 -87.66 -23.77
CA GLY T 166 -71.72 -87.74 -22.37
C GLY T 166 -72.79 -88.25 -21.44
N SER T 167 -73.90 -88.73 -22.01
CA SER T 167 -75.00 -89.26 -21.20
C SER T 167 -74.68 -90.67 -20.70
N LEU T 168 -73.61 -91.24 -21.24
CA LEU T 168 -73.09 -92.51 -20.77
C LEU T 168 -71.65 -92.34 -20.29
N SER T 169 -71.50 -91.87 -19.06
CA SER T 169 -70.17 -91.52 -18.54
C SER T 169 -69.66 -92.52 -17.51
N SER T 170 -70.07 -93.77 -17.63
CA SER T 170 -69.61 -94.83 -16.73
C SER T 170 -69.18 -96.07 -17.52
N GLY T 171 -67.94 -96.51 -17.29
CA GLY T 171 -67.37 -97.60 -18.06
C GLY T 171 -66.62 -97.04 -19.26
N VAL T 172 -66.45 -95.73 -19.26
CA VAL T 172 -65.73 -95.03 -20.32
C VAL T 172 -64.23 -95.08 -20.09
N HIS T 173 -63.51 -95.74 -20.99
CA HIS T 173 -62.05 -95.83 -20.89
C HIS T 173 -61.40 -95.31 -22.17
N THR T 174 -60.97 -94.06 -22.13
CA THR T 174 -60.31 -93.42 -23.27
C THR T 174 -58.78 -93.51 -23.13
N PHE T 175 -58.16 -94.21 -24.07
CA PHE T 175 -56.75 -94.60 -23.98
C PHE T 175 -55.80 -93.52 -24.52
N PRO T 176 -54.50 -93.59 -24.14
CA PRO T 176 -53.52 -92.64 -24.68
C PRO T 176 -53.34 -92.77 -26.18
N ALA T 177 -52.89 -91.71 -26.83
CA ALA T 177 -52.68 -91.75 -28.26
C ALA T 177 -51.35 -92.40 -28.60
N VAL T 178 -51.11 -92.64 -29.88
CA VAL T 178 -49.79 -93.04 -30.37
C VAL T 178 -49.44 -92.23 -31.60
N LEU T 179 -48.40 -92.66 -32.32
CA LEU T 179 -47.93 -91.91 -33.47
C LEU T 179 -47.41 -92.82 -34.57
N GLN T 180 -48.24 -93.07 -35.56
CA GLN T 180 -47.84 -93.84 -36.72
C GLN T 180 -47.95 -92.98 -37.98
N SER T 181 -46.84 -92.86 -38.70
CA SER T 181 -46.77 -92.05 -39.92
C SER T 181 -47.16 -90.59 -39.67
N ASP T 182 -46.50 -89.97 -38.69
CA ASP T 182 -46.65 -88.53 -38.40
C ASP T 182 -48.03 -88.09 -37.94
N LEU T 183 -48.98 -89.02 -37.85
CA LEU T 183 -50.32 -88.70 -37.39
C LEU T 183 -50.62 -89.45 -36.10
N TYR T 184 -51.48 -88.87 -35.26
CA TYR T 184 -51.84 -89.51 -34.00
C TYR T 184 -53.04 -90.44 -34.18
N THR T 185 -53.18 -91.39 -33.26
CA THR T 185 -54.23 -92.40 -33.35
C THR T 185 -54.53 -92.97 -31.97
N LEU T 186 -55.77 -92.80 -31.51
CA LEU T 186 -56.17 -93.37 -30.23
C LEU T 186 -57.38 -94.28 -30.39
N SER T 187 -57.92 -94.73 -29.26
CA SER T 187 -59.21 -95.39 -29.24
C SER T 187 -59.90 -95.11 -27.91
N SER T 188 -61.15 -95.51 -27.80
CA SER T 188 -61.93 -95.24 -26.60
C SER T 188 -63.09 -96.21 -26.49
N SER T 189 -62.97 -97.20 -25.61
CA SER T 189 -64.02 -98.18 -25.41
C SER T 189 -64.94 -97.78 -24.27
N VAL T 190 -66.15 -98.33 -24.27
CA VAL T 190 -67.10 -98.10 -23.20
C VAL T 190 -67.91 -99.37 -22.99
N THR T 191 -68.31 -99.64 -21.75
CA THR T 191 -69.05 -100.86 -21.45
C THR T 191 -70.50 -100.58 -21.07
N VAL T 192 -71.40 -101.38 -21.62
CA VAL T 192 -72.81 -101.36 -21.27
C VAL T 192 -73.33 -102.79 -21.20
N PRO T 193 -74.35 -103.04 -20.36
CA PRO T 193 -74.95 -104.38 -20.35
C PRO T 193 -75.61 -104.68 -21.67
N SER T 194 -75.70 -105.96 -22.02
CA SER T 194 -76.34 -106.37 -23.26
C SER T 194 -77.81 -105.95 -23.27
N SER T 195 -78.37 -105.80 -22.08
CA SER T 195 -79.78 -105.44 -21.91
C SER T 195 -80.13 -104.15 -22.65
N THR T 196 -79.15 -103.26 -22.78
CA THR T 196 -79.39 -101.94 -23.32
C THR T 196 -78.78 -101.73 -24.70
N TRP T 197 -78.20 -102.77 -25.27
CA TRP T 197 -77.64 -102.68 -26.62
C TRP T 197 -77.88 -103.94 -27.44
N PRO T 198 -78.33 -103.78 -28.70
CA PRO T 198 -78.71 -102.50 -29.33
C PRO T 198 -80.15 -102.07 -29.01
N SER T 199 -80.57 -102.25 -27.76
CA SER T 199 -81.89 -101.81 -27.31
C SER T 199 -82.02 -100.28 -27.35
N GLU T 200 -80.89 -99.60 -27.48
CA GLU T 200 -80.89 -98.16 -27.70
C GLU T 200 -79.63 -97.78 -28.48
N THR T 201 -79.76 -96.76 -29.33
CA THR T 201 -78.66 -96.34 -30.19
C THR T 201 -77.56 -95.60 -29.43
N VAL T 202 -76.43 -96.27 -29.21
CA VAL T 202 -75.29 -95.62 -28.58
C VAL T 202 -74.33 -95.06 -29.64
N THR T 203 -74.06 -93.77 -29.54
CA THR T 203 -73.23 -93.07 -30.49
C THR T 203 -72.07 -92.38 -29.78
N CYS T 204 -70.90 -92.35 -30.40
CA CYS T 204 -69.76 -91.66 -29.80
C CYS T 204 -69.49 -90.31 -30.46
N ASN T 205 -69.17 -89.32 -29.64
CA ASN T 205 -68.89 -87.98 -30.12
C ASN T 205 -67.41 -87.66 -30.04
N VAL T 206 -66.81 -87.35 -31.19
CA VAL T 206 -65.39 -87.02 -31.24
C VAL T 206 -65.18 -85.63 -31.82
N ALA T 207 -64.56 -84.75 -31.04
CA ALA T 207 -64.31 -83.38 -31.49
C ALA T 207 -62.82 -83.09 -31.61
N HIS T 208 -62.48 -82.18 -32.51
CA HIS T 208 -61.08 -81.87 -32.80
C HIS T 208 -60.93 -80.38 -33.09
N PRO T 209 -60.61 -79.60 -32.06
CA PRO T 209 -60.50 -78.15 -32.16
C PRO T 209 -59.44 -77.69 -33.16
N ALA T 210 -58.48 -78.56 -33.46
CA ALA T 210 -57.41 -78.19 -34.39
C ALA T 210 -57.97 -77.98 -35.80
N SER T 211 -58.96 -78.77 -36.17
CA SER T 211 -59.61 -78.62 -37.47
C SER T 211 -61.10 -78.37 -37.31
N SER T 212 -61.51 -78.03 -36.08
CA SER T 212 -62.91 -77.78 -35.76
C SER T 212 -63.80 -78.92 -36.21
N THR T 213 -63.35 -80.15 -35.98
CA THR T 213 -64.02 -81.33 -36.52
C THR T 213 -64.81 -82.09 -35.46
N LYS T 214 -65.98 -81.57 -35.12
CA LYS T 214 -66.90 -82.30 -34.26
C LYS T 214 -67.76 -83.25 -35.11
N VAL T 215 -67.53 -84.55 -34.96
CA VAL T 215 -68.19 -85.56 -35.77
C VAL T 215 -68.85 -86.64 -34.90
N ASP T 216 -70.01 -87.13 -35.35
CA ASP T 216 -70.74 -88.16 -34.62
C ASP T 216 -70.88 -89.45 -35.41
N LYS T 217 -70.63 -90.58 -34.75
CA LYS T 217 -70.75 -91.89 -35.37
C LYS T 217 -71.41 -92.87 -34.42
N LYS T 218 -72.50 -93.49 -34.87
CA LYS T 218 -73.19 -94.48 -34.04
C LYS T 218 -72.50 -95.83 -34.12
N ILE T 219 -72.85 -96.71 -33.19
CA ILE T 219 -72.35 -98.07 -33.20
C ILE T 219 -73.31 -99.02 -33.92
N VAL T 220 -72.80 -99.78 -34.88
CA VAL T 220 -73.62 -100.75 -35.62
C VAL T 220 -72.92 -102.10 -35.73
N PRO T 221 -73.62 -103.20 -35.40
CA PRO T 221 -73.01 -104.54 -35.40
C PRO T 221 -72.37 -104.88 -36.74
N ARG T 222 -71.16 -105.44 -36.66
CA ARG T 222 -70.39 -105.78 -37.84
C ARG T 222 -71.13 -106.84 -38.66
N ASP T 223 -71.35 -106.57 -39.93
CA ASP T 223 -72.00 -107.54 -40.79
C ASP T 223 -71.07 -108.71 -41.04
N CYS T 224 -71.63 -109.82 -41.51
CA CYS T 224 -70.88 -111.04 -41.75
C CYS T 224 -69.63 -110.83 -42.60
N GLU U 1 46.39 -59.19 41.05
CA GLU U 1 47.38 -59.71 40.12
C GLU U 1 47.00 -61.10 39.63
N VAL U 2 47.69 -61.58 38.61
CA VAL U 2 47.43 -62.92 38.06
C VAL U 2 48.48 -63.91 38.56
N GLN U 3 48.18 -65.20 38.44
CA GLN U 3 49.11 -66.24 38.86
C GLN U 3 48.92 -67.51 38.04
N LEU U 4 50.04 -68.19 37.79
CA LEU U 4 50.02 -69.48 37.11
C LEU U 4 50.82 -70.52 37.89
N GLN U 5 50.22 -71.08 38.93
CA GLN U 5 50.91 -72.08 39.75
C GLN U 5 50.81 -73.46 39.12
N GLN U 6 51.97 -74.02 38.80
CA GLN U 6 52.05 -75.34 38.20
C GLN U 6 52.23 -76.41 39.27
N SER U 7 52.36 -77.66 38.86
CA SER U 7 52.52 -78.76 39.80
C SER U 7 53.96 -78.86 40.29
N GLY U 8 54.16 -79.69 41.30
CA GLY U 8 55.49 -79.95 41.83
C GLY U 8 56.25 -80.91 40.96
N PRO U 9 57.58 -80.89 41.05
CA PRO U 9 58.46 -81.72 40.20
C PRO U 9 58.17 -83.20 40.35
N GLU U 10 58.37 -83.96 39.28
CA GLU U 10 58.06 -85.38 39.25
C GLU U 10 59.26 -86.21 38.81
N LEU U 11 59.36 -87.41 39.36
CA LEU U 11 60.41 -88.36 39.01
C LEU U 11 59.76 -89.67 38.59
N VAL U 12 59.89 -90.03 37.31
CA VAL U 12 59.28 -91.27 36.80
C VAL U 12 60.20 -92.02 35.85
N ARG U 13 59.88 -93.29 35.61
CA ARG U 13 60.74 -94.15 34.80
C ARG U 13 60.27 -94.18 33.35
N PRO U 14 61.22 -94.39 32.41
CA PRO U 14 60.94 -94.46 30.96
C PRO U 14 59.83 -95.45 30.61
N GLY U 15 58.96 -95.03 29.69
CA GLY U 15 57.81 -95.85 29.29
C GLY U 15 56.52 -95.39 29.93
N ALA U 16 56.63 -94.84 31.14
CA ALA U 16 55.47 -94.37 31.88
C ALA U 16 54.96 -93.03 31.33
N SER U 17 54.03 -92.42 32.06
CA SER U 17 53.44 -91.15 31.65
C SER U 17 52.81 -90.45 32.86
N MET U 18 52.75 -89.13 32.81
CA MET U 18 52.15 -88.35 33.89
C MET U 18 51.60 -87.02 33.38
N LYS U 19 50.87 -86.32 34.24
CA LYS U 19 50.20 -85.09 33.83
C LYS U 19 50.62 -83.89 34.69
N ILE U 20 51.06 -82.82 34.04
CA ILE U 20 51.45 -81.58 34.71
C ILE U 20 50.31 -80.58 34.76
N SER U 21 50.00 -80.08 35.96
CA SER U 21 48.91 -79.12 36.12
C SER U 21 49.41 -77.68 36.05
N CYS U 22 48.48 -76.76 35.84
CA CYS U 22 48.78 -75.32 35.80
C CYS U 22 47.54 -74.53 36.17
N LYS U 23 47.41 -74.18 37.44
CA LYS U 23 46.21 -73.48 37.88
C LYS U 23 46.34 -71.99 37.60
N ALA U 24 45.28 -71.40 37.06
CA ALA U 24 45.24 -69.96 36.78
C ALA U 24 44.41 -69.25 37.83
N SER U 25 44.71 -67.98 38.05
CA SER U 25 44.00 -67.19 39.05
C SER U 25 44.27 -65.71 38.85
N GLY U 26 43.20 -64.91 38.88
CA GLY U 26 43.34 -63.47 38.75
C GLY U 26 42.66 -62.94 37.50
N TYR U 27 42.32 -63.82 36.58
CA TYR U 27 41.67 -63.42 35.34
C TYR U 27 40.57 -64.39 34.92
N SER U 28 39.72 -63.94 34.00
CA SER U 28 38.70 -64.82 33.43
C SER U 28 39.40 -65.91 32.63
N PHE U 29 39.45 -67.11 33.19
CA PHE U 29 40.27 -68.18 32.63
C PHE U 29 39.96 -68.55 31.20
N THR U 30 38.66 -68.62 30.87
CA THR U 30 38.20 -69.05 29.56
C THR U 30 38.51 -68.03 28.46
N GLY U 31 39.11 -66.90 28.86
CA GLY U 31 39.39 -65.81 27.95
C GLY U 31 40.68 -65.94 27.16
N TYR U 32 41.80 -66.11 27.85
CA TYR U 32 43.10 -66.14 27.19
C TYR U 32 43.56 -67.58 26.93
N THR U 33 44.02 -67.84 25.72
CA THR U 33 44.52 -69.17 25.34
C THR U 33 45.81 -69.49 26.07
N MET U 34 46.22 -70.76 26.09
CA MET U 34 47.40 -71.16 26.86
C MET U 34 48.46 -71.86 26.00
N ASN U 35 49.73 -71.56 26.27
CA ASN U 35 50.86 -72.23 25.61
C ASN U 35 51.59 -73.18 26.54
N TRP U 36 52.46 -74.02 25.98
CA TRP U 36 53.31 -74.90 26.77
C TRP U 36 54.71 -74.96 26.15
N VAL U 37 55.73 -74.69 26.96
CA VAL U 37 57.11 -74.60 26.49
C VAL U 37 58.07 -75.56 27.22
N LYS U 38 58.85 -76.29 26.43
CA LYS U 38 59.82 -77.27 26.93
C LYS U 38 61.22 -76.68 26.98
N GLN U 39 61.80 -76.66 28.18
CA GLN U 39 63.17 -76.19 28.36
C GLN U 39 64.08 -77.37 28.70
N SER U 40 64.65 -77.97 27.66
CA SER U 40 65.55 -79.11 27.83
C SER U 40 66.96 -78.63 28.11
N HIS U 41 67.79 -79.52 28.67
CA HIS U 41 69.18 -79.18 28.95
C HIS U 41 69.98 -79.05 27.66
N GLY U 42 69.86 -80.06 26.80
CA GLY U 42 70.61 -80.09 25.55
C GLY U 42 70.14 -79.11 24.50
N LYS U 43 68.84 -79.04 24.29
CA LYS U 43 68.27 -78.17 23.27
C LYS U 43 67.75 -76.86 23.85
N ASN U 44 67.56 -75.87 22.99
CA ASN U 44 67.02 -74.59 23.40
C ASN U 44 65.56 -74.72 23.82
N LEU U 45 64.93 -73.58 24.06
CA LEU U 45 63.51 -73.54 24.37
C LEU U 45 62.69 -74.04 23.18
N GLU U 46 61.95 -75.13 23.41
CA GLU U 46 61.08 -75.69 22.38
C GLU U 46 59.63 -75.33 22.70
N TRP U 47 58.80 -75.21 21.66
CA TRP U 47 57.38 -74.92 21.85
C TRP U 47 56.52 -76.16 21.61
N ILE U 48 55.74 -76.54 22.61
CA ILE U 48 54.94 -77.75 22.54
C ILE U 48 53.67 -77.55 21.73
N GLY U 49 52.82 -76.65 22.21
CA GLY U 49 51.55 -76.38 21.54
C GLY U 49 50.74 -75.36 22.30
N LEU U 50 49.50 -75.16 21.89
CA LEU U 50 48.60 -74.24 22.58
C LEU U 50 47.18 -74.77 22.64
N ILE U 51 46.40 -74.21 23.56
CA ILE U 51 45.04 -74.67 23.78
C ILE U 51 44.14 -73.49 24.15
N ASN U 52 42.92 -73.53 23.63
CA ASN U 52 41.92 -72.50 23.88
C ASN U 52 40.92 -72.95 24.93
N PRO U 53 41.03 -72.41 26.15
CA PRO U 53 40.18 -72.74 27.31
C PRO U 53 38.70 -72.68 26.99
N TYR U 54 38.33 -71.85 26.03
CA TYR U 54 36.94 -71.66 25.68
C TYR U 54 36.46 -72.73 24.70
N ASN U 55 37.18 -72.86 23.60
CA ASN U 55 36.86 -73.85 22.58
C ASN U 55 37.10 -75.27 23.02
N GLY U 56 38.24 -75.50 23.67
CA GLY U 56 38.71 -76.85 23.88
C GLY U 56 39.55 -77.24 22.68
N GLY U 57 39.69 -76.28 21.76
CA GLY U 57 40.51 -76.46 20.58
C GLY U 57 42.00 -76.40 20.84
N THR U 58 42.77 -77.15 20.05
CA THR U 58 44.20 -77.25 20.26
C THR U 58 44.99 -77.25 18.95
N SER U 59 46.26 -76.87 19.03
CA SER U 59 47.17 -77.00 17.90
C SER U 59 48.56 -77.35 18.43
N TYR U 60 49.10 -78.49 18.00
CA TYR U 60 50.38 -78.96 18.49
C TYR U 60 51.50 -78.67 17.51
N ASN U 61 52.71 -78.58 18.02
CA ASN U 61 53.89 -78.58 17.19
C ASN U 61 53.97 -79.89 16.43
N GLN U 62 54.58 -79.88 15.25
CA GLN U 62 54.68 -81.09 14.44
C GLN U 62 55.57 -82.12 15.12
N LYS U 63 56.52 -81.64 15.91
CA LYS U 63 57.43 -82.52 16.62
C LYS U 63 56.75 -83.27 17.76
N PHE U 64 55.71 -82.67 18.34
CA PHE U 64 55.14 -83.20 19.58
C PHE U 64 53.83 -83.95 19.37
N LYS U 65 53.53 -84.27 18.12
CA LYS U 65 52.31 -85.00 17.77
C LYS U 65 52.30 -86.37 18.43
N GLY U 66 51.49 -86.52 19.47
CA GLY U 66 51.37 -87.79 20.16
C GLY U 66 52.18 -87.85 21.43
N LYS U 67 53.19 -86.99 21.53
CA LYS U 67 54.01 -86.94 22.73
C LYS U 67 53.27 -86.18 23.82
N ALA U 68 52.50 -85.18 23.43
CA ALA U 68 51.77 -84.35 24.37
C ALA U 68 50.27 -84.30 24.08
N THR U 69 49.48 -84.05 25.13
CA THR U 69 48.03 -83.99 25.02
C THR U 69 47.46 -82.91 25.95
N LEU U 70 47.12 -81.76 25.37
CA LEU U 70 46.64 -80.62 26.15
C LEU U 70 45.17 -80.73 26.47
N THR U 71 44.82 -80.56 27.73
CA THR U 71 43.41 -80.58 28.14
C THR U 71 43.16 -79.39 29.05
N VAL U 72 41.96 -79.30 29.60
CA VAL U 72 41.59 -78.12 30.37
C VAL U 72 40.31 -78.37 31.16
N ASP U 73 40.24 -77.84 32.37
CA ASP U 73 39.03 -77.91 33.19
C ASP U 73 38.54 -76.50 33.54
N LYS U 74 37.43 -76.09 32.95
CA LYS U 74 36.93 -74.73 33.13
C LYS U 74 36.47 -74.47 34.56
N SER U 75 35.97 -75.51 35.24
CA SER U 75 35.40 -75.35 36.57
C SER U 75 36.46 -75.03 37.64
N SER U 76 37.70 -75.39 37.35
CA SER U 76 38.78 -75.18 38.32
C SER U 76 39.82 -74.19 37.81
N SER U 77 39.59 -73.68 36.59
CA SER U 77 40.51 -72.76 35.95
C SER U 77 41.91 -73.36 35.89
N THR U 78 42.04 -74.47 35.16
CA THR U 78 43.31 -75.20 35.11
C THR U 78 43.58 -75.83 33.76
N ALA U 79 44.78 -75.64 33.24
CA ALA U 79 45.20 -76.31 32.01
C ALA U 79 46.08 -77.50 32.35
N TYR U 80 45.94 -78.58 31.59
CA TYR U 80 46.69 -79.79 31.86
C TYR U 80 47.53 -80.19 30.65
N MET U 81 48.47 -81.11 30.87
CA MET U 81 49.32 -81.60 29.79
C MET U 81 49.88 -82.99 30.06
N GLU U 82 49.34 -84.00 29.38
CA GLU U 82 49.83 -85.36 29.50
C GLU U 82 51.04 -85.60 28.61
N LEU U 83 51.92 -86.48 29.06
CA LEU U 83 53.13 -86.79 28.32
C LEU U 83 53.32 -88.30 28.25
N LEU U 84 52.89 -88.89 27.13
CA LEU U 84 52.91 -90.34 26.98
C LEU U 84 54.26 -90.82 26.45
N SER U 85 54.60 -92.07 26.78
CA SER U 85 55.84 -92.71 26.34
C SER U 85 57.07 -91.91 26.72
N LEU U 86 57.14 -91.50 27.98
CA LEU U 86 58.26 -90.72 28.48
C LEU U 86 59.57 -91.46 28.29
N THR U 87 60.62 -90.72 27.96
CA THR U 87 61.96 -91.29 27.82
C THR U 87 62.99 -90.45 28.55
N SER U 88 64.27 -90.74 28.31
CA SER U 88 65.33 -89.98 28.92
C SER U 88 65.39 -88.60 28.28
N GLU U 89 64.93 -88.51 27.05
CA GLU U 89 64.98 -87.28 26.29
C GLU U 89 63.98 -86.25 26.82
N ASP U 90 62.82 -86.74 27.23
CA ASP U 90 61.72 -85.87 27.66
C ASP U 90 61.97 -85.22 29.02
N SER U 91 63.09 -85.57 29.63
CA SER U 91 63.46 -84.99 30.91
C SER U 91 63.81 -83.52 30.72
N ALA U 92 63.00 -82.64 31.31
CA ALA U 92 63.21 -81.19 31.19
C ALA U 92 62.36 -80.39 32.18
N VAL U 93 62.33 -79.07 31.98
CA VAL U 93 61.47 -78.18 32.76
C VAL U 93 60.37 -77.64 31.86
N TYR U 94 59.12 -77.87 32.24
CA TYR U 94 57.99 -77.49 31.40
C TYR U 94 57.23 -76.30 31.98
N TYR U 95 57.02 -75.28 31.15
CA TYR U 95 56.30 -74.08 31.58
C TYR U 95 54.99 -73.94 30.83
N CYS U 96 54.00 -73.33 31.47
CA CYS U 96 52.80 -72.95 30.74
C CYS U 96 52.76 -71.42 30.62
N ALA U 97 52.49 -70.93 29.42
CA ALA U 97 52.50 -69.49 29.17
C ALA U 97 51.19 -69.01 28.57
N ARG U 98 50.62 -67.98 29.17
CA ARG U 98 49.36 -67.42 28.71
C ARG U 98 49.56 -66.51 27.52
N ASP U 99 48.55 -66.43 26.65
CA ASP U 99 48.53 -65.43 25.59
C ASP U 99 48.09 -64.11 26.20
N GLY U 100 48.23 -63.03 25.46
CA GLY U 100 48.00 -61.70 26.01
C GLY U 100 46.68 -61.04 25.65
N ASP U 101 45.94 -61.62 24.73
CA ASP U 101 44.70 -60.99 24.25
C ASP U 101 43.42 -61.66 24.75
N TYR U 102 42.40 -60.83 24.96
CA TYR U 102 41.13 -61.26 25.53
C TYR U 102 40.23 -61.92 24.49
N TYR U 103 40.00 -63.22 24.65
CA TYR U 103 39.16 -64.02 23.76
C TYR U 103 39.59 -63.92 22.30
N ARG U 104 40.90 -63.96 22.07
CA ARG U 104 41.47 -63.93 20.73
C ARG U 104 42.97 -64.23 20.78
N TYR U 105 43.47 -64.94 19.76
CA TYR U 105 44.89 -65.29 19.69
C TYR U 105 45.72 -64.13 19.15
N GLY U 106 46.27 -63.33 20.05
CA GLY U 106 47.08 -62.19 19.65
C GLY U 106 48.51 -62.57 19.31
N ARG U 107 48.82 -63.86 19.50
CA ARG U 107 50.15 -64.40 19.19
C ARG U 107 51.29 -63.70 19.94
N TYR U 108 51.09 -63.41 21.22
CA TYR U 108 52.19 -62.84 22.02
C TYR U 108 52.10 -63.28 23.47
N PHE U 109 53.27 -63.48 24.08
CA PHE U 109 53.35 -64.10 25.39
C PHE U 109 53.16 -63.13 26.55
N ASP U 110 52.37 -63.57 27.51
CA ASP U 110 51.99 -62.74 28.65
C ASP U 110 52.69 -63.20 29.92
N TYR U 111 51.97 -63.94 30.75
CA TYR U 111 52.52 -64.46 32.00
C TYR U 111 52.93 -65.93 31.86
N TRP U 112 53.98 -66.30 32.56
CA TRP U 112 54.44 -67.68 32.61
C TRP U 112 54.29 -68.24 34.01
N GLY U 113 54.26 -69.56 34.11
CA GLY U 113 54.28 -70.23 35.40
C GLY U 113 55.72 -70.34 35.88
N GLN U 114 55.89 -70.79 37.12
CA GLN U 114 57.22 -70.94 37.68
C GLN U 114 57.94 -72.11 37.01
N GLY U 115 57.18 -73.01 36.39
CA GLY U 115 57.74 -74.16 35.71
C GLY U 115 57.60 -75.43 36.52
N THR U 116 57.91 -76.56 35.89
CA THR U 116 57.86 -77.85 36.58
C THR U 116 59.00 -78.74 36.08
N THR U 117 59.86 -79.17 36.99
CA THR U 117 61.02 -79.97 36.62
C THR U 117 60.67 -81.45 36.52
N LEU U 118 60.74 -81.97 35.29
CA LEU U 118 60.44 -83.36 35.04
C LEU U 118 61.72 -84.16 34.86
N THR U 119 62.04 -84.99 35.84
CA THR U 119 63.21 -85.86 35.76
C THR U 119 62.79 -87.29 35.47
N VAL U 120 63.03 -87.74 34.23
CA VAL U 120 62.72 -89.10 33.84
C VAL U 120 64.00 -89.88 33.60
N SER U 121 64.44 -90.61 34.63
CA SER U 121 65.70 -91.33 34.58
C SER U 121 65.51 -92.80 34.96
N SER U 122 66.16 -93.68 34.23
CA SER U 122 66.10 -95.11 34.53
C SER U 122 67.20 -95.49 35.51
N ALA U 123 67.35 -94.71 36.57
CA ALA U 123 68.39 -94.96 37.56
C ALA U 123 67.81 -95.20 38.95
N LYS U 124 68.52 -96.00 39.74
CA LYS U 124 68.11 -96.28 41.11
C LYS U 124 68.74 -95.27 42.06
N THR U 125 68.29 -95.26 43.31
CA THR U 125 68.90 -94.40 44.33
C THR U 125 70.36 -94.81 44.50
N THR U 126 71.24 -93.82 44.55
CA THR U 126 72.68 -94.08 44.67
C THR U 126 73.37 -92.95 45.44
N PRO U 127 73.80 -93.25 46.67
CA PRO U 127 74.61 -92.35 47.49
C PRO U 127 75.93 -91.98 46.80
N PRO U 128 76.53 -90.83 47.19
CA PRO U 128 77.70 -90.27 46.51
C PRO U 128 79.04 -90.88 46.93
N SER U 129 79.96 -90.94 45.98
CA SER U 129 81.33 -91.35 46.27
C SER U 129 82.16 -90.11 46.58
N VAL U 130 82.36 -89.81 47.85
CA VAL U 130 83.02 -88.56 48.24
C VAL U 130 84.53 -88.66 48.08
N TYR U 131 85.13 -87.65 47.47
CA TYR U 131 86.57 -87.60 47.27
C TYR U 131 87.16 -86.23 47.61
N PRO U 132 88.00 -86.19 48.65
CA PRO U 132 88.70 -84.95 48.99
C PRO U 132 89.71 -84.57 47.93
N LEU U 133 89.73 -83.30 47.55
CA LEU U 133 90.67 -82.80 46.55
C LEU U 133 91.64 -81.81 47.19
N ALA U 134 92.92 -82.17 47.20
CA ALA U 134 93.94 -81.30 47.79
C ALA U 134 95.08 -81.05 46.80
N PRO U 135 95.55 -79.80 46.75
CA PRO U 135 96.56 -79.38 45.78
C PRO U 135 97.99 -79.67 46.23
N GLY U 136 98.71 -80.43 45.41
CA GLY U 136 100.11 -80.71 45.66
C GLY U 136 100.99 -79.89 44.76
N SER U 137 102.13 -79.44 45.29
CA SER U 137 103.05 -78.57 44.56
C SER U 137 102.34 -77.32 44.07
N ALA U 138 101.54 -76.73 44.96
CA ALA U 138 100.71 -75.57 44.65
C ALA U 138 101.51 -74.41 44.07
N ALA U 139 100.87 -73.65 43.18
CA ALA U 139 101.53 -72.55 42.50
C ALA U 139 101.53 -71.27 43.33
N GLN U 140 102.73 -70.75 43.61
CA GLN U 140 102.93 -69.46 44.26
C GLN U 140 102.30 -69.35 45.64
N THR U 141 101.65 -70.42 46.11
CA THR U 141 101.10 -70.51 47.46
C THR U 141 100.38 -69.25 47.92
N ASN U 142 100.97 -68.61 48.94
CA ASN U 142 100.51 -67.32 49.46
C ASN U 142 99.10 -67.30 50.00
N SER U 143 98.80 -66.22 50.72
CA SER U 143 97.45 -65.88 51.13
C SER U 143 96.74 -67.03 51.82
N MET U 144 95.61 -67.42 51.24
CA MET U 144 94.83 -68.54 51.71
C MET U 144 94.86 -69.62 50.64
N VAL U 145 94.93 -70.88 51.05
CA VAL U 145 94.95 -71.96 50.08
C VAL U 145 93.53 -72.46 49.79
N THR U 146 93.29 -72.88 48.55
CA THR U 146 91.98 -73.34 48.13
C THR U 146 91.88 -74.86 48.16
N LEU U 147 91.00 -75.36 49.03
CA LEU U 147 90.77 -76.79 49.15
C LEU U 147 89.48 -77.19 48.43
N GLY U 148 89.38 -78.46 48.07
CA GLY U 148 88.24 -78.95 47.31
C GLY U 148 87.60 -80.20 47.88
N CYS U 149 86.50 -80.59 47.25
CA CYS U 149 85.78 -81.80 47.62
C CYS U 149 84.93 -82.24 46.44
N LEU U 150 85.13 -83.47 45.99
CA LEU U 150 84.41 -83.98 44.82
C LEU U 150 83.32 -84.97 45.23
N VAL U 151 82.08 -84.63 44.88
CA VAL U 151 80.93 -85.49 45.12
C VAL U 151 80.54 -86.14 43.81
N LYS U 152 80.89 -87.41 43.65
CA LYS U 152 80.78 -88.05 42.33
C LYS U 152 79.92 -89.31 42.35
N GLY U 153 79.06 -89.44 41.34
CA GLY U 153 78.25 -90.64 41.15
C GLY U 153 77.10 -90.77 42.12
N TYR U 154 76.19 -89.81 42.09
CA TYR U 154 75.04 -89.82 42.99
C TYR U 154 73.73 -89.50 42.28
N PHE U 155 72.63 -89.94 42.89
CA PHE U 155 71.30 -89.87 42.30
C PHE U 155 70.28 -90.33 43.34
N PRO U 156 69.14 -89.64 43.44
CA PRO U 156 68.86 -88.38 42.75
C PRO U 156 69.08 -87.18 43.66
N GLU U 157 69.18 -85.99 43.07
CA GLU U 157 69.36 -84.74 43.79
C GLU U 157 68.27 -84.52 44.86
N PRO U 158 68.49 -83.59 45.80
CA PRO U 158 69.63 -82.69 46.00
C PRO U 158 70.60 -83.18 47.07
N VAL U 159 71.80 -82.59 47.06
CA VAL U 159 72.80 -82.84 48.09
C VAL U 159 73.16 -81.53 48.78
N THR U 160 73.54 -81.60 50.05
CA THR U 160 73.94 -80.41 50.79
C THR U 160 75.36 -80.55 51.34
N VAL U 161 76.25 -79.68 50.85
CA VAL U 161 77.65 -79.71 51.21
C VAL U 161 78.01 -78.59 52.19
N THR U 162 78.65 -78.95 53.30
CA THR U 162 79.12 -77.97 54.27
C THR U 162 80.55 -78.29 54.72
N TRP U 163 81.26 -77.29 55.25
CA TRP U 163 82.62 -77.48 55.72
C TRP U 163 82.73 -77.35 57.23
N ASN U 164 83.30 -78.37 57.88
CA ASN U 164 83.44 -78.43 59.33
C ASN U 164 82.14 -78.12 60.06
N SER U 165 81.05 -78.70 59.58
CA SER U 165 79.71 -78.50 60.12
C SER U 165 79.28 -77.04 60.12
N GLY U 166 79.50 -76.36 59.00
CA GLY U 166 79.05 -74.99 58.82
C GLY U 166 79.87 -73.95 59.56
N SER U 167 80.93 -74.39 60.21
CA SER U 167 81.86 -73.48 60.88
C SER U 167 82.52 -72.57 59.85
N LEU U 168 82.88 -73.17 58.72
CA LEU U 168 83.50 -72.43 57.63
C LEU U 168 82.44 -71.81 56.72
N SER U 169 82.23 -70.51 56.88
CA SER U 169 81.21 -69.81 56.12
C SER U 169 81.78 -69.16 54.85
N SER U 170 82.81 -68.34 55.03
CA SER U 170 83.43 -67.62 53.91
C SER U 170 84.09 -68.58 52.92
N GLY U 171 84.39 -68.07 51.73
CA GLY U 171 85.13 -68.83 50.73
C GLY U 171 84.48 -70.11 50.22
N VAL U 172 83.24 -70.37 50.63
CA VAL U 172 82.53 -71.57 50.18
C VAL U 172 81.90 -71.37 48.81
N HIS U 173 82.34 -72.17 47.84
CA HIS U 173 81.81 -72.09 46.49
C HIS U 173 81.26 -73.44 46.03
N THR U 174 79.97 -73.67 46.27
CA THR U 174 79.33 -74.91 45.88
C THR U 174 78.81 -74.79 44.44
N PHE U 175 79.23 -75.72 43.58
CA PHE U 175 79.00 -75.61 42.14
C PHE U 175 77.83 -76.45 41.64
N PRO U 176 77.22 -76.03 40.53
CA PRO U 176 76.10 -76.76 39.90
C PRO U 176 76.44 -78.21 39.58
N ALA U 177 75.47 -79.10 39.80
CA ALA U 177 75.64 -80.51 39.46
C ALA U 177 75.55 -80.70 37.95
N VAL U 178 76.22 -81.74 37.46
CA VAL U 178 76.15 -82.10 36.04
C VAL U 178 76.05 -83.61 35.89
N LEU U 179 75.03 -84.09 35.19
CA LEU U 179 74.85 -85.53 35.02
C LEU U 179 75.95 -86.11 34.12
N GLN U 180 76.49 -87.25 34.52
CA GLN U 180 77.44 -87.98 33.71
C GLN U 180 76.69 -89.04 32.89
N SER U 181 75.56 -88.61 32.33
CA SER U 181 74.67 -89.46 31.51
C SER U 181 74.21 -90.72 32.23
N ASP U 182 74.37 -90.74 33.55
CA ASP U 182 73.91 -91.84 34.39
C ASP U 182 73.43 -91.29 35.72
N LEU U 183 74.40 -90.82 36.51
CA LEU U 183 74.13 -90.19 37.79
C LEU U 183 74.67 -88.77 37.78
N TYR U 184 74.68 -88.11 38.93
CA TYR U 184 75.16 -86.73 39.00
C TYR U 184 76.54 -86.62 39.64
N THR U 185 77.16 -85.45 39.49
CA THR U 185 78.52 -85.21 39.97
C THR U 185 78.77 -83.70 40.10
N LEU U 186 79.15 -83.27 41.30
CA LEU U 186 79.51 -81.87 41.56
C LEU U 186 80.76 -81.76 42.42
N SER U 187 81.11 -80.53 42.80
CA SER U 187 82.19 -80.30 43.75
C SER U 187 81.99 -78.98 44.51
N SER U 188 82.67 -78.85 45.64
CA SER U 188 82.60 -77.62 46.44
C SER U 188 83.98 -77.16 46.88
N SER U 189 84.28 -75.88 46.64
CA SER U 189 85.55 -75.29 47.01
C SER U 189 85.45 -74.59 48.36
N VAL U 190 86.59 -74.44 49.01
CA VAL U 190 86.69 -73.72 50.27
C VAL U 190 88.03 -73.02 50.34
N THR U 191 88.03 -71.82 50.89
CA THR U 191 89.26 -71.04 50.96
C THR U 191 89.57 -70.67 52.41
N VAL U 192 90.59 -71.31 52.95
CA VAL U 192 91.05 -71.02 54.31
C VAL U 192 92.50 -70.60 54.25
N PRO U 193 92.93 -69.75 55.20
CA PRO U 193 94.31 -69.27 55.25
C PRO U 193 95.32 -70.41 55.22
N SER U 194 96.44 -70.21 54.52
CA SER U 194 97.51 -71.19 54.47
C SER U 194 98.14 -71.40 55.84
N SER U 195 97.77 -70.52 56.77
CA SER U 195 98.16 -70.67 58.16
C SER U 195 97.18 -71.61 58.88
N THR U 196 96.00 -71.80 58.30
CA THR U 196 94.97 -72.61 58.91
C THR U 196 95.08 -74.08 58.49
N TRP U 197 95.64 -74.32 57.30
CA TRP U 197 95.72 -75.67 56.75
C TRP U 197 97.09 -75.97 56.16
N PRO U 198 97.62 -77.17 56.43
CA PRO U 198 96.98 -78.20 57.25
C PRO U 198 97.35 -78.09 58.72
N SER U 199 97.54 -76.87 59.20
CA SER U 199 97.84 -76.61 60.60
C SER U 199 96.75 -77.22 61.49
N GLU U 200 95.51 -77.15 61.03
CA GLU U 200 94.41 -77.82 61.70
C GLU U 200 93.65 -78.72 60.74
N THR U 201 92.52 -79.25 61.21
CA THR U 201 91.71 -80.15 60.40
C THR U 201 90.63 -79.40 59.64
N VAL U 202 90.56 -79.65 58.34
CA VAL U 202 89.49 -79.11 57.51
C VAL U 202 88.74 -80.26 56.86
N THR U 203 87.45 -80.37 57.17
CA THR U 203 86.66 -81.52 56.78
C THR U 203 85.51 -81.13 55.84
N CYS U 204 85.05 -82.10 55.06
CA CYS U 204 84.04 -81.89 54.04
C CYS U 204 82.77 -82.71 54.36
N ASN U 205 81.67 -82.00 54.60
CA ASN U 205 80.41 -82.66 54.94
C ASN U 205 79.46 -82.78 53.75
N VAL U 206 79.27 -84.02 53.29
CA VAL U 206 78.34 -84.31 52.20
C VAL U 206 77.16 -85.11 52.72
N ALA U 207 75.96 -84.52 52.66
CA ALA U 207 74.75 -85.21 53.12
C ALA U 207 73.77 -85.45 51.97
N HIS U 208 73.33 -86.69 51.84
CA HIS U 208 72.46 -87.12 50.75
C HIS U 208 71.16 -87.68 51.30
N PRO U 209 70.12 -86.85 51.39
CA PRO U 209 68.84 -87.18 52.02
C PRO U 209 68.12 -88.39 51.39
N ALA U 210 68.50 -88.76 50.17
CA ALA U 210 67.84 -89.84 49.45
C ALA U 210 68.22 -91.22 49.98
N SER U 211 69.13 -91.25 50.95
CA SER U 211 69.55 -92.48 51.60
C SER U 211 70.03 -92.23 53.02
N SER U 212 69.64 -91.08 53.57
CA SER U 212 70.04 -90.66 54.92
C SER U 212 71.54 -90.77 55.15
N THR U 213 72.32 -90.49 54.10
CA THR U 213 73.77 -90.60 54.17
C THR U 213 74.40 -89.28 54.59
N LYS U 214 75.30 -89.33 55.56
CA LYS U 214 76.01 -88.15 56.05
C LYS U 214 77.49 -88.46 56.23
N VAL U 215 78.24 -88.35 55.15
CA VAL U 215 79.65 -88.73 55.11
C VAL U 215 80.57 -87.57 55.48
N ASP U 216 81.57 -87.84 56.32
CA ASP U 216 82.60 -86.87 56.66
C ASP U 216 83.92 -87.23 55.99
N LYS U 217 84.39 -86.38 55.09
CA LYS U 217 85.63 -86.64 54.38
C LYS U 217 86.69 -85.56 54.62
N LYS U 218 87.58 -85.80 55.59
CA LYS U 218 88.66 -84.86 55.91
C LYS U 218 89.67 -84.75 54.77
N ILE U 219 90.15 -83.54 54.52
CA ILE U 219 91.09 -83.30 53.44
C ILE U 219 92.51 -83.37 53.96
N VAL U 220 93.34 -84.17 53.29
CA VAL U 220 94.73 -84.36 53.69
C VAL U 220 95.64 -84.49 52.46
N PRO U 221 96.70 -83.65 52.39
CA PRO U 221 97.58 -83.57 51.22
C PRO U 221 98.19 -84.91 50.88
N ARG U 222 98.45 -85.16 49.60
CA ARG U 222 98.86 -86.48 49.18
C ARG U 222 100.35 -86.57 48.92
N ASP U 223 100.97 -87.65 49.39
CA ASP U 223 102.39 -87.86 49.17
C ASP U 223 102.65 -88.10 47.68
N CYS U 224 103.80 -87.64 47.20
CA CYS U 224 104.19 -87.73 45.79
C CYS U 224 103.12 -87.15 44.88
N GLU V 1 -0.91 -94.57 39.53
CA GLU V 1 -0.05 -95.54 38.85
C GLU V 1 -0.59 -95.88 37.47
N VAL V 2 0.22 -96.57 36.67
CA VAL V 2 -0.20 -96.98 35.34
C VAL V 2 -0.59 -98.45 35.33
N GLN V 3 -1.33 -98.87 34.31
CA GLN V 3 -1.73 -100.27 34.16
C GLN V 3 -1.91 -100.68 32.71
N LEU V 4 -1.55 -101.92 32.41
CA LEU V 4 -1.73 -102.50 31.07
C LEU V 4 -2.44 -103.84 31.17
N GLN V 5 -3.76 -103.81 31.31
CA GLN V 5 -4.54 -105.03 31.42
C GLN V 5 -4.84 -105.61 30.04
N GLN V 6 -4.36 -106.82 29.80
CA GLN V 6 -4.57 -107.51 28.53
C GLN V 6 -5.82 -108.38 28.59
N SER V 7 -6.10 -109.08 27.50
CA SER V 7 -7.27 -109.95 27.44
C SER V 7 -7.00 -111.28 28.13
N GLY V 8 -8.06 -112.05 28.33
CA GLY V 8 -7.95 -113.37 28.94
C GLY V 8 -7.43 -114.37 27.93
N PRO V 9 -6.86 -115.49 28.43
CA PRO V 9 -6.26 -116.52 27.57
C PRO V 9 -7.27 -117.11 26.59
N GLU V 10 -6.80 -117.53 25.42
CA GLU V 10 -7.67 -118.04 24.38
C GLU V 10 -7.27 -119.42 23.89
N LEU V 11 -8.26 -120.21 23.50
CA LEU V 11 -8.03 -121.54 22.96
C LEU V 11 -8.69 -121.65 21.59
N VAL V 12 -7.89 -121.75 20.53
CA VAL V 12 -8.43 -121.82 19.18
C VAL V 12 -7.69 -122.84 18.32
N ARG V 13 -8.30 -123.25 17.21
CA ARG V 13 -7.74 -124.28 16.35
C ARG V 13 -6.93 -123.69 15.20
N PRO V 14 -5.91 -124.43 14.72
CA PRO V 14 -5.05 -124.02 13.60
C PRO V 14 -5.82 -123.58 12.35
N GLY V 15 -5.37 -122.50 11.72
CA GLY V 15 -6.03 -121.96 10.55
C GLY V 15 -6.86 -120.73 10.89
N ALA V 16 -7.37 -120.70 12.12
CA ALA V 16 -8.21 -119.60 12.57
C ALA V 16 -7.37 -118.37 12.91
N SER V 17 -8.02 -117.38 13.53
CA SER V 17 -7.37 -116.13 13.91
C SER V 17 -8.15 -115.40 15.00
N MET V 18 -7.46 -114.63 15.81
CA MET V 18 -8.09 -113.85 16.88
C MET V 18 -7.27 -112.62 17.26
N LYS V 19 -7.85 -111.77 18.10
CA LYS V 19 -7.26 -110.49 18.45
C LYS V 19 -7.06 -110.32 19.96
N ILE V 20 -5.84 -110.02 20.38
CA ILE V 20 -5.54 -109.81 21.80
C ILE V 20 -5.61 -108.32 22.14
N SER V 21 -6.37 -107.99 23.18
CA SER V 21 -6.52 -106.60 23.59
C SER V 21 -5.49 -106.22 24.65
N CYS V 22 -5.28 -104.91 24.83
CA CYS V 22 -4.36 -104.38 25.83
C CYS V 22 -4.77 -102.98 26.23
N LYS V 23 -5.55 -102.87 27.30
CA LYS V 23 -6.05 -101.57 27.72
C LYS V 23 -5.04 -100.83 28.58
N ALA V 24 -4.87 -99.56 28.28
CA ALA V 24 -3.96 -98.71 29.03
C ALA V 24 -4.73 -97.81 29.98
N SER V 25 -4.08 -97.44 31.07
CA SER V 25 -4.70 -96.60 32.08
C SER V 25 -3.66 -96.02 33.03
N GLY V 26 -3.75 -94.72 33.26
CA GLY V 26 -2.85 -94.04 34.17
C GLY V 26 -2.01 -92.98 33.47
N TYR V 27 -1.96 -93.04 32.14
CA TYR V 27 -1.18 -92.08 31.37
C TYR V 27 -1.89 -91.63 30.10
N SER V 28 -1.41 -90.53 29.52
CA SER V 28 -1.92 -90.07 28.23
C SER V 28 -1.53 -91.07 27.15
N PHE V 29 -2.53 -91.85 26.72
CA PHE V 29 -2.29 -93.02 25.88
C PHE V 29 -1.61 -92.73 24.54
N THR V 30 -2.01 -91.64 23.91
CA THR V 30 -1.49 -91.30 22.58
C THR V 30 -0.03 -90.88 22.63
N GLY V 31 0.54 -90.83 23.82
CA GLY V 31 1.90 -90.36 24.01
C GLY V 31 2.99 -91.39 23.79
N TYR V 32 2.93 -92.48 24.54
CA TYR V 32 3.99 -93.47 24.52
C TYR V 32 3.66 -94.58 23.54
N THR V 33 4.64 -94.93 22.71
CA THR V 33 4.47 -95.98 21.72
C THR V 33 4.35 -97.35 22.41
N MET V 34 3.87 -98.36 21.68
CA MET V 34 3.64 -99.69 22.26
C MET V 34 4.37 -100.81 21.54
N ASN V 35 4.90 -101.75 22.31
CA ASN V 35 5.56 -102.93 21.75
C ASN V 35 4.72 -104.19 21.94
N TRP V 36 5.12 -105.28 21.29
CA TRP V 36 4.49 -106.59 21.48
C TRP V 36 5.54 -107.70 21.44
N VAL V 37 5.55 -108.54 22.47
CA VAL V 37 6.60 -109.55 22.62
C VAL V 37 6.04 -110.97 22.73
N LYS V 38 6.62 -111.90 21.98
CA LYS V 38 6.21 -113.29 21.99
C LYS V 38 7.12 -114.15 22.87
N GLN V 39 6.53 -114.79 23.88
CA GLN V 39 7.29 -115.71 24.74
C GLN V 39 6.88 -117.15 24.47
N SER V 40 7.56 -117.79 23.53
CA SER V 40 7.26 -119.18 23.19
C SER V 40 7.98 -120.13 24.13
N HIS V 41 7.51 -121.37 24.20
CA HIS V 41 8.12 -122.39 25.03
C HIS V 41 9.47 -122.80 24.48
N GLY V 42 9.50 -123.11 23.18
CA GLY V 42 10.71 -123.56 22.53
C GLY V 42 11.77 -122.50 22.32
N LYS V 43 11.35 -121.33 21.85
CA LYS V 43 12.28 -120.24 21.57
C LYS V 43 12.30 -119.22 22.71
N ASN V 44 13.34 -118.39 22.73
CA ASN V 44 13.45 -117.31 23.71
C ASN V 44 12.41 -116.24 23.45
N LEU V 45 12.51 -115.13 24.18
CA LEU V 45 11.62 -113.99 23.97
C LEU V 45 11.80 -113.40 22.58
N GLU V 46 10.73 -113.40 21.79
CA GLU V 46 10.78 -112.82 20.45
C GLU V 46 10.06 -111.47 20.42
N TRP V 47 10.51 -110.58 19.55
CA TRP V 47 9.90 -109.25 19.41
C TRP V 47 9.05 -109.19 18.15
N ILE V 48 7.77 -108.86 18.31
CA ILE V 48 6.84 -108.84 17.19
C ILE V 48 6.94 -107.55 16.37
N GLY V 49 6.67 -106.42 17.02
CA GLY V 49 6.72 -105.13 16.37
C GLY V 49 6.33 -104.01 17.32
N LEU V 50 6.14 -102.81 16.81
CA LEU V 50 5.70 -101.69 17.64
C LEU V 50 4.73 -100.78 16.88
N ILE V 51 3.96 -100.01 17.64
CA ILE V 51 2.94 -99.16 17.05
C ILE V 51 2.83 -97.84 17.81
N ASN V 52 2.65 -96.77 17.04
CA ASN V 52 2.51 -95.42 17.61
C ASN V 52 1.06 -95.01 17.68
N PRO V 53 0.52 -94.95 18.91
CA PRO V 53 -0.87 -94.61 19.22
C PRO V 53 -1.30 -93.32 18.55
N TYR V 54 -0.34 -92.42 18.34
CA TYR V 54 -0.64 -91.10 17.79
C TYR V 54 -0.72 -91.09 16.27
N ASN V 55 0.34 -91.58 15.66
CA ASN V 55 0.42 -91.69 14.21
C ASN V 55 -0.49 -92.77 13.66
N GLY V 56 -0.48 -93.92 14.33
CA GLY V 56 -1.09 -95.10 13.76
C GLY V 56 -0.04 -95.82 12.95
N GLY V 57 1.16 -95.26 12.94
CA GLY V 57 2.27 -95.86 12.23
C GLY V 57 2.75 -97.11 12.93
N THR V 58 3.28 -98.05 12.16
CA THR V 58 3.71 -99.32 12.71
C THR V 58 5.00 -99.78 12.06
N SER V 59 5.74 -100.63 12.77
CA SER V 59 6.93 -101.26 12.21
C SER V 59 7.02 -102.69 12.74
N TYR V 60 7.02 -103.66 11.84
CA TYR V 60 7.01 -105.07 12.23
C TYR V 60 8.40 -105.69 12.12
N ASN V 61 8.64 -106.73 12.92
CA ASN V 61 9.83 -107.57 12.73
C ASN V 61 9.73 -108.23 11.36
N GLN V 62 10.87 -108.56 10.76
CA GLN V 62 10.86 -109.16 9.43
C GLN V 62 10.24 -110.56 9.46
N LYS V 63 10.35 -111.23 10.60
CA LYS V 63 9.81 -112.58 10.77
C LYS V 63 8.28 -112.59 10.83
N PHE V 64 7.69 -111.51 11.32
CA PHE V 64 6.26 -111.49 11.62
C PHE V 64 5.45 -110.73 10.57
N LYS V 65 6.05 -110.48 9.40
CA LYS V 65 5.37 -109.80 8.32
C LYS V 65 4.16 -110.60 7.83
N GLY V 66 2.96 -110.17 8.21
CA GLY V 66 1.75 -110.84 7.78
C GLY V 66 1.15 -111.74 8.85
N LYS V 67 2.00 -112.15 9.80
CA LYS V 67 1.56 -113.01 10.91
C LYS V 67 0.84 -112.16 11.95
N ALA V 68 1.28 -110.92 12.10
CA ALA V 68 0.70 -110.02 13.07
C ALA V 68 0.20 -108.74 12.40
N THR V 69 -0.77 -108.10 13.03
CA THR V 69 -1.33 -106.84 12.53
C THR V 69 -1.71 -105.94 13.70
N LEU V 70 -0.87 -104.93 13.98
CA LEU V 70 -1.08 -104.04 15.12
C LEU V 70 -2.05 -102.90 14.80
N THR V 71 -3.01 -102.69 15.69
CA THR V 71 -3.97 -101.59 15.56
C THR V 71 -4.13 -100.88 16.89
N VAL V 72 -5.03 -99.91 16.93
CA VAL V 72 -5.17 -99.06 18.11
C VAL V 72 -6.45 -98.23 18.09
N ASP V 73 -7.10 -98.11 19.25
CA ASP V 73 -8.28 -97.27 19.38
C ASP V 73 -8.04 -96.18 20.41
N LYS V 74 -7.94 -94.94 19.94
CA LYS V 74 -7.63 -93.81 20.82
C LYS V 74 -8.74 -93.50 21.82
N SER V 75 -9.99 -93.78 21.45
CA SER V 75 -11.13 -93.43 22.29
C SER V 75 -11.24 -94.28 23.55
N SER V 76 -10.63 -95.47 23.52
CA SER V 76 -10.72 -96.39 24.65
C SER V 76 -9.36 -96.64 25.29
N SER V 77 -8.33 -96.02 24.74
CA SER V 77 -6.95 -96.20 25.20
C SER V 77 -6.55 -97.67 25.20
N THR V 78 -6.54 -98.27 24.02
CA THR V 78 -6.27 -99.70 23.89
C THR V 78 -5.52 -100.05 22.60
N ALA V 79 -4.47 -100.86 22.73
CA ALA V 79 -3.75 -101.36 21.57
C ALA V 79 -4.20 -102.79 21.26
N TYR V 80 -4.27 -103.13 19.98
CA TYR V 80 -4.72 -104.45 19.58
C TYR V 80 -3.67 -105.18 18.74
N MET V 81 -3.86 -106.48 18.56
CA MET V 81 -2.95 -107.30 17.77
C MET V 81 -3.64 -108.54 17.20
N GLU V 82 -3.91 -108.52 15.90
CA GLU V 82 -4.49 -109.68 15.23
C GLU V 82 -3.41 -110.69 14.88
N LEU V 83 -3.78 -111.96 14.87
CA LEU V 83 -2.83 -113.02 14.56
C LEU V 83 -3.43 -113.99 13.54
N LEU V 84 -3.12 -113.78 12.26
CA LEU V 84 -3.74 -114.56 11.20
C LEU V 84 -3.00 -115.86 10.94
N SER V 85 -3.72 -116.85 10.42
CA SER V 85 -3.17 -118.15 10.08
C SER V 85 -2.46 -118.83 11.25
N LEU V 86 -3.14 -118.87 12.39
CA LEU V 86 -2.59 -119.48 13.60
C LEU V 86 -2.25 -120.96 13.39
N THR V 87 -1.14 -121.39 13.98
CA THR V 87 -0.73 -122.79 13.92
C THR V 87 -0.32 -123.30 15.31
N SER V 88 0.31 -124.46 15.35
CA SER V 88 0.79 -125.03 16.59
C SER V 88 1.98 -124.25 17.13
N GLU V 89 2.71 -123.63 16.19
CA GLU V 89 3.91 -122.88 16.52
C GLU V 89 3.58 -121.57 17.25
N ASP V 90 2.49 -120.92 16.84
CA ASP V 90 2.13 -119.62 17.37
C ASP V 90 1.59 -119.68 18.80
N SER V 91 1.50 -120.89 19.34
CA SER V 91 1.05 -121.08 20.71
C SER V 91 2.10 -120.58 21.69
N ALA V 92 1.78 -119.51 22.41
CA ALA V 92 2.71 -118.90 23.36
C ALA V 92 2.02 -117.91 24.27
N VAL V 93 2.81 -117.14 25.01
CA VAL V 93 2.30 -116.07 25.85
C VAL V 93 2.71 -114.73 25.28
N TYR V 94 1.73 -113.86 25.03
CA TYR V 94 2.01 -112.58 24.38
C TYR V 94 1.85 -111.40 25.35
N TYR V 95 2.88 -110.55 25.39
CA TYR V 95 2.88 -109.36 26.23
C TYR V 95 2.88 -108.10 25.39
N CYS V 96 2.28 -107.04 25.92
CA CYS V 96 2.42 -105.73 25.34
C CYS V 96 3.26 -104.87 26.28
N ALA V 97 4.26 -104.18 25.73
CA ALA V 97 5.19 -103.39 26.53
C ALA V 97 5.27 -101.96 26.03
N ARG V 98 5.10 -101.01 26.96
CA ARG V 98 5.14 -99.59 26.63
C ARG V 98 6.56 -99.09 26.49
N ASP V 99 6.76 -98.09 25.63
CA ASP V 99 8.04 -97.39 25.57
C ASP V 99 8.07 -96.39 26.72
N GLY V 100 9.23 -95.83 27.00
CA GLY V 100 9.40 -95.00 28.19
C GLY V 100 9.41 -93.50 27.99
N ASP V 101 9.46 -93.05 26.73
CA ASP V 101 9.57 -91.62 26.44
C ASP V 101 8.27 -91.01 25.93
N TYR V 102 8.06 -89.74 26.30
CA TYR V 102 6.83 -89.02 26.00
C TYR V 102 6.80 -88.45 24.58
N TYR V 103 5.91 -88.99 23.75
CA TYR V 103 5.74 -88.57 22.35
C TYR V 103 7.05 -88.64 21.57
N ARG V 104 7.80 -89.71 21.79
CA ARG V 104 9.04 -89.97 21.08
C ARG V 104 9.56 -91.38 21.38
N TYR V 105 10.14 -92.03 20.38
CA TYR V 105 10.66 -93.39 20.54
C TYR V 105 12.03 -93.37 21.21
N GLY V 106 12.05 -93.50 22.53
CA GLY V 106 13.29 -93.47 23.29
C GLY V 106 14.02 -94.81 23.27
N ARG V 107 13.42 -95.79 22.61
CA ARG V 107 13.99 -97.13 22.47
C ARG V 107 14.30 -97.81 23.80
N TYR V 108 13.40 -97.71 24.77
CA TYR V 108 13.61 -98.45 26.02
C TYR V 108 12.28 -98.84 26.67
N PHE V 109 12.28 -100.01 27.30
CA PHE V 109 11.04 -100.62 27.79
C PHE V 109 10.63 -100.13 29.17
N ASP V 110 9.34 -99.83 29.30
CA ASP V 110 8.80 -99.26 30.51
C ASP V 110 7.98 -100.29 31.28
N TYR V 111 6.66 -100.22 31.13
CA TYR V 111 5.77 -101.14 31.81
C TYR V 111 5.30 -102.26 30.89
N TRP V 112 5.10 -103.45 31.46
CA TRP V 112 4.58 -104.59 30.71
C TRP V 112 3.20 -104.99 31.22
N GLY V 113 2.45 -105.67 30.36
CA GLY V 113 1.18 -106.24 30.77
C GLY V 113 1.43 -107.57 31.46
N GLN V 114 0.38 -108.13 32.04
CA GLN V 114 0.50 -109.40 32.73
C GLN V 114 0.70 -110.54 31.73
N GLY V 115 0.32 -110.28 30.48
CA GLY V 115 0.47 -111.24 29.40
C GLY V 115 -0.83 -111.93 29.05
N THR V 116 -0.81 -112.67 27.94
CA THR V 116 -1.97 -113.41 27.50
C THR V 116 -1.54 -114.75 26.92
N THR V 117 -2.02 -115.84 27.53
CA THR V 117 -1.64 -117.18 27.10
C THR V 117 -2.48 -117.65 25.92
N LEU V 118 -1.84 -117.81 24.77
CA LEU V 118 -2.52 -118.27 23.57
C LEU V 118 -2.19 -119.74 23.30
N THR V 119 -3.17 -120.61 23.52
CA THR V 119 -2.99 -122.04 23.27
C THR V 119 -3.70 -122.42 21.98
N VAL V 120 -2.93 -122.69 20.93
CA VAL V 120 -3.51 -123.08 19.65
C VAL V 120 -3.21 -124.54 19.33
N SER V 121 -4.20 -125.40 19.54
CA SER V 121 -4.08 -126.81 19.23
C SER V 121 -5.34 -127.30 18.52
N SER V 122 -5.19 -128.31 17.67
CA SER V 122 -6.34 -128.87 16.97
C SER V 122 -6.92 -130.06 17.73
N ALA V 123 -6.59 -130.14 19.01
CA ALA V 123 -7.05 -131.26 19.85
C ALA V 123 -8.35 -130.92 20.59
N LYS V 124 -9.16 -131.94 20.83
CA LYS V 124 -10.43 -131.76 21.54
C LYS V 124 -10.28 -132.08 23.02
N THR V 125 -11.30 -131.79 23.81
CA THR V 125 -11.28 -131.99 25.25
C THR V 125 -11.12 -133.44 25.65
N THR V 126 -9.94 -133.79 26.15
CA THR V 126 -9.64 -135.16 26.55
C THR V 126 -9.59 -135.31 28.08
N PRO V 127 -10.46 -136.15 28.64
CA PRO V 127 -10.48 -136.46 30.08
C PRO V 127 -9.16 -137.05 30.57
N PRO V 128 -8.78 -136.73 31.82
CA PRO V 128 -7.51 -137.12 32.44
C PRO V 128 -7.51 -138.54 32.99
N SER V 129 -6.48 -138.89 33.74
CA SER V 129 -6.35 -140.22 34.34
C SER V 129 -5.25 -140.23 35.40
N VAL V 130 -5.55 -140.80 36.58
CA VAL V 130 -4.62 -140.77 37.70
C VAL V 130 -3.88 -142.10 37.87
N TYR V 131 -2.56 -142.00 37.98
CA TYR V 131 -1.70 -143.17 38.18
C TYR V 131 -0.87 -143.04 39.44
N PRO V 132 -1.02 -144.00 40.37
CA PRO V 132 -0.23 -144.02 41.61
C PRO V 132 1.28 -144.06 41.34
N LEU V 133 2.07 -143.65 42.33
CA LEU V 133 3.53 -143.65 42.21
C LEU V 133 4.19 -143.99 43.54
N ALA V 134 4.03 -145.22 43.98
CA ALA V 134 4.63 -145.66 45.23
C ALA V 134 5.45 -146.93 45.04
N PRO V 135 6.68 -146.94 45.57
CA PRO V 135 7.58 -148.10 45.49
C PRO V 135 6.97 -149.35 46.12
N GLY V 136 6.99 -150.45 45.37
CA GLY V 136 6.50 -151.72 45.87
C GLY V 136 7.34 -152.19 47.04
N SER V 137 6.67 -152.66 48.10
CA SER V 137 7.32 -153.09 49.34
C SER V 137 8.03 -151.91 50.01
N ALA V 138 8.70 -152.18 51.13
CA ALA V 138 9.37 -151.12 51.87
C ALA V 138 10.70 -151.59 52.47
N ALA V 139 11.75 -151.59 51.66
CA ALA V 139 13.07 -152.03 52.11
C ALA V 139 13.89 -150.89 52.69
N GLN V 140 13.30 -149.70 52.74
CA GLN V 140 14.00 -148.51 53.22
C GLN V 140 13.54 -148.10 54.62
N THR V 141 14.43 -147.48 55.38
CA THR V 141 14.11 -147.01 56.73
C THR V 141 14.73 -145.65 57.03
N ASN V 142 14.53 -145.19 58.27
CA ASN V 142 15.17 -143.99 58.80
C ASN V 142 14.74 -142.68 58.14
N SER V 143 13.70 -142.71 57.31
CA SER V 143 13.26 -141.48 56.65
C SER V 143 11.73 -141.35 56.63
N MET V 144 11.22 -140.61 55.65
CA MET V 144 9.79 -140.40 55.50
C MET V 144 9.30 -140.80 54.11
N VAL V 145 8.21 -141.55 54.07
CA VAL V 145 7.67 -142.10 52.83
C VAL V 145 7.17 -141.04 51.86
N THR V 146 7.60 -141.14 50.60
CA THR V 146 7.18 -140.20 49.56
C THR V 146 6.30 -140.88 48.51
N LEU V 147 5.08 -140.37 48.35
CA LEU V 147 4.12 -140.95 47.41
C LEU V 147 4.04 -140.15 46.11
N GLY V 148 2.85 -140.15 45.49
CA GLY V 148 2.64 -139.35 44.30
C GLY V 148 1.54 -139.80 43.36
N CYS V 149 1.03 -138.86 42.56
CA CYS V 149 0.05 -139.14 41.52
C CYS V 149 0.67 -138.88 40.15
N LEU V 150 -0.14 -139.03 39.10
CA LEU V 150 0.34 -138.81 37.74
C LEU V 150 -0.83 -138.66 36.76
N VAL V 151 -1.21 -137.42 36.46
CA VAL V 151 -2.33 -137.15 35.58
C VAL V 151 -1.90 -137.18 34.11
N LYS V 152 -2.14 -138.30 33.44
CA LYS V 152 -1.63 -138.53 32.09
C LYS V 152 -2.66 -138.27 30.99
N GLY V 153 -2.25 -137.51 29.98
CA GLY V 153 -3.04 -137.31 28.77
C GLY V 153 -4.34 -136.54 28.95
N TYR V 154 -4.25 -135.26 29.30
CA TYR V 154 -5.44 -134.44 29.47
C TYR V 154 -5.35 -133.15 28.66
N PHE V 155 -6.51 -132.70 28.18
CA PHE V 155 -6.59 -131.48 27.38
C PHE V 155 -7.97 -130.86 27.51
N PRO V 156 -8.04 -129.52 27.71
CA PRO V 156 -6.91 -128.60 27.84
C PRO V 156 -6.46 -128.43 29.28
N GLU V 157 -6.01 -127.22 29.62
CA GLU V 157 -5.58 -126.90 30.98
C GLU V 157 -6.75 -126.31 31.77
N PRO V 158 -6.67 -126.30 33.11
CA PRO V 158 -5.65 -126.89 34.01
C PRO V 158 -6.19 -128.05 34.83
N VAL V 159 -5.33 -128.68 35.63
CA VAL V 159 -5.76 -129.72 36.55
C VAL V 159 -5.25 -129.43 37.96
N THR V 160 -6.08 -129.75 38.96
CA THR V 160 -5.74 -129.48 40.34
C THR V 160 -5.57 -130.77 41.13
N VAL V 161 -4.49 -130.85 41.90
CA VAL V 161 -4.13 -132.09 42.58
C VAL V 161 -3.98 -131.93 44.09
N THR V 162 -4.95 -132.43 44.85
CA THR V 162 -4.90 -132.36 46.30
C THR V 162 -4.73 -133.73 46.93
N TRP V 163 -4.77 -133.77 48.26
CA TRP V 163 -4.64 -135.02 49.00
C TRP V 163 -5.66 -135.09 50.12
N ASN V 164 -6.49 -136.14 50.11
CA ASN V 164 -7.56 -136.35 51.08
C ASN V 164 -8.48 -135.14 51.22
N SER V 165 -8.75 -134.49 50.08
CA SER V 165 -9.61 -133.31 50.03
C SER V 165 -9.17 -132.22 51.00
N GLY V 166 -7.86 -132.00 51.10
CA GLY V 166 -7.34 -130.89 51.89
C GLY V 166 -6.43 -131.26 53.04
N SER V 167 -6.54 -132.49 53.54
CA SER V 167 -5.84 -132.91 54.75
C SER V 167 -4.31 -132.71 54.71
N LEU V 168 -3.68 -133.10 53.61
CA LEU V 168 -2.23 -132.99 53.47
C LEU V 168 -1.80 -131.68 52.83
N SER V 169 -1.24 -130.77 53.63
CA SER V 169 -0.84 -129.45 53.13
C SER V 169 0.66 -129.28 53.04
N SER V 170 1.32 -129.28 54.20
CA SER V 170 2.75 -129.01 54.28
C SER V 170 3.61 -130.11 53.66
N GLY V 171 3.96 -129.94 52.39
CA GLY V 171 4.88 -130.86 51.75
C GLY V 171 4.36 -131.41 50.44
N VAL V 172 3.40 -130.73 49.84
CA VAL V 172 2.87 -131.17 48.56
C VAL V 172 3.47 -130.36 47.41
N HIS V 173 4.36 -131.02 46.65
CA HIS V 173 5.06 -130.35 45.55
C HIS V 173 4.48 -130.74 44.20
N THR V 174 3.64 -129.88 43.65
CA THR V 174 3.03 -130.14 42.35
C THR V 174 3.84 -129.51 41.22
N PHE V 175 4.45 -130.36 40.39
CA PHE V 175 5.39 -129.91 39.37
C PHE V 175 4.72 -129.42 38.09
N PRO V 176 5.40 -128.53 37.35
CA PRO V 176 4.95 -127.99 36.06
C PRO V 176 4.60 -129.08 35.04
N ALA V 177 3.46 -128.90 34.37
CA ALA V 177 3.04 -129.84 33.35
C ALA V 177 3.94 -129.75 32.12
N VAL V 178 3.77 -130.70 31.21
CA VAL V 178 4.48 -130.69 29.93
C VAL V 178 3.55 -131.16 28.81
N LEU V 179 3.75 -130.62 27.61
CA LEU V 179 2.99 -131.08 26.45
C LEU V 179 3.54 -132.42 25.97
N GLN V 180 2.63 -133.31 25.56
CA GLN V 180 3.03 -134.60 25.04
C GLN V 180 2.08 -135.04 23.92
N SER V 181 2.24 -134.43 22.75
CA SER V 181 1.40 -134.71 21.58
C SER V 181 -0.07 -134.38 21.84
N ASP V 182 -0.38 -133.08 21.82
CA ASP V 182 -1.75 -132.58 21.99
C ASP V 182 -2.35 -132.89 23.36
N LEU V 183 -1.49 -133.23 24.32
CA LEU V 183 -1.94 -133.59 25.67
C LEU V 183 -0.90 -133.16 26.71
N TYR V 184 -1.32 -133.08 27.97
CA TYR V 184 -0.42 -132.68 29.06
C TYR V 184 -0.30 -133.75 30.14
N THR V 185 0.67 -133.58 31.04
CA THR V 185 0.93 -134.54 32.12
C THR V 185 1.77 -133.91 33.24
N LEU V 186 1.18 -133.76 34.43
CA LEU V 186 1.93 -133.24 35.57
C LEU V 186 1.85 -134.18 36.78
N SER V 187 2.96 -134.24 37.53
CA SER V 187 3.03 -135.13 38.70
C SER V 187 3.07 -134.31 39.98
N SER V 188 2.53 -134.90 41.05
CA SER V 188 2.48 -134.22 42.34
C SER V 188 2.78 -135.17 43.48
N SER V 189 3.83 -134.87 44.23
CA SER V 189 4.30 -135.77 45.29
C SER V 189 3.95 -135.25 46.67
N VAL V 190 3.62 -136.17 47.57
CA VAL V 190 3.30 -135.83 48.94
C VAL V 190 4.31 -136.51 49.87
N THR V 191 4.56 -135.87 51.01
CA THR V 191 5.53 -136.39 51.97
C THR V 191 4.88 -136.69 53.33
N VAL V 192 4.59 -137.95 53.56
CA VAL V 192 3.99 -138.39 54.81
C VAL V 192 4.92 -139.34 55.57
N PRO V 193 4.76 -139.43 56.90
CA PRO V 193 5.55 -140.36 57.71
C PRO V 193 5.32 -141.82 57.32
N SER V 194 6.10 -142.72 57.92
CA SER V 194 6.04 -144.13 57.59
C SER V 194 5.10 -144.90 58.51
N SER V 195 4.75 -144.30 59.64
CA SER V 195 3.86 -144.95 60.59
C SER V 195 2.40 -144.72 60.22
N THR V 196 2.16 -143.73 59.37
CA THR V 196 0.80 -143.41 58.93
C THR V 196 0.57 -143.82 57.47
N TRP V 197 1.40 -144.73 56.99
CA TRP V 197 1.27 -145.25 55.64
C TRP V 197 1.79 -146.69 55.58
N PRO V 198 0.98 -147.61 55.04
CA PRO V 198 -0.35 -147.34 54.47
C PRO V 198 -1.48 -147.57 55.46
N SER V 199 -1.17 -147.54 56.76
CA SER V 199 -2.18 -147.73 57.80
C SER V 199 -3.28 -146.70 57.63
N GLU V 200 -2.92 -145.43 57.71
CA GLU V 200 -3.83 -144.36 57.36
C GLU V 200 -3.76 -144.12 55.86
N THR V 201 -4.75 -144.61 55.14
CA THR V 201 -4.75 -144.53 53.69
C THR V 201 -4.72 -143.07 53.22
N VAL V 202 -3.73 -142.75 52.39
CA VAL V 202 -3.58 -141.41 51.87
C VAL V 202 -3.82 -141.39 50.37
N THR V 203 -5.03 -141.02 49.98
CA THR V 203 -5.43 -141.03 48.58
C THR V 203 -5.14 -139.69 47.90
N CYS V 204 -5.38 -139.64 46.58
CA CYS V 204 -5.12 -138.44 45.81
C CYS V 204 -6.32 -138.03 44.96
N ASN V 205 -6.80 -136.80 45.19
CA ASN V 205 -7.97 -136.28 44.50
C ASN V 205 -7.57 -135.46 43.27
N VAL V 206 -8.23 -135.70 42.13
CA VAL V 206 -7.90 -134.98 40.91
C VAL V 206 -9.15 -134.47 40.20
N ALA V 207 -9.14 -133.19 39.82
CA ALA V 207 -10.28 -132.57 39.15
C ALA V 207 -9.91 -131.95 37.80
N HIS V 208 -10.90 -131.88 36.92
CA HIS V 208 -10.73 -131.24 35.62
C HIS V 208 -12.05 -130.59 35.18
N PRO V 209 -12.07 -129.25 35.13
CA PRO V 209 -13.29 -128.50 34.83
C PRO V 209 -13.79 -128.70 33.40
N ALA V 210 -12.88 -128.68 32.44
CA ALA V 210 -13.26 -128.76 31.02
C ALA V 210 -13.86 -130.12 30.65
N SER V 211 -13.43 -131.18 31.34
CA SER V 211 -13.95 -132.51 31.10
C SER V 211 -15.00 -132.91 32.13
N SER V 212 -15.12 -132.09 33.18
CA SER V 212 -16.07 -132.32 34.27
C SER V 212 -15.79 -133.63 35.00
N THR V 213 -14.52 -133.97 35.14
CA THR V 213 -14.15 -135.25 35.74
C THR V 213 -13.49 -135.09 37.11
N LYS V 214 -13.99 -135.84 38.08
CA LYS V 214 -13.40 -135.84 39.42
C LYS V 214 -13.28 -137.26 39.95
N VAL V 215 -12.07 -137.80 39.94
CA VAL V 215 -11.86 -139.19 40.35
C VAL V 215 -10.69 -139.34 41.32
N ASP V 216 -10.89 -140.14 42.37
CA ASP V 216 -9.83 -140.43 43.32
C ASP V 216 -9.23 -141.81 43.08
N LYS V 217 -7.97 -141.98 43.45
CA LYS V 217 -7.27 -143.25 43.27
C LYS V 217 -6.43 -143.61 44.49
N LYS V 218 -6.64 -144.80 45.04
CA LYS V 218 -5.90 -145.25 46.21
C LYS V 218 -4.40 -145.29 45.96
N ILE V 219 -3.63 -145.35 47.05
CA ILE V 219 -2.18 -145.40 46.94
C ILE V 219 -1.70 -146.81 46.63
N VAL V 220 -2.51 -147.80 46.99
CA VAL V 220 -2.21 -149.19 46.68
C VAL V 220 -3.38 -149.85 45.96
N PRO V 221 -3.14 -150.33 44.74
CA PRO V 221 -4.19 -151.00 43.97
C PRO V 221 -4.57 -152.35 44.59
N GLN W 1 51.41 -38.22 -29.74
CA GLN W 1 49.96 -38.29 -29.61
C GLN W 1 49.28 -37.23 -30.46
N ALA W 2 49.13 -36.02 -29.92
CA ALA W 2 48.41 -34.94 -30.59
C ALA W 2 48.88 -33.57 -30.12
N VAL W 3 48.57 -32.53 -30.90
CA VAL W 3 49.03 -31.18 -30.55
C VAL W 3 47.90 -30.15 -30.62
N VAL W 4 47.92 -29.20 -29.70
CA VAL W 4 46.93 -28.13 -29.68
C VAL W 4 47.53 -26.87 -30.27
N THR W 5 46.84 -26.32 -31.26
CA THR W 5 47.35 -25.15 -31.96
C THR W 5 46.51 -23.91 -31.66
N GLN W 6 47.15 -22.91 -31.06
CA GLN W 6 46.51 -21.61 -30.84
C GLN W 6 47.10 -20.59 -31.80
N GLU W 7 46.50 -19.40 -31.85
CA GLU W 7 47.05 -18.32 -32.65
C GLU W 7 48.35 -17.85 -32.01
N SER W 8 49.26 -17.32 -32.83
CA SER W 8 50.52 -16.79 -32.33
C SER W 8 50.30 -15.67 -31.33
N ALA W 9 49.69 -14.59 -31.82
CA ALA W 9 49.35 -13.45 -30.97
C ALA W 9 48.30 -12.61 -31.68
N LEU W 10 47.39 -12.01 -30.92
CA LEU W 10 46.36 -11.17 -31.51
C LEU W 10 46.29 -9.80 -30.84
N THR W 11 45.74 -8.83 -31.55
CA THR W 11 45.70 -7.45 -31.08
C THR W 11 44.28 -6.91 -31.14
N THR W 12 43.85 -6.21 -30.10
CA THR W 12 42.53 -5.62 -30.06
C THR W 12 42.49 -4.32 -29.26
N SER W 13 41.43 -3.53 -29.46
CA SER W 13 41.27 -2.25 -28.78
C SER W 13 40.30 -2.37 -27.61
N PRO W 14 40.50 -1.57 -26.56
CA PRO W 14 39.59 -1.56 -25.40
C PRO W 14 38.14 -1.32 -25.81
N GLY W 15 37.24 -2.19 -25.34
CA GLY W 15 35.82 -2.04 -25.63
C GLY W 15 35.33 -2.85 -26.82
N GLU W 16 36.25 -3.46 -27.55
CA GLU W 16 35.89 -4.23 -28.74
C GLU W 16 35.79 -5.72 -28.43
N THR W 17 35.36 -6.50 -29.42
CA THR W 17 35.19 -7.94 -29.26
C THR W 17 36.27 -8.72 -30.00
N VAL W 18 36.93 -9.61 -29.28
CA VAL W 18 38.01 -10.42 -29.85
C VAL W 18 37.75 -11.90 -29.58
N THR W 19 38.15 -12.76 -30.52
CA THR W 19 37.93 -14.19 -30.39
C THR W 19 39.20 -15.02 -30.61
N LEU W 20 39.61 -15.75 -29.59
CA LEU W 20 40.76 -16.65 -29.72
C LEU W 20 40.30 -18.06 -30.08
N THR W 21 40.99 -18.70 -31.00
CA THR W 21 40.64 -20.05 -31.41
C THR W 21 41.60 -21.08 -30.77
N CYS W 22 41.20 -22.35 -30.81
CA CYS W 22 41.95 -23.44 -30.20
C CYS W 22 41.74 -24.74 -30.96
N ARG W 23 42.65 -25.06 -31.87
CA ARG W 23 42.45 -26.17 -32.79
C ARG W 23 43.08 -27.48 -32.31
N SER W 24 42.35 -28.57 -32.47
CA SER W 24 42.87 -29.91 -32.17
C SER W 24 43.41 -30.55 -33.44
N SER W 25 44.39 -31.44 -33.28
CA SER W 25 45.01 -32.11 -34.42
C SER W 25 44.34 -33.45 -34.71
N THR W 26 43.61 -33.98 -33.75
CA THR W 26 42.95 -35.26 -33.95
C THR W 26 41.68 -35.09 -34.78
N GLY W 27 41.11 -33.90 -34.74
CA GLY W 27 39.86 -33.62 -35.43
C GLY W 27 39.15 -32.46 -34.77
N ALA W 28 37.82 -32.47 -34.83
CA ALA W 28 37.02 -31.41 -34.22
C ALA W 28 37.06 -31.47 -32.69
N VAL W 29 37.01 -30.31 -32.06
CA VAL W 29 36.96 -30.22 -30.60
C VAL W 29 35.52 -30.45 -30.10
N THR W 30 35.27 -31.60 -29.50
CA THR W 30 33.93 -31.91 -29.01
C THR W 30 33.75 -31.53 -27.55
N THR W 31 32.56 -31.77 -27.02
CA THR W 31 32.23 -31.44 -25.63
C THR W 31 33.02 -32.31 -24.67
N ILE W 32 33.49 -33.45 -25.17
CA ILE W 32 34.24 -34.37 -24.34
C ILE W 32 35.71 -33.96 -24.24
N ASN W 33 36.03 -32.80 -24.81
CA ASN W 33 37.38 -32.24 -24.70
C ASN W 33 37.50 -31.27 -23.54
N PHE W 34 36.36 -30.81 -23.04
CA PHE W 34 36.30 -29.96 -21.86
C PHE W 34 37.29 -28.81 -21.98
N ALA W 35 37.13 -27.99 -23.01
CA ALA W 35 38.07 -26.92 -23.28
C ALA W 35 38.23 -25.99 -22.08
N ASN W 36 39.46 -25.85 -21.61
CA ASN W 36 39.78 -24.90 -20.54
C ASN W 36 40.53 -23.70 -21.08
N TRP W 37 40.40 -22.55 -20.42
CA TRP W 37 41.18 -21.37 -20.80
C TRP W 37 41.85 -20.77 -19.58
N VAL W 38 43.17 -20.60 -19.65
CA VAL W 38 43.92 -20.06 -18.52
C VAL W 38 44.66 -18.79 -18.92
N GLN W 39 44.56 -17.76 -18.09
CA GLN W 39 45.15 -16.45 -18.34
C GLN W 39 46.48 -16.29 -17.59
N GLU W 40 47.54 -16.00 -18.34
CA GLU W 40 48.85 -15.81 -17.72
C GLU W 40 49.24 -14.34 -17.65
N LYS W 41 49.08 -13.75 -16.47
CA LYS W 41 49.56 -12.41 -16.22
C LYS W 41 51.09 -12.41 -16.18
N PRO W 42 51.72 -11.22 -16.34
CA PRO W 42 53.17 -11.14 -16.19
C PRO W 42 53.66 -11.59 -14.82
N ASP W 43 54.91 -12.02 -14.75
CA ASP W 43 55.53 -12.53 -13.52
C ASP W 43 54.93 -13.86 -13.07
N HIS W 44 54.51 -14.66 -14.05
CA HIS W 44 54.02 -16.01 -13.80
C HIS W 44 52.80 -16.06 -12.88
N LEU W 45 51.71 -15.43 -13.32
CA LEU W 45 50.44 -15.49 -12.60
C LEU W 45 49.37 -16.14 -13.46
N PHE W 46 48.83 -17.26 -12.98
CA PHE W 46 47.82 -18.00 -13.72
C PHE W 46 46.47 -18.00 -13.02
N THR W 47 45.40 -17.98 -13.81
CA THR W 47 44.04 -18.12 -13.29
C THR W 47 43.13 -18.74 -14.35
N GLY W 48 42.29 -19.67 -13.93
CA GLY W 48 41.37 -20.33 -14.84
C GLY W 48 40.21 -19.42 -15.22
N LEU W 49 39.61 -19.68 -16.37
CA LEU W 49 38.47 -18.90 -16.84
C LEU W 49 37.27 -19.82 -17.09
N ILE W 50 37.18 -20.32 -18.32
CA ILE W 50 36.11 -21.21 -18.72
C ILE W 50 36.62 -22.63 -18.82
N GLY W 51 35.78 -23.59 -18.48
CA GLY W 51 36.17 -24.98 -18.54
C GLY W 51 35.03 -25.96 -18.27
N GLY W 52 35.35 -27.24 -18.37
CA GLY W 52 34.37 -28.29 -18.15
C GLY W 52 33.29 -28.21 -19.20
N ILE W 53 32.04 -28.24 -18.74
CA ILE W 53 30.89 -28.16 -19.63
C ILE W 53 30.42 -26.71 -19.80
N ASN W 54 30.41 -25.95 -18.71
CA ASN W 54 30.02 -24.54 -18.76
C ASN W 54 30.53 -23.81 -17.54
N ASN W 55 31.36 -24.50 -16.76
CA ASN W 55 31.84 -23.97 -15.50
C ASN W 55 32.77 -22.78 -15.66
N ARG W 56 32.78 -21.91 -14.66
CA ARG W 56 33.67 -20.74 -14.63
C ARG W 56 34.30 -20.59 -13.27
N ALA W 57 35.59 -20.24 -13.26
CA ALA W 57 36.27 -19.96 -12.01
C ALA W 57 35.60 -18.76 -11.35
N PRO W 58 35.44 -18.82 -10.01
CA PRO W 58 34.84 -17.71 -9.27
C PRO W 58 35.64 -16.42 -9.43
N GLY W 59 34.98 -15.36 -9.87
CA GLY W 59 35.63 -14.07 -10.04
C GLY W 59 36.04 -13.79 -11.47
N VAL W 60 35.45 -14.52 -12.41
CA VAL W 60 35.72 -14.32 -13.83
C VAL W 60 34.69 -13.37 -14.43
N PRO W 61 35.16 -12.28 -15.06
CA PRO W 61 34.32 -11.24 -15.65
C PRO W 61 33.27 -11.81 -16.62
N ALA W 62 32.14 -11.11 -16.74
CA ALA W 62 31.07 -11.57 -17.61
C ALA W 62 31.47 -11.47 -19.07
N ARG W 63 32.40 -10.57 -19.39
CA ARG W 63 32.85 -10.35 -20.76
C ARG W 63 33.54 -11.58 -21.34
N PHE W 64 34.07 -12.42 -20.47
CA PHE W 64 34.63 -13.70 -20.88
C PHE W 64 33.50 -14.70 -21.13
N SER W 65 33.58 -15.43 -22.23
CA SER W 65 32.53 -16.38 -22.59
C SER W 65 33.06 -17.50 -23.49
N GLY W 66 32.64 -18.72 -23.21
CA GLY W 66 33.12 -19.87 -23.97
C GLY W 66 32.11 -20.29 -25.01
N SER W 67 32.60 -20.97 -26.04
CA SER W 67 31.77 -21.45 -27.13
C SER W 67 32.54 -22.43 -28.01
N LEU W 68 31.88 -22.95 -29.04
CA LEU W 68 32.52 -23.86 -29.98
C LEU W 68 32.23 -23.43 -31.41
N ILE W 69 32.79 -22.29 -31.80
CA ILE W 69 32.67 -21.79 -33.17
C ILE W 69 33.45 -22.70 -34.13
N GLY W 70 32.80 -23.09 -35.22
CA GLY W 70 33.41 -24.01 -36.17
C GLY W 70 33.60 -25.39 -35.58
N ASP W 71 34.82 -25.90 -35.64
CA ASP W 71 35.15 -27.21 -35.07
C ASP W 71 36.28 -27.10 -34.06
N LYS W 72 36.44 -25.91 -33.48
CA LYS W 72 37.47 -25.66 -32.48
C LYS W 72 36.93 -24.84 -31.31
N ALA W 73 37.67 -24.83 -30.20
CA ALA W 73 37.24 -24.13 -29.00
C ALA W 73 37.45 -22.62 -29.14
N ALA W 74 36.57 -21.84 -28.50
CA ALA W 74 36.59 -20.39 -28.67
C ALA W 74 36.47 -19.64 -27.35
N LEU W 75 37.40 -18.72 -27.11
CA LEU W 75 37.31 -17.79 -25.98
C LEU W 75 37.01 -16.39 -26.51
N THR W 76 35.83 -15.87 -26.17
CA THR W 76 35.42 -14.58 -26.70
C THR W 76 35.27 -13.52 -25.62
N ILE W 77 35.99 -12.41 -25.79
CA ILE W 77 35.91 -11.31 -24.84
C ILE W 77 35.13 -10.14 -25.43
N THR W 78 33.86 -10.01 -25.04
CA THR W 78 33.03 -8.91 -25.52
C THR W 78 33.15 -7.71 -24.60
N GLY W 79 33.93 -6.73 -25.02
CA GLY W 79 34.20 -5.55 -24.21
C GLY W 79 35.56 -5.67 -23.54
N ALA W 80 36.61 -5.76 -24.35
CA ALA W 80 37.97 -5.97 -23.86
C ALA W 80 38.40 -4.83 -22.94
N GLN W 81 39.26 -5.16 -21.99
CA GLN W 81 39.76 -4.17 -21.04
C GLN W 81 41.30 -4.12 -21.12
N THR W 82 41.89 -3.08 -20.56
CA THR W 82 43.34 -2.90 -20.62
C THR W 82 44.07 -3.98 -19.82
N GLU W 83 43.44 -4.45 -18.76
CA GLU W 83 44.04 -5.46 -17.89
C GLU W 83 43.86 -6.88 -18.42
N ASP W 84 43.08 -7.02 -19.49
CA ASP W 84 42.90 -8.32 -20.13
C ASP W 84 44.06 -8.65 -21.06
N GLU W 85 45.07 -7.79 -21.07
CA GLU W 85 46.26 -7.99 -21.88
C GLU W 85 47.20 -8.98 -21.20
N ALA W 86 47.24 -10.20 -21.74
CA ALA W 86 48.08 -11.25 -21.19
C ALA W 86 48.23 -12.37 -22.21
N ILE W 87 48.85 -13.47 -21.78
CA ILE W 87 48.96 -14.64 -22.63
C ILE W 87 47.89 -15.66 -22.25
N TYR W 88 47.11 -16.10 -23.22
CA TYR W 88 45.98 -16.98 -22.95
C TYR W 88 46.24 -18.40 -23.43
N PHE W 89 46.20 -19.34 -22.49
CA PHE W 89 46.41 -20.74 -22.79
C PHE W 89 45.11 -21.53 -22.76
N CYS W 90 44.92 -22.39 -23.75
CA CYS W 90 43.80 -23.32 -23.74
C CYS W 90 44.30 -24.76 -23.70
N ALA W 91 43.56 -25.62 -23.00
CA ALA W 91 43.92 -27.03 -22.86
C ALA W 91 42.76 -27.93 -23.22
N LEU W 92 43.08 -29.09 -23.78
CA LEU W 92 42.07 -30.04 -24.20
C LEU W 92 42.24 -31.39 -23.53
N TRP W 93 41.12 -32.03 -23.20
CA TRP W 93 41.13 -33.33 -22.56
C TRP W 93 41.11 -34.47 -23.58
N TYR W 94 42.20 -35.21 -23.62
CA TYR W 94 42.34 -36.36 -24.50
C TYR W 94 42.36 -37.69 -23.74
N SER W 95 41.17 -38.19 -23.45
CA SER W 95 40.99 -39.51 -22.83
C SER W 95 41.48 -39.63 -21.40
N ASN W 96 42.71 -39.23 -21.12
CA ASN W 96 43.19 -39.52 -19.80
C ASN W 96 43.99 -38.32 -19.25
N HIS W 97 44.28 -37.34 -20.11
CA HIS W 97 45.22 -36.26 -19.81
C HIS W 97 44.99 -34.88 -20.50
N TRP W 98 45.64 -33.85 -19.96
CA TRP W 98 45.55 -32.49 -20.49
C TRP W 98 46.70 -32.22 -21.46
N VAL W 99 46.35 -31.57 -22.56
CA VAL W 99 47.33 -31.15 -23.55
C VAL W 99 47.10 -29.67 -23.73
N PHE W 100 48.09 -28.88 -23.33
CA PHE W 100 48.03 -27.45 -23.53
C PHE W 100 48.35 -27.10 -24.97
N GLY W 101 48.22 -25.82 -25.31
CA GLY W 101 48.55 -25.38 -26.65
C GLY W 101 49.74 -24.44 -26.62
N GLY W 102 49.93 -23.70 -27.71
CA GLY W 102 51.04 -22.77 -27.80
C GLY W 102 50.80 -21.53 -26.97
N GLY W 103 49.53 -21.16 -26.81
CA GLY W 103 49.18 -19.95 -26.09
C GLY W 103 49.18 -18.75 -27.00
N THR W 104 48.12 -17.95 -26.92
CA THR W 104 48.00 -16.75 -27.74
C THR W 104 48.31 -15.51 -26.91
N LYS W 105 49.19 -14.66 -27.42
CA LYS W 105 49.55 -13.43 -26.72
C LYS W 105 48.62 -12.29 -27.11
N LEU W 106 47.63 -12.03 -26.26
CA LEU W 106 46.62 -11.01 -26.53
C LEU W 106 47.13 -9.63 -26.15
N THR W 107 46.92 -8.66 -27.03
CA THR W 107 47.34 -7.29 -26.77
C THR W 107 46.18 -6.30 -26.82
N VAL W 108 45.90 -5.70 -25.66
CA VAL W 108 44.94 -4.62 -25.59
C VAL W 108 45.67 -3.28 -25.48
N LEU W 109 45.58 -2.47 -26.53
CA LEU W 109 46.31 -1.21 -26.60
C LEU W 109 45.89 -0.24 -25.49
N GLY W 110 46.86 0.21 -24.72
CA GLY W 110 46.64 1.24 -23.73
C GLY W 110 47.51 2.43 -24.07
N GLN W 111 48.27 2.28 -25.14
CA GLN W 111 49.21 3.31 -25.60
C GLN W 111 49.45 3.12 -27.10
N PRO W 112 49.82 4.20 -27.81
CA PRO W 112 50.09 4.10 -29.25
C PRO W 112 51.25 3.17 -29.58
N LYS W 113 51.21 2.59 -30.77
CA LYS W 113 52.27 1.68 -31.23
C LYS W 113 53.53 2.46 -31.55
N SER W 114 54.65 2.09 -30.91
CA SER W 114 55.91 2.78 -31.15
C SER W 114 56.96 1.85 -31.76
N SER W 115 57.74 2.39 -32.69
CA SER W 115 58.74 1.62 -33.41
C SER W 115 59.89 1.20 -32.48
N PRO W 116 60.51 0.04 -32.78
CA PRO W 116 61.63 -0.49 -31.97
C PRO W 116 62.89 0.37 -32.05
N SER W 117 63.55 0.57 -30.91
CA SER W 117 64.78 1.35 -30.86
C SER W 117 66.00 0.44 -30.93
N VAL W 118 66.39 0.07 -32.14
CA VAL W 118 67.46 -0.90 -32.34
C VAL W 118 68.83 -0.29 -32.15
N THR W 119 69.68 -0.98 -31.39
CA THR W 119 71.05 -0.54 -31.16
C THR W 119 72.01 -1.72 -31.20
N LEU W 120 72.86 -1.76 -32.23
CA LEU W 120 73.79 -2.87 -32.41
C LEU W 120 75.19 -2.52 -31.91
N PHE W 121 75.76 -3.41 -31.10
CA PHE W 121 77.09 -3.19 -30.54
C PHE W 121 78.08 -4.25 -31.01
N PRO W 122 79.31 -3.82 -31.30
CA PRO W 122 80.40 -4.75 -31.62
C PRO W 122 80.91 -5.44 -30.36
N PRO W 123 81.62 -6.56 -30.50
CA PRO W 123 82.15 -7.25 -29.33
C PRO W 123 83.24 -6.44 -28.63
N SER W 124 83.57 -6.82 -27.40
CA SER W 124 84.62 -6.18 -26.65
C SER W 124 85.99 -6.72 -27.05
N SER W 125 87.01 -5.89 -26.87
CA SER W 125 88.37 -6.29 -27.22
C SER W 125 88.96 -7.29 -26.21
N GLU W 126 88.22 -7.57 -25.15
CA GLU W 126 88.61 -8.61 -24.20
C GLU W 126 87.94 -9.92 -24.56
N GLU W 127 86.79 -9.83 -25.22
CA GLU W 127 86.13 -11.01 -25.73
C GLU W 127 86.91 -11.55 -26.92
N LEU W 128 87.61 -10.65 -27.61
CA LEU W 128 88.52 -11.06 -28.69
C LEU W 128 89.72 -11.80 -28.13
N GLU W 129 89.98 -11.62 -26.84
CA GLU W 129 91.06 -12.31 -26.16
C GLU W 129 90.56 -13.62 -25.55
N THR W 130 89.24 -13.83 -25.62
CA THR W 130 88.62 -15.04 -25.13
C THR W 130 88.47 -16.05 -26.27
N ASN W 131 88.83 -15.60 -27.48
CA ASN W 131 88.60 -16.35 -28.72
C ASN W 131 87.10 -16.58 -28.94
N LYS W 132 86.28 -15.78 -28.26
CA LYS W 132 84.83 -15.83 -28.39
C LYS W 132 84.28 -14.42 -28.60
N ALA W 133 83.76 -14.15 -29.79
CA ALA W 133 83.21 -12.84 -30.10
C ALA W 133 81.69 -12.83 -29.94
N THR W 134 81.14 -11.67 -29.57
CA THR W 134 79.73 -11.59 -29.26
C THR W 134 79.12 -10.21 -29.56
N LEU W 135 78.32 -10.14 -30.62
CA LEU W 135 77.58 -8.93 -30.94
C LEU W 135 76.34 -8.86 -30.06
N VAL W 136 75.88 -7.64 -29.76
CA VAL W 136 74.69 -7.46 -28.93
C VAL W 136 73.73 -6.43 -29.54
N CYS W 137 72.49 -6.84 -29.74
CA CYS W 137 71.48 -6.01 -30.38
C CYS W 137 70.29 -5.79 -29.45
N THR W 138 70.24 -4.61 -28.82
CA THR W 138 69.16 -4.30 -27.89
C THR W 138 67.95 -3.72 -28.61
N ILE W 139 66.78 -4.24 -28.25
CA ILE W 139 65.52 -3.75 -28.80
C ILE W 139 64.67 -3.18 -27.66
N THR W 140 64.63 -1.85 -27.54
CA THR W 140 63.86 -1.22 -26.49
C THR W 140 62.76 -0.32 -27.05
N ASP W 141 61.72 -0.10 -26.23
CA ASP W 141 60.63 0.84 -26.53
C ASP W 141 59.85 0.50 -27.80
N PHE W 142 59.29 -0.71 -27.85
CA PHE W 142 58.41 -1.08 -28.95
C PHE W 142 57.06 -1.56 -28.40
N TYR W 143 56.06 -1.63 -29.28
CA TYR W 143 54.71 -2.02 -28.88
C TYR W 143 53.85 -2.34 -30.10
N PRO W 144 53.14 -3.49 -30.07
CA PRO W 144 53.07 -4.51 -29.03
C PRO W 144 54.30 -5.41 -28.93
N GLY W 145 54.21 -6.44 -28.09
CA GLY W 145 55.34 -7.30 -27.81
C GLY W 145 55.48 -8.49 -28.74
N VAL W 146 55.69 -8.20 -30.01
CA VAL W 146 55.96 -9.23 -31.01
C VAL W 146 57.04 -8.74 -31.96
N VAL W 147 58.18 -9.42 -31.97
CA VAL W 147 59.30 -9.02 -32.82
C VAL W 147 60.04 -10.24 -33.38
N THR W 148 60.21 -10.27 -34.70
CA THR W 148 61.01 -11.29 -35.36
C THR W 148 62.40 -10.76 -35.71
N VAL W 149 63.40 -11.22 -34.98
CA VAL W 149 64.77 -10.73 -35.17
C VAL W 149 65.55 -11.61 -36.14
N ASP W 150 66.14 -10.98 -37.15
CA ASP W 150 67.06 -11.67 -38.06
C ASP W 150 68.39 -10.93 -38.09
N TRP W 151 69.45 -11.65 -38.45
CA TRP W 151 70.76 -11.05 -38.62
C TRP W 151 71.12 -11.12 -40.09
N LYS W 152 72.41 -10.92 -40.40
CA LYS W 152 72.95 -11.04 -41.76
C LYS W 152 74.45 -10.78 -41.77
N VAL W 153 75.24 -11.84 -41.98
CA VAL W 153 76.70 -11.70 -42.05
C VAL W 153 77.09 -10.86 -43.26
N ASP W 154 76.86 -11.41 -44.46
CA ASP W 154 76.99 -10.66 -45.70
C ASP W 154 75.76 -10.91 -46.56
N GLY W 155 75.24 -12.13 -46.44
CA GLY W 155 73.93 -12.46 -46.94
C GLY W 155 73.15 -12.97 -45.74
N THR W 156 72.03 -13.65 -45.99
CA THR W 156 71.23 -14.29 -44.96
C THR W 156 72.12 -14.99 -43.92
N PRO W 157 71.89 -14.73 -42.62
CA PRO W 157 72.78 -15.17 -41.55
C PRO W 157 72.88 -16.69 -41.45
N VAL W 158 73.78 -17.17 -40.61
CA VAL W 158 74.03 -18.60 -40.47
C VAL W 158 72.80 -19.32 -39.87
N THR W 159 71.88 -18.53 -39.32
CA THR W 159 70.71 -19.06 -38.61
C THR W 159 71.14 -20.06 -37.56
N GLN W 160 72.31 -19.82 -36.98
CA GLN W 160 72.99 -20.79 -36.15
C GLN W 160 73.96 -20.06 -35.22
N GLY W 161 73.63 -20.01 -33.94
CA GLY W 161 74.40 -19.25 -32.98
C GLY W 161 73.73 -17.92 -32.71
N MET W 162 72.41 -17.90 -32.81
CA MET W 162 71.62 -16.71 -32.57
C MET W 162 70.62 -16.97 -31.45
N GLU W 163 70.41 -15.98 -30.58
CA GLU W 163 69.49 -16.15 -29.46
C GLU W 163 68.90 -14.82 -29.02
N THR W 164 67.57 -14.75 -28.99
CA THR W 164 66.87 -13.55 -28.58
C THR W 164 66.06 -13.83 -27.31
N THR W 165 66.02 -12.84 -26.41
CA THR W 165 65.24 -12.97 -25.19
C THR W 165 63.77 -12.74 -25.47
N GLN W 166 62.92 -13.08 -24.50
CA GLN W 166 61.48 -12.90 -24.67
C GLN W 166 61.05 -11.53 -24.16
N PRO W 167 60.32 -10.79 -25.00
CA PRO W 167 59.87 -9.42 -24.73
C PRO W 167 59.08 -9.30 -23.43
N SER W 168 59.67 -8.59 -22.47
CA SER W 168 59.03 -8.35 -21.18
C SER W 168 58.71 -6.87 -21.01
N LYS W 169 57.61 -6.58 -20.32
CA LYS W 169 57.18 -5.20 -20.10
C LYS W 169 58.18 -4.41 -19.29
N GLN W 170 58.34 -3.14 -19.62
CA GLN W 170 59.28 -2.29 -18.90
C GLN W 170 58.55 -1.31 -17.99
N SER W 171 59.18 -0.16 -17.75
CA SER W 171 58.64 0.83 -16.84
C SER W 171 57.39 1.50 -17.40
N ASN W 172 57.48 1.99 -18.63
CA ASN W 172 56.35 2.65 -19.27
C ASN W 172 55.50 1.68 -20.08
N ASN W 173 55.39 0.45 -19.57
CA ASN W 173 54.52 -0.60 -20.12
C ASN W 173 54.87 -1.08 -21.53
N LYS W 174 55.88 -0.47 -22.15
CA LYS W 174 56.35 -0.95 -23.45
C LYS W 174 57.12 -2.25 -23.27
N TYR W 175 57.49 -2.88 -24.38
CA TYR W 175 58.21 -4.14 -24.34
C TYR W 175 59.67 -3.96 -24.73
N MET W 176 60.52 -4.86 -24.27
CA MET W 176 61.94 -4.78 -24.55
C MET W 176 62.63 -6.14 -24.50
N ALA W 177 63.64 -6.31 -25.35
CA ALA W 177 64.36 -7.57 -25.45
C ALA W 177 65.71 -7.39 -26.15
N SER W 178 66.66 -8.28 -25.84
CA SER W 178 67.98 -8.22 -26.44
C SER W 178 68.23 -9.41 -27.35
N SER W 179 69.25 -9.31 -28.19
CA SER W 179 69.55 -10.38 -29.15
C SER W 179 71.06 -10.56 -29.30
N TYR W 180 71.53 -11.77 -29.03
CA TYR W 180 72.96 -12.07 -29.05
C TYR W 180 73.39 -12.95 -30.22
N LEU W 181 74.60 -12.72 -30.71
CA LEU W 181 75.16 -13.51 -31.78
C LEU W 181 76.56 -13.98 -31.40
N THR W 182 76.66 -15.23 -30.95
CA THR W 182 77.94 -15.77 -30.49
C THR W 182 78.77 -16.29 -31.66
N LEU W 183 79.94 -15.70 -31.85
CA LEU W 183 80.85 -16.10 -32.92
C LEU W 183 82.23 -16.40 -32.37
N THR W 184 83.00 -17.21 -33.08
CA THR W 184 84.40 -17.41 -32.74
C THR W 184 85.15 -16.16 -33.17
N ALA W 185 86.31 -15.93 -32.54
CA ALA W 185 87.12 -14.76 -32.89
C ALA W 185 87.54 -14.84 -34.34
N ARG W 186 87.86 -16.07 -34.78
CA ARG W 186 88.23 -16.32 -36.17
C ARG W 186 87.09 -15.95 -37.10
N ALA W 187 85.86 -16.18 -36.66
CA ALA W 187 84.68 -15.85 -37.45
C ALA W 187 84.48 -14.34 -37.53
N TRP W 188 84.71 -13.65 -36.41
CA TRP W 188 84.45 -12.22 -36.36
C TRP W 188 85.45 -11.43 -37.20
N GLU W 189 86.66 -11.97 -37.36
CA GLU W 189 87.70 -11.26 -38.07
C GLU W 189 87.87 -11.77 -39.50
N ARG W 190 86.95 -12.62 -39.93
CA ARG W 190 86.93 -13.10 -41.31
C ARG W 190 85.82 -12.40 -42.10
N HIS W 191 84.81 -11.90 -41.39
CA HIS W 191 83.65 -11.30 -42.03
C HIS W 191 83.68 -9.78 -41.98
N SER W 192 83.26 -9.16 -43.08
CA SER W 192 83.36 -7.72 -43.25
C SER W 192 82.27 -6.96 -42.51
N SER W 193 81.07 -6.97 -43.08
CA SER W 193 79.96 -6.20 -42.55
C SER W 193 79.10 -7.03 -41.59
N TYR W 194 78.21 -6.36 -40.87
CA TYR W 194 77.31 -7.01 -39.93
C TYR W 194 75.98 -6.27 -39.82
N SER W 195 74.88 -7.00 -39.98
CA SER W 195 73.56 -6.40 -39.91
C SER W 195 72.69 -7.03 -38.81
N CYS W 196 71.74 -6.24 -38.31
CA CYS W 196 70.85 -6.70 -37.26
C CYS W 196 69.42 -6.26 -37.55
N GLN W 197 68.67 -7.11 -38.25
CA GLN W 197 67.33 -6.74 -38.70
C GLN W 197 66.24 -7.08 -37.68
N VAL W 198 65.62 -6.04 -37.15
CA VAL W 198 64.48 -6.19 -36.25
C VAL W 198 63.20 -5.76 -36.97
N THR W 199 62.23 -6.67 -37.03
CA THR W 199 61.02 -6.41 -37.79
C THR W 199 59.79 -6.24 -36.90
N HIS W 200 59.12 -5.10 -37.05
CA HIS W 200 57.88 -4.85 -36.37
C HIS W 200 56.74 -4.87 -37.40
N GLU W 201 55.51 -5.02 -36.93
CA GLU W 201 54.36 -5.17 -37.82
C GLU W 201 54.22 -4.01 -38.80
N GLY W 202 54.46 -4.30 -40.08
CA GLY W 202 54.33 -3.32 -41.14
C GLY W 202 55.61 -2.55 -41.41
N HIS W 203 56.64 -2.81 -40.61
CA HIS W 203 57.91 -2.11 -40.76
C HIS W 203 59.11 -3.04 -40.58
N THR W 204 60.31 -2.45 -40.64
CA THR W 204 61.54 -3.20 -40.44
C THR W 204 62.68 -2.25 -40.10
N VAL W 205 63.29 -2.46 -38.94
CA VAL W 205 64.38 -1.60 -38.47
C VAL W 205 65.71 -2.34 -38.60
N GLU W 206 66.76 -1.60 -38.91
CA GLU W 206 68.07 -2.21 -39.05
C GLU W 206 69.22 -1.25 -38.75
N LYS W 207 70.16 -1.73 -37.95
CA LYS W 207 71.40 -1.00 -37.70
C LYS W 207 72.58 -1.76 -38.33
N SER W 208 73.59 -1.02 -38.76
CA SER W 208 74.71 -1.60 -39.50
C SER W 208 76.06 -1.17 -38.95
N LEU W 209 77.07 -2.01 -39.16
CA LEU W 209 78.44 -1.69 -38.76
C LEU W 209 79.47 -2.55 -39.49
N SER W 210 80.71 -2.07 -39.51
CA SER W 210 81.81 -2.79 -40.13
C SER W 210 83.00 -2.88 -39.18
N ARG W 211 83.87 -3.86 -39.43
CA ARG W 211 85.00 -4.14 -38.54
C ARG W 211 86.25 -3.38 -38.95
N ALA W 212 87.02 -2.92 -37.96
CA ALA W 212 88.24 -2.15 -38.21
C ALA W 212 89.49 -3.02 -38.11
N ASP W 213 90.52 -2.65 -38.88
CA ASP W 213 91.79 -3.35 -38.83
C ASP W 213 92.94 -2.36 -38.83
N CYS W 214 94.02 -2.71 -38.14
CA CYS W 214 95.19 -1.85 -38.07
C CYS W 214 96.44 -2.58 -38.55
N SER W 215 97.52 -1.83 -38.72
CA SER W 215 98.77 -2.39 -39.23
C SER W 215 99.98 -1.61 -38.73
N GLN X 1 -20.82 -96.06 -26.10
CA GLN X 1 -20.04 -95.90 -24.88
C GLN X 1 -20.38 -96.96 -23.85
N ALA X 2 -21.43 -96.70 -23.07
CA ALA X 2 -21.82 -97.59 -21.99
C ALA X 2 -23.29 -97.40 -21.66
N VAL X 3 -23.88 -98.38 -20.97
CA VAL X 3 -25.30 -98.35 -20.64
C VAL X 3 -25.58 -98.67 -19.17
N VAL X 4 -26.56 -97.99 -18.60
CA VAL X 4 -26.97 -98.23 -17.22
C VAL X 4 -28.22 -99.10 -17.16
N THR X 5 -28.16 -100.19 -16.41
CA THR X 5 -29.25 -101.14 -16.33
C THR X 5 -29.95 -101.10 -14.97
N GLN X 6 -31.23 -100.75 -14.97
CA GLN X 6 -32.02 -100.85 -13.74
C GLN X 6 -32.99 -102.02 -13.84
N GLU X 7 -33.67 -102.36 -12.75
CA GLU X 7 -34.71 -103.38 -12.82
C GLU X 7 -35.89 -102.83 -13.60
N SER X 8 -36.62 -103.73 -14.25
CA SER X 8 -37.80 -103.36 -15.02
C SER X 8 -38.84 -102.66 -14.15
N ALA X 9 -39.33 -103.39 -13.16
CA ALA X 9 -40.28 -102.86 -12.20
C ALA X 9 -40.33 -103.75 -10.96
N LEU X 10 -40.53 -103.15 -9.80
CA LEU X 10 -40.59 -103.88 -8.54
C LEU X 10 -41.84 -103.54 -7.76
N THR X 11 -42.23 -104.45 -6.86
CA THR X 11 -43.44 -104.27 -6.10
C THR X 11 -43.15 -104.47 -4.61
N THR X 12 -43.72 -103.61 -3.77
CA THR X 12 -43.55 -103.73 -2.33
C THR X 12 -44.78 -103.27 -1.57
N SER X 13 -44.87 -103.64 -0.30
CA SER X 13 -45.99 -103.27 0.55
C SER X 13 -45.62 -102.12 1.47
N PRO X 14 -46.61 -101.28 1.83
CA PRO X 14 -46.38 -100.17 2.77
C PRO X 14 -45.76 -100.58 4.10
N GLY X 15 -44.67 -99.92 4.48
CA GLY X 15 -43.99 -100.22 5.73
C GLY X 15 -42.84 -101.19 5.59
N GLU X 16 -42.66 -101.75 4.40
CA GLU X 16 -41.61 -102.74 4.17
C GLU X 16 -40.37 -102.12 3.55
N THR X 17 -39.33 -102.92 3.42
CA THR X 17 -38.05 -102.45 2.90
C THR X 17 -37.79 -103.00 1.49
N VAL X 18 -37.50 -102.09 0.57
CA VAL X 18 -37.24 -102.46 -0.82
C VAL X 18 -35.92 -101.85 -1.28
N THR X 19 -35.22 -102.56 -2.17
CA THR X 19 -33.93 -102.11 -2.67
C THR X 19 -33.86 -102.14 -4.19
N LEU X 20 -33.64 -100.98 -4.79
CA LEU X 20 -33.44 -100.88 -6.24
C LEU X 20 -31.96 -100.88 -6.57
N THR X 21 -31.58 -101.65 -7.60
CA THR X 21 -30.19 -101.70 -8.04
C THR X 21 -29.96 -100.88 -9.30
N CYS X 22 -28.69 -100.65 -9.61
CA CYS X 22 -28.27 -99.85 -10.75
C CYS X 22 -26.92 -100.32 -11.29
N ARG X 23 -26.94 -101.14 -12.33
CA ARG X 23 -25.73 -101.78 -12.82
C ARG X 23 -25.05 -101.02 -13.96
N SER X 24 -23.72 -100.94 -13.89
CA SER X 24 -22.92 -100.37 -14.95
C SER X 24 -22.45 -101.45 -15.91
N SER X 25 -22.25 -101.07 -17.18
CA SER X 25 -21.80 -102.02 -18.19
C SER X 25 -20.27 -101.99 -18.34
N THR X 26 -19.65 -100.93 -17.85
CA THR X 26 -18.19 -100.80 -17.89
C THR X 26 -17.49 -101.60 -16.80
N GLY X 27 -18.20 -101.85 -15.72
CA GLY X 27 -17.65 -102.56 -14.59
C GLY X 27 -18.39 -102.20 -13.31
N ALA X 28 -17.69 -102.29 -12.19
CA ALA X 28 -18.29 -101.99 -10.90
C ALA X 28 -18.59 -100.51 -10.75
N VAL X 29 -19.66 -100.18 -10.04
CA VAL X 29 -20.00 -98.79 -9.76
C VAL X 29 -19.17 -98.29 -8.58
N THR X 30 -18.19 -97.43 -8.85
CA THR X 30 -17.34 -96.90 -7.79
C THR X 30 -17.84 -95.56 -7.28
N THR X 31 -17.11 -94.99 -6.33
CA THR X 31 -17.48 -93.71 -5.73
C THR X 31 -17.36 -92.57 -6.74
N ILE X 32 -16.56 -92.77 -7.78
CA ILE X 32 -16.32 -91.74 -8.79
C ILE X 32 -17.42 -91.70 -9.84
N ASN X 33 -18.45 -92.51 -9.65
CA ASN X 33 -19.61 -92.51 -10.54
C ASN X 33 -20.70 -91.57 -10.05
N PHE X 34 -20.61 -91.20 -8.77
CA PHE X 34 -21.53 -90.25 -8.15
C PHE X 34 -22.98 -90.59 -8.44
N ALA X 35 -23.39 -91.78 -8.02
CA ALA X 35 -24.72 -92.28 -8.31
C ALA X 35 -25.82 -91.34 -7.83
N ASN X 36 -26.68 -90.91 -8.75
CA ASN X 36 -27.84 -90.11 -8.41
C ASN X 36 -29.13 -90.93 -8.51
N TRP X 37 -30.14 -90.56 -7.74
CA TRP X 37 -31.45 -91.21 -7.87
C TRP X 37 -32.52 -90.14 -7.98
N VAL X 38 -33.32 -90.20 -9.04
CA VAL X 38 -34.34 -89.21 -9.26
C VAL X 38 -35.71 -89.86 -9.29
N GLN X 39 -36.66 -89.26 -8.59
CA GLN X 39 -38.01 -89.80 -8.50
C GLN X 39 -38.95 -89.10 -9.47
N GLU X 40 -39.59 -89.87 -10.36
CA GLU X 40 -40.55 -89.31 -11.32
C GLU X 40 -41.98 -89.60 -10.90
N LYS X 41 -42.63 -88.58 -10.33
CA LYS X 41 -44.06 -88.65 -10.04
C LYS X 41 -44.88 -88.57 -11.33
N PRO X 42 -46.17 -88.98 -11.28
CA PRO X 42 -47.01 -88.84 -12.48
C PRO X 42 -47.13 -87.40 -12.97
N ASP X 43 -47.42 -87.24 -14.26
CA ASP X 43 -47.55 -85.93 -14.91
C ASP X 43 -46.21 -85.22 -14.99
N HIS X 44 -45.15 -86.00 -15.15
CA HIS X 44 -43.81 -85.47 -15.36
C HIS X 44 -43.32 -84.58 -14.23
N LEU X 45 -43.20 -85.15 -13.04
CA LEU X 45 -42.64 -84.43 -11.90
C LEU X 45 -41.40 -85.14 -11.40
N PHE X 46 -40.27 -84.44 -11.44
CA PHE X 46 -39.00 -85.00 -11.03
C PHE X 46 -38.44 -84.31 -9.78
N THR X 47 -37.73 -85.08 -8.96
CA THR X 47 -37.01 -84.56 -7.80
C THR X 47 -35.84 -85.47 -7.46
N GLY X 48 -34.70 -84.87 -7.12
CA GLY X 48 -33.53 -85.63 -6.74
C GLY X 48 -33.65 -86.25 -5.35
N LEU X 49 -32.87 -87.29 -5.11
CA LEU X 49 -32.85 -87.95 -3.81
C LEU X 49 -31.43 -87.99 -3.23
N ILE X 50 -30.71 -89.04 -3.59
CA ILE X 50 -29.33 -89.22 -3.16
C ILE X 50 -28.37 -88.99 -4.31
N GLY X 51 -27.20 -88.43 -4.02
CA GLY X 51 -26.23 -88.18 -5.07
C GLY X 51 -24.89 -87.71 -4.56
N GLY X 52 -23.94 -87.54 -5.48
CA GLY X 52 -22.61 -87.11 -5.12
C GLY X 52 -21.91 -88.15 -4.28
N ILE X 53 -21.34 -87.71 -3.16
CA ILE X 53 -20.63 -88.61 -2.25
C ILE X 53 -21.57 -89.09 -1.13
N ASN X 54 -22.42 -88.19 -0.64
CA ASN X 54 -23.39 -88.55 0.40
C ASN X 54 -24.53 -87.54 0.44
N ASN X 55 -24.54 -86.65 -0.53
CA ASN X 55 -25.50 -85.55 -0.53
C ASN X 55 -26.94 -85.99 -0.74
N ARG X 56 -27.86 -85.19 -0.18
CA ARG X 56 -29.29 -85.41 -0.35
C ARG X 56 -30.00 -84.10 -0.64
N ALA X 57 -30.93 -84.13 -1.59
CA ALA X 57 -31.75 -82.97 -1.89
C ALA X 57 -32.57 -82.58 -0.67
N PRO X 58 -32.72 -81.27 -0.45
CA PRO X 58 -33.51 -80.76 0.69
C PRO X 58 -34.95 -81.23 0.67
N GLY X 59 -35.39 -81.89 1.74
CA GLY X 59 -36.76 -82.36 1.84
C GLY X 59 -36.93 -83.82 1.50
N VAL X 60 -35.83 -84.56 1.52
CA VAL X 60 -35.88 -86.01 1.24
C VAL X 60 -36.00 -86.82 2.52
N PRO X 61 -37.03 -87.68 2.58
CA PRO X 61 -37.34 -88.53 3.72
C PRO X 61 -36.16 -89.36 4.20
N ALA X 62 -36.15 -89.65 5.49
CA ALA X 62 -35.08 -90.41 6.11
C ALA X 62 -35.10 -91.85 5.63
N ARG X 63 -36.28 -92.31 5.23
CA ARG X 63 -36.43 -93.69 4.78
C ARG X 63 -35.63 -93.95 3.51
N PHE X 64 -35.35 -92.88 2.75
CA PHE X 64 -34.47 -92.99 1.59
C PHE X 64 -33.00 -93.00 2.03
N SER X 65 -32.22 -93.92 1.45
CA SER X 65 -30.81 -94.07 1.79
C SER X 65 -30.02 -94.72 0.66
N GLY X 66 -28.84 -94.18 0.40
CA GLY X 66 -27.99 -94.68 -0.67
C GLY X 66 -26.88 -95.57 -0.14
N SER X 67 -26.36 -96.42 -1.00
CA SER X 67 -25.29 -97.36 -0.64
C SER X 67 -24.70 -97.99 -1.89
N LEU X 68 -23.72 -98.87 -1.69
CA LEU X 68 -23.10 -99.59 -2.80
C LEU X 68 -23.02 -101.10 -2.53
N ILE X 69 -24.19 -101.74 -2.48
CA ILE X 69 -24.30 -103.19 -2.31
C ILE X 69 -23.80 -103.92 -3.55
N GLY X 70 -22.97 -104.94 -3.35
CA GLY X 70 -22.37 -105.67 -4.45
C GLY X 70 -21.42 -104.76 -5.19
N ASP X 71 -21.60 -104.65 -6.50
CA ASP X 71 -20.76 -103.77 -7.30
C ASP X 71 -21.61 -102.80 -8.11
N LYS X 72 -22.81 -102.52 -7.59
CA LYS X 72 -23.71 -101.59 -8.25
C LYS X 72 -24.33 -100.65 -7.22
N ALA X 73 -24.90 -99.54 -7.69
CA ALA X 73 -25.50 -98.54 -6.80
C ALA X 73 -26.85 -99.01 -6.27
N ALA X 74 -27.19 -98.60 -5.05
CA ALA X 74 -28.39 -99.08 -4.40
C ALA X 74 -29.22 -97.97 -3.76
N LEU X 75 -30.51 -97.94 -4.07
CA LEU X 75 -31.45 -97.04 -3.41
C LEU X 75 -32.35 -97.87 -2.52
N THR X 76 -32.25 -97.68 -1.21
CA THR X 76 -33.04 -98.49 -0.28
C THR X 76 -34.06 -97.67 0.49
N ILE X 77 -35.32 -98.07 0.39
CA ILE X 77 -36.38 -97.39 1.13
C ILE X 77 -36.84 -98.23 2.31
N THR X 78 -36.38 -97.89 3.50
CA THR X 78 -36.77 -98.62 4.70
C THR X 78 -38.02 -98.01 5.32
N GLY X 79 -39.16 -98.67 5.11
CA GLY X 79 -40.43 -98.14 5.57
C GLY X 79 -41.17 -97.46 4.43
N ALA X 80 -41.53 -98.24 3.42
CA ALA X 80 -42.18 -97.72 2.22
C ALA X 80 -43.51 -97.05 2.52
N GLN X 81 -43.83 -96.03 1.72
CA GLN X 81 -45.09 -95.30 1.87
C GLN X 81 -45.90 -95.36 0.57
N THR X 82 -47.18 -95.03 0.63
CA THR X 82 -48.05 -95.11 -0.54
C THR X 82 -47.66 -94.08 -1.60
N GLU X 83 -47.12 -92.95 -1.15
CA GLU X 83 -46.74 -91.87 -2.06
C GLU X 83 -45.36 -92.09 -2.67
N ASP X 84 -44.66 -93.11 -2.20
CA ASP X 84 -43.35 -93.44 -2.77
C ASP X 84 -43.50 -94.26 -4.03
N GLU X 85 -44.74 -94.45 -4.46
CA GLU X 85 -45.00 -95.18 -5.69
C GLU X 85 -44.77 -94.28 -6.90
N ALA X 86 -43.65 -94.52 -7.59
CA ALA X 86 -43.31 -93.74 -8.76
C ALA X 86 -42.24 -94.46 -9.57
N ILE X 87 -41.73 -93.81 -10.62
CA ILE X 87 -40.65 -94.39 -11.40
C ILE X 87 -39.32 -93.79 -10.95
N TYR X 88 -38.37 -94.65 -10.60
CA TYR X 88 -37.09 -94.21 -10.04
C TYR X 88 -35.95 -94.38 -11.02
N PHE X 89 -35.32 -93.26 -11.36
CA PHE X 89 -34.19 -93.25 -12.28
C PHE X 89 -32.88 -93.04 -11.55
N CYS X 90 -31.87 -93.82 -11.91
CA CYS X 90 -30.52 -93.57 -11.40
C CYS X 90 -29.59 -93.22 -12.55
N ALA X 91 -28.61 -92.37 -12.28
CA ALA X 91 -27.65 -91.91 -13.28
C ALA X 91 -26.23 -92.10 -12.78
N LEU X 92 -25.33 -92.37 -13.72
CA LEU X 92 -23.93 -92.60 -13.36
C LEU X 92 -23.02 -91.62 -14.09
N TRP X 93 -21.98 -91.16 -13.40
CA TRP X 93 -21.02 -90.24 -13.97
C TRP X 93 -19.90 -91.00 -14.66
N TYR X 94 -19.82 -90.80 -15.96
CA TYR X 94 -18.75 -91.36 -16.79
C TYR X 94 -17.82 -90.29 -17.37
N SER X 95 -16.84 -89.90 -16.56
CA SER X 95 -15.75 -89.00 -16.94
C SER X 95 -16.19 -87.58 -17.22
N ASN X 96 -17.20 -87.38 -18.04
CA ASN X 96 -17.43 -86.02 -18.45
C ASN X 96 -18.93 -85.75 -18.45
N HIS X 97 -19.74 -86.81 -18.33
CA HIS X 97 -21.20 -86.78 -18.55
C HIS X 97 -22.08 -87.78 -17.77
N TRP X 98 -23.38 -87.47 -17.73
CA TRP X 98 -24.37 -88.31 -17.06
C TRP X 98 -24.99 -89.32 -18.03
N VAL X 99 -25.13 -90.54 -17.56
CA VAL X 99 -25.80 -91.59 -18.33
C VAL X 99 -26.88 -92.09 -17.43
N PHE X 100 -28.13 -91.88 -17.85
CA PHE X 100 -29.26 -92.39 -17.10
C PHE X 100 -29.47 -93.87 -17.38
N GLY X 101 -30.41 -94.48 -16.66
CA GLY X 101 -30.71 -95.88 -16.87
C GLY X 101 -32.11 -96.07 -17.44
N GLY X 102 -32.61 -97.30 -17.35
CA GLY X 102 -33.94 -97.61 -17.85
C GLY X 102 -35.02 -97.05 -16.95
N GLY X 103 -34.72 -96.98 -15.66
CA GLY X 103 -35.69 -96.53 -14.68
C GLY X 103 -36.51 -97.70 -14.19
N THR X 104 -36.67 -97.81 -12.87
CA THR X 104 -37.46 -98.89 -12.30
C THR X 104 -38.81 -98.36 -11.84
N LYS X 105 -39.89 -99.04 -12.23
CA LYS X 105 -41.23 -98.63 -11.83
C LYS X 105 -41.65 -99.26 -10.51
N LEU X 106 -41.50 -98.50 -9.43
CA LEU X 106 -41.79 -98.99 -8.09
C LEU X 106 -43.28 -98.92 -7.79
N THR X 107 -43.80 -100.01 -7.25
CA THR X 107 -45.20 -100.07 -6.92
C THR X 107 -45.46 -100.36 -5.45
N VAL X 108 -46.03 -99.38 -4.76
CA VAL X 108 -46.48 -99.58 -3.39
C VAL X 108 -47.98 -99.76 -3.39
N LEU X 109 -48.40 -101.01 -3.21
CA LEU X 109 -49.80 -101.42 -3.27
C LEU X 109 -50.71 -100.54 -2.42
N GLY X 110 -51.88 -100.21 -2.97
CA GLY X 110 -52.89 -99.46 -2.26
C GLY X 110 -54.24 -100.17 -2.35
N GLN X 111 -54.26 -101.25 -3.12
CA GLN X 111 -55.46 -102.05 -3.31
C GLN X 111 -55.07 -103.45 -3.76
N PRO X 112 -55.95 -104.44 -3.54
CA PRO X 112 -55.66 -105.81 -3.99
C PRO X 112 -55.37 -105.91 -5.48
N LYS X 113 -54.52 -106.86 -5.85
CA LYS X 113 -54.07 -107.02 -7.22
C LYS X 113 -55.19 -107.50 -8.13
N SER X 114 -55.44 -106.77 -9.21
CA SER X 114 -56.57 -107.05 -10.09
C SER X 114 -56.14 -107.63 -11.43
N SER X 115 -56.96 -108.55 -11.95
CA SER X 115 -56.68 -109.23 -13.21
C SER X 115 -56.97 -108.34 -14.41
N PRO X 116 -56.17 -108.48 -15.47
CA PRO X 116 -56.38 -107.70 -16.71
C PRO X 116 -57.68 -108.07 -17.42
N SER X 117 -58.53 -107.06 -17.66
CA SER X 117 -59.82 -107.29 -18.31
C SER X 117 -59.77 -106.90 -19.80
N VAL X 118 -59.29 -107.82 -20.63
CA VAL X 118 -59.03 -107.53 -22.03
C VAL X 118 -60.23 -107.80 -22.93
N THR X 119 -60.36 -107.01 -23.99
CA THR X 119 -61.38 -107.22 -25.02
C THR X 119 -60.78 -106.90 -26.39
N LEU X 120 -61.01 -107.77 -27.37
CA LEU X 120 -60.40 -107.59 -28.68
C LEU X 120 -61.41 -107.07 -29.69
N PHE X 121 -60.96 -106.11 -30.50
CA PHE X 121 -61.81 -105.49 -31.51
C PHE X 121 -61.29 -105.79 -32.91
N PRO X 122 -62.20 -106.21 -33.81
CA PRO X 122 -61.87 -106.50 -35.21
C PRO X 122 -61.70 -105.21 -36.02
N PRO X 123 -61.15 -105.33 -37.24
CA PRO X 123 -61.02 -104.15 -38.10
C PRO X 123 -62.38 -103.60 -38.51
N SER X 124 -62.42 -102.32 -38.87
CA SER X 124 -63.65 -101.70 -39.36
C SER X 124 -63.80 -101.85 -40.88
N SER X 125 -65.03 -102.10 -41.31
CA SER X 125 -65.35 -102.06 -42.73
C SER X 125 -65.07 -100.66 -43.24
N GLU X 126 -65.37 -99.67 -42.41
CA GLU X 126 -65.08 -98.27 -42.70
C GLU X 126 -63.59 -98.02 -42.80
N GLU X 127 -62.81 -98.88 -42.15
CA GLU X 127 -61.36 -98.79 -42.24
C GLU X 127 -60.82 -99.66 -43.36
N LEU X 128 -61.42 -100.85 -43.54
CA LEU X 128 -60.97 -101.79 -44.56
C LEU X 128 -61.01 -101.16 -45.96
N GLU X 129 -61.96 -100.25 -46.17
CA GLU X 129 -62.09 -99.55 -47.45
C GLU X 129 -60.86 -98.69 -47.77
N THR X 130 -60.12 -98.32 -46.72
CA THR X 130 -58.92 -97.51 -46.90
C THR X 130 -57.69 -98.38 -47.19
N ASN X 131 -57.93 -99.67 -47.40
CA ASN X 131 -56.87 -100.65 -47.68
C ASN X 131 -55.90 -100.83 -46.51
N LYS X 132 -56.33 -100.43 -45.31
CA LYS X 132 -55.56 -100.61 -44.08
C LYS X 132 -56.42 -101.20 -42.97
N ALA X 133 -55.87 -102.14 -42.21
CA ALA X 133 -56.66 -102.83 -41.19
C ALA X 133 -56.00 -102.80 -39.81
N THR X 134 -56.74 -102.27 -38.83
CA THR X 134 -56.21 -102.13 -37.48
C THR X 134 -57.01 -102.91 -36.44
N LEU X 135 -56.36 -103.91 -35.85
CA LEU X 135 -56.92 -104.62 -34.70
C LEU X 135 -56.76 -103.75 -33.45
N VAL X 136 -57.69 -103.85 -32.51
CA VAL X 136 -57.57 -103.09 -31.27
C VAL X 136 -57.77 -103.99 -30.06
N CYS X 137 -56.73 -104.14 -29.24
CA CYS X 137 -56.82 -104.93 -28.02
C CYS X 137 -56.76 -104.01 -26.81
N THR X 138 -57.91 -103.77 -26.19
CA THR X 138 -57.97 -102.88 -25.05
C THR X 138 -57.91 -103.64 -23.73
N ILE X 139 -57.05 -103.20 -22.82
CA ILE X 139 -56.93 -103.77 -21.48
C ILE X 139 -57.34 -102.75 -20.43
N THR X 140 -58.21 -103.17 -19.51
CA THR X 140 -58.67 -102.28 -18.43
C THR X 140 -58.69 -102.96 -17.07
N ASP X 141 -58.71 -102.14 -16.03
CA ASP X 141 -58.88 -102.59 -14.64
C ASP X 141 -57.88 -103.66 -14.21
N PHE X 142 -56.58 -103.33 -14.27
CA PHE X 142 -55.55 -104.24 -13.76
C PHE X 142 -54.60 -103.49 -12.84
N TYR X 143 -53.84 -104.25 -12.05
CA TYR X 143 -52.98 -103.67 -11.03
C TYR X 143 -52.06 -104.73 -10.44
N PRO X 144 -50.76 -104.43 -10.34
CA PRO X 144 -50.06 -103.19 -10.72
C PRO X 144 -49.84 -103.04 -12.22
N GLY X 145 -49.46 -101.85 -12.65
CA GLY X 145 -49.29 -101.55 -14.07
C GLY X 145 -48.17 -102.29 -14.78
N VAL X 146 -48.39 -103.58 -15.02
CA VAL X 146 -47.43 -104.41 -15.76
C VAL X 146 -48.13 -105.17 -16.89
N VAL X 147 -47.60 -105.05 -18.09
CA VAL X 147 -48.27 -105.55 -19.28
C VAL X 147 -47.29 -106.13 -20.30
N THR X 148 -47.52 -107.38 -20.70
CA THR X 148 -46.72 -107.98 -21.76
C THR X 148 -47.63 -108.35 -22.94
N VAL X 149 -47.47 -107.63 -24.05
CA VAL X 149 -48.35 -107.81 -25.20
C VAL X 149 -47.71 -108.63 -26.32
N ASP X 150 -48.33 -109.76 -26.64
CA ASP X 150 -47.85 -110.66 -27.69
C ASP X 150 -48.94 -110.96 -28.69
N TRP X 151 -48.78 -110.48 -29.92
CA TRP X 151 -49.75 -110.78 -30.97
C TRP X 151 -49.36 -112.06 -31.71
N LYS X 152 -50.36 -112.80 -32.14
CA LYS X 152 -50.15 -114.03 -32.91
C LYS X 152 -51.18 -114.13 -34.03
N VAL X 153 -50.72 -114.34 -35.25
CA VAL X 153 -51.63 -114.52 -36.38
C VAL X 153 -51.53 -115.93 -36.95
N ASP X 154 -52.67 -116.62 -37.00
CA ASP X 154 -52.75 -118.00 -37.48
C ASP X 154 -51.76 -118.92 -36.75
N GLY X 155 -51.62 -118.71 -35.44
CA GLY X 155 -50.80 -119.55 -34.61
C GLY X 155 -49.32 -119.17 -34.60
N THR X 156 -48.98 -118.14 -35.37
CA THR X 156 -47.60 -117.68 -35.45
C THR X 156 -47.46 -116.33 -34.74
N PRO X 157 -46.52 -116.25 -33.79
CA PRO X 157 -46.25 -115.01 -33.05
C PRO X 157 -45.80 -113.86 -33.96
N VAL X 158 -46.34 -112.68 -33.71
CA VAL X 158 -46.07 -111.51 -34.54
C VAL X 158 -44.97 -110.63 -33.96
N THR X 159 -44.08 -110.15 -34.82
CA THR X 159 -42.98 -109.29 -34.41
C THR X 159 -43.16 -107.85 -34.88
N GLN X 160 -43.33 -107.69 -36.18
CA GLN X 160 -43.41 -106.38 -36.80
C GLN X 160 -44.83 -105.86 -36.96
N GLY X 161 -45.00 -104.55 -36.84
CA GLY X 161 -46.28 -103.91 -37.10
C GLY X 161 -47.00 -103.43 -35.85
N MET X 162 -46.66 -104.03 -34.71
CA MET X 162 -47.38 -103.76 -33.47
C MET X 162 -46.86 -102.55 -32.71
N GLU X 163 -47.69 -102.06 -31.79
CA GLU X 163 -47.33 -100.97 -30.89
C GLU X 163 -48.32 -100.92 -29.72
N THR X 164 -47.82 -100.70 -28.51
CA THR X 164 -48.66 -100.73 -27.31
C THR X 164 -48.36 -99.55 -26.39
N THR X 165 -49.40 -98.94 -25.84
CA THR X 165 -49.22 -97.80 -24.95
C THR X 165 -48.76 -98.23 -23.55
N GLN X 166 -47.98 -97.38 -22.91
CA GLN X 166 -47.62 -97.57 -21.52
C GLN X 166 -48.87 -97.42 -20.66
N PRO X 167 -48.95 -98.17 -19.56
CA PRO X 167 -50.13 -98.13 -18.68
C PRO X 167 -50.44 -96.74 -18.16
N SER X 168 -51.71 -96.36 -18.24
CA SER X 168 -52.15 -95.11 -17.64
C SER X 168 -53.17 -95.41 -16.54
N LYS X 169 -53.16 -94.59 -15.50
CA LYS X 169 -54.01 -94.81 -14.34
C LYS X 169 -55.46 -94.44 -14.63
N GLN X 170 -56.40 -95.18 -14.05
CA GLN X 170 -57.82 -94.85 -14.19
C GLN X 170 -58.31 -94.05 -13.00
N SER X 171 -59.64 -93.90 -12.92
CA SER X 171 -60.28 -93.18 -11.82
C SER X 171 -60.27 -94.01 -10.54
N ASN X 172 -60.24 -95.33 -10.67
CA ASN X 172 -60.16 -96.23 -9.53
C ASN X 172 -58.72 -96.70 -9.30
N ASN X 173 -57.78 -95.93 -9.83
CA ASN X 173 -56.34 -96.18 -9.70
C ASN X 173 -55.88 -97.57 -10.19
N LYS X 174 -56.72 -98.23 -10.99
CA LYS X 174 -56.29 -99.43 -11.71
C LYS X 174 -55.83 -99.00 -13.10
N TYR X 175 -54.68 -99.48 -13.53
CA TYR X 175 -54.11 -99.01 -14.80
C TYR X 175 -54.89 -99.55 -16.00
N MET X 176 -54.70 -98.90 -17.15
CA MET X 176 -55.36 -99.26 -18.40
C MET X 176 -54.40 -99.11 -19.57
N ALA X 177 -54.56 -99.94 -20.60
CA ALA X 177 -53.68 -99.87 -21.75
C ALA X 177 -54.31 -100.47 -23.00
N SER X 178 -53.90 -99.98 -24.16
CA SER X 178 -54.39 -100.49 -25.44
C SER X 178 -53.25 -100.85 -26.39
N SER X 179 -53.57 -101.58 -27.45
CA SER X 179 -52.57 -102.01 -28.41
C SER X 179 -53.13 -102.07 -29.83
N TYR X 180 -52.28 -101.76 -30.80
CA TYR X 180 -52.71 -101.67 -32.19
C TYR X 180 -51.82 -102.50 -33.11
N LEU X 181 -52.32 -103.64 -33.56
CA LEU X 181 -51.64 -104.40 -34.60
C LEU X 181 -52.05 -103.88 -35.97
N THR X 182 -51.14 -103.17 -36.63
CA THR X 182 -51.46 -102.58 -37.93
C THR X 182 -50.99 -103.46 -39.08
N LEU X 183 -51.96 -103.94 -39.87
CA LEU X 183 -51.68 -104.81 -41.01
C LEU X 183 -52.37 -104.30 -42.27
N THR X 184 -51.84 -104.65 -43.44
CA THR X 184 -52.46 -104.26 -44.71
C THR X 184 -53.79 -104.95 -44.88
N ALA X 185 -54.59 -104.48 -45.83
CA ALA X 185 -55.89 -105.06 -46.07
C ALA X 185 -55.77 -106.50 -46.54
N ARG X 186 -54.93 -106.73 -47.54
CA ARG X 186 -54.77 -108.06 -48.11
C ARG X 186 -54.15 -109.01 -47.09
N ALA X 187 -53.55 -108.45 -46.06
CA ALA X 187 -53.01 -109.25 -44.96
C ALA X 187 -54.16 -109.84 -44.14
N TRP X 188 -55.15 -109.01 -43.82
CA TRP X 188 -56.26 -109.42 -42.97
C TRP X 188 -57.12 -110.48 -43.64
N GLU X 189 -57.14 -110.47 -44.96
CA GLU X 189 -57.98 -111.39 -45.71
C GLU X 189 -57.20 -112.63 -46.11
N ARG X 190 -55.87 -112.54 -46.09
CA ARG X 190 -55.05 -113.69 -46.46
C ARG X 190 -54.72 -114.55 -45.24
N HIS X 191 -55.13 -114.10 -44.06
CA HIS X 191 -54.90 -114.86 -42.84
C HIS X 191 -56.16 -114.96 -42.00
N SER X 192 -56.27 -116.05 -41.23
CA SER X 192 -57.52 -116.41 -40.59
C SER X 192 -57.65 -115.96 -39.14
N SER X 193 -56.84 -116.53 -38.25
CA SER X 193 -57.00 -116.28 -36.82
C SER X 193 -55.98 -115.29 -36.26
N TYR X 194 -56.41 -114.52 -35.28
CA TYR X 194 -55.57 -113.53 -34.62
C TYR X 194 -55.68 -113.64 -33.11
N SER X 195 -54.56 -113.46 -32.41
CA SER X 195 -54.55 -113.61 -30.96
C SER X 195 -53.78 -112.49 -30.27
N CYS X 196 -54.48 -111.78 -29.40
CA CYS X 196 -53.85 -110.76 -28.55
C CYS X 196 -53.66 -111.34 -27.14
N GLN X 197 -52.41 -111.54 -26.74
CA GLN X 197 -52.09 -112.15 -25.44
C GLN X 197 -51.49 -111.12 -24.49
N VAL X 198 -52.21 -110.85 -23.40
CA VAL X 198 -51.75 -109.88 -22.41
C VAL X 198 -51.34 -110.56 -21.10
N THR X 199 -50.07 -110.38 -20.73
CA THR X 199 -49.53 -110.99 -19.53
C THR X 199 -49.40 -109.96 -18.40
N HIS X 200 -49.84 -110.35 -17.21
CA HIS X 200 -49.81 -109.48 -16.04
C HIS X 200 -49.44 -110.29 -14.81
N GLU X 201 -48.20 -110.13 -14.36
CA GLU X 201 -47.71 -110.79 -13.15
C GLU X 201 -47.86 -112.30 -13.25
N GLY X 202 -47.27 -112.89 -14.28
CA GLY X 202 -47.33 -114.32 -14.45
C GLY X 202 -48.52 -114.77 -15.28
N HIS X 203 -49.69 -114.81 -14.65
CA HIS X 203 -50.91 -115.31 -15.31
C HIS X 203 -51.32 -114.44 -16.50
N THR X 204 -51.40 -115.08 -17.66
CA THR X 204 -51.66 -114.39 -18.91
C THR X 204 -53.09 -114.62 -19.42
N VAL X 205 -53.64 -113.62 -20.10
CA VAL X 205 -55.00 -113.69 -20.64
C VAL X 205 -54.99 -113.56 -22.16
N GLU X 206 -55.65 -114.49 -22.84
CA GLU X 206 -55.64 -114.56 -24.30
C GLU X 206 -57.04 -114.37 -24.90
N LYS X 207 -57.11 -113.66 -26.01
CA LYS X 207 -58.35 -113.50 -26.74
C LYS X 207 -58.12 -113.78 -28.21
N SER X 208 -58.99 -114.59 -28.81
CA SER X 208 -58.86 -114.96 -30.21
C SER X 208 -60.05 -114.53 -31.05
N LEU X 209 -59.80 -114.24 -32.32
CA LEU X 209 -60.86 -113.87 -33.25
C LEU X 209 -60.50 -114.28 -34.68
N SER X 210 -61.48 -114.81 -35.40
CA SER X 210 -61.27 -115.29 -36.76
C SER X 210 -61.93 -114.39 -37.80
N ARG X 211 -61.30 -114.27 -38.96
CA ARG X 211 -61.82 -113.46 -40.06
C ARG X 211 -63.03 -114.13 -40.70
N ALA X 212 -64.09 -113.35 -40.93
CA ALA X 212 -65.31 -113.88 -41.50
C ALA X 212 -65.37 -113.67 -43.01
N ASP X 213 -65.34 -114.76 -43.76
CA ASP X 213 -65.46 -114.68 -45.21
C ASP X 213 -66.75 -115.35 -45.66
N CYS X 214 -67.40 -114.75 -46.65
CA CYS X 214 -68.67 -115.25 -47.16
C CYS X 214 -68.73 -115.21 -48.68
N GLN Y 1 20.16 -114.37 11.32
CA GLN Y 1 20.72 -113.05 11.53
C GLN Y 1 21.81 -113.08 12.60
N ALA Y 2 21.41 -112.96 13.85
CA ALA Y 2 22.36 -112.88 14.95
C ALA Y 2 21.71 -113.34 16.26
N VAL Y 3 22.54 -113.64 17.24
CA VAL Y 3 22.04 -114.14 18.51
C VAL Y 3 22.66 -113.41 19.70
N VAL Y 4 21.86 -113.21 20.75
CA VAL Y 4 22.33 -112.56 21.96
C VAL Y 4 22.62 -113.63 23.02
N THR Y 5 23.83 -113.60 23.58
CA THR Y 5 24.23 -114.59 24.57
C THR Y 5 24.38 -114.00 25.97
N GLN Y 6 23.57 -114.49 26.90
CA GLN Y 6 23.70 -114.14 28.31
C GLN Y 6 24.28 -115.32 29.09
N GLU Y 7 24.61 -115.08 30.36
CA GLU Y 7 25.06 -116.17 31.23
C GLU Y 7 23.88 -117.08 31.53
N SER Y 8 24.18 -118.37 31.77
CA SER Y 8 23.14 -119.34 32.09
C SER Y 8 22.40 -118.92 33.35
N ALA Y 9 23.14 -118.85 34.45
CA ALA Y 9 22.60 -118.41 35.73
C ALA Y 9 23.74 -118.01 36.66
N LEU Y 10 23.49 -117.00 37.50
CA LEU Y 10 24.50 -116.55 38.45
C LEU Y 10 23.95 -116.48 39.87
N THR Y 11 24.84 -116.56 40.85
CA THR Y 11 24.46 -116.59 42.25
C THR Y 11 25.23 -115.54 43.05
N THR Y 12 24.52 -114.82 43.91
CA THR Y 12 25.15 -113.79 44.74
C THR Y 12 24.48 -113.69 46.10
N SER Y 13 25.17 -113.05 47.04
CA SER Y 13 24.65 -112.89 48.38
C SER Y 13 24.12 -111.46 48.56
N PRO Y 14 23.11 -111.31 49.43
CA PRO Y 14 22.53 -110.00 49.77
C PRO Y 14 23.57 -108.99 50.24
N GLY Y 15 23.57 -107.80 49.64
CA GLY Y 15 24.49 -106.75 50.01
C GLY Y 15 25.75 -106.69 49.15
N GLU Y 16 25.92 -107.69 48.29
CA GLU Y 16 27.10 -107.76 47.44
C GLU Y 16 26.86 -107.23 46.03
N THR Y 17 27.92 -107.16 45.24
CA THR Y 17 27.84 -106.63 43.88
C THR Y 17 27.95 -107.74 42.84
N VAL Y 18 26.99 -107.77 41.92
CA VAL Y 18 26.97 -108.77 40.86
C VAL Y 18 26.85 -108.10 39.50
N THR Y 19 27.48 -108.69 38.49
CA THR Y 19 27.43 -108.14 37.14
C THR Y 19 27.05 -109.18 36.09
N LEU Y 20 25.94 -108.93 35.40
CA LEU Y 20 25.51 -109.78 34.30
C LEU Y 20 26.01 -109.22 32.98
N THR Y 21 26.50 -110.10 32.11
CA THR Y 21 26.99 -109.67 30.80
C THR Y 21 25.99 -109.98 29.69
N CYS Y 22 26.20 -109.38 28.52
CA CYS Y 22 25.29 -109.54 27.39
C CYS Y 22 26.05 -109.43 26.07
N ARG Y 23 26.41 -110.58 25.51
CA ARG Y 23 27.30 -110.62 24.34
C ARG Y 23 26.55 -110.67 23.02
N SER Y 24 27.02 -109.86 22.06
CA SER Y 24 26.49 -109.87 20.71
C SER Y 24 27.32 -110.80 19.83
N SER Y 25 26.69 -111.36 18.81
CA SER Y 25 27.35 -112.28 17.90
C SER Y 25 27.91 -111.58 16.66
N THR Y 26 27.39 -110.39 16.38
CA THR Y 26 27.85 -109.60 15.23
C THR Y 26 29.17 -108.89 15.52
N GLY Y 27 29.42 -108.64 16.79
CA GLY Y 27 30.62 -107.92 17.22
C GLY Y 27 30.42 -107.25 18.57
N ALA Y 28 31.12 -106.15 18.79
CA ALA Y 28 31.03 -105.44 20.05
C ALA Y 28 29.67 -104.77 20.18
N VAL Y 29 29.15 -104.70 21.40
CA VAL Y 29 27.89 -104.01 21.64
C VAL Y 29 28.14 -102.50 21.80
N THR Y 30 27.73 -101.73 20.78
CA THR Y 30 27.95 -100.29 20.81
C THR Y 30 26.74 -99.55 21.36
N THR Y 31 26.84 -98.22 21.42
CA THR Y 31 25.77 -97.39 21.95
C THR Y 31 24.54 -97.45 21.05
N ILE Y 32 24.75 -97.82 19.78
CA ILE Y 32 23.65 -97.86 18.83
C ILE Y 32 22.86 -99.16 18.98
N ASN Y 33 23.23 -99.96 19.98
CA ASN Y 33 22.50 -101.18 20.26
C ASN Y 33 21.41 -100.92 21.31
N PHE Y 34 21.54 -99.82 22.04
CA PHE Y 34 20.54 -99.42 23.03
C PHE Y 34 20.18 -100.57 23.96
N ALA Y 35 21.16 -101.11 24.66
CA ALA Y 35 20.94 -102.30 25.50
C ALA Y 35 19.81 -102.09 26.51
N ASN Y 36 18.83 -102.97 26.47
CA ASN Y 36 17.75 -102.96 27.46
C ASN Y 36 17.91 -104.11 28.43
N TRP Y 37 17.41 -103.92 29.66
CA TRP Y 37 17.41 -105.00 30.64
C TRP Y 37 16.01 -105.12 31.24
N VAL Y 38 15.44 -106.32 31.19
CA VAL Y 38 14.10 -106.55 31.70
C VAL Y 38 14.10 -107.65 32.77
N GLN Y 39 13.42 -107.37 33.89
CA GLN Y 39 13.37 -108.29 35.02
C GLN Y 39 12.09 -109.12 35.03
N GLU Y 40 12.23 -110.44 35.04
CA GLU Y 40 11.08 -111.33 35.04
C GLU Y 40 10.87 -111.97 36.43
N LYS Y 41 9.93 -111.41 37.18
CA LYS Y 41 9.50 -111.98 38.44
C LYS Y 41 8.72 -113.27 38.18
N PRO Y 42 8.57 -114.13 39.20
CA PRO Y 42 7.74 -115.33 39.03
C PRO Y 42 6.30 -115.00 38.64
N ASP Y 43 5.63 -115.96 38.02
CA ASP Y 43 4.25 -115.83 37.54
C ASP Y 43 4.13 -114.82 36.40
N HIS Y 44 5.18 -114.73 35.59
CA HIS Y 44 5.17 -113.91 34.38
C HIS Y 44 4.95 -112.42 34.68
N LEU Y 45 5.88 -111.83 35.42
CA LEU Y 45 5.84 -110.40 35.68
C LEU Y 45 7.09 -109.71 35.15
N PHE Y 46 6.92 -108.79 34.21
CA PHE Y 46 8.04 -108.11 33.58
C PHE Y 46 8.07 -106.62 33.89
N THR Y 47 9.27 -106.08 34.00
CA THR Y 47 9.47 -104.64 34.17
C THR Y 47 10.83 -104.22 33.62
N GLY Y 48 10.86 -103.11 32.88
CA GLY Y 48 12.11 -102.61 32.31
C GLY Y 48 12.99 -101.97 33.36
N LEU Y 49 14.29 -101.95 33.09
CA LEU Y 49 15.26 -101.36 34.00
C LEU Y 49 16.06 -100.26 33.32
N ILE Y 50 17.15 -100.65 32.67
CA ILE Y 50 17.99 -99.71 31.95
C ILE Y 50 17.81 -99.88 30.44
N GLY Y 51 17.90 -98.79 29.70
CA GLY Y 51 17.73 -98.83 28.26
C GLY Y 51 18.04 -97.53 27.56
N GLY Y 52 17.96 -97.55 26.23
CA GLY Y 52 18.23 -96.37 25.43
C GLY Y 52 19.68 -95.94 25.57
N ILE Y 53 19.89 -94.66 25.84
CA ILE Y 53 21.22 -94.11 26.02
C ILE Y 53 21.62 -94.09 27.50
N ASN Y 54 20.66 -93.75 28.36
CA ASN Y 54 20.87 -93.73 29.79
C ASN Y 54 19.55 -93.78 30.55
N ASN Y 55 18.47 -94.02 29.81
CA ASN Y 55 17.13 -93.98 30.38
C ASN Y 55 16.87 -95.08 31.40
N ARG Y 56 16.00 -94.80 32.35
CA ARG Y 56 15.58 -95.77 33.35
C ARG Y 56 14.07 -95.71 33.54
N ALA Y 57 13.46 -96.88 33.66
CA ALA Y 57 12.04 -96.97 33.94
C ALA Y 57 11.77 -96.35 35.30
N PRO Y 58 10.67 -95.61 35.43
CA PRO Y 58 10.28 -94.99 36.70
C PRO Y 58 10.08 -96.03 37.80
N GLY Y 59 10.80 -95.88 38.90
CA GLY Y 59 10.69 -96.80 40.03
C GLY Y 59 11.78 -97.85 40.06
N VAL Y 60 12.86 -97.60 39.33
CA VAL Y 60 13.99 -98.53 39.31
C VAL Y 60 15.03 -98.13 40.34
N PRO Y 61 15.37 -99.07 41.25
CA PRO Y 61 16.31 -98.84 42.36
C PRO Y 61 17.66 -98.29 41.89
N ALA Y 62 18.31 -97.51 42.76
CA ALA Y 62 19.57 -96.88 42.44
C ALA Y 62 20.68 -97.92 42.31
N ARG Y 63 20.51 -99.05 42.97
CA ARG Y 63 21.51 -100.12 42.96
C ARG Y 63 21.66 -100.70 41.55
N PHE Y 64 20.61 -100.58 40.74
CA PHE Y 64 20.69 -100.98 39.33
C PHE Y 64 21.42 -99.92 38.53
N SER Y 65 22.32 -100.37 37.66
CA SER Y 65 23.13 -99.45 36.85
C SER Y 65 23.64 -100.12 35.59
N GLY Y 66 23.58 -99.40 34.47
CA GLY Y 66 24.01 -99.91 33.18
C GLY Y 66 25.39 -99.40 32.80
N SER Y 67 26.07 -100.16 31.93
CA SER Y 67 27.40 -99.81 31.48
C SER Y 67 27.80 -100.66 30.29
N LEU Y 68 29.03 -100.44 29.79
CA LEU Y 68 29.55 -101.24 28.69
C LEU Y 68 30.94 -101.77 28.99
N ILE Y 69 31.03 -102.66 29.98
CA ILE Y 69 32.30 -103.30 30.33
C ILE Y 69 32.76 -104.24 29.23
N GLY Y 70 34.04 -104.13 28.85
CA GLY Y 70 34.58 -104.92 27.76
C GLY Y 70 33.93 -104.50 26.46
N ASP Y 71 33.39 -105.46 25.72
CA ASP Y 71 32.71 -105.18 24.46
C ASP Y 71 31.29 -105.74 24.47
N LYS Y 72 30.72 -105.87 25.66
CA LYS Y 72 29.35 -106.34 25.83
C LYS Y 72 28.60 -105.50 26.87
N ALA Y 73 27.28 -105.59 26.86
CA ALA Y 73 26.44 -104.81 27.76
C ALA Y 73 26.50 -105.36 29.17
N ALA Y 74 26.38 -104.46 30.16
CA ALA Y 74 26.54 -104.87 31.55
C ALA Y 74 25.44 -104.30 32.46
N LEU Y 75 24.81 -105.20 33.21
CA LEU Y 75 23.87 -104.81 34.25
C LEU Y 75 24.49 -105.10 35.62
N THR Y 76 24.79 -104.05 36.38
CA THR Y 76 25.47 -104.23 37.65
C THR Y 76 24.60 -103.84 38.82
N ILE Y 77 24.40 -104.78 39.75
CA ILE Y 77 23.62 -104.51 40.96
C ILE Y 77 24.54 -104.37 42.16
N THR Y 78 24.79 -103.12 42.55
CA THR Y 78 25.63 -102.84 43.71
C THR Y 78 24.79 -102.78 45.00
N GLY Y 79 24.82 -103.86 45.78
CA GLY Y 79 24.01 -103.96 46.97
C GLY Y 79 22.76 -104.80 46.71
N ALA Y 80 22.98 -106.06 46.36
CA ALA Y 80 21.89 -106.97 45.99
C ALA Y 80 20.87 -107.15 47.12
N GLN Y 81 19.62 -107.38 46.73
CA GLN Y 81 18.55 -107.59 47.69
C GLN Y 81 17.89 -108.94 47.45
N THR Y 82 17.11 -109.40 48.43
CA THR Y 82 16.46 -110.70 48.35
C THR Y 82 15.40 -110.72 47.25
N GLU Y 83 14.76 -109.58 47.02
CA GLU Y 83 13.70 -109.49 46.03
C GLU Y 83 14.23 -109.28 44.62
N ASP Y 84 15.54 -109.08 44.50
CA ASP Y 84 16.16 -108.94 43.19
C ASP Y 84 16.41 -110.31 42.55
N GLU Y 85 15.94 -111.37 43.21
CA GLU Y 85 16.08 -112.72 42.68
C GLU Y 85 15.02 -113.01 41.62
N ALA Y 86 15.46 -113.04 40.37
CA ALA Y 86 14.57 -113.29 39.24
C ALA Y 86 15.39 -113.66 38.01
N ILE Y 87 14.71 -113.75 36.87
CA ILE Y 87 15.38 -113.99 35.60
C ILE Y 87 15.55 -112.67 34.85
N TYR Y 88 16.79 -112.36 34.47
CA TYR Y 88 17.07 -111.07 33.83
C TYR Y 88 17.36 -111.21 32.34
N PHE Y 89 16.53 -110.54 31.54
CA PHE Y 89 16.68 -110.57 30.09
C PHE Y 89 17.27 -109.27 29.56
N CYS Y 90 18.21 -109.39 28.62
CA CYS Y 90 18.73 -108.24 27.93
C CYS Y 90 18.39 -108.31 26.44
N ALA Y 91 18.12 -107.15 25.84
CA ALA Y 91 17.77 -107.09 24.44
C ALA Y 91 18.63 -106.06 23.72
N LEU Y 92 18.95 -106.34 22.46
CA LEU Y 92 19.80 -105.45 21.67
C LEU Y 92 19.12 -105.00 20.38
N TRP Y 93 19.39 -103.76 19.99
CA TRP Y 93 18.85 -103.18 18.76
C TRP Y 93 19.75 -103.40 17.55
N TYR Y 94 19.23 -104.19 16.63
CA TYR Y 94 19.84 -104.48 15.35
C TYR Y 94 19.08 -103.88 14.15
N SER Y 95 19.32 -102.60 13.90
CA SER Y 95 18.81 -101.89 12.74
C SER Y 95 17.30 -101.70 12.71
N ASN Y 96 16.51 -102.75 12.90
CA ASN Y 96 15.11 -102.48 12.68
C ASN Y 96 14.29 -103.16 13.77
N HIS Y 97 14.97 -103.98 14.55
CA HIS Y 97 14.31 -104.85 15.54
C HIS Y 97 15.12 -105.17 16.80
N TRP Y 98 14.39 -105.62 17.81
CA TRP Y 98 14.91 -105.99 19.09
C TRP Y 98 15.19 -107.49 19.03
N VAL Y 99 16.28 -107.89 19.66
CA VAL Y 99 16.64 -109.30 19.79
C VAL Y 99 17.02 -109.64 21.21
N PHE Y 100 16.18 -110.45 21.86
CA PHE Y 100 16.43 -110.82 23.23
C PHE Y 100 17.52 -111.88 23.28
N GLY Y 101 17.95 -112.22 24.49
CA GLY Y 101 18.95 -113.24 24.69
C GLY Y 101 18.35 -114.43 25.41
N GLY Y 102 19.21 -115.28 25.96
CA GLY Y 102 18.75 -116.44 26.70
C GLY Y 102 18.17 -116.06 28.05
N GLY Y 103 18.70 -114.99 28.63
CA GLY Y 103 18.26 -114.59 29.96
C GLY Y 103 19.06 -115.27 31.05
N THR Y 104 19.50 -114.50 32.03
CA THR Y 104 20.28 -115.03 33.14
C THR Y 104 19.43 -115.17 34.39
N LYS Y 105 19.45 -116.35 35.01
CA LYS Y 105 18.68 -116.59 36.23
C LYS Y 105 19.48 -116.21 37.47
N LEU Y 106 19.24 -115.02 37.99
CA LEU Y 106 19.97 -114.51 39.14
C LEU Y 106 19.39 -115.07 40.44
N THR Y 107 20.28 -115.52 41.32
CA THR Y 107 19.87 -116.08 42.60
C THR Y 107 20.48 -115.32 43.75
N VAL Y 108 19.64 -114.65 44.54
CA VAL Y 108 20.09 -114.01 45.77
C VAL Y 108 19.69 -114.87 46.95
N LEU Y 109 20.70 -115.43 47.63
CA LEU Y 109 20.49 -116.41 48.68
C LEU Y 109 19.65 -115.86 49.84
N GLY Y 110 18.42 -116.36 49.94
CA GLY Y 110 17.53 -115.99 51.02
C GLY Y 110 17.44 -117.11 52.05
N GLN Y 111 18.14 -118.21 51.78
CA GLN Y 111 18.18 -119.37 52.66
C GLN Y 111 19.35 -120.27 52.25
N PRO Y 112 20.01 -120.90 53.24
CA PRO Y 112 21.16 -121.79 52.99
C PRO Y 112 20.85 -122.90 51.98
N LYS Y 113 21.87 -123.31 51.22
CA LYS Y 113 21.70 -124.23 50.10
C LYS Y 113 21.31 -125.65 50.52
N SER Y 114 20.11 -126.06 50.16
CA SER Y 114 19.64 -127.41 50.43
C SER Y 114 19.92 -128.32 49.23
N SER Y 115 20.17 -129.59 49.50
CA SER Y 115 20.47 -130.55 48.43
C SER Y 115 19.17 -131.16 47.88
N PRO Y 116 19.16 -131.45 46.56
CA PRO Y 116 17.96 -131.93 45.86
C PRO Y 116 17.46 -133.30 46.34
N SER Y 117 16.29 -133.30 46.98
CA SER Y 117 15.66 -134.54 47.44
C SER Y 117 14.96 -135.25 46.29
N VAL Y 118 15.43 -136.46 45.98
CA VAL Y 118 14.90 -137.20 44.84
C VAL Y 118 14.32 -138.56 45.27
N THR Y 119 13.21 -138.93 44.66
CA THR Y 119 12.61 -140.24 44.86
C THR Y 119 12.38 -140.93 43.51
N LEU Y 120 12.77 -142.19 43.42
CA LEU Y 120 12.63 -142.95 42.17
C LEU Y 120 11.45 -143.91 42.20
N PHE Y 121 10.41 -143.57 41.44
CA PHE Y 121 9.21 -144.38 41.38
C PHE Y 121 9.17 -145.25 40.13
N PRO Y 122 8.64 -146.47 40.26
CA PRO Y 122 8.31 -147.29 39.09
C PRO Y 122 6.94 -146.91 38.57
N PRO Y 123 6.68 -147.11 37.26
CA PRO Y 123 5.39 -146.75 36.66
C PRO Y 123 4.21 -147.52 37.26
N SER Y 124 3.00 -147.09 36.92
CA SER Y 124 1.79 -147.69 37.48
C SER Y 124 1.40 -148.97 36.74
N SER Y 125 0.73 -149.88 37.44
CA SER Y 125 0.29 -151.14 36.86
C SER Y 125 -0.77 -150.90 35.77
N GLU Y 126 -1.45 -149.76 35.86
CA GLU Y 126 -2.46 -149.39 34.86
C GLU Y 126 -1.82 -148.65 33.69
N GLU Y 127 -0.53 -148.37 33.79
CA GLU Y 127 0.19 -147.74 32.69
C GLU Y 127 0.83 -148.80 31.81
N LEU Y 128 0.84 -150.04 32.30
CA LEU Y 128 1.30 -151.17 31.51
C LEU Y 128 0.11 -151.84 30.83
N GLU Y 129 -1.08 -151.30 31.11
CA GLU Y 129 -2.30 -151.72 30.41
C GLU Y 129 -2.35 -151.09 29.03
N THR Y 130 -1.56 -150.04 28.84
CA THR Y 130 -1.54 -149.30 27.57
C THR Y 130 -0.17 -149.39 26.90
N ASN Y 131 0.55 -150.47 27.22
CA ASN Y 131 1.89 -150.74 26.68
C ASN Y 131 2.94 -149.71 27.09
N LYS Y 132 2.62 -148.42 26.96
CA LYS Y 132 3.58 -147.36 27.25
C LYS Y 132 3.50 -146.83 28.68
N ALA Y 133 4.55 -147.08 29.46
CA ALA Y 133 4.61 -146.64 30.86
C ALA Y 133 5.31 -145.29 31.00
N THR Y 134 5.69 -144.93 32.22
CA THR Y 134 6.35 -143.66 32.48
C THR Y 134 7.09 -143.62 33.83
N LEU Y 135 8.38 -143.27 33.77
CA LEU Y 135 9.19 -143.05 34.98
C LEU Y 135 9.01 -141.63 35.50
N VAL Y 136 8.99 -141.47 36.83
CA VAL Y 136 8.84 -140.15 37.44
C VAL Y 136 9.88 -139.91 38.52
N CYS Y 137 10.75 -138.95 38.28
CA CYS Y 137 11.88 -138.66 39.17
C CYS Y 137 11.67 -137.34 39.90
N THR Y 138 10.86 -137.38 40.95
CA THR Y 138 10.42 -136.16 41.63
C THR Y 138 11.52 -135.51 42.48
N ILE Y 139 12.11 -134.45 41.95
CA ILE Y 139 13.13 -133.70 42.67
C ILE Y 139 12.51 -132.54 43.45
N THR Y 140 12.69 -132.55 44.77
CA THR Y 140 12.12 -131.50 45.61
C THR Y 140 13.13 -130.92 46.59
N ASP Y 141 12.82 -129.70 47.05
CA ASP Y 141 13.57 -129.03 48.12
C ASP Y 141 15.05 -128.85 47.81
N PHE Y 142 15.37 -128.03 46.81
CA PHE Y 142 16.76 -127.67 46.55
C PHE Y 142 16.92 -126.17 46.27
N TYR Y 143 18.11 -125.66 46.57
CA TYR Y 143 18.38 -124.22 46.48
C TYR Y 143 19.87 -124.00 46.24
N PRO Y 144 20.24 -123.30 45.16
CA PRO Y 144 19.41 -122.65 44.13
C PRO Y 144 18.71 -123.64 43.20
N GLY Y 145 17.98 -123.10 42.21
CA GLY Y 145 17.21 -123.91 41.30
C GLY Y 145 17.96 -124.21 40.01
N VAL Y 146 19.12 -124.82 40.13
CA VAL Y 146 19.92 -125.19 38.98
C VAL Y 146 20.15 -126.70 38.96
N VAL Y 147 19.32 -127.42 38.22
CA VAL Y 147 19.42 -128.88 38.19
C VAL Y 147 19.41 -129.45 36.78
N THR Y 148 20.38 -130.32 36.50
CA THR Y 148 20.42 -131.05 35.24
C THR Y 148 20.38 -132.54 35.53
N VAL Y 149 19.18 -133.10 35.56
CA VAL Y 149 18.98 -134.49 35.97
C VAL Y 149 19.01 -135.46 34.79
N ASP Y 150 19.84 -136.49 34.90
CA ASP Y 150 20.04 -137.45 33.80
C ASP Y 150 19.45 -138.82 34.09
N TRP Y 151 19.55 -139.73 33.13
CA TRP Y 151 19.05 -141.09 33.28
C TRP Y 151 20.06 -142.12 32.80
N LYS Y 152 19.91 -143.36 33.27
CA LYS Y 152 20.77 -144.48 32.87
C LYS Y 152 20.03 -145.83 32.95
N VAL Y 153 19.77 -146.44 31.80
CA VAL Y 153 19.10 -147.74 31.80
C VAL Y 153 20.12 -148.87 31.72
N ASP Y 154 20.09 -149.76 32.72
CA ASP Y 154 21.08 -150.82 32.87
C ASP Y 154 22.52 -150.30 32.86
N GLY Y 155 22.69 -149.01 33.11
CA GLY Y 155 24.00 -148.38 33.10
C GLY Y 155 24.16 -147.41 31.94
N THR Y 156 23.63 -147.79 30.78
CA THR Y 156 23.75 -146.96 29.58
C THR Y 156 22.85 -145.73 29.69
N PRO Y 157 23.46 -144.53 29.61
CA PRO Y 157 22.77 -143.24 29.72
C PRO Y 157 21.72 -143.02 28.64
N VAL Y 158 20.48 -142.85 29.05
CA VAL Y 158 19.38 -142.60 28.11
C VAL Y 158 19.43 -141.17 27.57
N THR Y 159 19.13 -141.01 26.29
CA THR Y 159 19.09 -139.69 25.66
C THR Y 159 17.69 -139.33 25.16
N GLN Y 160 17.07 -140.25 24.43
CA GLN Y 160 15.72 -140.01 23.92
C GLN Y 160 14.67 -140.64 24.82
N GLY Y 161 13.57 -139.93 24.99
CA GLY Y 161 12.48 -140.39 25.84
C GLY Y 161 12.39 -139.61 27.14
N MET Y 162 13.46 -138.91 27.50
CA MET Y 162 13.48 -138.19 28.77
C MET Y 162 13.13 -136.72 28.59
N GLU Y 163 12.59 -136.12 29.66
CA GLU Y 163 12.12 -134.75 29.60
C GLU Y 163 11.99 -134.15 30.99
N THR Y 164 12.77 -133.10 31.26
CA THR Y 164 12.74 -132.43 32.54
C THR Y 164 12.08 -131.06 32.44
N THR Y 165 11.27 -130.71 33.44
CA THR Y 165 10.65 -129.39 33.48
C THR Y 165 11.58 -128.39 34.14
N GLN Y 166 11.40 -127.12 33.78
CA GLN Y 166 12.13 -126.04 34.44
C GLN Y 166 11.81 -126.02 35.92
N PRO Y 167 12.81 -125.64 36.74
CA PRO Y 167 12.62 -125.49 38.18
C PRO Y 167 11.51 -124.48 38.50
N SER Y 168 10.47 -124.92 39.20
CA SER Y 168 9.39 -124.04 39.60
C SER Y 168 9.46 -123.75 41.08
N LYS Y 169 9.16 -122.51 41.46
CA LYS Y 169 9.24 -122.12 42.85
C LYS Y 169 8.16 -122.83 43.66
N GLN Y 170 8.52 -123.30 44.85
CA GLN Y 170 7.58 -123.99 45.73
C GLN Y 170 6.86 -123.00 46.63
N SER Y 171 6.38 -123.50 47.76
CA SER Y 171 5.69 -122.66 48.73
C SER Y 171 6.59 -122.37 49.94
N ASN Y 172 7.89 -122.20 49.67
CA ASN Y 172 8.84 -121.79 50.71
C ASN Y 172 10.14 -121.28 50.09
N ASN Y 173 10.02 -120.75 48.88
CA ASN Y 173 11.13 -120.17 48.11
C ASN Y 173 12.15 -121.19 47.61
N LYS Y 174 12.09 -122.40 48.13
CA LYS Y 174 12.93 -123.48 47.60
C LYS Y 174 12.29 -123.96 46.31
N TYR Y 175 13.05 -124.68 45.48
CA TYR Y 175 12.57 -125.04 44.14
C TYR Y 175 12.36 -126.54 43.94
N MET Y 176 11.63 -126.89 42.88
CA MET Y 176 11.30 -128.28 42.58
C MET Y 176 11.53 -128.62 41.11
N ALA Y 177 11.36 -129.89 40.77
CA ALA Y 177 11.54 -130.35 39.40
C ALA Y 177 10.98 -131.76 39.21
N SER Y 178 10.90 -132.20 37.96
CA SER Y 178 10.40 -133.53 37.64
C SER Y 178 10.84 -133.97 36.25
N SER Y 179 11.62 -135.05 36.21
CA SER Y 179 12.13 -135.55 34.94
C SER Y 179 11.41 -136.83 34.52
N TYR Y 180 10.65 -136.75 33.43
CA TYR Y 180 9.88 -137.90 32.94
C TYR Y 180 10.69 -138.71 31.94
N LEU Y 181 10.21 -139.91 31.65
CA LEU Y 181 10.86 -140.80 30.70
C LEU Y 181 9.91 -141.90 30.27
N THR Y 182 9.44 -141.82 29.02
CA THR Y 182 8.43 -142.76 28.52
C THR Y 182 9.05 -143.87 27.68
N LEU Y 183 8.61 -145.10 27.93
CA LEU Y 183 9.06 -146.26 27.16
C LEU Y 183 7.87 -147.07 26.69
N THR Y 184 8.03 -148.40 26.71
CA THR Y 184 6.94 -149.31 26.37
C THR Y 184 6.93 -150.51 27.31
N ALA Y 185 6.03 -151.45 27.04
CA ALA Y 185 5.99 -152.71 27.79
C ALA Y 185 7.13 -153.59 27.27
N ARG Y 186 7.70 -153.17 26.16
CA ARG Y 186 8.84 -153.86 25.55
C ARG Y 186 10.12 -153.54 26.31
N ALA Y 187 10.44 -152.26 26.40
CA ALA Y 187 11.70 -151.82 27.01
C ALA Y 187 11.69 -152.01 28.53
N TRP Y 188 10.49 -152.05 29.11
CA TRP Y 188 10.35 -152.22 30.56
C TRP Y 188 10.55 -153.69 30.94
N GLU Y 189 10.16 -154.59 30.04
CA GLU Y 189 10.28 -156.02 30.29
C GLU Y 189 11.71 -156.49 30.05
N ARG Y 190 12.37 -155.89 29.05
CA ARG Y 190 13.72 -156.29 28.67
C ARG Y 190 14.77 -155.92 29.73
N HIS Y 191 14.72 -154.67 30.19
CA HIS Y 191 15.73 -154.17 31.12
C HIS Y 191 15.38 -154.44 32.57
N SER Y 192 16.30 -154.12 33.47
CA SER Y 192 16.13 -154.45 34.88
C SER Y 192 16.83 -153.47 35.82
N SER Y 193 17.30 -152.35 35.27
CA SER Y 193 17.98 -151.35 36.09
C SER Y 193 17.77 -149.95 35.53
N TYR Y 194 17.21 -149.06 36.35
CA TYR Y 194 16.88 -147.71 35.92
C TYR Y 194 17.40 -146.67 36.90
N SER Y 195 18.33 -145.84 36.45
CA SER Y 195 18.95 -144.83 37.30
C SER Y 195 18.51 -143.40 36.92
N CYS Y 196 18.50 -142.52 37.91
CA CYS Y 196 18.11 -141.12 37.71
C CYS Y 196 18.95 -140.20 38.59
N GLN Y 197 19.98 -139.61 38.00
CA GLN Y 197 21.00 -138.87 38.72
C GLN Y 197 20.74 -137.37 38.77
N VAL Y 198 20.35 -136.87 39.94
CA VAL Y 198 20.06 -135.44 40.09
C VAL Y 198 21.27 -134.66 40.58
N THR Y 199 22.00 -134.05 39.64
CA THR Y 199 23.24 -133.36 39.96
C THR Y 199 23.08 -131.84 40.07
N HIS Y 200 23.30 -131.33 41.28
CA HIS Y 200 23.33 -129.90 41.55
C HIS Y 200 24.55 -129.60 42.42
N GLU Y 201 25.09 -128.38 42.29
CA GLU Y 201 26.24 -127.90 43.05
C GLU Y 201 27.46 -128.83 43.02
N GLY Y 202 27.57 -129.63 41.96
CA GLY Y 202 28.65 -130.58 41.83
C GLY Y 202 28.41 -131.81 42.69
N HIS Y 203 27.20 -131.91 43.23
CA HIS Y 203 26.79 -133.05 44.05
C HIS Y 203 25.65 -133.82 43.41
N THR Y 204 25.75 -135.14 43.42
CA THR Y 204 24.74 -135.98 42.79
C THR Y 204 23.97 -136.82 43.79
N VAL Y 205 22.64 -136.74 43.73
CA VAL Y 205 21.81 -137.63 44.53
C VAL Y 205 21.12 -138.65 43.63
N GLU Y 206 21.74 -139.82 43.50
CA GLU Y 206 21.23 -140.88 42.65
C GLU Y 206 20.35 -141.83 43.45
N LYS Y 207 19.40 -142.47 42.78
CA LYS Y 207 18.54 -143.43 43.45
C LYS Y 207 18.57 -144.79 42.74
N SER Y 208 18.38 -145.85 43.53
CA SER Y 208 18.51 -147.21 43.02
C SER Y 208 17.16 -147.84 42.72
N LEU Y 209 16.92 -148.13 41.45
CA LEU Y 209 15.68 -148.76 41.02
C LEU Y 209 15.98 -150.02 40.20
N SER Y 210 16.18 -151.14 40.90
CA SER Y 210 16.43 -152.41 40.24
C SER Y 210 15.13 -153.14 39.95
N ARG Y 211 15.22 -154.29 39.30
CA ARG Y 211 14.03 -155.04 38.91
C ARG Y 211 14.37 -156.50 38.58
N GLN Z 1 -0.38 -48.67 -51.44
CA GLN Z 1 -0.86 -49.40 -50.27
C GLN Z 1 -2.33 -49.78 -50.44
N ALA Z 2 -3.21 -48.86 -50.07
CA ALA Z 2 -4.65 -49.11 -50.08
C ALA Z 2 -5.44 -47.80 -50.22
N VAL Z 3 -6.70 -47.92 -50.61
CA VAL Z 3 -7.56 -46.74 -50.85
C VAL Z 3 -8.91 -46.87 -50.18
N VAL Z 4 -9.42 -45.75 -49.68
CA VAL Z 4 -10.73 -45.71 -49.05
C VAL Z 4 -11.74 -45.14 -50.02
N THR Z 5 -12.84 -45.87 -50.22
CA THR Z 5 -13.87 -45.46 -51.16
C THR Z 5 -15.16 -45.05 -50.47
N GLN Z 6 -15.54 -43.78 -50.64
CA GLN Z 6 -16.83 -43.31 -50.15
C GLN Z 6 -17.75 -43.08 -51.34
N GLU Z 7 -19.01 -42.80 -51.06
CA GLU Z 7 -19.94 -42.45 -52.12
C GLU Z 7 -19.57 -41.09 -52.69
N SER Z 8 -19.89 -40.87 -53.96
CA SER Z 8 -19.62 -39.59 -54.61
C SER Z 8 -20.35 -38.47 -53.89
N ALA Z 9 -21.67 -38.55 -53.88
CA ALA Z 9 -22.51 -37.59 -53.18
C ALA Z 9 -23.91 -38.16 -52.95
N LEU Z 10 -24.53 -37.80 -51.82
CA LEU Z 10 -25.87 -38.29 -51.51
C LEU Z 10 -26.82 -37.15 -51.15
N THR Z 11 -28.11 -37.39 -51.34
CA THR Z 11 -29.15 -36.39 -51.13
C THR Z 11 -30.25 -36.93 -50.22
N THR Z 12 -30.69 -36.12 -49.28
CA THR Z 12 -31.77 -36.51 -48.36
C THR Z 12 -32.60 -35.31 -47.95
N SER Z 13 -33.78 -35.57 -47.38
CA SER Z 13 -34.68 -34.51 -46.93
C SER Z 13 -34.62 -34.34 -45.41
N PRO Z 14 -34.85 -33.11 -44.93
CA PRO Z 14 -34.86 -32.81 -43.48
C PRO Z 14 -35.78 -33.75 -42.69
N GLY Z 15 -35.26 -34.35 -41.62
CA GLY Z 15 -36.05 -35.22 -40.78
C GLY Z 15 -35.96 -36.69 -41.13
N GLU Z 16 -35.29 -37.00 -42.24
CA GLU Z 16 -35.17 -38.39 -42.68
C GLU Z 16 -33.85 -39.01 -42.26
N THR Z 17 -33.70 -40.30 -42.54
CA THR Z 17 -32.51 -41.05 -42.15
C THR Z 17 -31.65 -41.38 -43.36
N VAL Z 18 -30.36 -41.04 -43.27
CA VAL Z 18 -29.42 -41.28 -44.34
C VAL Z 18 -28.19 -42.04 -43.82
N THR Z 19 -27.62 -42.90 -44.66
CA THR Z 19 -26.46 -43.69 -44.27
C THR Z 19 -25.32 -43.59 -45.28
N LEU Z 20 -24.18 -43.07 -44.84
CA LEU Z 20 -22.98 -43.01 -45.66
C LEU Z 20 -22.09 -44.22 -45.41
N THR Z 21 -21.58 -44.81 -46.48
CA THR Z 21 -20.70 -45.97 -46.35
C THR Z 21 -19.23 -45.59 -46.55
N CYS Z 22 -18.36 -46.51 -46.15
CA CYS Z 22 -16.93 -46.28 -46.21
C CYS Z 22 -16.19 -47.60 -46.41
N ARG Z 23 -15.84 -47.89 -47.66
CA ARG Z 23 -15.30 -49.19 -48.03
C ARG Z 23 -13.77 -49.21 -48.04
N SER Z 24 -13.21 -50.29 -47.51
CA SER Z 24 -11.77 -50.54 -47.56
C SER Z 24 -11.42 -51.40 -48.77
N SER Z 25 -10.21 -51.24 -49.29
CA SER Z 25 -9.78 -52.03 -50.44
C SER Z 25 -9.01 -53.28 -50.03
N THR Z 26 -8.53 -53.29 -48.78
CA THR Z 26 -7.77 -54.43 -48.29
C THR Z 26 -8.70 -55.57 -47.89
N GLY Z 27 -9.93 -55.22 -47.52
CA GLY Z 27 -10.89 -56.21 -47.07
C GLY Z 27 -11.95 -55.55 -46.20
N ALA Z 28 -12.52 -56.32 -45.27
CA ALA Z 28 -13.58 -55.79 -44.42
C ALA Z 28 -13.05 -54.77 -43.42
N VAL Z 29 -13.87 -53.76 -43.12
CA VAL Z 29 -13.51 -52.77 -42.12
C VAL Z 29 -13.80 -53.32 -40.73
N THR Z 30 -12.75 -53.67 -40.01
CA THR Z 30 -12.87 -54.23 -38.67
C THR Z 30 -12.78 -53.16 -37.60
N THR Z 31 -12.89 -53.58 -36.34
CA THR Z 31 -12.82 -52.64 -35.24
C THR Z 31 -11.42 -52.03 -35.11
N ILE Z 32 -10.40 -52.72 -35.63
CA ILE Z 32 -9.02 -52.24 -35.50
C ILE Z 32 -8.69 -51.18 -36.54
N ASN Z 33 -9.70 -50.75 -37.30
CA ASN Z 33 -9.53 -49.68 -38.26
C ASN Z 33 -9.90 -48.32 -37.65
N PHE Z 34 -10.64 -48.37 -36.55
CA PHE Z 34 -11.02 -47.17 -35.80
C PHE Z 34 -11.61 -46.10 -36.71
N ALA Z 35 -12.72 -46.43 -37.36
CA ALA Z 35 -13.33 -45.54 -38.34
C ALA Z 35 -13.66 -44.17 -37.75
N ASN Z 36 -13.12 -43.13 -38.37
CA ASN Z 36 -13.43 -41.77 -38.01
C ASN Z 36 -14.33 -41.10 -39.04
N TRP Z 37 -15.12 -40.12 -38.61
CA TRP Z 37 -15.93 -39.33 -39.53
C TRP Z 37 -15.74 -37.84 -39.24
N VAL Z 38 -15.35 -37.09 -40.26
CA VAL Z 38 -15.11 -35.67 -40.10
C VAL Z 38 -15.98 -34.83 -41.02
N GLN Z 39 -16.60 -33.81 -40.47
CA GLN Z 39 -17.52 -32.97 -41.24
C GLN Z 39 -16.86 -31.69 -41.73
N GLU Z 40 -16.88 -31.48 -43.03
CA GLU Z 40 -16.30 -30.28 -43.62
C GLU Z 40 -17.37 -29.27 -44.04
N LYS Z 41 -17.57 -28.27 -43.19
CA LYS Z 41 -18.45 -27.15 -43.52
C LYS Z 41 -17.80 -26.29 -44.60
N PRO Z 42 -18.59 -25.43 -45.28
CA PRO Z 42 -17.99 -24.50 -46.25
C PRO Z 42 -16.95 -23.57 -45.60
N ASP Z 43 -16.03 -23.07 -46.43
CA ASP Z 43 -14.93 -22.20 -45.99
C ASP Z 43 -13.90 -22.92 -45.12
N HIS Z 44 -13.71 -24.21 -45.39
CA HIS Z 44 -12.68 -25.03 -44.75
C HIS Z 44 -12.84 -25.12 -43.24
N LEU Z 45 -13.97 -25.67 -42.81
CA LEU Z 45 -14.22 -25.89 -41.38
C LEU Z 45 -14.42 -27.38 -41.11
N PHE Z 46 -13.55 -27.95 -40.28
CA PHE Z 46 -13.60 -29.36 -39.97
C PHE Z 46 -13.93 -29.64 -38.50
N THR Z 47 -14.66 -30.71 -38.25
CA THR Z 47 -14.94 -31.16 -36.89
C THR Z 47 -15.18 -32.67 -36.87
N GLY Z 48 -14.60 -33.35 -35.89
CA GLY Z 48 -14.76 -34.78 -35.77
C GLY Z 48 -16.13 -35.17 -35.28
N LEU Z 49 -16.53 -36.40 -35.61
CA LEU Z 49 -17.83 -36.91 -35.19
C LEU Z 49 -17.66 -38.19 -34.39
N ILE Z 50 -17.62 -39.32 -35.09
CA ILE Z 50 -17.45 -40.61 -34.44
C ILE Z 50 -16.05 -41.15 -34.69
N GLY Z 51 -15.51 -41.87 -33.71
CA GLY Z 51 -14.18 -42.44 -33.86
C GLY Z 51 -13.74 -43.38 -32.76
N GLY Z 52 -12.55 -43.93 -32.94
CA GLY Z 52 -12.00 -44.86 -31.97
C GLY Z 52 -12.83 -46.11 -31.90
N ILE Z 53 -13.19 -46.48 -30.67
CA ILE Z 53 -14.02 -47.65 -30.45
C ILE Z 53 -15.50 -47.26 -30.37
N ASN Z 54 -15.79 -46.12 -29.74
CA ASN Z 54 -17.15 -45.62 -29.63
C ASN Z 54 -17.17 -44.15 -29.28
N ASN Z 55 -15.99 -43.55 -29.30
CA ASN Z 55 -15.82 -42.18 -28.88
C ASN Z 55 -16.53 -41.18 -29.78
N ARG Z 56 -16.92 -40.06 -29.19
CA ARG Z 56 -17.54 -38.96 -29.93
C ARG Z 56 -16.96 -37.63 -29.49
N ALA Z 57 -16.70 -36.75 -30.44
CA ALA Z 57 -16.23 -35.41 -30.13
C ALA Z 57 -17.29 -34.67 -29.33
N PRO Z 58 -16.87 -33.87 -28.33
CA PRO Z 58 -17.79 -33.08 -27.51
C PRO Z 58 -18.60 -32.11 -28.33
N GLY Z 59 -19.93 -32.20 -28.25
CA GLY Z 59 -20.80 -31.31 -29.01
C GLY Z 59 -21.33 -31.93 -30.29
N VAL Z 60 -21.26 -33.25 -30.39
CA VAL Z 60 -21.79 -33.97 -31.54
C VAL Z 60 -23.21 -34.44 -31.28
N PRO Z 61 -24.15 -34.03 -32.15
CA PRO Z 61 -25.58 -34.33 -32.03
C PRO Z 61 -25.87 -35.82 -31.87
N ALA Z 62 -26.96 -36.12 -31.18
CA ALA Z 62 -27.34 -37.50 -30.92
C ALA Z 62 -27.77 -38.20 -32.21
N ARG Z 63 -28.24 -37.43 -33.19
CA ARG Z 63 -28.69 -37.98 -34.46
C ARG Z 63 -27.53 -38.65 -35.20
N PHE Z 64 -26.32 -38.22 -34.91
CA PHE Z 64 -25.13 -38.87 -35.46
C PHE Z 64 -24.82 -40.16 -34.71
N SER Z 65 -24.54 -41.22 -35.45
CA SER Z 65 -24.28 -42.52 -34.86
C SER Z 65 -23.44 -43.41 -35.77
N GLY Z 66 -22.48 -44.11 -35.18
CA GLY Z 66 -21.60 -44.98 -35.92
C GLY Z 66 -22.02 -46.43 -35.83
N SER Z 67 -21.56 -47.22 -36.81
CA SER Z 67 -21.88 -48.64 -36.86
C SER Z 67 -21.00 -49.32 -37.90
N LEU Z 68 -21.18 -50.63 -38.05
CA LEU Z 68 -20.45 -51.40 -39.05
C LEU Z 68 -21.39 -52.26 -39.88
N ILE Z 69 -22.23 -51.60 -40.66
CA ILE Z 69 -23.16 -52.30 -41.55
C ILE Z 69 -22.41 -52.97 -42.69
N GLY Z 70 -22.72 -54.25 -42.91
CA GLY Z 70 -22.02 -55.02 -43.92
C GLY Z 70 -20.58 -55.28 -43.52
N ASP Z 71 -19.64 -54.92 -44.40
CA ASP Z 71 -18.22 -55.07 -44.10
C ASP Z 71 -17.50 -53.74 -44.27
N LYS Z 72 -18.24 -52.65 -44.13
CA LYS Z 72 -17.68 -51.31 -44.24
C LYS Z 72 -18.23 -50.40 -43.15
N ALA Z 73 -17.57 -49.27 -42.92
CA ALA Z 73 -17.96 -48.33 -41.87
C ALA Z 73 -19.19 -47.53 -42.25
N ALA Z 74 -20.02 -47.18 -41.28
CA ALA Z 74 -21.29 -46.52 -41.56
C ALA Z 74 -21.55 -45.32 -40.65
N LEU Z 75 -21.84 -44.17 -41.26
CA LEU Z 75 -22.27 -42.99 -40.51
C LEU Z 75 -23.75 -42.76 -40.79
N THR Z 76 -24.59 -42.91 -39.77
CA THR Z 76 -26.04 -42.78 -39.94
C THR Z 76 -26.64 -41.59 -39.19
N ILE Z 77 -27.29 -40.72 -39.94
CA ILE Z 77 -27.94 -39.55 -39.37
C ILE Z 77 -29.45 -39.74 -39.33
N THR Z 78 -29.96 -40.11 -38.16
CA THR Z 78 -31.40 -40.31 -37.99
C THR Z 78 -32.07 -39.00 -37.58
N GLY Z 79 -32.73 -38.36 -38.56
CA GLY Z 79 -33.35 -37.07 -38.34
C GLY Z 79 -32.47 -35.95 -38.86
N ALA Z 80 -32.22 -35.97 -40.16
CA ALA Z 80 -31.33 -35.00 -40.81
C ALA Z 80 -31.80 -33.56 -40.61
N GLN Z 81 -30.85 -32.64 -40.57
CA GLN Z 81 -31.13 -31.22 -40.42
C GLN Z 81 -30.55 -30.44 -41.59
N THR Z 82 -30.98 -29.19 -41.76
CA THR Z 82 -30.53 -28.36 -42.87
C THR Z 82 -29.05 -28.00 -42.74
N GLU Z 83 -28.57 -27.88 -41.51
CA GLU Z 83 -27.18 -27.51 -41.26
C GLU Z 83 -26.25 -28.71 -41.34
N ASP Z 84 -26.82 -29.90 -41.47
CA ASP Z 84 -26.02 -31.10 -41.62
C ASP Z 84 -25.57 -31.28 -43.08
N GLU Z 85 -25.86 -30.28 -43.91
CA GLU Z 85 -25.44 -30.30 -45.31
C GLU Z 85 -23.97 -29.88 -45.44
N ALA Z 86 -23.11 -30.84 -45.71
CA ALA Z 86 -21.67 -30.59 -45.85
C ALA Z 86 -20.99 -31.78 -46.53
N ILE Z 87 -19.66 -31.74 -46.59
CA ILE Z 87 -18.90 -32.86 -47.12
C ILE Z 87 -18.37 -33.71 -45.97
N TYR Z 88 -18.66 -35.01 -46.01
CA TYR Z 88 -18.30 -35.90 -44.92
C TYR Z 88 -17.16 -36.83 -45.29
N PHE Z 89 -16.07 -36.74 -44.54
CA PHE Z 89 -14.89 -37.57 -44.77
C PHE Z 89 -14.77 -38.66 -43.71
N CYS Z 90 -14.44 -39.87 -44.16
CA CYS Z 90 -14.13 -40.95 -43.24
C CYS Z 90 -12.68 -41.40 -43.44
N ALA Z 91 -12.04 -41.79 -42.34
CA ALA Z 91 -10.65 -42.24 -42.38
C ALA Z 91 -10.49 -43.58 -41.67
N LEU Z 92 -9.56 -44.40 -42.15
CA LEU Z 92 -9.33 -45.71 -41.57
C LEU Z 92 -7.89 -45.90 -41.11
N TRP Z 93 -7.72 -46.61 -40.00
CA TRP Z 93 -6.40 -46.87 -39.44
C TRP Z 93 -5.78 -48.15 -40.00
N TYR Z 94 -4.71 -47.98 -40.76
CA TYR Z 94 -3.94 -49.05 -41.35
C TYR Z 94 -2.55 -49.19 -40.73
N SER Z 95 -2.50 -49.88 -39.60
CA SER Z 95 -1.27 -50.24 -38.90
C SER Z 95 -0.51 -49.07 -38.31
N ASN Z 96 -0.24 -48.04 -39.07
CA ASN Z 96 0.65 -47.10 -38.48
C ASN Z 96 0.18 -45.70 -38.82
N HIS Z 97 -0.81 -45.61 -39.72
CA HIS Z 97 -1.23 -44.34 -40.31
C HIS Z 97 -2.73 -44.23 -40.72
N TRP Z 98 -3.15 -42.98 -40.94
CA TRP Z 98 -4.52 -42.68 -41.37
C TRP Z 98 -4.60 -42.56 -42.89
N VAL Z 99 -5.66 -43.13 -43.44
CA VAL Z 99 -5.96 -43.05 -44.85
C VAL Z 99 -7.35 -42.52 -44.96
N PHE Z 100 -7.48 -41.32 -45.53
CA PHE Z 100 -8.78 -40.73 -45.78
C PHE Z 100 -9.40 -41.30 -47.03
N GLY Z 101 -10.65 -40.92 -47.29
CA GLY Z 101 -11.34 -41.36 -48.48
C GLY Z 101 -11.61 -40.19 -49.41
N GLY Z 102 -12.50 -40.42 -50.37
CA GLY Z 102 -12.88 -39.39 -51.32
C GLY Z 102 -13.76 -38.33 -50.71
N GLY Z 103 -14.55 -38.73 -49.72
CA GLY Z 103 -15.49 -37.82 -49.09
C GLY Z 103 -16.82 -37.79 -49.81
N THR Z 104 -17.91 -37.88 -49.06
CA THR Z 104 -19.24 -37.85 -49.64
C THR Z 104 -19.89 -36.49 -49.44
N LYS Z 105 -20.42 -35.92 -50.51
CA LYS Z 105 -21.08 -34.61 -50.42
C LYS Z 105 -22.56 -34.78 -50.11
N LEU Z 106 -22.90 -34.63 -48.84
CA LEU Z 106 -24.28 -34.80 -48.39
C LEU Z 106 -25.09 -33.55 -48.66
N THR Z 107 -26.29 -33.73 -49.20
CA THR Z 107 -27.17 -32.61 -49.50
C THR Z 107 -28.49 -32.74 -48.75
N VAL Z 108 -28.73 -31.82 -47.82
CA VAL Z 108 -30.03 -31.74 -47.16
C VAL Z 108 -30.85 -30.62 -47.76
N LEU Z 109 -31.92 -30.99 -48.44
CA LEU Z 109 -32.71 -30.06 -49.25
C LEU Z 109 -33.34 -28.94 -48.42
N GLY Z 110 -32.97 -27.71 -48.74
CA GLY Z 110 -33.52 -26.54 -48.05
C GLY Z 110 -34.24 -25.62 -49.03
N GLN Z 111 -34.39 -26.08 -50.26
CA GLN Z 111 -35.08 -25.32 -51.31
C GLN Z 111 -35.47 -26.26 -52.44
N PRO Z 112 -36.55 -25.91 -53.17
CA PRO Z 112 -36.94 -26.68 -54.35
C PRO Z 112 -35.80 -26.79 -55.37
N LYS Z 113 -35.66 -27.95 -55.99
CA LYS Z 113 -34.55 -28.21 -56.91
C LYS Z 113 -34.51 -27.21 -58.07
N SER Z 114 -33.30 -26.91 -58.54
CA SER Z 114 -33.12 -25.94 -59.62
C SER Z 114 -32.24 -26.50 -60.74
N SER Z 115 -32.59 -26.20 -61.99
CA SER Z 115 -31.84 -26.68 -63.15
C SER Z 115 -30.70 -25.72 -63.51
N PRO Z 116 -29.58 -26.29 -64.01
CA PRO Z 116 -28.39 -25.50 -64.39
C PRO Z 116 -28.69 -24.39 -65.39
N SER Z 117 -28.17 -23.20 -65.14
CA SER Z 117 -28.37 -22.05 -66.02
C SER Z 117 -27.14 -21.79 -66.89
N VAL Z 118 -26.93 -22.66 -67.87
CA VAL Z 118 -25.72 -22.64 -68.67
C VAL Z 118 -25.76 -21.60 -69.80
N THR Z 119 -24.66 -20.87 -69.97
CA THR Z 119 -24.48 -19.98 -71.11
C THR Z 119 -23.05 -20.10 -71.63
N LEU Z 120 -22.91 -20.54 -72.88
CA LEU Z 120 -21.61 -20.78 -73.48
C LEU Z 120 -21.04 -19.51 -74.10
N PHE Z 121 -19.75 -19.24 -73.85
CA PHE Z 121 -19.10 -18.05 -74.38
C PHE Z 121 -17.96 -18.40 -75.33
N PRO Z 122 -17.72 -17.54 -76.33
CA PRO Z 122 -16.58 -17.64 -77.24
C PRO Z 122 -15.39 -16.85 -76.74
N PRO Z 123 -14.19 -17.13 -77.28
CA PRO Z 123 -12.99 -16.34 -76.96
C PRO Z 123 -13.11 -14.90 -77.44
N SER Z 124 -12.59 -13.96 -76.66
CA SER Z 124 -12.61 -12.56 -77.03
C SER Z 124 -11.75 -12.34 -78.28
N SER Z 125 -12.16 -11.38 -79.12
CA SER Z 125 -11.39 -11.06 -80.32
C SER Z 125 -10.05 -10.46 -79.93
N GLU Z 126 -10.01 -9.83 -78.76
CA GLU Z 126 -8.77 -9.28 -78.23
C GLU Z 126 -7.94 -10.39 -77.61
N GLU Z 127 -8.61 -11.49 -77.26
CA GLU Z 127 -7.92 -12.64 -76.67
C GLU Z 127 -7.27 -13.50 -77.74
N LEU Z 128 -7.96 -13.64 -78.87
CA LEU Z 128 -7.45 -14.43 -79.98
C LEU Z 128 -6.15 -13.86 -80.53
N GLU Z 129 -5.94 -12.57 -80.28
CA GLU Z 129 -4.73 -11.88 -80.72
C GLU Z 129 -3.50 -12.33 -79.94
N THR Z 130 -3.72 -13.00 -78.82
CA THR Z 130 -2.63 -13.50 -78.00
C THR Z 130 -2.36 -14.98 -78.27
N ASN Z 131 -2.77 -15.43 -79.45
CA ASN Z 131 -2.50 -16.79 -79.94
C ASN Z 131 -3.04 -17.91 -79.06
N LYS Z 132 -4.05 -17.60 -78.23
CA LYS Z 132 -4.75 -18.62 -77.45
C LYS Z 132 -6.24 -18.29 -77.39
N ALA Z 133 -7.05 -19.27 -77.01
CA ALA Z 133 -8.50 -19.10 -77.01
C ALA Z 133 -9.17 -19.86 -75.85
N THR Z 134 -10.03 -19.18 -75.11
CA THR Z 134 -10.65 -19.77 -73.93
C THR Z 134 -12.17 -19.85 -74.05
N LEU Z 135 -12.69 -21.08 -74.01
CA LEU Z 135 -14.13 -21.30 -74.05
C LEU Z 135 -14.73 -21.30 -72.64
N VAL Z 136 -15.40 -20.21 -72.29
CA VAL Z 136 -15.99 -20.07 -70.96
C VAL Z 136 -17.42 -20.62 -70.94
N CYS Z 137 -17.77 -21.33 -69.87
CA CYS Z 137 -19.08 -21.95 -69.75
C CYS Z 137 -19.66 -21.80 -68.34
N THR Z 138 -20.37 -20.70 -68.11
CA THR Z 138 -20.90 -20.37 -66.79
C THR Z 138 -22.15 -21.17 -66.44
N ILE Z 139 -22.13 -21.82 -65.27
CA ILE Z 139 -23.26 -22.64 -64.81
C ILE Z 139 -23.71 -22.23 -63.42
N THR Z 140 -24.77 -21.41 -63.33
CA THR Z 140 -25.21 -20.91 -62.03
C THR Z 140 -26.61 -21.36 -61.63
N ASP Z 141 -26.94 -21.13 -60.36
CA ASP Z 141 -28.29 -21.34 -59.82
C ASP Z 141 -28.80 -22.77 -59.93
N PHE Z 142 -27.96 -23.76 -59.64
CA PHE Z 142 -28.43 -25.14 -59.62
C PHE Z 142 -28.36 -25.72 -58.20
N TYR Z 143 -29.05 -26.83 -58.00
CA TYR Z 143 -29.14 -27.47 -56.68
C TYR Z 143 -29.69 -28.89 -56.82
N PRO Z 144 -29.01 -29.89 -56.24
CA PRO Z 144 -27.75 -29.82 -55.47
C PRO Z 144 -26.53 -29.51 -56.32
N GLY Z 145 -25.37 -29.43 -55.68
CA GLY Z 145 -24.14 -29.07 -56.36
C GLY Z 145 -23.39 -30.25 -56.94
N VAL Z 146 -24.05 -30.99 -57.83
CA VAL Z 146 -23.41 -32.09 -58.52
C VAL Z 146 -23.62 -31.98 -60.02
N VAL Z 147 -22.52 -31.83 -60.75
CA VAL Z 147 -22.58 -31.60 -62.18
C VAL Z 147 -21.59 -32.46 -62.94
N THR Z 148 -21.85 -32.67 -64.23
CA THR Z 148 -20.95 -33.43 -65.08
C THR Z 148 -20.88 -32.76 -66.44
N VAL Z 149 -20.04 -31.74 -66.54
CA VAL Z 149 -19.94 -30.97 -67.77
C VAL Z 149 -18.91 -31.56 -68.72
N ASP Z 150 -19.35 -31.90 -69.92
CA ASP Z 150 -18.49 -32.46 -70.96
C ASP Z 150 -18.50 -31.56 -72.19
N TRP Z 151 -17.35 -31.43 -72.85
CA TRP Z 151 -17.23 -30.56 -74.02
C TRP Z 151 -17.23 -31.35 -75.32
N LYS Z 152 -17.70 -30.72 -76.39
CA LYS Z 152 -17.72 -31.33 -77.72
C LYS Z 152 -17.45 -30.30 -78.82
N VAL Z 153 -16.44 -30.58 -79.65
CA VAL Z 153 -16.15 -29.73 -80.79
C VAL Z 153 -16.42 -30.48 -82.09
N ASP Z 154 -17.25 -29.89 -82.94
CA ASP Z 154 -17.69 -30.54 -84.19
C ASP Z 154 -18.32 -31.91 -83.92
N GLY Z 155 -18.90 -32.08 -82.73
CA GLY Z 155 -19.55 -33.32 -82.36
C GLY Z 155 -18.64 -34.30 -81.65
N THR Z 156 -17.34 -34.04 -81.65
CA THR Z 156 -16.36 -34.95 -81.06
C THR Z 156 -16.13 -34.65 -79.58
N PRO Z 157 -16.35 -35.67 -78.72
CA PRO Z 157 -16.17 -35.56 -77.27
C PRO Z 157 -14.76 -35.16 -76.87
N VAL Z 158 -14.64 -34.01 -76.23
CA VAL Z 158 -13.33 -33.50 -75.79
C VAL Z 158 -12.86 -34.19 -74.53
N THR Z 159 -11.71 -34.85 -74.61
CA THR Z 159 -11.15 -35.57 -73.47
C THR Z 159 -10.21 -34.69 -72.65
N GLN Z 160 -9.25 -34.05 -73.33
CA GLN Z 160 -8.21 -33.28 -72.67
C GLN Z 160 -8.33 -31.79 -72.98
N GLY Z 161 -7.58 -30.98 -72.24
CA GLY Z 161 -7.55 -29.55 -72.46
C GLY Z 161 -8.69 -28.84 -71.75
N MET Z 162 -9.38 -29.55 -70.88
CA MET Z 162 -10.50 -28.98 -70.14
C MET Z 162 -10.31 -29.10 -68.64
N GLU Z 163 -11.10 -28.35 -67.88
CA GLU Z 163 -10.97 -28.28 -66.43
C GLU Z 163 -12.20 -27.64 -65.80
N THR Z 164 -12.83 -28.36 -64.88
CA THR Z 164 -14.03 -27.88 -64.21
C THR Z 164 -13.77 -27.59 -62.74
N THR Z 165 -14.22 -26.42 -62.28
CA THR Z 165 -14.05 -26.05 -60.88
C THR Z 165 -15.10 -26.73 -60.00
N GLN Z 166 -14.82 -26.76 -58.70
CA GLN Z 166 -15.74 -27.33 -57.72
C GLN Z 166 -16.97 -26.43 -57.55
N PRO Z 167 -18.12 -27.05 -57.23
CA PRO Z 167 -19.36 -26.32 -56.95
C PRO Z 167 -19.20 -25.29 -55.83
N SER Z 168 -19.47 -24.03 -56.15
CA SER Z 168 -19.31 -22.94 -55.19
C SER Z 168 -20.65 -22.37 -54.77
N LYS Z 169 -20.80 -22.09 -53.48
CA LYS Z 169 -22.05 -21.56 -52.95
C LYS Z 169 -22.29 -20.13 -53.44
N GLN Z 170 -23.56 -19.74 -53.53
CA GLN Z 170 -23.93 -18.41 -53.99
C GLN Z 170 -24.57 -17.59 -52.86
N SER Z 171 -25.05 -16.40 -53.20
CA SER Z 171 -25.72 -15.53 -52.25
C SER Z 171 -27.09 -16.09 -51.84
N ASN Z 172 -27.61 -16.98 -52.68
CA ASN Z 172 -28.96 -17.51 -52.47
C ASN Z 172 -28.95 -19.00 -52.13
N ASN Z 173 -27.87 -19.45 -51.49
CA ASN Z 173 -27.65 -20.87 -51.20
C ASN Z 173 -27.66 -21.74 -52.45
N LYS Z 174 -27.55 -21.10 -53.62
CA LYS Z 174 -27.42 -21.82 -54.87
C LYS Z 174 -25.96 -22.21 -55.07
N TYR Z 175 -25.71 -23.09 -56.03
CA TYR Z 175 -24.35 -23.51 -56.35
C TYR Z 175 -23.97 -23.05 -57.75
N MET Z 176 -22.75 -22.56 -57.89
CA MET Z 176 -22.29 -22.00 -59.16
C MET Z 176 -20.84 -22.36 -59.47
N ALA Z 177 -20.61 -22.97 -60.62
CA ALA Z 177 -19.27 -23.33 -61.05
C ALA Z 177 -19.01 -22.85 -62.47
N SER Z 178 -17.93 -23.34 -63.07
CA SER Z 178 -17.56 -22.97 -64.43
C SER Z 178 -16.50 -23.91 -64.98
N SER Z 179 -16.76 -24.48 -66.14
CA SER Z 179 -15.79 -25.34 -66.81
C SER Z 179 -15.08 -24.57 -67.91
N TYR Z 180 -13.87 -25.02 -68.26
CA TYR Z 180 -13.03 -24.28 -69.19
C TYR Z 180 -12.49 -25.17 -70.30
N LEU Z 181 -12.15 -24.55 -71.44
CA LEU Z 181 -11.58 -25.26 -72.57
C LEU Z 181 -10.54 -24.38 -73.27
N THR Z 182 -9.29 -24.49 -72.82
CA THR Z 182 -8.20 -23.69 -73.39
C THR Z 182 -7.74 -24.25 -74.73
N LEU Z 183 -7.79 -23.41 -75.76
CA LEU Z 183 -7.40 -23.81 -77.10
C LEU Z 183 -6.46 -22.77 -77.71
N THR Z 184 -5.86 -23.10 -78.85
CA THR Z 184 -4.93 -22.18 -79.49
C THR Z 184 -5.64 -21.36 -80.58
N ALA Z 185 -4.87 -20.51 -81.25
CA ALA Z 185 -5.40 -19.67 -82.32
C ALA Z 185 -5.40 -20.44 -83.63
N ARG Z 186 -4.85 -21.65 -83.61
CA ARG Z 186 -4.86 -22.51 -84.77
C ARG Z 186 -5.81 -23.68 -84.55
N ALA Z 187 -6.26 -23.84 -83.31
CA ALA Z 187 -7.27 -24.82 -82.99
C ALA Z 187 -8.65 -24.20 -83.10
N TRP Z 188 -8.77 -22.95 -82.65
CA TRP Z 188 -10.04 -22.23 -82.69
C TRP Z 188 -10.39 -21.76 -84.09
N GLU Z 189 -9.41 -21.23 -84.82
CA GLU Z 189 -9.61 -20.72 -86.16
C GLU Z 189 -9.97 -21.82 -87.14
N ARG Z 190 -9.49 -23.03 -86.86
CA ARG Z 190 -9.75 -24.18 -87.72
C ARG Z 190 -11.21 -24.61 -87.64
N HIS Z 191 -11.61 -25.08 -86.46
CA HIS Z 191 -12.96 -25.61 -86.27
C HIS Z 191 -14.01 -24.51 -86.18
N SER Z 192 -15.28 -24.89 -86.22
CA SER Z 192 -16.36 -23.90 -86.25
C SER Z 192 -17.54 -24.28 -85.36
N SER Z 193 -17.59 -25.53 -84.93
CA SER Z 193 -18.70 -25.98 -84.09
C SER Z 193 -18.22 -26.48 -82.71
N TYR Z 194 -18.78 -25.90 -81.66
CA TYR Z 194 -18.44 -26.29 -80.29
C TYR Z 194 -19.72 -26.45 -79.46
N SER Z 195 -19.59 -27.03 -78.27
CA SER Z 195 -20.72 -27.20 -77.36
C SER Z 195 -20.29 -27.51 -75.94
N CYS Z 196 -21.18 -27.26 -74.98
CA CYS Z 196 -20.89 -27.44 -73.57
C CYS Z 196 -22.14 -27.87 -72.80
N GLN Z 197 -22.34 -29.18 -72.66
CA GLN Z 197 -23.55 -29.68 -72.01
C GLN Z 197 -23.31 -30.17 -70.58
N VAL Z 198 -24.20 -29.78 -69.68
CA VAL Z 198 -24.08 -30.09 -68.26
C VAL Z 198 -25.18 -31.03 -67.77
N THR Z 199 -24.79 -32.22 -67.36
CA THR Z 199 -25.75 -33.18 -66.80
C THR Z 199 -26.04 -32.85 -65.34
N HIS Z 200 -27.28 -33.07 -64.92
CA HIS Z 200 -27.70 -32.79 -63.55
C HIS Z 200 -28.93 -33.61 -63.17
N GLU Z 201 -28.72 -34.59 -62.30
CA GLU Z 201 -29.78 -35.47 -61.81
C GLU Z 201 -30.48 -36.22 -62.93
N GLY Z 202 -29.87 -36.23 -64.12
CA GLY Z 202 -30.43 -36.94 -65.25
C GLY Z 202 -30.77 -36.05 -66.44
N HIS Z 203 -31.26 -34.84 -66.15
CA HIS Z 203 -31.65 -33.91 -67.20
C HIS Z 203 -30.44 -33.10 -67.69
N THR Z 204 -30.15 -33.20 -68.98
CA THR Z 204 -28.97 -32.56 -69.56
C THR Z 204 -29.28 -31.22 -70.23
N VAL Z 205 -28.93 -30.13 -69.58
CA VAL Z 205 -29.03 -28.80 -70.17
C VAL Z 205 -27.83 -28.59 -71.10
N GLU Z 206 -28.05 -27.87 -72.20
CA GLU Z 206 -27.02 -27.78 -73.24
C GLU Z 206 -26.87 -26.38 -73.81
N LYS Z 207 -25.69 -26.07 -74.35
CA LYS Z 207 -25.43 -24.80 -75.02
C LYS Z 207 -24.43 -24.98 -76.17
N SER Z 208 -24.66 -24.27 -77.27
CA SER Z 208 -23.77 -24.35 -78.43
C SER Z 208 -23.37 -22.96 -78.93
N LEU Z 209 -22.42 -22.93 -79.87
CA LEU Z 209 -21.99 -21.68 -80.50
C LEU Z 209 -21.10 -21.97 -81.71
N SER Z 210 -21.06 -21.03 -82.65
CA SER Z 210 -20.27 -21.20 -83.87
C SER Z 210 -19.58 -19.92 -84.31
N ARG Z 211 -18.45 -20.07 -84.99
CA ARG Z 211 -17.67 -18.94 -85.46
C ARG Z 211 -18.07 -18.53 -86.87
N GLN AA 1 63.92 -77.85 9.75
CA GLN AA 1 63.12 -76.71 9.26
C GLN AA 1 63.97 -75.44 9.20
N ALA AA 2 64.04 -74.73 10.32
CA ALA AA 2 64.73 -73.43 10.37
C ALA AA 2 65.21 -73.12 11.78
N VAL AA 3 66.15 -72.19 11.88
CA VAL AA 3 66.74 -71.85 13.16
C VAL AA 3 66.81 -70.34 13.40
N VAL AA 4 66.61 -69.95 14.65
CA VAL AA 4 66.68 -68.55 15.05
C VAL AA 4 68.01 -68.27 15.72
N THR AA 5 68.72 -67.26 15.24
CA THR AA 5 70.04 -66.93 15.77
C THR AA 5 70.04 -65.61 16.55
N GLN AA 6 70.36 -65.68 17.84
CA GLN AA 6 70.54 -64.47 18.64
C GLN AA 6 72.03 -64.26 18.93
N GLU AA 7 72.38 -63.11 19.49
CA GLU AA 7 73.76 -62.91 19.93
C GLU AA 7 74.03 -63.79 21.13
N SER AA 8 75.28 -64.17 21.28
CA SER AA 8 75.70 -65.00 22.39
C SER AA 8 75.37 -64.28 23.71
N ALA AA 9 76.00 -63.13 23.90
CA ALA AA 9 75.76 -62.31 25.08
C ALA AA 9 76.26 -60.89 24.85
N LEU AA 10 75.57 -59.92 25.42
CA LEU AA 10 75.95 -58.53 25.29
C LEU AA 10 76.06 -57.84 26.65
N THR AA 11 76.85 -56.78 26.69
CA THR AA 11 77.12 -56.06 27.92
C THR AA 11 76.82 -54.58 27.74
N THR AA 12 76.15 -53.97 28.72
CA THR AA 12 75.83 -52.54 28.66
C THR AA 12 75.85 -51.90 30.05
N SER AA 13 75.91 -50.58 30.08
CA SER AA 13 75.95 -49.82 31.34
C SER AA 13 74.58 -49.26 31.66
N PRO AA 14 74.27 -49.12 32.95
CA PRO AA 14 72.99 -48.52 33.40
C PRO AA 14 72.73 -47.16 32.78
N GLY AA 15 71.55 -46.98 32.19
CA GLY AA 15 71.17 -45.72 31.60
C GLY AA 15 71.47 -45.59 30.12
N GLU AA 16 72.16 -46.58 29.56
CA GLU AA 16 72.55 -46.53 28.15
C GLU AA 16 71.58 -47.30 27.28
N THR AA 17 71.80 -47.23 25.97
CA THR AA 17 70.92 -47.89 25.03
C THR AA 17 71.57 -49.10 24.39
N VAL AA 18 70.88 -50.24 24.46
CA VAL AA 18 71.40 -51.48 23.91
C VAL AA 18 70.37 -52.10 22.97
N THR AA 19 70.84 -52.78 21.93
CA THR AA 19 69.93 -53.40 20.98
C THR AA 19 70.28 -54.87 20.72
N LEU AA 20 69.33 -55.75 21.03
CA LEU AA 20 69.47 -57.17 20.73
C LEU AA 20 68.85 -57.50 19.38
N THR AA 21 69.54 -58.31 18.58
CA THR AA 21 69.03 -58.70 17.27
C THR AA 21 68.48 -60.13 17.31
N CYS AA 22 67.74 -60.49 16.26
CA CYS AA 22 67.11 -61.79 16.16
C CYS AA 22 66.99 -62.21 14.70
N ARG AA 23 67.93 -63.01 14.24
CA ARG AA 23 68.02 -63.35 12.82
C ARG AA 23 67.32 -64.66 12.48
N SER AA 24 66.59 -64.65 11.37
CA SER AA 24 65.96 -65.86 10.84
C SER AA 24 66.86 -66.52 9.80
N SER AA 25 66.75 -67.84 9.66
CA SER AA 25 67.57 -68.57 8.69
C SER AA 25 66.85 -68.75 7.36
N THR AA 26 65.53 -68.57 7.34
CA THR AA 26 64.75 -68.69 6.11
C THR AA 26 64.85 -67.44 5.24
N GLY AA 27 65.13 -66.31 5.89
CA GLY AA 27 65.21 -65.03 5.19
C GLY AA 27 64.95 -63.89 6.15
N ALA AA 28 64.44 -62.78 5.61
CA ALA AA 28 64.18 -61.62 6.43
C ALA AA 28 63.01 -61.85 7.38
N VAL AA 29 63.09 -61.25 8.56
CA VAL AA 29 62.00 -61.35 9.53
C VAL AA 29 60.91 -60.34 9.19
N THR AA 30 59.78 -60.85 8.70
CA THR AA 30 58.65 -60.02 8.32
C THR AA 30 57.62 -59.88 9.44
N THR AA 31 56.58 -59.09 9.20
CA THR AA 31 55.56 -58.83 10.20
C THR AA 31 54.75 -60.08 10.52
N ILE AA 32 54.77 -61.04 9.60
CA ILE AA 32 54.02 -62.28 9.76
C ILE AA 32 54.78 -63.30 10.63
N ASN AA 33 55.91 -62.86 11.17
CA ASN AA 33 56.69 -63.70 12.07
C ASN AA 33 56.30 -63.43 13.53
N PHE AA 34 55.70 -62.27 13.76
CA PHE AA 34 55.21 -61.87 15.07
C PHE AA 34 56.26 -62.06 16.14
N ALA AA 35 57.37 -61.37 15.99
CA ALA AA 35 58.51 -61.54 16.89
C ALA AA 35 58.13 -61.31 18.36
N ASN AA 36 58.40 -62.30 19.21
CA ASN AA 36 58.23 -62.14 20.65
C ASN AA 36 59.57 -62.04 21.37
N TRP AA 37 59.56 -61.36 22.53
CA TRP AA 37 60.75 -61.28 23.37
C TRP AA 37 60.42 -61.66 24.82
N VAL AA 38 61.13 -62.66 25.34
CA VAL AA 38 60.86 -63.12 26.69
C VAL AA 38 62.10 -63.02 27.59
N GLN AA 39 61.91 -62.46 28.78
CA GLN AA 39 62.98 -62.20 29.73
C GLN AA 39 63.05 -63.29 30.79
N GLU AA 40 64.22 -63.93 30.89
CA GLU AA 40 64.42 -64.99 31.87
C GLU AA 40 65.25 -64.50 33.03
N LYS AA 41 64.58 -64.18 34.14
CA LYS AA 41 65.25 -63.85 35.38
C LYS AA 41 65.87 -65.13 35.95
N PRO AA 42 66.84 -64.98 36.88
CA PRO AA 42 67.41 -66.15 37.55
C PRO AA 42 66.37 -66.99 38.29
N ASP AA 43 66.66 -68.27 38.48
CA ASP AA 43 65.77 -69.24 39.13
C ASP AA 43 64.51 -69.55 38.30
N HIS AA 44 64.67 -69.51 36.97
CA HIS AA 44 63.61 -69.87 36.03
C HIS AA 44 62.35 -69.00 36.15
N LEU AA 45 62.52 -67.70 35.92
CA LEU AA 45 61.39 -66.76 35.90
C LEU AA 45 61.28 -66.10 34.52
N PHE AA 46 60.16 -66.33 33.86
CA PHE AA 46 59.92 -65.79 32.52
C PHE AA 46 58.79 -64.77 32.51
N THR AA 47 58.91 -63.78 31.62
CA THR AA 47 57.81 -62.83 31.40
C THR AA 47 57.89 -62.27 29.98
N GLY AA 48 56.75 -62.16 29.32
CA GLY AA 48 56.73 -61.62 27.97
C GLY AA 48 56.96 -60.11 27.95
N LEU AA 49 57.44 -59.61 26.82
CA LEU AA 49 57.67 -58.19 26.64
C LEU AA 49 56.89 -57.67 25.43
N ILE AA 50 57.51 -57.75 24.25
CA ILE AA 50 56.88 -57.32 23.02
C ILE AA 50 56.50 -58.52 22.19
N GLY AA 51 55.41 -58.39 21.43
CA GLY AA 51 54.96 -59.47 20.58
C GLY AA 51 53.82 -59.09 19.68
N GLY AA 52 53.42 -60.03 18.83
CA GLY AA 52 52.34 -59.80 17.90
C GLY AA 52 52.69 -58.73 16.90
N ILE AA 53 51.78 -57.77 16.74
CA ILE AA 53 52.00 -56.66 15.82
C ILE AA 53 52.59 -55.44 16.54
N ASN AA 54 52.14 -55.18 17.77
CA ASN AA 54 52.68 -54.09 18.56
C ASN AA 54 52.35 -54.29 20.03
N ASN AA 55 51.83 -55.46 20.35
CA ASN AA 55 51.36 -55.74 21.69
C ASN AA 55 52.47 -55.78 22.73
N ARG AA 56 52.11 -55.45 23.97
CA ARG AA 56 53.02 -55.53 25.09
C ARG AA 56 52.33 -56.15 26.28
N ALA AA 57 53.04 -57.03 26.97
CA ALA AA 57 52.53 -57.64 28.19
C ALA AA 57 52.29 -56.54 29.22
N PRO AA 58 51.20 -56.64 29.98
CA PRO AA 58 50.92 -55.66 31.03
C PRO AA 58 52.03 -55.59 32.08
N GLY AA 59 52.57 -54.39 32.28
CA GLY AA 59 53.62 -54.19 33.27
C GLY AA 59 55.01 -54.16 32.67
N VAL AA 60 55.10 -53.94 31.37
CA VAL AA 60 56.37 -53.83 30.69
C VAL AA 60 56.82 -52.37 30.58
N PRO AA 61 58.03 -52.08 31.08
CA PRO AA 61 58.62 -50.73 31.09
C PRO AA 61 58.65 -50.08 29.72
N ALA AA 62 58.55 -48.75 29.71
CA ALA AA 62 58.52 -47.99 28.46
C ALA AA 62 59.87 -48.06 27.75
N ARG AA 63 60.93 -48.31 28.51
CA ARG AA 63 62.27 -48.37 27.95
C ARG AA 63 62.41 -49.54 26.98
N PHE AA 64 61.57 -50.56 27.17
CA PHE AA 64 61.51 -51.67 26.23
C PHE AA 64 60.69 -51.28 25.01
N SER AA 65 61.21 -51.60 23.83
CA SER AA 65 60.55 -51.23 22.58
C SER AA 65 60.97 -52.15 21.45
N GLY AA 66 60.02 -52.54 20.62
CA GLY AA 66 60.29 -53.45 19.53
C GLY AA 66 60.44 -52.72 18.22
N SER AA 67 61.11 -53.36 17.26
CA SER AA 67 61.32 -52.80 15.93
C SER AA 67 61.83 -53.86 14.98
N LEU AA 68 62.08 -53.47 13.73
CA LEU AA 68 62.63 -54.36 12.73
C LEU AA 68 63.81 -53.73 12.02
N ILE AA 69 64.89 -53.52 12.76
CA ILE AA 69 66.10 -52.95 12.20
C ILE AA 69 66.74 -53.96 11.24
N GLY AA 70 67.08 -53.49 10.05
CA GLY AA 70 67.64 -54.35 9.03
C GLY AA 70 66.60 -55.34 8.53
N ASP AA 71 66.95 -56.62 8.58
CA ASP AA 71 66.04 -57.68 8.17
C ASP AA 71 65.86 -58.69 9.29
N LYS AA 72 66.07 -58.24 10.52
CA LYS AA 72 65.89 -59.08 11.69
C LYS AA 72 65.17 -58.33 12.82
N ALA AA 73 64.65 -59.08 13.78
CA ALA AA 73 63.88 -58.50 14.88
C ALA AA 73 64.80 -57.84 15.88
N ALA AA 74 64.30 -56.77 16.51
CA ALA AA 74 65.13 -55.98 17.40
C ALA AA 74 64.42 -55.66 18.70
N LEU AA 75 65.10 -55.92 19.81
CA LEU AA 75 64.63 -55.49 21.12
C LEU AA 75 65.56 -54.39 21.61
N THR AA 76 65.03 -53.17 21.76
CA THR AA 76 65.86 -52.04 22.15
C THR AA 76 65.46 -51.48 23.53
N ILE AA 77 66.44 -51.45 24.44
CA ILE AA 77 66.26 -50.91 25.79
C ILE AA 77 66.91 -49.55 25.94
N THR AA 78 66.11 -48.49 25.84
CA THR AA 78 66.63 -47.13 25.99
C THR AA 78 66.58 -46.70 27.44
N GLY AA 79 67.73 -46.72 28.11
CA GLY AA 79 67.80 -46.41 29.52
C GLY AA 79 67.84 -47.68 30.33
N ALA AA 80 68.90 -48.46 30.13
CA ALA AA 80 69.05 -49.75 30.81
C ALA AA 80 69.07 -49.62 32.32
N GLN AA 81 68.58 -50.64 33.01
CA GLN AA 81 68.55 -50.66 34.46
C GLN AA 81 69.29 -51.89 34.99
N THR AA 82 69.61 -51.87 36.28
CA THR AA 82 70.38 -52.96 36.88
C THR AA 82 69.59 -54.26 36.90
N GLU AA 83 68.26 -54.14 37.03
CA GLU AA 83 67.39 -55.30 37.12
C GLU AA 83 67.04 -55.87 35.76
N ASP AA 84 67.43 -55.15 34.70
CA ASP AA 84 67.22 -55.61 33.33
C ASP AA 84 68.30 -56.61 32.90
N GLU AA 85 69.15 -56.99 33.86
CA GLU AA 85 70.19 -57.99 33.62
C GLU AA 85 69.64 -59.40 33.71
N ALA AA 86 69.47 -60.04 32.56
CA ALA AA 86 68.93 -61.40 32.47
C ALA AA 86 69.21 -62.02 31.11
N ILE AA 87 68.61 -63.18 30.85
CA ILE AA 87 68.72 -63.81 29.53
C ILE AA 87 67.47 -63.53 28.70
N TYR AA 88 67.66 -62.99 27.50
CA TYR AA 88 66.54 -62.59 26.66
C TYR AA 88 66.32 -63.53 25.49
N PHE AA 89 65.14 -64.13 25.44
CA PHE AA 89 64.79 -65.04 24.36
C PHE AA 89 63.82 -64.40 23.38
N CYS AA 90 64.09 -64.58 22.09
CA CYS AA 90 63.15 -64.15 21.07
C CYS AA 90 62.63 -65.35 20.31
N ALA AA 91 61.35 -65.28 19.92
CA ALA AA 91 60.71 -66.38 19.20
C ALA AA 91 60.05 -65.86 17.93
N LEU AA 92 60.04 -66.71 16.91
CA LEU AA 92 59.48 -66.35 15.62
C LEU AA 92 58.39 -67.32 15.16
N TRP AA 93 57.35 -66.78 14.52
CA TRP AA 93 56.25 -67.57 13.97
C TRP AA 93 56.51 -68.01 12.53
N TYR AA 94 56.64 -69.32 12.39
CA TYR AA 94 56.81 -69.97 11.11
C TYR AA 94 55.60 -70.83 10.74
N SER AA 95 54.59 -70.18 10.18
CA SER AA 95 53.40 -70.84 9.65
C SER AA 95 52.51 -71.50 10.68
N ASN AA 96 53.06 -72.32 11.57
CA ASN AA 96 52.15 -73.07 12.40
C ASN AA 96 52.68 -73.16 13.82
N HIS AA 97 53.92 -72.71 14.00
CA HIS AA 97 54.66 -72.88 15.26
C HIS AA 97 55.67 -71.80 15.64
N TRP AA 98 56.00 -71.81 16.93
CA TRP AA 98 56.96 -70.89 17.48
C TRP AA 98 58.31 -71.59 17.42
N VAL AA 99 59.34 -70.79 17.16
CA VAL AA 99 60.72 -71.24 17.21
C VAL AA 99 61.55 -70.24 17.98
N PHE AA 100 62.04 -70.67 19.13
CA PHE AA 100 62.86 -69.82 19.95
C PHE AA 100 64.25 -69.76 19.36
N GLY AA 101 65.09 -68.91 19.95
CA GLY AA 101 66.46 -68.77 19.50
C GLY AA 101 67.41 -69.27 20.57
N GLY AA 102 68.67 -68.89 20.45
CA GLY AA 102 69.68 -69.27 21.42
C GLY AA 102 69.54 -68.51 22.72
N GLY AA 103 69.04 -67.29 22.63
CA GLY AA 103 68.91 -66.43 23.79
C GLY AA 103 70.18 -65.64 24.01
N THR AA 104 70.03 -64.35 24.24
CA THR AA 104 71.16 -63.47 24.48
C THR AA 104 71.24 -63.15 25.98
N LYS AA 105 72.43 -63.32 26.56
CA LYS AA 105 72.63 -63.03 27.97
C LYS AA 105 73.07 -61.58 28.13
N LEU AA 106 72.12 -60.73 28.52
CA LEU AA 106 72.39 -59.31 28.68
C LEU AA 106 73.00 -59.03 30.05
N THR AA 107 74.05 -58.21 30.08
CA THR AA 107 74.70 -57.87 31.34
C THR AA 107 74.68 -56.36 31.58
N VAL AA 108 73.97 -55.95 32.62
CA VAL AA 108 74.01 -54.56 33.06
C VAL AA 108 74.90 -54.44 34.28
N LEU AA 109 76.05 -53.79 34.10
CA LEU AA 109 77.09 -53.72 35.11
C LEU AA 109 76.60 -53.04 36.39
N GLY AA 110 76.41 -53.85 37.43
CA GLY AA 110 76.03 -53.33 38.73
C GLY AA 110 77.24 -53.22 39.64
N GLN AA 111 78.40 -53.56 39.10
CA GLN AA 111 79.66 -53.50 39.83
C GLN AA 111 80.83 -53.54 38.85
N PRO AA 112 82.03 -53.13 39.29
CA PRO AA 112 83.22 -53.20 38.43
C PRO AA 112 83.49 -54.62 37.94
N LYS AA 113 84.11 -54.74 36.76
CA LYS AA 113 84.39 -56.05 36.18
C LYS AA 113 85.54 -56.75 36.93
N SER AA 114 85.32 -58.01 37.32
CA SER AA 114 86.33 -58.78 38.04
C SER AA 114 86.89 -59.92 37.20
N SER AA 115 88.20 -60.13 37.30
CA SER AA 115 88.85 -61.23 36.59
C SER AA 115 88.60 -62.55 37.33
N PRO AA 116 88.55 -63.66 36.58
CA PRO AA 116 88.23 -64.99 37.13
C PRO AA 116 89.32 -65.63 37.99
N SER AA 117 88.97 -65.88 39.25
CA SER AA 117 89.87 -66.58 40.17
C SER AA 117 89.75 -68.09 39.97
N VAL AA 118 90.61 -68.64 39.12
CA VAL AA 118 90.50 -70.04 38.73
C VAL AA 118 91.55 -70.93 39.39
N THR AA 119 91.08 -72.04 39.96
CA THR AA 119 91.97 -73.02 40.58
C THR AA 119 91.72 -74.41 40.01
N LEU AA 120 92.78 -75.21 39.90
CA LEU AA 120 92.73 -76.51 39.21
C LEU AA 120 93.23 -77.66 40.09
N PHE AA 121 92.36 -78.65 40.32
CA PHE AA 121 92.67 -79.80 41.15
C PHE AA 121 93.04 -81.02 40.34
N PRO AA 122 93.99 -81.82 40.85
CA PRO AA 122 94.38 -83.11 40.27
C PRO AA 122 93.46 -84.22 40.78
N PRO AA 123 93.53 -85.41 40.17
CA PRO AA 123 92.67 -86.53 40.59
C PRO AA 123 93.04 -87.07 41.97
N SER AA 124 92.06 -87.17 42.86
CA SER AA 124 92.32 -87.75 44.17
C SER AA 124 92.70 -89.22 44.01
N SER AA 125 93.74 -89.63 44.72
CA SER AA 125 94.22 -91.01 44.65
C SER AA 125 93.14 -91.98 45.07
N GLU AA 126 92.25 -91.50 45.95
CA GLU AA 126 91.17 -92.32 46.48
C GLU AA 126 90.21 -92.77 45.38
N GLU AA 127 90.00 -91.92 44.38
CA GLU AA 127 89.12 -92.28 43.27
C GLU AA 127 89.87 -92.96 42.15
N LEU AA 128 91.19 -92.83 42.14
CA LEU AA 128 92.02 -93.43 41.11
C LEU AA 128 92.11 -94.94 41.28
N GLU AA 129 91.45 -95.47 42.30
CA GLU AA 129 91.38 -96.91 42.48
C GLU AA 129 90.27 -97.48 41.60
N THR AA 130 89.24 -96.66 41.36
CA THR AA 130 88.09 -97.10 40.59
C THR AA 130 88.32 -96.91 39.08
N ASN AA 131 89.59 -96.76 38.71
CA ASN AA 131 90.00 -96.53 37.31
C ASN AA 131 89.49 -95.22 36.70
N LYS AA 132 88.80 -94.42 37.50
CA LYS AA 132 88.20 -93.18 37.00
C LYS AA 132 88.88 -91.97 37.62
N ALA AA 133 89.43 -91.10 36.78
CA ALA AA 133 90.11 -89.89 37.23
C ALA AA 133 89.35 -88.64 36.81
N THR AA 134 89.14 -87.73 37.77
CA THR AA 134 88.37 -86.52 37.50
C THR AA 134 89.14 -85.25 37.83
N LEU AA 135 89.73 -84.63 36.81
CA LEU AA 135 90.31 -83.31 36.97
C LEU AA 135 89.19 -82.32 37.25
N VAL AA 136 89.33 -81.50 38.29
CA VAL AA 136 88.32 -80.47 38.58
C VAL AA 136 88.95 -79.08 38.51
N CYS AA 137 88.29 -78.18 37.78
CA CYS AA 137 88.84 -76.85 37.54
C CYS AA 137 87.86 -75.75 37.90
N THR AA 138 87.89 -75.32 39.16
CA THR AA 138 86.90 -74.36 39.64
C THR AA 138 87.29 -72.92 39.30
N ILE AA 139 86.44 -72.27 38.51
CA ILE AA 139 86.60 -70.86 38.18
C ILE AA 139 85.62 -70.05 39.01
N THR AA 140 86.10 -69.02 39.70
CA THR AA 140 85.24 -68.27 40.61
C THR AA 140 85.41 -66.76 40.55
N ASP AA 141 84.38 -66.04 40.99
CA ASP AA 141 84.43 -64.59 41.22
C ASP AA 141 84.84 -63.77 40.00
N PHE AA 142 84.09 -63.92 38.91
CA PHE AA 142 84.35 -63.14 37.71
C PHE AA 142 83.11 -62.38 37.26
N TYR AA 143 83.32 -61.43 36.35
CA TYR AA 143 82.26 -60.57 35.86
C TYR AA 143 82.70 -59.89 34.55
N PRO AA 144 81.83 -59.93 33.53
CA PRO AA 144 80.51 -60.56 33.49
C PRO AA 144 80.56 -62.09 33.39
N GLY AA 145 79.39 -62.73 33.48
CA GLY AA 145 79.33 -64.18 33.44
C GLY AA 145 79.41 -64.79 32.07
N VAL AA 146 80.57 -64.64 31.43
CA VAL AA 146 80.83 -65.26 30.14
C VAL AA 146 82.27 -65.79 30.09
N VAL AA 147 82.43 -67.09 29.95
CA VAL AA 147 83.74 -67.73 30.06
C VAL AA 147 83.96 -68.83 29.03
N THR AA 148 85.14 -68.83 28.39
CA THR AA 148 85.56 -69.90 27.49
C THR AA 148 86.55 -70.83 28.17
N VAL AA 149 86.16 -72.09 28.37
CA VAL AA 149 86.98 -73.04 29.09
C VAL AA 149 87.53 -74.14 28.17
N ASP AA 150 88.85 -74.19 28.04
CA ASP AA 150 89.50 -75.18 27.18
C ASP AA 150 90.55 -75.99 27.96
N TRP AA 151 90.61 -77.29 27.72
CA TRP AA 151 91.63 -78.11 28.35
C TRP AA 151 92.73 -78.47 27.37
N LYS AA 152 93.89 -78.84 27.89
CA LYS AA 152 95.03 -79.16 27.03
C LYS AA 152 95.93 -80.22 27.66
N VAL AA 153 95.60 -81.49 27.45
CA VAL AA 153 96.43 -82.56 27.97
C VAL AA 153 97.70 -82.71 27.13
N ASP AA 154 98.85 -82.66 27.79
CA ASP AA 154 100.16 -82.79 27.14
C ASP AA 154 100.31 -81.84 25.94
N GLY AA 155 99.90 -80.59 26.11
CA GLY AA 155 100.10 -79.58 25.10
C GLY AA 155 99.23 -79.68 23.87
N THR AA 156 98.28 -80.61 23.88
CA THR AA 156 97.34 -80.77 22.77
C THR AA 156 95.92 -80.42 23.20
N PRO AA 157 95.28 -79.47 22.48
CA PRO AA 157 93.90 -79.06 22.75
C PRO AA 157 92.96 -80.26 22.86
N VAL AA 158 92.35 -80.42 24.03
CA VAL AA 158 91.44 -81.53 24.26
C VAL AA 158 90.14 -81.32 23.50
N THR AA 159 89.63 -82.39 22.90
CA THR AA 159 88.41 -82.32 22.11
C THR AA 159 87.19 -82.84 22.89
N GLN AA 160 87.21 -84.13 23.25
CA GLN AA 160 86.09 -84.74 23.97
C GLN AA 160 86.46 -85.11 25.40
N GLY AA 161 85.50 -85.71 26.12
CA GLY AA 161 85.73 -86.14 27.48
C GLY AA 161 85.65 -85.01 28.49
N MET AA 162 85.27 -83.84 28.01
CA MET AA 162 85.24 -82.64 28.85
C MET AA 162 83.84 -82.07 29.02
N GLU AA 163 83.67 -81.31 30.09
CA GLU AA 163 82.36 -80.84 30.53
C GLU AA 163 82.50 -79.58 31.37
N THR AA 164 81.55 -78.65 31.24
CA THR AA 164 81.56 -77.43 32.06
C THR AA 164 80.15 -77.06 32.50
N THR AA 165 80.04 -76.36 33.63
CA THR AA 165 78.74 -75.89 34.10
C THR AA 165 78.46 -74.48 33.64
N GLN AA 166 77.18 -74.14 33.57
CA GLN AA 166 76.76 -72.78 33.25
C GLN AA 166 77.13 -71.84 34.38
N PRO AA 167 77.69 -70.69 34.03
CA PRO AA 167 77.96 -69.63 35.01
C PRO AA 167 76.72 -69.34 35.85
N SER AA 168 76.94 -69.09 37.15
CA SER AA 168 75.83 -68.79 38.05
C SER AA 168 76.28 -67.79 39.11
N LYS AA 169 75.38 -66.87 39.47
CA LYS AA 169 75.68 -65.83 40.45
C LYS AA 169 76.04 -66.43 41.82
N GLN AA 170 76.82 -65.69 42.60
CA GLN AA 170 77.20 -66.10 43.93
C GLN AA 170 76.44 -65.31 44.98
N SER AA 171 77.07 -65.13 46.14
CA SER AA 171 76.48 -64.34 47.21
C SER AA 171 76.86 -62.86 47.05
N ASN AA 172 77.74 -62.60 46.09
CA ASN AA 172 78.28 -61.25 45.89
C ASN AA 172 78.07 -60.76 44.47
N ASN AA 173 77.14 -61.41 43.77
CA ASN AA 173 76.79 -61.05 42.40
C ASN AA 173 77.97 -61.10 41.42
N LYS AA 174 78.93 -61.97 41.70
CA LYS AA 174 79.91 -62.37 40.70
C LYS AA 174 79.61 -63.81 40.32
N TYR AA 175 80.12 -64.26 39.18
CA TYR AA 175 79.74 -65.57 38.68
C TYR AA 175 80.81 -66.62 38.99
N MET AA 176 80.41 -67.90 38.92
CA MET AA 176 81.27 -69.02 39.26
C MET AA 176 80.94 -70.24 38.41
N ALA AA 177 81.94 -71.07 38.16
CA ALA AA 177 81.74 -72.25 37.32
C ALA AA 177 82.80 -73.31 37.58
N SER AA 178 82.47 -74.56 37.22
CA SER AA 178 83.42 -75.66 37.35
C SER AA 178 83.47 -76.47 36.06
N SER AA 179 84.66 -76.96 35.73
CA SER AA 179 84.84 -77.77 34.53
C SER AA 179 85.38 -79.15 34.88
N TYR AA 180 84.94 -80.16 34.15
CA TYR AA 180 85.26 -81.54 34.49
C TYR AA 180 85.84 -82.35 33.34
N LEU AA 181 87.15 -82.28 33.16
CA LEU AA 181 87.83 -83.20 32.27
C LEU AA 181 87.88 -84.56 32.95
N THR AA 182 87.22 -85.55 32.36
CA THR AA 182 87.19 -86.89 32.94
C THR AA 182 88.00 -87.88 32.10
N LEU AA 183 88.96 -88.54 32.75
CA LEU AA 183 89.85 -89.46 32.06
C LEU AA 183 89.84 -90.84 32.71
N THR AA 184 90.17 -91.85 31.90
CA THR AA 184 90.29 -93.22 32.39
C THR AA 184 91.55 -93.35 33.24
N ALA AA 185 91.68 -94.47 33.94
CA ALA AA 185 92.90 -94.77 34.68
C ALA AA 185 94.10 -94.70 33.75
N ARG AA 186 94.01 -95.45 32.66
CA ARG AA 186 95.08 -95.53 31.68
C ARG AA 186 95.34 -94.17 31.04
N ALA AA 187 94.28 -93.39 30.86
CA ALA AA 187 94.37 -92.08 30.24
C ALA AA 187 95.25 -91.14 31.05
N TRP AA 188 95.05 -91.16 32.36
CA TRP AA 188 95.81 -90.31 33.26
C TRP AA 188 97.31 -90.56 33.15
N GLU AA 189 97.71 -91.82 33.33
CA GLU AA 189 99.12 -92.16 33.40
C GLU AA 189 99.81 -92.23 32.04
N ARG AA 190 99.02 -92.22 30.97
CA ARG AA 190 99.59 -92.29 29.62
C ARG AA 190 100.16 -90.93 29.22
N HIS AA 191 99.73 -89.89 29.91
CA HIS AA 191 100.22 -88.55 29.62
C HIS AA 191 100.99 -87.97 30.82
N SER AA 192 101.23 -86.67 30.79
CA SER AA 192 101.97 -86.03 31.87
C SER AA 192 101.48 -84.62 32.16
N SER AA 193 101.48 -83.77 31.14
CA SER AA 193 101.05 -82.38 31.30
C SER AA 193 99.53 -82.22 31.16
N TYR AA 194 98.94 -81.39 32.01
CA TYR AA 194 97.51 -81.12 31.96
C TYR AA 194 97.25 -79.62 32.14
N SER AA 195 96.43 -79.05 31.28
CA SER AA 195 96.20 -77.60 31.32
C SER AA 195 94.72 -77.23 31.22
N CYS AA 196 94.28 -76.37 32.14
CA CYS AA 196 92.92 -75.87 32.17
C CYS AA 196 92.93 -74.35 31.95
N GLN AA 197 92.93 -73.93 30.68
CA GLN AA 197 93.00 -72.50 30.37
C GLN AA 197 91.62 -71.88 30.17
N VAL AA 198 91.34 -70.88 30.99
CA VAL AA 198 90.03 -70.22 31.00
C VAL AA 198 90.13 -68.83 30.39
N THR AA 199 89.27 -68.55 29.41
CA THR AA 199 89.25 -67.27 28.73
C THR AA 199 88.03 -66.45 29.15
N HIS AA 200 88.25 -65.16 29.42
CA HIS AA 200 87.17 -64.26 29.78
C HIS AA 200 87.52 -62.80 29.48
N GLU AA 201 86.65 -62.15 28.71
CA GLU AA 201 86.80 -60.74 28.32
C GLU AA 201 88.09 -60.53 27.51
N GLY AA 202 88.62 -61.59 26.93
CA GLY AA 202 89.81 -61.52 26.11
C GLY AA 202 91.02 -62.19 26.74
N HIS AA 203 91.22 -61.96 28.03
CA HIS AA 203 92.39 -62.46 28.75
C HIS AA 203 92.28 -63.96 29.03
N THR AA 204 93.42 -64.58 29.36
CA THR AA 204 93.47 -66.02 29.58
C THR AA 204 94.22 -66.35 30.87
N VAL AA 205 93.61 -67.19 31.70
CA VAL AA 205 94.19 -67.55 33.00
C VAL AA 205 94.49 -69.05 33.08
N GLU AA 206 95.56 -69.48 32.43
CA GLU AA 206 95.91 -70.90 32.34
C GLU AA 206 96.52 -71.45 33.63
N LYS AA 207 96.10 -72.65 34.02
CA LYS AA 207 96.66 -73.33 35.19
C LYS AA 207 97.33 -74.64 34.80
N SER AA 208 98.54 -74.86 35.30
CA SER AA 208 99.32 -76.06 34.98
C SER AA 208 99.05 -77.22 35.95
N LEU AA 209 99.59 -78.39 35.61
CA LEU AA 209 99.50 -79.58 36.44
C LEU AA 209 100.37 -80.68 35.84
N SER AA 210 100.85 -81.59 36.68
CA SER AA 210 101.66 -82.72 36.22
C SER AA 210 101.69 -83.85 37.25
N ARG AA 211 101.42 -85.07 36.80
CA ARG AA 211 101.52 -86.25 37.65
C ARG AA 211 102.99 -86.58 37.88
N ALA AA 212 103.27 -87.55 38.75
CA ALA AA 212 104.65 -87.90 39.06
C ALA AA 212 104.80 -89.26 39.73
N ASP AA 213 105.13 -90.29 38.95
CA ASP AA 213 105.39 -91.60 39.52
C ASP AA 213 106.74 -91.59 40.26
N CYS AA 214 107.00 -92.66 41.00
CA CYS AA 214 108.17 -92.70 41.87
C CYS AA 214 109.00 -93.96 41.64
N GLU BA 1 39.96 63.74 7.66
CA GLU BA 1 39.62 64.38 8.92
C GLU BA 1 38.90 65.70 8.69
N VAL BA 2 38.35 66.26 9.76
CA VAL BA 2 37.65 67.53 9.69
C VAL BA 2 38.53 68.67 10.20
N GLN BA 3 38.15 69.89 9.87
CA GLN BA 3 38.88 71.07 10.33
C GLN BA 3 37.97 72.29 10.43
N LEU BA 4 38.25 73.13 11.43
CA LEU BA 4 37.54 74.39 11.59
C LEU BA 4 38.52 75.54 11.77
N GLN BA 5 39.10 76.02 10.68
CA GLN BA 5 40.07 77.11 10.76
C GLN BA 5 39.38 78.45 10.84
N GLN BA 6 39.61 79.15 11.93
CA GLN BA 6 39.02 80.47 12.16
C GLN BA 6 39.95 81.56 11.64
N SER BA 7 39.54 82.82 11.84
CA SER BA 7 40.34 83.95 11.39
C SER BA 7 41.48 84.27 12.35
N GLY BA 8 42.41 85.13 11.91
CA GLY BA 8 43.52 85.56 12.74
C GLY BA 8 43.07 86.61 13.73
N PRO BA 9 43.82 86.78 14.84
CA PRO BA 9 43.45 87.69 15.92
C PRO BA 9 43.30 89.13 15.45
N GLU BA 10 42.43 89.88 16.11
CA GLU BA 10 42.15 91.25 15.69
C GLU BA 10 42.32 92.24 16.83
N LEU BA 11 42.74 93.44 16.47
CA LEU BA 11 42.92 94.52 17.43
C LEU BA 11 42.12 95.74 16.96
N VAL BA 12 41.08 96.09 17.71
CA VAL BA 12 40.21 97.22 17.31
C VAL BA 12 39.82 98.08 18.51
N ARG BA 13 39.33 99.28 18.22
CA ARG BA 13 38.97 100.24 19.28
C ARG BA 13 37.48 100.17 19.61
N PRO BA 14 37.13 100.49 20.88
CA PRO BA 14 35.74 100.48 21.35
C PRO BA 14 34.78 101.31 20.49
N GLY BA 15 33.60 100.78 20.23
CA GLY BA 15 32.63 101.43 19.38
C GLY BA 15 32.58 100.82 17.99
N ALA BA 16 33.72 100.30 17.54
CA ALA BA 16 33.81 99.68 16.21
C ALA BA 16 33.18 98.30 16.20
N SER BA 17 33.37 97.58 15.10
CA SER BA 17 32.81 96.25 14.94
C SER BA 17 33.58 95.46 13.87
N MET BA 18 33.58 94.14 14.00
CA MET BA 18 34.26 93.29 13.02
C MET BA 18 33.65 91.90 12.97
N LYS BA 19 34.08 91.11 12.00
CA LYS BA 19 33.50 89.80 11.75
C LYS BA 19 34.55 88.68 11.81
N ILE BA 20 34.28 87.68 12.64
CA ILE BA 20 35.18 86.53 12.77
C ILE BA 20 34.74 85.37 11.87
N SER BA 21 35.66 84.87 11.06
CA SER BA 21 35.34 83.79 10.13
C SER BA 21 35.62 82.43 10.75
N CYS BA 22 35.05 81.39 10.16
CA CYS BA 22 35.25 80.02 10.58
C CYS BA 22 35.00 79.06 9.43
N LYS BA 23 36.06 78.70 8.71
CA LYS BA 23 35.91 77.84 7.54
C LYS BA 23 35.83 76.36 7.93
N ALA BA 24 34.89 75.66 7.31
CA ALA BA 24 34.74 74.23 7.55
C ALA BA 24 35.30 73.43 6.38
N SER BA 25 35.73 72.21 6.69
CA SER BA 25 36.34 71.34 5.70
C SER BA 25 36.40 69.91 6.22
N GLY BA 26 35.98 68.95 5.41
CA GLY BA 26 36.05 67.56 5.78
C GLY BA 26 34.70 66.88 5.90
N TYR BA 27 33.63 67.68 5.95
CA TYR BA 27 32.27 67.16 6.07
C TYR BA 27 31.28 67.97 5.22
N SER BA 28 30.09 67.43 5.01
CA SER BA 28 29.03 68.17 4.33
C SER BA 28 28.57 69.35 5.19
N PHE BA 29 28.99 70.56 4.82
CA PHE BA 29 28.84 71.74 5.69
C PHE BA 29 27.42 72.02 6.11
N THR BA 30 26.50 71.85 5.17
CA THR BA 30 25.10 72.16 5.41
C THR BA 30 24.45 71.17 6.37
N GLY BA 31 25.18 70.15 6.80
CA GLY BA 31 24.60 69.11 7.61
C GLY BA 31 24.50 69.47 9.08
N TYR BA 32 25.64 69.78 9.67
CA TYR BA 32 25.72 70.01 11.10
C TYR BA 32 25.61 71.49 11.45
N THR BA 33 24.84 71.78 12.49
CA THR BA 33 24.66 73.14 12.98
C THR BA 33 25.96 73.64 13.63
N MET BA 34 26.07 74.94 13.86
CA MET BA 34 27.30 75.50 14.42
C MET BA 34 27.05 76.33 15.68
N ASN BA 35 27.94 76.22 16.66
CA ASN BA 35 27.86 77.02 17.89
C ASN BA 35 28.95 78.09 17.90
N TRP BA 36 28.84 79.02 18.86
CA TRP BA 36 29.88 80.04 19.09
C TRP BA 36 30.04 80.30 20.58
N VAL BA 37 31.28 80.20 21.07
CA VAL BA 37 31.53 80.31 22.51
C VAL BA 37 32.53 81.42 22.84
N LYS BA 38 32.19 82.22 23.85
CA LYS BA 38 33.05 83.31 24.30
C LYS BA 38 33.85 82.94 25.54
N GLN BA 39 35.17 82.99 25.43
CA GLN BA 39 36.05 82.71 26.56
C GLN BA 39 36.70 83.99 27.07
N SER BA 40 36.05 84.66 28.00
CA SER BA 40 36.56 85.90 28.56
C SER BA 40 37.54 85.61 29.70
N HIS BA 41 38.37 86.60 30.01
CA HIS BA 41 39.34 86.46 31.09
C HIS BA 41 38.65 86.46 32.45
N GLY BA 42 37.77 87.43 32.66
CA GLY BA 42 37.07 87.58 33.92
C GLY BA 42 36.01 86.52 34.17
N LYS BA 43 35.18 86.26 33.16
CA LYS BA 43 34.10 85.29 33.29
C LYS BA 43 34.45 83.92 32.70
N ASN BA 44 33.69 82.90 33.07
CA ASN BA 44 33.87 81.56 32.55
C ASN BA 44 33.49 81.46 31.07
N LEU BA 45 33.48 80.24 30.55
CA LEU BA 45 33.04 80.02 29.17
C LEU BA 45 31.58 80.41 28.99
N GLU BA 46 31.33 81.39 28.12
CA GLU BA 46 29.97 81.82 27.83
C GLU BA 46 29.51 81.31 26.47
N TRP BA 47 28.22 81.08 26.34
CA TRP BA 47 27.66 80.59 25.09
C TRP BA 47 26.92 81.72 24.36
N ILE BA 48 27.34 81.99 23.13
CA ILE BA 48 26.77 83.07 22.34
C ILE BA 48 25.44 82.66 21.69
N GLY BA 49 25.50 81.66 20.81
CA GLY BA 49 24.32 81.21 20.10
C GLY BA 49 24.62 80.10 19.10
N LEU BA 50 23.65 79.77 18.26
CA LEU BA 50 23.86 78.75 17.23
C LEU BA 50 23.16 79.03 15.90
N ILE BA 51 23.67 78.37 14.86
CA ILE BA 51 23.17 78.55 13.48
C ILE BA 51 23.21 77.27 12.60
N ASN BA 52 22.13 77.05 11.85
CA ASN BA 52 21.99 75.90 10.96
C ASN BA 52 22.26 76.25 9.51
N PRO BA 53 23.42 75.80 8.97
CA PRO BA 53 23.79 76.14 7.59
C PRO BA 53 22.74 75.81 6.55
N TYR BA 54 21.91 74.79 6.78
CA TYR BA 54 20.94 74.34 5.79
C TYR BA 54 19.66 75.13 6.00
N ASN BA 55 19.19 75.22 7.24
CA ASN BA 55 17.97 76.00 7.53
C ASN BA 55 18.19 77.50 7.31
N GLY BA 56 19.30 77.98 7.87
CA GLY BA 56 19.63 79.40 7.90
C GLY BA 56 19.10 80.13 9.12
N GLY BA 57 18.42 79.38 9.99
CA GLY BA 57 17.89 79.91 11.22
C GLY BA 57 19.00 80.09 12.26
N THR BA 58 18.74 80.95 13.25
CA THR BA 58 19.70 81.24 14.34
C THR BA 58 18.95 81.41 15.65
N SER BA 59 19.62 81.12 16.75
CA SER BA 59 19.04 81.35 18.06
C SER BA 59 20.14 81.79 19.01
N TYR BA 60 19.97 82.98 19.55
CA TYR BA 60 20.97 83.62 20.36
C TYR BA 60 20.65 83.46 21.82
N ASN BA 61 21.71 83.52 22.64
CA ASN BA 61 21.58 83.64 24.08
C ASN BA 61 20.85 84.95 24.38
N GLN BA 62 20.15 85.00 25.50
CA GLN BA 62 19.42 86.21 25.88
C GLN BA 62 20.36 87.38 26.18
N LYS BA 63 21.57 87.04 26.62
CA LYS BA 63 22.58 88.05 26.96
C LYS BA 63 23.17 88.72 25.72
N PHE BA 64 23.21 88.01 24.60
CA PHE BA 64 23.94 88.49 23.43
C PHE BA 64 23.02 89.03 22.33
N LYS BA 65 21.76 89.28 22.69
CA LYS BA 65 20.79 89.82 21.73
C LYS BA 65 21.23 91.18 21.23
N GLY BA 66 21.71 91.23 20.00
CA GLY BA 66 22.15 92.48 19.41
C GLY BA 66 23.65 92.65 19.46
N LYS BA 67 24.30 91.92 20.35
CA LYS BA 67 25.75 91.98 20.46
C LYS BA 67 26.41 91.13 19.37
N ALA BA 68 25.76 90.02 19.02
CA ALA BA 68 26.29 89.13 17.99
C ALA BA 68 25.27 88.87 16.89
N THR BA 69 25.78 88.55 15.70
CA THR BA 69 24.96 88.30 14.53
C THR BA 69 25.57 87.18 13.70
N LEU BA 70 24.99 85.99 13.81
CA LEU BA 70 25.52 84.83 13.11
C LEU BA 70 25.01 84.79 11.68
N THR BA 71 25.93 84.53 10.74
CA THR BA 71 25.57 84.35 9.34
C THR BA 71 26.31 83.14 8.78
N VAL BA 72 26.15 82.90 7.48
CA VAL BA 72 26.72 81.70 6.88
C VAL BA 72 26.73 81.80 5.35
N ASP BA 73 27.80 81.29 4.73
CA ASP BA 73 27.90 81.20 3.28
C ASP BA 73 28.10 79.75 2.83
N LYS BA 74 27.08 79.16 2.21
CA LYS BA 74 27.11 77.75 1.83
C LYS BA 74 28.14 77.45 0.74
N SER BA 75 28.40 78.42 -0.12
CA SER BA 75 29.27 78.21 -1.26
C SER BA 75 30.74 78.03 -0.85
N SER BA 76 31.10 78.54 0.32
CA SER BA 76 32.49 78.47 0.77
C SER BA 76 32.65 77.61 2.03
N SER BA 77 31.54 77.07 2.52
CA SER BA 77 31.50 76.28 3.75
C SER BA 77 32.09 77.05 4.93
N THR BA 78 31.45 78.16 5.27
CA THR BA 78 31.96 79.04 6.32
C THR BA 78 30.84 79.68 7.13
N ALA BA 79 30.98 79.66 8.46
CA ALA BA 79 30.07 80.37 9.33
C ALA BA 79 30.72 81.67 9.79
N TYR BA 80 29.92 82.72 9.94
CA TYR BA 80 30.45 84.02 10.34
C TYR BA 80 29.80 84.55 11.62
N MET BA 81 30.41 85.57 12.21
CA MET BA 81 29.87 86.19 13.42
C MET BA 81 30.31 87.64 13.57
N GLU BA 82 29.38 88.56 13.36
CA GLU BA 82 29.63 89.98 13.55
C GLU BA 82 29.47 90.37 15.01
N LEU BA 83 30.23 91.37 15.44
CA LEU BA 83 30.19 91.84 16.81
C LEU BA 83 30.09 93.35 16.85
N LEU BA 84 28.87 93.86 17.01
CA LEU BA 84 28.61 95.30 16.96
C LEU BA 84 28.79 95.95 18.33
N SER BA 85 29.12 97.24 18.32
CA SER BA 85 29.30 98.03 19.54
C SER BA 85 30.33 97.43 20.48
N LEU BA 86 31.50 97.07 19.95
CA LEU BA 86 32.58 96.49 20.74
C LEU BA 86 33.03 97.42 21.86
N THR BA 87 33.33 96.83 23.01
CA THR BA 87 33.84 97.58 24.16
C THR BA 87 35.06 96.87 24.77
N SER BA 88 35.44 97.30 25.97
CA SER BA 88 36.56 96.67 26.68
C SER BA 88 36.18 95.28 27.20
N GLU BA 89 34.89 95.08 27.45
CA GLU BA 89 34.35 93.83 27.99
C GLU BA 89 34.37 92.68 26.98
N ASP BA 90 34.09 93.01 25.72
CA ASP BA 90 33.97 92.01 24.66
C ASP BA 90 35.33 91.46 24.24
N SER BA 91 36.39 91.96 24.85
CA SER BA 91 37.73 91.46 24.60
C SER BA 91 37.87 90.06 25.17
N ALA BA 92 38.04 89.08 24.29
CA ALA BA 92 38.14 87.68 24.69
C ALA BA 92 38.63 86.79 23.55
N VAL BA 93 38.56 85.48 23.77
CA VAL BA 93 38.86 84.51 22.72
C VAL BA 93 37.58 83.79 22.30
N TYR BA 94 37.28 83.83 21.01
CA TYR BA 94 36.03 83.28 20.52
C TYR BA 94 36.25 82.00 19.71
N TYR BA 95 35.49 80.95 20.05
CA TYR BA 95 35.57 79.67 19.34
C TYR BA 95 34.28 79.37 18.61
N CYS BA 96 34.39 78.64 17.50
CA CYS BA 96 33.21 78.11 16.86
C CYS BA 96 33.19 76.59 17.05
N ALA BA 97 32.05 76.07 17.46
CA ALA BA 97 31.92 74.66 17.77
C ALA BA 97 30.76 74.00 17.03
N ARG BA 98 31.08 72.91 16.32
CA ARG BA 98 30.10 72.16 15.54
C ARG BA 98 29.26 71.26 16.43
N ASP BA 99 28.01 71.03 16.03
CA ASP BA 99 27.21 70.01 16.68
C ASP BA 99 27.61 68.66 16.10
N GLY BA 100 27.17 67.58 16.71
CA GLY BA 100 27.63 66.25 16.32
C GLY BA 100 26.70 65.42 15.47
N ASP BA 101 25.46 65.88 15.30
CA ASP BA 101 24.47 65.07 14.59
C ASP BA 101 24.21 65.59 13.18
N TYR BA 102 23.94 64.64 12.29
CA TYR BA 102 23.74 64.90 10.86
C TYR BA 102 22.34 65.40 10.55
N TYR BA 103 22.25 66.67 10.12
CA TYR BA 103 20.98 67.30 9.77
C TYR BA 103 19.94 67.23 10.88
N ARG BA 104 20.40 67.44 12.11
CA ARG BA 104 19.54 67.46 13.29
C ARG BA 104 20.31 67.97 14.53
N TYR BA 105 19.62 68.70 15.40
CA TYR BA 105 20.26 69.24 16.61
C TYR BA 105 20.32 68.19 17.72
N GLY BA 106 21.45 67.49 17.80
CA GLY BA 106 21.62 66.47 18.81
C GLY BA 106 22.02 67.04 20.15
N ARG BA 107 22.21 68.36 20.19
CA ARG BA 107 22.57 69.06 21.41
C ARG BA 107 23.86 68.54 22.04
N TYR BA 108 24.88 68.26 21.24
CA TYR BA 108 26.16 67.88 21.82
C TYR BA 108 27.33 68.32 20.98
N PHE BA 109 28.41 68.68 21.65
CA PHE BA 109 29.54 69.34 21.01
C PHE BA 109 30.52 68.37 20.36
N ASP BA 110 30.92 68.70 19.15
CA ASP BA 110 31.80 67.85 18.35
C ASP BA 110 33.21 68.41 18.28
N TYR BA 111 33.51 69.07 17.16
CA TYR BA 111 34.83 69.66 16.95
C TYR BA 111 34.82 71.15 17.25
N TRP BA 112 35.95 71.66 17.73
CA TRP BA 112 36.09 73.09 17.94
C TRP BA 112 37.18 73.65 17.04
N GLY BA 113 37.12 74.96 16.79
CA GLY BA 113 38.17 75.64 16.07
C GLY BA 113 39.29 75.99 17.03
N GLN BA 114 40.41 76.46 16.49
CA GLN BA 114 41.55 76.82 17.33
C GLN BA 114 41.24 78.07 18.13
N GLY BA 115 40.25 78.84 17.68
CA GLY BA 115 39.85 80.04 18.39
C GLY BA 115 40.39 81.29 17.75
N THR BA 116 39.89 82.43 18.20
CA THR BA 116 40.34 83.72 17.71
C THR BA 116 40.39 84.73 18.83
N THR BA 117 41.57 85.28 19.06
CA THR BA 117 41.77 86.24 20.14
C THR BA 117 41.38 87.66 19.72
N LEU BA 118 40.33 88.17 20.33
CA LEU BA 118 39.86 89.52 20.05
C LEU BA 118 40.27 90.48 21.16
N THR BA 119 41.21 91.36 20.85
CA THR BA 119 41.65 92.37 21.80
C THR BA 119 41.06 93.74 21.46
N VAL BA 120 40.11 94.19 22.26
CA VAL BA 120 39.49 95.49 22.02
C VAL BA 120 39.86 96.48 23.12
N SER BA 121 40.73 97.43 22.77
CA SER BA 121 41.15 98.46 23.70
C SER BA 121 41.32 99.79 22.99
N SER BA 122 41.18 100.88 23.74
CA SER BA 122 41.34 102.22 23.20
C SER BA 122 42.68 102.82 23.61
N ALA BA 123 43.62 101.95 23.97
CA ALA BA 123 44.94 102.40 24.39
C ALA BA 123 45.91 102.46 23.22
N LYS BA 124 46.82 103.42 23.27
CA LYS BA 124 47.82 103.60 22.23
C LYS BA 124 48.96 102.62 22.39
N THR BA 125 50.00 102.80 21.57
CA THR BA 125 51.20 102.01 21.67
C THR BA 125 52.13 102.60 22.73
N THR BA 126 52.71 101.75 23.56
CA THR BA 126 53.50 102.23 24.68
C THR BA 126 54.72 101.34 24.97
N PRO BA 127 55.92 101.96 25.00
CA PRO BA 127 57.19 101.30 25.30
C PRO BA 127 57.23 100.74 26.72
N PRO BA 128 58.03 99.68 26.94
CA PRO BA 128 58.14 99.00 28.24
C PRO BA 128 59.01 99.75 29.25
N SER BA 129 58.46 99.99 30.44
CA SER BA 129 59.22 100.61 31.53
C SER BA 129 59.76 99.54 32.47
N VAL BA 130 60.99 99.11 32.22
CA VAL BA 130 61.57 97.99 32.93
C VAL BA 130 62.31 98.42 34.21
N TYR BA 131 61.98 97.78 35.32
CA TYR BA 131 62.63 98.07 36.59
C TYR BA 131 63.41 96.86 37.11
N PRO BA 132 64.67 97.08 37.52
CA PRO BA 132 65.50 96.01 38.11
C PRO BA 132 64.97 95.55 39.47
N LEU BA 133 64.93 94.23 39.67
CA LEU BA 133 64.47 93.67 40.94
C LEU BA 133 65.52 92.73 41.55
N ALA BA 134 65.88 93.00 42.80
CA ALA BA 134 66.87 92.19 43.50
C ALA BA 134 66.40 91.94 44.94
N PRO BA 135 66.96 90.90 45.59
CA PRO BA 135 66.60 90.62 46.99
C PRO BA 135 66.94 91.77 47.93
N GLY BA 136 65.98 92.17 48.75
CA GLY BA 136 66.16 93.25 49.70
C GLY BA 136 65.99 92.77 51.13
N SER BA 137 67.01 93.01 51.94
CA SER BA 137 67.03 92.57 53.35
C SER BA 137 66.82 91.06 53.45
N ALA BA 138 67.61 90.31 52.68
CA ALA BA 138 67.55 88.85 52.71
C ALA BA 138 68.29 88.33 53.92
N ALA BA 139 67.82 87.21 54.48
CA ALA BA 139 68.35 86.67 55.72
C ALA BA 139 69.60 85.82 55.50
N GLN BA 140 69.62 85.07 54.41
CA GLN BA 140 70.77 84.22 54.10
C GLN BA 140 70.84 83.86 52.62
N THR BA 141 72.05 83.58 52.16
CA THR BA 141 72.27 83.12 50.80
C THR BA 141 72.62 81.64 50.82
N ASN BA 142 71.86 80.84 50.09
CA ASN BA 142 72.03 79.39 50.15
C ASN BA 142 72.33 78.74 48.79
N SER BA 143 73.55 78.95 48.31
CA SER BA 143 74.04 78.31 47.08
C SER BA 143 73.16 78.55 45.87
N MET BA 144 72.38 79.63 45.92
CA MET BA 144 71.40 79.93 44.89
C MET BA 144 70.89 81.35 45.07
N VAL BA 145 70.43 81.96 43.98
CA VAL BA 145 69.79 83.26 44.06
C VAL BA 145 68.81 83.48 42.91
N THR BA 146 67.57 83.82 43.26
CA THR BA 146 66.58 84.20 42.26
C THR BA 146 66.54 85.71 42.13
N LEU BA 147 66.56 86.19 40.89
CA LEU BA 147 66.54 87.62 40.61
C LEU BA 147 65.29 87.98 39.83
N GLY BA 148 65.01 89.28 39.73
CA GLY BA 148 63.80 89.73 39.08
C GLY BA 148 63.97 90.81 38.04
N CYS BA 149 62.96 90.99 37.20
CA CYS BA 149 62.96 92.01 36.18
C CYS BA 149 61.52 92.36 35.78
N LEU BA 150 60.99 93.42 36.38
CA LEU BA 150 59.58 93.77 36.22
C LEU BA 150 59.36 94.68 35.01
N VAL BA 151 58.67 94.16 33.99
CA VAL BA 151 58.38 94.92 32.78
C VAL BA 151 56.98 95.53 32.89
N LYS BA 152 56.92 96.79 33.31
CA LYS BA 152 55.65 97.41 33.67
C LYS BA 152 55.22 98.51 32.71
N GLY BA 153 54.05 98.33 32.12
CA GLY BA 153 53.43 99.38 31.30
C GLY BA 153 53.79 99.33 29.83
N TYR BA 154 53.20 98.39 29.11
CA TYR BA 154 53.41 98.29 27.67
C TYR BA 154 52.11 97.91 26.96
N PHE BA 155 52.02 98.27 25.68
CA PHE BA 155 50.83 97.98 24.88
C PHE BA 155 51.12 98.16 23.39
N PRO BA 156 50.71 97.19 22.57
CA PRO BA 156 50.10 95.94 23.01
C PRO BA 156 51.12 94.81 23.14
N GLU BA 157 50.66 93.65 23.59
CA GLU BA 157 51.49 92.47 23.73
C GLU BA 157 51.99 91.99 22.36
N PRO BA 158 53.07 91.18 22.34
CA PRO BA 158 53.87 90.66 23.45
C PRO BA 158 55.21 91.33 23.63
N VAL BA 159 55.94 90.87 24.66
CA VAL BA 159 57.33 91.25 24.85
C VAL BA 159 58.15 89.98 24.93
N THR BA 160 59.43 90.06 24.57
CA THR BA 160 60.29 88.89 24.54
C THR BA 160 61.45 89.04 25.51
N VAL BA 161 61.41 88.30 26.61
CA VAL BA 161 62.39 88.44 27.68
C VAL BA 161 63.49 87.40 27.62
N THR BA 162 64.73 87.87 27.55
CA THR BA 162 65.89 87.00 27.65
C THR BA 162 66.88 87.58 28.67
N TRP BA 163 67.89 86.80 29.03
CA TRP BA 163 68.89 87.26 30.00
C TRP BA 163 70.30 87.17 29.43
N ASN BA 164 70.99 88.32 29.43
CA ASN BA 164 72.34 88.43 28.86
C ASN BA 164 72.39 88.00 27.39
N SER BA 165 71.37 88.40 26.64
CA SER BA 165 71.26 88.11 25.20
C SER BA 165 71.26 86.61 24.90
N GLY BA 166 70.53 85.84 25.71
CA GLY BA 166 70.39 84.41 25.49
C GLY BA 166 71.62 83.60 25.84
N SER BA 167 72.42 84.12 26.77
CA SER BA 167 73.65 83.45 27.18
C SER BA 167 73.36 82.10 27.83
N LEU BA 168 72.68 82.15 28.98
CA LEU BA 168 72.27 80.94 29.68
C LEU BA 168 70.82 80.59 29.35
N SER BA 169 70.60 79.34 28.96
CA SER BA 169 69.25 78.87 28.69
C SER BA 169 68.83 77.88 29.76
N SER BA 170 69.13 78.21 31.01
CA SER BA 170 68.87 77.32 32.13
C SER BA 170 68.25 78.07 33.32
N GLY BA 171 66.98 77.83 33.57
CA GLY BA 171 66.31 78.37 34.74
C GLY BA 171 65.73 79.76 34.52
N VAL BA 172 65.44 80.10 33.27
CA VAL BA 172 64.83 81.38 32.96
C VAL BA 172 63.31 81.28 32.99
N HIS BA 173 62.71 81.85 34.02
CA HIS BA 173 61.27 81.83 34.19
C HIS BA 173 60.64 83.09 33.59
N THR BA 174 59.46 82.93 33.00
CA THR BA 174 58.72 84.07 32.48
C THR BA 174 57.23 83.90 32.73
N PHE BA 175 56.67 84.81 33.51
CA PHE BA 175 55.29 84.71 33.97
C PHE BA 175 54.29 85.30 32.98
N PRO BA 176 53.04 84.81 33.02
CA PRO BA 176 51.95 85.41 32.24
C PRO BA 176 51.75 86.89 32.59
N ALA BA 177 51.32 87.68 31.61
CA ALA BA 177 51.19 89.11 31.79
C ALA BA 177 49.85 89.52 32.41
N VAL BA 178 49.83 89.68 33.73
CA VAL BA 178 48.63 90.15 34.41
C VAL BA 178 48.56 91.67 34.30
N LEU BA 179 47.46 92.19 33.76
CA LEU BA 179 47.38 93.59 33.40
C LEU BA 179 46.52 94.43 34.33
N GLN BA 180 46.97 95.66 34.58
CA GLN BA 180 46.17 96.64 35.30
C GLN BA 180 45.25 97.35 34.32
N SER BA 181 44.54 98.36 34.80
CA SER BA 181 43.69 99.14 33.93
C SER BA 181 44.53 99.95 32.95
N ASP BA 182 44.26 99.76 31.66
CA ASP BA 182 44.90 100.49 30.56
C ASP BA 182 46.35 100.08 30.28
N LEU BA 183 47.02 99.48 31.27
CA LEU BA 183 48.42 99.09 31.12
C LEU BA 183 48.62 97.59 31.26
N TYR BA 184 49.50 97.02 30.46
CA TYR BA 184 49.85 95.59 30.58
C TYR BA 184 51.16 95.45 31.34
N THR BA 185 51.35 94.31 32.00
CA THR BA 185 52.51 94.12 32.87
C THR BA 185 52.84 92.64 33.11
N LEU BA 186 54.13 92.29 33.03
CA LEU BA 186 54.57 90.94 33.41
C LEU BA 186 55.90 90.98 34.15
N SER BA 187 56.56 89.83 34.22
CA SER BA 187 57.85 89.72 34.90
C SER BA 187 58.64 88.51 34.40
N SER BA 188 59.81 88.29 34.99
CA SER BA 188 60.67 87.18 34.57
C SER BA 188 61.78 86.88 35.59
N SER BA 189 61.89 85.61 35.98
CA SER BA 189 62.88 85.19 36.97
C SER BA 189 64.08 84.49 36.34
N VAL BA 190 65.09 84.22 37.15
CA VAL BA 190 66.26 83.46 36.71
C VAL BA 190 66.98 82.87 37.91
N THR BA 191 67.52 81.67 37.73
CA THR BA 191 68.25 80.97 38.79
C THR BA 191 69.70 80.79 38.41
N VAL BA 192 70.60 81.22 39.31
CA VAL BA 192 72.03 81.10 39.09
C VAL BA 192 72.74 80.77 40.41
N PRO BA 193 73.86 80.02 40.32
CA PRO BA 193 74.67 79.78 41.51
C PRO BA 193 75.13 81.10 42.14
N SER BA 194 75.30 81.09 43.46
CA SER BA 194 75.56 82.33 44.20
C SER BA 194 76.96 82.90 43.98
N SER BA 195 77.89 82.06 43.52
CA SER BA 195 79.27 82.49 43.35
C SER BA 195 79.56 82.92 41.91
N THR BA 196 78.69 82.52 40.99
CA THR BA 196 78.88 82.82 39.58
C THR BA 196 78.44 84.24 39.25
N TRP BA 197 77.49 84.75 40.03
CA TRP BA 197 76.89 86.06 39.77
C TRP BA 197 77.78 87.28 40.03
N PRO BA 198 78.54 87.29 41.15
CA PRO BA 198 79.35 88.51 41.36
C PRO BA 198 80.49 88.70 40.35
N SER BA 199 80.71 87.73 39.47
CA SER BA 199 81.76 87.84 38.48
C SER BA 199 81.23 87.88 37.06
N GLU BA 200 80.11 87.22 36.82
CA GLU BA 200 79.55 87.09 35.47
C GLU BA 200 78.73 88.32 35.06
N THR BA 201 78.19 89.04 36.05
CA THR BA 201 77.36 90.22 35.82
C THR BA 201 76.03 89.85 35.16
N VAL BA 202 75.02 90.71 35.31
CA VAL BA 202 73.69 90.41 34.80
C VAL BA 202 73.14 91.55 33.95
N THR BA 203 72.37 91.19 32.91
CA THR BA 203 71.69 92.18 32.09
C THR BA 203 70.34 91.67 31.60
N CYS BA 204 69.27 92.30 32.07
CA CYS BA 204 67.92 91.93 31.68
C CYS BA 204 67.64 92.43 30.26
N ASN BA 205 67.16 91.55 29.39
CA ASN BA 205 66.91 91.92 28.00
C ASN BA 205 65.42 91.95 27.65
N VAL BA 206 64.88 93.14 27.44
CA VAL BA 206 63.48 93.31 27.13
C VAL BA 206 63.26 94.02 25.79
N ALA BA 207 62.68 93.29 24.83
CA ALA BA 207 62.45 93.83 23.50
C ALA BA 207 60.96 93.98 23.22
N HIS BA 208 60.59 95.13 22.67
CA HIS BA 208 59.19 95.46 22.43
C HIS BA 208 58.97 95.75 20.94
N PRO BA 209 58.52 94.74 20.19
CA PRO BA 209 58.38 94.82 18.72
C PRO BA 209 57.29 95.77 18.24
N ALA BA 210 56.36 96.15 19.10
CA ALA BA 210 55.25 97.01 18.70
C ALA BA 210 55.72 98.45 18.53
N SER BA 211 56.75 98.80 19.27
CA SER BA 211 57.34 100.13 19.18
C SER BA 211 58.78 100.00 18.72
N SER BA 212 59.16 98.76 18.41
CA SER BA 212 60.51 98.44 17.97
C SER BA 212 61.54 98.80 19.06
N THR BA 213 61.10 98.73 20.31
CA THR BA 213 61.95 99.11 21.44
C THR BA 213 62.62 97.90 22.08
N LYS BA 214 63.94 97.96 22.23
CA LYS BA 214 64.69 96.89 22.88
C LYS BA 214 65.48 97.44 24.06
N VAL BA 215 65.24 96.88 25.24
CA VAL BA 215 65.79 97.45 26.47
C VAL BA 215 66.75 96.51 27.19
N ASP BA 216 67.85 97.06 27.69
CA ASP BA 216 68.77 96.33 28.55
C ASP BA 216 68.79 96.94 29.94
N LYS BA 217 68.66 96.11 30.97
CA LYS BA 217 68.63 96.62 32.33
C LYS BA 217 69.46 95.78 33.29
N LYS BA 218 70.65 96.28 33.62
CA LYS BA 218 71.55 95.61 34.55
C LYS BA 218 71.04 95.74 35.99
N ILE BA 219 70.98 94.62 36.69
CA ILE BA 219 70.44 94.59 38.05
C ILE BA 219 71.52 94.88 39.08
N VAL BA 220 71.28 95.90 39.90
CA VAL BA 220 72.23 96.32 40.91
C VAL BA 220 71.89 95.76 42.30
N PRO BA 221 72.76 94.91 42.84
CA PRO BA 221 72.53 94.25 44.13
C PRO BA 221 72.94 95.09 45.34
N ARG BA 222 73.03 96.41 45.18
CA ARG BA 222 73.55 97.26 46.24
C ARG BA 222 72.59 97.47 47.43
N ASP BA 223 71.42 96.85 47.38
CA ASP BA 223 70.45 97.00 48.47
C ASP BA 223 69.92 95.64 48.93
N GLU CA 1 5.70 18.15 24.83
CA GLU CA 1 4.90 18.61 25.96
C GLU CA 1 5.35 19.97 26.47
N VAL CA 2 4.55 20.58 27.31
CA VAL CA 2 4.88 21.88 27.88
C VAL CA 2 5.41 21.71 29.30
N GLN CA 3 6.08 22.74 29.81
CA GLN CA 3 6.61 22.71 31.18
C GLN CA 3 6.71 24.11 31.77
N LEU CA 4 6.47 24.18 33.08
CA LEU CA 4 6.63 25.43 33.83
C LEU CA 4 7.49 25.21 35.08
N GLN CA 5 8.81 25.16 34.92
CA GLN CA 5 9.70 24.96 36.05
C GLN CA 5 9.96 26.26 36.81
N GLN CA 6 9.58 26.28 38.08
CA GLN CA 6 9.75 27.45 38.93
C GLN CA 6 11.07 27.38 39.68
N SER CA 7 11.33 28.37 40.54
CA SER CA 7 12.57 28.42 41.30
C SER CA 7 12.51 27.53 42.54
N GLY CA 8 13.67 27.33 43.17
CA GLY CA 8 13.75 26.53 44.38
C GLY CA 8 13.26 27.32 45.57
N PRO CA 9 12.86 26.61 46.63
CA PRO CA 9 12.29 27.24 47.83
C PRO CA 9 13.27 28.22 48.48
N GLU CA 10 12.72 29.26 49.10
CA GLU CA 10 13.56 30.31 49.68
C GLU CA 10 13.25 30.55 51.14
N LEU CA 11 14.28 30.90 51.91
CA LEU CA 11 14.12 31.22 53.32
C LEU CA 11 14.68 32.61 53.59
N VAL CA 12 13.81 33.55 53.92
CA VAL CA 12 14.23 34.93 54.13
C VAL CA 12 13.54 35.55 55.34
N ARG CA 13 14.11 36.65 55.82
CA ARG CA 13 13.62 37.32 57.03
C ARG CA 13 12.67 38.46 56.70
N PRO CA 14 11.73 38.76 57.62
CA PRO CA 14 10.74 39.84 57.47
C PRO CA 14 11.35 41.18 57.13
N GLY CA 15 10.74 41.90 56.19
CA GLY CA 15 11.25 43.18 55.74
C GLY CA 15 11.97 43.06 54.41
N ALA CA 16 12.58 41.91 54.17
CA ALA CA 16 13.33 41.67 52.94
C ALA CA 16 12.40 41.46 51.76
N SER CA 17 12.99 41.05 50.64
CA SER CA 17 12.23 40.83 49.41
C SER CA 17 13.02 39.92 48.47
N MET CA 18 12.32 39.16 47.64
CA MET CA 18 12.98 38.29 46.68
C MET CA 18 12.09 38.03 45.47
N LYS CA 19 12.64 37.37 44.45
CA LYS CA 19 11.95 37.16 43.19
C LYS CA 19 11.86 35.67 42.82
N ILE CA 20 10.63 35.21 42.55
CA ILE CA 20 10.41 33.84 42.15
C ILE CA 20 10.34 33.71 40.62
N SER CA 21 11.12 32.80 40.07
CA SER CA 21 11.14 32.61 38.62
C SER CA 21 10.18 31.52 38.18
N CYS CA 22 9.87 31.52 36.88
CA CYS CA 22 9.01 30.50 36.28
C CYS CA 22 9.32 30.35 34.80
N LYS CA 23 10.20 29.41 34.47
CA LYS CA 23 10.61 29.24 33.09
C LYS CA 23 9.60 28.43 32.31
N ALA CA 24 9.28 28.89 31.11
CA ALA CA 24 8.34 28.19 30.23
C ALA CA 24 9.11 27.46 29.13
N SER CA 25 8.52 26.37 28.66
CA SER CA 25 9.13 25.54 27.62
C SER CA 25 8.09 24.61 27.00
N GLY CA 26 8.06 24.57 25.67
CA GLY CA 26 7.13 23.71 24.97
C GLY CA 26 6.14 24.47 24.10
N TYR CA 27 6.04 25.77 24.33
CA TYR CA 27 5.11 26.60 23.56
C TYR CA 27 5.69 27.98 23.24
N SER CA 28 5.03 28.67 22.31
CA SER CA 28 5.39 30.06 21.99
C SER CA 28 5.08 30.94 23.20
N PHE CA 29 6.11 31.33 23.93
CA PHE CA 29 5.95 31.97 25.23
C PHE CA 29 5.11 33.25 25.18
N THR CA 30 5.34 34.06 24.15
CA THR CA 30 4.69 35.36 24.04
C THR CA 30 3.20 35.23 23.72
N GLY CA 31 2.74 33.99 23.57
CA GLY CA 31 1.37 33.74 23.19
C GLY CA 31 0.38 33.74 24.34
N TYR CA 32 0.60 32.89 25.33
CA TYR CA 32 -0.36 32.73 26.40
C TYR CA 32 0.00 33.58 27.62
N THR CA 33 -1.00 34.27 28.18
CA THR CA 33 -0.79 35.07 29.38
C THR CA 33 -0.53 34.18 30.61
N MET CA 34 0.00 34.78 31.68
CA MET CA 34 0.41 34.02 32.86
C MET CA 34 -0.26 34.50 34.14
N ASN CA 35 -0.65 33.57 35.01
CA ASN CA 35 -1.22 33.91 36.30
C ASN CA 35 -0.26 33.63 37.45
N TRP CA 36 -0.61 34.10 38.65
CA TRP CA 36 0.15 33.79 39.87
C TRP CA 36 -0.79 33.57 41.04
N VAL CA 37 -0.65 32.41 41.71
CA VAL CA 37 -1.57 32.03 42.78
C VAL CA 37 -0.86 31.74 44.09
N LYS CA 38 -1.40 32.30 45.17
CA LYS CA 38 -0.85 32.13 46.50
C LYS CA 38 -1.62 31.07 47.29
N GLN CA 39 -0.93 30.03 47.73
CA GLN CA 39 -1.54 28.99 48.57
C GLN CA 39 -1.02 29.09 49.99
N SER CA 40 -1.71 29.86 50.81
CA SER CA 40 -1.30 30.02 52.21
C SER CA 40 -1.85 28.89 53.07
N HIS CA 41 -1.23 28.70 54.23
CA HIS CA 41 -1.67 27.68 55.17
C HIS CA 41 -3.01 28.05 55.80
N GLY CA 42 -3.11 29.29 56.30
CA GLY CA 42 -4.31 29.76 56.96
C GLY CA 42 -5.48 30.00 56.02
N LYS CA 43 -5.21 30.68 54.91
CA LYS CA 43 -6.26 31.03 53.95
C LYS CA 43 -6.30 30.08 52.75
N ASN CA 44 -7.40 30.11 52.02
CA ASN CA 44 -7.56 29.31 50.81
C ASN CA 44 -6.64 29.76 49.69
N LEU CA 45 -6.83 29.19 48.50
CA LEU CA 45 -6.08 29.64 47.33
C LEU CA 45 -6.42 31.09 46.98
N GLU CA 46 -5.42 31.97 47.02
CA GLU CA 46 -5.62 33.37 46.66
C GLU CA 46 -5.04 33.66 45.29
N TRP CA 47 -5.62 34.64 44.59
CA TRP CA 47 -5.13 35.02 43.26
C TRP CA 47 -4.39 36.35 43.30
N ILE CA 48 -3.14 36.33 42.86
CA ILE CA 48 -2.29 37.51 42.91
C ILE CA 48 -2.58 38.46 41.76
N GLY CA 49 -2.36 38.00 40.54
CA GLY CA 49 -2.59 38.81 39.36
C GLY CA 49 -2.20 38.07 38.11
N LEU CA 50 -2.20 38.77 36.97
CA LEU CA 50 -1.80 38.16 35.71
C LEU CA 50 -0.99 39.12 34.85
N ILE CA 51 -0.25 38.56 33.91
CA ILE CA 51 0.64 39.35 33.07
C ILE CA 51 0.67 38.82 31.65
N ASN CA 52 0.70 39.74 30.69
CA ASN CA 52 0.74 39.39 29.28
C ASN CA 52 2.16 39.49 28.76
N PRO CA 53 2.77 38.33 28.46
CA PRO CA 53 4.14 38.18 27.98
C PRO CA 53 4.44 39.06 26.76
N TYR CA 54 3.41 39.31 25.95
CA TYR CA 54 3.57 40.04 24.72
C TYR CA 54 3.53 41.54 24.93
N ASN CA 55 2.46 41.99 25.59
CA ASN CA 55 2.27 43.39 25.94
C ASN CA 55 3.24 43.87 27.00
N GLY CA 56 3.40 43.06 28.04
CA GLY CA 56 4.06 43.50 29.24
C GLY CA 56 3.00 44.11 30.14
N GLY CA 57 1.76 44.08 29.67
CA GLY CA 57 0.66 44.62 30.44
C GLY CA 57 0.33 43.71 31.61
N THR CA 58 -0.15 44.29 32.70
CA THR CA 58 -0.42 43.54 33.91
C THR CA 58 -1.71 43.99 34.57
N SER CA 59 -2.30 43.11 35.37
CA SER CA 59 -3.45 43.46 36.20
C SER CA 59 -3.37 42.70 37.51
N TYR CA 60 -3.34 43.43 38.62
CA TYR CA 60 -3.16 42.84 39.95
C TYR CA 60 -4.48 42.71 40.71
N ASN CA 61 -4.53 41.77 41.65
CA ASN CA 61 -5.60 41.75 42.63
C ASN CA 61 -5.54 43.04 43.45
N GLN CA 62 -6.70 43.48 43.94
CA GLN CA 62 -6.77 44.69 44.74
C GLN CA 62 -6.05 44.48 46.06
N LYS CA 63 -6.01 43.24 46.52
CA LYS CA 63 -5.38 42.93 47.78
C LYS CA 63 -3.85 43.03 47.67
N PHE CA 64 -3.33 42.77 46.47
CA PHE CA 64 -1.89 42.61 46.30
C PHE CA 64 -1.20 43.83 45.67
N LYS CA 65 -1.90 44.96 45.63
CA LYS CA 65 -1.34 46.20 45.09
C LYS CA 65 -0.13 46.65 45.90
N GLY CA 66 1.07 46.45 45.34
CA GLY CA 66 2.29 46.87 46.00
C GLY CA 66 3.01 45.70 46.65
N LYS CA 67 2.28 44.64 46.93
CA LYS CA 67 2.87 43.46 47.54
C LYS CA 67 3.62 42.63 46.49
N ALA CA 68 3.09 42.62 45.27
CA ALA CA 68 3.69 41.84 44.18
C ALA CA 68 3.99 42.71 42.96
N THR CA 69 4.95 42.27 42.16
CA THR CA 69 5.34 42.98 40.96
C THR CA 69 5.73 41.99 39.86
N LEU CA 70 4.82 41.78 38.92
CA LEU CA 70 5.03 40.81 37.86
C LEU CA 70 5.86 41.37 36.71
N THR CA 71 6.87 40.62 36.29
CA THR CA 71 7.67 41.02 35.13
C THR CA 71 7.87 39.83 34.21
N VAL CA 72 8.66 40.03 33.15
CA VAL CA 72 8.80 39.01 32.13
C VAL CA 72 10.00 39.29 31.23
N ASP CA 73 10.71 38.22 30.86
CA ASP CA 73 11.81 38.31 29.92
C ASP CA 73 11.53 37.41 28.72
N LYS CA 74 11.28 38.02 27.56
CA LYS CA 74 10.91 37.28 26.36
C LYS CA 74 12.04 36.41 25.81
N SER CA 75 13.27 36.88 26.01
CA SER CA 75 14.44 36.21 25.44
C SER CA 75 14.72 34.85 26.08
N SER CA 76 14.24 34.65 27.29
CA SER CA 76 14.49 33.41 28.02
C SER CA 76 13.21 32.62 28.28
N SER CA 77 12.08 33.18 27.84
CA SER CA 77 10.77 32.58 28.06
C SER CA 77 10.50 32.33 29.55
N THR CA 78 10.47 33.40 30.33
CA THR CA 78 10.33 33.30 31.77
C THR CA 78 9.51 34.45 32.35
N ALA CA 79 8.57 34.12 33.24
CA ALA CA 79 7.83 35.14 33.97
C ALA CA 79 8.40 35.28 35.37
N TYR CA 80 8.40 36.49 35.90
CA TYR CA 80 8.97 36.73 37.23
C TYR CA 80 7.94 37.33 38.17
N MET CA 81 8.24 37.33 39.46
CA MET CA 81 7.35 37.91 40.46
C MET CA 81 8.10 38.36 41.72
N GLU CA 82 8.26 39.67 41.87
CA GLU CA 82 8.89 40.24 43.06
C GLU CA 82 7.90 40.39 44.20
N LEU CA 83 8.38 40.26 45.43
CA LEU CA 83 7.54 40.34 46.61
C LEU CA 83 8.18 41.24 47.66
N LEU CA 84 7.73 42.49 47.71
CA LEU CA 84 8.32 43.47 48.60
C LEU CA 84 7.69 43.48 49.99
N SER CA 85 8.47 43.91 50.97
CA SER CA 85 8.01 44.02 52.35
C SER CA 85 7.49 42.69 52.89
N LEU CA 86 8.26 41.63 52.70
CA LEU CA 86 7.88 40.30 53.15
C LEU CA 86 7.64 40.24 54.66
N THR CA 87 6.61 39.49 55.06
CA THR CA 87 6.31 39.30 56.47
C THR CA 87 6.05 37.83 56.79
N SER CA 88 5.54 37.58 57.99
CA SER CA 88 5.22 36.22 58.41
C SER CA 88 3.99 35.71 57.65
N GLU CA 89 3.14 36.64 57.24
CA GLU CA 89 1.90 36.33 56.55
C GLU CA 89 2.14 35.82 55.13
N ASP CA 90 3.13 36.41 54.46
CA ASP CA 90 3.40 36.10 53.06
C ASP CA 90 4.04 34.74 52.88
N SER CA 91 4.32 34.06 53.98
CA SER CA 91 4.90 32.73 53.93
C SER CA 91 3.90 31.76 53.35
N ALA CA 92 4.18 31.24 52.16
CA ALA CA 92 3.27 30.33 51.48
C ALA CA 92 3.93 29.61 50.32
N VAL CA 93 3.11 28.91 49.53
CA VAL CA 93 3.58 28.27 48.32
C VAL CA 93 2.97 28.99 47.12
N TYR CA 94 3.84 29.45 46.22
CA TYR CA 94 3.40 30.26 45.10
C TYR CA 94 3.49 29.49 43.78
N TYR CA 95 2.40 29.50 43.02
CA TYR CA 95 2.33 28.83 41.72
C TYR CA 95 2.17 29.82 40.59
N CYS CA 96 2.70 29.48 39.42
CA CYS CA 96 2.39 30.23 38.22
C CYS CA 96 1.53 29.36 37.31
N ALA CA 97 0.44 29.93 36.81
CA ALA CA 97 -0.49 29.16 35.99
C ALA CA 97 -0.74 29.86 34.66
N ARG CA 98 -0.57 29.11 33.58
CA ARG CA 98 -0.74 29.63 32.24
C ARG CA 98 -2.22 29.75 31.91
N ASP CA 99 -2.56 30.71 31.06
CA ASP CA 99 -3.90 30.76 30.49
C ASP CA 99 -3.96 29.77 29.32
N GLY CA 100 -5.16 29.48 28.83
CA GLY CA 100 -5.31 28.42 27.84
C GLY CA 100 -5.47 28.83 26.38
N ASP CA 101 -5.64 30.13 26.14
CA ASP CA 101 -5.90 30.60 24.79
C ASP CA 101 -4.69 31.31 24.17
N TYR CA 102 -4.56 31.14 22.86
CA TYR CA 102 -3.43 31.63 22.08
C TYR CA 102 -3.57 33.11 21.75
N TYR CA 103 -2.70 33.93 22.32
CA TYR CA 103 -2.70 35.37 22.11
C TYR CA 103 -4.04 36.02 22.41
N ARG CA 104 -4.68 35.56 23.49
CA ARG CA 104 -5.95 36.13 23.93
C ARG CA 104 -6.31 35.60 25.32
N TYR CA 105 -6.93 36.44 26.14
CA TYR CA 105 -7.32 36.05 27.48
C TYR CA 105 -8.64 35.27 27.43
N GLY CA 106 -8.53 33.94 27.39
CA GLY CA 106 -9.71 33.08 27.35
C GLY CA 106 -10.30 32.85 28.73
N ARG CA 107 -9.64 33.41 29.74
CA ARG CA 107 -10.09 33.34 31.14
C ARG CA 107 -10.27 31.91 31.67
N TYR CA 108 -9.31 31.03 31.35
CA TYR CA 108 -9.33 29.67 31.90
C TYR CA 108 -7.93 29.10 32.08
N PHE CA 109 -7.77 28.31 33.15
CA PHE CA 109 -6.46 27.85 33.56
C PHE CA 109 -5.98 26.62 32.82
N ASP CA 110 -4.72 26.65 32.40
CA ASP CA 110 -4.14 25.59 31.61
C ASP CA 110 -3.20 24.74 32.45
N TYR CA 111 -1.90 25.01 32.29
CA TYR CA 111 -0.87 24.27 33.03
C TYR CA 111 -0.38 25.04 34.25
N TRP CA 112 -0.01 24.31 35.30
CA TRP CA 112 0.55 24.93 36.50
C TRP CA 112 2.00 24.51 36.70
N GLY CA 113 2.76 25.33 37.42
CA GLY CA 113 4.10 24.98 37.79
C GLY CA 113 4.06 24.09 39.02
N GLN CA 114 5.19 23.52 39.39
CA GLN CA 114 5.24 22.64 40.55
C GLN CA 114 5.08 23.46 41.83
N GLY CA 115 5.35 24.76 41.72
CA GLY CA 115 5.19 25.67 42.85
C GLY CA 115 6.52 26.01 43.49
N THR CA 116 6.49 26.98 44.39
CA THR CA 116 7.68 27.38 45.13
C THR CA 116 7.31 27.72 46.57
N THR CA 117 7.91 27.01 47.51
CA THR CA 117 7.62 27.21 48.92
C THR CA 117 8.42 28.38 49.47
N LEU CA 118 7.72 29.43 49.87
CA LEU CA 118 8.37 30.60 50.46
C LEU CA 118 8.17 30.62 51.99
N THR CA 119 9.25 30.36 52.71
CA THR CA 119 9.20 30.39 54.16
C THR CA 119 9.85 31.68 54.69
N VAL CA 120 9.03 32.59 55.17
CA VAL CA 120 9.55 33.84 55.72
C VAL CA 120 9.32 33.86 57.22
N SER CA 121 10.37 33.56 57.97
CA SER CA 121 10.27 33.51 59.42
C SER CA 121 11.38 34.31 60.10
N SER CA 122 11.00 35.03 61.16
CA SER CA 122 11.93 35.87 61.90
C SER CA 122 12.73 35.06 62.93
N ALA CA 123 12.83 33.76 62.69
CA ALA CA 123 13.47 32.85 63.64
C ALA CA 123 14.89 32.46 63.24
N LYS CA 124 15.78 32.43 64.23
CA LYS CA 124 17.14 31.90 64.04
C LYS CA 124 17.06 30.38 63.98
N THR CA 125 18.06 29.74 63.39
CA THR CA 125 18.09 28.29 63.29
C THR CA 125 18.12 27.66 64.69
N THR CA 126 17.21 26.70 64.91
CA THR CA 126 17.07 26.06 66.22
C THR CA 126 17.12 24.54 66.05
N PRO CA 127 17.81 23.83 66.96
CA PRO CA 127 17.91 22.37 66.94
C PRO CA 127 16.72 21.66 67.57
N PRO CA 128 16.38 20.46 67.06
CA PRO CA 128 15.23 19.66 67.51
C PRO CA 128 15.44 19.04 68.89
N SER CA 129 14.45 19.21 69.77
CA SER CA 129 14.47 18.56 71.07
C SER CA 129 13.62 17.28 71.02
N VAL CA 130 14.28 16.13 70.96
CA VAL CA 130 13.58 14.86 70.76
C VAL CA 130 13.15 14.19 72.07
N TYR CA 131 11.84 13.96 72.23
CA TYR CA 131 11.31 13.30 73.42
C TYR CA 131 10.60 11.99 73.06
N PRO CA 132 10.92 10.91 73.79
CA PRO CA 132 10.34 9.58 73.52
C PRO CA 132 8.87 9.49 73.96
N LEU CA 133 8.04 8.86 73.13
CA LEU CA 133 6.62 8.70 73.44
C LEU CA 133 6.19 7.24 73.39
N ALA CA 134 5.56 6.80 74.48
CA ALA CA 134 5.14 5.42 74.66
C ALA CA 134 3.84 5.40 75.47
N PRO CA 135 3.10 4.27 75.44
CA PRO CA 135 1.86 4.22 76.23
C PRO CA 135 2.07 4.42 77.73
N GLY CA 136 0.99 4.64 78.47
CA GLY CA 136 1.08 4.87 79.90
C GLY CA 136 1.04 3.57 80.68
N SER CA 137 1.29 3.66 81.99
CA SER CA 137 1.25 2.48 82.85
C SER CA 137 -0.14 1.87 82.83
N ALA CA 138 -0.21 0.54 82.93
CA ALA CA 138 -1.43 -0.23 82.73
C ALA CA 138 -1.96 -0.09 81.30
N ALA CA 139 -3.00 -0.86 80.98
CA ALA CA 139 -3.53 -0.94 79.61
C ALA CA 139 -2.42 -1.31 78.64
N GLN CA 140 -1.80 -2.48 78.87
CA GLN CA 140 -0.60 -2.89 78.15
C GLN CA 140 -0.88 -4.06 77.19
N THR CA 141 0.20 -4.63 76.64
CA THR CA 141 0.14 -5.74 75.68
C THR CA 141 -0.92 -5.58 74.59
N ASN CA 142 -1.93 -6.46 74.62
CA ASN CA 142 -3.02 -6.47 73.63
C ASN CA 142 -2.49 -6.69 72.21
N SER CA 143 -2.74 -5.73 71.33
CA SER CA 143 -2.22 -5.79 69.96
C SER CA 143 -0.75 -5.37 69.92
N MET CA 144 -0.16 -5.34 68.74
CA MET CA 144 1.25 -4.99 68.60
C MET CA 144 1.53 -3.57 69.09
N VAL CA 145 2.65 -3.40 69.78
CA VAL CA 145 2.96 -2.15 70.47
C VAL CA 145 3.32 -1.02 69.52
N THR CA 146 2.66 0.13 69.71
CA THR CA 146 2.96 1.31 68.94
C THR CA 146 3.79 2.28 69.76
N LEU CA 147 4.97 2.63 69.25
CA LEU CA 147 5.84 3.59 69.92
C LEU CA 147 6.09 4.78 69.00
N GLY CA 148 6.73 5.82 69.51
CA GLY CA 148 6.98 6.99 68.69
C GLY CA 148 7.87 8.06 69.30
N CYS CA 149 8.51 8.83 68.41
CA CYS CA 149 9.32 9.96 68.80
C CYS CA 149 8.51 11.25 68.71
N LEU CA 150 9.05 12.32 69.31
CA LEU CA 150 8.42 13.64 69.20
C LEU CA 150 9.48 14.71 68.95
N VAL CA 151 9.58 15.14 67.70
CA VAL CA 151 10.48 16.23 67.34
C VAL CA 151 9.78 17.57 67.63
N LYS CA 152 10.33 18.32 68.57
CA LYS CA 152 9.68 19.55 69.03
C LYS CA 152 10.63 20.74 69.04
N GLY CA 153 10.15 21.87 68.51
CA GLY CA 153 10.89 23.11 68.54
C GLY CA 153 12.13 23.12 67.67
N TYR CA 154 11.96 22.80 66.40
CA TYR CA 154 13.08 22.83 65.44
C TYR CA 154 12.78 23.80 64.32
N PHE CA 155 13.83 24.27 63.65
CA PHE CA 155 13.70 25.23 62.55
C PHE CA 155 15.00 25.38 61.77
N PRO CA 156 14.92 25.41 60.43
CA PRO CA 156 13.69 25.20 59.66
C PRO CA 156 13.55 23.76 59.17
N GLU CA 157 12.43 23.47 58.51
CA GLU CA 157 12.19 22.15 57.92
C GLU CA 157 13.24 21.83 56.84
N PRO CA 158 13.44 20.52 56.53
CA PRO CA 158 12.76 19.34 57.05
C PRO CA 158 13.60 18.55 58.05
N VAL CA 159 13.00 17.50 58.60
CA VAL CA 159 13.71 16.55 59.44
C VAL CA 159 13.44 15.13 58.95
N THR CA 160 14.51 14.35 58.78
CA THR CA 160 14.38 12.96 58.35
C THR CA 160 14.32 12.05 59.57
N VAL CA 161 13.23 11.30 59.67
CA VAL CA 161 13.02 10.39 60.80
C VAL CA 161 13.17 8.94 60.35
N THR CA 162 14.14 8.25 60.91
CA THR CA 162 14.37 6.85 60.62
C THR CA 162 14.52 6.05 61.91
N TRP CA 163 14.45 4.73 61.81
CA TRP CA 163 14.46 3.89 63.00
C TRP CA 163 15.53 2.80 62.92
N ASN CA 164 16.37 2.75 63.96
CA ASN CA 164 17.51 1.82 64.04
C ASN CA 164 18.45 1.96 62.84
N SER CA 165 18.75 3.21 62.49
CA SER CA 165 19.62 3.54 61.36
C SER CA 165 19.08 3.02 60.03
N GLY CA 166 17.74 2.98 59.90
CA GLY CA 166 17.11 2.58 58.67
C GLY CA 166 16.97 1.07 58.49
N SER CA 167 16.37 0.42 59.47
CA SER CA 167 16.13 -1.02 59.40
C SER CA 167 14.63 -1.33 59.38
N LEU CA 168 13.90 -0.73 60.31
CA LEU CA 168 12.44 -0.86 60.34
C LEU CA 168 11.81 0.02 59.27
N SER CA 169 11.22 -0.62 58.25
CA SER CA 169 10.65 0.11 57.13
C SER CA 169 9.19 -0.28 56.87
N SER CA 170 8.48 -0.68 57.92
CA SER CA 170 7.05 -0.97 57.82
C SER CA 170 6.34 -0.51 59.08
N GLY CA 171 5.13 0.02 58.90
CA GLY CA 171 4.40 0.61 60.00
C GLY CA 171 4.96 1.98 60.35
N VAL CA 172 5.97 2.40 59.60
CA VAL CA 172 6.65 3.67 59.83
C VAL CA 172 5.87 4.84 59.24
N HIS CA 173 5.24 5.62 60.11
CA HIS CA 173 4.44 6.75 59.66
C HIS CA 173 4.97 8.07 60.18
N THR CA 174 5.22 9.00 59.27
CA THR CA 174 5.70 10.32 59.64
C THR CA 174 4.66 11.38 59.33
N PHE CA 175 4.10 11.95 60.39
CA PHE CA 175 3.03 12.93 60.29
C PHE CA 175 3.61 14.32 60.06
N PRO CA 176 2.91 15.15 59.28
CA PRO CA 176 3.42 16.49 58.97
C PRO CA 176 3.60 17.34 60.21
N ALA CA 177 4.61 18.20 60.19
CA ALA CA 177 4.85 19.12 61.29
C ALA CA 177 3.87 20.27 61.24
N VAL CA 178 3.58 20.86 62.39
CA VAL CA 178 2.82 22.10 62.45
C VAL CA 178 3.54 23.10 63.34
N LEU CA 179 3.90 24.25 62.78
CA LEU CA 179 4.69 25.23 63.51
C LEU CA 179 3.87 25.92 64.59
N GLN CA 180 4.44 25.98 65.78
CA GLN CA 180 3.85 26.70 66.88
C GLN CA 180 4.96 27.57 67.47
N SER CA 181 4.65 28.84 67.71
CA SER CA 181 5.65 29.83 68.13
C SER CA 181 6.78 29.89 67.10
N ASP CA 182 6.42 29.72 65.84
CA ASP CA 182 7.32 29.86 64.69
C ASP CA 182 8.36 28.75 64.58
N LEU CA 183 8.31 27.80 65.50
CA LEU CA 183 9.16 26.61 65.40
C LEU CA 183 8.32 25.38 65.09
N TYR CA 184 8.81 24.55 64.18
CA TYR CA 184 8.09 23.37 63.73
C TYR CA 184 8.12 22.25 64.76
N THR CA 185 7.07 21.44 64.77
CA THR CA 185 6.97 20.33 65.71
C THR CA 185 6.37 19.09 65.02
N LEU CA 186 7.21 18.08 64.83
CA LEU CA 186 6.82 16.89 64.07
C LEU CA 186 6.88 15.64 64.94
N SER CA 187 6.08 14.63 64.60
CA SER CA 187 6.11 13.38 65.33
C SER CA 187 5.93 12.19 64.40
N SER CA 188 6.63 11.10 64.69
CA SER CA 188 6.59 9.90 63.86
C SER CA 188 6.49 8.64 64.73
N SER CA 189 5.60 7.74 64.33
CA SER CA 189 5.36 6.51 65.09
C SER CA 189 5.54 5.26 64.24
N VAL CA 190 5.88 4.15 64.91
CA VAL CA 190 6.06 2.86 64.26
C VAL CA 190 5.37 1.77 65.09
N THR CA 191 4.91 0.71 64.44
CA THR CA 191 4.37 -0.45 65.14
C THR CA 191 5.31 -1.65 65.03
N VAL CA 192 5.42 -2.39 66.13
CA VAL CA 192 6.29 -3.56 66.21
C VAL CA 192 5.63 -4.63 67.07
N PRO CA 193 6.05 -5.90 66.93
CA PRO CA 193 5.54 -6.98 67.79
C PRO CA 193 5.61 -6.66 69.28
N SER CA 194 4.57 -7.06 70.01
CA SER CA 194 4.49 -6.80 71.45
C SER CA 194 5.35 -7.79 72.24
N SER CA 195 5.76 -8.87 71.59
CA SER CA 195 6.64 -9.85 72.21
C SER CA 195 8.08 -9.41 72.09
N THR CA 196 8.32 -8.43 71.21
CA THR CA 196 9.65 -7.88 71.03
C THR CA 196 9.77 -6.51 71.70
N TRP CA 197 9.01 -6.34 72.77
CA TRP CA 197 9.03 -5.09 73.54
C TRP CA 197 8.64 -5.34 74.99
N PRO CA 198 9.41 -4.77 75.94
CA PRO CA 198 10.59 -3.92 75.72
C PRO CA 198 11.90 -4.68 75.60
N SER CA 199 11.86 -5.91 75.12
CA SER CA 199 13.05 -6.75 75.01
C SER CA 199 14.08 -6.17 74.04
N GLU CA 200 13.77 -6.21 72.75
CA GLU CA 200 14.63 -5.61 71.74
C GLU CA 200 14.53 -4.08 71.83
N THR CA 201 15.67 -3.42 71.80
CA THR CA 201 15.70 -1.97 71.92
C THR CA 201 15.55 -1.31 70.55
N VAL CA 202 14.47 -0.58 70.37
CA VAL CA 202 14.27 0.19 69.15
C VAL CA 202 14.54 1.67 69.42
N THR CA 203 15.12 2.35 68.44
CA THR CA 203 15.51 3.74 68.60
C THR CA 203 15.39 4.51 67.29
N CYS CA 204 14.79 5.68 67.35
CA CYS CA 204 14.63 6.50 66.16
C CYS CA 204 15.86 7.35 65.89
N ASN CA 205 16.22 7.48 64.61
CA ASN CA 205 17.33 8.32 64.20
C ASN CA 205 16.84 9.61 63.59
N VAL CA 206 16.85 10.69 64.37
CA VAL CA 206 16.38 11.99 63.90
C VAL CA 206 17.54 12.83 63.40
N ALA CA 207 17.38 13.42 62.21
CA ALA CA 207 18.44 14.21 61.59
C ALA CA 207 17.94 15.58 61.14
N HIS CA 208 18.68 16.63 61.51
CA HIS CA 208 18.33 17.98 61.12
C HIS CA 208 19.49 18.62 60.36
N PRO CA 209 19.37 18.69 59.03
CA PRO CA 209 20.44 19.11 58.11
C PRO CA 209 21.01 20.50 58.38
N ALA CA 210 20.15 21.47 58.70
CA ALA CA 210 20.59 22.85 58.88
C ALA CA 210 21.33 23.02 60.21
N SER CA 211 20.94 22.25 61.21
CA SER CA 211 21.61 22.27 62.49
C SER CA 211 22.79 21.30 62.47
N SER CA 212 22.87 20.51 61.41
CA SER CA 212 23.88 19.46 61.26
C SER CA 212 23.91 18.54 62.47
N THR CA 213 22.74 18.30 63.05
CA THR CA 213 22.62 17.46 64.23
C THR CA 213 21.96 16.13 63.89
N LYS CA 214 22.45 15.07 64.54
CA LYS CA 214 21.94 13.72 64.30
C LYS CA 214 21.79 13.01 65.65
N VAL CA 215 20.63 13.18 66.28
CA VAL CA 215 20.41 12.69 67.63
C VAL CA 215 19.56 11.43 67.68
N ASP CA 216 20.07 10.42 68.37
CA ASP CA 216 19.33 9.18 68.62
C ASP CA 216 18.74 9.19 70.03
N LYS CA 217 17.53 8.64 70.17
CA LYS CA 217 16.85 8.60 71.45
C LYS CA 217 16.14 7.26 71.65
N LYS CA 218 16.57 6.51 72.66
CA LYS CA 218 15.98 5.22 72.95
C LYS CA 218 14.61 5.38 73.60
N ILE CA 219 13.67 4.50 73.23
CA ILE CA 219 12.34 4.51 73.82
C ILE CA 219 12.30 3.59 75.06
N VAL CA 220 11.86 4.15 76.18
CA VAL CA 220 11.74 3.37 77.41
C VAL CA 220 10.33 3.43 77.97
N PRO CA 221 9.69 2.27 78.12
CA PRO CA 221 8.35 2.19 78.70
C PRO CA 221 8.35 2.61 80.18
N ARG CA 222 7.22 3.14 80.66
CA ARG CA 222 7.13 3.63 82.02
C ARG CA 222 7.24 2.52 83.06
N GLN DA 1 20.08 83.83 36.39
CA GLN DA 1 19.36 82.59 36.06
C GLN DA 1 19.84 81.45 36.95
N ALA DA 2 20.91 80.79 36.53
CA ALA DA 2 21.43 79.64 37.24
C ALA DA 2 22.91 79.46 36.96
N VAL DA 3 23.58 78.69 37.81
CA VAL DA 3 25.01 78.48 37.69
C VAL DA 3 25.39 77.01 37.80
N VAL DA 4 26.38 76.62 37.01
CA VAL DA 4 26.88 75.26 37.03
C VAL DA 4 28.16 75.19 37.84
N THR DA 5 28.20 74.28 38.81
CA THR DA 5 29.34 74.16 39.71
C THR DA 5 30.12 72.87 39.44
N GLN DA 6 31.38 73.02 39.05
CA GLN DA 6 32.28 71.88 38.93
C GLN DA 6 33.29 71.91 40.06
N GLU DA 7 34.04 70.83 40.20
CA GLU DA 7 35.11 70.81 41.19
C GLU DA 7 36.20 71.77 40.77
N SER DA 8 36.93 72.30 41.73
CA SER DA 8 38.03 73.20 41.45
C SER DA 8 39.08 72.51 40.59
N ALA DA 9 39.67 71.46 41.14
CA ALA DA 9 40.66 70.66 40.42
C ALA DA 9 40.82 69.31 41.11
N LEU DA 10 41.08 68.26 40.32
CA LEU DA 10 41.26 66.93 40.88
C LEU DA 10 42.56 66.28 40.40
N THR DA 11 43.04 65.32 41.17
CA THR DA 11 44.32 64.66 40.89
C THR DA 11 44.18 63.13 40.89
N THR DA 12 44.76 62.49 39.88
CA THR DA 12 44.71 61.02 39.80
C THR DA 12 45.96 60.44 39.15
N SER DA 13 46.14 59.15 39.33
CA SER DA 13 47.30 58.45 38.81
C SER DA 13 46.95 57.69 37.54
N PRO DA 14 47.94 57.53 36.65
CA PRO DA 14 47.77 56.75 35.42
C PRO DA 14 47.25 55.35 35.70
N GLY DA 15 46.20 54.94 34.99
CA GLY DA 15 45.66 53.61 35.15
C GLY DA 15 44.51 53.51 36.14
N GLU DA 16 44.23 54.61 36.84
CA GLU DA 16 43.19 54.63 37.84
C GLU DA 16 41.88 55.24 37.35
N THR DA 17 40.85 55.18 38.20
CA THR DA 17 39.52 55.68 37.87
C THR DA 17 39.21 56.97 38.62
N VAL DA 18 38.83 58.00 37.87
CA VAL DA 18 38.49 59.30 38.46
C VAL DA 18 37.12 59.76 37.97
N THR DA 19 36.40 60.46 38.83
CA THR DA 19 35.05 60.92 38.50
C THR DA 19 34.86 62.41 38.75
N LEU DA 20 34.56 63.15 37.69
CA LEU DA 20 34.24 64.58 37.80
C LEU DA 20 32.74 64.79 37.89
N THR DA 21 32.31 65.66 38.81
CA THR DA 21 30.90 65.94 38.98
C THR DA 21 30.51 67.25 38.32
N CYS DA 22 29.21 67.47 38.19
CA CYS DA 22 28.68 68.68 37.57
C CYS DA 22 27.30 69.01 38.16
N ARG DA 23 27.29 69.92 39.12
CA ARG DA 23 26.09 70.23 39.88
C ARG DA 23 25.32 71.42 39.32
N SER DA 24 24.00 71.28 39.26
CA SER DA 24 23.12 72.37 38.85
C SER DA 24 22.60 73.12 40.06
N SER DA 25 22.31 74.41 39.88
CA SER DA 25 21.82 75.22 40.98
C SER DA 25 20.28 75.25 41.03
N THR DA 26 19.65 74.86 39.92
CA THR DA 26 18.19 74.84 39.87
C THR DA 26 17.61 73.61 40.57
N GLY DA 27 18.40 72.54 40.61
CA GLY DA 27 17.95 71.28 41.20
C GLY DA 27 18.75 70.13 40.61
N ALA DA 28 18.13 68.97 40.51
CA ALA DA 28 18.81 67.79 39.97
C ALA DA 28 19.04 67.90 38.47
N VAL DA 29 20.16 67.36 38.01
CA VAL DA 29 20.47 67.32 36.58
C VAL DA 29 19.74 66.15 35.95
N THR DA 30 18.70 66.46 35.18
CA THR DA 30 17.90 65.43 34.53
C THR DA 30 18.37 65.16 33.11
N THR DA 31 17.69 64.24 32.43
CA THR DA 31 18.05 63.87 31.07
C THR DA 31 17.83 65.03 30.09
N ILE DA 32 16.96 65.96 30.47
CA ILE DA 32 16.61 67.11 29.62
C ILE DA 32 17.64 68.23 29.70
N ASN DA 33 18.72 67.98 30.43
CA ASN DA 33 19.81 68.95 30.52
C ASN DA 33 20.90 68.69 29.50
N PHE DA 34 20.90 67.47 28.95
CA PHE DA 34 21.84 67.08 27.89
C PHE DA 34 23.27 67.46 28.27
N ALA DA 35 23.74 66.91 29.37
CA ALA DA 35 25.05 67.23 29.90
C ALA DA 35 26.13 66.99 28.86
N ASN DA 36 26.91 68.04 28.56
CA ASN DA 36 28.07 67.90 27.68
C ASN DA 36 29.36 67.95 28.47
N TRP DA 37 30.41 67.33 27.93
CA TRP DA 37 31.74 67.43 28.52
C TRP DA 37 32.76 67.79 27.45
N VAL DA 38 33.49 68.88 27.68
CA VAL DA 38 34.49 69.35 26.73
C VAL DA 38 35.88 69.43 27.34
N GLN DA 39 36.86 68.89 26.64
CA GLN DA 39 38.23 68.82 27.11
C GLN DA 39 39.08 69.94 26.54
N GLU DA 40 39.69 70.73 27.42
CA GLU DA 40 40.55 71.83 27.00
C GLU DA 40 42.04 71.51 27.17
N LYS DA 41 42.68 71.14 26.07
CA LYS DA 41 44.12 70.95 26.05
C LYS DA 41 44.83 72.30 26.15
N PRO DA 42 46.13 72.30 26.51
CA PRO DA 42 46.87 73.56 26.51
C PRO DA 42 46.90 74.25 25.15
N ASP DA 43 47.10 75.57 25.16
CA ASP DA 43 47.13 76.41 23.95
C ASP DA 43 45.77 76.52 23.27
N HIS DA 44 44.71 76.48 24.07
CA HIS DA 44 43.34 76.68 23.60
C HIS DA 44 42.90 75.64 22.56
N LEU DA 45 42.89 74.37 22.96
CA LEU DA 45 42.40 73.28 22.12
C LEU DA 45 41.22 72.57 22.78
N PHE DA 46 40.06 72.63 22.15
CA PHE DA 46 38.85 72.04 22.70
C PHE DA 46 38.34 70.87 21.85
N THR DA 47 37.75 69.89 22.52
CA THR DA 47 37.09 68.78 21.82
C THR DA 47 35.97 68.22 22.70
N GLY DA 48 34.83 67.92 22.09
CA GLY DA 48 33.71 67.37 22.81
C GLY DA 48 33.92 65.91 23.16
N LEU DA 49 33.23 65.44 24.20
CA LEU DA 49 33.32 64.06 24.64
C LEU DA 49 31.96 63.38 24.62
N ILE DA 50 31.26 63.52 25.74
CA ILE DA 50 29.93 62.95 25.88
C ILE DA 50 28.90 64.06 25.84
N GLY DA 51 27.71 63.73 25.32
CA GLY DA 51 26.65 64.71 25.24
C GLY DA 51 25.33 64.14 24.77
N GLY DA 52 24.33 65.00 24.73
CA GLY DA 52 23.01 64.61 24.26
C GLY DA 52 22.41 63.58 25.18
N ILE DA 53 21.91 62.50 24.58
CA ILE DA 53 21.33 61.42 25.35
C ILE DA 53 22.38 60.35 25.65
N ASN DA 54 23.22 60.06 24.67
CA ASN DA 54 24.29 59.07 24.85
C ASN DA 54 25.38 59.26 23.83
N ASN DA 55 25.29 60.35 23.08
CA ASN DA 55 26.19 60.61 21.97
C ASN DA 55 27.63 60.87 22.40
N ARG DA 56 28.55 60.52 21.51
CA ARG DA 56 29.97 60.75 21.72
C ARG DA 56 30.60 61.30 20.45
N ALA DA 57 31.48 62.29 20.59
CA ALA DA 57 32.21 62.81 19.45
C ALA DA 57 33.08 61.71 18.86
N PRO DA 58 33.18 61.67 17.51
CA PRO DA 58 34.02 60.68 16.85
C PRO DA 58 35.48 60.78 17.29
N GLY DA 59 36.03 59.67 17.79
CA GLY DA 59 37.42 59.64 18.22
C GLY DA 59 37.58 59.80 19.71
N VAL DA 60 36.51 59.57 20.46
CA VAL DA 60 36.56 59.65 21.92
C VAL DA 60 36.85 58.28 22.51
N PRO DA 61 37.92 58.19 23.31
CA PRO DA 61 38.36 56.94 23.94
C PRO DA 61 37.25 56.24 24.73
N ALA DA 62 37.34 54.92 24.80
CA ALA DA 62 36.33 54.12 25.48
C ALA DA 62 36.39 54.33 26.99
N ARG DA 63 37.55 54.73 27.49
CA ARG DA 63 37.73 54.96 28.93
C ARG DA 63 36.85 56.11 29.42
N PHE DA 64 36.51 57.03 28.51
CA PHE DA 64 35.57 58.09 28.84
C PHE DA 64 34.14 57.55 28.82
N SER DA 65 33.36 57.92 29.83
CA SER DA 65 31.99 57.44 29.94
C SER DA 65 31.12 58.39 30.75
N GLY DA 66 29.90 58.62 30.27
CA GLY DA 66 28.99 59.54 30.93
C GLY DA 66 27.95 58.82 31.77
N SER DA 67 27.42 59.52 32.77
CA SER DA 67 26.42 58.96 33.68
C SER DA 67 25.76 60.06 34.51
N LEU DA 68 24.86 59.65 35.39
CA LEU DA 68 24.19 60.59 36.28
C LEU DA 68 24.22 60.08 37.72
N ILE DA 69 25.42 60.03 38.30
CA ILE DA 69 25.58 59.61 39.68
C ILE DA 69 24.99 60.68 40.61
N GLY DA 70 24.17 60.24 41.56
CA GLY DA 70 23.49 61.16 42.45
C GLY DA 70 22.47 61.98 41.69
N ASP DA 71 22.56 63.30 41.83
CA ASP DA 71 21.64 64.20 41.14
C ASP DA 71 22.42 65.21 40.31
N LYS DA 72 23.64 64.83 39.92
CA LYS DA 72 24.47 65.69 39.08
C LYS DA 72 25.16 64.89 37.97
N ALA DA 73 25.68 65.59 36.96
CA ALA DA 73 26.30 64.93 35.82
C ALA DA 73 27.68 64.41 36.16
N ALA DA 74 28.05 63.29 35.56
CA ALA DA 74 29.30 62.61 35.90
C ALA DA 74 30.11 62.18 34.69
N LEU DA 75 31.38 62.60 34.66
CA LEU DA 75 32.31 62.13 33.65
C LEU DA 75 33.31 61.21 34.34
N THR DA 76 33.30 59.93 33.96
CA THR DA 76 34.15 58.94 34.61
C THR DA 76 35.21 58.40 33.65
N ILE DA 77 36.48 58.53 34.05
CA ILE DA 77 37.57 58.02 33.24
C ILE DA 77 38.17 56.75 33.86
N THR DA 78 37.78 55.60 33.33
CA THR DA 78 38.28 54.32 33.81
C THR DA 78 39.56 53.93 33.08
N GLY DA 79 40.69 54.14 33.74
CA GLY DA 79 41.98 53.87 33.13
C GLY DA 79 42.60 55.15 32.61
N ALA DA 80 42.87 56.08 33.53
CA ALA DA 80 43.40 57.40 33.17
C ALA DA 80 44.75 57.29 32.45
N GLN DA 81 45.02 58.25 31.56
CA GLN DA 81 46.26 58.29 30.80
C GLN DA 81 46.96 59.62 31.04
N THR DA 82 48.23 59.72 30.65
CA THR DA 82 49.02 60.93 30.88
C THR DA 82 48.51 62.09 30.04
N GLU DA 83 47.98 61.79 28.87
CA GLU DA 83 47.50 62.82 27.93
C GLU DA 83 46.08 63.29 28.27
N ASP DA 84 45.43 62.62 29.21
CA ASP DA 84 44.10 63.03 29.65
C ASP DA 84 44.19 64.18 30.67
N GLU DA 85 45.40 64.68 30.88
CA GLU DA 85 45.62 65.80 31.79
C GLU DA 85 45.28 67.11 31.07
N ALA DA 86 44.13 67.67 31.43
CA ALA DA 86 43.66 68.93 30.85
C ALA DA 86 42.56 69.51 31.73
N ILE DA 87 41.94 70.59 31.26
CA ILE DA 87 40.83 71.18 31.98
C ILE DA 87 39.52 70.73 31.38
N TYR DA 88 38.63 70.18 32.21
CA TYR DA 88 37.39 69.60 31.71
C TYR DA 88 36.18 70.47 32.04
N PHE DA 89 35.48 70.89 30.98
CA PHE DA 89 34.29 71.72 31.12
C PHE DA 89 33.02 70.91 30.87
N CYS DA 90 32.01 71.10 31.71
CA CYS DA 90 30.71 70.50 31.46
C CYS DA 90 29.67 71.60 31.25
N ALA DA 91 28.71 71.33 30.37
CA ALA DA 91 27.67 72.30 30.08
C ALA DA 91 26.30 71.67 30.21
N LEU DA 92 25.33 72.47 30.63
CA LEU DA 92 23.96 72.01 30.84
C LEU DA 92 22.95 72.81 30.02
N TRP DA 93 21.94 72.13 29.51
CA TRP DA 93 20.88 72.77 28.73
C TRP DA 93 19.73 73.24 29.61
N TYR DA 94 19.56 74.56 29.65
CA TYR DA 94 18.44 75.16 30.37
C TYR DA 94 17.44 75.85 29.44
N SER DA 95 16.52 75.06 28.91
CA SER DA 95 15.39 75.52 28.11
C SER DA 95 15.74 76.10 26.75
N ASN DA 96 16.70 77.02 26.68
CA ASN DA 96 16.84 77.61 25.38
C ASN DA 96 18.32 77.78 25.05
N HIS DA 97 19.18 77.60 26.06
CA HIS DA 97 20.62 77.94 26.00
C HIS DA 97 21.58 77.06 26.83
N TRP DA 98 22.86 77.17 26.50
CA TRP DA 98 23.91 76.43 27.20
C TRP DA 98 24.49 77.27 28.33
N VAL DA 99 24.73 76.61 29.45
CA VAL DA 99 25.37 77.24 30.60
C VAL DA 99 26.56 76.36 30.94
N PHE DA 100 27.75 76.91 30.77
CA PHE DA 100 28.97 76.21 31.15
C PHE DA 100 29.21 76.30 32.64
N GLY DA 101 30.22 75.58 33.12
CA GLY DA 101 30.58 75.62 34.51
C GLY DA 101 31.94 76.25 34.74
N GLY DA 102 32.49 76.03 35.93
CA GLY DA 102 33.79 76.57 36.29
C GLY DA 102 34.92 75.84 35.61
N GLY DA 103 34.70 74.55 35.36
CA GLY DA 103 35.74 73.73 34.75
C GLY DA 103 36.64 73.13 35.81
N THR DA 104 36.88 71.83 35.70
CA THR DA 104 37.74 71.15 36.64
C THR DA 104 39.10 70.91 36.01
N LYS DA 105 40.14 71.26 36.74
CA LYS DA 105 41.50 71.04 36.25
C LYS DA 105 42.01 69.67 36.67
N LEU DA 106 41.93 68.71 35.76
CA LEU DA 106 42.34 67.34 36.04
C LEU DA 106 43.84 67.19 35.87
N THR DA 107 44.47 66.52 36.83
CA THR DA 107 45.91 66.28 36.77
C THR DA 107 46.22 64.79 36.81
N VAL DA 108 46.81 64.29 35.74
CA VAL DA 108 47.34 62.94 35.72
C VAL DA 108 48.85 63.02 35.89
N LEU DA 109 49.31 62.75 37.10
CA LEU DA 109 50.72 62.89 37.46
C LEU DA 109 51.66 62.09 36.57
N GLY DA 110 52.49 62.79 35.81
CA GLY DA 110 53.51 62.15 34.99
C GLY DA 110 54.82 62.09 35.74
N GLN DA 111 54.93 62.93 36.77
CA GLN DA 111 56.10 62.99 37.63
C GLN DA 111 55.65 63.13 39.08
N PRO DA 112 56.51 62.74 40.04
CA PRO DA 112 56.18 62.90 41.46
C PRO DA 112 56.00 64.37 41.85
N LYS DA 113 55.12 64.63 42.80
CA LYS DA 113 54.79 66.00 43.18
C LYS DA 113 56.02 66.77 43.68
N SER DA 114 56.09 68.06 43.35
CA SER DA 114 57.25 68.87 43.68
C SER DA 114 56.89 70.09 44.52
N SER DA 115 57.74 70.39 45.50
CA SER DA 115 57.52 71.53 46.39
C SER DA 115 57.77 72.85 45.69
N PRO DA 116 56.96 73.87 46.02
CA PRO DA 116 57.09 75.21 45.43
C PRO DA 116 58.36 75.92 45.89
N SER DA 117 58.92 76.76 45.03
CA SER DA 117 60.12 77.52 45.35
C SER DA 117 59.82 79.02 45.42
N VAL DA 118 59.04 79.40 46.42
CA VAL DA 118 58.53 80.77 46.53
C VAL DA 118 59.51 81.73 47.18
N THR DA 119 59.71 82.88 46.54
CA THR DA 119 60.52 83.95 47.10
C THR DA 119 59.85 85.29 46.80
N LEU DA 120 59.88 86.20 47.78
CA LEU DA 120 59.28 87.51 47.58
C LEU DA 120 60.34 88.53 47.16
N PHE DA 121 59.92 89.54 46.39
CA PHE DA 121 60.83 90.58 45.93
C PHE DA 121 60.30 91.97 46.24
N PRO DA 122 61.13 92.82 46.88
CA PRO DA 122 60.78 94.19 47.26
C PRO DA 122 60.72 95.13 46.06
N PRO DA 123 59.77 96.09 46.08
CA PRO DA 123 59.56 97.07 45.02
C PRO DA 123 60.79 97.93 44.76
N SER DA 124 61.20 98.01 43.50
CA SER DA 124 62.32 98.84 43.12
C SER DA 124 62.00 100.31 43.36
N SER DA 125 63.04 101.11 43.59
CA SER DA 125 62.87 102.51 43.93
C SER DA 125 62.62 103.38 42.71
N GLU DA 126 62.71 102.79 41.52
CA GLU DA 126 62.54 103.56 40.29
C GLU DA 126 61.07 103.75 39.93
N GLU DA 127 60.19 103.12 40.70
CA GLU DA 127 58.75 103.25 40.46
C GLU DA 127 58.01 103.72 41.70
N LEU DA 128 58.72 103.82 42.82
CA LEU DA 128 58.14 104.37 44.03
C LEU DA 128 57.99 105.88 43.89
N GLU DA 129 58.80 106.48 43.02
CA GLU DA 129 58.70 107.90 42.71
C GLU DA 129 57.47 108.14 41.83
N THR DA 130 56.95 107.05 41.27
CA THR DA 130 55.70 107.08 40.53
C THR DA 130 54.54 106.93 41.52
N ASN DA 131 54.91 106.90 42.82
CA ASN DA 131 53.96 106.71 43.90
C ASN DA 131 53.16 105.42 43.78
N LYS DA 132 53.78 104.41 43.18
CA LYS DA 132 53.17 103.10 43.04
C LYS DA 132 54.10 102.02 43.62
N ALA DA 133 53.54 101.12 44.42
CA ALA DA 133 54.33 100.08 45.06
C ALA DA 133 53.96 98.69 44.56
N THR DA 134 54.92 97.99 43.98
CA THR DA 134 54.66 96.67 43.42
C THR DA 134 55.60 95.59 43.97
N LEU DA 135 55.07 94.74 44.84
CA LEU DA 135 55.85 93.66 45.41
C LEU DA 135 55.66 92.39 44.59
N VAL DA 136 56.76 91.86 44.07
CA VAL DA 136 56.70 90.72 43.15
C VAL DA 136 57.06 89.41 43.84
N CYS DA 137 56.07 88.54 43.98
CA CYS DA 137 56.25 87.26 44.66
C CYS DA 137 56.21 86.09 43.67
N THR DA 138 57.38 85.58 43.32
CA THR DA 138 57.48 84.55 42.29
C THR DA 138 57.39 83.12 42.83
N ILE DA 139 56.55 82.31 42.21
CA ILE DA 139 56.41 80.90 42.57
C ILE DA 139 56.70 80.02 41.35
N THR DA 140 57.72 79.17 41.46
CA THR DA 140 58.09 78.32 40.35
C THR DA 140 58.26 76.85 40.74
N ASP DA 141 58.19 75.98 39.74
CA ASP DA 141 58.48 74.55 39.91
C ASP DA 141 57.60 73.83 40.93
N PHE DA 142 56.31 73.74 40.65
CA PHE DA 142 55.42 72.92 41.47
C PHE DA 142 54.56 72.02 40.60
N TYR DA 143 54.03 70.96 41.20
CA TYR DA 143 53.26 69.95 40.48
C TYR DA 143 52.38 69.14 41.43
N PRO DA 144 51.05 69.11 41.18
CA PRO DA 144 50.26 69.73 40.12
C PRO DA 144 50.14 71.26 40.19
N GLY DA 145 49.36 71.85 39.29
CA GLY DA 145 49.24 73.29 39.18
C GLY DA 145 48.23 73.93 40.10
N VAL DA 146 48.30 73.56 41.38
CA VAL DA 146 47.38 74.07 42.39
C VAL DA 146 48.09 74.97 43.41
N VAL DA 147 47.87 76.28 43.33
CA VAL DA 147 48.50 77.21 44.26
C VAL DA 147 47.54 78.29 44.76
N THR DA 148 47.37 78.35 46.08
CA THR DA 148 46.62 79.43 46.72
C THR DA 148 47.59 80.47 47.27
N VAL DA 149 47.23 81.75 47.15
CA VAL DA 149 48.11 82.82 47.60
C VAL DA 149 47.40 83.85 48.47
N ASP DA 150 47.79 83.93 49.74
CA ASP DA 150 47.27 84.95 50.65
C ASP DA 150 48.37 85.91 51.07
N TRP DA 151 47.99 87.09 51.58
CA TRP DA 151 48.96 88.12 51.92
C TRP DA 151 48.75 88.71 53.32
N LYS DA 152 49.72 88.46 54.21
CA LYS DA 152 49.64 88.96 55.58
C LYS DA 152 50.49 90.21 55.76
N VAL DA 153 50.61 91.01 54.72
CA VAL DA 153 51.34 92.27 54.77
C VAL DA 153 50.73 93.18 55.84
N ASP DA 154 51.59 93.85 56.61
CA ASP DA 154 51.18 94.71 57.71
C ASP DA 154 50.49 93.87 58.79
N GLY DA 155 49.18 94.08 58.94
CA GLY DA 155 48.38 93.25 59.84
C GLY DA 155 48.14 91.91 59.19
N THR DA 156 47.51 91.00 59.93
CA THR DA 156 47.29 89.65 59.42
C THR DA 156 46.06 89.46 58.50
N PRO DA 157 44.96 90.23 58.70
CA PRO DA 157 43.88 90.00 57.74
C PRO DA 157 44.05 90.79 56.44
N VAL DA 158 43.90 90.10 55.30
CA VAL DA 158 44.00 90.74 53.99
C VAL DA 158 42.64 91.15 53.43
N THR DA 159 42.49 92.43 53.13
CA THR DA 159 41.23 92.92 52.59
C THR DA 159 41.24 92.81 51.07
N GLN DA 160 42.06 93.62 50.42
CA GLN DA 160 42.05 93.71 48.96
C GLN DA 160 43.32 94.31 48.40
N GLY DA 161 43.47 94.23 47.08
CA GLY DA 161 44.58 94.86 46.39
C GLY DA 161 45.66 93.89 45.92
N MET DA 162 45.26 92.75 45.35
CA MET DA 162 46.21 91.75 44.89
C MET DA 162 45.73 91.01 43.65
N GLU DA 163 46.68 90.64 42.79
CA GLU DA 163 46.36 89.90 41.57
C GLU DA 163 47.38 88.78 41.31
N THR DA 164 46.88 87.62 40.92
CA THR DA 164 47.72 86.44 40.69
C THR DA 164 47.50 85.92 39.27
N THR DA 165 48.52 85.28 38.71
CA THR DA 165 48.42 84.73 37.35
C THR DA 165 48.14 83.23 37.37
N GLN DA 166 47.50 82.75 36.31
CA GLN DA 166 47.22 81.33 36.16
C GLN DA 166 48.52 80.53 36.02
N PRO DA 167 48.53 79.29 36.53
CA PRO DA 167 49.71 78.41 36.43
C PRO DA 167 50.07 78.04 34.99
N SER DA 168 51.25 78.46 34.54
CA SER DA 168 51.71 78.17 33.20
C SER DA 168 52.77 77.08 33.20
N LYS DA 169 52.62 76.12 32.31
CA LYS DA 169 53.54 74.98 32.23
C LYS DA 169 54.94 75.41 31.81
N GLN DA 170 55.94 74.69 32.31
CA GLN DA 170 57.33 74.93 31.91
C GLN DA 170 57.81 73.83 30.96
N SER DA 171 59.10 73.86 30.65
CA SER DA 171 59.70 72.87 29.75
C SER DA 171 59.97 71.54 30.46
N ASN DA 172 60.30 71.61 31.75
CA ASN DA 172 60.49 70.41 32.54
C ASN DA 172 59.18 69.96 33.18
N ASN DA 173 58.08 70.34 32.52
CA ASN DA 173 56.73 69.88 32.85
C ASN DA 173 56.19 70.33 34.21
N LYS DA 174 56.91 71.22 34.89
CA LYS DA 174 56.40 71.80 36.14
C LYS DA 174 55.65 73.09 35.85
N TYR DA 175 54.77 73.50 36.76
CA TYR DA 175 53.93 74.67 36.55
C TYR DA 175 54.45 75.86 37.35
N MET DA 176 54.01 77.06 36.95
CA MET DA 176 54.64 78.29 37.43
C MET DA 176 53.71 79.51 37.35
N ALA DA 177 53.66 80.30 38.42
CA ALA DA 177 52.81 81.50 38.45
C ALA DA 177 53.34 82.56 39.41
N SER DA 178 52.70 83.73 39.40
CA SER DA 178 53.13 84.84 40.23
C SER DA 178 51.95 85.67 40.77
N SER DA 179 52.14 86.27 41.94
CA SER DA 179 51.10 87.07 42.56
C SER DA 179 51.65 88.42 43.00
N TYR DA 180 51.11 89.50 42.43
CA TYR DA 180 51.63 90.84 42.70
C TYR DA 180 50.78 91.57 43.73
N LEU DA 181 51.07 92.85 43.93
CA LEU DA 181 50.35 93.67 44.89
C LEU DA 181 50.06 95.06 44.33
N THR DA 182 48.87 95.58 44.62
CA THR DA 182 48.46 96.89 44.12
C THR DA 182 48.21 97.88 45.26
N LEU DA 183 49.27 98.48 45.77
CA LEU DA 183 49.17 99.48 46.83
C LEU DA 183 49.92 100.75 46.45
N THR DA 184 49.59 101.86 47.10
CA THR DA 184 50.29 103.12 46.88
C THR DA 184 51.67 103.10 47.52
N ALA DA 185 52.41 104.20 47.34
CA ALA DA 185 53.75 104.32 47.89
C ALA DA 185 53.69 104.66 49.38
N ARG DA 186 52.61 105.32 49.80
CA ARG DA 186 52.43 105.67 51.19
C ARG DA 186 52.37 104.42 52.05
N ALA DA 187 51.72 103.38 51.53
CA ALA DA 187 51.54 102.14 52.28
C ALA DA 187 52.86 101.40 52.47
N TRP DA 188 53.83 101.68 51.60
CA TRP DA 188 55.14 101.04 51.68
C TRP DA 188 55.86 101.41 52.97
N GLU DA 189 55.61 102.62 53.44
CA GLU DA 189 56.27 103.14 54.63
C GLU DA 189 55.44 102.90 55.89
N ARG DA 190 54.12 102.93 55.73
CA ARG DA 190 53.22 102.80 56.87
C ARG DA 190 53.04 101.36 57.32
N HIS DA 191 53.29 100.41 56.43
CA HIS DA 191 53.12 99.00 56.76
C HIS DA 191 54.37 98.41 57.41
N SER DA 192 54.16 97.65 58.48
CA SER DA 192 55.25 96.96 59.15
C SER DA 192 55.28 95.50 58.74
N SER DA 193 56.37 95.11 58.06
CA SER DA 193 56.61 93.74 57.61
C SER DA 193 55.64 93.29 56.51
N TYR DA 194 56.15 92.40 55.64
CA TYR DA 194 55.39 91.92 54.49
C TYR DA 194 55.37 90.39 54.44
N SER DA 195 54.31 89.82 53.90
CA SER DA 195 54.18 88.37 53.84
C SER DA 195 53.56 87.89 52.53
N CYS DA 196 53.94 86.67 52.14
CA CYS DA 196 53.43 86.08 50.90
C CYS DA 196 53.41 84.55 51.03
N GLN DA 197 52.32 84.02 51.56
CA GLN DA 197 52.21 82.59 51.84
C GLN DA 197 51.53 81.83 50.71
N VAL DA 198 51.97 80.60 50.47
CA VAL DA 198 51.42 79.77 49.41
C VAL DA 198 51.23 78.32 49.87
N THR DA 199 49.98 77.87 49.88
CA THR DA 199 49.67 76.51 50.26
C THR DA 199 49.66 75.62 49.02
N HIS DA 200 50.45 74.55 49.07
CA HIS DA 200 50.51 73.59 47.98
C HIS DA 200 50.45 72.18 48.52
N GLU DA 201 49.50 71.39 48.01
CA GLU DA 201 49.24 70.04 48.51
C GLU DA 201 48.95 70.05 50.01
N GLY DA 202 48.32 71.12 50.48
CA GLY DA 202 48.00 71.29 51.89
C GLY DA 202 49.19 71.65 52.76
N HIS DA 203 50.36 71.81 52.13
CA HIS DA 203 51.57 72.20 52.84
C HIS DA 203 51.87 73.68 52.61
N THR DA 204 51.75 74.48 53.66
CA THR DA 204 51.92 75.93 53.53
C THR DA 204 53.38 76.34 53.66
N VAL DA 205 53.76 77.37 52.93
CA VAL DA 205 55.13 77.90 52.94
C VAL DA 205 55.14 79.43 52.93
N GLU DA 206 55.53 80.04 54.04
CA GLU DA 206 55.53 81.50 54.17
C GLU DA 206 56.86 82.14 53.81
N LYS DA 207 56.82 83.43 53.52
CA LYS DA 207 58.02 84.24 53.27
C LYS DA 207 57.87 85.59 53.95
N SER DA 208 58.98 86.13 54.46
CA SER DA 208 58.93 87.38 55.21
C SER DA 208 59.69 88.52 54.54
N LEU DA 209 59.32 89.74 54.90
CA LEU DA 209 59.95 90.94 54.37
C LEU DA 209 59.65 92.15 55.25
N SER DA 210 60.70 92.84 55.69
CA SER DA 210 60.51 93.98 56.58
C SER DA 210 61.33 95.20 56.13
N ARG DA 211 60.63 96.27 55.77
CA ARG DA 211 61.25 97.55 55.44
C ARG DA 211 60.23 98.68 55.42
C1 NAG EA . 17.89 78.71 -13.02
C2 NAG EA . 18.33 78.94 -14.47
C3 NAG EA . 19.26 80.14 -14.59
C4 NAG EA . 18.71 81.35 -13.85
C5 NAG EA . 18.25 80.98 -12.44
C6 NAG EA . 17.64 82.18 -11.73
C7 NAG EA . 18.50 77.08 -16.06
C8 NAG EA . 18.52 75.59 -15.94
N2 NAG EA . 18.96 77.74 -15.00
O3 NAG EA . 19.42 80.46 -15.97
O4 NAG EA . 19.74 82.33 -13.75
O5 NAG EA . 17.30 79.90 -12.49
O6 NAG EA . 16.67 82.82 -12.58
O7 NAG EA . 18.10 77.66 -17.06
C1B LMT FA . 19.75 66.65 -20.15
C2B LMT FA . 18.31 66.37 -19.76
C3B LMT FA . 17.41 66.62 -20.92
C4B LMT FA . 17.47 68.03 -21.38
C5B LMT FA . 18.89 68.55 -21.61
C6B LMT FA . 18.88 70.04 -21.49
O1B LMT FA . 20.18 65.64 -21.01
O2B LMT FA . 18.17 65.00 -19.33
O3B LMT FA . 16.05 66.30 -20.50
O4' LMT FA . 16.76 68.13 -22.62
O5B LMT FA . 19.95 68.00 -20.73
O6B LMT FA . 19.80 70.58 -22.43
C1' LMT FA . 23.43 65.13 -23.60
C2' LMT FA . 23.69 65.90 -22.32
C3' LMT FA . 22.58 65.79 -21.33
C4' LMT FA . 21.25 66.04 -21.93
C5' LMT FA . 21.02 65.30 -23.24
C6' LMT FA . 19.75 65.80 -23.87
O1' LMT FA . 24.44 65.43 -24.52
O2' LMT FA . 24.91 65.42 -21.72
O3' LMT FA . 22.85 66.75 -20.26
O5' LMT FA . 22.12 65.45 -24.20
O6' LMT FA . 20.03 66.95 -24.65
CAC FLC GA . -10.95 61.57 -4.51
CA FLC GA . -11.73 60.88 -3.40
CB FLC GA . -11.30 59.43 -3.14
CBC FLC GA . -10.07 59.40 -2.26
CG FLC GA . -12.44 58.69 -2.44
CGC FLC GA . -12.38 57.19 -2.68
OA1 FLC GA . -9.97 60.99 -5.02
OA2 FLC GA . -11.33 62.70 -4.89
OB1 FLC GA . -8.95 59.22 -2.79
OB2 FLC GA . -10.21 59.57 -1.02
OG1 FLC GA . -11.40 56.68 -3.25
OG2 FLC GA . -13.35 56.50 -2.27
OHB FLC GA . -11.01 58.79 -4.39
C1 NAG HA . -18.96 75.40 -34.58
C2 NAG HA . -19.12 76.89 -34.94
C3 NAG HA . -20.11 77.01 -36.11
C4 NAG HA . -19.82 76.02 -37.25
C5 NAG HA . -19.50 74.62 -36.73
C6 NAG HA . -18.92 73.72 -37.82
C7 NAG HA . -19.73 79.04 -33.89
C8 NAG HA . -21.07 79.58 -33.49
N2 NAG HA . -19.56 77.71 -33.82
O3 NAG HA . -20.10 78.33 -36.68
O4 NAG HA . -20.98 75.91 -38.09
O5 NAG HA . -18.50 74.73 -35.74
O6 NAG HA . -17.78 73.05 -37.26
O7 NAG HA . -18.84 79.79 -34.26
C1B LMT IA . -9.79 65.80 -38.59
C2B LMT IA . -10.13 65.25 -37.24
C3B LMT IA . -11.12 64.14 -37.35
C4B LMT IA . -12.40 64.66 -37.90
C5B LMT IA . -12.22 65.31 -39.26
C6B LMT IA . -13.35 66.29 -39.44
O1B LMT IA . -8.83 64.93 -39.15
O2B LMT IA . -8.94 64.76 -36.59
O3B LMT IA . -11.33 63.57 -36.04
O4' LMT IA . -13.33 63.59 -38.03
O5B LMT IA . -10.95 66.01 -39.51
O6B LMT IA . -13.31 66.83 -40.75
C1' LMT IA . -7.37 63.94 -42.90
C2' LMT IA . -7.64 65.41 -42.65
C3' LMT IA . -7.84 65.68 -41.19
C4' LMT IA . -8.91 64.82 -40.60
C5' LMT IA . -8.77 63.35 -40.97
C6' LMT IA . -10.05 62.62 -40.64
O1' LMT IA . -7.20 63.72 -44.28
O2' LMT IA . -6.55 66.20 -43.12
O3' LMT IA . -8.17 67.09 -41.02
O5' LMT IA . -8.46 63.09 -42.39
O6' LMT IA . -10.96 62.75 -41.71
C1 NAG JA . -38.26 43.04 -19.50
C2 NAG JA . -39.66 42.52 -19.06
C3 NAG JA . -40.00 41.08 -19.37
C4 NAG JA . -39.56 40.80 -20.77
C5 NAG JA . -38.04 40.95 -20.82
C6 NAG JA . -37.56 40.47 -22.18
C7 NAG JA . -40.78 43.77 -17.39
C8 NAG JA . -42.08 43.31 -16.77
N2 NAG JA . -39.90 42.82 -17.67
O3 NAG JA . -41.43 40.93 -19.32
O4 NAG JA . -39.99 39.50 -21.19
O5 NAG JA . -37.67 42.33 -20.60
O6 NAG JA . -36.13 40.57 -22.31
O7 NAG JA . -40.57 44.94 -17.62
C1B LMT KA . -28.48 37.95 -28.91
C2B LMT KA . -28.31 38.31 -27.45
C3B LMT KA . -27.19 37.60 -26.76
C4B LMT KA . -27.12 36.16 -27.08
C5B LMT KA . -27.06 35.95 -28.58
C6B LMT KA . -26.96 34.47 -28.89
O1B LMT KA . -27.61 38.71 -29.71
O2B LMT KA . -28.07 39.73 -27.34
O3B LMT KA . -27.37 37.75 -25.32
O4' LMT KA . -25.93 35.60 -26.50
O5B LMT KA . -28.26 36.50 -29.23
O6B LMT KA . -26.40 34.31 -30.17
C1' LMT KA . -27.00 40.18 -33.33
C2' LMT KA . -27.75 41.16 -32.47
C3' LMT KA . -27.87 40.67 -31.06
C4' LMT KA . -28.29 39.25 -30.90
C5' LMT KA . -28.02 38.30 -32.08
C6' LMT KA . -29.22 37.40 -32.29
O1' LMT KA . -26.87 40.71 -34.62
O2' LMT KA . -27.06 42.42 -32.47
O3' LMT KA . -28.82 41.53 -30.37
O5' LMT KA . -27.72 38.90 -33.39
O6' LMT KA . -28.80 36.06 -32.37
C1 NAG LA . -15.47 25.29 10.15
C2 NAG LA . -16.24 25.36 11.47
C3 NAG LA . -15.69 24.24 12.36
C4 NAG LA . -15.64 22.89 11.62
C5 NAG LA . -15.03 23.04 10.23
C6 NAG LA . -15.02 21.74 9.45
C7 NAG LA . -16.73 26.97 13.26
C8 NAG LA . -15.85 27.17 14.46
N2 NAG LA . -16.11 26.66 12.12
O3 NAG LA . -16.45 24.09 13.57
O4 NAG LA . -14.82 21.99 12.38
O5 NAG LA . -15.73 24.04 9.51
O6 NAG LA . -14.29 21.95 8.23
O7 NAG LA . -17.94 27.08 13.33
C1B LMT MA . -9.87 21.41 -3.42
C2B LMT MA . -11.32 21.83 -3.51
C3B LMT MA . -11.49 23.30 -3.63
C4B LMT MA . -10.41 24.04 -2.92
C5B LMT MA . -9.04 23.73 -3.49
C6B LMT MA . -8.02 23.86 -2.40
O1B LMT MA . -9.73 20.15 -4.02
O2B LMT MA . -11.93 21.18 -4.65
O3B LMT MA . -12.78 23.70 -3.11
O4' LMT MA . -10.67 25.45 -3.00
O5B LMT MA . -8.96 22.38 -4.07
O6B LMT MA . -7.67 25.22 -2.27
C1' LMT MA . -7.54 16.73 -3.19
C2' LMT MA . -7.91 17.58 -1.98
C3' LMT MA . -8.84 18.71 -2.28
C4' LMT MA . -8.53 19.45 -3.55
C5' LMT MA . -8.08 18.57 -4.70
C6' LMT MA . -7.51 19.44 -5.78
O1' LMT MA . -6.56 15.81 -2.83
O2' LMT MA . -8.52 16.72 -0.99
O3' LMT MA . -8.79 19.61 -1.14
O5' LMT MA . -7.06 17.59 -4.30
O6' LMT MA . -6.11 19.20 -5.89
C1 NAG NA . 19.08 47.32 13.84
C2 NAG NA . 20.47 46.86 13.34
C3 NAG NA . 21.36 46.62 14.56
C4 NAG NA . 21.41 47.88 15.43
C5 NAG NA . 20.01 48.40 15.74
C6 NAG NA . 20.06 49.72 16.51
C7 NAG NA . 20.27 45.79 11.16
C8 NAG NA . 19.42 44.74 10.48
N2 NAG NA . 20.37 45.70 12.48
O3 NAG NA . 22.67 46.24 14.14
O4 NAG NA . 22.10 47.60 16.64
O5 NAG NA . 19.21 48.54 14.57
O6 NAG NA . 20.36 50.81 15.63
O7 NAG NA . 20.82 46.67 10.52
C1B LMT OA . 20.74 39.47 1.42
C2B LMT OA . 19.34 39.43 2.02
C3B LMT OA . 18.29 39.92 1.09
C4B LMT OA . 18.63 41.28 0.56
C5B LMT OA . 19.95 41.25 -0.18
C6B LMT OA . 20.31 42.65 -0.58
O1B LMT OA . 20.93 38.33 0.63
O2B LMT OA . 19.04 38.06 2.37
O3B LMT OA . 17.04 40.01 1.81
O4' LMT OA . 17.60 41.70 -0.34
O5B LMT OA . 21.05 40.69 0.63
O6B LMT OA . 21.48 42.62 -1.38
C1' LMT OA . 24.42 36.65 -1.04
C2' LMT OA . 24.55 37.28 0.34
C3' LMT OA . 23.21 37.54 0.97
C4' LMT OA . 22.28 38.29 0.07
C5' LMT OA . 22.19 37.68 -1.31
C6' LMT OA . 21.45 38.62 -2.21
O1' LMT OA . 25.69 36.60 -1.63
O2' LMT OA . 25.32 36.42 1.18
O3' LMT OA . 23.46 38.27 2.22
O5' LMT OA . 23.50 37.40 -1.93
O6' LMT OA . 22.17 39.84 -2.32
C1 NAG PA . -17.91 -79.22 13.24
C2 NAG PA . -19.32 -78.80 13.72
C3 NAG PA . -20.50 -79.29 12.89
C4 NAG PA . -20.17 -79.35 11.41
C5 NAG PA . -18.97 -80.26 11.25
C6 NAG PA . -18.66 -80.47 9.77
C7 NAG PA . -19.48 -78.37 16.13
C8 NAG PA . -20.40 -77.19 16.04
N2 NAG PA . -19.53 -79.22 15.09
O3 NAG PA . -21.62 -78.42 13.09
O4 NAG PA . -21.26 -79.86 10.66
O5 NAG PA . -17.81 -79.67 11.87
O6 NAG PA . -19.58 -81.42 9.23
O7 NAG PA . -18.74 -78.56 17.08
C1B LMT QA . -19.08 -68.31 24.00
C2B LMT QA . -18.08 -68.64 22.90
C3B LMT QA . -17.58 -67.44 22.17
C4B LMT QA . -18.69 -66.57 21.71
C5B LMT QA . -19.52 -66.16 22.90
C6B LMT QA . -20.62 -65.22 22.48
O1B LMT QA . -18.42 -67.77 25.11
O2B LMT QA . -16.96 -69.35 23.47
O3B LMT QA . -16.80 -67.85 21.01
O4' LMT QA . -18.14 -65.41 21.08
O5B LMT QA . -20.11 -67.34 23.55
O6B LMT QA . -21.30 -64.77 23.64
C1' LMT QA . -19.27 -68.42 29.26
C2' LMT QA . -18.55 -69.51 28.46
C3' LMT QA . -18.07 -69.11 27.10
C4' LMT QA . -19.03 -68.23 26.36
C5' LMT QA . -19.43 -67.03 27.22
C6' LMT QA . -20.35 -66.11 26.49
O1' LMT QA . -20.11 -69.04 30.20
O2' LMT QA . -17.42 -69.97 29.22
O3' LMT QA . -17.82 -70.33 26.33
O5' LMT QA . -20.08 -67.47 28.47
O6' LMT QA . -21.60 -66.02 27.15
CL CL RA . -4.17 -39.59 28.72
CL CL SA . -9.94 -32.26 37.07
C1 NAG TA . -19.82 -46.39 -12.60
C2 NAG TA . -19.88 -46.99 -14.02
C3 NAG TA . -21.15 -46.60 -14.81
C4 NAG TA . -22.40 -46.49 -13.94
C5 NAG TA . -22.10 -45.70 -12.67
C6 NAG TA . -23.31 -45.55 -11.77
C7 NAG TA . -18.40 -47.05 -16.02
C8 NAG TA . -17.97 -46.00 -17.00
N2 NAG TA . -18.68 -46.62 -14.78
O3 NAG TA . -21.41 -47.57 -15.84
O4 NAG TA . -23.44 -45.83 -14.68
O5 NAG TA . -21.09 -46.39 -11.95
O6 NAG TA . -22.96 -46.11 -10.49
O7 NAG TA . -18.46 -48.22 -16.33
C1B LMT UA . -22.43 -41.51 0.89
C2B LMT UA . -21.23 -42.17 0.23
C3B LMT UA . -19.92 -41.54 0.57
C4B LMT UA . -19.97 -40.06 0.44
C5B LMT UA . -21.04 -39.49 1.35
C6B LMT UA . -21.08 -37.98 1.24
O1B LMT UA . -22.60 -42.05 2.17
O2B LMT UA . -21.21 -43.56 0.65
O3B LMT UA . -18.88 -42.06 -0.29
O4' LMT UA . -18.69 -39.51 0.79
O5B LMT UA . -22.37 -40.02 1.01
O6B LMT UA . -20.01 -37.52 0.43
C1' LMT UA . -24.51 -42.86 5.26
C2' LMT UA . -24.81 -43.82 4.13
C3' LMT UA . -24.56 -43.27 2.74
C4' LMT UA . -23.97 -41.90 2.60
C5' LMT UA . -24.00 -40.99 3.83
C6' LMT UA . -24.42 -39.60 3.44
O1' LMT UA . -25.21 -43.26 6.42
O2' LMT UA . -24.02 -45.01 4.31
O3' LMT UA . -25.81 -43.34 1.97
O5' LMT UA . -24.87 -41.46 4.91
O6' LMT UA . -23.38 -38.67 3.74
C1 NAG VA . 16.22 -25.18 -8.94
C2 NAG VA . 15.86 -24.58 -10.31
C3 NAG VA . 16.92 -23.56 -10.75
C4 NAG VA . 17.30 -22.58 -9.62
C5 NAG VA . 17.60 -23.35 -8.34
C6 NAG VA . 17.97 -22.42 -7.19
C7 NAG VA . 15.34 -25.39 -12.57
C8 NAG VA . 16.33 -25.80 -13.62
N2 NAG VA . 15.72 -25.63 -11.31
O3 NAG VA . 16.49 -22.80 -11.88
O4 NAG VA . 18.46 -21.83 -10.01
O5 NAG VA . 16.47 -24.15 -7.99
O6 NAG VA . 18.55 -23.20 -6.14
O7 NAG VA . 14.27 -24.88 -12.83
C1B LMT WA . 7.96 -22.66 2.86
C2B LMT WA . 7.69 -24.02 2.28
C3B LMT WA . 8.20 -25.10 3.17
C4B LMT WA . 9.64 -24.93 3.49
C5B LMT WA . 9.95 -23.54 4.03
C6B LMT WA . 11.43 -23.35 4.18
O1B LMT WA . 7.22 -22.52 4.04
O2B LMT WA . 6.28 -24.20 2.07
O3B LMT WA . 7.98 -26.38 2.55
O4' LMT WA . 10.02 -25.92 4.46
O5B LMT WA . 9.39 -22.47 3.19
O6B LMT WA . 11.70 -22.56 5.32
C1' LMT WA . 5.26 -19.39 5.96
C2' LMT WA . 5.01 -19.54 4.47
C3' LMT WA . 5.54 -20.82 3.91
C4' LMT WA . 6.94 -21.11 4.32
C5' LMT WA . 7.23 -20.86 5.80
C6' LMT WA . 8.71 -20.83 6.02
O1' LMT WA . 4.87 -18.10 6.36
O2' LMT WA . 3.59 -19.48 4.21
O3' LMT WA . 5.44 -20.76 2.45
O5' LMT WA . 6.67 -19.60 6.32
O6' LMT WA . 9.13 -21.92 6.84
C1 NAG XA . 39.66 -43.89 19.25
C2 NAG XA . 40.18 -42.65 19.97
C3 NAG XA . 41.64 -42.44 19.55
C4 NAG XA . 42.46 -43.73 19.63
C5 NAG XA . 41.70 -44.95 19.10
C6 NAG XA . 42.46 -46.24 19.32
C7 NAG XA . 39.67 -40.26 19.80
C8 NAG XA . 39.58 -39.40 18.57
N2 NAG XA . 39.32 -41.53 19.64
O3 NAG XA . 42.27 -41.44 20.37
O4 NAG XA . 43.66 -43.59 18.84
O5 NAG XA . 40.40 -45.03 19.67
O6 NAG XA . 41.83 -47.28 18.57
O7 NAG XA . 40.04 -39.82 20.88
C1B LMT YA . 28.23 -37.41 28.13
C2B LMT YA . 29.15 -37.19 26.94
C3B LMT YA . 28.37 -37.21 25.68
C4B LMT YA . 27.69 -38.53 25.48
C5B LMT YA . 26.93 -39.00 26.72
C6B LMT YA . 26.67 -40.48 26.57
O1B LMT YA . 27.19 -36.46 28.14
O2B LMT YA . 29.88 -35.95 27.05
O3B LMT YA . 29.27 -36.92 24.57
O4' LMT YA . 26.74 -38.42 24.41
O5B LMT YA . 27.63 -38.76 28.01
O6B LMT YA . 27.57 -41.21 27.38
C1' LMT YA . 26.20 -32.75 29.79
C2' LMT YA . 27.15 -32.75 28.61
C3' LMT YA . 27.41 -34.10 28.01
C4' LMT YA . 27.45 -35.27 28.93
C5' LMT YA . 26.41 -35.17 30.04
C6' LMT YA . 26.62 -36.25 31.07
O1' LMT YA . 26.34 -31.54 30.48
O2' LMT YA . 26.61 -31.88 27.60
O3' LMT YA . 28.68 -34.01 27.29
O5' LMT YA . 26.44 -33.88 30.73
O6' LMT YA . 25.97 -35.85 32.27
C1 NAG ZA . 19.09 -77.45 33.28
C2 NAG ZA . 18.37 -77.95 34.53
C3 NAG ZA . 18.99 -79.25 35.06
C4 NAG ZA . 19.10 -80.29 33.94
C5 NAG ZA . 19.85 -79.69 32.76
C6 NAG ZA . 19.94 -80.70 31.61
C7 NAG ZA . 17.48 -76.00 35.67
C8 NAG ZA . 18.00 -74.64 36.07
N2 NAG ZA . 18.41 -76.95 35.59
O3 NAG ZA . 18.19 -79.77 36.13
O4 NAG ZA . 19.80 -81.44 34.41
O5 NAG ZA . 19.20 -78.50 32.30
O6 NAG ZA . 21.26 -80.65 31.05
O7 NAG ZA . 16.31 -76.21 35.45
C1B LMT AB . 12.53 -64.86 39.83
C2B LMT AB . 13.01 -65.06 38.40
C3B LMT AB . 11.89 -65.02 37.42
C4B LMT AB . 10.86 -66.01 37.76
C5B LMT AB . 10.31 -65.74 39.15
C6B LMT AB . 9.31 -66.82 39.49
O1B LMT AB . 12.17 -63.52 40.05
O2B LMT AB . 13.98 -64.04 38.05
O3B LMT AB . 12.41 -65.32 36.10
O4' LMT AB . 9.80 -65.93 36.79
O5B LMT AB . 11.37 -65.72 40.17
O6B LMT AB . 8.03 -66.44 39.03
C1' LMT AB . 12.51 -60.79 43.22
C2' LMT AB . 13.80 -61.36 42.67
C3' LMT AB . 13.60 -62.10 41.38
C4' LMT AB . 12.48 -63.11 41.41
C5' LMT AB . 11.21 -62.56 42.07
C6' LMT AB . 10.24 -63.66 42.32
O1' LMT AB . 12.73 -60.21 44.46
O2' LMT AB . 14.74 -60.29 42.46
O3' LMT AB . 14.85 -62.77 41.03
O5' LMT AB . 11.46 -61.85 43.34
O6' LMT AB . 9.01 -63.37 41.67
C1 LMT AB . 11.51 -59.78 45.18
C2 LMT AB . 11.89 -59.02 46.45
CAC FLC BB . 12.12 -58.21 3.01
CA FLC BB . 11.35 -59.45 2.65
CB FLC BB . 10.12 -59.63 3.54
CBC FLC BB . 8.95 -58.90 2.93
CG FLC BB . 9.78 -61.10 3.67
CGC FLC BB . 8.80 -61.35 4.81
OA1 FLC BB . 11.81 -57.58 4.05
OA2 FLC BB . 13.06 -57.83 2.26
OB1 FLC BB . 8.65 -57.77 3.36
OB2 FLC BB . 8.31 -59.47 2.00
OG1 FLC BB . 9.22 -61.98 5.81
OG2 FLC BB . 7.63 -60.93 4.71
OHB FLC BB . 10.40 -59.08 4.83
#